data_7OKA
#
_entry.id   7OKA
#
_cell.length_a   377.003
_cell.length_b   377.003
_cell.length_c   263.967
_cell.angle_alpha   90.000
_cell.angle_beta   90.000
_cell.angle_gamma   90.000
#
_symmetry.space_group_name_H-M   'P 42 21 2'
#
loop_
_entity.id
_entity.type
_entity.pdbx_description
1 polymer 'Acyl-[acyl-carrier-protein]-UDP-N-acetylglucosamine O-acyltransferase'
2 non-polymer 2-(2-chlorophenyl)sulfanyl-~{N}-[(4-cyanophenyl)methyl]-~{N}-(1~{H}-imidazol-4-ylmethyl)ethanamide
3 non-polymer 'CHLORIDE ION'
4 non-polymer 'SULFATE ION'
5 water water
#
_entity_poly.entity_id   1
_entity_poly.type   'polypeptide(L)'
_entity_poly.pdbx_seq_one_letter_code
;GSHMSLIDPRAIIDPSARLAADVQVGPWSIVGAEVEIGEGTVIGPHVVLKGPTKIGKHNRIYQFSSVGEDTPDLKYKGEP
TRLVIGDHNVIREGVTIHRGTVQDRAETTIGDHNLIMAYAHIGHDSVIGNHCILVNNTALAGHVHVDDWAILSGYTLVHQ
YCRIGAHSFSGMGSAIGKDVPAYVTVFGNPAEARSMNFEGMRRRGFSSEAIHALRRAYKVVYRQGHTVEEALAELAESAA
QFPEVAVFRDSIQSATRGITR
;
_entity_poly.pdbx_strand_id   A,B,C,D,E,F,G,H,I,M,N,O,J,K,L,P,Q,R,S,T,U,V,W,X,Y,Z,a,b,c,d
#
loop_
_chem_comp.id
_chem_comp.type
_chem_comp.name
_chem_comp.formula
CL non-polymer 'CHLORIDE ION' 'Cl -1'
SO4 non-polymer 'SULFATE ION' 'O4 S -2'
VFT non-polymer 2-(2-chlorophenyl)sulfanyl-~{N}-[(4-cyanophenyl)methyl]-~{N}-(1~{H}-imidazol-4-ylmethyl)ethanamide 'C20 H17 Cl N4 O S'
#
# COMPACT_ATOMS: atom_id res chain seq x y z
N MET A 4 -67.17 63.08 7.47
CA MET A 4 -66.62 64.10 6.51
C MET A 4 -66.05 65.29 7.33
N SER A 5 -65.37 65.03 8.48
CA SER A 5 -64.62 66.03 9.34
C SER A 5 -63.18 65.63 9.60
N LEU A 6 -62.30 66.58 9.31
CA LEU A 6 -60.98 66.30 8.73
C LEU A 6 -60.11 65.55 9.72
N ILE A 7 -60.10 66.02 10.96
CA ILE A 7 -59.34 65.38 12.07
C ILE A 7 -60.32 64.50 12.84
N ASP A 8 -60.17 63.19 12.78
CA ASP A 8 -61.05 62.32 13.55
C ASP A 8 -60.94 62.67 15.03
N PRO A 9 -62.11 62.73 15.72
CA PRO A 9 -62.08 63.00 17.15
C PRO A 9 -61.42 61.80 17.84
N ARG A 10 -61.26 60.66 17.18
CA ARG A 10 -60.67 59.50 17.87
C ARG A 10 -59.15 59.52 17.77
N ALA A 11 -58.61 60.46 17.01
CA ALA A 11 -57.15 60.66 16.93
C ALA A 11 -56.68 61.45 18.14
N ILE A 12 -55.36 61.41 18.40
CA ILE A 12 -54.67 62.25 19.41
C ILE A 12 -53.75 63.23 18.69
N ILE A 13 -53.94 64.51 18.90
CA ILE A 13 -53.16 65.60 18.27
C ILE A 13 -52.50 66.37 19.41
N ASP A 14 -51.20 66.28 19.54
CA ASP A 14 -50.46 67.09 20.50
C ASP A 14 -50.83 68.56 20.32
N PRO A 15 -51.00 69.29 21.44
CA PRO A 15 -51.14 70.75 21.40
C PRO A 15 -50.08 71.35 20.47
N SER A 16 -48.86 70.86 20.53
CA SER A 16 -47.68 71.50 19.91
C SER A 16 -47.51 71.09 18.45
N ALA A 17 -48.37 70.22 17.92
CA ALA A 17 -48.38 69.87 16.48
C ALA A 17 -48.92 71.04 15.67
N ARG A 18 -48.59 71.14 14.39
CA ARG A 18 -49.03 72.24 13.51
C ARG A 18 -49.66 71.58 12.28
N LEU A 19 -50.96 71.66 12.07
CA LEU A 19 -51.61 71.05 10.87
C LEU A 19 -52.14 72.16 9.98
N ALA A 20 -51.76 72.22 8.72
CA ALA A 20 -52.39 73.07 7.70
C ALA A 20 -53.89 72.77 7.74
N ALA A 21 -54.66 73.62 7.06
CA ALA A 21 -56.09 73.83 7.38
C ALA A 21 -56.87 72.58 6.96
N ASP A 22 -56.51 71.94 5.82
CA ASP A 22 -57.36 70.88 5.20
C ASP A 22 -56.69 69.48 5.29
N VAL A 23 -55.85 69.29 6.30
CA VAL A 23 -55.19 68.01 6.59
C VAL A 23 -56.24 67.06 7.07
N GLN A 24 -56.15 65.79 6.73
CA GLN A 24 -57.04 64.78 7.33
C GLN A 24 -56.27 63.85 8.20
N VAL A 25 -56.88 63.40 9.28
CA VAL A 25 -56.20 62.45 10.18
C VAL A 25 -57.24 61.41 10.57
N GLY A 26 -56.97 60.17 10.26
CA GLY A 26 -57.93 59.12 10.58
C GLY A 26 -57.97 58.84 12.07
N PRO A 27 -58.93 58.02 12.45
CA PRO A 27 -59.08 57.57 13.84
C PRO A 27 -57.85 56.81 14.37
N TRP A 28 -57.56 56.98 15.66
CA TRP A 28 -56.59 56.17 16.46
C TRP A 28 -55.17 56.46 15.98
N SER A 29 -55.01 57.53 15.23
CA SER A 29 -53.70 57.98 14.76
C SER A 29 -53.18 59.03 15.74
N ILE A 30 -51.88 59.04 15.96
CA ILE A 30 -51.25 59.93 16.96
C ILE A 30 -50.41 60.91 16.19
N VAL A 31 -50.65 62.18 16.35
CA VAL A 31 -49.75 63.21 15.78
C VAL A 31 -48.99 63.81 16.95
N GLY A 32 -47.76 63.37 17.17
CA GLY A 32 -46.94 63.72 18.35
C GLY A 32 -46.50 65.17 18.37
N ALA A 33 -45.90 65.52 19.50
CA ALA A 33 -45.30 66.86 19.70
C ALA A 33 -44.37 67.13 18.52
N GLU A 34 -44.32 68.38 18.11
CA GLU A 34 -43.30 68.95 17.19
CA GLU A 34 -43.23 68.88 17.22
C GLU A 34 -43.42 68.26 15.83
N VAL A 35 -44.62 67.76 15.52
CA VAL A 35 -44.93 67.20 14.17
C VAL A 35 -45.67 68.26 13.39
N GLU A 36 -45.20 68.57 12.19
CA GLU A 36 -45.85 69.63 11.39
C GLU A 36 -46.24 69.03 10.02
N ILE A 37 -47.48 69.28 9.56
CA ILE A 37 -48.10 68.58 8.40
C ILE A 37 -48.70 69.61 7.46
N GLY A 38 -48.37 69.55 6.19
CA GLY A 38 -48.82 70.50 5.16
C GLY A 38 -50.14 70.18 4.49
N GLU A 39 -50.54 71.10 3.64
CA GLU A 39 -51.88 71.24 3.07
C GLU A 39 -52.24 69.94 2.34
N GLY A 40 -53.42 69.38 2.66
CA GLY A 40 -54.05 68.34 1.83
C GLY A 40 -53.35 67.03 2.03
N THR A 41 -52.37 66.96 2.93
CA THR A 41 -51.84 65.67 3.39
C THR A 41 -52.97 64.91 4.06
N VAL A 42 -53.02 63.62 3.82
CA VAL A 42 -53.98 62.70 4.48
C VAL A 42 -53.21 61.68 5.29
N ILE A 43 -53.52 61.65 6.58
CA ILE A 43 -53.06 60.60 7.50
C ILE A 43 -54.18 59.56 7.64
N GLY A 44 -53.87 58.32 7.36
CA GLY A 44 -54.79 57.21 7.57
C GLY A 44 -55.07 57.00 9.06
N PRO A 45 -55.88 55.96 9.35
CA PRO A 45 -56.06 55.48 10.72
C PRO A 45 -54.85 54.68 11.23
N HIS A 46 -54.72 54.55 12.54
CA HIS A 46 -53.68 53.73 13.19
C HIS A 46 -52.31 54.16 12.68
N VAL A 47 -52.11 55.40 12.29
CA VAL A 47 -50.75 55.91 11.99
C VAL A 47 -50.16 56.46 13.27
N VAL A 48 -48.86 56.34 13.45
CA VAL A 48 -48.17 57.07 14.54
C VAL A 48 -47.19 58.05 13.90
N LEU A 49 -47.20 59.33 14.31
CA LEU A 49 -46.21 60.34 13.90
C LEU A 49 -45.48 60.84 15.16
N LYS A 50 -44.17 60.87 15.09
CA LYS A 50 -43.35 61.40 16.20
C LYS A 50 -42.52 62.51 15.59
N GLY A 51 -42.08 63.50 16.38
CA GLY A 51 -41.27 64.62 15.87
C GLY A 51 -39.93 64.75 16.60
N PRO A 52 -39.13 65.81 16.33
CA PRO A 52 -39.43 66.85 15.34
C PRO A 52 -39.46 66.34 13.90
N THR A 53 -40.62 66.46 13.27
CA THR A 53 -40.88 65.97 11.91
C THR A 53 -41.63 67.04 11.17
N LYS A 54 -41.25 67.31 9.94
CA LYS A 54 -42.03 68.20 9.07
C LYS A 54 -42.44 67.40 7.82
N ILE A 55 -43.74 67.28 7.57
CA ILE A 55 -44.34 66.56 6.42
C ILE A 55 -44.98 67.62 5.55
N GLY A 56 -44.75 67.59 4.24
CA GLY A 56 -45.21 68.63 3.31
C GLY A 56 -46.65 68.43 2.85
N LYS A 57 -46.92 68.75 1.59
CA LYS A 57 -48.31 68.82 1.11
C LYS A 57 -48.64 67.62 0.27
N HIS A 58 -49.91 67.21 0.35
CA HIS A 58 -50.58 66.23 -0.54
C HIS A 58 -49.93 64.89 -0.35
N ASN A 59 -49.52 64.52 0.86
CA ASN A 59 -48.97 63.18 1.15
C ASN A 59 -50.11 62.29 1.59
N ARG A 60 -49.95 60.98 1.51
CA ARG A 60 -50.99 59.99 1.87
C ARG A 60 -50.15 59.01 2.71
N ILE A 61 -50.40 58.89 4.00
CA ILE A 61 -49.67 57.92 4.87
C ILE A 61 -50.64 56.86 5.36
N TYR A 62 -50.42 55.60 5.05
CA TYR A 62 -51.38 54.50 5.34
C TYR A 62 -51.20 53.94 6.76
N GLN A 63 -52.19 53.14 7.14
CA GLN A 63 -52.36 52.65 8.51
C GLN A 63 -51.12 51.88 8.89
N PHE A 64 -50.75 51.89 10.20
CA PHE A 64 -49.70 51.05 10.84
C PHE A 64 -48.30 51.59 10.58
N SER A 65 -48.14 52.68 9.86
CA SER A 65 -46.84 53.37 9.69
C SER A 65 -46.46 54.07 10.98
N SER A 66 -45.17 54.07 11.27
CA SER A 66 -44.55 54.81 12.39
C SER A 66 -43.47 55.66 11.72
N VAL A 67 -43.78 56.94 11.59
CA VAL A 67 -42.98 57.95 10.85
C VAL A 67 -42.44 58.96 11.88
N GLY A 68 -41.14 59.03 12.06
CA GLY A 68 -40.42 60.04 12.84
C GLY A 68 -40.03 59.54 14.23
N GLU A 69 -40.11 58.25 14.44
CA GLU A 69 -39.69 57.53 15.66
C GLU A 69 -38.16 57.62 15.73
N ASP A 70 -37.56 57.39 16.90
CA ASP A 70 -36.08 57.45 17.08
C ASP A 70 -35.50 56.17 16.49
N THR A 71 -34.36 56.18 15.82
CA THR A 71 -33.73 54.87 15.49
C THR A 71 -33.42 54.15 16.80
N PRO A 72 -33.52 52.81 16.84
CA PRO A 72 -33.09 52.05 18.00
C PRO A 72 -31.56 51.88 18.10
N ASP A 73 -30.81 52.32 17.07
CA ASP A 73 -29.34 52.14 16.96
C ASP A 73 -28.72 52.72 18.24
N LEU A 74 -27.87 51.94 18.91
CA LEU A 74 -27.31 52.26 20.26
C LEU A 74 -26.49 53.56 20.17
N LYS A 75 -26.04 53.93 18.97
CA LYS A 75 -25.19 55.11 18.67
C LYS A 75 -25.98 56.38 18.98
N TYR A 76 -27.28 56.39 18.71
CA TYR A 76 -28.20 57.53 18.93
C TYR A 76 -28.63 57.57 20.39
N LYS A 77 -28.58 58.76 21.00
CA LYS A 77 -28.61 58.96 22.47
C LYS A 77 -29.73 59.95 22.86
N GLY A 78 -30.84 60.02 22.15
CA GLY A 78 -32.01 60.85 22.52
C GLY A 78 -31.92 62.31 22.07
N GLU A 79 -30.99 62.67 21.19
CA GLU A 79 -30.77 64.09 20.79
C GLU A 79 -31.94 64.56 19.92
N PRO A 80 -32.10 65.90 19.71
CA PRO A 80 -33.34 66.42 19.09
C PRO A 80 -33.24 66.53 17.55
N THR A 81 -32.76 65.47 16.89
CA THR A 81 -32.68 65.33 15.42
C THR A 81 -34.06 65.31 14.75
N ARG A 82 -34.09 65.43 13.41
CA ARG A 82 -35.34 65.73 12.64
C ARG A 82 -35.65 64.71 11.54
N LEU A 83 -36.87 64.75 11.04
CA LEU A 83 -37.27 64.10 9.77
C LEU A 83 -38.00 65.13 8.92
N VAL A 84 -37.70 65.17 7.65
CA VAL A 84 -38.36 66.08 6.68
C VAL A 84 -38.88 65.24 5.52
N ILE A 85 -40.16 65.30 5.28
CA ILE A 85 -40.82 64.69 4.12
C ILE A 85 -41.40 65.80 3.23
N GLY A 86 -41.14 65.74 1.94
CA GLY A 86 -41.65 66.73 1.00
C GLY A 86 -43.14 66.57 0.68
N ASP A 87 -43.44 66.76 -0.60
CA ASP A 87 -44.80 66.93 -1.16
C ASP A 87 -45.13 65.67 -1.97
N HIS A 88 -46.41 65.29 -2.00
CA HIS A 88 -46.97 64.31 -2.96
C HIS A 88 -46.31 62.92 -2.78
N ASN A 89 -45.95 62.51 -1.58
CA ASN A 89 -45.40 61.16 -1.41
C ASN A 89 -46.53 60.23 -1.05
N VAL A 90 -46.39 58.96 -1.37
CA VAL A 90 -47.33 57.94 -0.86
C VAL A 90 -46.53 56.97 0.00
N ILE A 91 -46.82 56.92 1.28
CA ILE A 91 -46.24 55.96 2.24
C ILE A 91 -47.31 54.93 2.62
N ARG A 92 -47.06 53.66 2.34
CA ARG A 92 -48.10 52.61 2.45
C ARG A 92 -48.08 51.94 3.83
N GLU A 93 -48.71 50.79 3.90
CA GLU A 93 -49.12 50.26 5.20
C GLU A 93 -47.85 49.77 5.93
N GLY A 94 -47.73 50.09 7.20
CA GLY A 94 -46.67 49.58 8.09
C GLY A 94 -45.31 50.19 7.83
N VAL A 95 -45.16 51.21 6.98
CA VAL A 95 -43.80 51.78 6.78
C VAL A 95 -43.23 52.33 8.10
N THR A 96 -41.93 52.20 8.31
CA THR A 96 -41.21 52.82 9.43
C THR A 96 -40.18 53.74 8.84
N ILE A 97 -40.13 54.96 9.34
CA ILE A 97 -39.18 56.02 8.91
C ILE A 97 -38.64 56.68 10.16
N HIS A 98 -37.35 56.76 10.33
CA HIS A 98 -36.79 57.24 11.60
C HIS A 98 -36.09 58.57 11.39
N ARG A 99 -36.07 59.38 12.42
CA ARG A 99 -35.32 60.66 12.38
C ARG A 99 -33.82 60.34 12.35
N GLY A 100 -33.03 61.33 11.98
CA GLY A 100 -31.56 61.23 11.93
C GLY A 100 -30.92 61.14 13.31
N THR A 101 -29.58 61.22 13.25
CA THR A 101 -28.58 61.06 14.33
C THR A 101 -27.59 62.23 14.24
N VAL A 102 -27.10 62.79 15.34
CA VAL A 102 -26.17 63.97 15.25
C VAL A 102 -24.84 63.64 14.56
N GLN A 103 -24.41 62.38 14.54
CA GLN A 103 -23.17 61.92 13.85
C GLN A 103 -23.17 62.30 12.37
N ASP A 104 -24.33 62.49 11.73
CA ASP A 104 -24.40 62.77 10.28
C ASP A 104 -24.89 64.23 10.20
N ARG A 105 -26.06 64.55 9.67
CA ARG A 105 -26.56 65.94 9.57
C ARG A 105 -27.83 66.09 10.42
N ALA A 106 -28.13 65.15 11.30
CA ALA A 106 -29.27 65.26 12.25
C ALA A 106 -30.61 65.24 11.52
N GLU A 107 -30.70 64.59 10.36
CA GLU A 107 -31.89 64.72 9.49
C GLU A 107 -32.04 63.51 8.56
N THR A 108 -33.13 62.79 8.69
CA THR A 108 -33.60 61.93 7.60
C THR A 108 -34.41 62.81 6.68
N THR A 109 -34.27 62.67 5.37
CA THR A 109 -34.86 63.60 4.39
C THR A 109 -35.50 62.80 3.25
N ILE A 110 -36.76 63.08 2.98
CA ILE A 110 -37.52 62.59 1.81
C ILE A 110 -38.07 63.76 0.98
N GLY A 111 -37.85 63.63 -0.32
CA GLY A 111 -38.28 64.61 -1.32
C GLY A 111 -39.74 64.47 -1.63
N ASP A 112 -40.06 64.48 -2.93
CA ASP A 112 -41.41 64.65 -3.51
C ASP A 112 -41.76 63.46 -4.43
N HIS A 113 -43.05 63.14 -4.58
CA HIS A 113 -43.55 62.16 -5.58
C HIS A 113 -42.91 60.79 -5.37
N ASN A 114 -42.61 60.41 -4.16
CA ASN A 114 -42.08 59.06 -3.94
C ASN A 114 -43.23 58.14 -3.59
N LEU A 115 -43.03 56.87 -3.91
CA LEU A 115 -43.93 55.75 -3.53
C LEU A 115 -43.14 54.80 -2.64
N ILE A 116 -43.47 54.76 -1.37
CA ILE A 116 -42.80 53.87 -0.43
C ILE A 116 -43.83 52.84 0.00
N MET A 117 -43.64 51.60 -0.41
CA MET A 117 -44.70 50.56 -0.30
C MET A 117 -44.62 49.80 1.04
N ALA A 118 -45.60 48.95 1.28
CA ALA A 118 -45.83 48.36 2.62
C ALA A 118 -44.54 47.94 3.27
N TYR A 119 -44.44 48.18 4.57
CA TYR A 119 -43.42 47.55 5.42
C TYR A 119 -42.00 47.98 5.02
N ALA A 120 -41.81 48.86 4.06
CA ALA A 120 -40.46 49.38 3.83
C ALA A 120 -39.93 50.13 5.05
N HIS A 121 -38.62 50.29 5.12
CA HIS A 121 -37.97 50.93 6.29
C HIS A 121 -36.93 51.91 5.80
N ILE A 122 -37.05 53.13 6.29
CA ILE A 122 -36.17 54.25 5.89
C ILE A 122 -35.40 54.62 7.13
N GLY A 123 -34.18 54.10 7.21
CA GLY A 123 -33.34 54.20 8.40
C GLY A 123 -32.84 55.60 8.64
N HIS A 124 -32.49 55.87 9.88
CA HIS A 124 -31.93 57.19 10.27
C HIS A 124 -30.97 57.73 9.22
N ASP A 125 -31.14 58.99 8.85
CA ASP A 125 -30.15 59.81 8.11
C ASP A 125 -30.26 59.56 6.61
N SER A 126 -31.05 58.59 6.19
CA SER A 126 -31.31 58.35 4.76
C SER A 126 -31.77 59.66 4.12
N VAL A 127 -31.34 59.88 2.88
CA VAL A 127 -31.84 61.00 2.01
C VAL A 127 -32.50 60.38 0.80
N ILE A 128 -33.77 60.63 0.57
CA ILE A 128 -34.44 60.20 -0.69
C ILE A 128 -34.80 61.42 -1.54
N GLY A 129 -34.51 61.33 -2.83
CA GLY A 129 -34.84 62.41 -3.78
C GLY A 129 -36.30 62.37 -4.18
N ASN A 130 -36.57 62.46 -5.47
CA ASN A 130 -37.93 62.62 -5.96
C ASN A 130 -38.29 61.45 -6.85
N HIS A 131 -39.56 61.09 -6.96
CA HIS A 131 -40.06 60.10 -7.95
C HIS A 131 -39.46 58.72 -7.77
N CYS A 132 -39.01 58.34 -6.58
CA CYS A 132 -38.50 56.99 -6.31
C CYS A 132 -39.67 56.06 -6.03
N ILE A 133 -39.45 54.75 -6.19
CA ILE A 133 -40.34 53.65 -5.73
C ILE A 133 -39.51 52.68 -4.88
N LEU A 134 -39.76 52.64 -3.58
CA LEU A 134 -39.27 51.56 -2.71
C LEU A 134 -40.39 50.53 -2.61
N VAL A 135 -40.22 49.37 -3.21
CA VAL A 135 -41.28 48.33 -3.18
C VAL A 135 -41.26 47.64 -1.82
N ASN A 136 -42.32 46.89 -1.57
CA ASN A 136 -42.63 46.31 -0.25
C ASN A 136 -41.34 45.87 0.42
N ASN A 137 -41.12 46.29 1.67
CA ASN A 137 -40.10 45.68 2.56
C ASN A 137 -38.71 46.10 2.14
N THR A 138 -38.53 47.01 1.20
CA THR A 138 -37.19 47.63 0.98
C THR A 138 -36.73 48.22 2.30
N ALA A 139 -35.45 48.05 2.61
CA ALA A 139 -34.88 48.49 3.89
C ALA A 139 -33.59 49.29 3.70
N LEU A 140 -33.61 50.60 3.97
CA LEU A 140 -32.37 51.40 3.92
C LEU A 140 -31.76 51.40 5.31
N ALA A 141 -30.62 50.75 5.53
CA ALA A 141 -30.17 50.53 6.94
C ALA A 141 -29.89 51.85 7.66
N GLY A 142 -29.38 52.86 6.94
CA GLY A 142 -28.94 54.14 7.53
C GLY A 142 -28.03 54.95 6.60
N HIS A 143 -28.16 56.28 6.62
CA HIS A 143 -27.31 57.19 5.83
C HIS A 143 -27.32 56.76 4.38
N VAL A 144 -28.44 56.28 3.86
CA VAL A 144 -28.54 55.84 2.46
C VAL A 144 -29.07 56.98 1.63
N HIS A 145 -28.49 57.24 0.48
CA HIS A 145 -28.90 58.32 -0.44
C HIS A 145 -29.56 57.64 -1.62
N VAL A 146 -30.79 58.00 -1.97
CA VAL A 146 -31.48 57.39 -3.13
C VAL A 146 -31.82 58.53 -4.06
N ASP A 147 -31.20 58.59 -5.23
CA ASP A 147 -31.35 59.73 -6.14
C ASP A 147 -32.61 59.54 -6.99
N ASP A 148 -33.01 60.58 -7.69
CA ASP A 148 -34.33 60.68 -8.34
C ASP A 148 -34.62 59.46 -9.21
N TRP A 149 -35.86 59.01 -9.29
CA TRP A 149 -36.37 57.90 -10.17
C TRP A 149 -35.83 56.51 -9.85
N ALA A 150 -35.18 56.30 -8.71
CA ALA A 150 -34.60 54.97 -8.46
C ALA A 150 -35.73 54.02 -8.14
N ILE A 151 -35.68 52.81 -8.65
CA ILE A 151 -36.65 51.76 -8.24
C ILE A 151 -35.91 50.67 -7.48
N LEU A 152 -36.28 50.44 -6.23
CA LEU A 152 -35.74 49.32 -5.43
C LEU A 152 -36.83 48.25 -5.37
N SER A 153 -36.64 47.12 -6.02
CA SER A 153 -37.69 46.06 -6.03
C SER A 153 -37.87 45.51 -4.61
N GLY A 154 -38.92 44.71 -4.41
CA GLY A 154 -39.38 44.19 -3.11
C GLY A 154 -38.23 43.56 -2.33
N TYR A 155 -38.16 43.86 -1.05
CA TYR A 155 -37.22 43.20 -0.11
C TYR A 155 -35.78 43.53 -0.52
N THR A 156 -35.55 44.65 -1.19
CA THR A 156 -34.16 45.19 -1.41
C THR A 156 -33.61 45.69 -0.08
N LEU A 157 -32.45 45.19 0.32
CA LEU A 157 -31.71 45.66 1.52
C LEU A 157 -30.51 46.50 1.07
N VAL A 158 -30.34 47.68 1.68
CA VAL A 158 -29.22 48.61 1.39
C VAL A 158 -28.45 48.88 2.65
N HIS A 159 -27.16 48.62 2.58
CA HIS A 159 -26.19 48.74 3.70
C HIS A 159 -25.97 50.21 4.00
N GLN A 160 -25.64 50.51 5.25
CA GLN A 160 -25.32 51.89 5.69
CA GLN A 160 -25.33 51.88 5.69
C GLN A 160 -24.39 52.56 4.67
N TYR A 161 -24.67 53.83 4.39
CA TYR A 161 -23.84 54.83 3.68
C TYR A 161 -23.84 54.61 2.17
N CYS A 162 -24.51 53.57 1.68
CA CYS A 162 -24.55 53.32 0.23
C CYS A 162 -25.33 54.40 -0.51
N ARG A 163 -24.94 54.75 -1.72
CA ARG A 163 -25.69 55.69 -2.59
C ARG A 163 -26.33 54.89 -3.71
N ILE A 164 -27.64 54.99 -3.88
CA ILE A 164 -28.41 54.39 -5.00
C ILE A 164 -28.54 55.50 -6.04
N GLY A 165 -27.91 55.37 -7.21
CA GLY A 165 -27.91 56.36 -8.31
C GLY A 165 -29.28 56.60 -8.95
N ALA A 166 -29.46 57.83 -9.47
CA ALA A 166 -30.64 58.19 -10.27
C ALA A 166 -30.95 57.08 -11.29
N HIS A 167 -32.23 56.75 -11.45
CA HIS A 167 -32.78 55.85 -12.50
C HIS A 167 -32.31 54.42 -12.28
N SER A 168 -31.63 54.15 -11.20
CA SER A 168 -31.05 52.81 -11.01
C SER A 168 -32.20 51.88 -10.63
N PHE A 169 -31.96 50.58 -10.68
CA PHE A 169 -32.96 49.54 -10.39
C PHE A 169 -32.30 48.36 -9.66
N SER A 170 -32.96 47.92 -8.61
CA SER A 170 -32.61 46.71 -7.83
C SER A 170 -33.71 45.68 -8.02
N GLY A 171 -33.31 44.46 -8.35
CA GLY A 171 -34.24 43.34 -8.46
C GLY A 171 -34.69 42.84 -7.10
N MET A 172 -35.69 41.95 -7.07
CA MET A 172 -36.28 41.63 -5.78
C MET A 172 -35.24 40.81 -5.02
N GLY A 173 -35.19 41.10 -3.72
CA GLY A 173 -34.32 40.48 -2.73
C GLY A 173 -32.88 40.85 -2.91
N SER A 174 -32.53 41.88 -3.68
CA SER A 174 -31.13 42.34 -3.77
C SER A 174 -30.63 42.72 -2.38
N ALA A 175 -29.36 42.47 -2.11
CA ALA A 175 -28.66 42.83 -0.86
C ALA A 175 -27.52 43.72 -1.30
N ILE A 176 -27.73 45.03 -1.27
CA ILE A 176 -26.81 46.01 -1.90
C ILE A 176 -25.80 46.42 -0.83
N GLY A 177 -24.51 46.36 -1.11
CA GLY A 177 -23.50 46.58 -0.06
C GLY A 177 -22.46 47.58 -0.49
N LYS A 178 -22.51 47.97 -1.76
CA LYS A 178 -21.65 49.02 -2.35
C LYS A 178 -22.57 49.97 -3.14
N ASP A 179 -22.09 51.12 -3.52
CA ASP A 179 -22.94 52.08 -4.28
C ASP A 179 -23.47 51.42 -5.55
N VAL A 180 -24.62 51.89 -6.00
CA VAL A 180 -25.25 51.52 -7.30
C VAL A 180 -25.24 52.77 -8.15
N PRO A 181 -24.54 52.74 -9.28
CA PRO A 181 -24.46 53.92 -10.11
C PRO A 181 -25.78 54.22 -10.81
N ALA A 182 -25.89 55.43 -11.30
CA ALA A 182 -27.08 55.91 -12.03
C ALA A 182 -27.38 54.90 -13.17
N TYR A 183 -28.65 54.58 -13.36
CA TYR A 183 -29.23 53.69 -14.40
C TYR A 183 -28.87 52.21 -14.22
N VAL A 184 -27.98 51.83 -13.31
CA VAL A 184 -27.53 50.43 -13.36
C VAL A 184 -28.67 49.58 -12.80
N THR A 185 -28.86 48.37 -13.31
CA THR A 185 -29.71 47.34 -12.68
C THR A 185 -28.78 46.40 -11.90
N VAL A 186 -29.12 46.07 -10.66
CA VAL A 186 -28.35 45.11 -9.84
C VAL A 186 -29.28 44.02 -9.37
N PHE A 187 -28.76 42.86 -9.03
CA PHE A 187 -29.54 41.66 -8.62
C PHE A 187 -28.73 40.87 -7.60
N GLY A 188 -29.40 40.16 -6.72
CA GLY A 188 -28.82 39.07 -5.94
C GLY A 188 -28.28 39.55 -4.61
N ASN A 189 -27.79 38.57 -3.87
CA ASN A 189 -27.22 38.69 -2.53
C ASN A 189 -25.90 37.93 -2.56
N PRO A 190 -24.75 38.61 -2.59
CA PRO A 190 -24.69 40.07 -2.63
C PRO A 190 -25.07 40.66 -4.01
N ALA A 191 -25.51 41.90 -4.09
CA ALA A 191 -26.01 42.49 -5.36
C ALA A 191 -24.86 42.58 -6.38
N GLU A 192 -25.11 42.29 -7.65
CA GLU A 192 -24.16 42.43 -8.78
C GLU A 192 -24.84 43.17 -9.94
N ALA A 193 -24.11 43.97 -10.68
CA ALA A 193 -24.62 44.76 -11.81
C ALA A 193 -24.88 43.82 -12.97
N ARG A 194 -25.93 44.05 -13.76
CA ARG A 194 -26.36 43.17 -14.88
C ARG A 194 -26.54 44.01 -16.14
N SER A 195 -27.27 45.11 -16.09
CA SER A 195 -27.42 45.99 -17.28
C SER A 195 -27.64 47.40 -16.81
N MET A 196 -28.19 48.23 -17.69
CA MET A 196 -28.75 49.54 -17.32
C MET A 196 -30.27 49.46 -17.45
N ASN A 197 -30.96 50.37 -16.79
CA ASN A 197 -32.42 50.47 -16.71
C ASN A 197 -32.98 51.24 -17.91
N PHE A 198 -32.95 50.59 -19.06
CA PHE A 198 -33.45 51.13 -20.35
C PHE A 198 -34.95 51.42 -20.28
N GLU A 199 -35.70 50.60 -19.53
CA GLU A 199 -37.17 50.79 -19.34
C GLU A 199 -37.40 52.22 -18.85
N GLY A 200 -36.60 52.64 -17.88
CA GLY A 200 -36.80 53.93 -17.24
C GLY A 200 -36.34 55.04 -18.14
N MET A 201 -35.31 54.81 -18.94
CA MET A 201 -34.79 55.82 -19.90
C MET A 201 -35.92 56.09 -20.92
N ARG A 202 -36.57 55.02 -21.38
CA ARG A 202 -37.71 55.11 -22.32
C ARG A 202 -38.81 55.97 -21.69
N ARG A 203 -39.19 55.66 -20.45
CA ARG A 203 -40.31 56.33 -19.75
C ARG A 203 -39.93 57.81 -19.62
N ARG A 204 -38.67 58.18 -19.46
CA ARG A 204 -38.31 59.61 -19.20
CA ARG A 204 -38.28 59.60 -19.20
C ARG A 204 -38.11 60.31 -20.54
N GLY A 205 -38.36 59.61 -21.65
CA GLY A 205 -38.23 60.11 -23.04
C GLY A 205 -36.83 60.47 -23.47
N PHE A 206 -35.84 59.70 -23.04
CA PHE A 206 -34.42 59.90 -23.44
C PHE A 206 -34.32 59.69 -24.96
N SER A 207 -33.41 60.41 -25.57
CA SER A 207 -33.10 60.27 -27.01
C SER A 207 -32.57 58.86 -27.27
N SER A 208 -32.67 58.38 -28.52
CA SER A 208 -31.98 57.16 -28.96
C SER A 208 -30.49 57.30 -28.63
N GLU A 209 -29.88 58.44 -28.99
CA GLU A 209 -28.40 58.63 -28.96
C GLU A 209 -27.99 58.44 -27.49
N ALA A 210 -28.79 58.96 -26.56
CA ALA A 210 -28.42 58.98 -25.13
C ALA A 210 -28.49 57.57 -24.55
N ILE A 211 -29.61 56.88 -24.79
CA ILE A 211 -29.73 55.45 -24.44
C ILE A 211 -28.48 54.65 -24.93
N HIS A 212 -28.11 54.78 -26.19
CA HIS A 212 -26.88 54.13 -26.71
C HIS A 212 -25.67 54.57 -25.87
N ALA A 213 -25.48 55.86 -25.65
CA ALA A 213 -24.27 56.36 -24.98
C ALA A 213 -24.16 55.70 -23.61
N LEU A 214 -25.31 55.44 -22.99
CA LEU A 214 -25.35 54.88 -21.64
C LEU A 214 -25.04 53.39 -21.72
N ARG A 215 -25.49 52.71 -22.76
CA ARG A 215 -25.08 51.30 -22.95
C ARG A 215 -23.57 51.25 -23.13
N ARG A 216 -22.98 52.15 -23.91
CA ARG A 216 -21.52 52.09 -24.12
C ARG A 216 -20.83 52.38 -22.79
N ALA A 217 -21.42 53.24 -21.97
CA ALA A 217 -20.77 53.71 -20.74
C ALA A 217 -20.75 52.55 -19.74
N TYR A 218 -21.82 51.78 -19.75
CA TYR A 218 -21.94 50.53 -19.00
C TYR A 218 -20.80 49.63 -19.42
N LYS A 219 -20.60 49.47 -20.74
CA LYS A 219 -19.55 48.55 -21.28
C LYS A 219 -18.19 49.04 -20.77
N VAL A 220 -17.88 50.34 -20.83
CA VAL A 220 -16.62 50.92 -20.32
C VAL A 220 -16.39 50.51 -18.86
N VAL A 221 -17.40 50.63 -17.99
CA VAL A 221 -17.16 50.42 -16.54
C VAL A 221 -17.05 48.93 -16.18
N TYR A 222 -17.84 48.09 -16.82
CA TYR A 222 -18.19 46.74 -16.33
C TYR A 222 -17.69 45.62 -17.27
N ARG A 223 -17.41 45.86 -18.55
CA ARG A 223 -17.15 44.74 -19.47
C ARG A 223 -15.85 44.93 -20.25
N GLN A 224 -14.92 45.78 -19.87
CA GLN A 224 -13.70 45.99 -20.69
C GLN A 224 -12.44 45.91 -19.82
N GLY A 225 -12.47 45.25 -18.65
CA GLY A 225 -11.27 45.08 -17.79
C GLY A 225 -10.73 46.38 -17.20
N HIS A 226 -11.33 47.55 -17.48
CA HIS A 226 -10.87 48.86 -16.97
C HIS A 226 -10.96 48.83 -15.44
N THR A 227 -10.06 49.51 -14.72
CA THR A 227 -10.26 49.83 -13.28
C THR A 227 -11.33 50.93 -13.23
N VAL A 228 -11.79 51.33 -12.07
CA VAL A 228 -12.72 52.47 -12.00
C VAL A 228 -12.02 53.74 -12.50
N GLU A 229 -10.77 53.97 -12.09
CA GLU A 229 -9.97 55.17 -12.47
C GLU A 229 -9.89 55.26 -14.00
N GLU A 230 -9.65 54.14 -14.68
CA GLU A 230 -9.52 54.12 -16.15
C GLU A 230 -10.91 54.34 -16.77
N ALA A 231 -11.95 53.72 -16.23
CA ALA A 231 -13.33 53.86 -16.76
C ALA A 231 -13.71 55.34 -16.71
N LEU A 232 -13.44 56.00 -15.60
CA LEU A 232 -13.77 57.44 -15.46
C LEU A 232 -13.08 58.30 -16.52
N ALA A 233 -11.79 58.03 -16.72
CA ALA A 233 -10.99 58.72 -17.75
C ALA A 233 -11.70 58.55 -19.09
N GLU A 234 -12.09 57.32 -19.45
CA GLU A 234 -12.66 56.96 -20.77
C GLU A 234 -14.01 57.64 -20.94
N LEU A 235 -14.84 57.68 -19.90
CA LEU A 235 -16.15 58.38 -19.89
C LEU A 235 -16.04 59.92 -20.05
N ALA A 236 -14.90 60.56 -19.82
CA ALA A 236 -14.90 62.04 -19.75
C ALA A 236 -15.57 62.62 -21.01
N GLU A 237 -15.41 61.96 -22.15
CA GLU A 237 -15.90 62.45 -23.46
C GLU A 237 -17.40 62.30 -23.50
N SER A 238 -17.91 61.07 -23.37
CA SER A 238 -19.36 60.69 -23.36
C SER A 238 -20.07 61.64 -22.36
N ALA A 239 -19.44 61.90 -21.21
CA ALA A 239 -19.96 62.76 -20.11
C ALA A 239 -20.03 64.23 -20.54
N ALA A 240 -19.25 64.68 -21.48
CA ALA A 240 -19.36 66.07 -21.95
C ALA A 240 -20.45 66.18 -23.02
N GLN A 241 -20.69 65.08 -23.73
CA GLN A 241 -21.62 65.03 -24.90
C GLN A 241 -23.06 64.87 -24.41
N PHE A 242 -23.26 64.14 -23.32
CA PHE A 242 -24.59 63.72 -22.85
C PHE A 242 -24.72 64.00 -21.36
N PRO A 243 -25.53 64.99 -20.96
CA PRO A 243 -25.90 65.13 -19.56
C PRO A 243 -26.22 63.77 -18.92
N GLU A 244 -26.88 62.87 -19.65
CA GLU A 244 -27.39 61.61 -19.03
C GLU A 244 -26.17 60.76 -18.60
N VAL A 245 -25.11 60.79 -19.39
CA VAL A 245 -23.92 59.98 -19.10
C VAL A 245 -23.21 60.60 -17.92
N ALA A 246 -23.19 61.93 -17.90
CA ALA A 246 -22.49 62.69 -16.83
C ALA A 246 -23.07 62.28 -15.49
N VAL A 247 -24.38 62.12 -15.41
CA VAL A 247 -25.03 61.66 -14.16
C VAL A 247 -24.41 60.34 -13.72
N PHE A 248 -24.28 59.45 -14.71
CA PHE A 248 -23.60 58.13 -14.55
C PHE A 248 -22.15 58.40 -14.18
N ARG A 249 -21.39 59.21 -14.93
CA ARG A 249 -19.95 59.35 -14.58
C ARG A 249 -19.89 59.84 -13.13
N ASP A 250 -20.70 60.81 -12.72
CA ASP A 250 -20.58 61.43 -11.38
C ASP A 250 -20.96 60.40 -10.33
N SER A 251 -21.97 59.55 -10.53
CA SER A 251 -22.36 58.55 -9.50
C SER A 251 -21.16 57.66 -9.22
N ILE A 252 -20.43 57.26 -10.25
CA ILE A 252 -19.20 56.43 -10.11
C ILE A 252 -18.06 57.22 -9.40
N GLN A 253 -17.80 58.47 -9.80
CA GLN A 253 -16.75 59.35 -9.21
C GLN A 253 -16.85 59.32 -7.69
N SER A 254 -18.05 59.58 -7.18
CA SER A 254 -18.29 59.96 -5.76
C SER A 254 -18.52 58.70 -4.90
N ALA A 255 -18.16 57.53 -5.39
CA ALA A 255 -18.20 56.28 -4.59
C ALA A 255 -16.77 55.95 -4.16
N THR A 256 -15.82 56.40 -5.00
CA THR A 256 -14.43 55.87 -5.16
C THR A 256 -13.49 57.05 -4.94
N ARG A 257 -13.38 57.64 -3.73
CA ARG A 257 -12.31 58.63 -3.48
C ARG A 257 -10.93 57.93 -3.46
N GLY A 258 -10.74 56.94 -2.59
CA GLY A 258 -9.53 56.11 -2.60
C GLY A 258 -8.53 56.59 -1.57
N ILE A 259 -7.45 55.82 -1.43
CA ILE A 259 -6.29 56.12 -0.55
C ILE A 259 -5.03 56.33 -1.41
N THR A 260 -4.12 57.16 -0.95
CA THR A 260 -2.87 57.36 -1.68
C THR A 260 -2.23 55.99 -1.72
N ARG A 261 -1.99 55.42 -2.90
CA ARG A 261 -1.18 54.17 -2.97
C ARG A 261 0.27 54.56 -3.16
N MET B 4 -71.19 38.77 25.26
CA MET B 4 -70.04 39.71 24.91
C MET B 4 -70.21 40.11 23.42
N SER B 5 -70.80 41.29 23.13
CA SER B 5 -71.28 41.83 21.80
C SER B 5 -70.42 41.27 20.68
N LEU B 6 -70.98 40.59 19.67
CA LEU B 6 -70.16 39.90 18.66
C LEU B 6 -69.34 40.93 17.89
N ILE B 7 -69.96 42.05 17.54
CA ILE B 7 -69.32 43.26 16.96
C ILE B 7 -68.98 44.28 18.06
N ASP B 8 -67.71 44.53 18.24
CA ASP B 8 -67.24 45.45 19.29
C ASP B 8 -67.77 46.82 18.92
N PRO B 9 -68.29 47.55 19.92
CA PRO B 9 -68.83 48.87 19.62
C PRO B 9 -67.70 49.82 19.22
N ARG B 10 -66.42 49.50 19.43
CA ARG B 10 -65.34 50.46 19.06
C ARG B 10 -64.93 50.29 17.58
N ALA B 11 -65.42 49.26 16.92
CA ALA B 11 -65.16 49.05 15.50
C ALA B 11 -66.06 49.96 14.67
N ILE B 12 -65.64 50.22 13.44
CA ILE B 12 -66.40 51.05 12.47
C ILE B 12 -66.95 50.12 11.41
N ILE B 13 -68.26 50.05 11.19
CA ILE B 13 -68.86 49.18 10.14
C ILE B 13 -69.59 50.04 9.11
N ASP B 14 -69.11 50.10 7.87
CA ASP B 14 -69.85 50.85 6.82
C ASP B 14 -71.29 50.33 6.76
N PRO B 15 -72.29 51.21 6.57
CA PRO B 15 -73.65 50.73 6.35
C PRO B 15 -73.74 49.86 5.07
N SER B 16 -72.86 50.02 4.07
CA SER B 16 -72.98 49.18 2.84
C SER B 16 -72.30 47.84 3.04
N ALA B 17 -71.71 47.54 4.22
CA ALA B 17 -71.09 46.22 4.51
C ALA B 17 -72.21 45.27 4.89
N ARG B 18 -72.06 44.00 4.56
CA ARG B 18 -73.05 42.96 4.85
C ARG B 18 -72.35 41.86 5.67
N LEU B 19 -72.65 41.75 6.95
CA LEU B 19 -72.10 40.70 7.84
C LEU B 19 -73.16 39.64 8.09
N ALA B 20 -72.91 38.38 7.84
CA ALA B 20 -73.74 37.28 8.38
C ALA B 20 -73.79 37.40 9.90
N ALA B 21 -74.73 36.71 10.54
CA ALA B 21 -75.27 37.24 11.83
C ALA B 21 -74.18 37.03 12.89
N ASP B 22 -73.43 35.89 12.83
CA ASP B 22 -72.55 35.48 13.96
C ASP B 22 -71.10 35.83 13.68
N VAL B 23 -70.87 36.70 12.70
CA VAL B 23 -69.58 37.41 12.43
C VAL B 23 -69.16 38.14 13.71
N GLN B 24 -67.88 38.10 14.06
CA GLN B 24 -67.28 38.88 15.15
C GLN B 24 -66.30 39.90 14.58
N VAL B 25 -66.27 41.09 15.14
CA VAL B 25 -65.30 42.11 14.69
C VAL B 25 -64.71 42.69 15.96
N GLY B 26 -63.40 42.66 16.14
CA GLY B 26 -62.80 43.22 17.36
C GLY B 26 -62.76 44.75 17.33
N PRO B 27 -62.32 45.30 18.47
CA PRO B 27 -62.22 46.74 18.64
C PRO B 27 -61.24 47.39 17.67
N TRP B 28 -61.58 48.59 17.21
CA TRP B 28 -60.73 49.43 16.32
C TRP B 28 -60.52 48.79 14.95
N SER B 29 -61.30 47.77 14.61
CA SER B 29 -61.32 47.26 13.23
C SER B 29 -62.30 48.09 12.40
N ILE B 30 -61.98 48.24 11.11
CA ILE B 30 -62.78 48.95 10.07
C ILE B 30 -63.22 47.93 9.03
N VAL B 31 -64.48 47.91 8.70
CA VAL B 31 -65.08 47.13 7.58
C VAL B 31 -65.67 48.18 6.65
N GLY B 32 -64.90 48.58 5.64
CA GLY B 32 -65.26 49.65 4.67
C GLY B 32 -66.47 49.26 3.81
N ALA B 33 -66.93 50.21 3.02
CA ALA B 33 -68.03 49.98 2.04
C ALA B 33 -67.76 48.69 1.27
N GLU B 34 -68.82 47.94 0.93
CA GLU B 34 -68.79 46.90 -0.12
C GLU B 34 -67.96 45.71 0.38
N VAL B 35 -67.91 45.51 1.67
CA VAL B 35 -67.25 44.33 2.24
C VAL B 35 -68.37 43.41 2.72
N GLU B 36 -68.35 42.19 2.21
CA GLU B 36 -69.26 41.09 2.66
CA GLU B 36 -69.26 41.11 2.66
C GLU B 36 -68.42 40.17 3.52
N ILE B 37 -68.93 39.77 4.69
CA ILE B 37 -68.22 38.79 5.55
C ILE B 37 -69.17 37.64 5.88
N GLY B 38 -68.78 36.43 5.49
CA GLY B 38 -69.57 35.20 5.68
C GLY B 38 -69.69 34.73 7.11
N GLU B 39 -70.73 33.92 7.35
CA GLU B 39 -71.05 33.15 8.57
C GLU B 39 -69.78 32.70 9.28
N GLY B 40 -69.68 32.95 10.59
CA GLY B 40 -68.69 32.36 11.53
C GLY B 40 -67.28 32.92 11.48
N THR B 41 -66.99 33.79 10.53
CA THR B 41 -65.69 34.47 10.38
C THR B 41 -65.42 35.34 11.59
N VAL B 42 -64.16 35.56 11.91
CA VAL B 42 -63.78 36.40 13.06
C VAL B 42 -62.74 37.42 12.63
N ILE B 43 -63.07 38.70 12.75
CA ILE B 43 -62.10 39.78 12.49
C ILE B 43 -61.52 40.19 13.83
N GLY B 44 -60.21 40.13 13.98
CA GLY B 44 -59.49 40.63 15.15
C GLY B 44 -59.64 42.13 15.34
N PRO B 45 -58.95 42.68 16.38
CA PRO B 45 -58.92 44.12 16.62
C PRO B 45 -57.91 44.69 15.63
N HIS B 46 -57.99 45.97 15.31
CA HIS B 46 -56.98 46.65 14.49
C HIS B 46 -56.90 46.05 13.08
N VAL B 47 -57.98 45.58 12.51
CA VAL B 47 -57.98 45.11 11.09
C VAL B 47 -58.55 46.19 10.17
N VAL B 48 -58.03 46.30 8.96
CA VAL B 48 -58.63 47.23 8.00
C VAL B 48 -59.14 46.37 6.87
N LEU B 49 -60.46 46.42 6.63
CA LEU B 49 -61.03 45.80 5.44
C LEU B 49 -61.56 46.90 4.49
N LYS B 50 -61.13 46.85 3.23
CA LYS B 50 -61.56 47.74 2.14
C LYS B 50 -62.21 46.83 1.10
N GLY B 51 -63.13 47.38 0.29
CA GLY B 51 -63.88 46.67 -0.77
C GLY B 51 -63.69 47.25 -2.19
N PRO B 52 -64.49 46.76 -3.14
CA PRO B 52 -65.38 45.63 -2.93
C PRO B 52 -64.64 44.31 -2.68
N THR B 53 -65.03 43.63 -1.61
CA THR B 53 -64.40 42.40 -1.08
C THR B 53 -65.49 41.45 -0.59
N LYS B 54 -65.28 40.15 -0.80
CA LYS B 54 -66.28 39.12 -0.43
C LYS B 54 -65.50 38.12 0.41
N ILE B 55 -65.84 37.91 1.66
CA ILE B 55 -65.05 37.03 2.56
C ILE B 55 -66.01 35.95 3.03
N GLY B 56 -65.60 34.68 2.93
CA GLY B 56 -66.51 33.54 3.12
C GLY B 56 -66.74 33.21 4.59
N LYS B 57 -67.01 31.95 4.84
CA LYS B 57 -67.36 31.45 6.18
C LYS B 57 -66.11 31.02 6.95
N HIS B 58 -66.10 31.17 8.27
CA HIS B 58 -65.12 30.57 9.20
C HIS B 58 -63.68 30.98 8.85
N ASN B 59 -63.45 32.22 8.47
CA ASN B 59 -62.10 32.81 8.35
C ASN B 59 -61.70 33.47 9.67
N ARG B 60 -60.41 33.61 9.88
CA ARG B 60 -59.85 34.28 11.07
C ARG B 60 -58.91 35.33 10.48
N ILE B 61 -59.13 36.63 10.69
CA ILE B 61 -58.17 37.65 10.22
C ILE B 61 -57.58 38.38 11.41
N TYR B 62 -56.27 38.41 11.55
CA TYR B 62 -55.64 38.91 12.79
C TYR B 62 -55.29 40.40 12.69
N GLN B 63 -54.91 40.94 13.86
CA GLN B 63 -54.58 42.38 14.10
C GLN B 63 -53.65 42.89 13.01
N PHE B 64 -53.85 44.13 12.58
CA PHE B 64 -52.87 44.92 11.77
C PHE B 64 -52.85 44.50 10.28
N SER B 65 -53.75 43.59 9.96
CA SER B 65 -53.98 43.15 8.57
C SER B 65 -54.70 44.24 7.79
N SER B 66 -54.28 44.49 6.56
CA SER B 66 -55.02 45.36 5.63
C SER B 66 -55.38 44.47 4.44
N VAL B 67 -56.65 44.09 4.39
CA VAL B 67 -57.25 43.19 3.38
C VAL B 67 -58.24 44.00 2.54
N GLY B 68 -57.96 44.20 1.27
CA GLY B 68 -58.90 44.81 0.33
C GLY B 68 -58.37 46.14 -0.16
N GLU B 69 -57.13 46.50 0.16
CA GLU B 69 -56.74 47.88 -0.16
C GLU B 69 -56.46 47.92 -1.68
N ASP B 70 -56.35 49.11 -2.23
CA ASP B 70 -55.87 49.29 -3.62
C ASP B 70 -54.42 48.83 -3.73
N THR B 71 -54.01 48.19 -4.82
CA THR B 71 -52.57 48.10 -5.06
C THR B 71 -52.07 49.51 -5.25
N PRO B 72 -50.82 49.83 -4.87
CA PRO B 72 -50.23 51.10 -5.24
C PRO B 72 -49.53 51.07 -6.59
N ASP B 73 -49.50 49.92 -7.27
CA ASP B 73 -48.87 49.77 -8.62
C ASP B 73 -49.46 50.89 -9.48
N LEU B 74 -48.63 51.62 -10.19
CA LEU B 74 -49.12 52.84 -10.84
C LEU B 74 -50.06 52.50 -12.02
N LYS B 75 -50.10 51.28 -12.58
CA LYS B 75 -51.08 50.92 -13.65
C LYS B 75 -52.51 50.97 -13.12
N TYR B 76 -52.74 50.72 -11.84
CA TYR B 76 -54.07 50.79 -11.20
C TYR B 76 -54.53 52.25 -11.09
N LYS B 77 -55.77 52.56 -11.46
CA LYS B 77 -56.27 53.96 -11.57
C LYS B 77 -57.66 54.02 -10.93
N GLY B 78 -57.85 53.37 -9.79
CA GLY B 78 -59.06 53.49 -8.97
C GLY B 78 -60.26 52.76 -9.53
N GLU B 79 -60.06 51.84 -10.49
CA GLU B 79 -61.19 51.08 -11.11
C GLU B 79 -61.83 50.18 -10.03
N PRO B 80 -63.09 49.67 -10.23
CA PRO B 80 -63.82 49.04 -9.12
C PRO B 80 -63.50 47.53 -9.08
N THR B 81 -62.23 47.20 -8.91
CA THR B 81 -61.75 45.79 -8.85
C THR B 81 -62.09 45.16 -7.49
N ARG B 82 -61.99 43.84 -7.42
CA ARG B 82 -62.58 43.03 -6.32
C ARG B 82 -61.51 42.19 -5.62
N LEU B 83 -61.87 41.70 -4.46
CA LEU B 83 -61.10 40.67 -3.73
C LEU B 83 -62.10 39.61 -3.29
N VAL B 84 -61.74 38.36 -3.47
CA VAL B 84 -62.60 37.23 -3.04
C VAL B 84 -61.79 36.25 -2.18
N ILE B 85 -62.36 35.87 -1.05
CA ILE B 85 -61.73 34.96 -0.07
C ILE B 85 -62.78 33.94 0.34
N GLY B 86 -62.43 32.69 0.13
CA GLY B 86 -63.29 31.55 0.47
C GLY B 86 -63.48 31.36 1.97
N ASP B 87 -63.53 30.11 2.35
CA ASP B 87 -63.90 29.68 3.70
C ASP B 87 -62.66 29.09 4.37
N HIS B 88 -62.65 29.11 5.71
CA HIS B 88 -61.72 28.39 6.62
C HIS B 88 -60.27 28.80 6.40
N ASN B 89 -59.98 30.05 6.06
CA ASN B 89 -58.62 30.59 5.93
C ASN B 89 -58.24 31.24 7.26
N VAL B 90 -56.94 31.30 7.47
CA VAL B 90 -56.32 32.00 8.59
C VAL B 90 -55.33 32.99 7.99
N ILE B 91 -55.53 34.27 8.32
CA ILE B 91 -54.72 35.44 7.87
C ILE B 91 -54.17 36.07 9.14
N ARG B 92 -52.87 35.93 9.33
CA ARG B 92 -52.22 36.24 10.61
C ARG B 92 -51.80 37.71 10.70
N GLU B 93 -50.95 38.00 11.67
CA GLU B 93 -50.77 39.41 12.06
C GLU B 93 -50.15 40.14 10.88
N GLY B 94 -50.80 41.20 10.41
CA GLY B 94 -50.17 42.22 9.57
C GLY B 94 -50.11 41.85 8.08
N VAL B 95 -50.88 40.86 7.64
CA VAL B 95 -50.93 40.52 6.21
C VAL B 95 -51.52 41.69 5.45
N THR B 96 -51.02 41.95 4.26
CA THR B 96 -51.60 42.84 3.23
C THR B 96 -52.09 41.97 2.08
N ILE B 97 -53.33 42.19 1.68
CA ILE B 97 -53.97 41.55 0.53
C ILE B 97 -54.62 42.66 -0.29
N HIS B 98 -54.24 42.82 -1.55
CA HIS B 98 -54.73 43.89 -2.45
C HIS B 98 -55.74 43.37 -3.45
N ARG B 99 -56.66 44.22 -3.83
CA ARG B 99 -57.69 43.89 -4.84
C ARG B 99 -57.00 43.90 -6.20
N GLY B 100 -57.72 43.49 -7.24
CA GLY B 100 -57.20 43.29 -8.59
C GLY B 100 -57.06 44.58 -9.35
N THR B 101 -56.70 44.46 -10.63
CA THR B 101 -56.45 45.50 -11.66
C THR B 101 -57.25 45.14 -12.91
N VAL B 102 -57.69 46.11 -13.71
CA VAL B 102 -58.62 45.78 -14.84
C VAL B 102 -57.85 45.04 -15.95
N GLN B 103 -56.54 45.20 -16.02
CA GLN B 103 -55.71 44.63 -17.11
C GLN B 103 -55.55 43.10 -17.01
N ASP B 104 -55.76 42.47 -15.85
CA ASP B 104 -55.95 40.99 -15.72
C ASP B 104 -57.47 40.72 -15.65
N ARG B 105 -57.99 40.13 -14.57
CA ARG B 105 -59.41 39.69 -14.43
C ARG B 105 -60.14 40.57 -13.41
N ALA B 106 -59.53 41.64 -12.92
CA ALA B 106 -60.19 42.59 -12.00
C ALA B 106 -60.46 41.93 -10.64
N GLU B 107 -59.76 40.84 -10.32
CA GLU B 107 -60.03 40.09 -9.07
C GLU B 107 -58.76 39.40 -8.58
N THR B 108 -58.45 39.67 -7.34
CA THR B 108 -57.61 38.84 -6.45
C THR B 108 -58.52 37.81 -5.77
N THR B 109 -58.05 36.58 -5.63
CA THR B 109 -58.89 35.39 -5.33
C THR B 109 -58.11 34.42 -4.43
N ILE B 110 -58.72 34.01 -3.34
CA ILE B 110 -58.19 33.06 -2.33
C ILE B 110 -59.31 32.03 -2.06
N GLY B 111 -58.93 30.76 -2.13
CA GLY B 111 -59.85 29.65 -1.90
C GLY B 111 -60.04 29.37 -0.44
N ASP B 112 -60.10 28.07 -0.10
CA ASP B 112 -60.47 27.61 1.26
C ASP B 112 -59.26 26.98 1.94
N HIS B 113 -59.23 27.01 3.27
CA HIS B 113 -58.30 26.23 4.14
C HIS B 113 -56.84 26.67 3.93
N ASN B 114 -56.62 27.92 3.63
CA ASN B 114 -55.25 28.47 3.47
C ASN B 114 -54.77 29.05 4.80
N LEU B 115 -53.48 29.11 4.92
CA LEU B 115 -52.83 29.65 6.10
C LEU B 115 -51.83 30.70 5.59
N ILE B 116 -52.07 31.96 5.99
CA ILE B 116 -51.22 33.07 5.53
C ILE B 116 -50.65 33.73 6.77
N MET B 117 -49.35 33.60 6.95
CA MET B 117 -48.71 33.99 8.20
C MET B 117 -48.24 35.43 8.13
N ALA B 118 -47.74 35.94 9.26
CA ALA B 118 -47.51 37.37 9.50
C ALA B 118 -46.81 38.06 8.33
N TYR B 119 -47.27 39.26 8.01
CA TYR B 119 -46.64 40.16 7.03
C TYR B 119 -46.51 39.49 5.66
N ALA B 120 -47.28 38.45 5.39
CA ALA B 120 -47.32 37.92 4.02
C ALA B 120 -48.02 38.96 3.15
N HIS B 121 -47.73 39.00 1.86
CA HIS B 121 -48.27 40.03 0.96
C HIS B 121 -48.88 39.33 -0.24
N ILE B 122 -50.18 39.53 -0.45
CA ILE B 122 -50.84 38.88 -1.61
C ILE B 122 -51.22 39.97 -2.58
N GLY B 123 -50.42 40.14 -3.61
CA GLY B 123 -50.53 41.25 -4.55
C GLY B 123 -51.68 41.14 -5.54
N HIS B 124 -51.95 42.27 -6.19
CA HIS B 124 -53.12 42.37 -7.07
C HIS B 124 -53.12 41.17 -8.00
N ASP B 125 -54.31 40.58 -8.12
CA ASP B 125 -54.65 39.63 -9.19
C ASP B 125 -54.12 38.25 -8.82
N SER B 126 -53.55 38.05 -7.66
CA SER B 126 -53.03 36.71 -7.35
C SER B 126 -54.23 35.79 -7.13
N VAL B 127 -54.04 34.51 -7.41
CA VAL B 127 -55.08 33.45 -7.27
C VAL B 127 -54.46 32.34 -6.45
N ILE B 128 -55.03 32.04 -5.31
CA ILE B 128 -54.51 30.99 -4.39
C ILE B 128 -55.59 29.97 -4.27
N GLY B 129 -55.26 28.70 -4.35
CA GLY B 129 -56.32 27.70 -4.25
C GLY B 129 -56.62 27.41 -2.81
N ASN B 130 -56.26 26.20 -2.41
CA ASN B 130 -56.84 25.52 -1.23
C ASN B 130 -55.69 24.89 -0.47
N HIS B 131 -55.74 24.87 0.86
CA HIS B 131 -54.79 24.14 1.73
C HIS B 131 -53.37 24.63 1.49
N CYS B 132 -53.19 25.87 1.04
CA CYS B 132 -51.85 26.47 0.91
C CYS B 132 -51.33 27.00 2.25
N ILE B 133 -50.02 27.10 2.37
CA ILE B 133 -49.35 27.70 3.54
C ILE B 133 -48.35 28.69 2.98
N LEU B 134 -48.60 29.98 3.20
CA LEU B 134 -47.60 31.04 2.94
C LEU B 134 -47.05 31.48 4.29
N VAL B 135 -45.80 31.15 4.55
CA VAL B 135 -45.13 31.50 5.84
C VAL B 135 -44.75 32.99 5.86
N ASN B 136 -44.49 33.50 7.06
CA ASN B 136 -44.18 34.92 7.36
C ASN B 136 -43.49 35.56 6.19
N ASN B 137 -44.01 36.70 5.72
CA ASN B 137 -43.24 37.61 4.86
C ASN B 137 -43.17 37.07 3.43
N THR B 138 -43.79 35.94 3.10
CA THR B 138 -44.00 35.58 1.68
C THR B 138 -44.67 36.75 0.94
N ALA B 139 -44.22 37.04 -0.27
CA ALA B 139 -44.69 38.17 -1.07
C ALA B 139 -44.92 37.67 -2.49
N LEU B 140 -46.17 37.64 -2.92
CA LEU B 140 -46.60 37.45 -4.34
C LEU B 140 -46.71 38.85 -4.97
N ALA B 141 -45.83 39.16 -5.90
CA ALA B 141 -45.70 40.53 -6.39
C ALA B 141 -46.98 40.95 -7.09
N GLY B 142 -47.65 40.00 -7.72
CA GLY B 142 -48.83 40.29 -8.54
C GLY B 142 -49.09 39.21 -9.57
N HIS B 143 -50.38 38.99 -9.87
CA HIS B 143 -50.85 38.00 -10.87
C HIS B 143 -50.24 36.62 -10.61
N VAL B 144 -49.92 36.27 -9.36
CA VAL B 144 -49.28 34.98 -9.04
C VAL B 144 -50.36 33.93 -8.86
N HIS B 145 -50.23 32.77 -9.50
CA HIS B 145 -51.17 31.66 -9.28
C HIS B 145 -50.49 30.65 -8.34
N VAL B 146 -51.08 30.32 -7.20
CA VAL B 146 -50.58 29.27 -6.28
C VAL B 146 -51.65 28.17 -6.25
N ASP B 147 -51.28 26.95 -6.58
CA ASP B 147 -52.23 25.82 -6.72
C ASP B 147 -52.25 25.02 -5.39
N ASP B 148 -53.19 24.10 -5.23
CA ASP B 148 -53.53 23.54 -3.91
C ASP B 148 -52.29 22.95 -3.19
N TRP B 149 -52.22 23.07 -1.86
CA TRP B 149 -51.24 22.41 -0.94
C TRP B 149 -49.83 22.94 -1.07
N ALA B 150 -49.63 23.94 -1.89
CA ALA B 150 -48.29 24.48 -2.05
C ALA B 150 -47.88 25.06 -0.71
N ILE B 151 -46.58 25.05 -0.44
CA ILE B 151 -45.97 25.61 0.79
C ILE B 151 -44.85 26.58 0.39
N LEU B 152 -44.98 27.82 0.80
CA LEU B 152 -43.95 28.83 0.53
C LEU B 152 -43.30 29.15 1.88
N SER B 153 -42.04 28.79 2.04
CA SER B 153 -41.37 29.03 3.34
C SER B 153 -41.19 30.54 3.55
N GLY B 154 -40.79 30.89 4.75
CA GLY B 154 -40.67 32.30 5.20
C GLY B 154 -39.91 33.12 4.18
N TYR B 155 -40.39 34.34 3.91
CA TYR B 155 -39.64 35.34 3.09
C TYR B 155 -39.37 34.81 1.68
N THR B 156 -40.24 33.93 1.19
CA THR B 156 -40.29 33.58 -0.25
C THR B 156 -40.86 34.76 -1.04
N LEU B 157 -40.12 35.17 -2.05
CA LEU B 157 -40.58 36.24 -2.96
C LEU B 157 -40.97 35.61 -4.29
N VAL B 158 -42.12 36.00 -4.87
CA VAL B 158 -42.55 35.47 -6.19
C VAL B 158 -42.78 36.62 -7.15
N HIS B 159 -42.06 36.61 -8.27
CA HIS B 159 -42.16 37.56 -9.39
C HIS B 159 -43.55 37.51 -9.99
N GLN B 160 -44.03 38.63 -10.51
CA GLN B 160 -45.38 38.70 -11.13
CA GLN B 160 -45.29 38.79 -11.30
C GLN B 160 -45.52 37.50 -12.08
N TYR B 161 -46.76 37.03 -12.24
CA TYR B 161 -47.21 36.05 -13.28
C TYR B 161 -46.70 34.61 -13.06
N CYS B 162 -45.76 34.38 -12.14
CA CYS B 162 -45.29 33.02 -11.82
C CYS B 162 -46.43 32.14 -11.34
N ARG B 163 -46.43 30.86 -11.77
CA ARG B 163 -47.35 29.83 -11.25
CA ARG B 163 -47.36 29.84 -11.25
C ARG B 163 -46.58 28.93 -10.28
N ILE B 164 -47.04 28.83 -9.05
CA ILE B 164 -46.48 27.90 -8.04
C ILE B 164 -47.38 26.68 -8.06
N GLY B 165 -46.79 25.54 -8.34
CA GLY B 165 -47.55 24.32 -8.67
C GLY B 165 -48.08 23.69 -7.41
N ALA B 166 -49.07 22.82 -7.54
CA ALA B 166 -49.64 22.05 -6.43
C ALA B 166 -48.56 21.26 -5.68
N HIS B 167 -48.61 21.22 -4.36
CA HIS B 167 -47.72 20.46 -3.46
C HIS B 167 -46.28 20.87 -3.69
N SER B 168 -46.07 21.97 -4.39
CA SER B 168 -44.69 22.42 -4.60
C SER B 168 -44.26 22.99 -3.27
N PHE B 169 -42.98 23.27 -3.13
CA PHE B 169 -42.41 23.76 -1.84
C PHE B 169 -41.23 24.67 -2.11
N SER B 170 -41.25 25.86 -1.55
CA SER B 170 -40.10 26.79 -1.63
C SER B 170 -39.40 26.90 -0.27
N GLY B 171 -38.07 26.93 -0.27
CA GLY B 171 -37.31 27.10 0.97
C GLY B 171 -37.21 28.56 1.40
N MET B 172 -36.75 28.82 2.63
CA MET B 172 -36.86 30.18 3.16
C MET B 172 -35.93 31.06 2.37
N GLY B 173 -36.38 32.28 2.14
CA GLY B 173 -35.57 33.26 1.42
C GLY B 173 -35.56 32.97 -0.06
N SER B 174 -36.41 32.10 -0.58
CA SER B 174 -36.42 31.74 -2.03
C SER B 174 -36.86 32.95 -2.86
N ALA B 175 -36.22 33.24 -4.00
CA ALA B 175 -36.63 34.34 -4.90
C ALA B 175 -37.00 33.72 -6.24
N ILE B 176 -38.29 33.52 -6.46
CA ILE B 176 -38.83 32.74 -7.57
C ILE B 176 -39.07 33.71 -8.72
N GLY B 177 -38.39 33.56 -9.83
CA GLY B 177 -38.57 34.36 -11.05
C GLY B 177 -39.33 33.65 -12.15
N LYS B 178 -39.71 32.41 -11.97
CA LYS B 178 -40.24 31.51 -13.03
C LYS B 178 -41.13 30.45 -12.42
N ASP B 179 -41.88 29.72 -13.24
CA ASP B 179 -42.89 28.79 -12.67
C ASP B 179 -42.24 27.71 -11.84
N VAL B 180 -42.88 27.31 -10.76
CA VAL B 180 -42.47 26.14 -9.95
C VAL B 180 -43.45 25.02 -10.29
N PRO B 181 -42.99 23.94 -10.96
CA PRO B 181 -43.90 22.89 -11.39
C PRO B 181 -44.34 22.18 -10.13
N ALA B 182 -45.50 21.54 -10.20
CA ALA B 182 -46.10 20.79 -9.07
C ALA B 182 -45.09 19.83 -8.46
N TYR B 183 -45.24 19.63 -7.15
CA TYR B 183 -44.37 18.78 -6.31
C TYR B 183 -42.93 19.32 -6.19
N VAL B 184 -42.47 20.25 -7.04
CA VAL B 184 -41.03 20.58 -7.05
C VAL B 184 -40.66 21.35 -5.77
N THR B 185 -39.47 21.12 -5.25
CA THR B 185 -38.89 21.97 -4.18
C THR B 185 -37.83 22.89 -4.81
N VAL B 186 -37.87 24.18 -4.51
CA VAL B 186 -36.90 25.20 -4.99
C VAL B 186 -36.33 25.94 -3.81
N PHE B 187 -35.13 26.47 -3.95
CA PHE B 187 -34.30 27.08 -2.89
C PHE B 187 -33.47 28.19 -3.51
N GLY B 188 -33.22 29.29 -2.80
CA GLY B 188 -32.19 30.28 -3.12
C GLY B 188 -32.68 31.41 -4.00
N ASN B 189 -31.79 32.36 -4.23
CA ASN B 189 -32.02 33.60 -4.99
C ASN B 189 -30.92 33.65 -6.04
N PRO B 190 -31.18 33.32 -7.31
CA PRO B 190 -32.50 32.95 -7.79
C PRO B 190 -32.87 31.55 -7.38
N ALA B 191 -34.17 31.28 -7.32
CA ALA B 191 -34.68 29.96 -6.90
C ALA B 191 -34.22 28.90 -7.90
N GLU B 192 -33.82 27.72 -7.43
CA GLU B 192 -33.43 26.55 -8.29
C GLU B 192 -34.05 25.28 -7.73
N ALA B 193 -34.42 24.37 -8.61
CA ALA B 193 -35.06 23.08 -8.25
C ALA B 193 -34.03 22.16 -7.59
N ARG B 194 -34.43 21.32 -6.68
CA ARG B 194 -33.51 20.42 -5.98
C ARG B 194 -34.12 19.01 -5.99
N SER B 195 -35.32 18.91 -5.48
CA SER B 195 -36.01 17.62 -5.40
C SER B 195 -37.50 17.83 -5.58
N MET B 196 -38.26 16.86 -5.11
CA MET B 196 -39.72 16.90 -5.05
C MET B 196 -40.07 16.77 -3.58
N ASN B 197 -41.26 17.21 -3.25
CA ASN B 197 -41.78 17.34 -1.88
C ASN B 197 -42.47 16.02 -1.53
N PHE B 198 -41.65 15.01 -1.33
CA PHE B 198 -42.05 13.65 -0.94
C PHE B 198 -42.84 13.73 0.35
N GLU B 199 -42.41 14.52 1.33
CA GLU B 199 -43.16 14.70 2.61
C GLU B 199 -44.63 15.03 2.26
N GLY B 200 -44.84 16.00 1.41
CA GLY B 200 -46.17 16.37 0.93
C GLY B 200 -46.93 15.15 0.45
N MET B 201 -46.33 14.37 -0.41
CA MET B 201 -46.94 13.19 -1.09
C MET B 201 -47.37 12.17 -0.02
N ARG B 202 -46.53 11.98 1.00
CA ARG B 202 -46.79 11.12 2.18
C ARG B 202 -48.07 11.58 2.86
N ARG B 203 -48.02 12.81 3.41
CA ARG B 203 -49.13 13.48 4.14
C ARG B 203 -50.40 13.41 3.27
N ARG B 204 -50.36 13.27 1.96
CA ARG B 204 -51.59 13.24 1.12
CA ARG B 204 -51.59 13.23 1.13
C ARG B 204 -51.96 11.78 0.76
N GLY B 205 -51.23 10.79 1.27
CA GLY B 205 -51.54 9.35 1.12
C GLY B 205 -51.25 8.82 -0.26
N PHE B 206 -50.29 9.38 -0.98
CA PHE B 206 -50.00 8.96 -2.36
C PHE B 206 -49.54 7.51 -2.37
N SER B 207 -49.81 6.79 -3.44
CA SER B 207 -49.33 5.40 -3.53
C SER B 207 -47.81 5.43 -3.57
N SER B 208 -47.12 4.39 -3.16
CA SER B 208 -45.65 4.49 -3.19
C SER B 208 -45.18 4.30 -4.64
N GLU B 209 -45.99 3.69 -5.53
CA GLU B 209 -45.71 3.62 -7.00
C GLU B 209 -45.72 5.06 -7.55
N ALA B 210 -46.61 5.88 -7.05
CA ALA B 210 -46.82 7.24 -7.59
C ALA B 210 -45.67 8.15 -7.15
N ILE B 211 -45.27 8.04 -5.87
CA ILE B 211 -44.05 8.73 -5.36
C ILE B 211 -42.83 8.40 -6.24
N HIS B 212 -42.60 7.13 -6.56
CA HIS B 212 -41.48 6.69 -7.42
C HIS B 212 -41.65 7.29 -8.80
N ALA B 213 -42.86 7.37 -9.31
CA ALA B 213 -43.11 7.85 -10.69
C ALA B 213 -42.80 9.35 -10.79
N LEU B 214 -43.13 10.08 -9.73
CA LEU B 214 -42.84 11.50 -9.59
C LEU B 214 -41.33 11.69 -9.38
N ARG B 215 -40.62 10.80 -8.68
CA ARG B 215 -39.16 10.95 -8.65
C ARG B 215 -38.58 10.80 -10.06
N ARG B 216 -39.05 9.81 -10.81
CA ARG B 216 -38.52 9.57 -12.18
C ARG B 216 -38.86 10.80 -12.99
N ALA B 217 -40.05 11.33 -12.82
CA ALA B 217 -40.51 12.43 -13.67
C ALA B 217 -39.60 13.61 -13.44
N TYR B 218 -39.21 13.81 -12.19
CA TYR B 218 -38.25 14.87 -11.81
C TYR B 218 -36.98 14.62 -12.62
N LYS B 219 -36.43 13.39 -12.52
CA LYS B 219 -35.16 13.03 -13.22
C LYS B 219 -35.29 13.36 -14.72
N VAL B 220 -36.41 13.04 -15.33
CA VAL B 220 -36.69 13.35 -16.76
C VAL B 220 -36.53 14.83 -17.05
N VAL B 221 -37.12 15.67 -16.21
CA VAL B 221 -37.17 17.12 -16.50
C VAL B 221 -35.83 17.83 -16.19
N TYR B 222 -35.07 17.39 -15.19
CA TYR B 222 -34.06 18.23 -14.50
C TYR B 222 -32.67 17.58 -14.62
N ARG B 223 -32.58 16.27 -14.57
CA ARG B 223 -31.33 15.53 -14.28
C ARG B 223 -30.95 14.75 -15.56
N GLN B 224 -31.28 15.16 -16.77
CA GLN B 224 -31.08 14.23 -17.94
C GLN B 224 -30.77 14.87 -19.30
N GLY B 225 -30.35 16.13 -19.38
CA GLY B 225 -30.03 16.77 -20.67
C GLY B 225 -31.28 17.24 -21.42
N HIS B 226 -32.48 16.80 -21.08
CA HIS B 226 -33.63 17.03 -21.97
C HIS B 226 -33.94 18.52 -22.03
N THR B 227 -34.29 19.03 -23.19
CA THR B 227 -34.99 20.32 -23.28
C THR B 227 -36.38 20.17 -22.63
N VAL B 228 -37.05 21.26 -22.37
CA VAL B 228 -38.41 21.15 -21.78
C VAL B 228 -39.36 20.40 -22.73
N GLU B 229 -39.28 20.73 -24.02
CA GLU B 229 -40.10 20.08 -25.07
C GLU B 229 -39.74 18.58 -25.10
N GLU B 230 -38.46 18.23 -25.01
CA GLU B 230 -38.04 16.80 -24.97
C GLU B 230 -38.60 16.14 -23.70
N ALA B 231 -38.59 16.82 -22.54
CA ALA B 231 -39.02 16.19 -21.27
C ALA B 231 -40.53 15.96 -21.32
N LEU B 232 -41.23 16.94 -21.87
CA LEU B 232 -42.70 16.92 -22.00
C LEU B 232 -43.13 15.70 -22.77
N ALA B 233 -42.41 15.41 -23.85
CA ALA B 233 -42.68 14.25 -24.72
C ALA B 233 -42.35 12.93 -23.99
N GLU B 234 -41.20 12.80 -23.35
CA GLU B 234 -40.90 11.63 -22.50
C GLU B 234 -41.96 11.42 -21.41
N LEU B 235 -42.50 12.47 -20.78
CA LEU B 235 -43.44 12.28 -19.64
C LEU B 235 -44.82 11.76 -20.09
N ALA B 236 -45.22 11.79 -21.37
CA ALA B 236 -46.60 11.39 -21.78
C ALA B 236 -47.00 10.01 -21.21
N GLU B 237 -46.17 8.97 -21.34
CA GLU B 237 -46.48 7.63 -20.80
C GLU B 237 -46.81 7.76 -19.30
N SER B 238 -45.87 8.28 -18.49
CA SER B 238 -45.94 8.38 -17.00
C SER B 238 -47.24 9.14 -16.62
N ALA B 239 -47.59 10.17 -17.39
CA ALA B 239 -48.76 11.06 -17.15
C ALA B 239 -50.07 10.37 -17.47
N ALA B 240 -50.04 9.41 -18.35
CA ALA B 240 -51.22 8.57 -18.61
C ALA B 240 -51.38 7.50 -17.56
N GLN B 241 -50.33 7.16 -16.84
CA GLN B 241 -50.33 6.01 -15.90
C GLN B 241 -50.76 6.49 -14.51
N PHE B 242 -50.42 7.73 -14.18
CA PHE B 242 -50.47 8.31 -12.82
C PHE B 242 -51.00 9.72 -12.89
N PRO B 243 -52.25 9.94 -12.45
CA PRO B 243 -52.81 11.28 -12.39
C PRO B 243 -51.83 12.25 -11.72
N GLU B 244 -51.14 11.80 -10.68
CA GLU B 244 -50.19 12.66 -9.91
C GLU B 244 -49.10 13.16 -10.84
N VAL B 245 -48.68 12.36 -11.82
CA VAL B 245 -47.61 12.76 -12.77
C VAL B 245 -48.17 13.74 -13.77
N ALA B 246 -49.40 13.51 -14.19
CA ALA B 246 -50.12 14.36 -15.16
C ALA B 246 -50.16 15.77 -14.58
N VAL B 247 -50.32 15.91 -13.28
CA VAL B 247 -50.41 17.26 -12.64
C VAL B 247 -49.05 17.92 -12.87
N PHE B 248 -47.98 17.17 -12.64
CA PHE B 248 -46.60 17.67 -12.93
C PHE B 248 -46.46 17.95 -14.44
N ARG B 249 -46.82 17.03 -15.36
CA ARG B 249 -46.64 17.29 -16.81
C ARG B 249 -47.31 18.61 -17.12
N ASP B 250 -48.56 18.79 -16.66
CA ASP B 250 -49.41 19.96 -16.95
C ASP B 250 -48.81 21.26 -16.39
N SER B 251 -48.21 21.27 -15.20
CA SER B 251 -47.55 22.49 -14.68
C SER B 251 -46.42 22.91 -15.61
N ILE B 252 -45.75 21.97 -16.28
CA ILE B 252 -44.60 22.31 -17.17
C ILE B 252 -45.11 22.73 -18.54
N GLN B 253 -46.08 21.99 -19.06
CA GLN B 253 -46.86 22.35 -20.26
C GLN B 253 -47.17 23.84 -20.25
N SER B 254 -47.79 24.31 -19.18
CA SER B 254 -48.65 25.53 -19.14
C SER B 254 -47.83 26.71 -18.60
N ALA B 255 -46.57 26.76 -19.02
CA ALA B 255 -45.51 27.64 -18.49
C ALA B 255 -44.66 28.15 -19.64
N THR B 256 -44.51 27.29 -20.66
CA THR B 256 -43.61 27.36 -21.85
C THR B 256 -44.51 27.23 -23.09
N ARG B 257 -45.18 28.28 -23.58
CA ARG B 257 -45.84 28.18 -24.92
C ARG B 257 -44.74 28.16 -26.02
N GLY B 258 -43.79 29.10 -25.91
CA GLY B 258 -42.66 29.30 -26.84
C GLY B 258 -43.04 30.20 -28.02
N ILE B 259 -42.08 30.42 -28.91
CA ILE B 259 -42.23 31.19 -30.17
C ILE B 259 -41.80 30.29 -31.34
N THR B 260 -42.51 30.36 -32.44
CA THR B 260 -42.04 29.82 -33.73
C THR B 260 -40.61 30.21 -33.89
N ARG B 261 -39.76 29.20 -34.07
CA ARG B 261 -38.34 29.45 -34.35
C ARG B 261 -38.04 28.99 -35.76
N MET C 4 -49.97 61.97 31.84
CA MET C 4 -49.49 61.93 33.27
C MET C 4 -50.13 60.72 34.02
N SER C 5 -50.84 59.79 33.33
CA SER C 5 -51.65 58.68 33.96
C SER C 5 -51.31 57.32 33.31
N LEU C 6 -50.96 56.28 34.08
CA LEU C 6 -50.01 55.26 33.58
C LEU C 6 -50.63 54.30 32.56
N ILE C 7 -51.76 53.71 32.89
CA ILE C 7 -52.66 52.91 32.03
C ILE C 7 -53.67 53.83 31.36
N ASP C 8 -53.53 54.01 30.07
CA ASP C 8 -54.54 54.73 29.26
C ASP C 8 -55.93 54.11 29.45
N PRO C 9 -56.97 54.95 29.57
CA PRO C 9 -58.31 54.44 29.81
C PRO C 9 -58.84 53.76 28.54
N ARG C 10 -58.23 54.07 27.38
CA ARG C 10 -58.57 53.45 26.06
C ARG C 10 -57.80 52.14 25.83
N ALA C 11 -57.01 51.66 26.77
CA ALA C 11 -56.45 50.32 26.69
C ALA C 11 -57.44 49.37 27.32
N ILE C 12 -57.29 48.08 27.02
CA ILE C 12 -58.12 46.96 27.53
C ILE C 12 -57.22 46.06 28.37
N ILE C 13 -57.58 45.84 29.62
CA ILE C 13 -56.78 45.04 30.58
C ILE C 13 -57.66 43.92 31.07
N ASP C 14 -57.39 42.69 30.66
CA ASP C 14 -58.01 41.54 31.34
C ASP C 14 -57.92 41.69 32.86
N PRO C 15 -59.03 41.35 33.55
CA PRO C 15 -59.02 41.20 35.02
C PRO C 15 -57.91 40.26 35.50
N SER C 16 -57.56 39.27 34.70
CA SER C 16 -56.64 38.19 35.13
C SER C 16 -55.21 38.63 34.89
N ALA C 17 -54.96 39.66 34.05
CA ALA C 17 -53.63 40.28 33.85
C ALA C 17 -53.18 40.93 35.15
N ARG C 18 -51.88 41.13 35.33
CA ARG C 18 -51.30 41.56 36.63
C ARG C 18 -50.12 42.46 36.39
N LEU C 19 -50.28 43.77 36.57
CA LEU C 19 -49.28 44.81 36.27
C LEU C 19 -48.68 45.35 37.58
N ALA C 20 -47.36 45.33 37.73
CA ALA C 20 -46.65 46.14 38.75
C ALA C 20 -47.13 47.58 38.63
N ALA C 21 -47.14 48.35 39.72
CA ALA C 21 -48.07 49.51 39.71
C ALA C 21 -47.53 50.55 38.72
N ASP C 22 -46.19 50.74 38.65
CA ASP C 22 -45.67 51.86 37.82
C ASP C 22 -45.57 51.39 36.35
N VAL C 23 -46.19 50.28 35.99
CA VAL C 23 -46.31 49.90 34.56
C VAL C 23 -47.06 51.01 33.83
N GLN C 24 -46.73 51.24 32.55
CA GLN C 24 -47.45 52.12 31.58
C GLN C 24 -48.00 51.32 30.41
N VAL C 25 -49.24 51.59 30.05
CA VAL C 25 -49.86 50.99 28.84
C VAL C 25 -50.48 52.11 28.04
N GLY C 26 -50.10 52.29 26.79
CA GLY C 26 -50.68 53.34 25.93
C GLY C 26 -52.07 52.98 25.43
N PRO C 27 -52.70 53.94 24.72
CA PRO C 27 -54.03 53.78 24.15
C PRO C 27 -54.19 52.64 23.17
N TRP C 28 -55.36 51.99 23.20
CA TRP C 28 -55.75 50.95 22.22
C TRP C 28 -54.83 49.74 22.33
N SER C 29 -54.20 49.55 23.46
CA SER C 29 -53.36 48.36 23.63
C SER C 29 -54.20 47.35 24.39
N ILE C 30 -54.06 46.07 24.06
CA ILE C 30 -54.81 44.99 24.73
C ILE C 30 -53.84 44.19 25.59
N VAL C 31 -54.11 44.02 26.85
CA VAL C 31 -53.25 43.17 27.73
C VAL C 31 -54.15 41.99 28.13
N GLY C 32 -53.99 40.84 27.47
CA GLY C 32 -54.96 39.74 27.56
C GLY C 32 -54.84 38.98 28.87
N ALA C 33 -55.72 37.98 29.04
CA ALA C 33 -55.74 37.09 30.23
C ALA C 33 -54.36 36.52 30.40
N GLU C 34 -53.99 36.25 31.64
CA GLU C 34 -52.79 35.49 32.03
C GLU C 34 -51.52 36.28 31.64
N VAL C 35 -51.60 37.60 31.41
CA VAL C 35 -50.38 38.40 31.14
C VAL C 35 -49.95 39.11 32.41
N GLU C 36 -48.67 39.00 32.72
CA GLU C 36 -47.96 39.58 33.89
C GLU C 36 -46.93 40.58 33.40
N ILE C 37 -46.83 41.78 33.97
CA ILE C 37 -45.90 42.83 33.45
C ILE C 37 -45.20 43.44 34.64
N GLY C 38 -43.89 43.56 34.59
CA GLY C 38 -43.03 43.86 35.76
C GLY C 38 -42.80 45.34 35.98
N GLU C 39 -42.43 45.69 37.21
CA GLU C 39 -41.96 47.05 37.58
C GLU C 39 -41.36 47.74 36.34
N GLY C 40 -41.86 48.92 36.01
CA GLY C 40 -41.13 49.90 35.18
C GLY C 40 -41.27 49.70 33.69
N THR C 41 -41.94 48.62 33.26
CA THR C 41 -42.13 48.27 31.84
C THR C 41 -43.05 49.31 31.19
N VAL C 42 -42.81 49.65 29.93
CA VAL C 42 -43.65 50.59 29.18
C VAL C 42 -44.18 49.88 27.95
N ILE C 43 -45.50 49.83 27.84
CA ILE C 43 -46.22 49.26 26.70
C ILE C 43 -46.76 50.43 25.93
N GLY C 44 -46.40 50.47 24.65
CA GLY C 44 -46.77 51.54 23.73
C GLY C 44 -48.24 51.45 23.35
N PRO C 45 -48.63 52.33 22.40
CA PRO C 45 -49.97 52.33 21.85
C PRO C 45 -50.12 51.18 20.84
N HIS C 46 -51.34 50.68 20.67
CA HIS C 46 -51.65 49.61 19.69
C HIS C 46 -50.74 48.39 19.89
N VAL C 47 -50.60 47.88 21.09
CA VAL C 47 -49.84 46.62 21.31
C VAL C 47 -50.84 45.55 21.69
N VAL C 48 -50.64 44.33 21.21
CA VAL C 48 -51.46 43.18 21.65
C VAL C 48 -50.53 42.24 22.42
N LEU C 49 -50.85 42.02 23.69
CA LEU C 49 -50.27 40.98 24.53
C LEU C 49 -51.35 39.92 24.72
N LYS C 50 -50.95 38.66 24.54
CA LYS C 50 -51.73 37.45 24.85
C LYS C 50 -50.79 36.63 25.73
N GLY C 51 -51.37 35.78 26.58
CA GLY C 51 -50.67 34.98 27.59
C GLY C 51 -51.07 33.52 27.45
N PRO C 52 -50.69 32.62 28.37
CA PRO C 52 -49.91 32.97 29.58
C PRO C 52 -48.49 33.50 29.30
N THR C 53 -48.17 34.66 29.83
CA THR C 53 -46.99 35.44 29.39
C THR C 53 -46.54 36.29 30.58
N LYS C 54 -45.25 36.27 30.85
CA LYS C 54 -44.56 36.86 32.02
C LYS C 54 -43.57 37.83 31.38
N ILE C 55 -43.78 39.12 31.55
CA ILE C 55 -42.82 40.16 31.08
C ILE C 55 -42.18 40.82 32.31
N GLY C 56 -40.86 40.88 32.35
CA GLY C 56 -40.14 41.44 33.50
C GLY C 56 -40.13 42.96 33.54
N LYS C 57 -39.01 43.51 33.99
CA LYS C 57 -38.95 44.94 34.40
C LYS C 57 -38.23 45.76 33.34
N HIS C 58 -38.66 46.99 33.17
CA HIS C 58 -38.00 48.01 32.32
C HIS C 58 -37.99 47.56 30.85
N ASN C 59 -38.99 46.81 30.40
CA ASN C 59 -39.15 46.49 28.97
C ASN C 59 -39.80 47.70 28.31
N ARG C 60 -39.56 47.92 27.05
CA ARG C 60 -40.24 48.97 26.26
C ARG C 60 -40.76 48.10 25.10
N ILE C 61 -42.08 48.07 24.89
CA ILE C 61 -42.68 47.33 23.74
C ILE C 61 -43.46 48.32 22.89
N TYR C 62 -43.04 48.49 21.66
CA TYR C 62 -43.52 49.54 20.74
C TYR C 62 -44.78 49.09 19.98
N GLN C 63 -45.39 50.07 19.29
CA GLN C 63 -46.69 49.93 18.59
C GLN C 63 -46.70 48.75 17.62
N PHE C 64 -47.86 48.13 17.46
CA PHE C 64 -48.20 47.15 16.38
C PHE C 64 -47.56 45.79 16.62
N SER C 65 -46.94 45.59 17.78
CA SER C 65 -46.37 44.32 18.25
C SER C 65 -47.47 43.39 18.71
N SER C 66 -47.31 42.12 18.38
CA SER C 66 -48.11 41.00 18.90
C SER C 66 -47.16 40.12 19.71
N VAL C 67 -47.30 40.13 21.03
CA VAL C 67 -46.42 39.40 21.96
C VAL C 67 -47.28 38.38 22.70
N GLY C 68 -47.05 37.09 22.46
CA GLY C 68 -47.70 36.00 23.21
C GLY C 68 -48.83 35.38 22.41
N GLU C 69 -48.89 35.65 21.12
CA GLU C 69 -49.86 34.95 20.22
C GLU C 69 -49.51 33.45 20.16
N ASP C 70 -50.47 32.61 19.90
CA ASP C 70 -50.25 31.22 19.46
C ASP C 70 -49.42 31.14 18.16
N THR C 71 -48.47 30.19 18.01
CA THR C 71 -47.87 30.01 16.66
C THR C 71 -48.96 29.47 15.76
N PRO C 72 -49.03 29.89 14.48
CA PRO C 72 -49.99 29.33 13.57
C PRO C 72 -49.64 27.93 13.05
N ASP C 73 -48.40 27.42 13.35
CA ASP C 73 -47.84 26.09 12.95
C ASP C 73 -48.89 25.05 13.37
N LEU C 74 -49.21 24.15 12.45
CA LEU C 74 -50.31 23.19 12.60
C LEU C 74 -49.99 22.20 13.74
N LYS C 75 -48.72 21.85 13.97
CA LYS C 75 -48.15 21.20 15.20
C LYS C 75 -48.93 21.62 16.46
N TYR C 76 -49.09 22.91 16.71
CA TYR C 76 -49.70 23.49 17.94
C TYR C 76 -51.21 23.34 17.91
N LYS C 77 -51.80 22.70 18.91
CA LYS C 77 -53.25 22.44 18.95
C LYS C 77 -53.85 23.03 20.25
N GLY C 78 -53.50 24.27 20.61
CA GLY C 78 -54.25 25.03 21.65
C GLY C 78 -53.76 24.75 23.08
N GLU C 79 -52.73 23.92 23.28
CA GLU C 79 -52.26 23.55 24.64
C GLU C 79 -51.84 24.83 25.35
N PRO C 80 -51.93 24.92 26.70
CA PRO C 80 -51.60 26.18 27.37
C PRO C 80 -50.05 26.25 27.47
N THR C 81 -49.41 27.23 26.85
CA THR C 81 -47.94 27.27 26.71
C THR C 81 -47.53 28.68 27.01
N ARG C 82 -46.28 28.93 27.26
CA ARG C 82 -45.91 30.16 27.98
C ARG C 82 -45.00 31.00 27.10
N LEU C 83 -44.92 32.28 27.44
CA LEU C 83 -43.86 33.20 26.95
C LEU C 83 -43.23 33.82 28.20
N VAL C 84 -41.91 33.83 28.24
CA VAL C 84 -41.17 34.59 29.29
C VAL C 84 -40.22 35.58 28.63
N ILE C 85 -40.29 36.80 29.07
CA ILE C 85 -39.42 37.90 28.63
C ILE C 85 -38.85 38.50 29.90
N GLY C 86 -37.54 38.71 29.93
CA GLY C 86 -36.86 39.18 31.14
C GLY C 86 -36.92 40.69 31.30
N ASP C 87 -35.79 41.29 31.72
CA ASP C 87 -35.71 42.71 32.14
C ASP C 87 -34.97 43.50 31.07
N HIS C 88 -35.29 44.77 30.91
CA HIS C 88 -34.51 45.75 30.11
C HIS C 88 -34.52 45.37 28.64
N ASN C 89 -35.57 44.78 28.10
CA ASN C 89 -35.56 44.55 26.65
C ASN C 89 -36.23 45.68 25.94
N VAL C 90 -35.89 45.90 24.70
CA VAL C 90 -36.60 46.85 23.83
C VAL C 90 -37.14 46.03 22.67
N ILE C 91 -38.46 46.04 22.52
CA ILE C 91 -39.17 45.35 21.42
C ILE C 91 -39.80 46.44 20.56
N ARG C 92 -39.22 46.63 19.37
CA ARG C 92 -39.54 47.74 18.48
C ARG C 92 -40.81 47.42 17.71
N GLU C 93 -41.11 48.20 16.67
CA GLU C 93 -42.49 48.32 16.15
C GLU C 93 -42.82 47.07 15.36
N GLY C 94 -44.02 46.54 15.52
CA GLY C 94 -44.53 45.43 14.70
C GLY C 94 -43.89 44.06 15.02
N VAL C 95 -43.17 43.91 16.13
CA VAL C 95 -42.51 42.61 16.37
C VAL C 95 -43.57 41.56 16.66
N THR C 96 -43.39 40.32 16.23
CA THR C 96 -44.21 39.16 16.62
C THR C 96 -43.36 38.22 17.45
N ILE C 97 -43.85 37.83 18.61
CA ILE C 97 -43.25 36.79 19.47
C ILE C 97 -44.38 35.82 19.81
N HIS C 98 -44.19 34.53 19.52
CA HIS C 98 -45.20 33.49 19.83
C HIS C 98 -44.79 32.62 21.02
N ARG C 99 -45.80 32.10 21.68
CA ARG C 99 -45.62 31.24 22.86
C ARG C 99 -45.08 29.88 22.39
N GLY C 100 -44.74 29.03 23.34
CA GLY C 100 -44.22 27.68 23.06
C GLY C 100 -45.23 26.71 22.50
N THR C 101 -44.73 25.50 22.28
CA THR C 101 -45.43 24.27 21.85
C THR C 101 -45.09 23.17 22.87
N VAL C 102 -46.03 22.27 23.16
CA VAL C 102 -45.74 21.22 24.17
C VAL C 102 -44.74 20.20 23.65
N GLN C 103 -44.39 20.18 22.39
CA GLN C 103 -43.42 19.15 21.93
C GLN C 103 -42.00 19.62 22.17
N ASP C 104 -41.75 20.86 22.56
CA ASP C 104 -40.39 21.29 23.01
C ASP C 104 -40.51 21.44 24.52
N ARG C 105 -40.28 22.60 25.15
CA ARG C 105 -40.33 22.70 26.63
C ARG C 105 -41.55 23.61 26.96
N ALA C 106 -42.48 23.81 26.03
CA ALA C 106 -43.77 24.52 26.26
C ALA C 106 -43.57 26.01 26.62
N GLU C 107 -42.48 26.66 26.19
CA GLU C 107 -42.05 28.03 26.61
C GLU C 107 -41.22 28.69 25.50
N THR C 108 -41.45 29.96 25.19
CA THR C 108 -40.55 30.82 24.41
C THR C 108 -39.88 31.72 25.42
N THR C 109 -38.60 31.95 25.28
CA THR C 109 -37.84 32.56 26.40
C THR C 109 -36.91 33.65 25.86
N ILE C 110 -36.98 34.81 26.46
CA ILE C 110 -36.12 35.94 26.11
C ILE C 110 -35.52 36.43 27.43
N GLY C 111 -34.21 36.61 27.44
CA GLY C 111 -33.47 37.03 28.62
C GLY C 111 -33.59 38.51 28.85
N ASP C 112 -32.44 39.14 29.08
CA ASP C 112 -32.31 40.53 29.60
C ASP C 112 -31.48 41.36 28.62
N HIS C 113 -31.78 42.65 28.50
CA HIS C 113 -31.01 43.64 27.70
C HIS C 113 -31.00 43.31 26.21
N ASN C 114 -32.05 42.81 25.64
CA ASN C 114 -31.99 42.52 24.18
C ASN C 114 -32.62 43.69 23.44
N LEU C 115 -32.23 43.82 22.21
CA LEU C 115 -32.83 44.83 21.35
C LEU C 115 -33.41 44.07 20.14
N ILE C 116 -34.73 44.09 20.00
CA ILE C 116 -35.41 43.35 18.92
C ILE C 116 -36.10 44.41 18.08
N MET C 117 -35.53 44.63 16.92
CA MET C 117 -35.92 45.74 16.05
C MET C 117 -37.14 45.38 15.23
N ALA C 118 -37.65 46.37 14.52
CA ALA C 118 -38.99 46.36 13.93
C ALA C 118 -39.26 45.07 13.16
N TYR C 119 -40.44 44.51 13.29
CA TYR C 119 -40.89 43.38 12.43
C TYR C 119 -40.06 42.13 12.66
N ALA C 120 -39.11 42.11 13.56
CA ALA C 120 -38.46 40.83 13.91
C ALA C 120 -39.55 39.85 14.30
N HIS C 121 -39.29 38.56 14.12
CA HIS C 121 -40.24 37.49 14.51
C HIS C 121 -39.54 36.44 15.35
N ILE C 122 -40.12 36.07 16.47
CA ILE C 122 -39.47 35.14 17.41
C ILE C 122 -40.41 33.98 17.62
N GLY C 123 -40.17 32.94 16.83
CA GLY C 123 -41.07 31.79 16.73
C GLY C 123 -41.11 30.94 17.98
N HIS C 124 -42.18 30.14 18.05
CA HIS C 124 -42.40 29.20 19.18
C HIS C 124 -41.09 28.58 19.65
N ASP C 125 -40.90 28.58 20.95
CA ASP C 125 -39.90 27.71 21.63
C ASP C 125 -38.50 28.28 21.46
N SER C 126 -38.36 29.43 20.83
CA SER C 126 -37.05 30.09 20.65
C SER C 126 -36.52 30.53 22.02
N VAL C 127 -35.20 30.55 22.21
CA VAL C 127 -34.56 31.02 23.47
C VAL C 127 -33.53 32.06 23.08
N ILE C 128 -33.73 33.24 23.61
CA ILE C 128 -32.79 34.35 23.45
C ILE C 128 -32.23 34.60 24.82
N GLY C 129 -30.91 34.70 24.88
CA GLY C 129 -30.16 35.00 26.10
C GLY C 129 -30.21 36.47 26.38
N ASN C 130 -29.02 37.07 26.58
CA ASN C 130 -28.88 38.47 27.02
C ASN C 130 -28.03 39.27 26.04
N HIS C 131 -28.27 40.58 25.95
CA HIS C 131 -27.52 41.53 25.09
C HIS C 131 -27.52 41.13 23.62
N CYS C 132 -28.52 40.42 23.13
CA CYS C 132 -28.58 40.11 21.69
C CYS C 132 -29.17 41.33 21.00
N ILE C 133 -28.88 41.49 19.73
CA ILE C 133 -29.55 42.45 18.84
C ILE C 133 -30.08 41.67 17.63
N LEU C 134 -31.40 41.56 17.51
CA LEU C 134 -32.08 41.14 16.29
C LEU C 134 -32.48 42.40 15.56
N VAL C 135 -31.85 42.66 14.44
CA VAL C 135 -32.14 43.87 13.61
C VAL C 135 -33.40 43.54 12.82
N ASN C 136 -34.01 44.58 12.26
CA ASN C 136 -35.30 44.56 11.54
C ASN C 136 -35.52 43.25 10.81
N ASN C 137 -36.69 42.64 10.99
CA ASN C 137 -37.21 41.56 10.11
C ASN C 137 -36.42 40.27 10.28
N THR C 138 -35.42 40.21 11.16
CA THR C 138 -34.88 38.92 11.63
C THR C 138 -36.05 37.97 11.97
N ALA C 139 -36.00 36.72 11.50
CA ALA C 139 -37.03 35.71 11.80
C ALA C 139 -36.39 34.42 12.34
N LEU C 140 -36.65 34.08 13.59
CA LEU C 140 -36.32 32.78 14.19
C LEU C 140 -37.52 31.86 13.96
N ALA C 141 -37.39 30.84 13.12
CA ALA C 141 -38.53 30.03 12.65
C ALA C 141 -39.20 29.33 13.81
N GLY C 142 -38.40 28.92 14.78
CA GLY C 142 -38.85 28.00 15.84
C GLY C 142 -37.72 27.25 16.54
N HIS C 143 -37.83 27.12 17.87
CA HIS C 143 -36.87 26.33 18.68
C HIS C 143 -35.47 26.82 18.34
N VAL C 144 -35.30 28.10 17.97
CA VAL C 144 -33.96 28.67 17.74
C VAL C 144 -33.41 29.18 19.06
N HIS C 145 -32.13 28.90 19.33
CA HIS C 145 -31.42 29.39 20.55
C HIS C 145 -30.43 30.46 20.15
N VAL C 146 -30.46 31.63 20.73
CA VAL C 146 -29.54 32.74 20.38
C VAL C 146 -28.82 33.05 21.67
N ASP C 147 -27.53 32.76 21.75
CA ASP C 147 -26.76 32.94 22.99
C ASP C 147 -26.32 34.41 23.07
N ASP C 148 -25.74 34.78 24.20
CA ASP C 148 -25.56 36.19 24.63
C ASP C 148 -24.75 36.90 23.56
N TRP C 149 -24.99 38.21 23.34
CA TRP C 149 -24.24 39.22 22.50
C TRP C 149 -24.32 38.97 21.01
N ALA C 150 -25.21 38.08 20.57
CA ALA C 150 -25.30 37.74 19.15
C ALA C 150 -25.96 38.93 18.46
N ILE C 151 -25.59 39.14 17.22
CA ILE C 151 -26.14 40.22 16.41
C ILE C 151 -26.60 39.58 15.14
N LEU C 152 -27.90 39.56 14.90
CA LEU C 152 -28.45 39.07 13.63
C LEU C 152 -28.76 40.32 12.85
N SER C 153 -28.04 40.57 11.75
CA SER C 153 -28.24 41.77 10.88
C SER C 153 -29.68 41.74 10.31
N GLY C 154 -30.16 42.87 9.79
CA GLY C 154 -31.45 42.97 9.08
C GLY C 154 -31.80 41.74 8.24
N TYR C 155 -33.06 41.26 8.35
CA TYR C 155 -33.66 40.22 7.47
C TYR C 155 -32.84 38.91 7.52
N THR C 156 -32.17 38.65 8.63
CA THR C 156 -31.56 37.35 8.86
C THR C 156 -32.67 36.35 9.07
N LEU C 157 -32.67 35.24 8.35
CA LEU C 157 -33.63 34.13 8.57
C LEU C 157 -32.91 32.94 9.24
N VAL C 158 -33.50 32.32 10.25
CA VAL C 158 -32.90 31.17 10.97
C VAL C 158 -33.85 29.96 10.93
N HIS C 159 -33.38 28.82 10.41
CA HIS C 159 -34.16 27.56 10.29
C HIS C 159 -34.45 27.04 11.69
N GLN C 160 -35.57 26.33 11.84
CA GLN C 160 -35.94 25.72 13.14
CA GLN C 160 -35.95 25.59 13.09
C GLN C 160 -34.70 25.01 13.74
N TYR C 161 -34.56 25.09 15.05
CA TYR C 161 -33.61 24.26 15.87
C TYR C 161 -32.16 24.77 15.83
N CYS C 162 -31.78 25.68 14.94
CA CYS C 162 -30.39 26.21 14.88
C CYS C 162 -30.00 26.95 16.16
N ARG C 163 -28.72 26.87 16.48
CA ARG C 163 -28.14 27.58 17.65
CA ARG C 163 -28.15 27.60 17.64
C ARG C 163 -27.22 28.66 17.08
N ILE C 164 -27.43 29.90 17.51
CA ILE C 164 -26.63 31.10 17.12
C ILE C 164 -25.69 31.38 18.30
N GLY C 165 -24.40 31.23 18.10
CA GLY C 165 -23.49 31.20 19.26
C GLY C 165 -23.26 32.57 19.88
N ALA C 166 -22.75 32.61 21.08
CA ALA C 166 -22.38 33.88 21.73
C ALA C 166 -21.45 34.72 20.85
N HIS C 167 -21.71 36.01 20.73
CA HIS C 167 -20.95 37.02 19.94
C HIS C 167 -20.91 36.71 18.46
N SER C 168 -21.72 35.78 18.00
CA SER C 168 -21.77 35.43 16.56
C SER C 168 -22.45 36.61 15.89
N PHE C 169 -22.41 36.65 14.58
CA PHE C 169 -22.89 37.82 13.83
C PHE C 169 -23.30 37.39 12.45
N SER C 170 -24.52 37.64 12.02
CA SER C 170 -24.96 37.34 10.65
C SER C 170 -25.11 38.64 9.89
N GLY C 171 -24.77 38.61 8.62
CA GLY C 171 -24.90 39.80 7.75
C GLY C 171 -26.29 39.97 7.19
N MET C 172 -26.56 41.09 6.57
CA MET C 172 -27.95 41.31 6.21
C MET C 172 -28.37 40.26 5.20
N GLY C 173 -29.55 39.69 5.40
CA GLY C 173 -30.14 38.81 4.39
C GLY C 173 -29.59 37.41 4.47
N SER C 174 -28.74 37.10 5.43
CA SER C 174 -28.27 35.74 5.74
C SER C 174 -29.45 34.78 5.88
N ALA C 175 -29.34 33.56 5.33
CA ALA C 175 -30.35 32.49 5.52
C ALA C 175 -29.66 31.37 6.27
N ILE C 176 -29.83 31.28 7.58
CA ILE C 176 -29.02 30.38 8.42
C ILE C 176 -29.73 29.04 8.47
N GLY C 177 -29.05 27.95 8.10
CA GLY C 177 -29.61 26.59 7.97
C GLY C 177 -29.03 25.64 8.99
N LYS C 178 -27.92 26.01 9.60
CA LYS C 178 -27.16 25.17 10.54
C LYS C 178 -26.61 26.06 11.66
N ASP C 179 -26.07 25.49 12.73
CA ASP C 179 -25.63 26.29 13.90
C ASP C 179 -24.61 27.29 13.47
N VAL C 180 -24.53 28.42 14.17
CA VAL C 180 -23.45 29.39 13.96
C VAL C 180 -22.63 29.39 15.25
N PRO C 181 -21.35 28.99 15.14
CA PRO C 181 -20.52 28.88 16.32
C PRO C 181 -20.32 30.27 16.85
N ALA C 182 -20.12 30.32 18.16
CA ALA C 182 -19.72 31.52 18.89
C ALA C 182 -18.69 32.31 18.07
N TYR C 183 -18.81 33.61 18.10
CA TYR C 183 -17.83 34.56 17.55
C TYR C 183 -17.86 34.59 16.04
N VAL C 184 -18.51 33.64 15.36
CA VAL C 184 -18.35 33.48 13.89
C VAL C 184 -19.18 34.52 13.16
N THR C 185 -18.72 35.06 12.06
CA THR C 185 -19.58 35.90 11.22
C THR C 185 -20.07 35.05 10.06
N VAL C 186 -21.32 35.16 9.66
CA VAL C 186 -21.81 34.41 8.48
C VAL C 186 -22.61 35.35 7.60
N PHE C 187 -22.70 35.01 6.31
CA PHE C 187 -23.23 35.83 5.19
C PHE C 187 -23.86 34.90 4.15
N GLY C 188 -24.91 35.39 3.51
CA GLY C 188 -25.46 34.84 2.27
C GLY C 188 -26.61 33.88 2.48
N ASN C 189 -27.19 33.43 1.38
CA ASN C 189 -28.28 32.45 1.32
C ASN C 189 -27.78 31.42 0.34
N PRO C 190 -27.30 30.30 0.87
CA PRO C 190 -27.30 30.06 2.30
C PRO C 190 -26.08 30.63 3.05
N ALA C 191 -26.31 30.95 4.31
CA ALA C 191 -25.29 31.41 5.28
C ALA C 191 -24.07 30.52 5.12
N GLU C 192 -22.90 31.15 4.95
CA GLU C 192 -21.53 30.57 4.98
C GLU C 192 -20.64 31.36 5.96
N ALA C 193 -19.66 30.71 6.62
CA ALA C 193 -18.77 31.41 7.57
C ALA C 193 -17.74 32.26 6.81
N ARG C 194 -17.39 33.44 7.25
CA ARG C 194 -16.37 34.31 6.63
C ARG C 194 -15.22 34.56 7.61
N SER C 195 -15.46 34.76 8.90
CA SER C 195 -14.47 35.32 9.85
C SER C 195 -15.00 35.24 11.28
N MET C 196 -14.31 35.88 12.19
CA MET C 196 -14.84 36.05 13.56
C MET C 196 -15.15 37.53 13.78
N ASN C 197 -16.00 37.78 14.75
CA ASN C 197 -16.56 39.11 15.09
C ASN C 197 -15.55 39.79 15.99
N PHE C 198 -14.48 40.30 15.43
CA PHE C 198 -13.43 40.96 16.20
C PHE C 198 -14.01 42.19 16.91
N GLU C 199 -14.91 42.93 16.25
CA GLU C 199 -15.56 44.12 16.86
C GLU C 199 -16.29 43.73 18.16
N GLY C 200 -17.10 42.67 18.13
CA GLY C 200 -17.74 42.15 19.34
C GLY C 200 -16.72 41.96 20.43
N MET C 201 -15.57 41.41 20.05
CA MET C 201 -14.48 41.03 20.99
C MET C 201 -13.85 42.30 21.56
N ARG C 202 -13.64 43.34 20.76
CA ARG C 202 -13.07 44.62 21.29
C ARG C 202 -14.03 45.15 22.36
N ARG C 203 -15.29 45.37 21.92
CA ARG C 203 -16.38 45.96 22.74
CA ARG C 203 -16.39 45.94 22.74
C ARG C 203 -16.47 45.20 24.07
N ARG C 204 -16.17 43.92 24.13
CA ARG C 204 -16.15 43.24 25.45
C ARG C 204 -14.76 43.41 26.14
N GLY C 205 -13.84 44.22 25.62
CA GLY C 205 -12.44 44.28 26.13
C GLY C 205 -11.76 42.93 26.33
N PHE C 206 -11.90 42.00 25.38
CA PHE C 206 -11.13 40.72 25.29
C PHE C 206 -9.66 41.00 25.17
N SER C 207 -8.86 40.18 25.83
CA SER C 207 -7.40 40.38 25.84
C SER C 207 -6.96 40.20 24.41
N SER C 208 -5.80 40.70 24.06
CA SER C 208 -5.44 40.65 22.65
C SER C 208 -4.82 39.27 22.36
N GLU C 209 -4.39 38.52 23.38
CA GLU C 209 -4.01 37.06 23.26
C GLU C 209 -5.28 36.23 22.91
N ALA C 210 -6.43 36.61 23.42
CA ALA C 210 -7.66 35.82 23.28
C ALA C 210 -8.20 36.02 21.89
N ILE C 211 -8.05 37.25 21.41
CA ILE C 211 -8.53 37.65 20.06
C ILE C 211 -7.69 36.84 19.08
N HIS C 212 -6.38 36.81 19.29
CA HIS C 212 -5.49 36.07 18.38
C HIS C 212 -5.81 34.58 18.50
N ALA C 213 -6.07 34.07 19.69
CA ALA C 213 -6.31 32.62 19.83
C ALA C 213 -7.55 32.26 19.04
N LEU C 214 -8.56 33.14 19.04
CA LEU C 214 -9.84 32.89 18.36
C LEU C 214 -9.63 33.01 16.85
N ARG C 215 -8.73 33.88 16.37
CA ARG C 215 -8.44 33.88 14.92
C ARG C 215 -7.93 32.48 14.60
N ARG C 216 -7.03 31.96 15.42
CA ARG C 216 -6.43 30.63 15.18
C ARG C 216 -7.49 29.55 15.24
N ALA C 217 -8.42 29.62 16.17
CA ALA C 217 -9.44 28.56 16.29
C ALA C 217 -10.32 28.57 15.05
N TYR C 218 -10.62 29.77 14.52
CA TYR C 218 -11.33 29.90 13.25
C TYR C 218 -10.56 29.10 12.18
N LYS C 219 -9.26 29.35 12.06
CA LYS C 219 -8.50 28.74 10.95
C LYS C 219 -8.57 27.21 11.13
N VAL C 220 -8.46 26.72 12.37
CA VAL C 220 -8.46 25.27 12.66
C VAL C 220 -9.75 24.67 12.13
N VAL C 221 -10.87 25.33 12.36
CA VAL C 221 -12.21 24.78 12.02
C VAL C 221 -12.48 24.89 10.52
N TYR C 222 -12.03 25.97 9.88
CA TYR C 222 -12.60 26.43 8.58
C TYR C 222 -11.53 26.49 7.48
N ARG C 223 -10.25 26.71 7.75
CA ARG C 223 -9.29 27.00 6.65
C ARG C 223 -8.17 25.92 6.59
N GLN C 224 -8.33 24.74 7.18
CA GLN C 224 -7.22 23.74 7.23
C GLN C 224 -7.64 22.32 6.77
N GLY C 225 -8.79 22.17 6.11
CA GLY C 225 -9.33 20.87 5.73
C GLY C 225 -9.55 19.92 6.89
N HIS C 226 -9.62 20.35 8.14
CA HIS C 226 -9.98 19.38 9.21
C HIS C 226 -11.45 19.06 8.98
N THR C 227 -11.83 17.81 9.20
CA THR C 227 -13.21 17.41 9.51
C THR C 227 -13.53 18.12 10.81
N VAL C 228 -14.81 18.23 11.13
CA VAL C 228 -15.23 18.78 12.44
C VAL C 228 -14.65 17.97 13.61
N GLU C 229 -14.67 16.64 13.56
CA GLU C 229 -14.10 15.83 14.67
C GLU C 229 -12.61 16.17 14.81
N GLU C 230 -11.89 16.31 13.71
CA GLU C 230 -10.46 16.70 13.70
C GLU C 230 -10.32 18.08 14.36
N ALA C 231 -11.14 19.07 13.99
CA ALA C 231 -11.06 20.44 14.56
C ALA C 231 -11.24 20.41 16.08
N LEU C 232 -12.27 19.73 16.57
CA LEU C 232 -12.55 19.67 18.04
C LEU C 232 -11.36 19.17 18.84
N ALA C 233 -10.66 18.21 18.26
CA ALA C 233 -9.49 17.56 18.88
C ALA C 233 -8.36 18.57 18.94
N GLU C 234 -8.04 19.24 17.84
CA GLU C 234 -6.99 20.26 17.72
C GLU C 234 -7.29 21.43 18.68
N LEU C 235 -8.55 21.79 18.84
CA LEU C 235 -8.98 22.95 19.66
C LEU C 235 -8.83 22.68 21.17
N ALA C 236 -8.61 21.43 21.59
CA ALA C 236 -8.63 21.02 23.01
C ALA C 236 -7.71 21.92 23.83
N GLU C 237 -6.51 22.16 23.29
CA GLU C 237 -5.41 22.89 23.93
C GLU C 237 -5.87 24.35 24.16
N SER C 238 -6.27 25.01 23.09
CA SER C 238 -6.63 26.45 23.06
C SER C 238 -7.81 26.63 24.01
N ALA C 239 -8.74 25.68 24.02
CA ALA C 239 -9.96 25.73 24.83
C ALA C 239 -9.59 25.62 26.30
N ALA C 240 -8.51 24.95 26.61
CA ALA C 240 -8.08 24.82 28.02
C ALA C 240 -7.26 26.04 28.43
N GLN C 241 -6.74 26.78 27.46
CA GLN C 241 -5.86 27.94 27.70
C GLN C 241 -6.70 29.19 27.89
N PHE C 242 -7.91 29.21 27.34
CA PHE C 242 -8.65 30.46 27.04
C PHE C 242 -10.13 30.17 27.11
N PRO C 243 -10.83 30.64 28.16
CA PRO C 243 -12.29 30.46 28.29
C PRO C 243 -13.10 30.86 27.03
N GLU C 244 -12.59 31.87 26.34
CA GLU C 244 -13.16 32.44 25.10
C GLU C 244 -13.18 31.39 23.99
N VAL C 245 -12.09 30.67 23.81
CA VAL C 245 -11.96 29.56 22.82
C VAL C 245 -12.84 28.41 23.29
N ALA C 246 -13.04 28.24 24.58
CA ALA C 246 -13.82 27.08 25.06
C ALA C 246 -15.28 27.29 24.70
N VAL C 247 -15.76 28.49 24.90
CA VAL C 247 -17.10 28.87 24.40
C VAL C 247 -17.22 28.47 22.94
N PHE C 248 -16.22 28.78 22.13
CA PHE C 248 -16.22 28.42 20.68
C PHE C 248 -16.21 26.89 20.47
N ARG C 249 -15.28 26.18 21.12
CA ARG C 249 -15.15 24.69 20.98
C ARG C 249 -16.54 24.15 21.31
N ASP C 250 -17.09 24.55 22.46
CA ASP C 250 -18.37 24.00 22.97
C ASP C 250 -19.47 24.30 21.94
N SER C 251 -19.50 25.44 21.26
CA SER C 251 -20.68 25.71 20.39
C SER C 251 -20.68 24.70 19.24
N ILE C 252 -19.49 24.32 18.78
CA ILE C 252 -19.30 23.36 17.67
C ILE C 252 -19.60 21.94 18.21
N GLN C 253 -19.11 21.65 19.40
CA GLN C 253 -19.34 20.37 20.09
C GLN C 253 -20.85 20.13 20.13
N SER C 254 -21.68 21.07 20.61
CA SER C 254 -23.15 20.88 20.71
C SER C 254 -23.78 20.63 19.35
N ALA C 255 -23.30 21.18 18.24
CA ALA C 255 -24.03 21.04 16.97
C ALA C 255 -23.93 19.60 16.42
N THR C 256 -22.86 18.87 16.75
CA THR C 256 -22.42 17.65 16.00
C THR C 256 -22.32 16.50 17.01
N ARG C 257 -23.34 15.66 17.18
CA ARG C 257 -23.12 14.35 17.86
C ARG C 257 -22.65 13.30 16.83
N GLY C 258 -23.44 13.09 15.78
CA GLY C 258 -23.12 12.17 14.67
C GLY C 258 -23.84 10.85 14.87
N ILE C 259 -23.52 9.89 13.99
CA ILE C 259 -24.03 8.50 14.01
C ILE C 259 -22.83 7.54 13.93
N THR C 260 -22.83 6.46 14.67
CA THR C 260 -21.83 5.39 14.47
C THR C 260 -21.58 5.18 12.98
N ARG C 261 -20.36 5.25 12.50
CA ARG C 261 -20.13 4.75 11.14
C ARG C 261 -19.42 3.43 11.27
N MET D 4 49.12 -99.72 -6.34
CA MET D 4 50.28 -100.13 -7.22
C MET D 4 49.77 -100.52 -8.62
N SER D 5 48.51 -100.94 -8.75
CA SER D 5 47.95 -101.75 -9.88
C SER D 5 47.26 -100.85 -10.92
N LEU D 6 47.68 -100.89 -12.18
CA LEU D 6 47.43 -99.78 -13.15
C LEU D 6 45.93 -99.57 -13.43
N ILE D 7 45.17 -100.59 -13.77
CA ILE D 7 43.70 -100.49 -13.93
C ILE D 7 43.09 -100.95 -12.63
N ASP D 8 42.52 -100.03 -11.88
CA ASP D 8 41.79 -100.35 -10.64
C ASP D 8 40.72 -101.40 -10.91
N PRO D 9 40.59 -102.42 -10.05
CA PRO D 9 39.59 -103.45 -10.29
C PRO D 9 38.17 -102.94 -10.03
N ARG D 10 37.97 -101.77 -9.45
CA ARG D 10 36.60 -101.25 -9.19
C ARG D 10 36.10 -100.47 -10.41
N ALA D 11 36.94 -100.28 -11.43
CA ALA D 11 36.58 -99.63 -12.70
C ALA D 11 35.96 -100.67 -13.63
N ILE D 12 35.18 -100.16 -14.58
CA ILE D 12 34.50 -100.94 -15.66
C ILE D 12 35.24 -100.67 -16.97
N ILE D 13 35.83 -101.68 -17.57
CA ILE D 13 36.48 -101.51 -18.90
C ILE D 13 35.69 -102.30 -19.93
N ASP D 14 35.16 -101.63 -20.93
CA ASP D 14 34.40 -102.34 -21.98
C ASP D 14 35.40 -103.22 -22.75
N PRO D 15 34.98 -104.43 -23.12
CA PRO D 15 35.83 -105.32 -23.91
C PRO D 15 36.34 -104.65 -25.21
N SER D 16 35.54 -103.77 -25.80
CA SER D 16 35.91 -103.13 -27.08
C SER D 16 36.81 -101.93 -26.81
N ALA D 17 36.97 -101.52 -25.54
CA ALA D 17 37.92 -100.44 -25.18
C ALA D 17 39.32 -100.97 -25.48
N ARG D 18 40.28 -100.09 -25.74
CA ARG D 18 41.64 -100.43 -26.26
C ARG D 18 42.64 -99.51 -25.53
N LEU D 19 43.37 -99.99 -24.51
CA LEU D 19 44.21 -99.17 -23.60
C LEU D 19 45.66 -99.57 -23.75
N ALA D 20 46.60 -98.65 -24.00
CA ALA D 20 48.04 -99.00 -24.08
C ALA D 20 48.51 -99.49 -22.69
N ALA D 21 49.66 -100.12 -22.55
CA ALA D 21 49.85 -101.03 -21.38
C ALA D 21 49.98 -100.18 -20.10
N ASP D 22 50.75 -99.06 -20.15
CA ASP D 22 51.07 -98.29 -18.90
C ASP D 22 49.93 -97.31 -18.54
N VAL D 23 48.78 -97.34 -19.24
CA VAL D 23 47.56 -96.54 -18.87
C VAL D 23 47.14 -96.88 -17.46
N GLN D 24 46.76 -95.88 -16.70
CA GLN D 24 46.09 -96.06 -15.40
C GLN D 24 44.63 -95.65 -15.40
N VAL D 25 43.79 -96.39 -14.70
CA VAL D 25 42.38 -96.02 -14.53
C VAL D 25 42.06 -96.07 -13.06
N GLY D 26 41.49 -95.01 -12.51
CA GLY D 26 41.12 -95.00 -11.10
C GLY D 26 39.88 -95.84 -10.84
N PRO D 27 39.57 -96.05 -9.55
CA PRO D 27 38.35 -96.73 -9.16
C PRO D 27 37.08 -95.99 -9.59
N TRP D 28 36.05 -96.76 -9.94
CA TRP D 28 34.67 -96.33 -10.24
C TRP D 28 34.66 -95.51 -11.51
N SER D 29 35.68 -95.65 -12.33
CA SER D 29 35.68 -95.05 -13.67
C SER D 29 35.17 -96.04 -14.70
N ILE D 30 34.56 -95.52 -15.75
CA ILE D 30 33.98 -96.32 -16.85
C ILE D 30 34.74 -95.97 -18.11
N VAL D 31 35.52 -96.85 -18.66
CA VAL D 31 36.02 -96.70 -20.05
C VAL D 31 35.05 -97.47 -20.91
N GLY D 32 34.11 -96.80 -21.55
CA GLY D 32 33.08 -97.49 -22.37
C GLY D 32 33.57 -98.00 -23.73
N ALA D 33 32.69 -98.70 -24.43
CA ALA D 33 32.94 -99.26 -25.77
C ALA D 33 33.59 -98.20 -26.66
N GLU D 34 34.60 -98.65 -27.41
CA GLU D 34 35.19 -97.94 -28.56
C GLU D 34 36.01 -96.77 -28.08
N VAL D 35 36.40 -96.77 -26.83
CA VAL D 35 37.35 -95.78 -26.27
C VAL D 35 38.76 -96.36 -26.37
N GLU D 36 39.70 -95.52 -26.72
CA GLU D 36 41.09 -95.85 -27.09
C GLU D 36 41.95 -94.94 -26.23
N ILE D 37 42.87 -95.48 -25.46
CA ILE D 37 43.66 -94.62 -24.56
C ILE D 37 45.14 -94.86 -24.79
N GLY D 38 45.87 -93.80 -25.13
CA GLY D 38 47.31 -93.84 -25.44
C GLY D 38 48.26 -93.99 -24.24
N GLU D 39 49.49 -94.41 -24.58
CA GLU D 39 50.62 -94.60 -23.65
C GLU D 39 50.62 -93.47 -22.59
N GLY D 40 50.70 -93.80 -21.29
CA GLY D 40 51.06 -92.83 -20.23
C GLY D 40 49.87 -92.03 -19.69
N THR D 41 48.69 -92.12 -20.31
CA THR D 41 47.47 -91.42 -19.89
C THR D 41 47.02 -91.99 -18.54
N VAL D 42 46.54 -91.12 -17.67
CA VAL D 42 46.04 -91.46 -16.32
C VAL D 42 44.59 -90.95 -16.23
N ILE D 43 43.67 -91.88 -15.99
CA ILE D 43 42.25 -91.59 -15.75
C ILE D 43 42.03 -91.65 -14.25
N GLY D 44 41.58 -90.56 -13.66
CA GLY D 44 41.29 -90.50 -12.23
C GLY D 44 40.12 -91.41 -11.89
N PRO D 45 39.60 -91.32 -10.65
CA PRO D 45 38.40 -92.05 -10.31
C PRO D 45 37.13 -91.28 -10.75
N HIS D 46 35.99 -91.95 -10.79
CA HIS D 46 34.70 -91.31 -11.12
C HIS D 46 34.85 -90.56 -12.44
N VAL D 47 35.54 -91.11 -13.41
CA VAL D 47 35.50 -90.53 -14.77
C VAL D 47 34.60 -91.42 -15.61
N VAL D 48 33.82 -90.80 -16.50
CA VAL D 48 33.01 -91.55 -17.49
C VAL D 48 33.60 -91.22 -18.86
N LEU D 49 34.11 -92.22 -19.58
CA LEU D 49 34.57 -92.07 -20.98
C LEU D 49 33.58 -92.82 -21.87
N LYS D 50 33.08 -92.17 -22.91
CA LYS D 50 32.15 -92.81 -23.86
C LYS D 50 32.79 -92.65 -25.22
N GLY D 51 32.51 -93.58 -26.13
CA GLY D 51 33.08 -93.56 -27.50
C GLY D 51 32.04 -93.36 -28.61
N PRO D 52 32.51 -93.40 -29.87
CA PRO D 52 33.92 -93.63 -30.19
C PRO D 52 34.83 -92.41 -29.95
N THR D 53 35.88 -92.60 -29.17
CA THR D 53 36.78 -91.56 -28.69
C THR D 53 38.19 -92.11 -28.76
N LYS D 54 39.16 -91.27 -29.09
CA LYS D 54 40.61 -91.64 -29.27
C LYS D 54 41.36 -90.61 -28.39
N ILE D 55 41.91 -91.07 -27.29
CA ILE D 55 42.70 -90.23 -26.36
C ILE D 55 44.17 -90.59 -26.53
N GLY D 56 45.00 -89.57 -26.62
CA GLY D 56 46.42 -89.68 -26.91
C GLY D 56 47.26 -90.17 -25.74
N LYS D 57 48.56 -89.91 -25.86
CA LYS D 57 49.63 -90.21 -24.87
C LYS D 57 49.59 -89.16 -23.75
N HIS D 58 49.75 -89.57 -22.50
CA HIS D 58 50.16 -88.69 -21.37
C HIS D 58 49.10 -87.63 -21.02
N ASN D 59 47.82 -87.96 -20.98
CA ASN D 59 46.80 -86.98 -20.56
C ASN D 59 46.47 -87.34 -19.15
N ARG D 60 46.00 -86.39 -18.35
CA ARG D 60 45.64 -86.60 -16.93
C ARG D 60 44.18 -86.17 -17.05
N ILE D 61 43.19 -87.01 -16.76
CA ILE D 61 41.74 -86.63 -16.74
C ILE D 61 41.20 -86.81 -15.33
N TYR D 62 40.61 -85.79 -14.72
CA TYR D 62 40.27 -85.80 -13.27
C TYR D 62 38.84 -86.29 -13.01
N GLN D 63 38.59 -86.60 -11.77
CA GLN D 63 37.27 -87.05 -11.28
C GLN D 63 36.13 -86.18 -11.84
N PHE D 64 34.98 -86.82 -12.14
CA PHE D 64 33.62 -86.25 -12.41
C PHE D 64 33.47 -85.71 -13.85
N SER D 65 34.54 -85.86 -14.63
CA SER D 65 34.60 -85.59 -16.07
C SER D 65 33.77 -86.62 -16.82
N SER D 66 32.95 -86.18 -17.77
CA SER D 66 32.22 -87.03 -18.73
C SER D 66 32.83 -86.65 -20.07
N VAL D 67 33.67 -87.52 -20.64
CA VAL D 67 34.43 -87.26 -21.88
C VAL D 67 33.90 -88.24 -22.91
N GLY D 68 33.31 -87.75 -24.00
CA GLY D 68 32.87 -88.56 -25.16
C GLY D 68 31.38 -88.83 -25.24
N GLU D 69 30.61 -88.13 -24.44
CA GLU D 69 29.15 -88.29 -24.25
C GLU D 69 28.49 -87.73 -25.51
N ASP D 70 27.26 -88.13 -25.85
CA ASP D 70 26.57 -87.51 -27.00
C ASP D 70 26.20 -86.06 -26.66
N THR D 71 26.32 -85.05 -27.55
CA THR D 71 25.68 -83.73 -27.27
C THR D 71 24.21 -83.95 -27.07
N PRO D 72 23.51 -83.24 -26.19
CA PRO D 72 22.05 -83.35 -26.20
C PRO D 72 21.34 -82.42 -27.19
N ASP D 73 22.08 -81.64 -28.02
CA ASP D 73 21.46 -80.75 -29.04
C ASP D 73 20.57 -81.70 -29.87
N LEU D 74 19.32 -81.32 -30.09
CA LEU D 74 18.29 -82.16 -30.77
C LEU D 74 18.71 -82.49 -32.22
N LYS D 75 19.35 -81.55 -32.90
CA LYS D 75 20.18 -81.70 -34.14
C LYS D 75 20.80 -83.12 -34.19
N TYR D 76 21.41 -83.58 -33.10
CA TYR D 76 22.09 -84.90 -33.05
C TYR D 76 21.05 -86.01 -32.95
N LYS D 77 21.13 -87.06 -33.76
CA LYS D 77 20.12 -88.14 -33.73
C LYS D 77 20.75 -89.54 -33.59
N GLY D 78 21.83 -89.72 -32.82
CA GLY D 78 22.47 -91.01 -32.53
C GLY D 78 23.54 -91.44 -33.53
N GLU D 79 23.84 -90.61 -34.53
CA GLU D 79 24.78 -90.94 -35.63
C GLU D 79 26.14 -91.31 -35.05
N PRO D 80 27.00 -92.10 -35.70
CA PRO D 80 28.25 -92.56 -35.06
C PRO D 80 29.30 -91.44 -35.27
N THR D 81 29.68 -90.72 -34.22
CA THR D 81 30.53 -89.51 -34.36
C THR D 81 31.66 -89.60 -33.36
N ARG D 82 32.73 -88.87 -33.57
CA ARG D 82 34.01 -89.13 -32.87
C ARG D 82 34.38 -87.96 -31.96
N LEU D 83 35.30 -88.28 -31.05
CA LEU D 83 36.07 -87.35 -30.21
C LEU D 83 37.51 -87.79 -30.38
N VAL D 84 38.40 -86.85 -30.63
CA VAL D 84 39.85 -87.11 -30.70
C VAL D 84 40.54 -86.12 -29.77
N ILE D 85 41.33 -86.66 -28.85
CA ILE D 85 42.15 -85.87 -27.92
C ILE D 85 43.59 -86.27 -28.13
N GLY D 86 44.40 -85.27 -28.36
CA GLY D 86 45.86 -85.39 -28.49
C GLY D 86 46.57 -85.80 -27.21
N ASP D 87 47.79 -85.32 -27.08
CA ASP D 87 48.74 -85.77 -26.06
C ASP D 87 49.00 -84.67 -25.01
N HIS D 88 49.31 -85.07 -23.79
CA HIS D 88 49.78 -84.14 -22.74
C HIS D 88 48.70 -83.12 -22.43
N ASN D 89 47.42 -83.47 -22.46
CA ASN D 89 46.36 -82.54 -22.00
C ASN D 89 46.14 -82.80 -20.52
N VAL D 90 45.69 -81.78 -19.83
CA VAL D 90 45.10 -81.98 -18.50
C VAL D 90 43.62 -81.58 -18.54
N ILE D 91 42.75 -82.46 -18.09
CA ILE D 91 41.29 -82.23 -18.09
C ILE D 91 40.84 -82.40 -16.64
N ARG D 92 40.35 -81.31 -16.07
CA ARG D 92 40.18 -81.16 -14.61
C ARG D 92 38.77 -81.60 -14.15
N GLU D 93 38.50 -81.30 -12.90
CA GLU D 93 37.36 -81.97 -12.27
C GLU D 93 36.09 -81.50 -13.00
N GLY D 94 35.24 -82.43 -13.38
CA GLY D 94 33.87 -82.09 -13.81
C GLY D 94 33.78 -81.67 -15.25
N VAL D 95 34.82 -81.82 -16.06
CA VAL D 95 34.79 -81.33 -17.47
C VAL D 95 33.79 -82.16 -18.28
N THR D 96 33.04 -81.55 -19.17
CA THR D 96 32.27 -82.31 -20.15
C THR D 96 32.90 -82.05 -21.52
N ILE D 97 33.11 -83.10 -22.31
CA ILE D 97 33.52 -83.01 -23.73
C ILE D 97 32.58 -83.92 -24.53
N HIS D 98 31.89 -83.39 -25.52
CA HIS D 98 30.91 -84.15 -26.31
C HIS D 98 31.48 -84.42 -27.71
N ARG D 99 31.03 -85.52 -28.31
CA ARG D 99 31.49 -85.96 -29.63
C ARG D 99 30.75 -85.10 -30.62
N GLY D 100 31.18 -85.18 -31.86
CA GLY D 100 30.64 -84.33 -32.94
C GLY D 100 29.25 -84.70 -33.41
N THR D 101 28.84 -84.04 -34.49
CA THR D 101 27.54 -84.15 -35.20
C THR D 101 27.79 -84.43 -36.70
N VAL D 102 26.92 -85.16 -37.38
CA VAL D 102 27.16 -85.44 -38.84
C VAL D 102 27.08 -84.12 -39.63
N GLN D 103 26.30 -83.17 -39.13
CA GLN D 103 26.03 -81.89 -39.81
C GLN D 103 27.34 -81.14 -40.06
N ASP D 104 28.40 -81.37 -39.32
CA ASP D 104 29.66 -80.59 -39.46
C ASP D 104 30.70 -81.56 -40.03
N ARG D 105 31.73 -81.98 -39.29
CA ARG D 105 32.74 -82.95 -39.79
C ARG D 105 32.69 -84.16 -38.86
N ALA D 106 31.69 -84.28 -38.01
CA ALA D 106 31.39 -85.49 -37.21
C ALA D 106 32.54 -85.76 -36.24
N GLU D 107 33.26 -84.72 -35.81
CA GLU D 107 34.38 -84.92 -34.86
C GLU D 107 34.57 -83.66 -34.01
N THR D 108 34.63 -83.84 -32.70
CA THR D 108 35.24 -82.89 -31.75
C THR D 108 36.73 -83.22 -31.65
N THR D 109 37.61 -82.25 -31.61
CA THR D 109 39.06 -82.47 -31.77
C THR D 109 39.79 -81.59 -30.77
N ILE D 110 40.69 -82.18 -30.00
CA ILE D 110 41.59 -81.45 -29.08
C ILE D 110 43.03 -81.86 -29.34
N GLY D 111 43.93 -80.90 -29.43
CA GLY D 111 45.32 -81.19 -29.75
C GLY D 111 46.16 -81.60 -28.54
N ASP D 112 47.35 -81.02 -28.46
CA ASP D 112 48.38 -81.33 -27.46
C ASP D 112 48.54 -80.21 -26.45
N HIS D 113 48.90 -80.56 -25.22
CA HIS D 113 49.42 -79.61 -24.21
C HIS D 113 48.33 -78.62 -23.84
N ASN D 114 47.08 -79.04 -23.75
CA ASN D 114 46.02 -78.08 -23.36
C ASN D 114 45.76 -78.26 -21.88
N LEU D 115 45.28 -77.20 -21.25
CA LEU D 115 44.88 -77.25 -19.83
C LEU D 115 43.41 -76.83 -19.79
N ILE D 116 42.52 -77.78 -19.46
CA ILE D 116 41.05 -77.54 -19.48
C ILE D 116 40.58 -77.69 -18.06
N MET D 117 40.26 -76.58 -17.41
CA MET D 117 40.09 -76.57 -15.94
C MET D 117 38.64 -76.91 -15.56
N ALA D 118 38.36 -76.92 -14.25
CA ALA D 118 37.14 -77.52 -13.70
C ALA D 118 35.89 -77.07 -14.47
N TYR D 119 35.02 -78.01 -14.84
CA TYR D 119 33.62 -77.70 -15.27
C TYR D 119 33.60 -76.91 -16.58
N ALA D 120 34.71 -76.84 -17.28
CA ALA D 120 34.69 -76.34 -18.66
C ALA D 120 33.84 -77.31 -19.47
N HIS D 121 33.23 -76.79 -20.50
CA HIS D 121 32.38 -77.57 -21.41
C HIS D 121 32.92 -77.37 -22.81
N ILE D 122 33.14 -78.48 -23.51
CA ILE D 122 33.63 -78.50 -24.91
C ILE D 122 32.58 -79.15 -25.77
N GLY D 123 31.79 -78.33 -26.43
CA GLY D 123 30.61 -78.82 -27.12
C GLY D 123 30.91 -79.39 -28.49
N HIS D 124 29.91 -80.07 -29.02
CA HIS D 124 30.08 -80.88 -30.25
C HIS D 124 30.80 -80.08 -31.31
N ASP D 125 31.78 -80.72 -31.95
CA ASP D 125 32.35 -80.31 -33.26
C ASP D 125 33.39 -79.23 -33.04
N SER D 126 33.59 -78.80 -31.79
CA SER D 126 34.64 -77.85 -31.37
C SER D 126 36.02 -78.43 -31.66
N VAL D 127 36.96 -77.53 -31.87
CA VAL D 127 38.32 -77.87 -32.32
C VAL D 127 39.28 -77.03 -31.52
N ILE D 128 40.00 -77.65 -30.62
CA ILE D 128 41.09 -76.99 -29.88
C ILE D 128 42.42 -77.44 -30.45
N GLY D 129 43.31 -76.48 -30.65
CA GLY D 129 44.70 -76.72 -31.04
C GLY D 129 45.57 -77.12 -29.87
N ASN D 130 46.74 -76.48 -29.78
CA ASN D 130 47.74 -76.80 -28.74
C ASN D 130 47.96 -75.65 -27.76
N HIS D 131 48.35 -75.99 -26.52
CA HIS D 131 48.86 -75.04 -25.52
C HIS D 131 47.79 -74.01 -25.20
N CYS D 132 46.50 -74.38 -25.31
CA CYS D 132 45.38 -73.51 -24.90
C CYS D 132 45.13 -73.68 -23.40
N ILE D 133 44.55 -72.66 -22.78
CA ILE D 133 44.05 -72.77 -21.40
C ILE D 133 42.61 -72.32 -21.38
N LEU D 134 41.71 -73.20 -21.02
CA LEU D 134 40.28 -72.89 -20.80
C LEU D 134 40.07 -72.97 -19.28
N VAL D 135 39.91 -71.84 -18.65
CA VAL D 135 39.77 -71.79 -17.19
C VAL D 135 38.36 -72.22 -16.78
N ASN D 136 38.18 -72.48 -15.49
CA ASN D 136 36.95 -72.98 -14.86
C ASN D 136 35.73 -72.54 -15.65
N ASN D 137 34.94 -73.51 -16.12
CA ASN D 137 33.53 -73.24 -16.54
C ASN D 137 33.51 -72.50 -17.86
N THR D 138 34.61 -72.43 -18.56
CA THR D 138 34.60 -71.97 -19.96
C THR D 138 33.66 -72.91 -20.68
N ALA D 139 32.84 -72.40 -21.58
CA ALA D 139 31.85 -73.23 -22.29
C ALA D 139 31.92 -72.91 -23.78
N LEU D 140 32.22 -73.88 -24.61
CA LEU D 140 32.19 -73.63 -26.07
C LEU D 140 30.87 -74.21 -26.57
N ALA D 141 29.94 -73.44 -27.14
CA ALA D 141 28.56 -73.99 -27.33
C ALA D 141 28.54 -75.13 -28.34
N GLY D 142 29.33 -75.02 -29.39
CA GLY D 142 29.43 -76.03 -30.47
C GLY D 142 30.22 -75.48 -31.65
N HIS D 143 30.95 -76.30 -32.36
CA HIS D 143 31.61 -75.85 -33.59
C HIS D 143 32.56 -74.69 -33.28
N VAL D 144 33.02 -74.52 -32.06
CA VAL D 144 34.05 -73.47 -31.79
C VAL D 144 35.45 -73.97 -32.20
N HIS D 145 36.19 -73.16 -32.94
CA HIS D 145 37.64 -73.37 -33.21
C HIS D 145 38.44 -72.49 -32.24
N VAL D 146 39.32 -73.10 -31.46
CA VAL D 146 40.22 -72.34 -30.56
C VAL D 146 41.64 -72.59 -31.01
N ASP D 147 42.33 -71.58 -31.51
CA ASP D 147 43.68 -71.73 -32.12
C ASP D 147 44.70 -71.67 -30.98
N ASP D 148 45.97 -71.94 -31.29
CA ASP D 148 47.01 -72.34 -30.32
C ASP D 148 47.27 -71.22 -29.31
N TRP D 149 47.55 -71.55 -28.06
CA TRP D 149 47.97 -70.61 -26.99
C TRP D 149 46.81 -69.74 -26.53
N ALA D 150 45.62 -69.82 -27.11
CA ALA D 150 44.54 -68.94 -26.57
C ALA D 150 44.34 -69.23 -25.09
N ILE D 151 44.02 -68.21 -24.33
CA ILE D 151 43.59 -68.34 -22.92
C ILE D 151 42.18 -67.81 -22.79
N LEU D 152 41.20 -68.63 -22.38
CA LEU D 152 39.83 -68.19 -22.04
C LEU D 152 39.69 -68.19 -20.50
N SER D 153 39.54 -67.00 -19.90
CA SER D 153 39.44 -66.82 -18.44
C SER D 153 38.16 -67.50 -17.94
N GLY D 154 38.04 -67.71 -16.64
CA GLY D 154 36.88 -68.38 -16.02
C GLY D 154 35.56 -67.92 -16.63
N TYR D 155 34.65 -68.85 -16.85
CA TYR D 155 33.23 -68.51 -17.15
C TYR D 155 33.12 -67.73 -18.47
N THR D 156 34.10 -67.90 -19.35
CA THR D 156 34.00 -67.44 -20.76
C THR D 156 33.01 -68.35 -21.52
N LEU D 157 31.97 -67.75 -22.11
CA LEU D 157 30.95 -68.44 -22.93
C LEU D 157 31.23 -68.11 -24.39
N VAL D 158 31.13 -69.04 -25.32
CA VAL D 158 31.42 -68.75 -26.73
C VAL D 158 30.29 -69.32 -27.58
N HIS D 159 29.63 -68.48 -28.37
CA HIS D 159 28.54 -68.84 -29.32
C HIS D 159 29.03 -69.89 -30.31
N GLN D 160 28.12 -70.75 -30.76
CA GLN D 160 28.43 -71.74 -31.82
CA GLN D 160 28.33 -71.71 -31.88
C GLN D 160 29.20 -71.00 -32.93
N TYR D 161 30.15 -71.68 -33.55
CA TYR D 161 30.81 -71.31 -34.84
C TYR D 161 31.87 -70.25 -34.66
N CYS D 162 32.08 -69.75 -33.48
CA CYS D 162 33.07 -68.66 -33.29
C CYS D 162 34.48 -69.21 -33.42
N ARG D 163 35.38 -68.41 -33.94
CA ARG D 163 36.83 -68.72 -33.99
C ARG D 163 37.56 -67.90 -32.91
N ILE D 164 38.14 -68.55 -31.91
CA ILE D 164 39.06 -67.86 -30.96
C ILE D 164 40.45 -67.90 -31.58
N GLY D 165 41.08 -66.75 -31.81
CA GLY D 165 42.35 -66.64 -32.53
C GLY D 165 43.55 -67.07 -31.68
N ALA D 166 44.63 -67.53 -32.31
CA ALA D 166 45.90 -67.81 -31.64
C ALA D 166 46.29 -66.66 -30.70
N HIS D 167 46.81 -67.02 -29.53
CA HIS D 167 47.36 -66.09 -28.52
C HIS D 167 46.29 -65.17 -27.98
N SER D 168 45.02 -65.36 -28.30
CA SER D 168 44.01 -64.39 -27.85
C SER D 168 43.69 -64.67 -26.38
N PHE D 169 42.91 -63.79 -25.77
CA PHE D 169 42.63 -63.80 -24.32
C PHE D 169 41.27 -63.17 -24.13
N SER D 170 40.39 -63.87 -23.41
CA SER D 170 39.08 -63.40 -22.92
C SER D 170 39.18 -63.23 -21.42
N GLY D 171 38.58 -62.19 -20.87
CA GLY D 171 38.59 -61.94 -19.42
C GLY D 171 37.48 -62.72 -18.75
N MET D 172 37.43 -62.75 -17.41
CA MET D 172 36.38 -63.56 -16.76
C MET D 172 35.03 -63.04 -17.19
N GLY D 173 34.11 -63.98 -17.39
CA GLY D 173 32.68 -63.72 -17.62
C GLY D 173 32.39 -63.19 -19.02
N SER D 174 33.36 -63.24 -19.91
CA SER D 174 33.22 -62.78 -21.30
C SER D 174 32.15 -63.63 -21.99
N ALA D 175 31.31 -62.99 -22.79
CA ALA D 175 30.29 -63.67 -23.60
C ALA D 175 30.62 -63.39 -25.05
N ILE D 176 31.44 -64.23 -25.66
CA ILE D 176 31.93 -64.01 -27.04
C ILE D 176 30.85 -64.48 -28.03
N GLY D 177 30.42 -63.64 -28.97
CA GLY D 177 29.45 -64.04 -30.01
C GLY D 177 29.90 -63.84 -31.46
N LYS D 178 31.10 -63.35 -31.69
CA LYS D 178 31.69 -63.10 -33.01
C LYS D 178 33.15 -63.52 -32.85
N ASP D 179 33.93 -63.59 -33.91
CA ASP D 179 35.28 -64.18 -33.78
C ASP D 179 36.20 -63.30 -32.95
N VAL D 180 37.13 -63.92 -32.24
CA VAL D 180 38.22 -63.18 -31.55
C VAL D 180 39.47 -63.29 -32.40
N PRO D 181 40.00 -62.19 -32.93
CA PRO D 181 41.21 -62.25 -33.73
C PRO D 181 42.39 -62.62 -32.88
N ALA D 182 43.42 -63.09 -33.54
CA ALA D 182 44.62 -63.58 -32.85
C ALA D 182 45.20 -62.44 -31.99
N TYR D 183 45.76 -62.76 -30.83
CA TYR D 183 46.40 -61.82 -29.86
C TYR D 183 45.36 -60.89 -29.21
N VAL D 184 44.14 -60.75 -29.72
CA VAL D 184 43.24 -59.72 -29.15
C VAL D 184 42.77 -60.10 -27.75
N THR D 185 42.65 -59.14 -26.86
CA THR D 185 42.00 -59.35 -25.54
C THR D 185 40.60 -58.78 -25.61
N VAL D 186 39.61 -59.58 -25.24
CA VAL D 186 38.20 -59.18 -25.20
C VAL D 186 37.67 -59.38 -23.79
N PHE D 187 36.67 -58.63 -23.40
CA PHE D 187 36.10 -58.60 -22.03
C PHE D 187 34.60 -58.32 -22.13
N GLY D 188 33.84 -58.91 -21.24
CA GLY D 188 32.47 -58.42 -21.01
C GLY D 188 31.44 -59.23 -21.77
N ASN D 189 30.20 -58.82 -21.56
CA ASN D 189 28.97 -59.46 -22.05
C ASN D 189 28.05 -58.38 -22.53
N PRO D 190 28.00 -58.18 -23.86
CA PRO D 190 28.82 -58.96 -24.79
C PRO D 190 30.31 -58.55 -24.89
N ALA D 191 31.15 -59.45 -25.36
CA ALA D 191 32.62 -59.25 -25.37
C ALA D 191 32.97 -58.04 -26.23
N GLU D 192 33.87 -57.19 -25.77
CA GLU D 192 34.49 -56.15 -26.64
C GLU D 192 36.01 -56.26 -26.60
N ALA D 193 36.62 -55.90 -27.71
CA ALA D 193 38.07 -55.79 -27.91
C ALA D 193 38.60 -54.61 -27.08
N ARG D 194 39.71 -54.82 -26.39
CA ARG D 194 40.40 -53.83 -25.53
C ARG D 194 41.85 -53.60 -25.94
N SER D 195 42.62 -54.63 -26.31
CA SER D 195 44.08 -54.58 -26.51
C SER D 195 44.59 -55.88 -27.17
N MET D 196 45.91 -56.02 -27.32
CA MET D 196 46.59 -57.29 -27.63
C MET D 196 47.10 -57.89 -26.31
N ASN D 197 47.20 -59.22 -26.28
CA ASN D 197 47.79 -60.06 -25.22
C ASN D 197 49.31 -59.94 -25.30
N PHE D 198 49.85 -58.81 -24.83
CA PHE D 198 51.30 -58.54 -24.88
C PHE D 198 52.01 -59.57 -23.97
N GLU D 199 51.44 -59.91 -22.81
CA GLU D 199 52.09 -60.92 -21.89
C GLU D 199 52.33 -62.24 -22.64
N GLY D 200 51.37 -62.69 -23.46
CA GLY D 200 51.50 -63.92 -24.25
C GLY D 200 52.60 -63.81 -25.28
N MET D 201 52.74 -62.61 -25.85
CA MET D 201 53.81 -62.33 -26.85
C MET D 201 55.17 -62.42 -26.15
N ARG D 202 55.26 -62.01 -24.88
CA ARG D 202 56.54 -62.03 -24.13
C ARG D 202 56.91 -63.48 -23.83
N ARG D 203 56.00 -64.23 -23.17
CA ARG D 203 56.16 -65.65 -22.80
C ARG D 203 56.62 -66.39 -24.06
N ARG D 204 56.14 -66.09 -25.27
CA ARG D 204 56.59 -66.79 -26.51
C ARG D 204 57.91 -66.21 -27.06
N GLY D 205 58.55 -65.27 -26.33
CA GLY D 205 59.74 -64.47 -26.77
C GLY D 205 59.62 -63.91 -28.18
N PHE D 206 58.56 -63.17 -28.45
CA PHE D 206 58.37 -62.38 -29.68
C PHE D 206 59.45 -61.31 -29.67
N SER D 207 59.93 -60.95 -30.84
CA SER D 207 60.84 -59.79 -30.97
C SER D 207 60.11 -58.57 -30.41
N SER D 208 60.87 -57.58 -29.91
CA SER D 208 60.24 -56.30 -29.52
C SER D 208 59.69 -55.57 -30.76
N GLU D 209 60.17 -55.83 -31.98
CA GLU D 209 59.69 -55.17 -33.24
C GLU D 209 58.33 -55.79 -33.61
N ALA D 210 58.18 -57.08 -33.35
CA ALA D 210 56.93 -57.80 -33.67
C ALA D 210 55.81 -57.34 -32.73
N ILE D 211 56.15 -57.20 -31.44
CA ILE D 211 55.19 -56.69 -30.42
C ILE D 211 54.67 -55.32 -30.85
N HIS D 212 55.55 -54.40 -31.17
CA HIS D 212 55.16 -53.08 -31.69
C HIS D 212 54.31 -53.28 -32.96
N ALA D 213 54.66 -54.18 -33.87
CA ALA D 213 53.92 -54.29 -35.15
C ALA D 213 52.49 -54.77 -34.89
N LEU D 214 52.31 -55.63 -33.87
CA LEU D 214 50.96 -56.10 -33.54
C LEU D 214 50.17 -54.95 -32.89
N ARG D 215 50.83 -54.07 -32.16
CA ARG D 215 50.10 -52.96 -31.55
C ARG D 215 49.66 -52.02 -32.65
N ARG D 216 50.48 -51.75 -33.66
CA ARG D 216 50.01 -50.81 -34.69
C ARG D 216 48.87 -51.52 -35.41
N ALA D 217 48.91 -52.83 -35.48
CA ALA D 217 47.92 -53.57 -36.28
C ALA D 217 46.58 -53.52 -35.56
N TYR D 218 46.60 -53.67 -34.24
CA TYR D 218 45.41 -53.49 -33.41
C TYR D 218 44.80 -52.12 -33.73
N LYS D 219 45.63 -51.07 -33.70
CA LYS D 219 45.22 -49.65 -33.90
C LYS D 219 44.56 -49.56 -35.28
N VAL D 220 45.15 -50.18 -36.29
CA VAL D 220 44.66 -50.19 -37.69
C VAL D 220 43.27 -50.81 -37.71
N VAL D 221 43.05 -51.90 -36.98
CA VAL D 221 41.76 -52.65 -37.11
C VAL D 221 40.66 -51.96 -36.32
N TYR D 222 41.00 -51.32 -35.21
CA TYR D 222 40.09 -51.02 -34.09
C TYR D 222 40.05 -49.52 -33.76
N ARG D 223 41.13 -48.76 -33.80
CA ARG D 223 41.21 -47.46 -33.08
C ARG D 223 41.29 -46.36 -34.19
N GLN D 224 40.89 -46.61 -35.45
CA GLN D 224 41.21 -45.68 -36.60
C GLN D 224 40.08 -45.49 -37.65
N GLY D 225 38.81 -45.73 -37.38
CA GLY D 225 37.74 -45.54 -38.39
C GLY D 225 37.65 -46.62 -39.47
N HIS D 226 38.61 -47.53 -39.65
CA HIS D 226 38.64 -48.32 -40.91
C HIS D 226 37.50 -49.34 -40.90
N THR D 227 36.92 -49.66 -42.03
CA THR D 227 36.07 -50.87 -42.17
C THR D 227 36.97 -52.09 -42.11
N VAL D 228 36.43 -53.26 -41.86
CA VAL D 228 37.29 -54.48 -41.84
C VAL D 228 38.09 -54.58 -43.15
N GLU D 229 37.41 -54.37 -44.28
CA GLU D 229 38.01 -54.46 -45.65
C GLU D 229 39.17 -53.44 -45.78
N GLU D 230 38.97 -52.20 -45.32
CA GLU D 230 40.02 -51.17 -45.38
C GLU D 230 41.17 -51.60 -44.47
N ALA D 231 40.89 -52.18 -43.29
CA ALA D 231 41.93 -52.62 -42.34
C ALA D 231 42.78 -53.73 -42.98
N LEU D 232 42.14 -54.73 -43.59
CA LEU D 232 42.87 -55.87 -44.18
C LEU D 232 43.89 -55.41 -45.23
N ALA D 233 43.45 -54.41 -46.00
CA ALA D 233 44.20 -53.66 -47.04
C ALA D 233 45.42 -53.03 -46.38
N GLU D 234 45.21 -52.21 -45.36
CA GLU D 234 46.32 -51.55 -44.64
C GLU D 234 47.28 -52.60 -43.98
N LEU D 235 46.76 -53.69 -43.42
CA LEU D 235 47.61 -54.70 -42.75
C LEU D 235 48.50 -55.37 -43.76
N ALA D 236 48.21 -55.35 -45.07
CA ALA D 236 48.99 -56.16 -46.04
C ALA D 236 50.51 -55.99 -45.87
N GLU D 237 51.01 -54.78 -45.73
CA GLU D 237 52.47 -54.57 -45.66
C GLU D 237 52.98 -55.27 -44.38
N SER D 238 52.54 -54.85 -43.21
CA SER D 238 52.91 -55.42 -41.89
C SER D 238 52.83 -56.96 -41.96
N ALA D 239 51.82 -57.52 -42.62
CA ALA D 239 51.62 -58.98 -42.69
C ALA D 239 52.75 -59.68 -43.47
N ALA D 240 53.26 -59.10 -44.54
CA ALA D 240 54.45 -59.66 -45.25
C ALA D 240 55.74 -59.47 -44.42
N GLN D 241 55.76 -58.47 -43.57
CA GLN D 241 56.98 -58.13 -42.85
C GLN D 241 57.16 -59.13 -41.71
N PHE D 242 56.03 -59.55 -41.10
CA PHE D 242 55.99 -60.14 -39.74
C PHE D 242 55.01 -61.31 -39.73
N PRO D 243 55.51 -62.55 -39.66
CA PRO D 243 54.64 -63.72 -39.54
C PRO D 243 53.58 -63.51 -38.45
N GLU D 244 53.98 -62.87 -37.35
CA GLU D 244 53.11 -62.69 -36.16
C GLU D 244 51.91 -61.83 -36.59
N VAL D 245 52.11 -60.80 -37.43
CA VAL D 245 51.01 -59.94 -37.95
C VAL D 245 50.18 -60.71 -38.99
N ALA D 246 50.78 -61.48 -39.87
CA ALA D 246 50.04 -62.36 -40.80
C ALA D 246 49.01 -63.22 -40.03
N VAL D 247 49.43 -63.84 -38.94
CA VAL D 247 48.49 -64.66 -38.14
C VAL D 247 47.24 -63.82 -37.83
N PHE D 248 47.46 -62.54 -37.44
CA PHE D 248 46.37 -61.58 -37.11
C PHE D 248 45.56 -61.28 -38.37
N ARG D 249 46.21 -60.81 -39.46
CA ARG D 249 45.48 -60.43 -40.70
C ARG D 249 44.63 -61.66 -41.08
N ASP D 250 45.17 -62.87 -41.00
CA ASP D 250 44.49 -64.11 -41.49
C ASP D 250 43.30 -64.39 -40.57
N SER D 251 43.43 -64.27 -39.25
CA SER D 251 42.29 -64.49 -38.33
C SER D 251 41.15 -63.51 -38.67
N ILE D 252 41.43 -62.27 -39.02
CA ILE D 252 40.40 -61.26 -39.40
C ILE D 252 39.80 -61.59 -40.75
N GLN D 253 40.63 -61.95 -41.71
CA GLN D 253 40.19 -62.36 -43.07
C GLN D 253 39.18 -63.49 -42.94
N SER D 254 39.47 -64.56 -42.21
CA SER D 254 38.66 -65.79 -42.32
C SER D 254 37.46 -65.70 -41.38
N ALA D 255 36.77 -64.57 -41.35
CA ALA D 255 35.73 -64.24 -40.37
C ALA D 255 34.60 -63.52 -41.12
N THR D 256 35.04 -62.50 -41.84
CA THR D 256 34.29 -61.69 -42.85
C THR D 256 34.51 -62.37 -44.23
N ARG D 257 33.58 -63.19 -44.75
CA ARG D 257 33.51 -63.30 -46.24
C ARG D 257 32.55 -62.20 -46.72
N GLY D 258 31.30 -62.24 -46.27
CA GLY D 258 30.35 -61.15 -46.53
C GLY D 258 29.55 -61.44 -47.77
N ILE D 259 28.68 -60.52 -48.16
CA ILE D 259 27.70 -60.75 -49.25
C ILE D 259 27.97 -59.73 -50.36
N THR D 260 27.66 -60.04 -51.60
CA THR D 260 27.75 -59.02 -52.66
C THR D 260 26.83 -57.89 -52.27
N ARG D 261 27.32 -56.64 -52.23
CA ARG D 261 26.47 -55.43 -52.08
C ARG D 261 26.23 -54.85 -53.47
N MET E 4 25.35 -96.47 12.65
CA MET E 4 25.30 -97.67 11.74
C MET E 4 26.46 -97.58 10.71
N SER E 5 27.71 -97.86 11.21
CA SER E 5 29.03 -98.20 10.53
C SER E 5 30.07 -97.05 10.74
N LEU E 6 29.66 -95.85 10.27
CA LEU E 6 30.31 -94.51 10.32
C LEU E 6 31.21 -94.34 9.10
N ILE E 7 32.29 -95.11 8.94
CA ILE E 7 33.10 -95.07 7.70
C ILE E 7 32.59 -96.16 6.76
N ASP E 8 31.95 -95.81 5.68
CA ASP E 8 31.50 -96.79 4.67
C ASP E 8 32.69 -97.65 4.23
N PRO E 9 32.51 -98.98 4.12
CA PRO E 9 33.57 -99.87 3.63
C PRO E 9 33.91 -99.65 2.16
N ARG E 10 33.01 -99.01 1.43
CA ARG E 10 33.23 -98.77 -0.01
C ARG E 10 34.06 -97.49 -0.20
N ALA E 11 34.31 -96.74 0.86
CA ALA E 11 35.18 -95.56 0.81
C ALA E 11 36.61 -96.05 0.84
N ILE E 12 37.53 -95.22 0.38
CA ILE E 12 38.98 -95.50 0.44
C ILE E 12 39.59 -94.54 1.45
N ILE E 13 40.29 -95.03 2.46
CA ILE E 13 40.90 -94.15 3.50
C ILE E 13 42.42 -94.35 3.53
N ASP E 14 43.22 -93.31 3.23
CA ASP E 14 44.69 -93.46 3.28
C ASP E 14 45.14 -93.84 4.71
N PRO E 15 46.12 -94.77 4.84
CA PRO E 15 46.63 -95.14 6.18
C PRO E 15 47.07 -93.90 6.98
N SER E 16 47.55 -92.86 6.31
CA SER E 16 48.06 -91.62 6.97
C SER E 16 46.96 -90.61 7.25
N ALA E 17 45.73 -90.77 6.77
CA ALA E 17 44.61 -89.87 7.14
C ALA E 17 44.31 -90.07 8.61
N ARG E 18 43.79 -89.04 9.27
CA ARG E 18 43.49 -89.08 10.72
C ARG E 18 42.06 -88.57 10.91
N LEU E 19 41.11 -89.41 11.34
CA LEU E 19 39.66 -89.14 11.50
C LEU E 19 39.22 -89.23 12.96
N ALA E 20 39.04 -88.12 13.66
CA ALA E 20 38.31 -88.06 14.95
C ALA E 20 37.16 -89.08 14.97
N ALA E 21 36.94 -89.82 16.07
CA ALA E 21 36.38 -91.22 16.00
C ALA E 21 34.93 -91.22 15.46
N ASP E 22 34.13 -90.14 15.68
CA ASP E 22 32.69 -90.13 15.25
C ASP E 22 32.54 -89.42 13.90
N VAL E 23 33.56 -89.38 13.06
CA VAL E 23 33.48 -88.93 11.65
C VAL E 23 32.72 -89.97 10.83
N GLN E 24 31.93 -89.49 9.87
CA GLN E 24 31.27 -90.29 8.80
C GLN E 24 31.85 -90.07 7.39
N VAL E 25 31.99 -91.16 6.65
CA VAL E 25 32.44 -91.10 5.23
C VAL E 25 31.52 -91.97 4.40
N GLY E 26 30.91 -91.38 3.39
CA GLY E 26 29.97 -92.11 2.53
C GLY E 26 30.68 -93.10 1.62
N PRO E 27 29.89 -93.93 0.94
CA PRO E 27 30.43 -94.88 -0.02
C PRO E 27 31.14 -94.12 -1.14
N TRP E 28 32.21 -94.72 -1.66
CA TRP E 28 33.03 -94.26 -2.82
C TRP E 28 33.65 -92.86 -2.62
N SER E 29 33.91 -92.51 -1.38
CA SER E 29 34.71 -91.31 -1.05
C SER E 29 36.15 -91.78 -0.85
N ILE E 30 37.04 -90.85 -1.10
CA ILE E 30 38.51 -91.03 -1.01
C ILE E 30 38.95 -89.99 -0.03
N VAL E 31 39.50 -90.41 1.09
CA VAL E 31 40.16 -89.53 2.05
C VAL E 31 41.62 -89.80 1.85
N GLY E 32 42.27 -88.98 1.04
CA GLY E 32 43.68 -89.15 0.71
C GLY E 32 44.66 -88.97 1.86
N ALA E 33 45.93 -89.17 1.56
CA ALA E 33 47.09 -89.03 2.47
C ALA E 33 47.04 -87.62 3.02
N GLU E 34 47.35 -87.53 4.32
CA GLU E 34 47.58 -86.29 5.07
C GLU E 34 46.27 -85.52 5.14
N VAL E 35 45.13 -86.20 5.10
CA VAL E 35 43.84 -85.51 5.38
C VAL E 35 43.47 -85.77 6.83
N GLU E 36 43.33 -84.70 7.61
CA GLU E 36 42.78 -84.80 8.99
C GLU E 36 41.32 -84.36 9.01
N ILE E 37 40.47 -85.04 9.77
CA ILE E 37 39.05 -84.66 9.80
C ILE E 37 38.59 -84.62 11.24
N GLY E 38 38.09 -83.49 11.69
CA GLY E 38 37.65 -83.30 13.08
C GLY E 38 36.29 -83.93 13.41
N GLU E 39 36.08 -84.06 14.72
CA GLU E 39 34.91 -84.63 15.41
C GLU E 39 33.66 -84.19 14.70
N GLY E 40 32.76 -85.11 14.43
CA GLY E 40 31.36 -84.80 14.09
C GLY E 40 31.17 -84.52 12.62
N THR E 41 32.25 -84.43 11.86
CA THR E 41 32.22 -84.01 10.43
C THR E 41 31.64 -85.17 9.62
N VAL E 42 30.86 -84.83 8.60
CA VAL E 42 30.20 -85.82 7.72
C VAL E 42 30.67 -85.64 6.28
N ILE E 43 31.25 -86.69 5.72
CA ILE E 43 31.67 -86.68 4.30
C ILE E 43 30.63 -87.50 3.54
N GLY E 44 30.00 -86.88 2.56
CA GLY E 44 29.01 -87.56 1.73
C GLY E 44 29.64 -88.68 0.91
N PRO E 45 28.83 -89.29 0.03
CA PRO E 45 29.35 -90.26 -0.89
C PRO E 45 30.01 -89.48 -2.03
N HIS E 46 30.91 -90.11 -2.77
CA HIS E 46 31.57 -89.55 -3.97
C HIS E 46 32.28 -88.24 -3.64
N VAL E 47 32.99 -88.15 -2.55
CA VAL E 47 33.83 -86.97 -2.30
C VAL E 47 35.29 -87.31 -2.47
N VAL E 48 36.11 -86.35 -2.86
CA VAL E 48 37.57 -86.60 -2.96
C VAL E 48 38.25 -85.60 -2.04
N LEU E 49 38.92 -86.08 -0.99
CA LEU E 49 39.75 -85.25 -0.11
C LEU E 49 41.21 -85.52 -0.45
N LYS E 50 41.98 -84.47 -0.67
CA LYS E 50 43.42 -84.55 -0.95
C LYS E 50 44.09 -83.64 0.07
N GLY E 51 45.34 -83.92 0.39
CA GLY E 51 46.05 -83.22 1.47
C GLY E 51 47.36 -82.63 0.95
N PRO E 52 48.20 -82.12 1.86
CA PRO E 52 47.82 -81.99 3.27
C PRO E 52 46.66 -81.01 3.48
N THR E 53 45.62 -81.46 4.17
CA THR E 53 44.37 -80.71 4.50
C THR E 53 43.97 -81.00 5.96
N LYS E 54 43.62 -79.99 6.76
CA LYS E 54 42.91 -80.13 8.05
C LYS E 54 41.47 -79.66 7.90
N ILE E 55 40.52 -80.48 8.28
CA ILE E 55 39.06 -80.20 8.31
C ILE E 55 38.65 -80.33 9.78
N GLY E 56 37.91 -79.33 10.28
CA GLY E 56 37.59 -79.16 11.70
C GLY E 56 36.37 -79.94 12.10
N LYS E 57 35.77 -79.50 13.20
CA LYS E 57 34.63 -80.19 13.83
C LYS E 57 33.39 -79.87 13.00
N HIS E 58 32.53 -80.85 12.81
CA HIS E 58 31.10 -80.65 12.43
C HIS E 58 30.90 -79.98 11.08
N ASN E 59 31.65 -80.30 10.04
CA ASN E 59 31.36 -79.84 8.67
C ASN E 59 30.55 -80.90 7.94
N ARG E 60 29.76 -80.53 6.93
CA ARG E 60 29.04 -81.46 6.01
C ARG E 60 29.76 -81.18 4.68
N ILE E 61 30.31 -82.17 4.01
CA ILE E 61 30.80 -82.02 2.63
C ILE E 61 29.99 -82.94 1.71
N TYR E 62 29.34 -82.41 0.69
CA TYR E 62 28.46 -83.18 -0.21
C TYR E 62 29.20 -83.84 -1.38
N GLN E 63 28.46 -84.74 -2.05
CA GLN E 63 28.89 -85.56 -3.22
C GLN E 63 29.58 -84.71 -4.30
N PHE E 64 30.58 -85.26 -4.97
CA PHE E 64 31.25 -84.68 -6.18
C PHE E 64 32.16 -83.47 -5.84
N SER E 65 32.28 -83.18 -4.55
CA SER E 65 33.25 -82.18 -4.07
C SER E 65 34.65 -82.78 -4.19
N SER E 66 35.57 -81.93 -4.62
CA SER E 66 37.02 -82.20 -4.69
C SER E 66 37.66 -81.10 -3.82
N VAL E 67 37.97 -81.45 -2.58
CA VAL E 67 38.53 -80.56 -1.56
C VAL E 67 39.97 -80.98 -1.29
N GLY E 68 40.94 -80.13 -1.61
CA GLY E 68 42.33 -80.32 -1.20
C GLY E 68 43.19 -80.69 -2.38
N GLU E 69 42.66 -80.53 -3.58
CA GLU E 69 43.37 -80.82 -4.85
C GLU E 69 44.40 -79.72 -5.13
N ASP E 70 45.37 -80.01 -5.97
CA ASP E 70 46.33 -78.99 -6.45
C ASP E 70 45.58 -77.99 -7.33
N THR E 71 45.90 -76.70 -7.27
CA THR E 71 45.54 -75.79 -8.37
C THR E 71 46.22 -76.30 -9.63
N PRO E 72 45.55 -76.25 -10.76
CA PRO E 72 46.21 -76.40 -12.05
C PRO E 72 47.04 -75.19 -12.47
N ASP E 73 46.95 -74.04 -11.79
CA ASP E 73 47.72 -72.85 -12.23
C ASP E 73 49.16 -73.36 -12.45
N LEU E 74 49.76 -72.96 -13.56
CA LEU E 74 51.09 -73.40 -14.05
C LEU E 74 52.23 -73.00 -13.11
N LYS E 75 51.99 -72.05 -12.24
CA LYS E 75 53.01 -71.55 -11.29
C LYS E 75 53.14 -72.51 -10.11
N TYR E 76 52.07 -73.18 -9.70
CA TYR E 76 52.17 -74.29 -8.73
C TYR E 76 53.01 -75.41 -9.34
N LYS E 77 53.92 -76.02 -8.58
CA LYS E 77 55.01 -76.86 -9.11
C LYS E 77 55.19 -78.13 -8.26
N GLY E 78 54.11 -78.64 -7.67
CA GLY E 78 54.09 -79.88 -6.87
C GLY E 78 54.42 -79.64 -5.41
N GLU E 79 54.61 -78.39 -4.93
CA GLU E 79 55.18 -78.11 -3.57
C GLU E 79 54.18 -78.57 -2.51
N PRO E 80 54.62 -78.87 -1.26
CA PRO E 80 53.69 -79.35 -0.22
C PRO E 80 52.98 -78.08 0.32
N THR E 81 51.69 -77.92 0.08
CA THR E 81 50.97 -76.72 0.52
C THR E 81 49.70 -77.23 1.17
N ARG E 82 49.03 -76.39 1.98
CA ARG E 82 47.96 -76.90 2.86
C ARG E 82 46.61 -76.34 2.42
N LEU E 83 45.59 -76.96 2.96
CA LEU E 83 44.24 -76.40 3.01
C LEU E 83 43.74 -76.58 4.43
N VAL E 84 43.17 -75.52 4.98
CA VAL E 84 42.62 -75.56 6.35
C VAL E 84 41.16 -75.15 6.31
N ILE E 85 40.32 -75.95 6.97
CA ILE E 85 38.87 -75.69 7.10
C ILE E 85 38.53 -75.77 8.59
N GLY E 86 37.83 -74.74 9.09
CA GLY E 86 37.30 -74.67 10.46
C GLY E 86 36.11 -75.60 10.72
N ASP E 87 35.16 -75.13 11.50
CA ASP E 87 34.12 -75.95 12.15
C ASP E 87 32.79 -75.54 11.59
N HIS E 88 31.83 -76.45 11.39
CA HIS E 88 30.43 -76.07 11.14
C HIS E 88 30.30 -75.47 9.75
N ASN E 89 31.16 -75.85 8.81
CA ASN E 89 30.98 -75.42 7.41
C ASN E 89 30.08 -76.43 6.71
N VAL E 90 29.34 -75.95 5.72
CA VAL E 90 28.54 -76.81 4.80
C VAL E 90 29.13 -76.56 3.43
N ILE E 91 29.63 -77.60 2.79
CA ILE E 91 30.19 -77.52 1.43
C ILE E 91 29.32 -78.42 0.58
N ARG E 92 28.71 -77.88 -0.47
CA ARG E 92 27.58 -78.55 -1.14
C ARG E 92 28.09 -79.28 -2.38
N GLU E 93 27.16 -79.71 -3.23
CA GLU E 93 27.48 -80.73 -4.24
C GLU E 93 28.42 -80.07 -5.24
N GLY E 94 29.57 -80.68 -5.48
CA GLY E 94 30.39 -80.38 -6.66
C GLY E 94 31.37 -79.23 -6.40
N VAL E 95 31.46 -78.74 -5.19
CA VAL E 95 32.44 -77.69 -4.85
C VAL E 95 33.85 -78.21 -5.11
N THR E 96 34.72 -77.37 -5.60
CA THR E 96 36.18 -77.56 -5.67
C THR E 96 36.85 -76.54 -4.78
N ILE E 97 37.83 -76.93 -3.98
CA ILE E 97 38.68 -76.08 -3.12
C ILE E 97 40.13 -76.55 -3.29
N HIS E 98 40.99 -75.65 -3.71
CA HIS E 98 42.40 -76.02 -3.98
C HIS E 98 43.28 -75.57 -2.82
N ARG E 99 44.37 -76.30 -2.60
CA ARG E 99 45.37 -75.96 -1.57
C ARG E 99 46.12 -74.73 -2.08
N GLY E 100 47.05 -74.23 -1.28
CA GLY E 100 47.85 -73.03 -1.58
C GLY E 100 48.96 -73.23 -2.59
N THR E 101 49.69 -72.13 -2.75
CA THR E 101 50.92 -71.99 -3.55
C THR E 101 52.02 -71.44 -2.64
N VAL E 102 53.29 -71.76 -2.86
CA VAL E 102 54.36 -71.20 -1.95
C VAL E 102 54.54 -69.69 -2.16
N GLN E 103 54.27 -69.23 -3.37
CA GLN E 103 54.46 -67.80 -3.76
C GLN E 103 53.58 -66.90 -2.86
N ASP E 104 52.55 -67.40 -2.16
CA ASP E 104 51.76 -66.58 -1.20
C ASP E 104 52.08 -67.20 0.14
N ARG E 105 51.18 -67.90 0.81
CA ARG E 105 51.49 -68.33 2.20
C ARG E 105 51.40 -69.86 2.33
N ALA E 106 51.21 -70.54 1.21
CA ALA E 106 51.25 -72.01 1.16
C ALA E 106 50.00 -72.59 1.82
N GLU E 107 48.90 -71.83 1.85
CA GLU E 107 47.66 -72.30 2.52
C GLU E 107 46.40 -71.65 1.94
N THR E 108 45.42 -72.46 1.56
CA THR E 108 44.03 -72.00 1.40
C THR E 108 43.37 -72.13 2.76
N THR E 109 42.57 -71.16 3.17
CA THR E 109 42.07 -71.11 4.56
C THR E 109 40.57 -70.76 4.58
N ILE E 110 39.81 -71.53 5.32
CA ILE E 110 38.37 -71.30 5.52
C ILE E 110 38.12 -71.44 7.02
N GLY E 111 37.33 -70.48 7.52
CA GLY E 111 36.97 -70.33 8.94
C GLY E 111 35.79 -71.20 9.32
N ASP E 112 34.88 -70.67 10.14
CA ASP E 112 33.79 -71.46 10.74
C ASP E 112 32.45 -70.97 10.21
N HIS E 113 31.45 -71.82 10.24
CA HIS E 113 30.03 -71.53 9.91
C HIS E 113 29.87 -70.99 8.49
N ASN E 114 30.71 -71.34 7.54
CA ASN E 114 30.46 -70.88 6.16
C ASN E 114 29.49 -71.84 5.47
N LEU E 115 28.82 -71.32 4.44
CA LEU E 115 27.90 -72.07 3.55
C LEU E 115 28.37 -71.89 2.12
N ILE E 116 28.98 -72.91 1.54
CA ILE E 116 29.53 -72.84 0.17
C ILE E 116 28.66 -73.75 -0.69
N MET E 117 27.89 -73.17 -1.59
CA MET E 117 26.83 -73.88 -2.32
C MET E 117 27.33 -74.48 -3.64
N ALA E 118 26.48 -75.21 -4.35
CA ALA E 118 26.97 -76.16 -5.37
C ALA E 118 27.93 -75.50 -6.35
N TYR E 119 29.02 -76.17 -6.65
CA TYR E 119 29.94 -75.87 -7.78
C TYR E 119 30.69 -74.57 -7.51
N ALA E 120 30.65 -74.09 -6.30
CA ALA E 120 31.48 -72.93 -5.98
C ALA E 120 32.89 -73.38 -6.22
N HIS E 121 33.81 -72.46 -6.48
CA HIS E 121 35.26 -72.78 -6.58
C HIS E 121 36.07 -71.91 -5.62
N ILE E 122 36.94 -72.52 -4.86
CA ILE E 122 37.75 -71.74 -3.89
C ILE E 122 39.19 -71.87 -4.27
N GLY E 123 39.64 -70.92 -5.09
CA GLY E 123 40.97 -70.98 -5.70
C GLY E 123 42.09 -71.00 -4.67
N HIS E 124 43.25 -71.52 -5.10
CA HIS E 124 44.50 -71.57 -4.28
C HIS E 124 44.65 -70.28 -3.48
N ASP E 125 44.92 -70.40 -2.18
CA ASP E 125 45.36 -69.28 -1.29
C ASP E 125 44.22 -68.33 -0.89
N SER E 126 43.00 -68.60 -1.27
CA SER E 126 41.90 -67.80 -0.74
C SER E 126 41.83 -68.04 0.76
N VAL E 127 41.36 -67.00 1.43
CA VAL E 127 41.08 -66.97 2.88
C VAL E 127 39.61 -66.56 2.98
N ILE E 128 38.84 -67.31 3.74
CA ILE E 128 37.40 -67.06 3.98
C ILE E 128 37.25 -67.04 5.48
N GLY E 129 36.49 -66.09 6.00
CA GLY E 129 36.34 -65.87 7.44
C GLY E 129 35.22 -66.72 7.97
N ASN E 130 34.30 -66.15 8.72
CA ASN E 130 33.22 -66.95 9.30
C ASN E 130 31.90 -66.45 8.79
N HIS E 131 30.89 -67.34 8.74
CA HIS E 131 29.47 -67.01 8.48
C HIS E 131 29.28 -66.46 7.07
N CYS E 132 30.21 -66.67 6.16
CA CYS E 132 30.00 -66.25 4.77
C CYS E 132 29.08 -67.24 4.06
N ILE E 133 28.47 -66.76 3.01
CA ILE E 133 27.63 -67.55 2.11
C ILE E 133 28.15 -67.31 0.71
N LEU E 134 28.74 -68.33 0.09
CA LEU E 134 29.06 -68.29 -1.35
C LEU E 134 27.95 -69.06 -2.07
N VAL E 135 27.20 -68.42 -2.96
CA VAL E 135 26.06 -69.11 -3.61
C VAL E 135 26.58 -69.87 -4.82
N ASN E 136 25.74 -70.73 -5.39
CA ASN E 136 26.07 -71.67 -6.51
C ASN E 136 27.02 -70.99 -7.47
N ASN E 137 28.15 -71.64 -7.76
CA ASN E 137 29.01 -71.31 -8.91
C ASN E 137 29.83 -70.04 -8.64
N THR E 138 29.77 -69.47 -7.45
CA THR E 138 30.76 -68.47 -7.02
C THR E 138 32.15 -69.02 -7.26
N ALA E 139 33.05 -68.17 -7.70
CA ALA E 139 34.41 -68.60 -8.05
C ALA E 139 35.45 -67.62 -7.51
N LEU E 140 36.28 -68.03 -6.57
CA LEU E 140 37.37 -67.13 -6.15
C LEU E 140 38.64 -67.57 -6.91
N ALA E 141 39.21 -66.72 -7.74
CA ALA E 141 40.19 -67.17 -8.74
C ALA E 141 41.49 -67.53 -8.05
N GLY E 142 41.73 -66.92 -6.91
CA GLY E 142 42.93 -67.20 -6.11
C GLY E 142 43.34 -66.02 -5.27
N HIS E 143 43.92 -66.28 -4.08
CA HIS E 143 44.49 -65.22 -3.24
C HIS E 143 43.37 -64.27 -2.83
N VAL E 144 42.10 -64.72 -2.91
CA VAL E 144 40.91 -63.87 -2.60
C VAL E 144 40.63 -63.96 -1.13
N HIS E 145 40.46 -62.81 -0.49
CA HIS E 145 40.09 -62.77 0.93
C HIS E 145 38.63 -62.38 1.08
N VAL E 146 37.80 -63.20 1.75
CA VAL E 146 36.36 -62.93 2.02
C VAL E 146 36.13 -62.83 3.52
N ASP E 147 35.58 -61.73 3.98
CA ASP E 147 35.54 -61.46 5.44
C ASP E 147 34.15 -61.79 5.99
N ASP E 148 34.00 -61.75 7.30
CA ASP E 148 32.85 -62.38 7.99
C ASP E 148 31.54 -61.88 7.38
N TRP E 149 30.56 -62.76 7.26
CA TRP E 149 29.16 -62.43 6.84
C TRP E 149 29.03 -61.96 5.39
N ALA E 150 30.12 -61.92 4.64
CA ALA E 150 30.00 -61.57 3.21
C ALA E 150 29.04 -62.57 2.59
N ILE E 151 28.25 -62.11 1.64
CA ILE E 151 27.39 -62.96 0.81
C ILE E 151 27.69 -62.72 -0.66
N LEU E 152 28.07 -63.77 -1.40
CA LEU E 152 28.34 -63.69 -2.85
C LEU E 152 27.17 -64.39 -3.56
N SER E 153 26.41 -63.65 -4.33
CA SER E 153 25.23 -64.24 -4.96
C SER E 153 25.68 -65.25 -6.02
N GLY E 154 24.73 -65.98 -6.56
CA GLY E 154 25.01 -67.03 -7.54
C GLY E 154 25.95 -66.54 -8.66
N TYR E 155 26.92 -67.36 -9.04
CA TYR E 155 27.81 -67.10 -10.19
C TYR E 155 28.54 -65.76 -10.11
N THR E 156 28.80 -65.30 -8.89
CA THR E 156 29.81 -64.25 -8.64
C THR E 156 31.21 -64.79 -8.89
N LEU E 157 31.95 -64.11 -9.73
CA LEU E 157 33.37 -64.38 -10.04
C LEU E 157 34.22 -63.31 -9.36
N VAL E 158 35.41 -63.64 -8.85
CA VAL E 158 36.29 -62.70 -8.12
C VAL E 158 37.72 -62.81 -8.63
N HIS E 159 38.26 -61.75 -9.22
CA HIS E 159 39.66 -61.63 -9.71
C HIS E 159 40.62 -61.99 -8.58
N GLN E 160 41.75 -62.60 -8.94
CA GLN E 160 42.85 -62.88 -8.00
C GLN E 160 43.07 -61.67 -7.10
N TYR E 161 43.29 -61.89 -5.80
CA TYR E 161 43.84 -60.90 -4.83
C TYR E 161 42.80 -59.87 -4.33
N CYS E 162 41.59 -59.87 -4.86
CA CYS E 162 40.51 -59.00 -4.35
C CYS E 162 40.18 -59.34 -2.90
N ARG E 163 39.83 -58.32 -2.12
CA ARG E 163 39.21 -58.51 -0.78
C ARG E 163 37.72 -58.14 -0.81
N ILE E 164 36.95 -59.00 -0.19
CA ILE E 164 35.49 -58.88 -0.11
C ILE E 164 35.22 -58.55 1.34
N GLY E 165 34.77 -57.35 1.59
CA GLY E 165 34.61 -56.83 2.95
C GLY E 165 33.55 -57.57 3.73
N ALA E 166 33.70 -57.50 5.04
CA ALA E 166 32.71 -58.00 5.99
C ALA E 166 31.34 -57.45 5.59
N HIS E 167 30.32 -58.29 5.61
CA HIS E 167 28.90 -57.93 5.45
C HIS E 167 28.62 -57.42 4.05
N SER E 168 29.61 -57.52 3.16
CA SER E 168 29.44 -57.02 1.78
C SER E 168 28.52 -58.00 1.06
N PHE E 169 28.08 -57.67 -0.14
CA PHE E 169 27.08 -58.45 -0.89
C PHE E 169 27.22 -58.22 -2.40
N SER E 170 27.43 -59.29 -3.17
CA SER E 170 27.51 -59.23 -4.65
C SER E 170 26.19 -59.78 -5.16
N GLY E 171 25.62 -59.16 -6.18
CA GLY E 171 24.47 -59.74 -6.88
C GLY E 171 24.84 -60.77 -7.92
N MET E 172 23.88 -61.55 -8.39
CA MET E 172 24.14 -62.74 -9.20
C MET E 172 24.86 -62.34 -10.48
N GLY E 173 25.91 -63.07 -10.80
CA GLY E 173 26.63 -62.90 -12.06
C GLY E 173 27.55 -61.72 -12.03
N SER E 174 27.74 -61.13 -10.87
CA SER E 174 28.72 -60.05 -10.62
C SER E 174 30.11 -60.54 -11.04
N ALA E 175 30.89 -59.70 -11.70
CA ALA E 175 32.32 -59.93 -12.04
C ALA E 175 33.15 -58.91 -11.27
N ILE E 176 33.60 -59.26 -10.08
CA ILE E 176 34.34 -58.37 -9.15
C ILE E 176 35.81 -58.41 -9.52
N GLY E 177 36.38 -57.29 -9.93
CA GLY E 177 37.81 -57.13 -10.26
C GLY E 177 38.54 -56.24 -9.29
N LYS E 178 37.93 -55.80 -8.21
CA LYS E 178 38.56 -54.77 -7.33
C LYS E 178 38.01 -54.99 -5.93
N ASP E 179 38.62 -54.48 -4.87
CA ASP E 179 38.11 -54.80 -3.51
C ASP E 179 36.67 -54.31 -3.37
N VAL E 180 35.88 -55.01 -2.60
CA VAL E 180 34.50 -54.62 -2.27
C VAL E 180 34.55 -54.21 -0.82
N PRO E 181 34.36 -52.93 -0.52
CA PRO E 181 34.45 -52.49 0.86
C PRO E 181 33.37 -53.18 1.68
N ALA E 182 33.61 -53.23 2.98
CA ALA E 182 32.66 -53.81 3.92
C ALA E 182 31.28 -53.17 3.70
N TYR E 183 30.23 -53.97 3.81
CA TYR E 183 28.81 -53.57 3.79
C TYR E 183 28.38 -53.23 2.36
N VAL E 184 29.30 -52.93 1.45
CA VAL E 184 28.89 -52.39 0.12
C VAL E 184 28.19 -53.52 -0.64
N THR E 185 27.21 -53.19 -1.48
CA THR E 185 26.58 -54.12 -2.42
C THR E 185 27.08 -53.77 -3.81
N VAL E 186 27.35 -54.78 -4.63
CA VAL E 186 27.89 -54.59 -6.01
C VAL E 186 27.15 -55.51 -6.96
N PHE E 187 27.11 -55.12 -8.23
CA PHE E 187 26.31 -55.77 -9.28
C PHE E 187 26.97 -55.55 -10.62
N GLY E 188 26.90 -56.55 -11.49
CA GLY E 188 27.19 -56.43 -12.92
C GLY E 188 28.59 -56.86 -13.28
N ASN E 189 28.85 -56.82 -14.57
CA ASN E 189 30.16 -57.18 -15.14
C ASN E 189 30.55 -56.04 -16.06
N PRO E 190 31.45 -55.16 -15.60
CA PRO E 190 32.11 -55.32 -14.30
C PRO E 190 31.28 -54.92 -13.09
N ALA E 191 31.60 -55.43 -11.93
CA ALA E 191 30.87 -55.06 -10.71
C ALA E 191 30.99 -53.55 -10.45
N GLU E 192 29.88 -52.97 -10.02
CA GLU E 192 29.76 -51.56 -9.59
C GLU E 192 29.03 -51.51 -8.26
N ALA E 193 29.42 -50.57 -7.40
CA ALA E 193 28.74 -50.30 -6.11
C ALA E 193 27.36 -49.71 -6.37
N ARG E 194 26.37 -50.09 -5.57
CA ARG E 194 24.99 -49.59 -5.69
C ARG E 194 24.50 -49.06 -4.35
N SER E 195 24.80 -49.69 -3.24
CA SER E 195 24.22 -49.30 -1.94
C SER E 195 25.04 -50.02 -0.88
N MET E 196 24.53 -50.09 0.34
CA MET E 196 25.09 -50.95 1.41
C MET E 196 24.01 -51.97 1.69
N ASN E 197 24.35 -52.95 2.50
CA ASN E 197 23.57 -54.14 2.78
C ASN E 197 22.85 -53.93 4.11
N PHE E 198 21.77 -53.16 4.04
CA PHE E 198 20.98 -52.81 5.21
C PHE E 198 20.39 -54.09 5.80
N GLU E 199 19.88 -55.04 4.98
CA GLU E 199 19.24 -56.29 5.51
C GLU E 199 20.26 -56.95 6.42
N GLY E 200 21.49 -57.10 5.91
CA GLY E 200 22.59 -57.72 6.62
C GLY E 200 22.76 -57.08 7.96
N MET E 201 22.72 -55.74 7.96
CA MET E 201 22.88 -54.89 9.16
C MET E 201 21.73 -55.17 10.13
N ARG E 202 20.48 -55.20 9.66
CA ARG E 202 19.29 -55.50 10.51
C ARG E 202 19.52 -56.83 11.22
N ARG E 203 19.84 -57.89 10.46
CA ARG E 203 20.04 -59.28 10.93
C ARG E 203 21.12 -59.29 12.01
N ARG E 204 22.19 -58.53 11.88
CA ARG E 204 23.27 -58.54 12.90
C ARG E 204 22.83 -57.75 14.12
N GLY E 205 21.62 -57.18 14.13
CA GLY E 205 21.10 -56.29 15.19
C GLY E 205 21.87 -54.98 15.38
N PHE E 206 22.27 -54.31 14.31
CA PHE E 206 22.97 -53.00 14.35
C PHE E 206 22.01 -51.98 14.89
N SER E 207 22.51 -50.96 15.57
CA SER E 207 21.67 -49.80 16.01
C SER E 207 21.13 -49.00 14.80
N SER E 208 20.03 -48.25 14.97
CA SER E 208 19.59 -47.25 13.97
C SER E 208 20.70 -46.28 13.64
N GLU E 209 21.47 -45.86 14.65
CA GLU E 209 22.45 -44.74 14.56
C GLU E 209 23.58 -45.29 13.69
N ALA E 210 23.92 -46.55 13.85
CA ALA E 210 24.98 -47.22 13.07
C ALA E 210 24.57 -47.38 11.61
N ILE E 211 23.42 -47.98 11.35
CA ILE E 211 22.87 -48.10 9.96
C ILE E 211 22.98 -46.72 9.28
N HIS E 212 22.53 -45.66 9.94
CA HIS E 212 22.49 -44.32 9.30
C HIS E 212 23.92 -43.86 9.01
N ALA E 213 24.83 -44.12 9.93
CA ALA E 213 26.23 -43.65 9.83
C ALA E 213 26.88 -44.29 8.60
N LEU E 214 26.52 -45.56 8.35
CA LEU E 214 27.10 -46.36 7.26
C LEU E 214 26.50 -45.84 5.95
N ARG E 215 25.23 -45.50 5.96
CA ARG E 215 24.70 -44.75 4.81
C ARG E 215 25.45 -43.44 4.58
N ARG E 216 25.75 -42.59 5.60
CA ARG E 216 26.47 -41.33 5.28
C ARG E 216 27.83 -41.74 4.73
N ALA E 217 28.39 -42.84 5.21
CA ALA E 217 29.75 -43.27 4.82
C ALA E 217 29.75 -43.66 3.34
N TYR E 218 28.70 -44.37 2.91
CA TYR E 218 28.54 -44.74 1.50
C TYR E 218 28.61 -43.42 0.72
N LYS E 219 27.83 -42.41 1.15
CA LYS E 219 27.65 -41.19 0.32
C LYS E 219 29.04 -40.53 0.23
N VAL E 220 29.81 -40.52 1.30
CA VAL E 220 31.14 -39.86 1.37
C VAL E 220 32.06 -40.50 0.35
N VAL E 221 32.13 -41.83 0.34
CA VAL E 221 33.02 -42.59 -0.58
C VAL E 221 32.55 -42.47 -2.03
N TYR E 222 31.25 -42.53 -2.28
CA TYR E 222 30.72 -42.85 -3.62
C TYR E 222 29.88 -41.73 -4.23
N ARG E 223 29.24 -40.82 -3.48
CA ARG E 223 28.18 -39.97 -4.10
C ARG E 223 28.56 -38.50 -3.89
N GLN E 224 29.82 -38.17 -3.63
CA GLN E 224 30.19 -36.77 -3.26
C GLN E 224 31.42 -36.24 -4.02
N GLY E 225 31.82 -36.88 -5.10
CA GLY E 225 32.97 -36.43 -5.89
C GLY E 225 34.29 -36.54 -5.15
N HIS E 226 34.37 -37.13 -3.97
CA HIS E 226 35.65 -37.25 -3.23
C HIS E 226 36.51 -38.25 -3.94
N THR E 227 37.81 -38.01 -3.95
CA THR E 227 38.82 -39.04 -4.27
C THR E 227 38.76 -40.02 -3.10
N VAL E 228 39.40 -41.16 -3.23
CA VAL E 228 39.49 -42.16 -2.14
C VAL E 228 40.16 -41.55 -0.93
N GLU E 229 41.30 -40.89 -1.10
CA GLU E 229 42.06 -40.35 0.07
C GLU E 229 41.27 -39.19 0.71
N GLU E 230 40.45 -38.43 -0.02
CA GLU E 230 39.60 -37.39 0.59
C GLU E 230 38.51 -38.09 1.39
N ALA E 231 38.01 -39.21 0.92
CA ALA E 231 36.89 -39.87 1.62
C ALA E 231 37.44 -40.47 2.91
N LEU E 232 38.64 -41.03 2.86
CA LEU E 232 39.25 -41.70 4.03
C LEU E 232 39.40 -40.68 5.14
N ALA E 233 39.93 -39.52 4.77
CA ALA E 233 40.10 -38.34 5.66
C ALA E 233 38.72 -37.95 6.20
N GLU E 234 37.68 -37.80 5.38
CA GLU E 234 36.32 -37.36 5.82
C GLU E 234 35.72 -38.42 6.76
N LEU E 235 36.04 -39.71 6.60
CA LEU E 235 35.40 -40.79 7.40
C LEU E 235 35.98 -40.85 8.81
N ALA E 236 37.11 -40.21 9.11
CA ALA E 236 37.87 -40.45 10.37
C ALA E 236 36.97 -40.21 11.60
N GLU E 237 36.21 -39.13 11.59
CA GLU E 237 35.22 -38.80 12.67
C GLU E 237 34.33 -40.04 12.86
N SER E 238 33.57 -40.36 11.83
CA SER E 238 32.55 -41.43 11.86
C SER E 238 33.19 -42.76 12.37
N ALA E 239 34.43 -43.06 11.98
CA ALA E 239 35.09 -44.34 12.30
C ALA E 239 35.42 -44.36 13.79
N ALA E 240 35.66 -43.21 14.36
CA ALA E 240 35.98 -43.14 15.80
C ALA E 240 34.70 -43.30 16.63
N GLN E 241 33.56 -42.94 16.02
CA GLN E 241 32.25 -42.89 16.72
C GLN E 241 31.61 -44.30 16.74
N PHE E 242 31.71 -44.99 15.62
CA PHE E 242 30.94 -46.20 15.27
C PHE E 242 31.91 -47.28 14.84
N PRO E 243 32.10 -48.36 15.64
CA PRO E 243 32.96 -49.49 15.24
C PRO E 243 32.66 -50.03 13.84
N GLU E 244 31.42 -49.87 13.39
CA GLU E 244 30.91 -50.44 12.14
C GLU E 244 31.46 -49.62 10.98
N VAL E 245 31.58 -48.32 11.18
CA VAL E 245 32.09 -47.40 10.13
C VAL E 245 33.60 -47.60 10.08
N ALA E 246 34.21 -47.99 11.19
CA ALA E 246 35.66 -48.25 11.22
C ALA E 246 35.98 -49.48 10.34
N VAL E 247 35.09 -50.48 10.37
CA VAL E 247 35.26 -51.73 9.58
C VAL E 247 35.20 -51.32 8.12
N PHE E 248 34.25 -50.41 7.77
CA PHE E 248 34.07 -49.85 6.39
C PHE E 248 35.32 -49.10 5.96
N ARG E 249 35.78 -48.18 6.81
CA ARG E 249 36.93 -47.31 6.51
C ARG E 249 38.17 -48.19 6.35
N ASP E 250 38.44 -49.10 7.29
CA ASP E 250 39.66 -49.94 7.22
C ASP E 250 39.62 -50.73 5.91
N SER E 251 38.46 -51.19 5.47
CA SER E 251 38.34 -52.01 4.24
C SER E 251 38.75 -51.17 3.01
N ILE E 252 38.56 -49.86 3.03
CA ILE E 252 38.96 -48.96 1.92
C ILE E 252 40.42 -48.57 2.11
N GLN E 253 40.83 -48.28 3.35
CA GLN E 253 42.26 -47.97 3.68
C GLN E 253 43.10 -48.98 2.92
N SER E 254 42.86 -50.27 3.20
CA SER E 254 43.79 -51.40 2.99
C SER E 254 43.61 -52.01 1.59
N ALA E 255 42.93 -51.33 0.70
CA ALA E 255 42.87 -51.65 -0.73
C ALA E 255 44.01 -50.95 -1.47
N THR E 256 44.35 -49.76 -1.03
CA THR E 256 44.54 -48.57 -1.89
C THR E 256 45.86 -47.89 -1.43
N ARG E 257 46.96 -48.65 -1.35
CA ARG E 257 48.25 -48.14 -0.77
C ARG E 257 48.83 -47.00 -1.63
N GLY E 258 48.80 -47.13 -2.96
CA GLY E 258 49.16 -46.07 -3.90
C GLY E 258 50.67 -45.97 -4.11
N ILE E 259 51.05 -45.23 -5.13
CA ILE E 259 52.47 -44.87 -5.36
C ILE E 259 52.66 -43.39 -5.06
N THR E 260 53.90 -42.96 -5.06
CA THR E 260 54.34 -41.57 -4.89
C THR E 260 54.06 -40.85 -6.19
N ARG E 261 53.57 -39.61 -6.14
CA ARG E 261 53.40 -38.80 -7.37
C ARG E 261 54.31 -37.58 -7.32
N MET F 4 23.62 -106.96 -19.30
CA MET F 4 22.24 -106.45 -19.45
C MET F 4 21.34 -107.06 -18.34
N SER F 5 21.28 -106.36 -17.18
CA SER F 5 20.40 -106.60 -16.00
C SER F 5 20.15 -105.30 -15.24
N LEU F 6 18.88 -104.95 -15.03
CA LEU F 6 18.34 -103.57 -15.07
C LEU F 6 18.95 -102.68 -14.00
N ILE F 7 18.94 -103.12 -12.74
CA ILE F 7 19.50 -102.41 -11.55
C ILE F 7 20.90 -102.92 -11.24
N ASP F 8 21.92 -102.15 -11.54
CA ASP F 8 23.30 -102.58 -11.30
C ASP F 8 23.34 -102.96 -9.83
N PRO F 9 23.98 -104.08 -9.48
CA PRO F 9 24.18 -104.42 -8.08
C PRO F 9 25.05 -103.45 -7.30
N ARG F 10 25.84 -102.61 -7.98
CA ARG F 10 26.77 -101.70 -7.30
C ARG F 10 26.01 -100.46 -6.85
N ALA F 11 24.73 -100.39 -7.17
CA ALA F 11 23.86 -99.26 -6.80
C ALA F 11 23.33 -99.50 -5.40
N ILE F 12 22.86 -98.47 -4.71
CA ILE F 12 22.12 -98.59 -3.42
C ILE F 12 20.68 -98.18 -3.67
N ILE F 13 19.73 -99.06 -3.41
CA ILE F 13 18.27 -98.76 -3.48
C ILE F 13 17.69 -98.83 -2.08
N ASP F 14 17.21 -97.74 -1.51
CA ASP F 14 16.52 -97.78 -0.21
C ASP F 14 15.38 -98.79 -0.23
N PRO F 15 15.18 -99.52 0.87
CA PRO F 15 13.98 -100.35 0.97
C PRO F 15 12.69 -99.54 0.69
N SER F 16 12.63 -98.25 1.00
CA SER F 16 11.33 -97.54 1.00
C SER F 16 11.04 -96.96 -0.40
N ALA F 17 12.00 -97.06 -1.34
CA ALA F 17 11.90 -96.60 -2.74
C ALA F 17 11.00 -97.56 -3.49
N ARG F 18 10.32 -97.07 -4.50
CA ARG F 18 9.35 -97.85 -5.31
C ARG F 18 9.78 -97.62 -6.74
N LEU F 19 10.44 -98.59 -7.35
CA LEU F 19 10.83 -98.55 -8.77
C LEU F 19 9.83 -99.34 -9.56
N ALA F 20 9.50 -98.88 -10.75
CA ALA F 20 8.58 -99.58 -11.63
C ALA F 20 9.35 -100.75 -12.25
N ALA F 21 8.57 -101.77 -12.65
CA ALA F 21 8.70 -102.56 -13.88
C ALA F 21 10.21 -102.70 -14.23
N ASP F 22 10.68 -101.75 -15.07
CA ASP F 22 11.77 -101.87 -16.07
C ASP F 22 12.70 -100.65 -15.95
N VAL F 23 12.59 -99.94 -14.83
CA VAL F 23 13.56 -98.89 -14.44
C VAL F 23 14.94 -99.52 -14.46
N GLN F 24 15.90 -98.86 -15.11
CA GLN F 24 17.33 -99.20 -14.96
C GLN F 24 18.02 -98.13 -14.12
N VAL F 25 18.97 -98.58 -13.32
CA VAL F 25 19.82 -97.77 -12.42
C VAL F 25 21.27 -98.23 -12.59
N GLY F 26 22.16 -97.32 -13.00
CA GLY F 26 23.59 -97.60 -13.22
C GLY F 26 24.35 -97.81 -11.92
N PRO F 27 25.59 -98.33 -12.01
CA PRO F 27 26.43 -98.54 -10.84
C PRO F 27 26.61 -97.26 -10.04
N TRP F 28 26.61 -97.41 -8.72
CA TRP F 28 27.13 -96.39 -7.76
C TRP F 28 26.14 -95.24 -7.65
N SER F 29 24.93 -95.45 -8.15
CA SER F 29 23.83 -94.50 -8.01
C SER F 29 23.11 -94.85 -6.72
N ILE F 30 22.60 -93.83 -6.02
CA ILE F 30 21.87 -93.97 -4.74
C ILE F 30 20.43 -93.55 -5.02
N VAL F 31 19.48 -94.47 -4.97
CA VAL F 31 18.05 -94.09 -4.96
C VAL F 31 17.65 -94.10 -3.51
N GLY F 32 17.54 -92.94 -2.88
CA GLY F 32 17.20 -92.85 -1.46
C GLY F 32 15.76 -93.15 -1.13
N ALA F 33 15.47 -93.00 0.17
CA ALA F 33 14.14 -93.21 0.77
C ALA F 33 13.15 -92.29 0.07
N GLU F 34 11.93 -92.84 -0.15
CA GLU F 34 10.72 -92.13 -0.59
C GLU F 34 10.97 -91.59 -1.99
N VAL F 35 11.81 -92.28 -2.75
CA VAL F 35 11.99 -91.91 -4.17
C VAL F 35 11.23 -92.93 -5.00
N GLU F 36 10.47 -92.43 -5.94
CA GLU F 36 9.50 -93.23 -6.72
C GLU F 36 9.84 -93.04 -8.20
N ILE F 37 10.07 -94.11 -8.96
CA ILE F 37 10.55 -93.94 -10.36
C ILE F 37 9.62 -94.70 -11.30
N GLY F 38 9.08 -93.99 -12.29
CA GLY F 38 8.15 -94.53 -13.30
C GLY F 38 8.81 -95.39 -14.38
N GLU F 39 7.93 -96.24 -14.95
CA GLU F 39 8.11 -97.04 -16.18
C GLU F 39 9.18 -96.43 -17.09
N GLY F 40 10.20 -97.21 -17.47
CA GLY F 40 11.08 -96.86 -18.60
C GLY F 40 12.04 -95.73 -18.29
N THR F 41 12.14 -95.28 -17.06
CA THR F 41 13.11 -94.24 -16.71
C THR F 41 14.48 -94.92 -16.62
N VAL F 42 15.54 -94.24 -17.00
CA VAL F 42 16.90 -94.81 -16.91
C VAL F 42 17.72 -93.90 -16.01
N ILE F 43 18.28 -94.44 -14.93
CA ILE F 43 19.15 -93.67 -14.04
C ILE F 43 20.56 -94.07 -14.39
N GLY F 44 21.38 -93.09 -14.77
CA GLY F 44 22.78 -93.37 -15.10
C GLY F 44 23.55 -93.82 -13.87
N PRO F 45 24.89 -93.97 -14.00
CA PRO F 45 25.77 -94.20 -12.84
C PRO F 45 26.09 -92.93 -12.03
N HIS F 46 26.56 -93.07 -10.80
CA HIS F 46 26.97 -91.92 -9.95
C HIS F 46 25.84 -90.89 -9.88
N VAL F 47 24.60 -91.33 -9.77
CA VAL F 47 23.45 -90.40 -9.62
C VAL F 47 23.02 -90.43 -8.16
N VAL F 48 22.54 -89.33 -7.61
CA VAL F 48 22.04 -89.37 -6.22
C VAL F 48 20.61 -88.84 -6.24
N LEU F 49 19.66 -89.66 -5.81
CA LEU F 49 18.24 -89.27 -5.76
C LEU F 49 17.88 -89.28 -4.29
N LYS F 50 17.29 -88.19 -3.79
CA LYS F 50 16.80 -88.08 -2.41
C LYS F 50 15.30 -87.83 -2.52
N GLY F 51 14.56 -88.05 -1.45
CA GLY F 51 13.10 -87.89 -1.43
C GLY F 51 12.61 -86.98 -0.31
N PRO F 52 11.29 -86.89 -0.12
CA PRO F 52 10.31 -87.52 -1.02
C PRO F 52 10.21 -86.91 -2.42
N THR F 53 10.38 -87.76 -3.44
CA THR F 53 10.50 -87.37 -4.86
C THR F 53 9.76 -88.40 -5.70
N LYS F 54 8.88 -87.97 -6.59
CA LYS F 54 8.27 -88.85 -7.62
C LYS F 54 8.87 -88.46 -8.95
N ILE F 55 9.50 -89.41 -9.62
CA ILE F 55 9.97 -89.26 -11.02
C ILE F 55 9.04 -90.10 -11.90
N GLY F 56 8.62 -89.54 -13.03
CA GLY F 56 7.65 -90.16 -13.92
C GLY F 56 8.26 -91.22 -14.81
N LYS F 57 7.58 -91.45 -15.92
CA LYS F 57 7.89 -92.47 -16.94
C LYS F 57 8.89 -91.84 -17.92
N HIS F 58 9.82 -92.64 -18.41
CA HIS F 58 10.69 -92.46 -19.61
C HIS F 58 11.63 -91.26 -19.44
N ASN F 59 12.23 -91.11 -18.28
CA ASN F 59 13.22 -90.04 -18.04
C ASN F 59 14.60 -90.62 -18.29
N ARG F 60 15.56 -89.80 -18.67
CA ARG F 60 16.99 -90.14 -18.62
C ARG F 60 17.52 -89.18 -17.54
N ILE F 61 18.21 -89.67 -16.52
CA ILE F 61 19.04 -88.83 -15.63
C ILE F 61 20.49 -89.31 -15.69
N TYR F 62 21.39 -88.38 -15.90
CA TYR F 62 22.80 -88.64 -16.25
C TYR F 62 23.72 -88.53 -15.02
N GLN F 63 24.97 -88.98 -15.23
CA GLN F 63 25.99 -89.13 -14.14
C GLN F 63 26.19 -87.81 -13.37
N PHE F 64 26.42 -87.93 -12.07
CA PHE F 64 26.81 -86.80 -11.19
C PHE F 64 25.66 -85.82 -10.91
N SER F 65 24.42 -86.17 -11.33
CA SER F 65 23.21 -85.38 -10.99
C SER F 65 22.88 -85.64 -9.54
N SER F 66 22.40 -84.60 -8.85
CA SER F 66 21.88 -84.70 -7.47
C SER F 66 20.47 -84.13 -7.51
N VAL F 67 19.50 -85.02 -7.50
CA VAL F 67 18.05 -84.73 -7.74
C VAL F 67 17.27 -85.03 -6.45
N GLY F 68 16.77 -84.00 -5.78
CA GLY F 68 15.86 -84.25 -4.64
C GLY F 68 16.54 -83.90 -3.34
N GLU F 69 17.68 -83.27 -3.43
CA GLU F 69 18.47 -82.78 -2.27
C GLU F 69 17.68 -81.64 -1.61
N ASP F 70 17.85 -81.48 -0.30
CA ASP F 70 17.36 -80.27 0.43
C ASP F 70 17.97 -79.00 -0.19
N THR F 71 17.25 -77.90 -0.32
CA THR F 71 17.95 -76.61 -0.58
C THR F 71 18.84 -76.25 0.61
N PRO F 72 20.03 -75.70 0.41
CA PRO F 72 20.88 -75.29 1.51
C PRO F 72 20.47 -73.96 2.11
N ASP F 73 19.49 -73.31 1.47
CA ASP F 73 18.94 -71.99 1.87
C ASP F 73 18.60 -72.06 3.36
N LEU F 74 19.07 -71.11 4.15
CA LEU F 74 18.90 -71.10 5.62
C LEU F 74 17.42 -71.13 6.01
N LYS F 75 16.49 -70.69 5.14
CA LYS F 75 15.03 -70.59 5.42
C LYS F 75 14.46 -72.03 5.55
N TYR F 76 14.87 -72.98 4.70
CA TYR F 76 14.58 -74.44 4.84
C TYR F 76 15.15 -75.00 6.15
N LYS F 77 14.29 -75.64 6.95
CA LYS F 77 14.65 -76.27 8.25
C LYS F 77 14.15 -77.73 8.29
N GLY F 78 14.35 -78.51 7.23
CA GLY F 78 14.15 -79.97 7.23
C GLY F 78 12.70 -80.38 7.20
N GLU F 79 11.78 -79.49 6.85
CA GLU F 79 10.33 -79.82 6.76
C GLU F 79 10.22 -80.93 5.69
N PRO F 80 9.13 -81.74 5.61
CA PRO F 80 9.06 -82.86 4.64
C PRO F 80 8.54 -82.50 3.21
N THR F 81 9.16 -81.51 2.57
CA THR F 81 8.81 -81.00 1.21
C THR F 81 9.16 -82.03 0.14
N ARG F 82 8.65 -81.86 -1.08
CA ARG F 82 8.61 -82.86 -2.19
C ARG F 82 9.30 -82.33 -3.44
N LEU F 83 9.62 -83.22 -4.37
CA LEU F 83 9.98 -82.89 -5.77
C LEU F 83 9.15 -83.72 -6.72
N VAL F 84 8.63 -83.09 -7.76
CA VAL F 84 7.84 -83.89 -8.74
C VAL F 84 8.43 -83.69 -10.15
N ILE F 85 8.68 -84.81 -10.81
CA ILE F 85 9.21 -84.85 -12.19
C ILE F 85 8.26 -85.75 -12.96
N GLY F 86 7.85 -85.27 -14.13
CA GLY F 86 6.93 -86.01 -14.99
C GLY F 86 7.64 -86.90 -15.99
N ASP F 87 7.13 -86.89 -17.21
CA ASP F 87 7.40 -87.93 -18.20
C ASP F 87 8.38 -87.37 -19.22
N HIS F 88 9.20 -88.22 -19.80
CA HIS F 88 9.98 -87.95 -21.04
C HIS F 88 10.95 -86.80 -20.86
N ASN F 89 11.45 -86.48 -19.67
CA ASN F 89 12.49 -85.45 -19.57
C ASN F 89 13.87 -86.09 -19.67
N VAL F 90 14.84 -85.26 -20.00
CA VAL F 90 16.28 -85.61 -20.04
C VAL F 90 17.01 -84.61 -19.13
N ILE F 91 17.63 -85.16 -18.10
CA ILE F 91 18.45 -84.43 -17.09
C ILE F 91 19.91 -84.86 -17.29
N ARG F 92 20.68 -83.96 -17.84
CA ARG F 92 22.06 -84.19 -18.30
C ARG F 92 23.01 -84.17 -17.08
N GLU F 93 24.31 -84.21 -17.35
CA GLU F 93 25.28 -84.59 -16.32
C GLU F 93 25.43 -83.43 -15.33
N GLY F 94 25.43 -83.77 -14.04
CA GLY F 94 25.79 -82.85 -12.95
C GLY F 94 24.67 -81.88 -12.57
N VAL F 95 23.44 -82.16 -12.98
CA VAL F 95 22.32 -81.24 -12.71
C VAL F 95 22.00 -81.36 -11.23
N THR F 96 21.68 -80.26 -10.60
CA THR F 96 21.12 -80.17 -9.23
C THR F 96 19.65 -79.75 -9.30
N ILE F 97 18.79 -80.49 -8.63
CA ILE F 97 17.35 -80.15 -8.49
C ILE F 97 16.98 -80.27 -7.00
N HIS F 98 16.49 -79.21 -6.39
CA HIS F 98 16.20 -79.29 -4.94
C HIS F 98 14.70 -79.37 -4.71
N ARG F 99 14.31 -79.97 -3.61
CA ARG F 99 12.89 -80.05 -3.19
C ARG F 99 12.41 -78.68 -2.70
N GLY F 100 11.09 -78.56 -2.55
CA GLY F 100 10.40 -77.35 -2.09
C GLY F 100 10.75 -76.92 -0.67
N THR F 101 10.03 -75.89 -0.26
CA THR F 101 10.12 -75.22 1.06
C THR F 101 8.69 -75.03 1.53
N VAL F 102 8.38 -75.18 2.81
CA VAL F 102 6.94 -75.08 3.20
C VAL F 102 6.40 -73.65 2.96
N GLN F 103 7.24 -72.61 2.88
CA GLN F 103 6.78 -71.19 2.81
C GLN F 103 6.12 -70.88 1.45
N ASP F 104 6.46 -71.56 0.36
CA ASP F 104 5.73 -71.56 -0.95
C ASP F 104 4.81 -72.80 -0.94
N ARG F 105 4.83 -73.73 -1.90
CA ARG F 105 3.81 -74.83 -1.93
C ARG F 105 4.44 -76.17 -1.51
N ALA F 106 5.71 -76.16 -1.07
CA ALA F 106 6.40 -77.34 -0.52
C ALA F 106 6.69 -78.35 -1.63
N GLU F 107 6.82 -77.87 -2.87
CA GLU F 107 6.93 -78.77 -4.04
C GLU F 107 7.72 -78.08 -5.14
N THR F 108 8.82 -78.68 -5.58
CA THR F 108 9.47 -78.30 -6.84
C THR F 108 8.86 -79.16 -7.92
N THR F 109 8.50 -78.58 -9.05
CA THR F 109 7.71 -79.29 -10.07
C THR F 109 8.37 -79.17 -11.44
N ILE F 110 8.46 -80.29 -12.15
CA ILE F 110 8.97 -80.33 -13.53
C ILE F 110 7.95 -81.18 -14.26
N GLY F 111 7.54 -80.68 -15.42
CA GLY F 111 6.53 -81.30 -16.28
C GLY F 111 7.14 -82.38 -17.13
N ASP F 112 6.85 -82.36 -18.44
CA ASP F 112 7.15 -83.46 -19.38
C ASP F 112 8.01 -82.91 -20.50
N HIS F 113 8.83 -83.73 -21.17
CA HIS F 113 9.55 -83.39 -22.43
C HIS F 113 10.53 -82.25 -22.19
N ASN F 114 10.98 -82.06 -20.97
CA ASN F 114 12.01 -81.03 -20.74
C ASN F 114 13.39 -81.63 -21.00
N LEU F 115 14.28 -80.74 -21.37
CA LEU F 115 15.72 -81.04 -21.59
C LEU F 115 16.53 -80.10 -20.71
N ILE F 116 17.23 -80.65 -19.74
CA ILE F 116 17.94 -79.83 -18.73
C ILE F 116 19.42 -80.20 -18.79
N MET F 117 20.20 -79.28 -19.32
CA MET F 117 21.52 -79.70 -19.75
C MET F 117 22.53 -79.55 -18.60
N ALA F 118 23.74 -80.03 -18.85
CA ALA F 118 24.80 -80.18 -17.83
C ALA F 118 24.83 -79.00 -16.86
N TYR F 119 24.86 -79.34 -15.58
CA TYR F 119 25.15 -78.43 -14.44
C TYR F 119 24.05 -77.37 -14.29
N ALA F 120 22.89 -77.50 -14.94
CA ALA F 120 21.73 -76.64 -14.63
C ALA F 120 21.37 -76.76 -13.15
N HIS F 121 20.81 -75.69 -12.60
CA HIS F 121 20.34 -75.73 -11.20
C HIS F 121 18.85 -75.38 -11.19
N ILE F 122 18.08 -76.29 -10.62
CA ILE F 122 16.64 -76.04 -10.52
C ILE F 122 16.33 -75.89 -9.05
N GLY F 123 16.22 -74.63 -8.64
CA GLY F 123 16.13 -74.23 -7.23
C GLY F 123 14.80 -74.60 -6.62
N HIS F 124 14.78 -74.70 -5.29
CA HIS F 124 13.55 -75.05 -4.55
C HIS F 124 12.32 -74.30 -5.08
N ASP F 125 11.21 -75.04 -5.24
CA ASP F 125 9.87 -74.49 -5.50
C ASP F 125 9.71 -74.05 -6.95
N SER F 126 10.75 -74.16 -7.76
CA SER F 126 10.64 -73.81 -9.19
C SER F 126 9.63 -74.76 -9.84
N VAL F 127 8.95 -74.25 -10.86
CA VAL F 127 7.89 -74.98 -11.59
C VAL F 127 8.23 -74.92 -13.06
N ILE F 128 8.43 -76.03 -13.68
CA ILE F 128 8.71 -76.08 -15.13
C ILE F 128 7.57 -76.86 -15.80
N GLY F 129 7.09 -76.33 -16.91
CA GLY F 129 6.01 -76.96 -17.68
C GLY F 129 6.56 -78.00 -18.64
N ASN F 130 6.20 -77.93 -19.92
CA ASN F 130 6.69 -79.00 -20.80
C ASN F 130 7.45 -78.37 -21.92
N HIS F 131 8.29 -79.18 -22.56
CA HIS F 131 9.05 -78.89 -23.80
C HIS F 131 10.07 -77.77 -23.54
N CYS F 132 10.53 -77.57 -22.32
CA CYS F 132 11.51 -76.48 -22.13
C CYS F 132 12.91 -77.06 -22.40
N ILE F 133 13.83 -76.16 -22.68
CA ILE F 133 15.27 -76.49 -22.75
C ILE F 133 16.02 -75.54 -21.84
N LEU F 134 16.66 -76.07 -20.80
CA LEU F 134 17.57 -75.31 -19.90
C LEU F 134 18.98 -75.73 -20.26
N VAL F 135 19.73 -74.82 -20.83
CA VAL F 135 21.06 -75.13 -21.36
C VAL F 135 22.10 -75.02 -20.23
N ASN F 136 23.28 -75.54 -20.48
CA ASN F 136 24.33 -75.77 -19.47
C ASN F 136 24.33 -74.59 -18.52
N ASN F 137 24.32 -74.91 -17.24
CA ASN F 137 24.65 -73.97 -16.15
C ASN F 137 23.50 -72.99 -15.99
N THR F 138 22.31 -73.24 -16.53
CA THR F 138 21.19 -72.35 -16.27
C THR F 138 20.89 -72.50 -14.81
N ALA F 139 20.57 -71.45 -14.10
CA ALA F 139 20.31 -71.57 -12.65
C ALA F 139 19.00 -70.86 -12.32
N LEU F 140 18.04 -71.57 -11.79
CA LEU F 140 16.82 -70.93 -11.25
C LEU F 140 16.96 -70.80 -9.72
N ALA F 141 17.03 -69.58 -9.17
CA ALA F 141 17.41 -69.35 -7.76
C ALA F 141 16.42 -69.97 -6.78
N GLY F 142 15.15 -70.00 -7.19
CA GLY F 142 14.04 -70.50 -6.35
C GLY F 142 12.73 -69.86 -6.76
N HIS F 143 11.66 -70.66 -6.75
CA HIS F 143 10.27 -70.18 -6.98
C HIS F 143 10.16 -69.66 -8.41
N VAL F 144 11.00 -70.14 -9.31
CA VAL F 144 10.99 -69.65 -10.71
C VAL F 144 9.97 -70.48 -11.48
N HIS F 145 9.05 -69.83 -12.18
CA HIS F 145 8.07 -70.55 -13.04
C HIS F 145 8.53 -70.43 -14.47
N VAL F 146 8.72 -71.56 -15.11
CA VAL F 146 9.08 -71.57 -16.56
C VAL F 146 7.96 -72.25 -17.32
N ASP F 147 7.45 -71.60 -18.35
CA ASP F 147 6.23 -72.09 -19.03
C ASP F 147 6.65 -72.80 -20.33
N ASP F 148 5.70 -73.49 -20.96
CA ASP F 148 5.95 -74.48 -22.01
C ASP F 148 6.82 -73.84 -23.08
N TRP F 149 7.75 -74.63 -23.63
CA TRP F 149 8.56 -74.35 -24.84
C TRP F 149 9.60 -73.27 -24.58
N ALA F 150 9.73 -72.76 -23.38
CA ALA F 150 10.77 -71.73 -23.10
C ALA F 150 12.15 -72.32 -23.34
N ILE F 151 13.04 -71.52 -23.87
CA ILE F 151 14.48 -71.85 -24.00
C ILE F 151 15.33 -70.88 -23.19
N LEU F 152 16.17 -71.39 -22.30
CA LEU F 152 17.13 -70.56 -21.56
C LEU F 152 18.51 -70.93 -22.06
N SER F 153 19.18 -70.00 -22.70
CA SER F 153 20.52 -70.23 -23.23
C SER F 153 21.48 -70.49 -22.08
N GLY F 154 22.68 -70.95 -22.42
CA GLY F 154 23.72 -71.35 -21.47
C GLY F 154 24.02 -70.30 -20.42
N TYR F 155 24.15 -70.74 -19.17
CA TYR F 155 24.58 -69.90 -18.03
C TYR F 155 23.59 -68.74 -17.86
N THR F 156 22.31 -69.00 -18.09
CA THR F 156 21.23 -68.02 -17.77
C THR F 156 20.96 -68.04 -16.25
N LEU F 157 21.03 -66.89 -15.59
CA LEU F 157 20.67 -66.78 -14.16
C LEU F 157 19.29 -66.16 -14.04
N VAL F 158 18.44 -66.70 -13.17
CA VAL F 158 17.04 -66.25 -12.96
C VAL F 158 16.82 -66.06 -11.45
N HIS F 159 16.59 -64.82 -11.05
CA HIS F 159 16.27 -64.39 -9.66
C HIS F 159 14.99 -65.07 -9.17
N GLN F 160 14.92 -65.27 -7.85
CA GLN F 160 13.76 -65.93 -7.17
CA GLN F 160 13.77 -65.79 -7.05
C GLN F 160 12.45 -65.30 -7.68
N TYR F 161 11.43 -66.11 -7.80
CA TYR F 161 10.01 -65.67 -8.01
C TYR F 161 9.75 -65.20 -9.45
N CYS F 162 10.76 -65.00 -10.28
CA CYS F 162 10.55 -64.58 -11.69
C CYS F 162 9.77 -65.65 -12.45
N ARG F 163 8.95 -65.24 -13.42
CA ARG F 163 8.17 -66.10 -14.34
C ARG F 163 8.79 -65.98 -15.73
N ILE F 164 9.21 -67.09 -16.32
CA ILE F 164 9.68 -67.16 -17.74
C ILE F 164 8.47 -67.55 -18.61
N GLY F 165 8.18 -66.74 -19.62
CA GLY F 165 6.93 -66.89 -20.36
C GLY F 165 6.98 -68.07 -21.29
N ALA F 166 5.83 -68.62 -21.64
CA ALA F 166 5.83 -69.66 -22.69
C ALA F 166 6.55 -69.14 -23.95
N HIS F 167 7.43 -69.95 -24.57
CA HIS F 167 8.11 -69.71 -25.87
C HIS F 167 9.11 -68.55 -25.75
N SER F 168 9.41 -68.08 -24.55
CA SER F 168 10.42 -67.00 -24.40
C SER F 168 11.82 -67.56 -24.53
N PHE F 169 12.80 -66.68 -24.65
CA PHE F 169 14.21 -67.06 -24.95
C PHE F 169 15.17 -66.06 -24.30
N SER F 170 16.11 -66.62 -23.55
CA SER F 170 17.23 -65.89 -22.93
C SER F 170 18.49 -66.22 -23.72
N GLY F 171 19.30 -65.23 -24.01
CA GLY F 171 20.61 -65.43 -24.64
C GLY F 171 21.65 -65.87 -23.62
N MET F 172 22.85 -66.26 -24.06
CA MET F 172 23.78 -66.86 -23.08
C MET F 172 24.24 -65.76 -22.15
N GLY F 173 24.38 -66.14 -20.89
CA GLY F 173 24.82 -65.26 -19.80
C GLY F 173 23.76 -64.26 -19.37
N SER F 174 22.54 -64.45 -19.77
CA SER F 174 21.48 -63.51 -19.38
C SER F 174 21.34 -63.57 -17.87
N ALA F 175 21.16 -62.43 -17.20
CA ALA F 175 20.84 -62.43 -15.75
C ALA F 175 19.48 -61.80 -15.59
N ILE F 176 18.47 -62.61 -15.44
CA ILE F 176 17.05 -62.20 -15.47
C ILE F 176 16.62 -61.84 -14.06
N GLY F 177 16.25 -60.58 -13.84
CA GLY F 177 15.80 -60.02 -12.55
C GLY F 177 14.31 -59.85 -12.45
N LYS F 178 13.57 -59.99 -13.56
CA LYS F 178 12.15 -59.59 -13.65
C LYS F 178 11.43 -60.50 -14.66
N ASP F 179 10.10 -60.63 -14.66
CA ASP F 179 9.49 -61.69 -15.49
C ASP F 179 9.84 -61.54 -16.95
N VAL F 180 9.99 -62.62 -17.67
CA VAL F 180 10.11 -62.57 -19.15
C VAL F 180 8.75 -62.90 -19.75
N PRO F 181 8.10 -62.00 -20.53
CA PRO F 181 6.80 -62.33 -21.07
C PRO F 181 7.00 -63.38 -22.17
N ALA F 182 5.93 -64.13 -22.37
CA ALA F 182 5.79 -65.14 -23.42
C ALA F 182 6.37 -64.61 -24.72
N TYR F 183 7.13 -65.45 -25.43
CA TYR F 183 7.69 -65.20 -26.76
C TYR F 183 8.88 -64.25 -26.68
N VAL F 184 9.05 -63.47 -25.62
CA VAL F 184 10.03 -62.35 -25.70
C VAL F 184 11.45 -62.95 -25.66
N THR F 185 12.39 -62.32 -26.32
CA THR F 185 13.82 -62.70 -26.24
C THR F 185 14.53 -61.65 -25.38
N VAL F 186 15.34 -62.11 -24.44
CA VAL F 186 16.11 -61.23 -23.52
C VAL F 186 17.60 -61.57 -23.59
N PHE F 187 18.45 -60.55 -23.36
CA PHE F 187 19.91 -60.63 -23.42
C PHE F 187 20.51 -59.78 -22.30
N GLY F 188 21.56 -60.32 -21.71
CA GLY F 188 22.59 -59.55 -21.02
C GLY F 188 22.38 -59.52 -19.53
N ASN F 189 23.16 -58.69 -18.87
CA ASN F 189 23.16 -58.53 -17.40
C ASN F 189 23.27 -57.06 -17.05
N PRO F 190 22.15 -56.44 -16.63
CA PRO F 190 20.85 -57.10 -16.51
C PRO F 190 20.19 -57.51 -17.84
N ALA F 191 19.50 -58.63 -17.88
CA ALA F 191 18.57 -59.00 -18.96
C ALA F 191 17.74 -57.79 -19.42
N GLU F 192 17.68 -57.56 -20.73
CA GLU F 192 16.86 -56.56 -21.46
C GLU F 192 16.15 -57.27 -22.61
N ALA F 193 14.95 -56.84 -22.92
CA ALA F 193 14.18 -57.39 -24.04
C ALA F 193 14.74 -56.86 -25.37
N ARG F 194 14.69 -57.67 -26.42
CA ARG F 194 15.22 -57.28 -27.74
C ARG F 194 14.15 -57.46 -28.81
N SER F 195 13.46 -58.58 -28.80
CA SER F 195 12.60 -59.02 -29.92
C SER F 195 11.70 -60.09 -29.38
N MET F 196 11.06 -60.81 -30.26
CA MET F 196 10.21 -61.97 -29.93
C MET F 196 10.89 -63.13 -30.62
N ASN F 197 10.67 -64.32 -30.09
CA ASN F 197 11.27 -65.59 -30.54
C ASN F 197 10.51 -66.11 -31.77
N PHE F 198 10.76 -65.54 -32.93
CA PHE F 198 10.01 -65.91 -34.14
C PHE F 198 10.42 -67.32 -34.61
N GLU F 199 11.65 -67.79 -34.33
CA GLU F 199 12.05 -69.18 -34.75
C GLU F 199 11.16 -70.14 -33.96
N GLY F 200 10.89 -69.87 -32.69
CA GLY F 200 9.96 -70.66 -31.85
C GLY F 200 8.60 -70.69 -32.48
N MET F 201 8.17 -69.56 -33.03
CA MET F 201 6.80 -69.46 -33.63
C MET F 201 6.71 -70.32 -34.90
N ARG F 202 7.76 -70.30 -35.73
CA ARG F 202 7.88 -71.14 -36.95
C ARG F 202 7.70 -72.59 -36.49
N ARG F 203 8.53 -73.02 -35.53
CA ARG F 203 8.60 -74.42 -35.05
C ARG F 203 7.21 -74.83 -34.57
N ARG F 204 6.41 -74.01 -33.88
CA ARG F 204 5.01 -74.47 -33.55
C ARG F 204 4.01 -74.35 -34.72
N GLY F 205 4.47 -74.02 -35.95
CA GLY F 205 3.66 -73.63 -37.13
C GLY F 205 2.58 -72.62 -36.80
N PHE F 206 2.94 -71.53 -36.14
CA PHE F 206 2.07 -70.35 -35.95
C PHE F 206 1.67 -69.88 -37.34
N SER F 207 0.44 -69.38 -37.44
CA SER F 207 -0.11 -68.72 -38.65
C SER F 207 0.75 -67.49 -38.91
N SER F 208 0.82 -67.02 -40.13
CA SER F 208 1.77 -65.91 -40.36
C SER F 208 1.07 -64.62 -39.88
N GLU F 209 -0.26 -64.64 -39.75
CA GLU F 209 -1.05 -63.50 -39.16
C GLU F 209 -0.67 -63.40 -37.67
N ALA F 210 -0.48 -64.54 -37.02
CA ALA F 210 -0.31 -64.56 -35.55
C ALA F 210 1.11 -64.06 -35.19
N ILE F 211 2.09 -64.44 -36.01
CA ILE F 211 3.49 -63.95 -35.88
C ILE F 211 3.49 -62.42 -36.00
N HIS F 212 2.82 -61.88 -37.02
CA HIS F 212 2.76 -60.42 -37.26
C HIS F 212 2.01 -59.79 -36.07
N ALA F 213 1.00 -60.46 -35.52
CA ALA F 213 0.21 -59.92 -34.40
C ALA F 213 1.11 -59.77 -33.16
N LEU F 214 2.01 -60.73 -32.97
CA LEU F 214 2.86 -60.78 -31.78
C LEU F 214 3.95 -59.75 -31.96
N ARG F 215 4.34 -59.49 -33.19
CA ARG F 215 5.34 -58.45 -33.42
C ARG F 215 4.71 -57.09 -33.05
N ARG F 216 3.49 -56.80 -33.46
CA ARG F 216 2.85 -55.52 -33.11
C ARG F 216 2.68 -55.48 -31.60
N ALA F 217 2.37 -56.60 -30.97
CA ALA F 217 2.22 -56.66 -29.49
C ALA F 217 3.54 -56.26 -28.83
N TYR F 218 4.65 -56.77 -29.36
CA TYR F 218 5.98 -56.41 -28.81
C TYR F 218 6.10 -54.89 -28.89
N LYS F 219 5.82 -54.33 -30.07
CA LYS F 219 6.02 -52.90 -30.38
C LYS F 219 5.16 -52.10 -29.38
N VAL F 220 3.95 -52.56 -29.10
CA VAL F 220 3.06 -51.85 -28.15
C VAL F 220 3.71 -51.81 -26.75
N VAL F 221 4.23 -52.93 -26.27
CA VAL F 221 4.72 -53.06 -24.87
C VAL F 221 6.06 -52.35 -24.78
N TYR F 222 6.91 -52.45 -25.79
CA TYR F 222 8.34 -52.02 -25.69
C TYR F 222 8.68 -50.80 -26.55
N ARG F 223 8.05 -50.46 -27.68
CA ARG F 223 8.68 -49.53 -28.65
C ARG F 223 7.80 -48.27 -28.83
N GLN F 224 6.87 -48.00 -27.89
CA GLN F 224 5.79 -47.02 -28.15
C GLN F 224 5.51 -46.04 -27.00
N GLY F 225 6.45 -45.94 -26.06
CA GLY F 225 6.41 -45.10 -24.84
C GLY F 225 5.27 -45.41 -23.91
N HIS F 226 4.52 -46.50 -24.10
CA HIS F 226 3.37 -46.81 -23.22
C HIS F 226 3.85 -47.16 -21.83
N THR F 227 3.08 -46.92 -20.80
CA THR F 227 3.28 -47.64 -19.50
C THR F 227 2.74 -49.07 -19.64
N VAL F 228 2.93 -49.89 -18.62
CA VAL F 228 2.48 -51.30 -18.68
C VAL F 228 0.96 -51.35 -18.60
N GLU F 229 0.28 -50.56 -17.75
CA GLU F 229 -1.22 -50.53 -17.71
C GLU F 229 -1.68 -50.01 -19.09
N GLU F 230 -0.99 -49.06 -19.69
CA GLU F 230 -1.35 -48.57 -21.04
C GLU F 230 -1.25 -49.70 -22.08
N ALA F 231 -0.10 -50.35 -22.18
CA ALA F 231 0.13 -51.43 -23.16
C ALA F 231 -0.98 -52.48 -23.04
N LEU F 232 -1.26 -52.87 -21.81
CA LEU F 232 -2.25 -53.93 -21.50
C LEU F 232 -3.63 -53.57 -22.05
N ALA F 233 -4.05 -52.33 -21.86
CA ALA F 233 -5.32 -51.77 -22.42
C ALA F 233 -5.28 -51.89 -23.94
N GLU F 234 -4.17 -51.50 -24.56
CA GLU F 234 -4.04 -51.43 -26.01
C GLU F 234 -4.04 -52.84 -26.60
N LEU F 235 -3.46 -53.81 -25.87
CA LEU F 235 -3.33 -55.22 -26.30
C LEU F 235 -4.68 -55.93 -26.26
N ALA F 236 -5.66 -55.47 -25.46
CA ALA F 236 -6.97 -56.15 -25.30
C ALA F 236 -7.57 -56.61 -26.64
N GLU F 237 -7.50 -55.77 -27.69
CA GLU F 237 -8.15 -56.13 -28.98
C GLU F 237 -7.43 -57.33 -29.60
N SER F 238 -6.10 -57.21 -29.83
CA SER F 238 -5.17 -58.25 -30.34
C SER F 238 -5.38 -59.57 -29.56
N ALA F 239 -5.53 -59.48 -28.24
CA ALA F 239 -5.67 -60.64 -27.33
C ALA F 239 -6.99 -61.41 -27.54
N ALA F 240 -8.02 -60.70 -27.94
CA ALA F 240 -9.32 -61.30 -28.19
C ALA F 240 -9.33 -61.88 -29.61
N GLN F 241 -8.51 -61.36 -30.51
CA GLN F 241 -8.38 -61.86 -31.90
C GLN F 241 -7.50 -63.14 -31.96
N PHE F 242 -6.43 -63.19 -31.19
CA PHE F 242 -5.34 -64.19 -31.31
C PHE F 242 -5.09 -64.82 -29.95
N PRO F 243 -5.37 -66.14 -29.80
CA PRO F 243 -5.01 -66.87 -28.58
C PRO F 243 -3.56 -66.62 -28.19
N GLU F 244 -2.72 -66.52 -29.22
CA GLU F 244 -1.24 -66.41 -29.11
C GLU F 244 -0.94 -65.05 -28.47
N VAL F 245 -1.58 -63.99 -28.94
CA VAL F 245 -1.34 -62.66 -28.33
C VAL F 245 -1.86 -62.68 -26.90
N ALA F 246 -2.93 -63.42 -26.64
CA ALA F 246 -3.58 -63.50 -25.31
C ALA F 246 -2.58 -64.04 -24.28
N VAL F 247 -1.81 -65.04 -24.67
CA VAL F 247 -0.81 -65.72 -23.81
C VAL F 247 0.20 -64.69 -23.38
N PHE F 248 0.59 -63.81 -24.33
CA PHE F 248 1.48 -62.66 -24.12
C PHE F 248 0.78 -61.63 -23.23
N ARG F 249 -0.43 -61.11 -23.53
CA ARG F 249 -1.09 -60.14 -22.61
CA ARG F 249 -1.16 -60.17 -22.61
C ARG F 249 -1.08 -60.76 -21.20
N ASP F 250 -1.47 -62.04 -21.07
CA ASP F 250 -1.68 -62.68 -19.74
C ASP F 250 -0.33 -62.70 -19.05
N SER F 251 0.74 -63.02 -19.76
CA SER F 251 2.07 -63.11 -19.12
C SER F 251 2.45 -61.76 -18.51
N ILE F 252 2.03 -60.66 -19.07
CA ILE F 252 2.40 -59.30 -18.56
C ILE F 252 1.47 -58.88 -17.39
N GLN F 253 0.19 -59.16 -17.54
CA GLN F 253 -0.86 -58.95 -16.52
C GLN F 253 -0.30 -59.43 -15.18
N SER F 254 0.02 -60.71 -15.11
CA SER F 254 0.34 -61.38 -13.83
C SER F 254 1.67 -60.84 -13.29
N ALA F 255 2.52 -60.22 -14.10
CA ALA F 255 3.86 -59.80 -13.60
C ALA F 255 3.72 -58.64 -12.60
N THR F 256 2.70 -57.77 -12.80
CA THR F 256 2.44 -56.50 -12.05
C THR F 256 1.01 -56.54 -11.51
N ARG F 257 0.81 -56.47 -10.20
CA ARG F 257 -0.46 -55.94 -9.64
C ARG F 257 -0.29 -54.42 -9.40
N GLY F 258 0.76 -54.00 -8.70
CA GLY F 258 0.97 -52.58 -8.38
C GLY F 258 0.22 -52.21 -7.10
N ILE F 259 0.48 -50.99 -6.62
CA ILE F 259 -0.17 -50.47 -5.40
C ILE F 259 -1.13 -49.35 -5.82
N THR F 260 -2.20 -49.11 -5.06
CA THR F 260 -2.99 -47.88 -5.13
C THR F 260 -1.98 -46.76 -5.18
N ARG F 261 -2.05 -45.85 -6.16
CA ARG F 261 -1.32 -44.57 -6.06
C ARG F 261 -2.29 -43.50 -5.65
N SER G 5 93.65 -41.73 38.99
CA SER G 5 94.54 -42.03 37.84
C SER G 5 93.78 -41.69 36.55
N LEU G 6 94.42 -40.94 35.66
CA LEU G 6 93.77 -40.08 34.63
C LEU G 6 93.22 -40.94 33.50
N ILE G 7 94.09 -41.75 32.91
CA ILE G 7 93.73 -42.82 31.94
C ILE G 7 93.16 -44.01 32.75
N ASP G 8 91.87 -44.33 32.58
CA ASP G 8 91.12 -45.38 33.33
C ASP G 8 91.64 -46.77 32.90
N PRO G 9 91.83 -47.71 33.85
CA PRO G 9 92.45 -49.00 33.55
C PRO G 9 91.55 -49.89 32.69
N ARG G 10 90.22 -49.72 32.76
CA ARG G 10 89.25 -50.54 31.99
C ARG G 10 89.19 -50.09 30.52
N ALA G 11 89.92 -49.03 30.11
CA ALA G 11 89.99 -48.55 28.71
C ALA G 11 91.13 -49.25 27.98
N ILE G 12 91.16 -49.14 26.64
CA ILE G 12 92.21 -49.75 25.77
C ILE G 12 92.96 -48.61 25.05
N ILE G 13 94.29 -48.57 25.19
CA ILE G 13 95.18 -47.59 24.50
C ILE G 13 96.13 -48.36 23.60
N ASP G 14 96.15 -48.08 22.31
CA ASP G 14 97.11 -48.78 21.44
C ASP G 14 98.50 -48.31 21.84
N PRO G 15 99.50 -49.21 21.93
CA PRO G 15 100.90 -48.80 22.13
C PRO G 15 101.26 -47.56 21.27
N SER G 16 100.86 -47.60 19.99
CA SER G 16 101.26 -46.63 18.93
C SER G 16 100.59 -45.25 19.13
N ALA G 17 99.70 -45.09 20.10
CA ALA G 17 99.01 -43.80 20.36
C ALA G 17 99.92 -42.87 21.14
N ARG G 18 99.87 -41.58 20.83
CA ARG G 18 100.62 -40.51 21.53
C ARG G 18 99.58 -39.73 22.35
N LEU G 19 99.68 -39.63 23.67
CA LEU G 19 98.75 -38.85 24.56
C LEU G 19 99.53 -37.91 25.48
N ALA G 20 99.32 -36.60 25.37
CA ALA G 20 99.89 -35.59 26.29
C ALA G 20 99.66 -36.03 27.74
N ALA G 21 100.42 -35.45 28.68
CA ALA G 21 100.49 -35.87 30.11
C ALA G 21 99.06 -35.90 30.68
N ASP G 22 98.32 -34.76 30.74
CA ASP G 22 97.06 -34.70 31.54
C ASP G 22 95.82 -35.05 30.70
N VAL G 23 96.00 -35.80 29.63
CA VAL G 23 94.85 -36.45 28.92
C VAL G 23 94.09 -37.36 29.88
N GLN G 24 92.77 -37.19 29.92
CA GLN G 24 91.81 -38.11 30.60
C GLN G 24 91.13 -38.99 29.54
N VAL G 25 90.98 -40.27 29.85
CA VAL G 25 90.23 -41.26 29.01
C VAL G 25 89.36 -42.06 29.95
N GLY G 26 88.07 -42.11 29.65
CA GLY G 26 87.10 -42.81 30.50
C GLY G 26 87.14 -44.33 30.27
N PRO G 27 86.45 -45.06 31.17
CA PRO G 27 86.29 -46.51 31.07
C PRO G 27 85.70 -46.93 29.72
N TRP G 28 86.19 -48.03 29.15
CA TRP G 28 85.65 -48.71 27.94
C TRP G 28 85.78 -47.86 26.66
N SER G 29 86.76 -46.96 26.60
CA SER G 29 87.01 -46.20 25.37
C SER G 29 88.19 -46.86 24.68
N ILE G 30 88.21 -46.87 23.35
CA ILE G 30 89.33 -47.39 22.53
C ILE G 30 90.07 -46.19 21.94
N VAL G 31 91.32 -45.97 22.31
CA VAL G 31 92.22 -45.07 21.54
C VAL G 31 93.06 -45.94 20.60
N GLY G 32 92.62 -46.05 19.34
CA GLY G 32 93.22 -46.93 18.30
C GLY G 32 94.66 -46.57 17.97
N ALA G 33 95.25 -47.37 17.07
CA ALA G 33 96.55 -47.07 16.44
C ALA G 33 96.47 -45.64 15.88
N GLU G 34 97.59 -44.90 16.00
CA GLU G 34 97.87 -43.69 15.19
C GLU G 34 97.05 -42.51 15.71
N VAL G 35 96.29 -42.70 16.79
CA VAL G 35 95.53 -41.61 17.43
C VAL G 35 96.45 -40.87 18.40
N GLU G 36 96.51 -39.55 18.21
CA GLU G 36 97.40 -38.60 18.90
C GLU G 36 96.49 -37.55 19.58
N ILE G 37 96.67 -37.25 20.85
CA ILE G 37 95.69 -36.42 21.61
C ILE G 37 96.49 -35.38 22.40
N GLY G 38 96.26 -34.10 22.13
CA GLY G 38 96.90 -32.98 22.84
C GLY G 38 96.48 -32.83 24.31
N GLU G 39 97.22 -31.98 25.03
CA GLU G 39 97.05 -31.54 26.44
C GLU G 39 95.61 -31.10 26.71
N GLY G 40 95.02 -31.58 27.80
CA GLY G 40 93.82 -30.95 28.41
C GLY G 40 92.58 -31.70 28.02
N THR G 41 92.74 -32.63 27.08
CA THR G 41 91.63 -33.30 26.35
C THR G 41 91.06 -34.41 27.22
N VAL G 42 89.74 -34.51 27.23
CA VAL G 42 89.00 -35.47 28.12
C VAL G 42 88.14 -36.32 27.19
N ILE G 43 88.56 -37.56 27.01
CA ILE G 43 87.76 -38.63 26.36
C ILE G 43 86.86 -39.23 27.45
N GLY G 44 85.56 -39.21 27.22
CA GLY G 44 84.54 -39.77 28.12
C GLY G 44 84.59 -41.30 28.10
N PRO G 45 83.63 -41.93 28.78
CA PRO G 45 83.44 -43.37 28.69
C PRO G 45 82.99 -43.77 27.26
N HIS G 46 82.98 -45.07 26.96
CA HIS G 46 82.46 -45.68 25.71
C HIS G 46 82.73 -44.81 24.48
N VAL G 47 83.91 -44.25 24.30
CA VAL G 47 84.25 -43.53 23.05
C VAL G 47 85.10 -44.46 22.20
N VAL G 48 85.06 -44.28 20.88
CA VAL G 48 85.96 -45.05 19.97
C VAL G 48 86.76 -44.08 19.13
N LEU G 49 88.10 -44.09 19.22
CA LEU G 49 88.95 -43.27 18.33
C LEU G 49 89.70 -44.20 17.40
N LYS G 50 89.72 -43.86 16.11
CA LYS G 50 90.45 -44.59 15.04
C LYS G 50 91.35 -43.55 14.39
N GLY G 51 92.45 -44.03 13.83
CA GLY G 51 93.55 -43.22 13.28
C GLY G 51 93.72 -43.48 11.79
N PRO G 52 94.74 -42.86 11.14
CA PRO G 52 95.52 -41.77 11.72
C PRO G 52 94.66 -40.54 12.02
N THR G 53 94.66 -40.12 13.28
CA THR G 53 93.84 -39.00 13.77
C THR G 53 94.70 -38.18 14.73
N LYS G 54 94.65 -36.86 14.59
CA LYS G 54 95.33 -35.86 15.44
C LYS G 54 94.26 -35.04 16.19
N ILE G 55 94.17 -35.13 17.51
CA ILE G 55 93.22 -34.33 18.32
C ILE G 55 94.04 -33.36 19.16
N GLY G 56 93.75 -32.07 19.08
CA GLY G 56 94.52 -31.02 19.75
C GLY G 56 94.17 -30.89 21.23
N LYS G 57 94.35 -29.67 21.74
CA LYS G 57 94.45 -29.36 23.19
C LYS G 57 93.06 -29.01 23.72
N HIS G 58 92.70 -29.47 24.93
CA HIS G 58 91.56 -28.97 25.74
C HIS G 58 90.22 -29.26 25.07
N ASN G 59 90.08 -30.38 24.36
CA ASN G 59 88.79 -30.82 23.78
C ASN G 59 88.09 -31.66 24.83
N ARG G 60 86.82 -31.96 24.62
CA ARG G 60 85.93 -32.68 25.57
C ARG G 60 85.11 -33.54 24.57
N ILE G 61 85.25 -34.87 24.57
CA ILE G 61 84.52 -35.78 23.64
C ILE G 61 83.65 -36.75 24.43
N TYR G 62 82.36 -36.80 24.19
CA TYR G 62 81.42 -37.56 25.06
C TYR G 62 81.19 -38.99 24.55
N GLN G 63 80.50 -39.78 25.38
CA GLN G 63 80.27 -41.25 25.23
C GLN G 63 79.56 -41.56 23.90
N PHE G 64 79.92 -42.71 23.33
CA PHE G 64 79.26 -43.38 22.18
C PHE G 64 79.56 -42.67 20.84
N SER G 65 80.44 -41.67 20.90
CA SER G 65 81.09 -41.03 19.71
C SER G 65 82.05 -42.01 19.05
N SER G 66 82.04 -42.08 17.72
CA SER G 66 83.05 -42.81 16.91
C SER G 66 83.72 -41.77 16.02
N VAL G 67 84.89 -41.32 16.44
CA VAL G 67 85.72 -40.26 15.81
C VAL G 67 86.92 -40.93 15.14
N GLY G 68 87.08 -40.75 13.84
CA GLY G 68 88.29 -41.20 13.12
C GLY G 68 88.01 -42.46 12.34
N GLU G 69 86.77 -42.93 12.33
CA GLU G 69 86.37 -44.17 11.62
C GLU G 69 86.48 -43.91 10.10
N ASP G 70 86.57 -44.95 9.27
CA ASP G 70 86.68 -44.74 7.80
C ASP G 70 85.27 -44.43 7.33
N THR G 71 85.11 -43.70 6.22
CA THR G 71 83.75 -43.51 5.63
C THR G 71 83.37 -44.85 5.05
N PRO G 72 82.08 -45.22 5.07
CA PRO G 72 81.60 -46.31 4.22
C PRO G 72 81.37 -46.00 2.73
N ASP G 73 81.36 -44.73 2.26
CA ASP G 73 81.13 -44.41 0.82
C ASP G 73 82.01 -45.40 0.06
N LEU G 74 81.45 -46.11 -0.92
CA LEU G 74 82.14 -47.18 -1.69
C LEU G 74 83.35 -46.60 -2.46
N LYS G 75 83.30 -45.31 -2.83
CA LYS G 75 84.38 -44.36 -3.26
C LYS G 75 85.71 -44.65 -2.53
N TYR G 76 85.72 -44.90 -1.23
CA TYR G 76 86.94 -45.09 -0.39
C TYR G 76 87.33 -46.57 -0.30
N LYS G 77 88.53 -47.04 -0.69
CA LYS G 77 88.94 -48.46 -0.38
C LYS G 77 90.22 -48.47 0.49
N GLY G 78 90.14 -48.00 1.73
CA GLY G 78 91.10 -48.27 2.82
C GLY G 78 92.40 -47.49 2.72
N GLU G 79 92.54 -46.51 1.82
CA GLU G 79 93.77 -45.67 1.66
C GLU G 79 94.04 -44.99 3.01
N PRO G 80 95.29 -44.56 3.31
CA PRO G 80 95.58 -44.01 4.64
C PRO G 80 95.20 -42.51 4.52
N THR G 81 94.18 -42.07 5.26
CA THR G 81 93.64 -40.69 5.25
C THR G 81 93.49 -40.24 6.69
N ARG G 82 93.57 -38.93 6.95
CA ARG G 82 93.69 -38.37 8.32
C ARG G 82 92.37 -37.76 8.76
N LEU G 83 92.25 -37.62 10.08
CA LEU G 83 91.34 -36.64 10.72
C LEU G 83 92.18 -35.77 11.65
N VAL G 84 92.02 -34.46 11.57
CA VAL G 84 92.64 -33.41 12.43
C VAL G 84 91.52 -32.58 13.07
N ILE G 85 91.64 -32.36 14.37
CA ILE G 85 90.74 -31.56 15.25
C ILE G 85 91.62 -30.61 16.06
N GLY G 86 91.32 -29.32 16.04
CA GLY G 86 92.04 -28.34 16.89
C GLY G 86 91.66 -28.42 18.36
N ASP G 87 91.38 -27.27 18.96
CA ASP G 87 91.45 -27.07 20.43
C ASP G 87 90.10 -26.58 20.97
N HIS G 88 89.86 -26.78 22.26
CA HIS G 88 88.62 -26.38 22.98
C HIS G 88 87.40 -26.69 22.13
N ASN G 89 87.30 -27.89 21.54
CA ASN G 89 86.06 -28.37 20.89
C ASN G 89 85.27 -29.22 21.88
N VAL G 90 83.97 -29.28 21.69
CA VAL G 90 83.06 -30.11 22.50
C VAL G 90 82.35 -31.01 21.49
N ILE G 91 82.50 -32.30 21.67
CA ILE G 91 81.89 -33.33 20.80
C ILE G 91 81.01 -34.19 21.68
N ARG G 92 79.70 -34.05 21.47
CA ARG G 92 78.71 -34.59 22.41
C ARG G 92 78.38 -36.06 22.11
N GLU G 93 77.34 -36.53 22.78
CA GLU G 93 77.06 -37.97 22.84
C GLU G 93 76.79 -38.41 21.41
N GLY G 94 77.45 -39.48 21.01
CA GLY G 94 77.09 -40.29 19.84
C GLY G 94 77.49 -39.65 18.54
N VAL G 95 78.31 -38.59 18.54
CA VAL G 95 78.78 -37.94 17.28
C VAL G 95 79.55 -38.98 16.46
N THR G 96 79.45 -38.93 15.13
CA THR G 96 80.36 -39.67 14.22
C THR G 96 81.16 -38.67 13.41
N ILE G 97 82.47 -38.88 13.32
CA ILE G 97 83.39 -38.05 12.48
C ILE G 97 84.23 -39.03 11.68
N HIS G 98 84.19 -38.92 10.37
CA HIS G 98 84.97 -39.83 9.51
C HIS G 98 86.20 -39.11 8.95
N ARG G 99 87.26 -39.88 8.76
CA ARG G 99 88.50 -39.41 8.11
C ARG G 99 88.25 -39.24 6.60
N GLY G 100 89.26 -38.67 5.94
CA GLY G 100 89.20 -38.20 4.55
C GLY G 100 89.18 -39.35 3.58
N THR G 101 89.26 -38.96 2.31
CA THR G 101 89.35 -39.81 1.09
C THR G 101 90.45 -39.26 0.20
N VAL G 102 91.09 -40.08 -0.63
CA VAL G 102 92.22 -39.54 -1.45
C VAL G 102 91.62 -38.73 -2.61
N GLN G 103 90.39 -39.06 -3.05
CA GLN G 103 89.75 -38.44 -4.24
C GLN G 103 89.81 -36.91 -4.01
N ASP G 104 89.83 -36.42 -2.77
CA ASP G 104 89.86 -34.96 -2.50
C ASP G 104 91.26 -34.63 -2.00
N ARG G 105 91.47 -34.33 -0.72
CA ARG G 105 92.72 -33.77 -0.10
C ARG G 105 93.07 -34.68 1.07
N ALA G 106 92.42 -35.82 1.21
CA ALA G 106 92.84 -36.91 2.10
C ALA G 106 92.65 -36.61 3.59
N GLU G 107 91.84 -35.63 3.98
CA GLU G 107 91.76 -35.17 5.40
C GLU G 107 90.39 -34.52 5.72
N THR G 108 89.77 -34.97 6.80
CA THR G 108 88.64 -34.30 7.50
C THR G 108 89.24 -33.40 8.56
N THR G 109 88.83 -32.15 8.62
CA THR G 109 89.49 -31.10 9.42
C THR G 109 88.48 -30.32 10.25
N ILE G 110 88.68 -30.23 11.55
CA ILE G 110 87.93 -29.36 12.48
C ILE G 110 88.92 -28.37 13.11
N GLY G 111 88.57 -27.10 13.16
CA GLY G 111 89.38 -26.05 13.82
C GLY G 111 89.14 -26.01 15.31
N ASP G 112 89.06 -24.81 15.91
CA ASP G 112 88.97 -24.65 17.38
C ASP G 112 87.60 -24.10 17.78
N HIS G 113 87.19 -24.35 19.04
CA HIS G 113 86.03 -23.72 19.73
C HIS G 113 84.70 -24.11 19.08
N ASN G 114 84.64 -25.28 18.49
CA ASN G 114 83.42 -25.76 17.83
C ASN G 114 82.63 -26.54 18.87
N LEU G 115 81.31 -26.40 18.80
CA LEU G 115 80.33 -27.21 19.58
C LEU G 115 79.54 -28.15 18.62
N ILE G 116 79.79 -29.44 18.69
CA ILE G 116 79.11 -30.43 17.83
C ILE G 116 78.21 -31.28 18.70
N MET G 117 76.91 -31.12 18.57
CA MET G 117 75.98 -31.64 19.56
C MET G 117 75.57 -33.08 19.19
N ALA G 118 74.84 -33.75 20.09
CA ALA G 118 74.58 -35.21 20.03
C ALA G 118 74.21 -35.67 18.63
N TYR G 119 74.81 -36.78 18.19
CA TYR G 119 74.38 -37.61 17.03
C TYR G 119 74.64 -36.87 15.72
N ALA G 120 75.38 -35.79 15.77
CA ALA G 120 75.82 -35.09 14.54
C ALA G 120 76.71 -36.05 13.75
N HIS G 121 77.02 -35.69 12.51
CA HIS G 121 77.76 -36.53 11.55
C HIS G 121 78.58 -35.59 10.71
N ILE G 122 79.87 -35.72 10.83
CA ILE G 122 80.80 -34.96 9.98
C ILE G 122 81.46 -35.91 9.00
N GLY G 123 80.91 -35.98 7.80
CA GLY G 123 81.34 -36.86 6.71
C GLY G 123 82.76 -36.59 6.29
N HIS G 124 83.34 -37.60 5.63
CA HIS G 124 84.69 -37.56 5.04
C HIS G 124 84.93 -36.24 4.31
N ASP G 125 86.07 -35.61 4.59
CA ASP G 125 86.65 -34.46 3.86
C ASP G 125 85.99 -33.14 4.24
N SER G 126 85.01 -33.18 5.14
CA SER G 126 84.32 -31.97 5.62
C SER G 126 85.40 -31.12 6.33
N VAL G 127 85.30 -29.81 6.22
CA VAL G 127 86.24 -28.88 6.87
C VAL G 127 85.46 -27.83 7.66
N ILE G 128 85.55 -27.88 8.99
CA ILE G 128 84.86 -26.97 9.93
C ILE G 128 85.90 -26.00 10.49
N GLY G 129 85.62 -24.70 10.41
CA GLY G 129 86.53 -23.68 10.95
C GLY G 129 86.35 -23.57 12.44
N ASN G 130 85.93 -22.39 12.93
CA ASN G 130 86.08 -22.02 14.35
C ASN G 130 84.79 -21.47 14.94
N HIS G 131 84.50 -21.78 16.20
CA HIS G 131 83.28 -21.24 16.85
C HIS G 131 82.01 -21.61 16.07
N CYS G 132 81.95 -22.75 15.38
CA CYS G 132 80.69 -23.18 14.77
C CYS G 132 79.88 -23.98 15.77
N ILE G 133 78.57 -23.93 15.66
CA ILE G 133 77.68 -24.77 16.50
C ILE G 133 76.94 -25.64 15.51
N LEU G 134 77.11 -26.95 15.57
CA LEU G 134 76.30 -27.95 14.83
C LEU G 134 75.41 -28.61 15.86
N VAL G 135 74.11 -28.33 15.81
CA VAL G 135 73.14 -28.85 16.80
C VAL G 135 72.79 -30.31 16.45
N ASN G 136 72.17 -31.00 17.41
CA ASN G 136 71.83 -32.45 17.40
C ASN G 136 71.60 -32.85 15.97
N ASN G 137 72.28 -33.89 15.50
CA ASN G 137 71.85 -34.70 14.32
C ASN G 137 72.07 -33.91 13.02
N THR G 138 72.77 -32.79 13.07
CA THR G 138 73.30 -32.17 11.85
C THR G 138 74.15 -33.22 11.15
N ALA G 139 74.12 -33.24 9.83
CA ALA G 139 74.81 -34.28 9.03
C ALA G 139 75.44 -33.63 7.79
N LEU G 140 76.77 -33.55 7.75
CA LEU G 140 77.51 -33.09 6.56
C LEU G 140 77.83 -34.32 5.67
N ALA G 141 77.21 -34.52 4.50
CA ALA G 141 77.33 -35.78 3.73
C ALA G 141 78.78 -36.02 3.40
N GLY G 142 79.55 -34.96 3.17
CA GLY G 142 81.00 -35.03 2.85
C GLY G 142 81.52 -33.86 2.01
N HIS G 143 82.82 -33.56 2.10
CA HIS G 143 83.48 -32.44 1.40
C HIS G 143 82.69 -31.14 1.67
N VAL G 144 82.06 -31.02 2.82
CA VAL G 144 81.30 -29.79 3.19
C VAL G 144 82.24 -28.88 3.95
N HIS G 145 82.25 -27.59 3.62
CA HIS G 145 83.05 -26.55 4.31
C HIS G 145 82.11 -25.63 5.06
N VAL G 146 82.31 -25.59 6.37
CA VAL G 146 81.58 -24.70 7.32
C VAL G 146 82.56 -23.65 7.79
N ASP G 147 82.31 -22.39 7.48
CA ASP G 147 83.22 -21.26 7.81
C ASP G 147 82.85 -20.75 9.22
N ASP G 148 83.67 -19.89 9.80
CA ASP G 148 83.59 -19.58 11.25
C ASP G 148 82.23 -19.04 11.68
N TRP G 149 81.81 -19.38 12.90
CA TRP G 149 80.65 -18.81 13.63
C TRP G 149 79.33 -19.24 13.02
N ALA G 150 79.37 -20.11 12.02
CA ALA G 150 78.15 -20.73 11.46
C ALA G 150 77.42 -21.51 12.54
N ILE G 151 76.12 -21.57 12.39
CA ILE G 151 75.21 -22.31 13.29
C ILE G 151 74.23 -23.11 12.43
N LEU G 152 74.23 -24.42 12.60
CA LEU G 152 73.34 -25.38 11.92
C LEU G 152 72.41 -25.95 12.99
N SER G 153 71.15 -25.59 12.90
CA SER G 153 70.11 -25.99 13.88
C SER G 153 69.93 -27.49 13.75
N GLY G 154 69.20 -28.06 14.71
CA GLY G 154 68.96 -29.51 14.80
C GLY G 154 68.61 -30.09 13.45
N TYR G 155 69.22 -31.22 13.06
CA TYR G 155 68.76 -32.07 11.93
C TYR G 155 68.83 -31.31 10.60
N THR G 156 69.79 -30.39 10.51
CA THR G 156 70.25 -29.85 9.21
C THR G 156 71.04 -30.95 8.51
N LEU G 157 70.70 -31.18 7.26
CA LEU G 157 71.43 -32.02 6.31
C LEU G 157 72.05 -31.16 5.22
N VAL G 158 73.34 -31.35 4.94
CA VAL G 158 74.11 -30.58 3.93
C VAL G 158 74.64 -31.54 2.88
N HIS G 159 74.29 -31.33 1.63
CA HIS G 159 74.68 -32.12 0.43
C HIS G 159 76.21 -32.14 0.27
N GLN G 160 76.75 -33.20 -0.39
CA GLN G 160 78.19 -33.35 -0.80
C GLN G 160 78.66 -31.96 -1.26
N TYR G 161 79.81 -31.46 -0.86
CA TYR G 161 80.51 -30.27 -1.47
C TYR G 161 79.98 -28.87 -1.07
N CYS G 162 78.86 -28.73 -0.35
CA CYS G 162 78.30 -27.40 -0.01
C CYS G 162 79.26 -26.62 0.91
N ARG G 163 79.39 -25.32 0.65
CA ARG G 163 80.05 -24.36 1.57
C ARG G 163 78.94 -23.67 2.39
N ILE G 164 78.99 -23.78 3.72
CA ILE G 164 78.17 -22.96 4.66
C ILE G 164 78.96 -21.70 5.05
N GLY G 165 78.51 -20.52 4.65
CA GLY G 165 79.29 -19.28 4.84
C GLY G 165 79.40 -18.90 6.32
N ALA G 166 80.40 -18.08 6.63
CA ALA G 166 80.58 -17.53 7.98
C ALA G 166 79.35 -16.79 8.53
N HIS G 167 79.08 -16.95 9.83
CA HIS G 167 77.92 -16.40 10.56
C HIS G 167 76.60 -16.82 9.92
N SER G 168 76.61 -17.81 9.03
CA SER G 168 75.34 -18.26 8.40
C SER G 168 74.56 -19.06 9.42
N PHE G 169 73.27 -19.23 9.20
CA PHE G 169 72.41 -19.93 10.16
C PHE G 169 71.46 -20.82 9.39
N SER G 170 71.31 -22.06 9.81
CA SER G 170 70.32 -22.94 9.17
C SER G 170 69.27 -23.29 10.22
N GLY G 171 68.01 -23.16 9.84
CA GLY G 171 66.87 -23.56 10.68
C GLY G 171 66.71 -25.07 10.83
N MET G 172 65.94 -25.50 11.84
CA MET G 172 65.88 -26.91 12.21
C MET G 172 65.20 -27.65 11.08
N GLY G 173 65.71 -28.83 10.79
CA GLY G 173 65.21 -29.67 9.70
C GLY G 173 65.54 -29.10 8.32
N SER G 174 66.47 -28.18 8.19
CA SER G 174 66.88 -27.63 6.88
C SER G 174 67.60 -28.71 6.06
N ALA G 175 67.30 -28.78 4.75
CA ALA G 175 67.95 -29.69 3.77
C ALA G 175 68.73 -28.82 2.80
N ILE G 176 70.01 -28.56 3.08
CA ILE G 176 70.87 -27.61 2.31
C ILE G 176 71.41 -28.33 1.08
N GLY G 177 70.95 -27.96 -0.11
CA GLY G 177 71.40 -28.52 -1.39
C GLY G 177 72.52 -27.70 -2.00
N LYS G 178 72.87 -26.56 -1.48
CA LYS G 178 73.74 -25.64 -2.25
C LYS G 178 74.42 -24.70 -1.27
N ASP G 179 75.37 -23.92 -1.75
CA ASP G 179 76.15 -23.04 -0.83
C ASP G 179 75.21 -22.08 -0.09
N VAL G 180 75.56 -21.77 1.14
CA VAL G 180 74.82 -20.80 1.97
C VAL G 180 75.79 -19.66 2.12
N PRO G 181 75.49 -18.50 1.54
CA PRO G 181 76.40 -17.36 1.67
C PRO G 181 76.47 -16.95 3.14
N ALA G 182 77.56 -16.28 3.48
CA ALA G 182 77.80 -15.76 4.83
C ALA G 182 76.59 -14.94 5.29
N TYR G 183 76.35 -14.98 6.59
CA TYR G 183 75.30 -14.22 7.29
C TYR G 183 73.89 -14.70 6.91
N VAL G 184 73.73 -15.54 5.89
CA VAL G 184 72.36 -15.83 5.40
C VAL G 184 71.71 -16.85 6.31
N THR G 185 70.42 -16.73 6.50
CA THR G 185 69.62 -17.71 7.23
C THR G 185 68.82 -18.48 6.22
N VAL G 186 68.86 -19.79 6.35
CA VAL G 186 68.08 -20.68 5.45
C VAL G 186 67.16 -21.55 6.29
N PHE G 187 66.06 -21.98 5.70
CA PHE G 187 64.96 -22.71 6.34
C PHE G 187 64.38 -23.64 5.31
N GLY G 188 63.92 -24.81 5.74
CA GLY G 188 63.11 -25.72 4.93
C GLY G 188 63.89 -26.77 4.16
N ASN G 189 63.12 -27.59 3.41
CA ASN G 189 63.55 -28.68 2.53
C ASN G 189 62.80 -28.58 1.22
N PRO G 190 63.41 -28.10 0.12
CA PRO G 190 64.82 -27.67 0.13
C PRO G 190 65.03 -26.34 0.88
N ALA G 191 66.16 -26.18 1.55
CA ALA G 191 66.61 -24.91 2.15
C ALA G 191 66.39 -23.74 1.21
N GLU G 192 65.74 -22.68 1.69
CA GLU G 192 65.54 -21.40 0.97
C GLU G 192 66.10 -20.26 1.84
N ALA G 193 66.60 -19.19 1.24
CA ALA G 193 67.06 -18.03 2.02
C ALA G 193 65.80 -17.22 2.36
N ARG G 194 65.78 -16.76 3.61
CA ARG G 194 64.74 -15.94 4.24
C ARG G 194 65.33 -14.59 4.61
N SER G 195 66.43 -14.53 5.32
CA SER G 195 66.98 -13.24 5.78
C SER G 195 68.46 -13.43 6.10
N MET G 196 68.95 -12.66 7.06
CA MET G 196 70.37 -12.60 7.42
C MET G 196 70.45 -12.64 8.94
N ASN G 197 71.47 -13.30 9.44
CA ASN G 197 71.62 -13.59 10.87
C ASN G 197 71.99 -12.31 11.61
N PHE G 198 71.02 -11.48 11.90
CA PHE G 198 71.32 -10.18 12.53
C PHE G 198 71.77 -10.46 13.95
N GLU G 199 71.23 -11.50 14.63
CA GLU G 199 71.60 -11.78 16.04
C GLU G 199 73.11 -11.94 16.08
N GLY G 200 73.63 -12.80 15.19
CA GLY G 200 75.06 -13.10 15.02
C GLY G 200 75.87 -11.84 14.94
N MET G 201 75.40 -10.88 14.14
CA MET G 201 76.14 -9.65 13.83
C MET G 201 76.24 -8.82 15.12
N ARG G 202 75.15 -8.78 15.89
CA ARG G 202 75.10 -8.09 17.20
C ARG G 202 76.14 -8.75 18.11
N ARG G 203 76.02 -10.08 18.31
CA ARG G 203 76.86 -10.91 19.21
C ARG G 203 78.30 -10.60 18.85
N ARG G 204 78.64 -10.43 17.57
CA ARG G 204 80.06 -10.25 17.12
C ARG G 204 80.40 -8.76 17.08
N GLY G 205 79.51 -7.89 17.58
CA GLY G 205 79.70 -6.43 17.80
C GLY G 205 79.89 -5.67 16.51
N PHE G 206 79.12 -5.98 15.47
CA PHE G 206 79.23 -5.33 14.14
C PHE G 206 78.74 -3.91 14.28
N SER G 207 79.26 -3.01 13.46
CA SER G 207 78.79 -1.62 13.47
C SER G 207 77.35 -1.67 12.99
N SER G 208 76.58 -0.64 13.25
CA SER G 208 75.18 -0.67 12.79
C SER G 208 75.13 -0.18 11.34
N GLU G 209 76.11 0.60 10.87
CA GLU G 209 76.26 0.94 9.42
C GLU G 209 76.49 -0.37 8.65
N ALA G 210 77.14 -1.33 9.32
CA ALA G 210 77.57 -2.57 8.65
C ALA G 210 76.45 -3.60 8.62
N ILE G 211 75.78 -3.79 9.76
CA ILE G 211 74.48 -4.50 9.82
C ILE G 211 73.55 -3.96 8.73
N HIS G 212 73.46 -2.65 8.51
CA HIS G 212 72.55 -2.08 7.46
C HIS G 212 73.08 -2.44 6.07
N ALA G 213 74.39 -2.37 5.87
CA ALA G 213 74.97 -2.60 4.53
C ALA G 213 74.67 -4.03 4.08
N LEU G 214 74.54 -4.92 5.07
CA LEU G 214 74.43 -6.35 4.85
C LEU G 214 72.97 -6.66 4.61
N ARG G 215 72.07 -5.92 5.26
CA ARG G 215 70.63 -5.99 4.91
C ARG G 215 70.47 -5.54 3.46
N ARG G 216 71.10 -4.44 3.03
CA ARG G 216 71.02 -4.00 1.61
C ARG G 216 71.62 -5.09 0.73
N ALA G 217 72.69 -5.73 1.19
CA ALA G 217 73.42 -6.67 0.30
C ALA G 217 72.53 -7.91 0.08
N TYR G 218 71.77 -8.34 1.10
CA TYR G 218 70.78 -9.42 0.93
C TYR G 218 69.75 -8.94 -0.09
N LYS G 219 69.25 -7.72 0.02
CA LYS G 219 68.18 -7.31 -0.91
C LYS G 219 68.70 -7.45 -2.36
N VAL G 220 69.98 -7.23 -2.60
CA VAL G 220 70.54 -7.14 -3.97
C VAL G 220 70.52 -8.53 -4.60
N VAL G 221 71.04 -9.47 -3.85
CA VAL G 221 71.19 -10.89 -4.25
C VAL G 221 69.83 -11.55 -4.39
N TYR G 222 68.85 -11.28 -3.51
CA TYR G 222 67.68 -12.18 -3.26
C TYR G 222 66.32 -11.54 -3.63
N ARG G 223 66.23 -10.23 -3.76
CA ARG G 223 64.95 -9.52 -3.62
C ARG G 223 64.81 -8.46 -4.71
N GLN G 224 65.73 -8.31 -5.65
CA GLN G 224 65.63 -7.28 -6.72
C GLN G 224 65.60 -7.98 -8.09
N GLY G 225 65.30 -9.28 -8.11
CA GLY G 225 65.34 -10.11 -9.31
C GLY G 225 66.57 -9.91 -10.17
N HIS G 226 67.72 -9.60 -9.60
CA HIS G 226 69.03 -9.65 -10.31
C HIS G 226 69.41 -11.14 -10.48
N THR G 227 70.26 -11.46 -11.46
CA THR G 227 71.00 -12.74 -11.56
C THR G 227 72.13 -12.70 -10.55
N VAL G 228 72.85 -13.78 -10.30
CA VAL G 228 74.01 -13.75 -9.37
C VAL G 228 75.07 -12.82 -9.97
N GLU G 229 75.28 -12.91 -11.28
CA GLU G 229 76.23 -12.05 -12.04
C GLU G 229 75.86 -10.59 -11.78
N GLU G 230 74.59 -10.24 -11.94
CA GLU G 230 74.18 -8.83 -11.85
C GLU G 230 74.39 -8.35 -10.41
N ALA G 231 73.98 -9.17 -9.45
CA ALA G 231 74.16 -8.93 -8.00
C ALA G 231 75.63 -8.75 -7.65
N LEU G 232 76.51 -9.59 -8.18
CA LEU G 232 77.91 -9.54 -7.71
C LEU G 232 78.50 -8.19 -8.08
N ALA G 233 78.10 -7.76 -9.27
CA ALA G 233 78.57 -6.51 -9.86
C ALA G 233 78.01 -5.38 -8.97
N GLU G 234 76.72 -5.46 -8.58
CA GLU G 234 76.06 -4.44 -7.74
C GLU G 234 76.82 -4.38 -6.41
N LEU G 235 77.18 -5.53 -5.84
CA LEU G 235 77.86 -5.60 -4.50
C LEU G 235 79.27 -4.99 -4.46
N ALA G 236 79.97 -4.82 -5.59
CA ALA G 236 81.34 -4.28 -5.70
C ALA G 236 81.58 -3.05 -4.83
N GLU G 237 80.72 -2.03 -4.89
CA GLU G 237 80.80 -0.79 -4.09
C GLU G 237 80.72 -1.12 -2.60
N SER G 238 79.61 -1.75 -2.19
CA SER G 238 79.30 -2.13 -0.77
C SER G 238 80.49 -2.94 -0.21
N ALA G 239 81.06 -3.85 -1.00
CA ALA G 239 82.12 -4.79 -0.60
C ALA G 239 83.42 -4.05 -0.37
N ALA G 240 83.65 -3.00 -1.14
CA ALA G 240 84.87 -2.18 -1.00
C ALA G 240 84.79 -1.24 0.21
N GLN G 241 83.58 -1.04 0.71
CA GLN G 241 83.26 -0.06 1.76
C GLN G 241 83.29 -0.75 3.14
N PHE G 242 83.04 -2.06 3.15
CA PHE G 242 82.60 -2.84 4.32
C PHE G 242 83.18 -4.24 4.24
N PRO G 243 84.23 -4.59 5.02
CA PRO G 243 84.84 -5.90 4.92
C PRO G 243 83.78 -6.99 5.12
N GLU G 244 82.80 -6.67 5.97
CA GLU G 244 81.68 -7.60 6.29
C GLU G 244 80.95 -7.96 4.99
N VAL G 245 80.65 -6.99 4.14
CA VAL G 245 79.91 -7.24 2.87
C VAL G 245 80.84 -8.00 1.93
N ALA G 246 82.13 -7.68 1.96
CA ALA G 246 83.14 -8.41 1.17
C ALA G 246 83.10 -9.90 1.53
N VAL G 247 82.88 -10.23 2.81
CA VAL G 247 82.86 -11.66 3.24
C VAL G 247 81.75 -12.37 2.47
N PHE G 248 80.59 -11.69 2.45
CA PHE G 248 79.33 -12.02 1.75
C PHE G 248 79.58 -12.09 0.24
N ARG G 249 80.12 -11.04 -0.39
CA ARG G 249 80.31 -11.07 -1.86
C ARG G 249 81.18 -12.30 -2.16
N ASP G 250 82.30 -12.46 -1.41
CA ASP G 250 83.29 -13.57 -1.57
C ASP G 250 82.57 -14.94 -1.40
N SER G 251 81.61 -15.13 -0.50
CA SER G 251 80.89 -16.43 -0.42
C SER G 251 80.08 -16.69 -1.69
N ILE G 252 79.52 -15.68 -2.35
CA ILE G 252 78.71 -15.86 -3.57
C ILE G 252 79.63 -16.05 -4.80
N GLN G 253 80.78 -15.40 -4.82
CA GLN G 253 81.79 -15.59 -5.89
C GLN G 253 82.09 -17.08 -6.04
N SER G 254 82.50 -17.71 -4.96
CA SER G 254 83.25 -18.99 -5.02
C SER G 254 82.22 -20.11 -5.05
N ALA G 255 81.04 -19.80 -5.50
CA ALA G 255 79.96 -20.78 -5.55
C ALA G 255 79.64 -21.05 -7.00
N THR G 256 79.79 -19.99 -7.81
CA THR G 256 79.13 -19.77 -9.13
C THR G 256 80.24 -19.43 -10.16
N ARG G 257 80.96 -20.38 -10.77
CA ARG G 257 81.83 -20.00 -11.92
C ARG G 257 80.99 -19.99 -13.20
N GLY G 258 80.39 -21.13 -13.54
CA GLY G 258 79.45 -21.16 -14.67
C GLY G 258 80.17 -21.47 -15.96
N ILE G 259 79.44 -21.40 -17.07
CA ILE G 259 79.90 -21.92 -18.39
C ILE G 259 79.70 -20.83 -19.42
N THR G 260 80.54 -20.77 -20.43
CA THR G 260 80.43 -19.88 -21.59
C THR G 260 79.03 -20.02 -22.15
N ARG G 261 78.35 -18.89 -22.32
CA ARG G 261 76.91 -18.76 -22.74
C ARG G 261 76.93 -18.75 -24.26
N SER H 5 73.12 -60.00 43.07
CA SER H 5 73.90 -59.80 41.82
C SER H 5 72.94 -59.53 40.66
N LEU H 6 72.05 -58.57 40.91
CA LEU H 6 71.10 -57.95 39.97
C LEU H 6 71.83 -56.75 39.37
N ILE H 7 72.39 -55.94 40.28
CA ILE H 7 73.46 -54.94 39.98
C ILE H 7 74.72 -55.72 39.60
N ASP H 8 75.33 -55.38 38.48
CA ASP H 8 76.31 -56.24 37.79
C ASP H 8 77.71 -55.76 38.20
N PRO H 9 78.67 -56.67 38.43
CA PRO H 9 80.02 -56.26 38.82
C PRO H 9 80.68 -55.29 37.83
N ARG H 10 80.45 -55.49 36.53
CA ARG H 10 81.15 -54.73 35.46
C ARG H 10 80.57 -53.32 35.36
N ALA H 11 79.48 -52.98 36.09
CA ALA H 11 78.86 -51.63 36.11
C ALA H 11 79.59 -50.78 37.15
N ILE H 12 79.37 -49.46 37.17
CA ILE H 12 80.00 -48.53 38.17
C ILE H 12 78.88 -47.77 38.83
N ILE H 13 78.61 -48.06 40.11
CA ILE H 13 77.67 -47.29 40.99
C ILE H 13 78.52 -46.32 41.80
N ASP H 14 78.23 -45.03 41.70
CA ASP H 14 78.84 -44.00 42.56
C ASP H 14 78.24 -44.10 43.98
N PRO H 15 79.02 -43.87 45.07
CA PRO H 15 78.49 -44.02 46.44
C PRO H 15 77.24 -43.17 46.80
N SER H 16 77.00 -42.02 46.16
CA SER H 16 75.93 -41.05 46.54
C SER H 16 74.62 -41.43 45.83
N ALA H 17 74.67 -42.45 44.99
CA ALA H 17 73.47 -42.95 44.30
C ALA H 17 72.62 -43.80 45.26
N ARG H 18 71.32 -43.57 45.31
CA ARG H 18 70.34 -44.34 46.13
C ARG H 18 69.53 -45.20 45.18
N LEU H 19 69.61 -46.53 45.29
CA LEU H 19 68.92 -47.54 44.43
C LEU H 19 68.05 -48.43 45.32
N ALA H 20 66.72 -48.45 45.18
CA ALA H 20 65.84 -49.42 45.87
C ALA H 20 66.37 -50.85 45.59
N ALA H 21 66.20 -51.81 46.52
CA ALA H 21 66.95 -53.11 46.52
C ALA H 21 66.79 -53.83 45.14
N ASP H 22 65.57 -53.90 44.60
CA ASP H 22 65.20 -54.76 43.41
C ASP H 22 65.43 -54.02 42.08
N VAL H 23 66.27 -52.99 42.10
CA VAL H 23 66.84 -52.36 40.87
C VAL H 23 67.85 -53.32 40.23
N GLN H 24 67.84 -53.36 38.90
CA GLN H 24 68.84 -54.05 38.04
C GLN H 24 69.66 -53.02 37.27
N VAL H 25 70.95 -53.29 37.17
CA VAL H 25 71.89 -52.51 36.33
C VAL H 25 72.72 -53.54 35.57
N GLY H 26 72.85 -53.27 34.27
CA GLY H 26 73.52 -54.13 33.31
C GLY H 26 75.00 -53.79 33.27
N PRO H 27 75.77 -54.64 32.62
CA PRO H 27 77.21 -54.42 32.49
C PRO H 27 77.54 -53.06 31.84
N TRP H 28 78.64 -52.45 32.26
CA TRP H 28 79.24 -51.24 31.65
C TRP H 28 78.29 -50.05 31.78
N SER H 29 77.31 -50.14 32.66
CA SER H 29 76.46 -48.98 32.95
C SER H 29 77.13 -48.17 34.07
N ILE H 30 77.12 -46.84 33.95
CA ILE H 30 77.53 -45.88 35.03
C ILE H 30 76.25 -45.34 35.69
N VAL H 31 76.11 -45.41 37.00
CA VAL H 31 75.06 -44.67 37.74
C VAL H 31 75.78 -43.62 38.58
N GLY H 32 75.98 -42.41 38.02
CA GLY H 32 76.85 -41.34 38.57
C GLY H 32 76.38 -40.80 39.92
N ALA H 33 77.10 -39.81 40.46
CA ALA H 33 76.77 -39.19 41.76
C ALA H 33 75.33 -38.69 41.69
N GLU H 34 74.62 -38.68 42.83
CA GLU H 34 73.38 -37.86 42.97
C GLU H 34 72.22 -38.43 42.14
N VAL H 35 72.34 -39.67 41.67
CA VAL H 35 71.26 -40.36 40.93
C VAL H 35 70.45 -41.25 41.87
N GLU H 36 69.12 -41.20 41.74
CA GLU H 36 68.17 -41.95 42.59
C GLU H 36 67.27 -42.80 41.66
N ILE H 37 67.06 -44.07 41.98
CA ILE H 37 66.35 -45.02 41.09
C ILE H 37 65.31 -45.81 41.91
N GLY H 38 64.03 -45.76 41.51
CA GLY H 38 62.93 -46.41 42.23
C GLY H 38 62.85 -47.92 42.00
N GLU H 39 62.21 -48.61 42.97
CA GLU H 39 61.67 -50.01 42.92
C GLU H 39 61.40 -50.51 41.49
N GLY H 40 62.09 -51.57 41.04
CA GLY H 40 61.72 -52.39 39.85
C GLY H 40 62.23 -51.84 38.52
N THR H 41 62.85 -50.66 38.55
CA THR H 41 63.48 -50.06 37.38
C THR H 41 64.67 -50.91 36.96
N VAL H 42 64.70 -51.31 35.69
CA VAL H 42 65.74 -52.12 35.03
C VAL H 42 66.55 -51.19 34.13
N ILE H 43 67.83 -51.03 34.46
CA ILE H 43 68.83 -50.23 33.68
C ILE H 43 69.60 -51.25 32.83
N GLY H 44 69.56 -51.10 31.51
CA GLY H 44 70.26 -51.99 30.59
C GLY H 44 71.77 -51.81 30.74
N PRO H 45 72.55 -52.43 29.85
CA PRO H 45 73.98 -52.22 29.77
C PRO H 45 74.38 -50.93 29.02
N HIS H 46 75.64 -50.51 29.06
CA HIS H 46 76.08 -49.31 28.32
C HIS H 46 75.11 -48.12 28.51
N VAL H 47 74.49 -47.97 29.66
CA VAL H 47 73.70 -46.73 29.96
C VAL H 47 74.61 -45.81 30.77
N VAL H 48 74.45 -44.50 30.62
CA VAL H 48 75.15 -43.48 31.47
C VAL H 48 74.07 -42.63 32.12
N LEU H 49 73.90 -42.74 33.45
CA LEU H 49 73.07 -41.81 34.24
C LEU H 49 73.96 -40.75 34.92
N LYS H 50 73.51 -39.50 34.89
CA LYS H 50 74.19 -38.38 35.60
C LYS H 50 73.11 -37.62 36.40
N GLY H 51 73.53 -36.87 37.41
CA GLY H 51 72.63 -36.21 38.37
C GLY H 51 72.92 -34.72 38.50
N PRO H 52 72.22 -34.05 39.43
CA PRO H 52 71.20 -34.70 40.27
C PRO H 52 69.88 -35.11 39.54
N THR H 53 69.47 -36.38 39.67
CA THR H 53 68.34 -37.01 38.92
C THR H 53 67.57 -38.03 39.77
N LYS H 54 66.23 -37.89 39.85
CA LYS H 54 65.29 -38.87 40.47
C LYS H 54 64.63 -39.70 39.35
N ILE H 55 64.74 -41.04 39.41
CA ILE H 55 64.02 -42.00 38.53
C ILE H 55 63.06 -42.85 39.39
N GLY H 56 61.78 -42.84 39.05
CA GLY H 56 60.74 -43.60 39.77
C GLY H 56 60.84 -45.09 39.55
N LYS H 57 59.70 -45.76 39.60
CA LYS H 57 59.55 -47.23 39.69
C LYS H 57 59.20 -47.85 38.34
N HIS H 58 59.60 -49.09 38.11
CA HIS H 58 59.19 -49.87 36.91
C HIS H 58 59.58 -49.11 35.63
N ASN H 59 60.75 -48.47 35.62
CA ASN H 59 61.27 -47.83 34.38
C ASN H 59 62.16 -48.88 33.73
N ARG H 60 62.25 -48.91 32.41
CA ARG H 60 63.09 -49.89 31.66
C ARG H 60 63.90 -48.90 30.79
N ILE H 61 65.22 -48.77 31.00
CA ILE H 61 66.08 -47.84 30.21
C ILE H 61 67.07 -48.65 29.37
N TYR H 62 67.06 -48.50 28.06
CA TYR H 62 67.92 -49.29 27.15
C TYR H 62 69.31 -48.66 26.99
N GLN H 63 70.19 -49.47 26.43
CA GLN H 63 71.63 -49.18 26.20
C GLN H 63 71.84 -47.86 25.46
N PHE H 64 72.96 -47.20 25.72
CA PHE H 64 73.53 -46.13 24.87
C PHE H 64 72.79 -44.83 25.15
N SER H 65 71.82 -44.95 26.05
CA SER H 65 71.00 -43.84 26.57
C SER H 65 71.86 -43.07 27.56
N SER H 66 72.05 -41.78 27.32
CA SER H 66 72.77 -40.89 28.26
C SER H 66 71.72 -39.93 28.83
N VAL H 67 71.25 -40.31 30.00
CA VAL H 67 70.17 -39.67 30.80
C VAL H 67 70.76 -38.82 31.93
N GLY H 68 70.37 -37.56 31.98
CA GLY H 68 70.76 -36.70 33.11
C GLY H 68 72.01 -35.93 32.78
N GLU H 69 72.45 -35.87 31.52
CA GLU H 69 73.68 -35.08 31.20
C GLU H 69 73.37 -33.58 31.29
N ASP H 70 74.38 -32.73 31.36
CA ASP H 70 74.17 -31.27 31.20
C ASP H 70 73.66 -30.94 29.80
N THR H 71 72.89 -29.88 29.58
CA THR H 71 72.72 -29.42 28.19
C THR H 71 74.00 -28.71 27.79
N PRO H 72 74.46 -28.83 26.53
CA PRO H 72 75.49 -27.97 25.99
C PRO H 72 75.10 -26.55 25.63
N ASP H 73 73.80 -26.14 25.59
CA ASP H 73 73.41 -24.75 25.24
C ASP H 73 74.35 -23.84 26.04
N LEU H 74 75.02 -22.91 25.35
CA LEU H 74 76.08 -22.02 25.91
C LEU H 74 75.51 -21.23 27.09
N LYS H 75 74.18 -21.03 27.17
CA LYS H 75 73.47 -20.27 28.25
C LYS H 75 73.60 -20.98 29.61
N TYR H 76 73.84 -22.28 29.65
CA TYR H 76 73.99 -23.03 30.91
C TYR H 76 75.47 -23.12 31.28
N LYS H 77 75.99 -22.58 32.39
CA LYS H 77 77.42 -22.85 32.76
C LYS H 77 77.44 -23.55 34.13
N GLY H 78 76.82 -24.72 34.25
CA GLY H 78 77.15 -25.73 35.28
C GLY H 78 76.35 -25.59 36.58
N GLU H 79 75.37 -24.68 36.65
CA GLU H 79 74.49 -24.50 37.84
C GLU H 79 73.89 -25.86 38.20
N PRO H 80 73.53 -26.16 39.48
CA PRO H 80 73.09 -27.51 39.86
C PRO H 80 71.58 -27.61 39.51
N THR H 81 71.20 -28.50 38.60
CA THR H 81 69.81 -28.56 38.06
C THR H 81 69.35 -30.00 38.02
N ARG H 82 68.05 -30.23 38.06
CA ARG H 82 67.54 -31.61 38.20
C ARG H 82 66.98 -32.11 36.87
N LEU H 83 66.90 -33.43 36.78
CA LEU H 83 66.01 -34.22 35.91
C LEU H 83 65.15 -35.08 36.83
N VAL H 84 63.86 -35.21 36.53
CA VAL H 84 62.90 -36.07 37.29
C VAL H 84 62.13 -36.96 36.30
N ILE H 85 62.02 -38.23 36.65
CA ILE H 85 61.29 -39.25 35.87
C ILE H 85 60.36 -40.03 36.79
N GLY H 86 59.09 -40.09 36.38
CA GLY H 86 58.02 -40.83 37.06
C GLY H 86 58.21 -42.33 36.93
N ASP H 87 57.10 -43.03 36.83
CA ASP H 87 57.09 -44.50 36.96
C ASP H 87 56.62 -45.05 35.60
N HIS H 88 56.95 -46.32 35.31
CA HIS H 88 56.37 -47.13 34.20
C HIS H 88 56.76 -46.52 32.86
N ASN H 89 57.93 -45.89 32.78
CA ASN H 89 58.44 -45.35 31.50
C ASN H 89 59.32 -46.43 30.86
N VAL H 90 59.37 -46.34 29.54
CA VAL H 90 60.30 -47.13 28.68
C VAL H 90 61.10 -46.09 27.87
N ILE H 91 62.40 -46.06 28.10
CA ILE H 91 63.36 -45.21 27.37
C ILE H 91 64.26 -46.10 26.53
N ARG H 92 64.21 -45.97 25.22
CA ARG H 92 64.84 -46.96 24.28
C ARG H 92 66.28 -46.57 23.94
N GLU H 93 66.82 -47.23 22.90
CA GLU H 93 68.29 -47.31 22.71
C GLU H 93 68.75 -45.91 22.29
N GLY H 94 69.70 -45.38 23.02
CA GLY H 94 70.39 -44.14 22.60
C GLY H 94 69.61 -42.87 22.90
N VAL H 95 68.61 -42.92 23.78
CA VAL H 95 67.85 -41.70 24.13
C VAL H 95 68.77 -40.75 24.88
N THR H 96 68.70 -39.45 24.60
CA THR H 96 69.37 -38.37 25.38
C THR H 96 68.34 -37.55 26.14
N ILE H 97 68.51 -37.43 27.44
CA ILE H 97 67.67 -36.55 28.30
C ILE H 97 68.61 -35.66 29.10
N HIS H 98 68.42 -34.36 28.97
CA HIS H 98 69.28 -33.34 29.62
C HIS H 98 68.54 -32.78 30.84
N ARG H 99 69.30 -32.45 31.89
CA ARG H 99 68.77 -31.81 33.12
C ARG H 99 68.43 -30.36 32.77
N GLY H 100 67.68 -29.69 33.63
CA GLY H 100 67.17 -28.33 33.35
C GLY H 100 68.28 -27.28 33.35
N THR H 101 67.84 -26.03 33.22
CA THR H 101 68.66 -24.79 33.29
C THR H 101 68.02 -23.86 34.31
N VAL H 102 68.78 -22.96 34.94
CA VAL H 102 68.22 -22.14 36.05
C VAL H 102 67.34 -21.01 35.50
N GLN H 103 67.61 -20.58 34.27
CA GLN H 103 66.86 -19.53 33.53
C GLN H 103 65.37 -19.86 33.48
N ASP H 104 64.92 -21.03 33.94
CA ASP H 104 63.50 -21.48 33.85
C ASP H 104 63.06 -21.93 35.26
N ARG H 105 62.70 -23.20 35.43
CA ARG H 105 62.31 -23.79 36.74
C ARG H 105 63.37 -24.87 37.07
N ALA H 106 64.46 -24.97 36.33
CA ALA H 106 65.69 -25.68 36.76
C ALA H 106 65.50 -27.20 36.82
N GLU H 107 64.49 -27.71 36.11
CA GLU H 107 64.10 -29.15 36.16
C GLU H 107 63.55 -29.59 34.79
N THR H 108 64.18 -30.61 34.20
CA THR H 108 63.58 -31.44 33.13
C THR H 108 62.70 -32.50 33.77
N THR H 109 61.48 -32.70 33.25
CA THR H 109 60.41 -33.45 33.96
C THR H 109 59.73 -34.41 33.00
N ILE H 110 59.57 -35.63 33.44
CA ILE H 110 58.87 -36.71 32.72
C ILE H 110 57.93 -37.40 33.71
N GLY H 111 56.64 -37.49 33.37
CA GLY H 111 55.60 -38.19 34.15
C GLY H 111 55.73 -39.69 33.99
N ASP H 112 54.59 -40.37 33.80
CA ASP H 112 54.44 -41.83 33.99
C ASP H 112 54.00 -42.48 32.65
N HIS H 113 54.23 -43.78 32.46
CA HIS H 113 53.66 -44.59 31.34
C HIS H 113 54.02 -43.97 29.99
N ASN H 114 55.18 -43.33 29.88
CA ASN H 114 55.65 -42.80 28.58
C ASN H 114 56.51 -43.82 27.86
N LEU H 115 56.50 -43.73 26.55
CA LEU H 115 57.33 -44.56 25.67
C LEU H 115 58.20 -43.60 24.84
N ILE H 116 59.49 -43.57 25.11
CA ILE H 116 60.45 -42.72 24.36
C ILE H 116 61.36 -43.62 23.56
N MET H 117 61.26 -43.55 22.26
CA MET H 117 61.91 -44.57 21.43
C MET H 117 63.30 -44.07 21.06
N ALA H 118 63.98 -44.91 20.30
CA ALA H 118 65.45 -44.83 20.16
C ALA H 118 65.87 -43.47 19.64
N TYR H 119 66.90 -42.88 20.24
CA TYR H 119 67.67 -41.73 19.67
C TYR H 119 66.80 -40.51 19.85
N ALA H 120 65.71 -40.59 20.60
CA ALA H 120 64.89 -39.40 20.90
C ALA H 120 65.71 -38.45 21.75
N HIS H 121 65.44 -37.17 21.69
CA HIS H 121 66.21 -36.16 22.46
C HIS H 121 65.24 -35.35 23.32
N ILE H 122 65.30 -35.45 24.63
CA ILE H 122 64.46 -34.60 25.51
C ILE H 122 65.36 -33.52 26.08
N GLY H 123 65.29 -32.32 25.49
CA GLY H 123 66.17 -31.18 25.79
C GLY H 123 65.78 -30.53 27.12
N HIS H 124 66.73 -29.77 27.69
CA HIS H 124 66.57 -29.13 29.02
C HIS H 124 65.19 -28.51 29.23
N ASP H 125 64.55 -28.81 30.36
CA ASP H 125 63.41 -28.05 30.92
C ASP H 125 62.13 -28.48 30.22
N SER H 126 62.26 -29.42 29.30
CA SER H 126 61.11 -30.09 28.68
C SER H 126 60.31 -30.73 29.81
N VAL H 127 59.01 -30.91 29.58
CA VAL H 127 58.05 -31.47 30.56
C VAL H 127 57.07 -32.35 29.83
N ILE H 128 57.09 -33.61 30.14
CA ILE H 128 56.25 -34.64 29.49
C ILE H 128 55.32 -35.12 30.58
N GLY H 129 54.01 -35.09 30.33
CA GLY H 129 52.98 -35.66 31.22
C GLY H 129 53.05 -37.19 31.23
N ASN H 130 51.91 -37.83 31.04
CA ASN H 130 51.80 -39.31 30.98
C ASN H 130 51.21 -39.81 29.67
N HIS H 131 51.51 -41.08 29.37
CA HIS H 131 50.99 -41.89 28.23
C HIS H 131 51.48 -41.34 26.90
N CYS H 132 52.58 -40.59 26.92
CA CYS H 132 53.15 -39.99 25.68
C CYS H 132 53.98 -41.06 24.98
N ILE H 133 54.07 -40.95 23.68
CA ILE H 133 54.84 -41.83 22.77
C ILE H 133 55.63 -40.89 21.89
N LEU H 134 56.92 -40.84 22.08
CA LEU H 134 57.85 -40.07 21.24
C LEU H 134 58.54 -41.11 20.39
N VAL H 135 58.23 -41.13 19.10
CA VAL H 135 58.77 -42.17 18.19
C VAL H 135 60.24 -41.82 17.89
N ASN H 136 60.95 -42.72 17.22
CA ASN H 136 62.42 -42.61 17.06
C ASN H 136 62.79 -41.19 16.70
N ASN H 137 63.80 -40.65 17.36
CA ASN H 137 64.54 -39.47 16.85
C ASN H 137 63.72 -38.20 17.02
N THR H 138 62.57 -38.27 17.67
CA THR H 138 61.86 -37.08 18.16
C THR H 138 62.84 -36.21 18.95
N ALA H 139 62.85 -34.90 18.72
CA ALA H 139 63.79 -33.99 19.38
C ALA H 139 63.04 -32.79 19.99
N LEU H 140 63.06 -32.64 21.31
CA LEU H 140 62.49 -31.47 21.99
C LEU H 140 63.66 -30.52 22.27
N ALA H 141 63.67 -29.35 21.65
CA ALA H 141 64.84 -28.44 21.62
C ALA H 141 65.20 -27.98 23.03
N GLY H 142 64.14 -27.85 23.86
CA GLY H 142 64.20 -27.46 25.28
C GLY H 142 63.03 -26.56 25.67
N HIS H 143 62.63 -26.61 26.94
CA HIS H 143 61.48 -25.88 27.49
C HIS H 143 60.17 -26.32 26.83
N VAL H 144 60.12 -27.53 26.27
CA VAL H 144 58.93 -28.05 25.55
C VAL H 144 57.99 -28.75 26.49
N HIS H 145 56.71 -28.42 26.44
CA HIS H 145 55.67 -29.00 27.34
C HIS H 145 54.83 -29.94 26.48
N VAL H 146 54.89 -31.23 26.75
CA VAL H 146 54.14 -32.29 26.03
C VAL H 146 53.10 -32.85 26.99
N ASP H 147 51.84 -32.49 26.76
CA ASP H 147 50.68 -32.87 27.62
C ASP H 147 50.27 -34.32 27.26
N ASP H 148 49.34 -34.89 28.02
CA ASP H 148 49.19 -36.36 28.08
C ASP H 148 48.70 -36.90 26.74
N TRP H 149 49.04 -38.18 26.50
CA TRP H 149 48.59 -39.04 25.36
C TRP H 149 49.12 -38.51 24.04
N ALA H 150 50.04 -37.56 24.04
CA ALA H 150 50.51 -37.00 22.76
C ALA H 150 51.34 -38.08 22.08
N ILE H 151 51.29 -38.09 20.76
CA ILE H 151 52.15 -38.94 19.92
C ILE H 151 52.92 -38.02 18.98
N LEU H 152 54.25 -38.11 19.05
CA LEU H 152 55.17 -37.51 18.08
C LEU H 152 55.79 -38.62 17.24
N SER H 153 55.47 -38.62 15.96
CA SER H 153 55.94 -39.64 15.00
C SER H 153 57.45 -39.43 14.83
N GLY H 154 58.11 -40.36 14.17
CA GLY H 154 59.57 -40.38 14.00
C GLY H 154 60.12 -39.09 13.49
N TYR H 155 61.24 -38.66 14.05
CA TYR H 155 61.99 -37.52 13.49
C TYR H 155 61.12 -36.26 13.53
N THR H 156 60.23 -36.16 14.53
CA THR H 156 59.48 -34.93 14.88
C THR H 156 60.40 -34.00 15.68
N LEU H 157 60.55 -32.77 15.19
CA LEU H 157 61.37 -31.73 15.84
C LEU H 157 60.46 -30.62 16.36
N VAL H 158 60.75 -30.14 17.57
CA VAL H 158 59.88 -29.18 18.33
C VAL H 158 60.77 -28.04 18.80
N HIS H 159 60.54 -26.82 18.29
CA HIS H 159 61.24 -25.54 18.62
C HIS H 159 61.16 -25.30 20.13
N GLN H 160 62.14 -24.58 20.69
CA GLN H 160 62.17 -24.13 22.12
C GLN H 160 60.74 -23.71 22.50
N TYR H 161 60.24 -24.06 23.68
CA TYR H 161 59.08 -23.42 24.38
C TYR H 161 57.70 -23.81 23.85
N CYS H 162 57.59 -24.63 22.81
CA CYS H 162 56.30 -25.09 22.23
C CYS H 162 55.58 -26.04 23.20
N ARG H 163 54.27 -25.98 23.21
CA ARG H 163 53.46 -26.91 24.00
C ARG H 163 52.72 -27.79 23.02
N ILE H 164 52.88 -29.09 23.22
CA ILE H 164 52.19 -30.13 22.45
C ILE H 164 50.95 -30.49 23.27
N GLY H 165 49.75 -30.31 22.69
CA GLY H 165 48.48 -30.52 23.41
C GLY H 165 48.24 -31.98 23.80
N ALA H 166 47.37 -32.17 24.79
CA ALA H 166 46.91 -33.54 25.14
C ALA H 166 46.33 -34.18 23.89
N HIS H 167 46.68 -35.43 23.63
CA HIS H 167 46.11 -36.25 22.53
C HIS H 167 46.44 -35.67 21.16
N SER H 168 47.25 -34.63 21.08
CA SER H 168 47.70 -34.10 19.77
C SER H 168 48.58 -35.18 19.10
N PHE H 169 48.74 -35.12 17.77
CA PHE H 169 49.48 -36.12 16.96
C PHE H 169 50.31 -35.40 15.91
N SER H 170 51.56 -35.84 15.73
CA SER H 170 52.47 -35.27 14.71
C SER H 170 52.92 -36.38 13.75
N GLY H 171 52.79 -36.06 12.47
CA GLY H 171 53.28 -36.89 11.39
C GLY H 171 54.78 -37.00 11.41
N MET H 172 55.31 -37.98 10.73
CA MET H 172 56.75 -38.20 10.74
C MET H 172 57.38 -37.05 10.02
N GLY H 173 58.58 -36.70 10.46
CA GLY H 173 59.34 -35.56 9.92
C GLY H 173 58.74 -34.20 10.27
N SER H 174 57.74 -34.07 11.14
CA SER H 174 57.12 -32.73 11.36
C SER H 174 58.14 -31.84 12.05
N ALA H 175 58.06 -30.55 11.73
CA ALA H 175 58.96 -29.51 12.26
C ALA H 175 58.07 -28.46 12.91
N ILE H 176 57.88 -28.59 14.20
CA ILE H 176 56.82 -27.86 14.91
C ILE H 176 57.42 -26.58 15.44
N GLY H 177 57.04 -25.43 14.90
CA GLY H 177 57.51 -24.11 15.35
C GLY H 177 56.59 -23.45 16.36
N LYS H 178 55.39 -23.93 16.54
CA LYS H 178 54.37 -23.17 17.29
C LYS H 178 53.56 -24.17 18.09
N ASP H 179 52.67 -23.76 18.97
CA ASP H 179 51.92 -24.74 19.79
C ASP H 179 51.03 -25.65 18.96
N VAL H 180 50.85 -26.84 19.48
CA VAL H 180 49.90 -27.79 18.88
C VAL H 180 48.77 -27.91 19.85
N PRO H 181 47.59 -27.43 19.47
CA PRO H 181 46.42 -27.53 20.33
C PRO H 181 46.13 -29.00 20.59
N ALA H 182 45.46 -29.26 21.70
CA ALA H 182 45.10 -30.62 22.10
C ALA H 182 44.24 -31.24 21.00
N TYR H 183 44.47 -32.52 20.72
CA TYR H 183 43.78 -33.36 19.72
C TYR H 183 44.22 -33.02 18.30
N VAL H 184 44.94 -31.93 18.04
CA VAL H 184 45.20 -31.58 16.62
C VAL H 184 46.24 -32.53 16.03
N THR H 185 46.17 -32.83 14.75
CA THR H 185 47.22 -33.58 14.03
C THR H 185 47.92 -32.62 13.09
N VAL H 186 49.24 -32.65 13.10
CA VAL H 186 50.10 -31.68 12.36
C VAL H 186 51.15 -32.47 11.55
N PHE H 187 51.55 -31.93 10.42
CA PHE H 187 52.30 -32.61 9.35
C PHE H 187 53.19 -31.55 8.71
N GLY H 188 54.46 -31.87 8.55
CA GLY H 188 55.26 -31.18 7.54
C GLY H 188 56.23 -30.21 8.15
N ASN H 189 57.08 -29.68 7.30
CA ASN H 189 58.12 -28.72 7.67
C ASN H 189 57.90 -27.51 6.78
N PRO H 190 57.30 -26.44 7.33
CA PRO H 190 56.81 -26.44 8.72
C PRO H 190 55.44 -27.07 9.00
N ALA H 191 55.27 -27.55 10.22
CA ALA H 191 54.08 -28.27 10.68
C ALA H 191 52.84 -27.45 10.37
N GLU H 192 51.81 -28.09 9.84
CA GLU H 192 50.50 -27.49 9.53
C GLU H 192 49.39 -28.41 10.10
N ALA H 193 48.32 -27.82 10.57
CA ALA H 193 47.21 -28.57 11.16
C ALA H 193 46.46 -29.18 10.00
N ARG H 194 46.06 -30.45 10.12
CA ARG H 194 45.30 -31.17 9.08
C ARG H 194 43.93 -31.55 9.63
N SER H 195 43.87 -32.12 10.82
CA SER H 195 42.62 -32.66 11.41
C SER H 195 42.73 -32.83 12.93
N MET H 196 41.88 -33.66 13.49
CA MET H 196 41.95 -34.03 14.91
C MET H 196 42.25 -35.52 14.98
N ASN H 197 42.90 -35.93 16.05
CA ASN H 197 43.37 -37.31 16.27
C ASN H 197 42.19 -38.13 16.71
N PHE H 198 41.18 -38.27 15.87
CA PHE H 198 39.99 -39.08 16.17
C PHE H 198 40.41 -40.48 16.64
N GLU H 199 41.44 -41.05 16.02
CA GLU H 199 41.86 -42.42 16.38
C GLU H 199 42.07 -42.48 17.90
N GLY H 200 42.85 -41.52 18.38
CA GLY H 200 43.10 -41.31 19.81
C GLY H 200 41.83 -41.15 20.58
N MET H 201 40.85 -40.41 20.07
CA MET H 201 39.58 -40.17 20.78
C MET H 201 38.88 -41.52 20.97
N ARG H 202 38.82 -42.39 19.95
CA ARG H 202 38.25 -43.76 20.07
C ARG H 202 38.98 -44.46 21.22
N ARG H 203 40.32 -44.61 21.13
CA ARG H 203 41.12 -45.40 22.11
C ARG H 203 40.72 -44.94 23.53
N ARG H 204 40.42 -43.67 23.79
CA ARG H 204 40.03 -43.17 25.15
C ARG H 204 38.54 -43.40 25.45
N GLY H 205 37.74 -44.02 24.55
CA GLY H 205 36.25 -44.16 24.64
C GLY H 205 35.50 -42.84 24.85
N PHE H 206 35.87 -41.81 24.10
CA PHE H 206 35.15 -40.52 23.97
C PHE H 206 33.76 -40.82 23.42
N SER H 207 32.77 -40.10 23.90
CA SER H 207 31.39 -40.24 23.40
C SER H 207 31.44 -39.86 21.94
N SER H 208 30.53 -40.38 21.14
CA SER H 208 30.42 -39.97 19.75
C SER H 208 30.02 -38.48 19.72
N GLU H 209 29.19 -38.02 20.66
CA GLU H 209 28.75 -36.59 20.81
C GLU H 209 29.97 -35.65 20.88
N ALA H 210 31.01 -36.12 21.58
CA ALA H 210 32.20 -35.33 21.97
C ALA H 210 33.18 -35.33 20.82
N ILE H 211 33.34 -36.48 20.18
CA ILE H 211 34.17 -36.59 18.94
C ILE H 211 33.61 -35.58 17.93
N HIS H 212 32.30 -35.54 17.78
CA HIS H 212 31.65 -34.59 16.85
C HIS H 212 31.87 -33.14 17.31
N ALA H 213 31.91 -32.87 18.61
CA ALA H 213 32.04 -31.49 19.08
C ALA H 213 33.48 -30.99 18.80
N LEU H 214 34.47 -31.89 18.84
CA LEU H 214 35.88 -31.52 18.59
C LEU H 214 36.07 -31.36 17.09
N ARG H 215 35.30 -32.08 16.31
CA ARG H 215 35.35 -31.88 14.84
C ARG H 215 34.81 -30.48 14.56
N ARG H 216 33.69 -30.07 15.18
CA ARG H 216 33.12 -28.72 14.92
C ARG H 216 34.10 -27.69 15.47
N ALA H 217 34.80 -28.00 16.56
CA ALA H 217 35.73 -27.06 17.22
C ALA H 217 36.89 -26.83 16.26
N TYR H 218 37.33 -27.90 15.62
CA TYR H 218 38.49 -27.84 14.71
C TYR H 218 38.10 -26.88 13.58
N LYS H 219 36.88 -27.05 13.09
CA LYS H 219 36.36 -26.21 12.00
C LYS H 219 36.34 -24.74 12.45
N VAL H 220 35.90 -24.46 13.65
CA VAL H 220 35.78 -23.06 14.12
C VAL H 220 37.14 -22.37 14.06
N VAL H 221 38.17 -23.04 14.56
CA VAL H 221 39.54 -22.49 14.70
C VAL H 221 40.22 -22.47 13.34
N TYR H 222 40.04 -23.50 12.54
CA TYR H 222 40.93 -23.74 11.37
C TYR H 222 40.21 -23.46 10.05
N ARG H 223 38.90 -23.63 9.91
CA ARG H 223 38.28 -23.79 8.57
C ARG H 223 37.21 -22.73 8.32
N GLN H 224 36.98 -21.75 9.18
CA GLN H 224 35.88 -20.76 8.98
C GLN H 224 36.45 -19.34 8.92
N GLY H 225 37.77 -19.20 8.74
CA GLY H 225 38.51 -17.94 8.70
C GLY H 225 38.19 -17.03 9.86
N HIS H 226 37.81 -17.57 11.03
CA HIS H 226 37.83 -16.84 12.32
C HIS H 226 39.28 -16.49 12.65
N THR H 227 39.56 -15.36 13.27
CA THR H 227 40.84 -15.10 13.98
C THR H 227 40.81 -15.92 15.27
N VAL H 228 41.93 -15.97 15.99
CA VAL H 228 41.98 -16.79 17.23
C VAL H 228 41.02 -16.22 18.28
N GLU H 229 40.92 -14.88 18.40
CA GLU H 229 40.10 -14.24 19.48
C GLU H 229 38.65 -14.61 19.09
N GLU H 230 38.32 -14.62 17.78
CA GLU H 230 36.93 -14.93 17.29
C GLU H 230 36.61 -16.41 17.58
N ALA H 231 37.54 -17.29 17.27
CA ALA H 231 37.39 -18.74 17.48
C ALA H 231 37.14 -19.03 18.94
N LEU H 232 38.02 -18.50 19.79
CA LEU H 232 37.92 -18.69 21.26
C LEU H 232 36.54 -18.29 21.76
N ALA H 233 36.07 -17.17 21.24
CA ALA H 233 34.75 -16.63 21.61
C ALA H 233 33.69 -17.65 21.19
N GLU H 234 33.69 -18.07 19.92
CA GLU H 234 32.73 -19.06 19.37
C GLU H 234 32.81 -20.35 20.19
N LEU H 235 34.01 -20.83 20.56
CA LEU H 235 34.13 -22.14 21.25
C LEU H 235 33.51 -22.13 22.64
N ALA H 236 33.27 -20.98 23.22
CA ALA H 236 32.83 -20.93 24.63
C ALA H 236 31.64 -21.85 24.92
N GLU H 237 30.62 -21.95 24.06
CA GLU H 237 29.40 -22.77 24.32
C GLU H 237 29.84 -24.25 24.45
N SER H 238 30.42 -24.76 23.39
CA SER H 238 30.93 -26.14 23.18
C SER H 238 31.75 -26.48 24.42
N ALA H 239 32.57 -25.51 24.86
CA ALA H 239 33.55 -25.71 25.92
C ALA H 239 32.82 -25.89 27.26
N ALA H 240 31.73 -25.21 27.47
CA ALA H 240 30.94 -25.38 28.70
C ALA H 240 30.23 -26.73 28.67
N GLN H 241 30.01 -27.31 27.49
CA GLN H 241 29.13 -28.50 27.39
C GLN H 241 29.96 -29.79 27.41
N PHE H 242 31.18 -29.70 26.86
CA PHE H 242 32.09 -30.84 26.64
C PHE H 242 33.45 -30.55 27.29
N PRO H 243 33.82 -31.25 28.39
CA PRO H 243 35.15 -31.09 28.99
C PRO H 243 36.25 -31.29 27.95
N GLU H 244 36.03 -32.24 27.04
CA GLU H 244 36.99 -32.51 25.94
C GLU H 244 37.23 -31.21 25.16
N VAL H 245 36.18 -30.49 24.77
CA VAL H 245 36.36 -29.23 24.01
C VAL H 245 37.06 -28.20 24.90
N ALA H 246 36.78 -28.17 26.17
CA ALA H 246 37.41 -27.18 27.07
C ALA H 246 38.94 -27.40 27.07
N VAL H 247 39.39 -28.66 27.04
CA VAL H 247 40.85 -29.00 26.93
C VAL H 247 41.42 -28.36 25.63
N PHE H 248 40.70 -28.51 24.51
CA PHE H 248 41.01 -27.87 23.20
C PHE H 248 41.02 -26.34 23.34
N ARG H 249 39.95 -25.72 23.88
CA ARG H 249 39.84 -24.23 23.98
C ARG H 249 41.00 -23.76 24.88
N ASP H 250 41.24 -24.43 26.01
CA ASP H 250 42.31 -24.05 26.98
C ASP H 250 43.67 -24.21 26.28
N SER H 251 43.88 -25.21 25.44
CA SER H 251 45.22 -25.36 24.80
C SER H 251 45.49 -24.18 23.88
N ILE H 252 44.47 -23.67 23.19
CA ILE H 252 44.57 -22.49 22.28
C ILE H 252 44.67 -21.20 23.09
N GLN H 253 44.02 -21.09 24.24
CA GLN H 253 44.09 -19.88 25.06
C GLN H 253 45.56 -19.59 25.42
N SER H 254 46.30 -20.54 25.99
CA SER H 254 47.67 -20.28 26.52
C SER H 254 48.72 -20.25 25.41
N ALA H 255 48.37 -19.86 24.19
CA ALA H 255 49.37 -19.63 23.15
C ALA H 255 49.22 -18.20 22.62
N THR H 256 48.04 -17.59 22.82
CA THR H 256 47.79 -16.13 22.63
C THR H 256 47.70 -15.44 23.99
N ARG H 257 48.57 -14.48 24.27
CA ARG H 257 48.06 -13.24 24.90
C ARG H 257 47.91 -12.24 23.75
N GLY H 258 49.03 -11.84 23.18
CA GLY H 258 49.06 -10.88 22.08
C GLY H 258 49.42 -9.54 22.65
N ILE H 259 49.24 -8.51 21.85
CA ILE H 259 49.66 -7.15 22.24
C ILE H 259 48.50 -6.21 21.98
N THR H 260 48.29 -5.24 22.86
CA THR H 260 47.35 -4.13 22.68
C THR H 260 47.55 -3.61 21.26
N ARG H 261 46.57 -3.83 20.36
CA ARG H 261 46.57 -3.25 18.99
C ARG H 261 46.13 -1.80 19.19
N SER I 5 93.35 -63.22 20.25
CA SER I 5 92.19 -64.19 20.43
C SER I 5 90.91 -63.67 19.71
N LEU I 6 90.19 -64.53 18.96
CA LEU I 6 89.15 -64.09 17.99
C LEU I 6 87.91 -63.49 18.68
N ILE I 7 87.49 -64.07 19.80
CA ILE I 7 86.36 -63.56 20.63
C ILE I 7 86.96 -62.86 21.84
N ASP I 8 86.55 -61.62 22.11
CA ASP I 8 87.18 -60.86 23.21
C ASP I 8 86.74 -61.50 24.53
N PRO I 9 87.67 -61.69 25.49
CA PRO I 9 87.26 -62.14 26.84
C PRO I 9 86.23 -61.13 27.39
N ARG I 10 86.41 -59.82 27.15
CA ARG I 10 85.61 -58.74 27.84
C ARG I 10 84.13 -58.78 27.37
N ALA I 11 83.86 -59.43 26.22
CA ALA I 11 82.53 -59.67 25.61
C ALA I 11 81.80 -60.78 26.33
N ILE I 12 80.48 -60.72 26.40
CA ILE I 12 79.57 -61.77 26.96
C ILE I 12 78.97 -62.57 25.81
N ILE I 13 79.20 -63.88 25.75
CA ILE I 13 78.55 -64.83 24.79
C ILE I 13 77.57 -65.71 25.56
N ASP I 14 76.31 -65.71 25.17
CA ASP I 14 75.35 -66.63 25.80
C ASP I 14 75.80 -68.06 25.47
N PRO I 15 75.71 -69.02 26.42
CA PRO I 15 75.99 -70.42 26.10
C PRO I 15 75.21 -70.88 24.86
N SER I 16 73.95 -70.46 24.70
CA SER I 16 72.98 -70.95 23.66
C SER I 16 73.25 -70.27 22.29
N ALA I 17 74.12 -69.27 22.24
CA ALA I 17 74.52 -68.62 20.98
C ALA I 17 75.41 -69.58 20.20
N ARG I 18 75.27 -69.64 18.88
CA ARG I 18 76.06 -70.53 17.97
C ARG I 18 76.82 -69.67 16.94
N LEU I 19 78.13 -69.51 17.14
CA LEU I 19 79.07 -68.75 16.25
C LEU I 19 79.96 -69.72 15.47
N ALA I 20 80.01 -69.69 14.13
CA ALA I 20 80.98 -70.49 13.34
C ALA I 20 82.41 -70.09 13.75
N ALA I 21 83.43 -70.85 13.33
CA ALA I 21 84.78 -70.86 13.96
C ALA I 21 85.45 -69.45 13.92
N ASP I 22 85.62 -68.81 12.74
CA ASP I 22 86.42 -67.54 12.65
C ASP I 22 85.61 -66.30 13.06
N VAL I 23 84.39 -66.45 13.56
CA VAL I 23 83.63 -65.25 14.02
C VAL I 23 84.50 -64.49 15.03
N GLN I 24 84.51 -63.17 14.87
CA GLN I 24 85.16 -62.18 15.76
C GLN I 24 84.11 -61.36 16.52
N VAL I 25 84.14 -61.37 17.84
CA VAL I 25 83.36 -60.38 18.64
C VAL I 25 84.37 -59.47 19.32
N GLY I 26 84.10 -58.18 19.32
CA GLY I 26 84.95 -57.17 19.98
C GLY I 26 84.63 -57.06 21.50
N PRO I 27 85.48 -56.31 22.21
CA PRO I 27 85.25 -56.06 23.65
C PRO I 27 83.87 -55.45 24.01
N TRP I 28 83.27 -55.90 25.11
CA TRP I 28 82.01 -55.34 25.66
C TRP I 28 80.84 -55.49 24.70
N SER I 29 80.86 -56.49 23.86
CA SER I 29 79.70 -56.81 23.00
C SER I 29 78.93 -57.94 23.67
N ILE I 30 77.62 -58.00 23.49
CA ILE I 30 76.75 -59.07 24.06
C ILE I 30 76.22 -59.88 22.89
N VAL I 31 76.30 -61.21 22.93
CA VAL I 31 75.61 -62.13 21.98
C VAL I 31 74.59 -62.95 22.79
N GLY I 32 73.31 -62.59 22.70
CA GLY I 32 72.24 -63.14 23.56
C GLY I 32 71.84 -64.54 23.16
N ALA I 33 70.97 -65.14 23.97
CA ALA I 33 70.45 -66.50 23.68
C ALA I 33 69.89 -66.48 22.25
N GLU I 34 69.89 -67.64 21.60
CA GLU I 34 69.25 -67.86 20.28
C GLU I 34 69.82 -66.83 19.29
N VAL I 35 71.04 -66.35 19.48
CA VAL I 35 71.71 -65.63 18.38
C VAL I 35 72.67 -66.58 17.68
N GLU I 36 72.64 -66.59 16.36
CA GLU I 36 73.45 -67.49 15.51
C GLU I 36 74.24 -66.62 14.52
N ILE I 37 75.58 -66.71 14.48
CA ILE I 37 76.45 -65.82 13.63
C ILE I 37 77.29 -66.68 12.68
N GLY I 38 77.27 -66.35 11.41
CA GLY I 38 77.87 -67.17 10.32
C GLY I 38 79.36 -66.96 10.12
N GLU I 39 79.98 -67.89 9.38
CA GLU I 39 81.43 -67.91 9.07
C GLU I 39 81.90 -66.49 8.65
N GLY I 40 82.93 -65.94 9.29
CA GLY I 40 83.73 -64.80 8.76
C GLY I 40 83.14 -63.46 9.13
N THR I 41 82.02 -63.47 9.83
CA THR I 41 81.34 -62.25 10.32
C THR I 41 82.20 -61.61 11.42
N VAL I 42 82.21 -60.29 11.49
CA VAL I 42 82.99 -59.52 12.49
C VAL I 42 82.07 -58.57 13.26
N ILE I 43 81.85 -58.83 14.54
CA ILE I 43 81.14 -57.92 15.48
C ILE I 43 82.19 -57.01 16.10
N GLY I 44 82.08 -55.71 15.88
CA GLY I 44 82.98 -54.72 16.50
C GLY I 44 82.75 -54.68 18.00
N PRO I 45 83.32 -53.67 18.68
CA PRO I 45 83.14 -53.51 20.12
C PRO I 45 81.76 -52.91 20.40
N HIS I 46 81.28 -52.96 21.63
CA HIS I 46 80.03 -52.28 22.06
C HIS I 46 78.80 -52.63 21.19
N VAL I 47 78.60 -53.87 20.81
CA VAL I 47 77.40 -54.29 20.06
C VAL I 47 76.46 -55.06 20.99
N VAL I 48 75.17 -54.94 20.79
CA VAL I 48 74.18 -55.79 21.50
C VAL I 48 73.46 -56.57 20.43
N LEU I 49 73.45 -57.88 20.58
CA LEU I 49 72.70 -58.80 19.70
C LEU I 49 71.68 -59.48 20.59
N LYS I 50 70.42 -59.52 20.12
CA LYS I 50 69.34 -60.29 20.78
C LYS I 50 68.71 -61.17 19.70
N GLY I 51 68.18 -62.31 20.15
CA GLY I 51 67.59 -63.36 19.29
C GLY I 51 66.14 -63.53 19.67
N PRO I 52 65.45 -64.51 19.05
CA PRO I 52 66.04 -65.34 17.99
C PRO I 52 66.40 -64.61 16.68
N THR I 53 67.68 -64.61 16.38
CA THR I 53 68.30 -63.88 15.25
C THR I 53 69.32 -64.78 14.57
N LYS I 54 69.27 -64.84 13.27
CA LYS I 54 70.15 -65.62 12.36
C LYS I 54 70.97 -64.61 11.52
N ILE I 55 72.29 -64.53 11.71
CA ILE I 55 73.19 -63.66 10.92
C ILE I 55 74.09 -64.51 10.04
N GLY I 56 74.25 -64.16 8.77
CA GLY I 56 74.97 -64.99 7.78
C GLY I 56 76.48 -64.80 7.85
N LYS I 57 77.11 -64.92 6.67
CA LYS I 57 78.58 -64.96 6.46
C LYS I 57 79.15 -63.59 6.04
N HIS I 58 80.38 -63.28 6.44
CA HIS I 58 81.17 -62.07 6.05
C HIS I 58 80.39 -60.77 6.26
N ASN I 59 79.64 -60.68 7.36
CA ASN I 59 78.96 -59.46 7.85
C ASN I 59 79.96 -58.65 8.68
N ARG I 60 79.83 -57.33 8.71
CA ARG I 60 80.68 -56.40 9.51
C ARG I 60 79.63 -55.56 10.27
N ILE I 61 79.58 -55.65 11.59
CA ILE I 61 78.59 -54.90 12.41
C ILE I 61 79.35 -54.06 13.42
N TYR I 62 79.20 -52.74 13.29
CA TYR I 62 80.01 -51.73 14.02
C TYR I 62 79.34 -51.39 15.36
N GLN I 63 80.08 -50.57 16.12
CA GLN I 63 79.85 -50.31 17.57
C GLN I 63 78.48 -49.70 17.75
N PHE I 64 77.85 -49.95 18.89
CA PHE I 64 76.65 -49.25 19.42
C PHE I 64 75.37 -49.60 18.64
N SER I 65 75.45 -50.60 17.78
CA SER I 65 74.31 -51.18 17.04
C SER I 65 73.49 -52.01 18.01
N SER I 66 72.17 -51.93 17.96
CA SER I 66 71.33 -52.88 18.71
C SER I 66 70.65 -53.75 17.66
N VAL I 67 71.15 -54.96 17.42
CA VAL I 67 70.62 -55.85 16.36
C VAL I 67 69.84 -56.99 16.99
N GLY I 68 68.53 -57.00 16.74
CA GLY I 68 67.61 -58.06 17.17
C GLY I 68 66.80 -57.69 18.41
N GLU I 69 66.71 -56.41 18.79
CA GLU I 69 65.92 -56.07 20.00
C GLU I 69 64.45 -56.23 19.59
N ASP I 70 63.58 -56.38 20.60
CA ASP I 70 62.11 -56.25 20.45
C ASP I 70 61.75 -54.90 19.82
N THR I 71 60.63 -54.80 19.13
CA THR I 71 60.09 -53.47 18.81
C THR I 71 59.45 -52.93 20.08
N PRO I 72 59.54 -51.62 20.31
CA PRO I 72 58.77 -50.97 21.38
C PRO I 72 57.28 -50.80 21.04
N ASP I 73 56.99 -50.93 19.76
CA ASP I 73 55.63 -50.81 19.18
C ASP I 73 54.66 -51.68 19.99
N LEU I 74 53.54 -51.11 20.42
CA LEU I 74 52.73 -51.61 21.57
C LEU I 74 51.94 -52.86 21.16
N LYS I 75 51.72 -53.10 19.86
CA LYS I 75 51.00 -54.30 19.36
C LYS I 75 51.91 -55.52 19.51
N TYR I 76 53.22 -55.35 19.53
CA TYR I 76 54.13 -56.48 19.86
C TYR I 76 53.98 -56.83 21.32
N LYS I 77 53.66 -58.10 21.62
CA LYS I 77 53.34 -58.58 23.00
C LYS I 77 54.26 -59.76 23.39
N GLY I 78 55.56 -59.65 23.14
CA GLY I 78 56.60 -60.56 23.68
C GLY I 78 56.66 -61.92 22.98
N GLU I 79 55.96 -62.13 21.87
CA GLU I 79 55.90 -63.42 21.11
C GLU I 79 57.29 -63.75 20.53
N PRO I 80 57.61 -65.05 20.20
CA PRO I 80 58.98 -65.44 19.80
C PRO I 80 59.38 -65.21 18.32
N THR I 81 59.29 -63.98 17.82
CA THR I 81 59.61 -63.54 16.43
C THR I 81 61.11 -63.50 16.11
N ARG I 82 61.48 -63.47 14.84
CA ARG I 82 62.89 -63.66 14.37
C ARG I 82 63.42 -62.39 13.67
N LEU I 83 64.75 -62.29 13.54
CA LEU I 83 65.46 -61.42 12.57
C LEU I 83 66.38 -62.34 11.79
N VAL I 84 66.49 -62.13 10.48
CA VAL I 84 67.48 -62.87 9.63
C VAL I 84 68.28 -61.86 8.81
N ILE I 85 69.60 -61.99 8.82
CA ILE I 85 70.53 -61.16 8.00
C ILE I 85 71.33 -62.09 7.10
N GLY I 86 71.40 -61.77 5.80
CA GLY I 86 72.12 -62.56 4.79
C GLY I 86 73.63 -62.46 4.97
N ASP I 87 74.34 -62.41 3.84
CA ASP I 87 75.82 -62.48 3.78
C ASP I 87 76.35 -61.14 3.29
N HIS I 88 77.57 -60.77 3.66
CA HIS I 88 78.33 -59.58 3.15
C HIS I 88 77.60 -58.27 3.43
N ASN I 89 76.86 -58.15 4.51
CA ASN I 89 76.25 -56.86 4.89
C ASN I 89 77.25 -56.10 5.76
N VAL I 90 77.24 -54.77 5.63
CA VAL I 90 77.90 -53.80 6.55
C VAL I 90 76.81 -53.04 7.31
N ILE I 91 76.77 -53.20 8.62
CA ILE I 91 75.84 -52.48 9.53
C ILE I 91 76.68 -51.51 10.35
N ARG I 92 76.49 -50.23 10.18
CA ARG I 92 77.40 -49.20 10.72
C ARG I 92 77.04 -48.81 12.14
N GLU I 93 77.73 -47.77 12.61
CA GLU I 93 77.71 -47.35 14.02
C GLU I 93 76.26 -46.98 14.39
N GLY I 94 75.72 -47.62 15.42
CA GLY I 94 74.50 -47.11 16.09
C GLY I 94 73.22 -47.57 15.41
N VAL I 95 73.31 -48.49 14.45
CA VAL I 95 72.11 -48.96 13.73
C VAL I 95 71.25 -49.82 14.64
N THR I 96 69.93 -49.66 14.55
CA THR I 96 68.94 -50.45 15.29
C THR I 96 68.12 -51.26 14.30
N ILE I 97 68.03 -52.56 14.50
CA ILE I 97 67.22 -53.47 13.64
C ILE I 97 66.36 -54.23 14.60
N HIS I 98 65.06 -54.30 14.42
CA HIS I 98 64.17 -55.05 15.36
C HIS I 98 63.64 -56.31 14.67
N ARG I 99 63.41 -57.34 15.48
CA ARG I 99 62.74 -58.58 15.03
C ARG I 99 61.27 -58.28 14.75
N GLY I 100 60.61 -59.23 14.12
CA GLY I 100 59.26 -59.09 13.56
C GLY I 100 58.23 -59.07 14.64
N THR I 101 56.97 -59.14 14.20
CA THR I 101 55.71 -59.19 14.99
C THR I 101 54.87 -60.34 14.45
N VAL I 102 53.92 -60.89 15.25
CA VAL I 102 53.14 -62.11 14.84
C VAL I 102 52.12 -61.75 13.77
N GLN I 103 51.70 -60.49 13.72
CA GLN I 103 50.64 -59.96 12.84
C GLN I 103 51.03 -60.06 11.37
N ASP I 104 52.31 -59.93 11.06
CA ASP I 104 52.83 -60.00 9.68
C ASP I 104 53.36 -61.43 9.53
N ARG I 105 54.65 -61.61 9.23
CA ARG I 105 55.24 -62.94 8.94
C ARG I 105 56.19 -63.33 10.10
N ALA I 106 56.25 -62.53 11.17
CA ALA I 106 57.05 -62.84 12.38
C ALA I 106 58.57 -62.84 12.12
N GLU I 107 59.06 -62.12 11.11
CA GLU I 107 60.50 -62.10 10.73
C GLU I 107 60.87 -60.71 10.17
N THR I 108 61.97 -60.14 10.63
CA THR I 108 62.62 -59.04 9.89
C THR I 108 63.71 -59.66 9.05
N THR I 109 63.82 -59.29 7.79
CA THR I 109 64.66 -60.04 6.85
C THR I 109 65.52 -59.07 6.05
N ILE I 110 66.84 -59.24 6.17
CA ILE I 110 67.85 -58.54 5.33
C ILE I 110 68.55 -59.61 4.48
N GLY I 111 68.71 -59.32 3.18
CA GLY I 111 69.44 -60.15 2.21
C GLY I 111 70.94 -59.94 2.27
N ASP I 112 71.59 -59.85 1.10
CA ASP I 112 73.07 -59.85 0.98
C ASP I 112 73.56 -58.51 0.40
N HIS I 113 74.84 -58.16 0.66
CA HIS I 113 75.63 -57.04 0.07
C HIS I 113 74.99 -55.69 0.35
N ASN I 114 74.41 -55.52 1.53
CA ASN I 114 73.72 -54.27 1.88
C ASN I 114 74.67 -53.39 2.69
N LEU I 115 74.51 -52.08 2.58
CA LEU I 115 75.22 -51.05 3.36
C LEU I 115 74.15 -50.26 4.13
N ILE I 116 74.08 -50.47 5.41
CA ILE I 116 73.16 -49.76 6.33
C ILE I 116 74.06 -48.89 7.18
N MET I 117 74.04 -47.61 6.90
CA MET I 117 74.97 -46.63 7.48
C MET I 117 74.44 -46.17 8.85
N ALA I 118 75.21 -45.31 9.52
CA ALA I 118 75.09 -45.00 10.95
C ALA I 118 73.65 -44.63 11.35
N TYR I 119 73.18 -45.06 12.53
CA TYR I 119 71.90 -44.64 13.18
C TYR I 119 70.67 -44.99 12.31
N ALA I 120 70.84 -45.74 11.23
CA ALA I 120 69.70 -46.19 10.42
C ALA I 120 68.81 -47.08 11.30
N HIS I 121 67.50 -47.09 11.10
CA HIS I 121 66.59 -47.96 11.88
C HIS I 121 65.82 -48.83 10.92
N ILE I 122 65.83 -50.12 11.19
CA ILE I 122 65.13 -51.14 10.39
C ILE I 122 64.06 -51.75 11.24
N GLY I 123 62.85 -51.23 11.07
CA GLY I 123 61.70 -51.48 11.94
C GLY I 123 61.13 -52.85 11.69
N HIS I 124 60.39 -53.31 12.69
CA HIS I 124 59.90 -54.71 12.68
C HIS I 124 59.30 -55.08 11.33
N ASP I 125 59.60 -56.29 10.88
CA ASP I 125 58.90 -56.99 9.76
C ASP I 125 59.44 -56.45 8.45
N SER I 126 60.43 -55.56 8.49
CA SER I 126 60.94 -54.94 7.26
C SER I 126 61.63 -56.05 6.44
N VAL I 127 61.66 -55.88 5.13
CA VAL I 127 62.40 -56.84 4.28
C VAL I 127 63.31 -56.07 3.34
N ILE I 128 64.60 -56.20 3.52
CA ILE I 128 65.58 -55.62 2.60
C ILE I 128 66.13 -56.73 1.75
N GLY I 129 66.33 -56.45 0.48
CA GLY I 129 66.84 -57.46 -0.45
C GLY I 129 68.34 -57.45 -0.44
N ASN I 130 68.93 -57.12 -1.60
CA ASN I 130 70.39 -57.20 -1.82
C ASN I 130 70.92 -55.90 -2.42
N HIS I 131 72.16 -55.54 -2.11
CA HIS I 131 72.87 -54.44 -2.81
C HIS I 131 72.20 -53.09 -2.57
N CYS I 132 71.49 -52.94 -1.46
CA CYS I 132 70.85 -51.67 -1.10
C CYS I 132 71.85 -50.87 -0.26
N ILE I 133 71.77 -49.56 -0.36
CA ILE I 133 72.42 -48.62 0.58
C ILE I 133 71.34 -47.87 1.34
N LEU I 134 71.36 -47.93 2.66
CA LEU I 134 70.50 -47.09 3.52
C LEU I 134 71.45 -46.15 4.23
N VAL I 135 71.40 -44.90 3.82
CA VAL I 135 72.40 -43.91 4.29
C VAL I 135 71.99 -43.46 5.70
N ASN I 136 72.85 -42.71 6.39
CA ASN I 136 72.68 -42.34 7.82
C ASN I 136 71.22 -42.03 8.10
N ASN I 137 70.69 -42.63 9.17
CA ASN I 137 69.53 -42.09 9.90
C ASN I 137 68.25 -42.39 9.13
N THR I 138 68.36 -43.01 7.93
CA THR I 138 67.25 -43.68 7.21
C THR I 138 66.47 -44.52 8.19
N ALA I 139 65.16 -44.47 8.11
CA ALA I 139 64.32 -45.17 9.09
C ALA I 139 63.16 -45.82 8.35
N LEU I 140 63.10 -47.13 8.39
CA LEU I 140 61.91 -47.85 7.91
C LEU I 140 61.03 -48.11 9.13
N ALA I 141 59.83 -47.58 9.19
CA ALA I 141 58.96 -47.65 10.39
C ALA I 141 58.58 -49.09 10.81
N GLY I 142 58.38 -49.93 9.81
CA GLY I 142 57.92 -51.31 9.98
C GLY I 142 57.29 -51.84 8.70
N HIS I 143 57.44 -53.13 8.44
CA HIS I 143 56.79 -53.81 7.30
C HIS I 143 57.24 -53.13 6.00
N VAL I 144 58.40 -52.49 5.96
CA VAL I 144 58.82 -51.83 4.70
C VAL I 144 59.61 -52.83 3.86
N HIS I 145 59.32 -52.92 2.58
CA HIS I 145 59.97 -53.83 1.60
C HIS I 145 60.84 -52.97 0.68
N VAL I 146 62.14 -53.02 0.91
CA VAL I 146 63.15 -52.39 0.02
C VAL I 146 63.70 -53.47 -0.88
N ASP I 147 63.65 -53.24 -2.17
CA ASP I 147 64.01 -54.30 -3.15
C ASP I 147 65.40 -53.95 -3.70
N ASP I 148 65.99 -54.84 -4.49
CA ASP I 148 67.43 -54.79 -4.83
C ASP I 148 67.88 -53.43 -5.39
N TRP I 149 69.04 -52.93 -4.96
CA TRP I 149 69.83 -51.81 -5.54
C TRP I 149 69.22 -50.48 -5.17
N ALA I 150 68.25 -50.48 -4.27
CA ALA I 150 67.65 -49.21 -3.84
C ALA I 150 68.67 -48.49 -2.98
N ILE I 151 68.60 -47.18 -3.08
CA ILE I 151 69.44 -46.23 -2.33
C ILE I 151 68.51 -45.23 -1.67
N LEU I 152 68.43 -45.29 -0.36
CA LEU I 152 67.77 -44.23 0.43
C LEU I 152 68.85 -43.28 0.94
N SER I 153 68.85 -42.04 0.47
CA SER I 153 69.77 -40.98 0.96
C SER I 153 69.50 -40.71 2.46
N GLY I 154 70.38 -39.94 3.10
CA GLY I 154 70.32 -39.73 4.55
C GLY I 154 68.97 -39.20 5.05
N TYR I 155 68.60 -39.60 6.25
CA TYR I 155 67.39 -39.11 6.96
C TYR I 155 66.15 -39.32 6.10
N THR I 156 66.19 -40.34 5.25
CA THR I 156 64.99 -40.82 4.53
C THR I 156 64.09 -41.57 5.53
N LEU I 157 62.84 -41.15 5.63
CA LEU I 157 61.82 -41.82 6.47
C LEU I 157 60.82 -42.52 5.56
N VAL I 158 60.40 -43.73 5.93
CA VAL I 158 59.47 -44.60 5.17
C VAL I 158 58.38 -45.07 6.12
N HIS I 159 57.10 -44.81 5.77
CA HIS I 159 55.88 -45.22 6.52
C HIS I 159 55.73 -46.77 6.44
N GLN I 160 55.22 -47.35 7.53
CA GLN I 160 54.58 -48.68 7.65
C GLN I 160 54.11 -49.06 6.24
N TYR I 161 54.52 -50.22 5.73
CA TYR I 161 53.91 -51.01 4.64
C TYR I 161 54.41 -50.60 3.25
N CYS I 162 55.05 -49.45 3.11
CA CYS I 162 55.52 -48.94 1.78
C CYS I 162 56.54 -49.91 1.21
N ARG I 163 56.49 -50.16 -0.10
CA ARG I 163 57.59 -50.83 -0.83
C ARG I 163 58.41 -49.76 -1.54
N ILE I 164 59.74 -49.90 -1.46
CA ILE I 164 60.75 -49.13 -2.22
C ILE I 164 61.18 -50.05 -3.36
N GLY I 165 60.94 -49.62 -4.60
CA GLY I 165 61.18 -50.43 -5.79
C GLY I 165 62.66 -50.64 -6.02
N ALA I 166 62.99 -51.72 -6.72
CA ALA I 166 64.37 -51.98 -7.18
C ALA I 166 64.91 -50.74 -7.91
N HIS I 167 66.15 -50.37 -7.60
CA HIS I 167 66.92 -49.31 -8.25
C HIS I 167 66.28 -47.96 -7.95
N SER I 168 65.33 -47.88 -7.04
CA SER I 168 64.75 -46.56 -6.74
C SER I 168 65.78 -45.79 -5.92
N PHE I 169 65.57 -44.50 -5.79
CA PHE I 169 66.42 -43.55 -5.05
C PHE I 169 65.57 -42.48 -4.37
N SER I 170 65.79 -42.22 -3.10
CA SER I 170 65.23 -41.09 -2.33
C SER I 170 66.36 -40.11 -2.03
N GLY I 171 66.06 -38.82 -2.11
CA GLY I 171 66.98 -37.76 -1.70
C GLY I 171 67.01 -37.57 -0.19
N MET I 172 67.96 -36.77 0.29
CA MET I 172 68.13 -36.61 1.74
C MET I 172 66.88 -35.95 2.32
N GLY I 173 66.45 -36.46 3.45
CA GLY I 173 65.28 -35.93 4.16
C GLY I 173 63.98 -36.26 3.46
N SER I 174 63.92 -37.21 2.53
CA SER I 174 62.63 -37.57 1.90
C SER I 174 61.73 -38.14 2.99
N ALA I 175 60.43 -37.95 2.92
CA ALA I 175 59.46 -38.54 3.87
C ALA I 175 58.48 -39.40 3.07
N ILE I 176 58.82 -40.68 2.90
CA ILE I 176 58.14 -41.51 1.88
C ILE I 176 56.85 -42.02 2.50
N GLY I 177 55.72 -41.69 1.90
CA GLY I 177 54.41 -42.04 2.47
C GLY I 177 53.72 -43.17 1.73
N LYS I 178 54.15 -43.46 0.51
CA LYS I 178 53.46 -44.38 -0.42
C LYS I 178 54.58 -45.13 -1.17
N ASP I 179 54.26 -46.16 -1.95
CA ASP I 179 55.28 -46.99 -2.67
C ASP I 179 56.14 -46.11 -3.60
N VAL I 180 57.36 -46.53 -3.81
CA VAL I 180 58.27 -45.90 -4.79
C VAL I 180 58.51 -46.94 -5.86
N PRO I 181 57.98 -46.72 -7.06
CA PRO I 181 58.14 -47.70 -8.12
C PRO I 181 59.63 -47.89 -8.41
N ALA I 182 59.97 -49.08 -8.91
CA ALA I 182 61.33 -49.38 -9.39
C ALA I 182 61.88 -48.19 -10.21
N TYR I 183 63.17 -47.88 -10.04
CA TYR I 183 63.95 -46.85 -10.80
C TYR I 183 63.56 -45.40 -10.47
N VAL I 184 62.44 -45.14 -9.82
CA VAL I 184 61.97 -43.74 -9.66
C VAL I 184 62.89 -43.02 -8.67
N THR I 185 63.15 -41.74 -8.87
CA THR I 185 63.81 -40.87 -7.86
C THR I 185 62.72 -40.06 -7.19
N VAL I 186 62.70 -40.07 -5.87
CA VAL I 186 61.76 -39.27 -5.02
C VAL I 186 62.54 -38.36 -4.06
N PHE I 187 61.92 -37.21 -3.78
CA PHE I 187 62.49 -36.07 -3.03
C PHE I 187 61.39 -35.38 -2.23
N GLY I 188 61.73 -35.08 -1.00
CA GLY I 188 61.09 -34.04 -0.16
C GLY I 188 60.06 -34.61 0.80
N ASN I 189 59.30 -33.73 1.43
CA ASN I 189 58.41 -34.18 2.51
C ASN I 189 57.10 -33.45 2.35
N PRO I 190 56.09 -34.10 1.77
CA PRO I 190 56.18 -35.53 1.40
C PRO I 190 56.94 -35.88 0.10
N ALA I 191 57.55 -37.05 0.04
CA ALA I 191 58.28 -37.53 -1.17
C ALA I 191 57.45 -37.29 -2.42
N GLU I 192 58.02 -36.72 -3.47
CA GLU I 192 57.34 -36.60 -4.78
C GLU I 192 58.27 -37.23 -5.80
N ALA I 193 57.75 -37.85 -6.84
CA ALA I 193 58.59 -38.44 -7.91
C ALA I 193 59.15 -37.28 -8.71
N ARG I 194 60.38 -37.39 -9.18
CA ARG I 194 61.04 -36.37 -9.98
C ARG I 194 61.53 -36.96 -11.31
N SER I 195 62.23 -38.09 -11.30
CA SER I 195 62.78 -38.72 -12.53
C SER I 195 63.07 -40.18 -12.23
N MET I 196 63.86 -40.79 -13.07
CA MET I 196 64.27 -42.16 -12.81
C MET I 196 65.79 -42.13 -12.58
N ASN I 197 66.29 -43.21 -12.05
CA ASN I 197 67.67 -43.24 -11.54
C ASN I 197 68.56 -43.70 -12.67
N PHE I 198 68.81 -42.79 -13.59
CA PHE I 198 69.59 -43.12 -14.79
C PHE I 198 70.99 -43.55 -14.41
N GLU I 199 71.55 -42.98 -13.32
CA GLU I 199 72.92 -43.32 -12.87
C GLU I 199 72.96 -44.81 -12.54
N GLY I 200 71.98 -45.27 -11.77
CA GLY I 200 71.92 -46.67 -11.32
C GLY I 200 71.81 -47.61 -12.50
N MET I 201 71.15 -47.18 -13.56
CA MET I 201 70.92 -48.00 -14.77
C MET I 201 72.25 -48.11 -15.54
N ARG I 202 73.03 -47.00 -15.58
CA ARG I 202 74.37 -46.97 -16.24
C ARG I 202 75.29 -48.00 -15.59
N ARG I 203 75.42 -47.90 -14.26
CA ARG I 203 76.08 -48.87 -13.37
C ARG I 203 75.66 -50.31 -13.66
N ARG I 204 74.39 -50.64 -13.88
CA ARG I 204 74.01 -52.08 -14.00
C ARG I 204 74.16 -52.46 -15.47
N GLY I 205 74.75 -51.57 -16.27
CA GLY I 205 75.02 -51.72 -17.71
C GLY I 205 73.78 -52.08 -18.51
N PHE I 206 72.67 -51.39 -18.24
CA PHE I 206 71.40 -51.53 -18.97
C PHE I 206 71.63 -51.05 -20.38
N SER I 207 70.91 -51.58 -21.36
CA SER I 207 71.07 -51.15 -22.76
C SER I 207 70.63 -49.69 -22.85
N SER I 208 71.17 -48.98 -23.81
CA SER I 208 70.69 -47.62 -24.07
C SER I 208 69.18 -47.65 -24.47
N GLU I 209 68.65 -48.71 -25.12
CA GLU I 209 67.21 -48.85 -25.51
C GLU I 209 66.35 -49.00 -24.26
N ALA I 210 66.83 -49.75 -23.29
CA ALA I 210 66.09 -49.97 -22.02
C ALA I 210 65.99 -48.64 -21.26
N ILE I 211 67.07 -47.84 -21.30
CA ILE I 211 67.11 -46.62 -20.48
C ILE I 211 66.04 -45.66 -21.03
N HIS I 212 65.95 -45.61 -22.36
CA HIS I 212 64.99 -44.76 -23.09
C HIS I 212 63.57 -45.26 -22.79
N ALA I 213 63.38 -46.56 -22.81
CA ALA I 213 62.07 -47.17 -22.59
C ALA I 213 61.59 -46.83 -21.19
N LEU I 214 62.53 -46.76 -20.27
CA LEU I 214 62.15 -46.49 -18.88
C LEU I 214 61.87 -44.99 -18.76
N ARG I 215 62.56 -44.13 -19.49
CA ARG I 215 62.19 -42.69 -19.50
C ARG I 215 60.79 -42.56 -20.05
N ARG I 216 60.42 -43.30 -21.10
CA ARG I 216 59.07 -43.18 -21.70
C ARG I 216 58.07 -43.65 -20.67
N ALA I 217 58.46 -44.67 -19.92
CA ALA I 217 57.51 -45.28 -18.99
C ALA I 217 57.28 -44.28 -17.86
N TYR I 218 58.30 -43.58 -17.46
CA TYR I 218 58.11 -42.57 -16.40
C TYR I 218 57.06 -41.57 -16.92
N LYS I 219 57.25 -41.11 -18.15
CA LYS I 219 56.39 -40.09 -18.74
C LYS I 219 54.96 -40.63 -18.81
N VAL I 220 54.77 -41.93 -19.05
CA VAL I 220 53.39 -42.51 -19.14
C VAL I 220 52.70 -42.46 -17.78
N VAL I 221 53.42 -42.73 -16.71
CA VAL I 221 52.84 -42.78 -15.35
C VAL I 221 52.66 -41.37 -14.83
N TYR I 222 53.51 -40.43 -15.16
CA TYR I 222 53.66 -39.22 -14.31
C TYR I 222 53.43 -37.96 -15.11
N ARG I 223 53.48 -37.94 -16.44
CA ARG I 223 53.51 -36.63 -17.12
C ARG I 223 52.53 -36.62 -18.30
N GLN I 224 51.46 -37.44 -18.31
CA GLN I 224 50.45 -37.54 -19.41
C GLN I 224 49.01 -37.55 -18.85
N GLY I 225 48.86 -37.09 -17.63
CA GLY I 225 47.61 -37.12 -16.87
C GLY I 225 46.90 -38.43 -16.99
N HIS I 226 47.59 -39.55 -16.91
CA HIS I 226 46.91 -40.86 -16.95
C HIS I 226 46.55 -41.22 -15.52
N THR I 227 45.36 -41.73 -15.28
CA THR I 227 45.10 -42.47 -14.02
C THR I 227 46.15 -43.58 -13.93
N VAL I 228 46.32 -44.13 -12.75
CA VAL I 228 47.27 -45.26 -12.59
C VAL I 228 46.84 -46.41 -13.51
N GLU I 229 45.54 -46.75 -13.54
CA GLU I 229 44.95 -47.85 -14.36
C GLU I 229 45.24 -47.61 -15.84
N GLU I 230 45.06 -46.38 -16.32
CA GLU I 230 45.38 -46.05 -17.72
C GLU I 230 46.86 -46.33 -17.98
N ALA I 231 47.75 -45.94 -17.06
CA ALA I 231 49.19 -46.01 -17.31
C ALA I 231 49.59 -47.48 -17.45
N LEU I 232 49.10 -48.29 -16.52
CA LEU I 232 49.39 -49.74 -16.51
C LEU I 232 49.07 -50.35 -17.88
N ALA I 233 47.96 -49.92 -18.46
CA ALA I 233 47.47 -50.39 -19.76
C ALA I 233 48.45 -49.95 -20.84
N GLU I 234 48.84 -48.68 -20.84
CA GLU I 234 49.74 -48.08 -21.86
C GLU I 234 51.11 -48.77 -21.77
N LEU I 235 51.52 -49.11 -20.52
CA LEU I 235 52.79 -49.84 -20.28
C LEU I 235 52.77 -51.28 -20.77
N ALA I 236 51.62 -51.95 -20.97
CA ALA I 236 51.58 -53.39 -21.37
C ALA I 236 52.59 -53.66 -22.49
N GLU I 237 52.65 -52.79 -23.50
CA GLU I 237 53.46 -53.08 -24.70
C GLU I 237 54.94 -53.07 -24.29
N SER I 238 55.36 -51.96 -23.72
CA SER I 238 56.76 -51.61 -23.36
C SER I 238 57.23 -52.72 -22.37
N ALA I 239 56.36 -53.12 -21.46
CA ALA I 239 56.65 -54.14 -20.47
C ALA I 239 56.94 -55.50 -21.10
N ALA I 240 56.28 -55.84 -22.19
CA ALA I 240 56.53 -57.11 -22.87
C ALA I 240 57.80 -57.05 -23.72
N GLN I 241 58.23 -55.86 -24.08
CA GLN I 241 59.38 -55.69 -24.95
C GLN I 241 60.66 -55.67 -24.10
N PHE I 242 60.61 -55.20 -22.86
CA PHE I 242 61.78 -54.86 -22.02
C PHE I 242 61.55 -55.37 -20.59
N PRO I 243 62.30 -56.41 -20.13
CA PRO I 243 62.24 -56.84 -18.74
C PRO I 243 62.38 -55.68 -17.74
N GLU I 244 63.16 -54.66 -18.14
CA GLU I 244 63.41 -53.51 -17.21
C GLU I 244 62.09 -52.75 -17.03
N VAL I 245 61.24 -52.66 -18.06
CA VAL I 245 59.94 -51.93 -17.98
C VAL I 245 58.95 -52.79 -17.22
N ALA I 246 59.03 -54.07 -17.45
CA ALA I 246 58.20 -55.06 -16.73
C ALA I 246 58.42 -54.88 -15.21
N VAL I 247 59.65 -54.65 -14.80
CA VAL I 247 59.95 -54.61 -13.35
C VAL I 247 59.21 -53.39 -12.83
N PHE I 248 59.24 -52.31 -13.60
CA PHE I 248 58.63 -50.99 -13.24
C PHE I 248 57.11 -51.15 -13.24
N ARG I 249 56.55 -51.73 -14.32
CA ARG I 249 55.08 -51.86 -14.39
C ARG I 249 54.68 -52.62 -13.13
N ASP I 250 55.38 -53.72 -12.82
CA ASP I 250 55.02 -54.63 -11.69
C ASP I 250 55.10 -53.83 -10.38
N SER I 251 56.10 -53.00 -10.16
CA SER I 251 56.12 -52.22 -8.90
C SER I 251 54.82 -51.38 -8.75
N ILE I 252 54.28 -50.80 -9.83
CA ILE I 252 53.05 -49.95 -9.78
C ILE I 252 51.79 -50.82 -9.65
N GLN I 253 51.74 -51.93 -10.39
CA GLN I 253 50.73 -53.02 -10.26
C GLN I 253 50.46 -53.35 -8.78
N SER I 254 51.46 -53.71 -7.97
CA SER I 254 51.25 -54.26 -6.60
C SER I 254 51.05 -53.15 -5.54
N ALA I 255 50.99 -51.89 -5.92
CA ALA I 255 50.69 -50.80 -4.96
C ALA I 255 49.21 -50.50 -5.05
N THR I 256 48.61 -50.89 -6.18
CA THR I 256 47.30 -50.42 -6.73
C THR I 256 46.35 -51.61 -6.74
N ARG I 257 45.34 -51.70 -5.88
CA ARG I 257 44.17 -52.55 -6.24
C ARG I 257 42.90 -51.69 -6.33
N GLY I 258 42.66 -50.81 -5.37
CA GLY I 258 41.50 -49.91 -5.36
C GLY I 258 40.23 -50.69 -5.09
N ILE I 259 39.12 -50.01 -5.21
CA ILE I 259 37.81 -50.53 -4.76
C ILE I 259 36.84 -50.49 -5.93
N THR I 260 35.86 -51.36 -5.94
CA THR I 260 34.69 -51.27 -6.84
C THR I 260 34.13 -49.88 -6.70
N ARG I 261 34.01 -49.17 -7.82
CA ARG I 261 33.32 -47.87 -7.87
C ARG I 261 32.00 -48.07 -8.60
N SER J 5 -91.13 21.37 -63.98
CA SER J 5 -90.68 22.56 -64.85
C SER J 5 -89.23 22.99 -64.53
N LEU J 6 -88.46 23.47 -65.52
CA LEU J 6 -86.96 23.42 -65.56
C LEU J 6 -86.29 24.36 -64.54
N ILE J 7 -86.75 25.63 -64.53
CA ILE J 7 -86.35 26.72 -63.58
C ILE J 7 -87.28 26.67 -62.35
N ASP J 8 -86.75 26.26 -61.19
CA ASP J 8 -87.55 26.20 -59.94
C ASP J 8 -88.16 27.57 -59.70
N PRO J 9 -89.41 27.62 -59.18
CA PRO J 9 -89.94 28.90 -58.74
C PRO J 9 -89.31 29.44 -57.43
N ARG J 10 -88.70 28.70 -56.47
CA ARG J 10 -88.10 29.43 -55.29
C ARG J 10 -86.73 29.96 -55.71
N ALA J 11 -86.28 29.75 -56.95
CA ALA J 11 -85.02 30.37 -57.47
C ALA J 11 -85.29 31.84 -57.75
N ILE J 12 -84.30 32.71 -57.66
CA ILE J 12 -84.45 34.13 -58.03
C ILE J 12 -83.67 34.28 -59.31
N ILE J 13 -84.33 34.69 -60.39
CA ILE J 13 -83.65 35.07 -61.65
C ILE J 13 -83.80 36.57 -61.86
N ASP J 14 -82.67 37.22 -62.12
CA ASP J 14 -82.61 38.63 -62.54
C ASP J 14 -83.13 38.71 -63.97
N PRO J 15 -83.99 39.72 -64.27
CA PRO J 15 -84.45 39.90 -65.65
C PRO J 15 -83.35 40.40 -66.59
N SER J 16 -82.10 40.62 -66.14
CA SER J 16 -80.99 40.94 -67.08
C SER J 16 -80.15 39.68 -67.38
N ALA J 17 -80.46 38.57 -66.71
CA ALA J 17 -79.87 37.23 -66.99
C ALA J 17 -80.38 36.70 -68.32
N ARG J 18 -79.67 35.73 -68.92
CA ARG J 18 -80.00 35.20 -70.26
C ARG J 18 -79.75 33.67 -70.28
N LEU J 19 -80.79 32.89 -70.05
CA LEU J 19 -80.75 31.40 -69.96
C LEU J 19 -81.34 30.72 -71.22
N ALA J 20 -80.48 30.10 -72.03
CA ALA J 20 -80.79 29.21 -73.19
C ALA J 20 -81.93 28.23 -72.84
N ALA J 21 -82.75 27.84 -73.83
CA ALA J 21 -84.09 27.23 -73.66
C ALA J 21 -84.07 26.20 -72.50
N ASP J 22 -83.16 25.22 -72.52
CA ASP J 22 -83.35 23.93 -71.78
C ASP J 22 -82.54 23.87 -70.48
N VAL J 23 -82.16 25.03 -69.95
CA VAL J 23 -81.40 25.21 -68.67
C VAL J 23 -82.28 24.84 -67.47
N GLN J 24 -81.80 23.94 -66.62
CA GLN J 24 -82.41 23.70 -65.28
C GLN J 24 -81.76 24.63 -64.25
N VAL J 25 -82.47 24.97 -63.18
CA VAL J 25 -82.00 25.82 -62.06
C VAL J 25 -82.88 25.50 -60.86
N GLY J 26 -82.22 25.11 -59.77
CA GLY J 26 -82.85 24.50 -58.59
C GLY J 26 -83.39 25.55 -57.62
N PRO J 27 -84.11 25.07 -56.59
CA PRO J 27 -84.62 25.93 -55.51
C PRO J 27 -83.50 26.71 -54.81
N TRP J 28 -83.72 28.01 -54.61
CA TRP J 28 -82.89 28.88 -53.76
C TRP J 28 -81.59 29.23 -54.47
N SER J 29 -81.57 29.03 -55.77
CA SER J 29 -80.39 29.40 -56.56
C SER J 29 -80.63 30.80 -57.09
N ILE J 30 -79.63 31.69 -57.00
CA ILE J 30 -79.73 33.12 -57.42
C ILE J 30 -78.91 33.27 -58.69
N VAL J 31 -79.53 33.70 -59.76
CA VAL J 31 -78.84 34.00 -61.03
C VAL J 31 -78.90 35.51 -61.17
N GLY J 32 -77.87 36.17 -60.63
CA GLY J 32 -77.79 37.64 -60.53
C GLY J 32 -77.83 38.34 -61.88
N ALA J 33 -77.86 39.67 -61.82
CA ALA J 33 -77.75 40.54 -63.01
C ALA J 33 -76.50 40.12 -63.78
N GLU J 34 -76.65 40.07 -65.12
CA GLU J 34 -75.55 40.09 -66.10
C GLU J 34 -75.00 38.66 -66.25
N VAL J 35 -75.84 37.65 -66.08
CA VAL J 35 -75.36 36.24 -66.13
C VAL J 35 -75.98 35.52 -67.33
N GLU J 36 -75.16 34.81 -68.07
CA GLU J 36 -75.52 34.16 -69.34
C GLU J 36 -75.21 32.67 -69.17
N ILE J 37 -76.21 31.82 -69.30
CA ILE J 37 -76.07 30.36 -69.13
C ILE J 37 -76.51 29.70 -70.43
N GLY J 38 -75.63 28.89 -71.01
CA GLY J 38 -75.78 28.25 -72.31
C GLY J 38 -76.54 26.92 -72.22
N GLU J 39 -76.77 26.33 -73.38
CA GLU J 39 -77.76 25.25 -73.62
C GLU J 39 -77.40 24.03 -72.76
N GLY J 40 -78.37 23.44 -72.04
CA GLY J 40 -78.25 22.10 -71.42
C GLY J 40 -77.56 22.10 -70.05
N THR J 41 -76.96 23.22 -69.65
CA THR J 41 -76.39 23.47 -68.31
C THR J 41 -77.47 23.29 -67.24
N VAL J 42 -77.05 22.82 -66.08
CA VAL J 42 -77.88 22.47 -64.89
C VAL J 42 -77.34 23.24 -63.68
N ILE J 43 -78.11 24.17 -63.17
CA ILE J 43 -77.78 24.76 -61.85
C ILE J 43 -78.49 23.90 -60.80
N GLY J 44 -77.71 23.51 -59.81
CA GLY J 44 -78.17 22.84 -58.58
C GLY J 44 -79.03 23.76 -57.72
N PRO J 45 -79.48 23.24 -56.56
CA PRO J 45 -80.13 24.07 -55.56
C PRO J 45 -79.05 24.86 -54.82
N HIS J 46 -79.44 25.94 -54.15
CA HIS J 46 -78.56 26.81 -53.35
C HIS J 46 -77.29 27.17 -54.12
N VAL J 47 -77.36 27.69 -55.34
CA VAL J 47 -76.16 28.29 -56.02
C VAL J 47 -76.29 29.80 -56.06
N VAL J 48 -75.16 30.51 -56.04
CA VAL J 48 -75.16 32.00 -56.23
C VAL J 48 -74.34 32.34 -57.48
N LEU J 49 -74.97 32.88 -58.52
CA LEU J 49 -74.21 33.39 -59.69
C LEU J 49 -74.23 34.94 -59.66
N LYS J 50 -73.04 35.59 -59.61
CA LYS J 50 -72.87 37.04 -59.91
C LYS J 50 -72.32 37.10 -61.32
N GLY J 51 -72.49 38.28 -61.93
CA GLY J 51 -71.97 38.64 -63.25
C GLY J 51 -71.14 39.90 -63.14
N PRO J 52 -70.73 40.50 -64.28
CA PRO J 52 -70.85 39.83 -65.59
C PRO J 52 -70.19 38.45 -65.73
N THR J 53 -70.92 37.45 -66.22
CA THR J 53 -70.44 36.04 -66.21
C THR J 53 -71.07 35.28 -67.37
N LYS J 54 -70.28 34.50 -68.13
CA LYS J 54 -70.72 33.73 -69.34
C LYS J 54 -70.47 32.24 -69.06
N ILE J 55 -71.52 31.45 -69.01
CA ILE J 55 -71.41 29.99 -68.74
C ILE J 55 -71.84 29.24 -69.99
N GLY J 56 -70.88 28.56 -70.64
CA GLY J 56 -71.09 27.82 -71.92
C GLY J 56 -72.08 26.67 -71.77
N LYS J 57 -72.01 25.70 -72.68
CA LYS J 57 -73.07 24.68 -72.89
C LYS J 57 -72.80 23.50 -71.96
N HIS J 58 -73.82 22.75 -71.53
CA HIS J 58 -73.77 21.43 -70.83
C HIS J 58 -72.82 21.40 -69.61
N ASN J 59 -72.96 22.37 -68.69
CA ASN J 59 -72.17 22.44 -67.42
C ASN J 59 -73.06 21.87 -66.30
N ARG J 60 -72.48 21.37 -65.22
CA ARG J 60 -73.25 20.82 -64.05
C ARG J 60 -72.63 21.62 -62.88
N ILE J 61 -73.40 22.48 -62.18
CA ILE J 61 -72.89 23.30 -61.03
C ILE J 61 -73.67 22.94 -59.78
N TYR J 62 -73.00 22.69 -58.67
CA TYR J 62 -73.64 22.04 -57.51
C TYR J 62 -73.89 23.04 -56.38
N GLN J 63 -74.78 22.63 -55.47
CA GLN J 63 -75.15 23.36 -54.21
C GLN J 63 -73.93 24.04 -53.53
N PHE J 64 -74.15 25.28 -53.06
CA PHE J 64 -73.32 26.10 -52.14
C PHE J 64 -72.11 26.71 -52.84
N SER J 65 -72.06 26.50 -54.16
CA SER J 65 -71.09 27.16 -55.05
C SER J 65 -71.44 28.63 -55.23
N SER J 66 -70.44 29.48 -55.14
CA SER J 66 -70.56 30.96 -55.35
C SER J 66 -69.71 31.26 -56.56
N VAL J 67 -70.33 31.33 -57.73
CA VAL J 67 -69.65 31.48 -59.04
C VAL J 67 -69.88 32.91 -59.57
N GLY J 68 -68.81 33.69 -59.63
CA GLY J 68 -68.86 35.03 -60.25
C GLY J 68 -68.70 36.17 -59.26
N GLU J 69 -68.46 35.92 -57.97
CA GLU J 69 -68.39 37.00 -56.94
C GLU J 69 -67.17 37.91 -57.21
N ASP J 70 -67.19 39.12 -56.65
CA ASP J 70 -65.97 39.98 -56.61
C ASP J 70 -64.86 39.24 -55.84
N THR J 71 -63.60 39.28 -56.28
CA THR J 71 -62.53 38.93 -55.31
C THR J 71 -62.59 39.90 -54.14
N PRO J 72 -62.31 39.44 -52.91
CA PRO J 72 -62.19 40.33 -51.76
C PRO J 72 -60.82 41.00 -51.67
N ASP J 73 -59.91 40.58 -52.55
CA ASP J 73 -58.56 41.18 -52.67
C ASP J 73 -58.64 42.71 -52.72
N LEU J 74 -57.93 43.37 -51.81
CA LEU J 74 -57.99 44.85 -51.61
C LEU J 74 -57.61 45.62 -52.87
N LYS J 75 -56.77 45.12 -53.78
CA LYS J 75 -56.55 45.64 -55.16
C LYS J 75 -57.88 45.96 -55.87
N TYR J 76 -58.77 44.97 -55.95
CA TYR J 76 -60.07 45.08 -56.64
C TYR J 76 -60.88 46.18 -55.98
N LYS J 77 -61.38 47.12 -56.78
CA LYS J 77 -62.08 48.35 -56.34
C LYS J 77 -63.48 48.44 -56.96
N GLY J 78 -64.01 47.39 -57.60
CA GLY J 78 -65.40 47.32 -58.07
C GLY J 78 -65.51 47.47 -59.58
N GLU J 79 -64.37 47.65 -60.26
CA GLU J 79 -64.30 47.83 -61.76
C GLU J 79 -65.09 46.69 -62.43
N PRO J 80 -65.66 46.88 -63.65
CA PRO J 80 -66.66 45.94 -64.19
C PRO J 80 -66.13 44.63 -64.81
N THR J 81 -65.29 43.86 -64.09
CA THR J 81 -64.49 42.69 -64.56
C THR J 81 -65.35 41.44 -64.80
N ARG J 82 -64.86 40.43 -65.51
CA ARG J 82 -65.74 39.36 -66.07
C ARG J 82 -65.30 37.98 -65.61
N LEU J 83 -66.22 37.00 -65.69
CA LEU J 83 -65.96 35.55 -65.59
C LEU J 83 -66.50 34.81 -66.81
N VAL J 84 -65.72 33.93 -67.41
CA VAL J 84 -66.15 33.11 -68.58
C VAL J 84 -65.88 31.64 -68.27
N ILE J 85 -66.85 30.80 -68.59
CA ILE J 85 -66.75 29.32 -68.44
C ILE J 85 -67.21 28.66 -69.76
N GLY J 86 -66.39 27.75 -70.27
CA GLY J 86 -66.70 27.03 -71.52
C GLY J 86 -67.78 25.97 -71.34
N ASP J 87 -67.54 24.81 -71.99
CA ASP J 87 -68.51 23.70 -72.13
C ASP J 87 -68.07 22.48 -71.32
N HIS J 88 -69.06 21.65 -70.95
CA HIS J 88 -68.99 20.33 -70.27
C HIS J 88 -68.07 20.41 -69.08
N ASN J 89 -68.31 21.34 -68.16
CA ASN J 89 -67.58 21.41 -66.88
C ASN J 89 -68.50 20.88 -65.79
N VAL J 90 -67.92 20.23 -64.80
CA VAL J 90 -68.62 19.82 -63.56
C VAL J 90 -67.95 20.62 -62.45
N ILE J 91 -68.69 21.56 -61.88
CA ILE J 91 -68.28 22.33 -60.69
C ILE J 91 -69.04 21.80 -59.47
N ARG J 92 -68.29 21.20 -58.56
CA ARG J 92 -68.87 20.45 -57.43
C ARG J 92 -69.25 21.38 -56.29
N GLU J 93 -69.56 20.77 -55.15
CA GLU J 93 -70.28 21.49 -54.08
C GLU J 93 -69.32 22.49 -53.45
N GLY J 94 -69.72 23.75 -53.38
CA GLY J 94 -69.01 24.74 -52.55
C GLY J 94 -67.86 25.40 -53.27
N VAL J 95 -67.70 25.14 -54.57
CA VAL J 95 -66.64 25.86 -55.32
C VAL J 95 -66.92 27.36 -55.27
N THR J 96 -65.87 28.16 -55.11
CA THR J 96 -65.79 29.63 -55.23
C THR J 96 -65.04 29.97 -56.51
N ILE J 97 -65.58 30.87 -57.33
CA ILE J 97 -64.90 31.38 -58.53
C ILE J 97 -65.13 32.87 -58.59
N HIS J 98 -64.07 33.63 -58.43
CA HIS J 98 -64.11 35.09 -58.50
C HIS J 98 -63.83 35.48 -59.93
N ARG J 99 -64.40 36.59 -60.37
CA ARG J 99 -64.11 37.23 -61.67
C ARG J 99 -62.76 37.98 -61.53
N GLY J 100 -62.33 38.59 -62.64
CA GLY J 100 -61.02 39.25 -62.80
C GLY J 100 -60.90 40.58 -62.07
N THR J 101 -59.79 41.21 -62.38
CA THR J 101 -59.32 42.55 -61.93
C THR J 101 -58.76 43.27 -63.15
N VAL J 102 -58.79 44.60 -63.16
CA VAL J 102 -58.34 45.39 -64.34
C VAL J 102 -56.80 45.39 -64.45
N GLN J 103 -56.09 44.99 -63.42
CA GLN J 103 -54.60 45.10 -63.38
C GLN J 103 -53.99 44.08 -64.32
N ASP J 104 -54.66 42.93 -64.52
CA ASP J 104 -54.27 41.80 -65.43
C ASP J 104 -55.17 41.95 -66.68
N ARG J 105 -56.10 41.03 -66.95
CA ARG J 105 -56.91 41.05 -68.20
C ARG J 105 -58.38 41.30 -67.90
N ALA J 106 -58.77 41.70 -66.69
CA ALA J 106 -60.20 41.88 -66.38
C ALA J 106 -61.02 40.59 -66.61
N GLU J 107 -60.41 39.40 -66.57
CA GLU J 107 -61.17 38.16 -66.91
C GLU J 107 -60.54 36.93 -66.23
N THR J 108 -61.43 36.20 -65.56
CA THR J 108 -61.21 34.82 -65.06
C THR J 108 -61.80 33.88 -66.09
N THR J 109 -61.00 32.97 -66.62
CA THR J 109 -61.32 32.16 -67.83
C THR J 109 -61.23 30.68 -67.45
N ILE J 110 -62.28 29.89 -67.73
CA ILE J 110 -62.28 28.40 -67.65
C ILE J 110 -62.75 27.83 -69.00
N GLY J 111 -61.99 26.86 -69.51
CA GLY J 111 -62.25 26.18 -70.80
C GLY J 111 -63.32 25.12 -70.69
N ASP J 112 -63.05 23.93 -71.23
CA ASP J 112 -64.05 22.84 -71.50
C ASP J 112 -63.64 21.57 -70.73
N HIS J 113 -64.59 20.69 -70.39
CA HIS J 113 -64.34 19.31 -69.91
C HIS J 113 -63.51 19.31 -68.63
N ASN J 114 -63.68 20.32 -67.81
CA ASN J 114 -62.94 20.38 -66.53
C ASN J 114 -63.85 19.87 -65.41
N LEU J 115 -63.20 19.29 -64.41
CA LEU J 115 -63.84 18.76 -63.19
C LEU J 115 -63.31 19.56 -62.00
N ILE J 116 -64.13 20.32 -61.29
CA ILE J 116 -63.62 21.14 -60.19
C ILE J 116 -64.37 20.71 -58.94
N MET J 117 -63.66 20.06 -58.03
CA MET J 117 -64.34 19.29 -56.97
C MET J 117 -64.55 20.15 -55.73
N ALA J 118 -65.24 19.54 -54.76
CA ALA J 118 -65.81 20.19 -53.56
C ALA J 118 -64.86 21.26 -53.03
N TYR J 119 -65.31 22.49 -52.86
CA TYR J 119 -64.66 23.55 -52.04
C TYR J 119 -63.36 24.07 -52.67
N ALA J 120 -63.16 23.80 -53.97
CA ALA J 120 -61.98 24.36 -54.70
C ALA J 120 -62.19 25.86 -54.83
N HIS J 121 -61.13 26.59 -55.14
CA HIS J 121 -61.16 28.07 -55.23
C HIS J 121 -60.44 28.53 -56.50
N ILE J 122 -61.11 29.29 -57.35
CA ILE J 122 -60.50 29.72 -58.63
C ILE J 122 -60.40 31.23 -58.60
N GLY J 123 -59.26 31.71 -58.13
CA GLY J 123 -59.03 33.10 -57.72
C GLY J 123 -59.06 34.03 -58.91
N HIS J 124 -59.37 35.31 -58.64
CA HIS J 124 -59.45 36.34 -59.71
C HIS J 124 -58.36 36.09 -60.74
N ASP J 125 -58.75 36.01 -62.01
CA ASP J 125 -57.81 36.16 -63.16
C ASP J 125 -57.18 34.82 -63.50
N SER J 126 -57.47 33.75 -62.78
CA SER J 126 -56.96 32.42 -63.16
C SER J 126 -57.58 32.05 -64.52
N VAL J 127 -56.78 31.38 -65.33
CA VAL J 127 -57.14 30.81 -66.66
C VAL J 127 -56.88 29.31 -66.63
N ILE J 128 -57.94 28.52 -66.64
CA ILE J 128 -57.92 27.04 -66.76
C ILE J 128 -58.27 26.72 -68.20
N GLY J 129 -57.52 25.80 -68.78
CA GLY J 129 -57.76 25.31 -70.15
C GLY J 129 -58.80 24.22 -70.09
N ASN J 130 -58.48 23.03 -70.63
CA ASN J 130 -59.48 21.96 -70.82
C ASN J 130 -58.99 20.65 -70.24
N HIS J 131 -59.94 19.81 -69.83
CA HIS J 131 -59.71 18.44 -69.31
C HIS J 131 -58.87 18.46 -68.01
N CYS J 132 -58.98 19.54 -67.23
CA CYS J 132 -58.25 19.68 -65.96
C CYS J 132 -59.11 19.07 -64.86
N ILE J 133 -58.46 18.57 -63.82
CA ILE J 133 -59.11 18.06 -62.58
C ILE J 133 -58.44 18.78 -61.42
N LEU J 134 -59.18 19.64 -60.72
CA LEU J 134 -58.81 20.32 -59.47
C LEU J 134 -59.57 19.59 -58.36
N VAL J 135 -58.89 18.74 -57.62
CA VAL J 135 -59.56 17.95 -56.56
C VAL J 135 -59.88 18.86 -55.37
N ASN J 136 -60.74 18.37 -54.50
CA ASN J 136 -61.30 19.09 -53.33
C ASN J 136 -60.29 20.09 -52.76
N ASN J 137 -60.69 21.35 -52.66
CA ASN J 137 -60.01 22.33 -51.77
C ASN J 137 -58.72 22.81 -52.45
N THR J 138 -58.42 22.34 -53.64
CA THR J 138 -57.46 23.05 -54.53
C THR J 138 -57.78 24.54 -54.57
N ALA J 139 -56.75 25.36 -54.40
CA ALA J 139 -56.87 26.83 -54.36
C ALA J 139 -55.88 27.53 -55.29
N LEU J 140 -56.37 28.30 -56.23
CA LEU J 140 -55.51 29.13 -57.09
C LEU J 140 -55.60 30.55 -56.55
N ALA J 141 -54.54 31.05 -55.95
CA ALA J 141 -54.60 32.37 -55.28
C ALA J 141 -55.10 33.46 -56.23
N GLY J 142 -54.59 33.47 -57.44
CA GLY J 142 -54.93 34.51 -58.42
C GLY J 142 -53.97 34.49 -59.60
N HIS J 143 -54.49 34.81 -60.79
CA HIS J 143 -53.70 34.95 -62.03
C HIS J 143 -52.96 33.63 -62.30
N VAL J 144 -53.54 32.51 -61.89
CA VAL J 144 -52.89 31.18 -62.08
C VAL J 144 -53.33 30.68 -63.43
N HIS J 145 -52.42 30.16 -64.23
CA HIS J 145 -52.74 29.52 -65.51
C HIS J 145 -52.55 28.01 -65.37
N VAL J 146 -53.63 27.24 -65.38
CA VAL J 146 -53.55 25.75 -65.43
C VAL J 146 -53.81 25.33 -66.85
N ASP J 147 -52.89 24.60 -67.45
CA ASP J 147 -52.99 24.29 -68.89
C ASP J 147 -53.58 22.87 -68.97
N ASP J 148 -53.84 22.35 -70.18
CA ASP J 148 -54.74 21.22 -70.43
C ASP J 148 -54.29 19.97 -69.68
N TRP J 149 -55.25 19.21 -69.12
CA TRP J 149 -55.02 17.83 -68.64
C TRP J 149 -54.32 17.81 -67.28
N ALA J 150 -53.99 18.96 -66.74
CA ALA J 150 -53.40 19.02 -65.40
C ALA J 150 -54.36 18.41 -64.40
N ILE J 151 -53.77 17.75 -63.40
CA ILE J 151 -54.44 17.28 -62.17
C ILE J 151 -53.72 17.86 -60.96
N LEU J 152 -54.47 18.64 -60.19
CA LEU J 152 -54.08 19.11 -58.85
C LEU J 152 -54.77 18.20 -57.87
N SER J 153 -53.99 17.45 -57.11
CA SER J 153 -54.55 16.59 -56.04
C SER J 153 -55.22 17.46 -54.95
N GLY J 154 -56.03 16.85 -54.09
CA GLY J 154 -56.77 17.59 -53.05
C GLY J 154 -55.88 18.54 -52.26
N TYR J 155 -56.40 19.73 -51.94
CA TYR J 155 -55.77 20.73 -51.04
C TYR J 155 -54.43 21.25 -51.62
N THR J 156 -54.32 21.32 -52.95
CA THR J 156 -53.13 21.92 -53.58
C THR J 156 -53.35 23.41 -53.59
N LEU J 157 -52.42 24.16 -53.05
CA LEU J 157 -52.46 25.63 -53.03
C LEU J 157 -51.47 26.11 -54.06
N VAL J 158 -51.85 27.03 -54.95
CA VAL J 158 -51.00 27.61 -56.02
C VAL J 158 -50.87 29.12 -55.83
N HIS J 159 -49.66 29.62 -55.82
CA HIS J 159 -49.32 31.03 -55.51
C HIS J 159 -49.70 31.89 -56.74
N GLN J 160 -50.20 33.12 -56.47
CA GLN J 160 -50.28 34.30 -57.36
C GLN J 160 -49.40 34.02 -58.57
N TYR J 161 -49.94 33.98 -59.78
CA TYR J 161 -49.17 34.07 -61.06
C TYR J 161 -48.46 32.77 -61.48
N CYS J 162 -48.55 31.65 -60.78
CA CYS J 162 -47.85 30.42 -61.22
C CYS J 162 -48.56 29.82 -62.44
N ARG J 163 -47.80 29.23 -63.38
CA ARG J 163 -48.34 28.43 -64.50
C ARG J 163 -48.15 26.96 -64.17
N ILE J 164 -49.25 26.21 -64.09
CA ILE J 164 -49.28 24.72 -63.98
C ILE J 164 -49.28 24.17 -65.41
N GLY J 165 -48.24 23.44 -65.79
CA GLY J 165 -48.05 22.95 -67.18
C GLY J 165 -49.06 21.90 -67.58
N ALA J 166 -49.30 21.76 -68.89
CA ALA J 166 -50.13 20.67 -69.43
C ALA J 166 -49.65 19.34 -68.83
N HIS J 167 -50.58 18.42 -68.55
CA HIS J 167 -50.33 17.03 -68.11
C HIS J 167 -49.56 16.97 -66.81
N SER J 168 -49.47 18.04 -66.05
CA SER J 168 -48.67 18.01 -64.81
C SER J 168 -49.56 17.49 -63.70
N PHE J 169 -48.97 17.25 -62.55
CA PHE J 169 -49.63 16.61 -61.41
C PHE J 169 -49.03 17.14 -60.13
N SER J 170 -49.86 17.50 -59.17
CA SER J 170 -49.43 17.87 -57.80
C SER J 170 -50.00 16.79 -56.89
N GLY J 171 -49.22 16.41 -55.89
CA GLY J 171 -49.70 15.51 -54.83
C GLY J 171 -50.52 16.24 -53.78
N MET J 172 -51.20 15.51 -52.93
CA MET J 172 -52.19 16.17 -52.05
C MET J 172 -51.45 17.06 -51.05
N GLY J 173 -51.97 18.24 -50.82
CA GLY J 173 -51.37 19.15 -49.85
C GLY J 173 -50.14 19.84 -50.39
N SER J 174 -49.87 19.68 -51.67
CA SER J 174 -48.81 20.42 -52.37
C SER J 174 -49.04 21.92 -52.20
N ALA J 175 -47.98 22.66 -51.91
CA ALA J 175 -47.98 24.14 -51.86
C ALA J 175 -47.01 24.65 -52.91
N ILE J 176 -47.54 25.03 -54.07
CA ILE J 176 -46.77 25.37 -55.29
C ILE J 176 -46.43 26.87 -55.31
N GLY J 177 -45.15 27.23 -55.16
CA GLY J 177 -44.67 28.61 -55.16
C GLY J 177 -44.24 29.11 -56.53
N LYS J 178 -44.00 28.24 -57.49
CA LYS J 178 -43.31 28.59 -58.75
C LYS J 178 -43.87 27.71 -59.85
N ASP J 179 -43.69 28.03 -61.12
CA ASP J 179 -44.33 27.27 -62.22
C ASP J 179 -44.06 25.77 -62.08
N VAL J 180 -45.01 24.95 -62.50
CA VAL J 180 -44.83 23.47 -62.62
C VAL J 180 -44.73 23.19 -64.10
N PRO J 181 -43.59 22.72 -64.60
CA PRO J 181 -43.46 22.48 -66.02
C PRO J 181 -44.39 21.33 -66.44
N ALA J 182 -44.74 21.32 -67.71
CA ALA J 182 -45.62 20.31 -68.28
C ALA J 182 -45.04 18.94 -67.96
N TYR J 183 -45.93 17.97 -67.67
CA TYR J 183 -45.70 16.53 -67.40
C TYR J 183 -45.10 16.32 -66.02
N VAL J 184 -44.54 17.34 -65.35
CA VAL J 184 -43.83 17.16 -64.07
C VAL J 184 -44.81 16.82 -62.94
N THR J 185 -44.38 16.00 -62.00
CA THR J 185 -45.12 15.67 -60.75
C THR J 185 -44.45 16.39 -59.59
N VAL J 186 -45.24 17.10 -58.79
CA VAL J 186 -44.74 17.89 -57.64
C VAL J 186 -45.50 17.54 -56.35
N PHE J 187 -44.81 17.64 -55.22
CA PHE J 187 -45.24 17.09 -53.92
C PHE J 187 -44.61 17.97 -52.86
N GLY J 188 -45.38 18.19 -51.80
CA GLY J 188 -44.88 18.81 -50.58
C GLY J 188 -45.20 20.28 -50.46
N ASN J 189 -44.70 20.83 -49.37
CA ASN J 189 -44.77 22.25 -48.98
C ASN J 189 -43.40 22.63 -48.48
N PRO J 190 -42.50 23.24 -49.28
CA PRO J 190 -42.82 23.70 -50.64
C PRO J 190 -42.83 22.53 -51.64
N ALA J 191 -43.69 22.60 -52.64
CA ALA J 191 -43.73 21.68 -53.81
C ALA J 191 -42.32 21.37 -54.32
N GLU J 192 -42.06 20.14 -54.73
CA GLU J 192 -40.81 19.76 -55.44
C GLU J 192 -41.09 18.80 -56.57
N ALA J 193 -40.34 18.92 -57.63
CA ALA J 193 -40.34 17.97 -58.75
C ALA J 193 -39.83 16.65 -58.19
N ARG J 194 -40.58 15.59 -58.44
CA ARG J 194 -40.23 14.22 -58.11
C ARG J 194 -39.96 13.45 -59.40
N SER J 195 -40.77 13.64 -60.45
CA SER J 195 -40.74 12.82 -61.69
C SER J 195 -41.65 13.41 -62.76
N MET J 196 -41.97 12.64 -63.79
CA MET J 196 -42.97 13.05 -64.78
C MET J 196 -44.21 12.15 -64.58
N ASN J 197 -45.35 12.62 -65.03
CA ASN J 197 -46.66 11.96 -64.92
C ASN J 197 -46.81 10.94 -66.04
N PHE J 198 -46.15 9.82 -65.86
CA PHE J 198 -46.06 8.79 -66.91
C PHE J 198 -47.44 8.23 -67.20
N GLU J 199 -48.21 8.00 -66.13
CA GLU J 199 -49.65 7.59 -66.17
C GLU J 199 -50.40 8.51 -67.15
N GLY J 200 -50.16 9.83 -67.05
CA GLY J 200 -50.77 10.85 -67.90
C GLY J 200 -50.58 10.47 -69.33
N MET J 201 -49.32 10.22 -69.67
CA MET J 201 -48.84 9.92 -71.05
C MET J 201 -49.46 8.60 -71.57
N ARG J 202 -49.53 7.53 -70.78
CA ARG J 202 -50.28 6.32 -71.17
C ARG J 202 -51.73 6.69 -71.55
N ARG J 203 -52.54 7.20 -70.60
CA ARG J 203 -53.93 7.64 -70.86
C ARG J 203 -53.94 8.41 -72.18
N ARG J 204 -53.01 9.31 -72.49
CA ARG J 204 -53.12 10.08 -73.76
C ARG J 204 -52.54 9.34 -74.98
N GLY J 205 -52.18 8.05 -74.81
CA GLY J 205 -51.61 7.21 -75.89
C GLY J 205 -50.39 7.82 -76.56
N PHE J 206 -49.55 8.49 -75.78
CA PHE J 206 -48.16 8.91 -76.14
C PHE J 206 -47.35 7.70 -76.60
N SER J 207 -46.52 7.96 -77.62
CA SER J 207 -45.60 6.99 -78.26
C SER J 207 -44.62 6.53 -77.19
N SER J 208 -44.10 5.33 -77.28
CA SER J 208 -43.32 4.84 -76.13
C SER J 208 -41.94 5.50 -76.20
N GLU J 209 -41.56 6.00 -77.40
CA GLU J 209 -40.33 6.80 -77.69
C GLU J 209 -40.46 8.22 -77.11
N ALA J 210 -41.68 8.71 -77.04
CA ALA J 210 -41.97 10.07 -76.54
C ALA J 210 -41.92 10.04 -75.02
N ILE J 211 -42.42 8.95 -74.42
CA ILE J 211 -42.34 8.79 -72.95
C ILE J 211 -40.87 8.76 -72.55
N HIS J 212 -40.07 7.93 -73.23
CA HIS J 212 -38.63 7.82 -72.94
C HIS J 212 -37.99 9.19 -73.12
N ALA J 213 -38.34 9.92 -74.17
CA ALA J 213 -37.69 11.22 -74.41
C ALA J 213 -38.04 12.21 -73.29
N LEU J 214 -39.25 12.10 -72.74
CA LEU J 214 -39.67 12.99 -71.66
C LEU J 214 -38.98 12.61 -70.36
N ARG J 215 -38.81 11.32 -70.09
CA ARG J 215 -37.97 10.91 -68.93
C ARG J 215 -36.58 11.55 -69.08
N ARG J 216 -35.93 11.49 -70.26
CA ARG J 216 -34.56 12.02 -70.40
C ARG J 216 -34.63 13.49 -70.13
N ALA J 217 -35.70 14.13 -70.59
CA ALA J 217 -35.83 15.58 -70.55
C ALA J 217 -35.93 15.99 -69.07
N TYR J 218 -36.54 15.13 -68.25
CA TYR J 218 -36.63 15.39 -66.81
C TYR J 218 -35.20 15.31 -66.26
N LYS J 219 -34.44 14.30 -66.67
CA LYS J 219 -33.08 14.09 -66.12
C LYS J 219 -32.27 15.37 -66.41
N VAL J 220 -32.44 15.95 -67.59
CA VAL J 220 -31.59 17.05 -68.07
C VAL J 220 -31.90 18.29 -67.24
N VAL J 221 -33.14 18.50 -66.92
CA VAL J 221 -33.55 19.72 -66.17
C VAL J 221 -33.26 19.52 -64.71
N TYR J 222 -33.46 18.35 -64.13
CA TYR J 222 -33.57 18.24 -62.65
C TYR J 222 -32.39 17.47 -62.06
N ARG J 223 -31.71 16.61 -62.80
CA ARG J 223 -30.85 15.56 -62.18
C ARG J 223 -29.48 15.57 -62.85
N GLN J 224 -29.02 16.67 -63.41
CA GLN J 224 -27.73 16.59 -64.13
C GLN J 224 -26.91 17.83 -63.77
N GLY J 225 -27.28 18.48 -62.67
CA GLY J 225 -26.61 19.70 -62.20
C GLY J 225 -26.68 20.85 -63.18
N HIS J 226 -27.47 20.79 -64.25
CA HIS J 226 -27.53 21.86 -65.30
C HIS J 226 -28.18 23.10 -64.65
N THR J 227 -27.80 24.32 -65.01
CA THR J 227 -28.65 25.50 -64.74
C THR J 227 -29.90 25.41 -65.64
N VAL J 228 -30.87 26.27 -65.45
CA VAL J 228 -32.04 26.24 -66.35
C VAL J 228 -31.63 26.58 -67.78
N GLU J 229 -30.70 27.53 -67.97
CA GLU J 229 -30.28 27.95 -69.33
C GLU J 229 -29.56 26.78 -69.97
N GLU J 230 -28.71 26.12 -69.22
CA GLU J 230 -27.98 24.94 -69.73
C GLU J 230 -28.98 23.87 -70.17
N ALA J 231 -29.99 23.63 -69.35
CA ALA J 231 -31.06 22.65 -69.63
C ALA J 231 -31.79 23.04 -70.91
N LEU J 232 -32.19 24.30 -71.05
CA LEU J 232 -33.02 24.69 -72.22
C LEU J 232 -32.26 24.38 -73.48
N ALA J 233 -30.98 24.71 -73.43
CA ALA J 233 -30.04 24.55 -74.55
C ALA J 233 -29.94 23.07 -74.90
N GLU J 234 -29.72 22.24 -73.89
CA GLU J 234 -29.59 20.78 -74.11
C GLU J 234 -30.88 20.22 -74.73
N LEU J 235 -32.03 20.71 -74.25
CA LEU J 235 -33.35 20.20 -74.67
C LEU J 235 -33.61 20.54 -76.15
N ALA J 236 -32.86 21.44 -76.78
CA ALA J 236 -33.18 21.97 -78.12
C ALA J 236 -33.44 20.81 -79.09
N GLU J 237 -32.59 19.78 -79.03
CA GLU J 237 -32.51 18.66 -80.02
C GLU J 237 -33.79 17.85 -79.92
N SER J 238 -34.06 17.44 -78.70
CA SER J 238 -35.18 16.58 -78.29
C SER J 238 -36.50 17.34 -78.58
N ALA J 239 -36.49 18.63 -78.34
CA ALA J 239 -37.67 19.47 -78.54
C ALA J 239 -37.99 19.49 -80.02
N ALA J 240 -37.02 19.44 -80.89
CA ALA J 240 -37.29 19.44 -82.33
C ALA J 240 -37.70 18.04 -82.81
N GLN J 241 -37.28 17.01 -82.07
CA GLN J 241 -37.54 15.60 -82.45
C GLN J 241 -38.98 15.27 -82.05
N PHE J 242 -39.44 15.78 -80.90
CA PHE J 242 -40.66 15.31 -80.21
C PHE J 242 -41.54 16.50 -79.83
N PRO J 243 -42.75 16.64 -80.43
CA PRO J 243 -43.64 17.74 -80.08
C PRO J 243 -43.95 17.69 -78.57
N GLU J 244 -44.08 16.47 -78.03
CA GLU J 244 -44.28 16.25 -76.58
C GLU J 244 -43.18 16.99 -75.80
N VAL J 245 -41.90 16.93 -76.22
CA VAL J 245 -40.76 17.49 -75.43
C VAL J 245 -40.75 19.01 -75.60
N ALA J 246 -41.18 19.49 -76.76
CA ALA J 246 -41.35 20.92 -77.07
C ALA J 246 -42.36 21.57 -76.11
N VAL J 247 -43.45 20.89 -75.75
CA VAL J 247 -44.43 21.38 -74.73
C VAL J 247 -43.69 21.59 -73.39
N PHE J 248 -42.83 20.63 -73.06
CA PHE J 248 -42.00 20.66 -71.84
C PHE J 248 -40.95 21.76 -71.99
N ARG J 249 -40.17 21.84 -73.09
CA ARG J 249 -39.14 22.91 -73.20
C ARG J 249 -39.89 24.26 -73.09
N ASP J 250 -41.00 24.44 -73.82
CA ASP J 250 -41.69 25.74 -73.92
C ASP J 250 -42.17 26.16 -72.53
N SER J 251 -42.70 25.24 -71.74
CA SER J 251 -43.21 25.57 -70.39
C SER J 251 -42.09 26.06 -69.45
N ILE J 252 -40.88 25.56 -69.63
CA ILE J 252 -39.72 26.02 -68.83
C ILE J 252 -39.20 27.36 -69.35
N GLN J 253 -39.08 27.50 -70.67
CA GLN J 253 -38.68 28.76 -71.35
C GLN J 253 -39.54 29.85 -70.72
N SER J 254 -40.86 29.63 -70.68
CA SER J 254 -41.89 30.71 -70.61
C SER J 254 -42.13 31.04 -69.15
N ALA J 255 -41.08 31.00 -68.34
CA ALA J 255 -41.13 30.99 -66.86
C ALA J 255 -39.85 31.62 -66.27
N THR J 256 -38.68 31.37 -66.91
CA THR J 256 -37.40 32.13 -66.78
C THR J 256 -37.31 33.11 -67.95
N ARG J 257 -37.25 34.41 -67.72
CA ARG J 257 -36.62 35.33 -68.70
C ARG J 257 -35.24 35.77 -68.18
N GLY J 258 -35.14 36.09 -66.87
CA GLY J 258 -33.91 36.39 -66.13
C GLY J 258 -33.42 37.83 -66.31
N ILE J 259 -32.30 38.13 -65.66
CA ILE J 259 -31.65 39.46 -65.75
C ILE J 259 -30.24 39.36 -66.34
N THR J 260 -29.81 40.46 -66.96
CA THR J 260 -28.43 40.71 -67.42
C THR J 260 -27.55 40.51 -66.20
N ARG J 261 -26.58 39.60 -66.29
CA ARG J 261 -25.66 39.23 -65.21
C ARG J 261 -24.39 39.92 -65.63
N SER K 5 -95.27 21.10 -37.91
CA SER K 5 -94.30 21.92 -37.17
C SER K 5 -92.88 21.30 -37.19
N LEU K 6 -92.64 19.97 -37.03
CA LEU K 6 -91.27 19.33 -36.85
C LEU K 6 -90.45 19.26 -38.15
N ILE K 7 -91.12 18.79 -39.23
CA ILE K 7 -90.58 18.73 -40.63
C ILE K 7 -90.96 20.03 -41.37
N ASP K 8 -90.34 21.18 -41.02
CA ASP K 8 -90.53 22.54 -41.64
C ASP K 8 -91.05 22.40 -43.08
N PRO K 9 -92.09 23.14 -43.49
CA PRO K 9 -92.64 22.93 -44.84
C PRO K 9 -91.85 23.65 -45.96
N ARG K 10 -90.97 24.61 -45.67
CA ARG K 10 -90.13 25.27 -46.73
C ARG K 10 -89.05 24.27 -47.20
N ALA K 11 -88.83 23.17 -46.44
CA ALA K 11 -88.01 21.98 -46.83
C ALA K 11 -88.73 21.20 -47.92
N ILE K 12 -88.02 20.34 -48.64
CA ILE K 12 -88.55 19.41 -49.69
C ILE K 12 -88.31 17.98 -49.18
N ILE K 13 -89.32 17.11 -49.23
CA ILE K 13 -89.18 15.63 -49.07
C ILE K 13 -89.58 14.92 -50.37
N ASP K 14 -88.82 13.91 -50.71
CA ASP K 14 -89.27 12.95 -51.73
C ASP K 14 -90.46 12.20 -51.15
N PRO K 15 -91.47 11.82 -51.98
CA PRO K 15 -92.41 10.76 -51.61
C PRO K 15 -91.66 9.51 -51.13
N SER K 16 -90.52 9.22 -51.77
CA SER K 16 -89.73 7.97 -51.64
C SER K 16 -89.04 7.88 -50.27
N ALA K 17 -88.84 9.00 -49.57
CA ALA K 17 -88.08 9.02 -48.29
C ALA K 17 -88.89 8.34 -47.20
N ARG K 18 -88.23 7.96 -46.10
CA ARG K 18 -88.79 7.20 -44.95
C ARG K 18 -88.22 7.82 -43.64
N LEU K 19 -89.04 8.38 -42.76
CA LEU K 19 -88.61 9.26 -41.64
C LEU K 19 -89.35 8.94 -40.34
N ALA K 20 -88.87 7.99 -39.53
CA ALA K 20 -89.46 7.66 -38.20
C ALA K 20 -90.08 8.94 -37.60
N ALA K 21 -91.40 8.95 -37.32
CA ALA K 21 -92.26 10.16 -37.27
C ALA K 21 -91.44 11.39 -36.81
N ASP K 22 -90.84 11.33 -35.59
CA ASP K 22 -90.35 12.46 -34.73
C ASP K 22 -88.96 13.03 -35.14
N VAL K 23 -88.39 12.59 -36.27
CA VAL K 23 -87.30 13.29 -37.01
C VAL K 23 -87.68 14.76 -37.26
N GLN K 24 -86.70 15.67 -37.19
CA GLN K 24 -86.88 17.08 -37.61
C GLN K 24 -86.07 17.40 -38.87
N VAL K 25 -86.57 18.33 -39.67
CA VAL K 25 -85.90 18.86 -40.87
C VAL K 25 -86.13 20.38 -40.85
N GLY K 26 -85.03 21.11 -41.03
CA GLY K 26 -85.03 22.58 -41.07
C GLY K 26 -85.51 23.10 -42.43
N PRO K 27 -85.64 24.44 -42.52
CA PRO K 27 -86.00 25.10 -43.77
C PRO K 27 -84.97 24.80 -44.87
N TRP K 28 -85.45 24.69 -46.10
CA TRP K 28 -84.65 24.66 -47.35
C TRP K 28 -83.73 23.44 -47.41
N SER K 29 -84.11 22.35 -46.77
CA SER K 29 -83.30 21.12 -46.77
C SER K 29 -83.94 20.13 -47.75
N ILE K 30 -83.18 19.50 -48.63
CA ILE K 30 -83.69 18.47 -49.57
C ILE K 30 -83.41 17.09 -48.96
N VAL K 31 -84.40 16.22 -49.03
CA VAL K 31 -84.30 14.80 -48.55
C VAL K 31 -84.69 13.90 -49.72
N GLY K 32 -83.77 13.63 -50.64
CA GLY K 32 -84.14 13.02 -51.94
C GLY K 32 -84.65 11.59 -51.83
N ALA K 33 -84.85 10.99 -53.00
CA ALA K 33 -85.20 9.57 -53.19
C ALA K 33 -84.37 8.70 -52.24
N GLU K 34 -85.06 7.75 -51.60
CA GLU K 34 -84.42 6.52 -51.09
C GLU K 34 -83.52 6.84 -49.91
N VAL K 35 -83.85 7.87 -49.13
CA VAL K 35 -83.22 8.19 -47.82
C VAL K 35 -84.11 7.70 -46.65
N GLU K 36 -83.70 6.65 -45.92
CA GLU K 36 -84.23 6.36 -44.55
C GLU K 36 -83.54 7.34 -43.58
N ILE K 37 -84.26 7.82 -42.57
CA ILE K 37 -83.69 8.59 -41.43
C ILE K 37 -84.33 8.03 -40.16
N GLY K 38 -83.52 7.46 -39.28
CA GLY K 38 -84.04 6.80 -38.05
C GLY K 38 -84.52 7.79 -37.00
N GLU K 39 -85.16 7.24 -35.96
CA GLU K 39 -85.73 7.96 -34.79
C GLU K 39 -84.77 9.08 -34.33
N GLY K 40 -85.28 10.26 -33.94
CA GLY K 40 -84.56 11.22 -33.08
C GLY K 40 -83.66 12.17 -33.84
N THR K 41 -83.21 11.76 -35.02
CA THR K 41 -82.27 12.49 -35.92
C THR K 41 -82.81 13.90 -36.25
N VAL K 42 -81.91 14.89 -36.23
CA VAL K 42 -82.25 16.33 -36.47
C VAL K 42 -81.45 16.79 -37.69
N ILE K 43 -82.16 17.18 -38.76
CA ILE K 43 -81.58 17.81 -39.98
C ILE K 43 -81.73 19.32 -39.85
N GLY K 44 -80.62 20.01 -40.02
CA GLY K 44 -80.59 21.47 -39.96
C GLY K 44 -81.26 22.05 -41.20
N PRO K 45 -81.25 23.40 -41.30
CA PRO K 45 -81.58 24.13 -42.52
C PRO K 45 -80.55 23.82 -43.60
N HIS K 46 -80.88 24.01 -44.88
CA HIS K 46 -79.90 24.03 -45.98
C HIS K 46 -79.05 22.75 -46.03
N VAL K 47 -79.59 21.60 -45.65
CA VAL K 47 -78.92 20.30 -45.88
C VAL K 47 -79.41 19.74 -47.20
N VAL K 48 -78.57 18.99 -47.91
CA VAL K 48 -78.97 18.20 -49.11
C VAL K 48 -78.66 16.75 -48.79
N LEU K 49 -79.68 15.88 -48.82
CA LEU K 49 -79.50 14.42 -48.75
C LEU K 49 -79.92 13.80 -50.09
N LYS K 50 -78.99 13.09 -50.76
CA LYS K 50 -79.19 12.17 -51.93
C LYS K 50 -79.05 10.74 -51.39
N GLY K 51 -79.71 9.78 -52.04
CA GLY K 51 -79.71 8.36 -51.68
C GLY K 51 -79.29 7.48 -52.85
N PRO K 52 -79.30 6.13 -52.73
CA PRO K 52 -79.85 5.43 -51.57
C PRO K 52 -78.97 5.47 -50.31
N THR K 53 -79.46 6.14 -49.29
CA THR K 53 -78.75 6.46 -48.05
C THR K 53 -79.62 6.08 -46.86
N LYS K 54 -79.07 5.28 -45.96
CA LYS K 54 -79.66 4.94 -44.64
C LYS K 54 -78.97 5.81 -43.58
N ILE K 55 -79.73 6.55 -42.78
CA ILE K 55 -79.27 7.32 -41.58
C ILE K 55 -80.00 6.76 -40.35
N GLY K 56 -79.26 6.33 -39.33
CA GLY K 56 -79.83 5.75 -38.10
C GLY K 56 -80.40 6.82 -37.19
N LYS K 57 -80.26 6.62 -35.89
CA LYS K 57 -81.06 7.35 -34.87
C LYS K 57 -80.18 8.39 -34.15
N HIS K 58 -80.76 9.53 -33.78
CA HIS K 58 -80.18 10.57 -32.87
C HIS K 58 -78.95 11.21 -33.50
N ASN K 59 -78.96 11.42 -34.82
CA ASN K 59 -77.92 12.16 -35.55
C ASN K 59 -78.34 13.61 -35.60
N ARG K 60 -77.37 14.52 -35.43
CA ARG K 60 -77.49 15.99 -35.61
C ARG K 60 -76.67 16.16 -36.91
N ILE K 61 -77.24 16.72 -37.97
CA ILE K 61 -76.56 17.05 -39.28
C ILE K 61 -76.76 18.54 -39.57
N TYR K 62 -75.71 19.33 -39.68
CA TYR K 62 -75.79 20.81 -39.75
C TYR K 62 -75.87 21.29 -41.22
N GLN K 63 -76.27 22.55 -41.37
CA GLN K 63 -76.42 23.32 -42.63
C GLN K 63 -75.27 23.10 -43.60
N PHE K 64 -75.58 23.16 -44.90
CA PHE K 64 -74.65 23.22 -46.05
C PHE K 64 -73.85 21.93 -46.23
N SER K 65 -74.24 20.88 -45.50
CA SER K 65 -73.76 19.50 -45.67
C SER K 65 -74.43 18.86 -46.88
N SER K 66 -73.66 18.23 -47.75
CA SER K 66 -74.17 17.41 -48.87
C SER K 66 -73.73 15.99 -48.57
N VAL K 67 -74.65 15.22 -48.04
CA VAL K 67 -74.50 13.82 -47.55
C VAL K 67 -75.23 12.89 -48.53
N GLY K 68 -74.55 11.91 -49.12
CA GLY K 68 -75.19 10.92 -50.03
C GLY K 68 -75.01 11.26 -51.51
N GLU K 69 -74.29 12.32 -51.83
CA GLU K 69 -73.99 12.75 -53.21
C GLU K 69 -73.14 11.69 -53.92
N ASP K 70 -73.16 11.63 -55.24
CA ASP K 70 -72.20 10.76 -55.98
C ASP K 70 -70.78 11.33 -55.83
N THR K 71 -69.75 10.50 -55.69
CA THR K 71 -68.36 10.96 -55.93
C THR K 71 -68.26 11.47 -57.36
N PRO K 72 -67.46 12.51 -57.64
CA PRO K 72 -67.16 12.87 -59.01
C PRO K 72 -66.04 12.06 -59.65
N ASP K 73 -65.36 11.13 -58.97
CA ASP K 73 -64.25 10.35 -59.61
C ASP K 73 -64.81 9.65 -60.86
N LEU K 74 -64.06 9.70 -61.96
CA LEU K 74 -64.44 9.24 -63.32
C LEU K 74 -64.34 7.70 -63.36
N LYS K 75 -65.25 6.99 -62.75
CA LYS K 75 -64.95 5.68 -62.14
C LYS K 75 -66.31 5.21 -61.63
N TYR K 76 -67.00 6.16 -61.00
CA TYR K 76 -68.46 6.16 -60.82
C TYR K 76 -69.09 6.37 -62.21
N LYS K 77 -69.88 5.43 -62.73
CA LYS K 77 -70.71 5.64 -63.94
C LYS K 77 -71.96 6.39 -63.47
N GLY K 78 -72.91 5.64 -62.89
CA GLY K 78 -74.06 6.13 -62.10
C GLY K 78 -74.70 4.95 -61.41
N GLU K 79 -73.89 3.96 -61.01
CA GLU K 79 -74.37 2.63 -60.56
C GLU K 79 -75.12 2.84 -59.25
N PRO K 80 -76.12 1.98 -58.88
CA PRO K 80 -76.92 2.26 -57.68
C PRO K 80 -76.13 1.84 -56.42
N THR K 81 -75.45 2.79 -55.75
CA THR K 81 -74.52 2.57 -54.60
C THR K 81 -75.07 3.30 -53.37
N ARG K 82 -74.55 3.00 -52.18
CA ARG K 82 -75.22 3.34 -50.88
C ARG K 82 -74.30 4.10 -49.95
N LEU K 83 -74.90 4.82 -49.01
CA LEU K 83 -74.25 5.41 -47.83
C LEU K 83 -75.05 4.97 -46.61
N VAL K 84 -74.36 4.49 -45.58
CA VAL K 84 -74.94 4.01 -44.28
C VAL K 84 -74.30 4.79 -43.14
N ILE K 85 -75.13 5.47 -42.38
CA ILE K 85 -74.70 6.21 -41.19
C ILE K 85 -75.48 5.62 -40.01
N GLY K 86 -74.74 5.24 -38.98
CA GLY K 86 -75.31 4.68 -37.74
C GLY K 86 -75.96 5.74 -36.87
N ASP K 87 -75.69 5.65 -35.57
CA ASP K 87 -76.50 6.29 -34.52
C ASP K 87 -75.62 7.31 -33.77
N HIS K 88 -76.25 8.35 -33.24
CA HIS K 88 -75.64 9.38 -32.36
C HIS K 88 -74.40 9.94 -33.04
N ASN K 89 -74.49 10.29 -34.30
CA ASN K 89 -73.37 11.00 -34.96
C ASN K 89 -73.70 12.47 -34.98
N VAL K 90 -72.70 13.27 -35.20
CA VAL K 90 -72.79 14.73 -35.35
C VAL K 90 -71.92 15.10 -36.56
N ILE K 91 -72.56 15.69 -37.55
CA ILE K 91 -71.94 16.03 -38.85
C ILE K 91 -72.05 17.54 -38.96
N ARG K 92 -70.95 18.27 -38.82
CA ARG K 92 -70.98 19.75 -38.71
C ARG K 92 -71.18 20.43 -40.07
N GLU K 93 -70.99 21.74 -40.10
CA GLU K 93 -71.43 22.60 -41.21
C GLU K 93 -70.55 22.29 -42.41
N GLY K 94 -71.18 22.11 -43.58
CA GLY K 94 -70.47 22.02 -44.87
C GLY K 94 -69.76 20.69 -45.11
N VAL K 95 -70.03 19.65 -44.35
CA VAL K 95 -69.42 18.32 -44.57
C VAL K 95 -69.90 17.74 -45.88
N THR K 96 -69.02 17.10 -46.63
CA THR K 96 -69.38 16.25 -47.79
C THR K 96 -69.11 14.77 -47.48
N ILE K 97 -70.11 13.93 -47.73
CA ILE K 97 -70.05 12.46 -47.64
C ILE K 97 -70.65 11.92 -48.94
N HIS K 98 -69.90 11.12 -49.65
CA HIS K 98 -70.23 10.51 -50.95
C HIS K 98 -70.57 9.04 -50.77
N ARG K 99 -71.48 8.51 -51.60
CA ARG K 99 -71.83 7.06 -51.58
C ARG K 99 -70.68 6.27 -52.18
N GLY K 100 -70.71 4.94 -52.07
CA GLY K 100 -69.71 4.03 -52.65
C GLY K 100 -69.62 4.00 -54.17
N THR K 101 -68.74 3.10 -54.65
CA THR K 101 -68.45 2.71 -56.08
C THR K 101 -68.54 1.19 -56.21
N VAL K 102 -68.87 0.59 -57.38
CA VAL K 102 -69.01 -0.91 -57.40
C VAL K 102 -67.62 -1.54 -57.41
N GLN K 103 -66.61 -0.78 -57.81
CA GLN K 103 -65.22 -1.29 -57.93
C GLN K 103 -64.82 -1.89 -56.60
N ASP K 104 -65.38 -1.40 -55.50
CA ASP K 104 -65.03 -1.85 -54.12
C ASP K 104 -66.14 -2.76 -53.59
N ARG K 105 -67.12 -2.19 -52.89
CA ARG K 105 -68.11 -2.88 -52.01
C ARG K 105 -69.43 -2.10 -52.06
N ALA K 106 -69.50 -0.97 -52.75
CA ALA K 106 -70.73 -0.25 -53.11
C ALA K 106 -71.34 0.45 -51.90
N GLU K 107 -70.58 0.62 -50.83
CA GLU K 107 -71.12 1.21 -49.57
C GLU K 107 -70.07 2.17 -49.03
N THR K 108 -70.46 3.40 -48.71
CA THR K 108 -69.73 4.27 -47.77
C THR K 108 -70.39 4.05 -46.42
N THR K 109 -69.61 3.74 -45.40
CA THR K 109 -70.19 3.26 -44.12
C THR K 109 -69.63 4.12 -42.99
N ILE K 110 -70.51 4.56 -42.10
CA ILE K 110 -70.15 5.28 -40.85
C ILE K 110 -70.86 4.61 -39.66
N GLY K 111 -70.10 4.29 -38.60
CA GLY K 111 -70.59 3.70 -37.33
C GLY K 111 -71.35 4.72 -36.52
N ASP K 112 -71.20 4.67 -35.19
CA ASP K 112 -72.02 5.40 -34.20
C ASP K 112 -71.14 6.36 -33.37
N HIS K 113 -71.72 7.35 -32.72
CA HIS K 113 -71.06 8.34 -31.81
C HIS K 113 -69.83 8.95 -32.49
N ASN K 114 -69.86 9.25 -33.77
CA ASN K 114 -68.74 10.00 -34.41
C ASN K 114 -69.06 11.49 -34.45
N LEU K 115 -68.02 12.29 -34.35
CA LEU K 115 -68.08 13.75 -34.52
C LEU K 115 -67.24 14.04 -35.75
N ILE K 116 -67.83 14.72 -36.71
CA ILE K 116 -67.21 14.99 -38.02
C ILE K 116 -67.35 16.47 -38.23
N MET K 117 -66.30 17.23 -38.04
CA MET K 117 -66.44 18.69 -37.94
C MET K 117 -66.48 19.35 -39.29
N ALA K 118 -66.64 20.68 -39.24
CA ALA K 118 -66.99 21.49 -40.42
C ALA K 118 -66.09 21.19 -41.62
N TYR K 119 -66.70 21.02 -42.78
CA TYR K 119 -66.06 20.99 -44.12
C TYR K 119 -65.21 19.74 -44.24
N ALA K 120 -65.28 18.76 -43.34
CA ALA K 120 -64.59 17.47 -43.60
C ALA K 120 -65.25 16.87 -44.83
N HIS K 121 -64.60 15.86 -45.42
CA HIS K 121 -65.00 15.16 -46.68
C HIS K 121 -64.74 13.68 -46.45
N ILE K 122 -65.76 12.87 -46.56
CA ILE K 122 -65.67 11.41 -46.40
C ILE K 122 -65.95 10.80 -47.76
N GLY K 123 -64.89 10.60 -48.55
CA GLY K 123 -65.00 10.16 -49.95
C GLY K 123 -65.46 8.72 -50.07
N HIS K 124 -65.94 8.38 -51.25
CA HIS K 124 -66.58 7.06 -51.52
C HIS K 124 -65.86 5.90 -50.89
N ASP K 125 -66.62 4.97 -50.28
CA ASP K 125 -66.18 3.60 -49.87
C ASP K 125 -65.37 3.61 -48.57
N SER K 126 -65.31 4.78 -47.92
CA SER K 126 -64.65 4.98 -46.62
C SER K 126 -65.48 4.22 -45.59
N VAL K 127 -64.85 3.85 -44.47
CA VAL K 127 -65.52 3.06 -43.39
C VAL K 127 -65.07 3.63 -42.07
N ILE K 128 -65.95 4.39 -41.43
CA ILE K 128 -65.68 4.99 -40.11
C ILE K 128 -66.37 4.11 -39.09
N GLY K 129 -65.63 3.65 -38.09
CA GLY K 129 -66.15 2.91 -36.91
C GLY K 129 -66.95 3.82 -36.00
N ASN K 130 -66.78 3.66 -34.69
CA ASN K 130 -67.54 4.46 -33.70
C ASN K 130 -66.58 5.34 -32.92
N HIS K 131 -67.07 6.44 -32.34
CA HIS K 131 -66.34 7.36 -31.42
C HIS K 131 -65.12 8.02 -32.09
N CYS K 132 -65.08 8.10 -33.42
CA CYS K 132 -64.03 8.87 -34.11
C CYS K 132 -64.39 10.35 -34.12
N ILE K 133 -63.35 11.17 -34.20
CA ILE K 133 -63.42 12.64 -34.38
C ILE K 133 -62.59 12.99 -35.61
N LEU K 134 -63.24 13.41 -36.68
CA LEU K 134 -62.55 14.00 -37.83
C LEU K 134 -62.69 15.52 -37.72
N VAL K 135 -61.63 16.26 -37.44
CA VAL K 135 -61.76 17.73 -37.19
C VAL K 135 -61.85 18.43 -38.52
N ASN K 136 -62.21 19.71 -38.51
CA ASN K 136 -62.44 20.57 -39.70
C ASN K 136 -61.55 20.19 -40.87
N ASN K 137 -62.19 20.01 -42.02
CA ASN K 137 -61.50 19.96 -43.33
C ASN K 137 -60.67 18.66 -43.43
N THR K 138 -60.86 17.67 -42.56
CA THR K 138 -60.28 16.33 -42.72
C THR K 138 -60.81 15.75 -44.02
N ALA K 139 -59.97 15.12 -44.82
CA ALA K 139 -60.39 14.59 -46.14
C ALA K 139 -59.94 13.13 -46.29
N LEU K 140 -60.88 12.20 -46.22
CA LEU K 140 -60.66 10.79 -46.60
C LEU K 140 -60.83 10.66 -48.13
N ALA K 141 -59.79 10.36 -48.88
CA ALA K 141 -59.81 10.52 -50.35
C ALA K 141 -60.75 9.50 -50.98
N GLY K 142 -60.71 8.28 -50.47
CA GLY K 142 -61.66 7.19 -50.77
C GLY K 142 -61.22 5.83 -50.24
N HIS K 143 -62.14 4.89 -50.00
CA HIS K 143 -61.80 3.55 -49.46
C HIS K 143 -60.93 3.71 -48.21
N VAL K 144 -61.09 4.78 -47.43
CA VAL K 144 -60.30 4.91 -46.19
C VAL K 144 -61.05 4.24 -45.06
N HIS K 145 -60.40 3.33 -44.36
CA HIS K 145 -61.00 2.69 -43.15
C HIS K 145 -60.42 3.39 -41.93
N VAL K 146 -61.25 4.03 -41.12
CA VAL K 146 -60.86 4.69 -39.83
C VAL K 146 -61.43 3.88 -38.69
N ASP K 147 -60.61 3.18 -37.94
CA ASP K 147 -61.08 2.31 -36.83
C ASP K 147 -61.44 3.17 -35.60
N ASP K 148 -62.02 2.52 -34.60
CA ASP K 148 -62.68 3.21 -33.46
C ASP K 148 -61.71 4.18 -32.80
N TRP K 149 -62.24 5.30 -32.33
CA TRP K 149 -61.61 6.24 -31.36
C TRP K 149 -60.53 7.07 -32.03
N ALA K 150 -60.29 6.87 -33.32
CA ALA K 150 -59.24 7.64 -34.00
C ALA K 150 -59.61 9.12 -33.95
N ILE K 151 -58.62 9.98 -33.87
CA ILE K 151 -58.77 11.45 -33.91
C ILE K 151 -57.91 11.95 -35.06
N LEU K 152 -58.52 12.55 -36.08
CA LEU K 152 -57.79 13.23 -37.16
C LEU K 152 -57.91 14.73 -36.92
N SER K 153 -56.84 15.34 -36.41
CA SER K 153 -56.73 16.79 -36.18
C SER K 153 -57.15 17.55 -37.44
N GLY K 154 -57.36 18.82 -37.30
CA GLY K 154 -57.83 19.61 -38.43
C GLY K 154 -56.98 19.46 -39.67
N TYR K 155 -57.59 19.51 -40.85
CA TYR K 155 -56.91 19.59 -42.16
C TYR K 155 -56.02 18.35 -42.41
N THR K 156 -56.32 17.24 -41.75
CA THR K 156 -55.67 15.93 -42.00
C THR K 156 -56.18 15.44 -43.36
N LEU K 157 -55.27 15.21 -44.30
CA LEU K 157 -55.60 14.51 -45.57
C LEU K 157 -55.23 13.03 -45.52
N VAL K 158 -56.07 12.13 -46.02
CA VAL K 158 -55.77 10.67 -46.08
C VAL K 158 -55.91 10.11 -47.49
N HIS K 159 -54.86 9.49 -48.02
CA HIS K 159 -54.75 8.97 -49.40
C HIS K 159 -55.64 7.71 -49.52
N GLN K 160 -56.23 7.55 -50.71
CA GLN K 160 -56.99 6.35 -51.18
C GLN K 160 -56.42 5.14 -50.42
N TYR K 161 -57.26 4.39 -49.70
CA TYR K 161 -57.05 3.00 -49.18
C TYR K 161 -56.31 2.95 -47.85
N CYS K 162 -55.84 4.05 -47.25
CA CYS K 162 -55.11 3.94 -45.96
C CYS K 162 -56.08 3.47 -44.86
N ARG K 163 -55.56 2.72 -43.90
CA ARG K 163 -56.27 2.34 -42.66
C ARG K 163 -55.76 3.25 -41.55
N ILE K 164 -56.66 3.96 -40.89
CA ILE K 164 -56.31 4.74 -39.67
C ILE K 164 -56.67 3.88 -38.47
N GLY K 165 -55.69 3.50 -37.66
CA GLY K 165 -55.87 2.46 -36.64
C GLY K 165 -56.57 2.98 -35.41
N ALA K 166 -57.16 2.07 -34.65
CA ALA K 166 -57.89 2.41 -33.42
C ALA K 166 -57.03 3.23 -32.49
N HIS K 167 -57.69 4.18 -31.84
CA HIS K 167 -57.07 5.13 -30.90
C HIS K 167 -55.93 5.92 -31.53
N SER K 168 -55.85 5.99 -32.86
CA SER K 168 -54.65 6.58 -33.49
C SER K 168 -54.85 8.09 -33.48
N PHE K 169 -53.82 8.87 -33.79
CA PHE K 169 -53.95 10.34 -33.78
C PHE K 169 -53.09 10.99 -34.86
N SER K 170 -53.67 11.92 -35.61
CA SER K 170 -52.96 12.71 -36.65
C SER K 170 -52.98 14.18 -36.24
N GLY K 171 -51.87 14.85 -36.40
CA GLY K 171 -51.75 16.25 -36.02
C GLY K 171 -52.26 17.13 -37.13
N MET K 172 -52.28 18.44 -36.93
CA MET K 172 -53.02 19.25 -37.88
C MET K 172 -52.18 19.35 -39.13
N GLY K 173 -52.89 19.25 -40.25
CA GLY K 173 -52.34 19.31 -41.61
C GLY K 173 -51.54 18.08 -41.89
N SER K 174 -51.79 16.96 -41.25
CA SER K 174 -51.00 15.76 -41.61
C SER K 174 -51.39 15.35 -43.03
N ALA K 175 -50.46 14.80 -43.81
CA ALA K 175 -50.78 14.16 -45.09
C ALA K 175 -50.41 12.68 -45.01
N ILE K 176 -51.41 11.84 -44.81
CA ILE K 176 -51.22 10.41 -44.48
C ILE K 176 -51.22 9.62 -45.78
N GLY K 177 -50.08 9.08 -46.19
CA GLY K 177 -49.93 8.29 -47.42
C GLY K 177 -50.01 6.79 -47.18
N LYS K 178 -50.20 6.36 -45.96
CA LYS K 178 -49.82 5.00 -45.55
C LYS K 178 -50.52 4.72 -44.24
N ASP K 179 -50.57 3.48 -43.84
CA ASP K 179 -51.50 3.13 -42.75
C ASP K 179 -50.96 3.72 -41.47
N VAL K 180 -51.86 4.01 -40.57
CA VAL K 180 -51.47 4.48 -39.23
C VAL K 180 -51.81 3.33 -38.31
N PRO K 181 -50.80 2.70 -37.70
CA PRO K 181 -51.07 1.64 -36.75
C PRO K 181 -51.94 2.19 -35.61
N ALA K 182 -52.71 1.31 -34.99
CA ALA K 182 -53.49 1.67 -33.79
C ALA K 182 -52.58 2.36 -32.78
N TYR K 183 -53.18 3.28 -32.02
CA TYR K 183 -52.49 4.10 -31.02
C TYR K 183 -51.44 5.04 -31.61
N VAL K 184 -51.02 4.98 -32.88
CA VAL K 184 -49.82 5.79 -33.25
C VAL K 184 -50.20 7.24 -33.43
N THR K 185 -49.34 8.18 -33.11
CA THR K 185 -49.49 9.63 -33.44
C THR K 185 -48.60 9.94 -34.64
N VAL K 186 -49.16 10.54 -35.68
CA VAL K 186 -48.41 10.97 -36.91
C VAL K 186 -48.57 12.48 -37.09
N PHE K 187 -47.56 13.14 -37.66
CA PHE K 187 -47.45 14.60 -37.88
C PHE K 187 -46.78 14.82 -39.24
N GLY K 188 -47.18 15.85 -39.99
CA GLY K 188 -46.43 16.40 -41.14
C GLY K 188 -46.90 15.91 -42.49
N ASN K 189 -46.34 16.48 -43.55
CA ASN K 189 -46.50 16.15 -44.99
C ASN K 189 -45.13 15.84 -45.52
N PRO K 190 -44.80 14.57 -45.72
CA PRO K 190 -45.73 13.48 -45.43
C PRO K 190 -45.73 13.11 -43.94
N ALA K 191 -46.78 12.46 -43.51
CA ALA K 191 -46.97 12.03 -42.10
C ALA K 191 -45.83 11.11 -41.63
N GLU K 192 -45.20 11.39 -40.49
CA GLU K 192 -44.28 10.44 -39.82
C GLU K 192 -44.76 10.21 -38.40
N ALA K 193 -44.56 8.99 -37.90
CA ALA K 193 -44.89 8.50 -36.55
C ALA K 193 -43.98 9.27 -35.60
N ARG K 194 -44.55 9.79 -34.51
CA ARG K 194 -43.82 10.44 -33.43
C ARG K 194 -43.86 9.58 -32.16
N SER K 195 -45.04 9.14 -31.73
CA SER K 195 -45.20 8.46 -30.41
C SER K 195 -46.50 7.67 -30.41
N MET K 196 -46.93 7.16 -29.27
CA MET K 196 -48.27 6.57 -29.13
C MET K 196 -49.13 7.67 -28.49
N ASN K 197 -50.43 7.49 -28.56
CA ASN K 197 -51.44 8.45 -28.11
C ASN K 197 -51.90 8.06 -26.71
N PHE K 198 -51.01 8.31 -25.76
CA PHE K 198 -51.21 7.97 -24.35
C PHE K 198 -52.40 8.73 -23.75
N GLU K 199 -52.58 10.01 -24.12
CA GLU K 199 -53.81 10.76 -23.74
C GLU K 199 -55.02 9.85 -24.01
N GLY K 200 -55.16 9.34 -25.23
CA GLY K 200 -56.27 8.47 -25.59
C GLY K 200 -56.42 7.29 -24.66
N MET K 201 -55.28 6.71 -24.28
CA MET K 201 -55.24 5.47 -23.48
C MET K 201 -55.77 5.76 -22.09
N ARG K 202 -55.44 6.94 -21.54
CA ARG K 202 -55.86 7.37 -20.18
C ARG K 202 -57.38 7.49 -20.16
N ARG K 203 -57.94 8.34 -21.04
CA ARG K 203 -59.42 8.54 -21.23
C ARG K 203 -60.10 7.16 -21.29
N ARG K 204 -59.52 6.13 -21.89
CA ARG K 204 -60.24 4.82 -22.06
C ARG K 204 -59.86 3.87 -20.90
N GLY K 205 -59.18 4.36 -19.86
CA GLY K 205 -58.96 3.63 -18.60
C GLY K 205 -58.04 2.44 -18.73
N PHE K 206 -57.05 2.49 -19.61
CA PHE K 206 -56.05 1.41 -19.84
C PHE K 206 -55.29 1.21 -18.53
N SER K 207 -54.82 -0.01 -18.26
CA SER K 207 -53.97 -0.22 -17.07
C SER K 207 -52.65 0.49 -17.37
N SER K 208 -51.86 0.77 -16.34
CA SER K 208 -50.46 1.24 -16.45
C SER K 208 -49.63 0.24 -17.24
N GLU K 209 -49.83 -1.05 -16.99
CA GLU K 209 -49.06 -2.17 -17.58
C GLU K 209 -49.22 -2.11 -19.10
N ALA K 210 -50.43 -1.81 -19.55
CA ALA K 210 -50.78 -1.89 -20.99
C ALA K 210 -50.11 -0.70 -21.67
N ILE K 211 -50.20 0.43 -20.99
CA ILE K 211 -49.62 1.69 -21.50
C ILE K 211 -48.11 1.46 -21.67
N HIS K 212 -47.49 0.79 -20.69
CA HIS K 212 -46.05 0.52 -20.72
C HIS K 212 -45.82 -0.43 -21.88
N ALA K 213 -46.63 -1.45 -21.96
CA ALA K 213 -46.46 -2.46 -23.01
C ALA K 213 -46.61 -1.80 -24.38
N LEU K 214 -47.44 -0.75 -24.53
CA LEU K 214 -47.63 -0.11 -25.86
C LEU K 214 -46.46 0.85 -26.17
N ARG K 215 -45.87 1.47 -25.16
CA ARG K 215 -44.63 2.21 -25.41
C ARG K 215 -43.54 1.24 -25.85
N ARG K 216 -43.42 0.04 -25.27
CA ARG K 216 -42.30 -0.85 -25.64
C ARG K 216 -42.59 -1.33 -27.05
N ALA K 217 -43.86 -1.46 -27.40
CA ALA K 217 -44.25 -2.04 -28.71
C ALA K 217 -43.88 -1.03 -29.78
N TYR K 218 -43.99 0.25 -29.43
CA TYR K 218 -43.72 1.37 -30.34
C TYR K 218 -42.22 1.34 -30.59
N LYS K 219 -41.44 1.19 -29.52
CA LYS K 219 -39.96 1.25 -29.60
C LYS K 219 -39.52 0.13 -30.58
N VAL K 220 -40.16 -1.01 -30.44
CA VAL K 220 -39.84 -2.24 -31.21
C VAL K 220 -40.04 -1.97 -32.69
N VAL K 221 -41.16 -1.35 -33.04
CA VAL K 221 -41.53 -1.13 -34.47
C VAL K 221 -40.68 0.01 -35.02
N TYR K 222 -40.52 1.07 -34.27
CA TYR K 222 -40.17 2.40 -34.80
C TYR K 222 -38.75 2.79 -34.39
N ARG K 223 -38.14 2.22 -33.36
CA ARG K 223 -36.95 2.85 -32.75
C ARG K 223 -35.86 1.82 -32.52
N GLN K 224 -35.81 0.72 -33.25
CA GLN K 224 -34.81 -0.33 -32.96
C GLN K 224 -34.17 -0.87 -34.24
N GLY K 225 -34.31 -0.15 -35.37
CA GLY K 225 -33.90 -0.63 -36.71
C GLY K 225 -34.48 -2.00 -37.05
N HIS K 226 -35.58 -2.45 -36.46
CA HIS K 226 -36.13 -3.75 -36.88
C HIS K 226 -36.82 -3.52 -38.24
N THR K 227 -36.87 -4.50 -39.13
CA THR K 227 -37.80 -4.43 -40.29
C THR K 227 -39.19 -4.65 -39.73
N VAL K 228 -40.22 -4.53 -40.54
CA VAL K 228 -41.59 -4.78 -40.02
C VAL K 228 -41.73 -6.26 -39.64
N GLU K 229 -41.26 -7.12 -40.53
CA GLU K 229 -41.15 -8.59 -40.36
C GLU K 229 -40.63 -8.90 -38.96
N GLU K 230 -39.48 -8.33 -38.61
CA GLU K 230 -38.74 -8.63 -37.36
C GLU K 230 -39.59 -8.14 -36.17
N ALA K 231 -40.13 -6.95 -36.31
CA ALA K 231 -40.93 -6.28 -35.27
C ALA K 231 -42.14 -7.14 -34.93
N LEU K 232 -42.92 -7.50 -35.95
CA LEU K 232 -44.13 -8.35 -35.79
C LEU K 232 -43.82 -9.64 -35.03
N ALA K 233 -42.61 -10.19 -35.23
CA ALA K 233 -42.08 -11.40 -34.56
C ALA K 233 -41.76 -11.06 -33.10
N GLU K 234 -41.04 -9.95 -32.87
CA GLU K 234 -40.71 -9.49 -31.52
C GLU K 234 -41.99 -9.23 -30.72
N LEU K 235 -43.03 -8.67 -31.34
CA LEU K 235 -44.34 -8.32 -30.70
C LEU K 235 -45.17 -9.57 -30.32
N ALA K 236 -44.86 -10.76 -30.82
CA ALA K 236 -45.65 -11.97 -30.50
C ALA K 236 -45.96 -12.03 -29.01
N GLU K 237 -44.94 -12.02 -28.16
CA GLU K 237 -45.10 -12.20 -26.69
C GLU K 237 -46.06 -11.13 -26.11
N SER K 238 -45.77 -9.84 -26.32
CA SER K 238 -46.52 -8.68 -25.75
C SER K 238 -47.99 -8.81 -26.18
N ALA K 239 -48.22 -9.00 -27.47
CA ALA K 239 -49.53 -9.27 -28.07
C ALA K 239 -50.26 -10.44 -27.38
N ALA K 240 -49.60 -11.44 -26.85
CA ALA K 240 -50.36 -12.55 -26.27
C ALA K 240 -50.81 -12.17 -24.89
N GLN K 241 -50.11 -11.21 -24.32
CA GLN K 241 -50.18 -10.90 -22.87
C GLN K 241 -51.19 -9.78 -22.64
N PHE K 242 -51.27 -8.87 -23.61
CA PHE K 242 -52.00 -7.59 -23.60
C PHE K 242 -52.85 -7.49 -24.87
N PRO K 243 -54.20 -7.60 -24.72
CA PRO K 243 -55.11 -7.45 -25.86
C PRO K 243 -54.85 -6.10 -26.54
N GLU K 244 -54.57 -5.08 -25.71
CA GLU K 244 -54.30 -3.68 -26.14
C GLU K 244 -53.16 -3.73 -27.16
N VAL K 245 -52.16 -4.61 -26.98
CA VAL K 245 -50.94 -4.67 -27.86
C VAL K 245 -51.25 -5.57 -29.06
N ALA K 246 -52.04 -6.61 -28.88
CA ALA K 246 -52.55 -7.42 -30.04
C ALA K 246 -53.19 -6.48 -31.10
N VAL K 247 -53.88 -5.42 -30.66
CA VAL K 247 -54.62 -4.50 -31.57
C VAL K 247 -53.58 -3.74 -32.40
N PHE K 248 -52.53 -3.30 -31.70
CA PHE K 248 -51.33 -2.70 -32.35
C PHE K 248 -50.70 -3.74 -33.31
N ARG K 249 -50.34 -4.96 -32.88
CA ARG K 249 -49.66 -5.91 -33.79
C ARG K 249 -50.58 -6.10 -35.02
N ASP K 250 -51.87 -6.40 -34.82
CA ASP K 250 -52.83 -6.73 -35.92
C ASP K 250 -52.85 -5.55 -36.91
N SER K 251 -52.80 -4.31 -36.47
CA SER K 251 -52.89 -3.14 -37.39
C SER K 251 -51.68 -3.12 -38.29
N ILE K 252 -50.55 -3.62 -37.83
CA ILE K 252 -49.30 -3.61 -38.64
C ILE K 252 -49.32 -4.83 -39.56
N GLN K 253 -49.80 -5.98 -39.06
CA GLN K 253 -49.95 -7.23 -39.85
C GLN K 253 -50.71 -6.90 -41.14
N SER K 254 -51.90 -6.31 -41.03
CA SER K 254 -52.84 -6.10 -42.16
C SER K 254 -52.45 -4.86 -42.97
N ALA K 255 -51.18 -4.57 -43.10
CA ALA K 255 -50.73 -3.42 -43.90
C ALA K 255 -49.69 -3.93 -44.89
N THR K 256 -48.97 -4.98 -44.48
CA THR K 256 -47.58 -5.32 -44.96
C THR K 256 -47.57 -6.80 -45.32
N ARG K 257 -48.22 -7.24 -46.41
CA ARG K 257 -47.99 -8.64 -46.87
C ARG K 257 -46.64 -8.72 -47.62
N GLY K 258 -46.43 -7.86 -48.62
CA GLY K 258 -45.13 -7.82 -49.30
C GLY K 258 -44.99 -8.89 -50.37
N ILE K 259 -43.87 -8.83 -51.07
CA ILE K 259 -43.57 -9.73 -52.21
C ILE K 259 -42.46 -10.70 -51.81
N THR K 260 -42.54 -11.92 -52.25
CA THR K 260 -41.42 -12.88 -52.32
C THR K 260 -40.18 -12.13 -52.83
N ARG K 261 -39.12 -12.10 -52.02
CA ARG K 261 -37.74 -11.75 -52.43
C ARG K 261 -36.95 -13.05 -52.64
N SER L 5 -88.63 45.57 -48.49
CA SER L 5 -87.39 45.47 -49.32
C SER L 5 -86.21 45.09 -48.42
N LEU L 6 -85.91 45.84 -47.35
CA LEU L 6 -84.59 45.79 -46.62
C LEU L 6 -84.24 44.41 -46.01
N ILE L 7 -85.22 43.67 -45.45
CA ILE L 7 -85.09 42.38 -44.70
C ILE L 7 -85.85 41.29 -45.48
N ASP L 8 -85.28 40.67 -46.53
CA ASP L 8 -86.01 39.82 -47.54
C ASP L 8 -87.02 38.89 -46.85
N PRO L 9 -88.27 38.75 -47.31
CA PRO L 9 -89.23 37.88 -46.61
C PRO L 9 -89.11 36.34 -46.71
N ARG L 10 -88.27 35.72 -47.59
CA ARG L 10 -88.01 34.23 -47.47
C ARG L 10 -86.97 34.09 -46.35
N ALA L 11 -86.42 35.21 -45.83
CA ALA L 11 -85.54 35.25 -44.63
C ALA L 11 -86.35 35.05 -43.37
N ILE L 12 -85.70 34.50 -42.34
CA ILE L 12 -86.24 34.34 -40.95
C ILE L 12 -85.43 35.23 -39.98
N ILE L 13 -86.13 36.19 -39.36
CA ILE L 13 -85.69 36.99 -38.19
C ILE L 13 -86.45 36.42 -36.98
N ASP L 14 -86.07 36.81 -35.79
CA ASP L 14 -86.51 36.08 -34.59
C ASP L 14 -86.95 37.12 -33.59
N PRO L 15 -88.06 36.89 -32.89
CA PRO L 15 -88.60 37.87 -31.94
C PRO L 15 -87.50 38.54 -31.08
N SER L 16 -86.55 37.79 -30.53
CA SER L 16 -85.54 38.33 -29.58
C SER L 16 -84.37 39.00 -30.32
N ALA L 17 -84.13 38.75 -31.62
CA ALA L 17 -83.04 39.36 -32.41
C ALA L 17 -83.31 40.86 -32.59
N ARG L 18 -82.29 41.72 -32.50
CA ARG L 18 -82.47 43.21 -32.54
C ARG L 18 -81.50 43.85 -33.53
N LEU L 19 -82.06 44.47 -34.59
CA LEU L 19 -81.44 45.03 -35.84
C LEU L 19 -81.68 46.55 -35.99
N ALA L 20 -80.63 47.40 -35.94
CA ALA L 20 -80.70 48.83 -36.30
C ALA L 20 -81.45 48.94 -37.63
N ALA L 21 -82.31 49.96 -37.82
CA ALA L 21 -83.32 50.05 -38.93
C ALA L 21 -82.78 49.43 -40.24
N ASP L 22 -81.70 50.07 -40.72
CA ASP L 22 -81.21 50.06 -42.14
C ASP L 22 -80.32 48.83 -42.44
N VAL L 23 -80.19 47.90 -41.49
CA VAL L 23 -79.68 46.53 -41.78
C VAL L 23 -80.43 45.94 -42.99
N GLN L 24 -79.69 45.31 -43.91
CA GLN L 24 -80.23 44.40 -44.95
C GLN L 24 -79.92 42.95 -44.59
N VAL L 25 -80.85 42.04 -44.89
CA VAL L 25 -80.70 40.58 -44.72
C VAL L 25 -81.29 39.97 -45.97
N GLY L 26 -80.59 38.95 -46.46
CA GLY L 26 -80.86 38.33 -47.76
C GLY L 26 -81.92 37.22 -47.64
N PRO L 27 -82.32 36.67 -48.81
CA PRO L 27 -83.19 35.49 -48.83
C PRO L 27 -82.58 34.29 -48.08
N TRP L 28 -83.38 33.59 -47.28
CA TRP L 28 -83.05 32.26 -46.71
C TRP L 28 -81.97 32.40 -45.64
N SER L 29 -81.80 33.61 -45.16
CA SER L 29 -80.87 33.87 -44.06
C SER L 29 -81.67 33.71 -42.78
N ILE L 30 -81.04 33.23 -41.72
CA ILE L 30 -81.64 33.03 -40.36
C ILE L 30 -80.91 33.94 -39.37
N VAL L 31 -81.57 34.94 -38.84
CA VAL L 31 -81.03 35.65 -37.65
C VAL L 31 -81.63 34.98 -36.42
N GLY L 32 -80.81 34.38 -35.56
CA GLY L 32 -81.28 33.52 -34.46
C GLY L 32 -81.68 34.34 -33.24
N ALA L 33 -82.24 33.68 -32.21
CA ALA L 33 -82.47 34.27 -30.88
C ALA L 33 -81.22 35.08 -30.50
N GLU L 34 -81.37 36.24 -29.83
CA GLU L 34 -80.28 36.85 -29.04
C GLU L 34 -79.15 37.33 -29.96
N VAL L 35 -79.42 37.45 -31.25
CA VAL L 35 -78.45 38.06 -32.21
C VAL L 35 -78.74 39.56 -32.31
N GLU L 36 -77.70 40.37 -32.21
CA GLU L 36 -77.81 41.85 -32.30
C GLU L 36 -77.06 42.31 -33.56
N ILE L 37 -77.63 43.15 -34.42
CA ILE L 37 -76.87 43.61 -35.61
C ILE L 37 -76.91 45.14 -35.68
N GLY L 38 -75.74 45.78 -35.67
CA GLY L 38 -75.57 47.24 -35.65
C GLY L 38 -75.77 47.91 -37.01
N GLU L 39 -75.68 49.23 -36.99
CA GLU L 39 -76.14 50.14 -38.08
C GLU L 39 -75.39 49.86 -39.40
N GLY L 40 -76.10 49.46 -40.48
CA GLY L 40 -75.64 49.52 -41.90
C GLY L 40 -74.95 48.24 -42.37
N THR L 41 -74.78 47.30 -41.46
CA THR L 41 -74.40 45.89 -41.72
C THR L 41 -75.35 45.20 -42.71
N VAL L 42 -74.81 44.24 -43.44
CA VAL L 42 -75.45 43.64 -44.65
C VAL L 42 -75.26 42.14 -44.60
N ILE L 43 -76.19 41.41 -44.00
CA ILE L 43 -76.27 39.94 -44.16
C ILE L 43 -76.57 39.58 -45.61
N GLY L 44 -75.76 38.69 -46.19
CA GLY L 44 -76.04 38.13 -47.52
C GLY L 44 -77.25 37.19 -47.41
N PRO L 45 -77.48 36.39 -48.48
CA PRO L 45 -78.45 35.30 -48.45
C PRO L 45 -77.80 34.00 -47.94
N HIS L 46 -78.60 33.03 -47.55
CA HIS L 46 -78.11 31.72 -47.00
C HIS L 46 -77.07 31.95 -45.88
N VAL L 47 -77.25 32.93 -45.01
CA VAL L 47 -76.38 33.05 -43.82
C VAL L 47 -77.14 32.42 -42.66
N VAL L 48 -76.43 31.96 -41.63
CA VAL L 48 -77.02 31.45 -40.36
C VAL L 48 -76.33 32.23 -39.25
N LEU L 49 -77.06 33.06 -38.54
CA LEU L 49 -76.56 33.72 -37.32
C LEU L 49 -77.21 33.02 -36.12
N LYS L 50 -76.46 32.88 -35.03
CA LYS L 50 -76.94 32.20 -33.80
C LYS L 50 -76.29 32.94 -32.63
N GLY L 51 -76.93 32.93 -31.46
CA GLY L 51 -76.55 33.79 -30.35
C GLY L 51 -76.31 33.04 -29.04
N PRO L 52 -76.16 33.80 -27.95
CA PRO L 52 -76.00 35.26 -28.00
C PRO L 52 -74.80 35.79 -28.82
N THR L 53 -75.08 36.71 -29.74
CA THR L 53 -74.07 37.28 -30.65
C THR L 53 -74.37 38.75 -30.89
N LYS L 54 -73.34 39.58 -30.75
CA LYS L 54 -73.33 41.04 -30.99
C LYS L 54 -72.54 41.31 -32.27
N ILE L 55 -73.14 41.90 -33.30
CA ILE L 55 -72.43 42.33 -34.54
C ILE L 55 -72.56 43.83 -34.73
N GLY L 56 -71.45 44.54 -34.83
CA GLY L 56 -71.41 46.01 -34.80
C GLY L 56 -71.80 46.64 -36.13
N LYS L 57 -71.28 47.86 -36.35
CA LYS L 57 -71.72 48.76 -37.43
C LYS L 57 -70.97 48.38 -38.70
N HIS L 58 -71.67 48.31 -39.83
CA HIS L 58 -71.13 48.35 -41.23
C HIS L 58 -70.32 47.11 -41.58
N ASN L 59 -70.77 45.90 -41.21
CA ASN L 59 -70.15 44.62 -41.65
C ASN L 59 -70.83 44.17 -42.94
N ARG L 60 -70.20 43.37 -43.81
CA ARG L 60 -70.86 42.68 -44.96
C ARG L 60 -70.56 41.19 -44.68
N ILE L 61 -71.55 40.29 -44.69
CA ILE L 61 -71.33 38.85 -44.33
C ILE L 61 -71.87 37.96 -45.44
N TYR L 62 -71.01 37.18 -46.11
CA TYR L 62 -71.42 36.48 -47.36
C TYR L 62 -72.12 35.17 -47.01
N GLN L 63 -72.74 34.62 -48.06
CA GLN L 63 -73.62 33.42 -48.05
C GLN L 63 -72.84 32.24 -47.51
N PHE L 64 -73.53 31.35 -46.78
CA PHE L 64 -73.11 30.01 -46.32
C PHE L 64 -72.19 30.10 -45.10
N SER L 65 -71.99 31.34 -44.66
CA SER L 65 -71.37 31.65 -43.35
C SER L 65 -72.27 31.15 -42.22
N SER L 66 -71.70 30.53 -41.22
CA SER L 66 -72.43 30.06 -40.03
C SER L 66 -71.69 30.74 -38.88
N VAL L 67 -72.17 31.91 -38.52
CA VAL L 67 -71.57 32.81 -37.50
C VAL L 67 -72.37 32.65 -36.22
N GLY L 68 -71.73 32.19 -35.15
CA GLY L 68 -72.36 32.25 -33.81
C GLY L 68 -72.73 30.86 -33.30
N GLU L 69 -72.31 29.79 -33.96
CA GLU L 69 -72.72 28.44 -33.54
C GLU L 69 -71.88 27.93 -32.36
N ASP L 70 -72.38 26.91 -31.65
CA ASP L 70 -71.68 26.19 -30.57
C ASP L 70 -70.37 25.69 -31.14
N THR L 71 -69.28 25.60 -30.39
CA THR L 71 -68.15 24.79 -30.91
C THR L 71 -68.59 23.33 -30.87
N PRO L 72 -68.10 22.46 -31.76
CA PRO L 72 -68.31 21.03 -31.58
C PRO L 72 -67.46 20.39 -30.48
N ASP L 73 -66.45 21.07 -29.89
CA ASP L 73 -65.47 20.46 -28.91
C ASP L 73 -66.25 20.04 -27.67
N LEU L 74 -65.96 18.86 -27.16
CA LEU L 74 -66.82 18.13 -26.20
C LEU L 74 -66.68 18.76 -24.81
N LYS L 75 -65.64 19.56 -24.64
CA LYS L 75 -65.32 20.46 -23.51
C LYS L 75 -66.47 21.45 -23.23
N TYR L 76 -67.17 21.84 -24.27
CA TYR L 76 -68.31 22.79 -24.24
C TYR L 76 -69.59 22.01 -24.10
N LYS L 77 -70.43 22.28 -23.09
CA LYS L 77 -71.76 21.59 -22.91
C LYS L 77 -72.88 22.63 -22.78
N GLY L 78 -73.32 23.25 -23.88
CA GLY L 78 -74.48 24.16 -23.92
C GLY L 78 -74.37 25.49 -23.15
N GLU L 79 -73.27 25.80 -22.43
CA GLU L 79 -73.22 26.94 -21.46
C GLU L 79 -73.50 28.26 -22.19
N PRO L 80 -74.14 29.30 -21.56
CA PRO L 80 -74.52 30.51 -22.29
C PRO L 80 -73.29 31.40 -22.54
N THR L 81 -72.78 31.49 -23.78
CA THR L 81 -71.48 32.12 -24.12
C THR L 81 -71.67 33.01 -25.36
N ARG L 82 -70.75 33.96 -25.57
CA ARG L 82 -70.98 35.10 -26.50
C ARG L 82 -69.99 35.09 -27.68
N LEU L 83 -70.44 35.56 -28.84
CA LEU L 83 -69.60 36.06 -29.94
C LEU L 83 -69.79 37.58 -30.04
N VAL L 84 -68.70 38.32 -30.16
CA VAL L 84 -68.76 39.78 -30.41
C VAL L 84 -67.97 40.03 -31.69
N ILE L 85 -68.49 40.89 -32.57
CA ILE L 85 -67.83 41.33 -33.82
C ILE L 85 -67.99 42.84 -33.91
N GLY L 86 -66.88 43.59 -34.06
CA GLY L 86 -66.90 45.07 -34.12
C GLY L 86 -67.46 45.56 -35.45
N ASP L 87 -66.73 46.49 -36.10
CA ASP L 87 -67.24 47.32 -37.22
C ASP L 87 -66.37 47.20 -38.48
N HIS L 88 -66.97 47.39 -39.66
CA HIS L 88 -66.31 47.44 -41.00
C HIS L 88 -65.56 46.14 -41.31
N ASN L 89 -66.01 44.99 -40.85
CA ASN L 89 -65.44 43.67 -41.23
C ASN L 89 -66.19 43.13 -42.44
N VAL L 90 -65.46 42.51 -43.35
CA VAL L 90 -65.98 41.64 -44.42
C VAL L 90 -65.66 40.21 -43.98
N ILE L 91 -66.72 39.40 -43.84
CA ILE L 91 -66.71 37.93 -43.59
C ILE L 91 -67.23 37.27 -44.86
N ARG L 92 -66.37 36.59 -45.58
CA ARG L 92 -66.68 36.12 -46.95
C ARG L 92 -67.46 34.80 -46.92
N GLU L 93 -67.47 34.11 -48.07
CA GLU L 93 -68.46 33.04 -48.29
C GLU L 93 -68.03 31.83 -47.47
N GLY L 94 -68.90 31.30 -46.63
CA GLY L 94 -68.71 29.97 -46.00
C GLY L 94 -67.88 30.02 -44.72
N VAL L 95 -67.63 31.23 -44.20
CA VAL L 95 -66.84 31.38 -42.96
C VAL L 95 -67.59 30.73 -41.83
N THR L 96 -66.86 30.08 -40.93
CA THR L 96 -67.41 29.61 -39.63
C THR L 96 -66.78 30.43 -38.52
N ILE L 97 -67.58 30.92 -37.59
CA ILE L 97 -67.17 31.61 -36.33
C ILE L 97 -67.97 30.98 -35.18
N HIS L 98 -67.30 30.51 -34.14
CA HIS L 98 -68.01 29.85 -33.03
C HIS L 98 -67.92 30.75 -31.82
N ARG L 99 -68.93 30.67 -30.96
CA ARG L 99 -68.95 31.41 -29.67
C ARG L 99 -68.01 30.70 -28.71
N GLY L 100 -67.66 31.39 -27.62
CA GLY L 100 -66.74 30.93 -26.57
C GLY L 100 -67.19 29.71 -25.78
N THR L 101 -66.33 29.38 -24.81
CA THR L 101 -66.44 28.28 -23.83
C THR L 101 -66.16 28.85 -22.44
N VAL L 102 -66.84 28.32 -21.43
CA VAL L 102 -66.72 28.74 -20.01
C VAL L 102 -65.26 28.68 -19.55
N GLN L 103 -64.52 27.69 -20.02
CA GLN L 103 -63.09 27.46 -19.67
C GLN L 103 -62.28 28.76 -19.73
N ASP L 104 -62.38 29.53 -20.82
CA ASP L 104 -61.61 30.80 -21.04
C ASP L 104 -62.47 31.93 -20.47
N ARG L 105 -62.98 32.85 -21.30
CA ARG L 105 -63.68 34.09 -20.87
C ARG L 105 -65.09 34.07 -21.46
N ALA L 106 -65.50 32.96 -22.04
CA ALA L 106 -66.87 32.78 -22.54
C ALA L 106 -67.17 33.77 -23.67
N GLU L 107 -66.15 34.15 -24.44
CA GLU L 107 -66.37 35.10 -25.54
C GLU L 107 -65.38 34.88 -26.67
N THR L 108 -65.90 34.77 -27.89
CA THR L 108 -65.11 34.93 -29.14
C THR L 108 -65.22 36.41 -29.53
N THR L 109 -64.12 37.07 -29.85
CA THR L 109 -64.04 38.54 -30.08
C THR L 109 -63.33 38.83 -31.40
N ILE L 110 -64.02 39.54 -32.28
CA ILE L 110 -63.50 40.14 -33.55
C ILE L 110 -63.61 41.68 -33.48
N GLY L 111 -62.54 42.38 -33.84
CA GLY L 111 -62.43 43.84 -33.75
C GLY L 111 -63.00 44.50 -34.96
N ASP L 112 -62.25 45.43 -35.55
CA ASP L 112 -62.76 46.33 -36.62
C ASP L 112 -61.93 46.10 -37.89
N HIS L 113 -62.52 46.30 -39.06
CA HIS L 113 -61.77 46.42 -40.33
C HIS L 113 -61.03 45.11 -40.66
N ASN L 114 -61.62 43.97 -40.36
CA ASN L 114 -61.00 42.68 -40.73
C ASN L 114 -61.60 42.20 -42.03
N LEU L 115 -60.75 41.50 -42.74
CA LEU L 115 -61.10 40.71 -43.92
C LEU L 115 -60.90 39.24 -43.53
N ILE L 116 -61.96 38.46 -43.54
CA ILE L 116 -61.92 37.02 -43.22
C ILE L 116 -62.50 36.32 -44.43
N MET L 117 -61.64 35.63 -45.17
CA MET L 117 -61.96 35.15 -46.53
C MET L 117 -62.57 33.77 -46.48
N ALA L 118 -62.99 33.34 -47.65
CA ALA L 118 -63.94 32.22 -47.81
C ALA L 118 -63.46 31.01 -47.00
N TYR L 119 -64.35 30.36 -46.26
CA TYR L 119 -64.18 29.00 -45.64
C TYR L 119 -63.20 29.06 -44.45
N ALA L 120 -62.71 30.25 -44.09
CA ALA L 120 -62.02 30.54 -42.82
C ALA L 120 -62.82 30.03 -41.62
N HIS L 121 -62.13 29.70 -40.53
CA HIS L 121 -62.74 29.18 -39.28
C HIS L 121 -62.16 29.90 -38.06
N ILE L 122 -63.03 30.55 -37.31
CA ILE L 122 -62.59 31.31 -36.12
C ILE L 122 -63.13 30.54 -34.93
N GLY L 123 -62.30 29.66 -34.39
CA GLY L 123 -62.66 28.71 -33.33
C GLY L 123 -62.97 29.45 -32.05
N HIS L 124 -63.75 28.79 -31.18
CA HIS L 124 -64.15 29.32 -29.85
C HIS L 124 -63.04 30.13 -29.20
N ASP L 125 -63.39 31.25 -28.57
CA ASP L 125 -62.53 31.96 -27.56
C ASP L 125 -61.40 32.69 -28.25
N SER L 126 -61.38 32.64 -29.57
CA SER L 126 -60.37 33.34 -30.39
C SER L 126 -60.59 34.84 -30.25
N VAL L 127 -59.55 35.61 -30.45
CA VAL L 127 -59.63 37.07 -30.32
C VAL L 127 -58.89 37.64 -31.50
N ILE L 128 -59.62 38.16 -32.48
CA ILE L 128 -59.00 38.94 -33.57
C ILE L 128 -59.16 40.42 -33.18
N GLY L 129 -58.09 41.24 -33.36
CA GLY L 129 -58.07 42.70 -33.16
C GLY L 129 -58.54 43.43 -34.40
N ASN L 130 -57.77 44.37 -34.93
CA ASN L 130 -58.26 45.18 -36.06
C ASN L 130 -57.33 45.08 -37.27
N HIS L 131 -57.88 45.30 -38.46
CA HIS L 131 -57.15 45.50 -39.75
C HIS L 131 -56.44 44.22 -40.15
N CYS L 132 -56.87 43.07 -39.64
CA CYS L 132 -56.26 41.75 -39.94
C CYS L 132 -56.85 41.23 -41.24
N ILE L 133 -56.12 40.36 -41.93
CA ILE L 133 -56.64 39.60 -43.10
C ILE L 133 -56.38 38.13 -42.85
N LEU L 134 -57.41 37.28 -42.89
CA LEU L 134 -57.28 35.82 -42.81
C LEU L 134 -57.68 35.28 -44.17
N VAL L 135 -56.78 34.75 -44.96
CA VAL L 135 -57.13 34.32 -46.33
C VAL L 135 -57.83 32.96 -46.29
N ASN L 136 -58.34 32.52 -47.44
CA ASN L 136 -59.18 31.32 -47.58
C ASN L 136 -58.69 30.21 -46.64
N ASN L 137 -59.61 29.67 -45.86
CA ASN L 137 -59.42 28.40 -45.14
C ASN L 137 -58.38 28.58 -44.01
N THR L 138 -57.87 29.78 -43.77
CA THR L 138 -57.26 30.00 -42.44
C THR L 138 -58.16 29.39 -41.35
N ALA L 139 -57.58 28.82 -40.34
CA ALA L 139 -58.33 28.13 -39.27
C ALA L 139 -57.65 28.35 -37.91
N LEU L 140 -58.33 29.07 -37.02
CA LEU L 140 -57.86 29.24 -35.64
C LEU L 140 -58.51 28.14 -34.76
N ALA L 141 -57.74 27.15 -34.32
CA ALA L 141 -58.32 26.00 -33.61
C ALA L 141 -59.21 26.47 -32.46
N GLY L 142 -58.72 27.42 -31.68
CA GLY L 142 -59.39 27.89 -30.46
C GLY L 142 -58.48 28.70 -29.58
N HIS L 143 -59.04 29.65 -28.86
CA HIS L 143 -58.31 30.53 -27.92
C HIS L 143 -57.13 31.17 -28.62
N VAL L 144 -57.20 31.45 -29.92
CA VAL L 144 -56.08 32.11 -30.66
C VAL L 144 -56.26 33.63 -30.58
N HIS L 145 -55.21 34.37 -30.23
CA HIS L 145 -55.17 35.85 -30.16
C HIS L 145 -54.36 36.30 -31.38
N VAL L 146 -55.02 37.00 -32.30
CA VAL L 146 -54.44 37.62 -33.53
C VAL L 146 -54.49 39.13 -33.35
N ASP L 147 -53.33 39.73 -33.22
CA ASP L 147 -53.20 41.15 -32.91
C ASP L 147 -53.18 41.89 -34.24
N ASP L 148 -53.27 43.22 -34.20
CA ASP L 148 -53.70 44.05 -35.33
C ASP L 148 -52.80 43.83 -36.51
N TRP L 149 -53.33 44.02 -37.70
CA TRP L 149 -52.57 44.11 -38.97
C TRP L 149 -51.93 42.78 -39.30
N ALA L 150 -52.24 41.70 -38.60
CA ALA L 150 -51.62 40.40 -38.96
C ALA L 150 -52.29 39.90 -40.25
N ILE L 151 -51.50 39.28 -41.11
CA ILE L 151 -51.97 38.64 -42.37
C ILE L 151 -51.63 37.16 -42.29
N LEU L 152 -52.65 36.31 -42.25
CA LEU L 152 -52.45 34.84 -42.38
C LEU L 152 -52.83 34.39 -43.80
N SER L 153 -51.84 33.88 -44.51
CA SER L 153 -52.00 33.49 -45.93
C SER L 153 -52.98 32.31 -45.99
N GLY L 154 -53.37 31.94 -47.22
CA GLY L 154 -54.23 30.79 -47.48
C GLY L 154 -53.95 29.56 -46.60
N TYR L 155 -55.02 28.92 -46.16
CA TYR L 155 -54.96 27.58 -45.55
C TYR L 155 -53.88 27.57 -44.47
N THR L 156 -53.71 28.68 -43.76
CA THR L 156 -52.89 28.74 -42.53
C THR L 156 -53.68 28.10 -41.39
N LEU L 157 -53.06 27.16 -40.68
CA LEU L 157 -53.69 26.56 -39.48
C LEU L 157 -52.96 27.07 -38.21
N VAL L 158 -53.71 27.42 -37.15
CA VAL L 158 -53.14 27.91 -35.87
C VAL L 158 -53.56 26.99 -34.73
N HIS L 159 -52.62 26.42 -33.96
CA HIS L 159 -52.86 25.59 -32.76
C HIS L 159 -53.53 26.45 -31.67
N GLN L 160 -54.40 25.83 -30.89
CA GLN L 160 -55.02 26.34 -29.64
C GLN L 160 -54.01 27.24 -28.97
N TYR L 161 -54.41 28.43 -28.50
CA TYR L 161 -53.73 29.28 -27.46
C TYR L 161 -52.57 30.11 -28.02
N CYS L 162 -52.18 29.93 -29.27
CA CYS L 162 -51.12 30.70 -29.94
C CYS L 162 -51.57 32.17 -30.09
N ARG L 163 -50.66 33.11 -29.74
CA ARG L 163 -50.66 34.55 -30.08
C ARG L 163 -50.00 34.68 -31.46
N ILE L 164 -50.74 35.20 -32.43
CA ILE L 164 -50.19 35.73 -33.71
C ILE L 164 -49.99 37.24 -33.54
N GLY L 165 -48.75 37.69 -33.55
CA GLY L 165 -48.37 39.07 -33.23
C GLY L 165 -48.77 40.08 -34.30
N ALA L 166 -48.74 41.36 -33.92
CA ALA L 166 -49.07 42.48 -34.81
C ALA L 166 -48.10 42.51 -36.00
N HIS L 167 -48.65 42.83 -37.18
CA HIS L 167 -47.94 42.95 -38.47
C HIS L 167 -47.27 41.65 -38.83
N SER L 168 -47.62 40.55 -38.17
CA SER L 168 -46.96 39.24 -38.44
C SER L 168 -47.51 38.76 -39.77
N PHE L 169 -46.83 37.86 -40.44
CA PHE L 169 -47.31 37.27 -41.73
C PHE L 169 -47.02 35.76 -41.78
N SER L 170 -48.01 34.96 -42.19
CA SER L 170 -47.79 33.52 -42.43
C SER L 170 -47.99 33.24 -43.90
N GLY L 171 -47.12 32.41 -44.44
CA GLY L 171 -47.23 31.87 -45.80
C GLY L 171 -48.35 30.86 -45.95
N MET L 172 -48.66 30.48 -47.21
CA MET L 172 -49.79 29.56 -47.46
C MET L 172 -49.42 28.21 -46.92
N GLY L 173 -50.38 27.59 -46.24
CA GLY L 173 -50.28 26.20 -45.75
C GLY L 173 -49.40 26.13 -44.52
N SER L 174 -49.18 27.25 -43.85
CA SER L 174 -48.34 27.31 -42.64
C SER L 174 -49.09 26.58 -41.53
N ALA L 175 -48.41 25.79 -40.71
CA ALA L 175 -49.05 25.15 -39.53
C ALA L 175 -48.33 25.66 -38.29
N ILE L 176 -48.86 26.74 -37.72
CA ILE L 176 -48.28 27.45 -36.58
C ILE L 176 -48.65 26.69 -35.30
N GLY L 177 -47.69 26.28 -34.46
CA GLY L 177 -47.98 25.57 -33.18
C GLY L 177 -47.44 26.27 -31.95
N LYS L 178 -46.77 27.38 -32.17
CA LYS L 178 -46.00 28.20 -31.23
C LYS L 178 -46.35 29.65 -31.61
N ASP L 179 -46.11 30.61 -30.72
CA ASP L 179 -46.51 32.00 -30.97
C ASP L 179 -45.78 32.55 -32.18
N VAL L 180 -46.28 33.61 -32.78
CA VAL L 180 -45.57 34.28 -33.88
C VAL L 180 -45.33 35.71 -33.42
N PRO L 181 -44.08 36.13 -33.19
CA PRO L 181 -43.83 37.46 -32.68
C PRO L 181 -44.27 38.50 -33.71
N ALA L 182 -44.65 39.66 -33.21
CA ALA L 182 -44.91 40.90 -33.96
C ALA L 182 -43.90 41.03 -35.11
N TYR L 183 -44.43 41.32 -36.29
CA TYR L 183 -43.66 41.58 -37.52
C TYR L 183 -43.08 40.29 -38.12
N VAL L 184 -43.07 39.13 -37.47
CA VAL L 184 -42.27 38.00 -38.01
C VAL L 184 -43.02 37.34 -39.18
N THR L 185 -42.32 36.91 -40.24
CA THR L 185 -42.87 36.08 -41.35
C THR L 185 -42.51 34.62 -41.05
N VAL L 186 -43.52 33.75 -41.18
CA VAL L 186 -43.39 32.28 -40.94
C VAL L 186 -44.02 31.46 -42.09
N PHE L 187 -43.47 30.27 -42.30
CA PHE L 187 -43.58 29.45 -43.52
C PHE L 187 -43.46 28.00 -43.08
N GLY L 188 -44.29 27.16 -43.67
CA GLY L 188 -44.09 25.71 -43.60
C GLY L 188 -44.94 25.10 -42.53
N ASN L 189 -44.95 23.77 -42.53
CA ASN L 189 -45.49 22.83 -41.53
C ASN L 189 -44.35 21.89 -41.09
N PRO L 190 -43.81 22.06 -39.87
CA PRO L 190 -44.21 23.14 -38.95
C PRO L 190 -43.69 24.53 -39.32
N ALA L 191 -44.51 25.54 -39.10
CA ALA L 191 -44.15 26.96 -39.24
C ALA L 191 -42.75 27.23 -38.67
N GLU L 192 -41.91 27.89 -39.44
CA GLU L 192 -40.61 28.46 -39.00
C GLU L 192 -40.49 29.91 -39.46
N ALA L 193 -39.75 30.71 -38.71
CA ALA L 193 -39.56 32.14 -39.00
C ALA L 193 -38.54 32.22 -40.12
N ARG L 194 -38.75 33.10 -41.09
CA ARG L 194 -37.84 33.34 -42.24
C ARG L 194 -37.22 34.72 -42.10
N SER L 195 -38.03 35.70 -41.71
CA SER L 195 -37.70 37.13 -41.74
C SER L 195 -38.83 37.91 -41.07
N MET L 196 -38.82 39.20 -41.29
CA MET L 196 -39.82 40.14 -40.78
C MET L 196 -40.54 40.63 -42.03
N ASN L 197 -41.70 41.22 -41.82
CA ASN L 197 -42.69 41.65 -42.85
C ASN L 197 -42.38 43.11 -43.16
N PHE L 198 -41.39 43.31 -44.00
CA PHE L 198 -40.93 44.69 -44.29
C PHE L 198 -42.00 45.38 -45.11
N GLU L 199 -42.68 44.66 -46.00
CA GLU L 199 -43.79 45.23 -46.82
C GLU L 199 -44.82 45.87 -45.87
N GLY L 200 -45.24 45.15 -44.86
CA GLY L 200 -46.15 45.66 -43.83
C GLY L 200 -45.68 46.96 -43.22
N MET L 201 -44.38 47.07 -42.91
CA MET L 201 -43.76 48.27 -42.29
C MET L 201 -43.85 49.44 -43.28
N ARG L 202 -43.52 49.21 -44.55
CA ARG L 202 -43.61 50.29 -45.58
C ARG L 202 -45.01 50.91 -45.52
N ARG L 203 -46.02 50.04 -45.68
CA ARG L 203 -47.44 50.43 -45.76
C ARG L 203 -47.81 51.25 -44.52
N ARG L 204 -47.37 50.88 -43.32
CA ARG L 204 -47.76 51.62 -42.08
C ARG L 204 -46.84 52.85 -41.91
N GLY L 205 -46.02 53.19 -42.92
CA GLY L 205 -45.13 54.37 -42.93
C GLY L 205 -44.14 54.42 -41.77
N PHE L 206 -43.51 53.29 -41.40
CA PHE L 206 -42.48 53.19 -40.33
C PHE L 206 -41.21 53.86 -40.83
N SER L 207 -40.42 54.48 -39.95
CA SER L 207 -39.21 55.23 -40.40
C SER L 207 -38.23 54.23 -41.02
N SER L 208 -37.28 54.67 -41.84
CA SER L 208 -36.25 53.71 -42.31
C SER L 208 -35.41 53.20 -41.11
N GLU L 209 -35.23 54.01 -40.05
CA GLU L 209 -34.51 53.62 -38.80
C GLU L 209 -35.30 52.49 -38.10
N ALA L 210 -36.61 52.58 -38.06
CA ALA L 210 -37.36 51.55 -37.31
C ALA L 210 -37.27 50.18 -38.02
N ILE L 211 -37.30 50.22 -39.34
CA ILE L 211 -37.29 49.02 -40.21
C ILE L 211 -35.95 48.32 -39.96
N HIS L 212 -34.89 49.09 -40.00
CA HIS L 212 -33.52 48.60 -39.71
C HIS L 212 -33.48 48.03 -38.30
N ALA L 213 -34.06 48.69 -37.32
CA ALA L 213 -33.92 48.29 -35.91
C ALA L 213 -34.63 46.96 -35.70
N LEU L 214 -35.67 46.75 -36.49
CA LEU L 214 -36.46 45.50 -36.41
C LEU L 214 -35.73 44.38 -37.17
N ARG L 215 -34.99 44.70 -38.24
CA ARG L 215 -34.15 43.70 -38.93
C ARG L 215 -33.13 43.25 -37.90
N ARG L 216 -32.54 44.17 -37.14
CA ARG L 216 -31.47 43.77 -36.21
C ARG L 216 -32.10 42.94 -35.12
N ALA L 217 -33.30 43.30 -34.71
CA ALA L 217 -33.93 42.64 -33.55
C ALA L 217 -34.25 41.20 -33.92
N TYR L 218 -34.68 40.99 -35.17
CA TYR L 218 -34.80 39.64 -35.77
C TYR L 218 -33.47 38.90 -35.61
N LYS L 219 -32.37 39.50 -36.06
CA LYS L 219 -31.05 38.81 -36.10
C LYS L 219 -30.77 38.32 -34.68
N VAL L 220 -31.08 39.15 -33.72
CA VAL L 220 -30.80 38.94 -32.28
C VAL L 220 -31.58 37.76 -31.76
N VAL L 221 -32.85 37.68 -32.07
CA VAL L 221 -33.68 36.51 -31.66
C VAL L 221 -33.34 35.24 -32.45
N TYR L 222 -33.10 35.31 -33.75
CA TYR L 222 -33.19 34.12 -34.63
C TYR L 222 -31.83 33.65 -35.19
N ARG L 223 -30.73 34.40 -35.12
CA ARG L 223 -29.52 34.02 -35.88
C ARG L 223 -28.24 34.49 -35.23
N GLN L 224 -28.15 34.53 -33.90
CA GLN L 224 -26.93 34.83 -33.14
C GLN L 224 -26.73 33.73 -32.08
N GLY L 225 -27.45 32.63 -32.31
CA GLY L 225 -27.65 31.52 -31.36
C GLY L 225 -27.88 31.95 -29.94
N HIS L 226 -28.70 32.97 -29.66
CA HIS L 226 -29.06 33.37 -28.27
C HIS L 226 -30.21 32.49 -27.79
N THR L 227 -30.31 32.20 -26.50
CA THR L 227 -31.56 31.67 -25.92
C THR L 227 -32.59 32.79 -26.06
N VAL L 228 -33.85 32.49 -25.82
CA VAL L 228 -34.89 33.57 -25.74
C VAL L 228 -34.55 34.54 -24.60
N GLU L 229 -34.21 34.05 -23.40
CA GLU L 229 -33.97 34.89 -22.21
C GLU L 229 -32.83 35.85 -22.56
N GLU L 230 -31.78 35.38 -23.24
CA GLU L 230 -30.60 36.22 -23.64
C GLU L 230 -30.97 37.24 -24.74
N ALA L 231 -31.86 36.86 -25.67
CA ALA L 231 -32.29 37.74 -26.79
C ALA L 231 -33.10 38.92 -26.21
N LEU L 232 -34.03 38.57 -25.33
CA LEU L 232 -34.83 39.58 -24.60
C LEU L 232 -33.92 40.55 -23.87
N ALA L 233 -32.84 40.10 -23.26
CA ALA L 233 -31.89 40.99 -22.54
C ALA L 233 -31.20 41.92 -23.55
N GLU L 234 -30.71 41.38 -24.67
CA GLU L 234 -29.98 42.18 -25.68
C GLU L 234 -30.94 43.24 -26.20
N LEU L 235 -32.20 42.81 -26.40
CA LEU L 235 -33.24 43.64 -27.05
C LEU L 235 -33.59 44.86 -26.23
N ALA L 236 -33.35 44.83 -24.92
CA ALA L 236 -33.74 45.91 -23.98
C ALA L 236 -33.39 47.30 -24.53
N GLU L 237 -32.20 47.50 -25.08
CA GLU L 237 -31.75 48.84 -25.53
C GLU L 237 -32.65 49.31 -26.67
N SER L 238 -32.78 48.50 -27.72
CA SER L 238 -33.45 48.79 -29.00
C SER L 238 -34.94 49.04 -28.69
N ALA L 239 -35.47 48.26 -27.74
CA ALA L 239 -36.86 48.39 -27.29
C ALA L 239 -37.08 49.67 -26.52
N ALA L 240 -36.06 50.33 -26.01
CA ALA L 240 -36.24 51.61 -25.30
C ALA L 240 -36.16 52.76 -26.30
N GLN L 241 -35.60 52.46 -27.46
CA GLN L 241 -35.32 53.49 -28.48
C GLN L 241 -36.46 53.54 -29.52
N PHE L 242 -37.08 52.40 -29.78
CA PHE L 242 -38.05 52.21 -30.88
C PHE L 242 -39.30 51.55 -30.31
N PRO L 243 -40.44 52.29 -30.22
CA PRO L 243 -41.72 51.67 -29.87
C PRO L 243 -41.98 50.38 -30.70
N GLU L 244 -41.57 50.42 -31.98
CA GLU L 244 -41.78 49.31 -32.93
C GLU L 244 -41.00 48.08 -32.40
N VAL L 245 -39.78 48.27 -31.88
CA VAL L 245 -39.00 47.10 -31.42
C VAL L 245 -39.60 46.61 -30.12
N ALA L 246 -40.05 47.54 -29.32
CA ALA L 246 -40.65 47.18 -28.01
C ALA L 246 -41.87 46.30 -28.27
N VAL L 247 -42.63 46.56 -29.35
CA VAL L 247 -43.83 45.75 -29.70
C VAL L 247 -43.34 44.31 -29.96
N PHE L 248 -42.18 44.17 -30.57
CA PHE L 248 -41.51 42.87 -30.84
C PHE L 248 -40.97 42.25 -29.56
N ARG L 249 -40.20 42.98 -28.76
CA ARG L 249 -39.71 42.44 -27.45
C ARG L 249 -40.94 41.90 -26.73
N ASP L 250 -42.05 42.63 -26.72
CA ASP L 250 -43.25 42.31 -25.89
C ASP L 250 -43.93 41.03 -26.39
N SER L 251 -44.11 40.87 -27.69
CA SER L 251 -44.70 39.63 -28.25
C SER L 251 -43.92 38.41 -27.78
N ILE L 252 -42.60 38.53 -27.69
CA ILE L 252 -41.70 37.39 -27.32
C ILE L 252 -41.77 37.25 -25.81
N GLN L 253 -41.53 38.32 -25.07
CA GLN L 253 -41.73 38.40 -23.62
C GLN L 253 -42.87 37.45 -23.21
N SER L 254 -44.08 37.72 -23.67
CA SER L 254 -45.32 37.17 -23.08
C SER L 254 -45.62 35.76 -23.62
N ALA L 255 -44.75 35.21 -24.43
CA ALA L 255 -44.93 33.86 -24.98
C ALA L 255 -44.27 32.84 -24.05
N THR L 256 -43.48 33.32 -23.07
CA THR L 256 -42.12 32.77 -22.77
C THR L 256 -41.81 32.93 -21.27
N ARG L 257 -42.61 32.37 -20.37
CA ARG L 257 -42.26 32.46 -18.92
C ARG L 257 -41.13 31.46 -18.55
N GLY L 258 -41.38 30.16 -18.63
CA GLY L 258 -40.43 29.09 -18.32
C GLY L 258 -40.67 28.54 -16.94
N ILE L 259 -39.76 27.66 -16.47
CA ILE L 259 -39.79 26.97 -15.16
C ILE L 259 -38.45 27.16 -14.46
N THR L 260 -38.46 27.16 -13.15
CA THR L 260 -37.26 27.17 -12.30
C THR L 260 -36.42 25.99 -12.75
N ARG L 261 -35.23 26.28 -13.27
CA ARG L 261 -34.12 25.31 -13.46
C ARG L 261 -33.36 25.12 -12.14
N MET M 4 -69.95 -63.65 -51.27
CA MET M 4 -70.00 -64.97 -51.97
C MET M 4 -69.06 -64.96 -53.21
N SER M 5 -69.45 -64.37 -54.37
CA SER M 5 -68.78 -64.41 -55.72
C SER M 5 -67.63 -63.42 -55.82
N LEU M 6 -66.66 -63.63 -56.68
CA LEU M 6 -65.36 -62.92 -56.60
C LEU M 6 -65.48 -61.47 -57.11
N ILE M 7 -66.26 -61.25 -58.16
CA ILE M 7 -66.59 -59.90 -58.69
C ILE M 7 -67.90 -59.39 -58.08
N ASP M 8 -67.78 -58.33 -57.32
CA ASP M 8 -68.97 -57.76 -56.64
C ASP M 8 -70.04 -57.44 -57.67
N PRO M 9 -71.30 -57.79 -57.36
CA PRO M 9 -72.42 -57.36 -58.20
C PRO M 9 -72.39 -55.85 -58.47
N ARG M 10 -71.74 -55.08 -57.60
CA ARG M 10 -71.94 -53.60 -57.53
C ARG M 10 -70.81 -52.95 -58.28
N ALA M 11 -69.86 -53.75 -58.73
CA ALA M 11 -68.77 -53.32 -59.62
C ALA M 11 -69.35 -53.10 -61.00
N ILE M 12 -68.65 -52.36 -61.83
CA ILE M 12 -68.99 -52.16 -63.25
C ILE M 12 -67.82 -52.70 -64.02
N ILE M 13 -68.05 -53.72 -64.81
CA ILE M 13 -67.04 -54.38 -65.67
C ILE M 13 -67.42 -54.09 -67.11
N ASP M 14 -66.59 -53.36 -67.84
CA ASP M 14 -66.83 -53.10 -69.27
C ASP M 14 -66.82 -54.45 -69.99
N PRO M 15 -67.72 -54.68 -70.96
CA PRO M 15 -67.68 -55.94 -71.69
C PRO M 15 -66.35 -56.17 -72.44
N SER M 16 -65.56 -55.14 -72.70
CA SER M 16 -64.30 -55.33 -73.46
C SER M 16 -63.15 -55.70 -72.52
N ALA M 17 -63.33 -55.56 -71.21
CA ALA M 17 -62.30 -55.83 -70.16
C ALA M 17 -62.12 -57.33 -70.09
N ARG M 18 -60.93 -57.80 -69.79
CA ARG M 18 -60.63 -59.24 -69.68
C ARG M 18 -60.08 -59.50 -68.27
N LEU M 19 -60.80 -60.23 -67.45
CA LEU M 19 -60.38 -60.60 -66.08
C LEU M 19 -59.99 -62.06 -66.13
N ALA M 20 -58.82 -62.40 -65.61
CA ALA M 20 -58.44 -63.82 -65.45
C ALA M 20 -59.37 -64.50 -64.44
N ALA M 21 -59.34 -65.83 -64.51
CA ALA M 21 -59.53 -66.80 -63.41
C ALA M 21 -60.25 -66.14 -62.21
N ASP M 22 -59.47 -65.67 -61.22
CA ASP M 22 -59.93 -65.61 -59.80
C ASP M 22 -59.59 -64.23 -59.26
N VAL M 23 -59.60 -63.28 -60.19
CA VAL M 23 -59.62 -61.83 -59.93
C VAL M 23 -60.74 -61.52 -58.96
N GLN M 24 -60.50 -60.57 -58.09
CA GLN M 24 -61.55 -60.03 -57.21
C GLN M 24 -61.71 -58.56 -57.51
N VAL M 25 -62.96 -58.14 -57.55
CA VAL M 25 -63.32 -56.72 -57.66
C VAL M 25 -64.31 -56.44 -56.55
N GLY M 26 -63.95 -55.48 -55.71
CA GLY M 26 -64.80 -55.00 -54.62
C GLY M 26 -65.92 -54.12 -55.15
N PRO M 27 -66.88 -53.82 -54.26
CA PRO M 27 -68.05 -53.04 -54.61
C PRO M 27 -67.69 -51.65 -55.13
N TRP M 28 -68.43 -51.17 -56.13
CA TRP M 28 -68.33 -49.80 -56.68
C TRP M 28 -66.98 -49.57 -57.36
N SER M 29 -66.27 -50.61 -57.77
CA SER M 29 -65.08 -50.36 -58.59
C SER M 29 -65.49 -50.37 -60.07
N ILE M 30 -64.77 -49.66 -60.92
CA ILE M 30 -64.95 -49.62 -62.40
C ILE M 30 -63.70 -50.23 -63.01
N VAL M 31 -63.87 -51.32 -63.71
CA VAL M 31 -62.91 -51.89 -64.69
C VAL M 31 -63.37 -51.50 -66.09
N GLY M 32 -62.83 -50.42 -66.63
CA GLY M 32 -63.20 -49.85 -67.92
C GLY M 32 -62.76 -50.67 -69.09
N ALA M 33 -63.19 -50.21 -70.25
CA ALA M 33 -62.89 -50.82 -71.56
C ALA M 33 -61.40 -51.05 -71.57
N GLU M 34 -60.94 -52.23 -72.00
CA GLU M 34 -59.56 -52.43 -72.49
C GLU M 34 -58.63 -52.60 -71.31
N VAL M 35 -59.22 -52.89 -70.17
CA VAL M 35 -58.44 -53.25 -68.98
C VAL M 35 -58.34 -54.77 -68.87
N GLU M 36 -57.14 -55.26 -68.96
CA GLU M 36 -56.83 -56.70 -68.81
C GLU M 36 -56.27 -56.88 -67.39
N ILE M 37 -56.83 -57.72 -66.52
CA ILE M 37 -56.33 -57.97 -65.14
C ILE M 37 -55.93 -59.44 -64.99
N GLY M 38 -54.75 -59.73 -64.47
CA GLY M 38 -54.19 -61.10 -64.49
C GLY M 38 -54.58 -61.92 -63.28
N GLU M 39 -54.27 -63.22 -63.36
CA GLU M 39 -54.52 -64.25 -62.30
C GLU M 39 -54.18 -63.75 -60.87
N GLY M 40 -55.14 -63.88 -59.92
CA GLY M 40 -54.94 -63.60 -58.48
C GLY M 40 -55.05 -62.13 -58.06
N THR M 41 -55.07 -61.18 -58.98
CA THR M 41 -55.08 -59.76 -58.62
C THR M 41 -56.37 -59.45 -57.90
N VAL M 42 -56.28 -58.65 -56.85
CA VAL M 42 -57.44 -58.21 -56.04
C VAL M 42 -57.63 -56.72 -56.22
N ILE M 43 -58.79 -56.30 -56.73
CA ILE M 43 -59.24 -54.89 -56.79
C ILE M 43 -60.16 -54.61 -55.61
N GLY M 44 -59.79 -53.60 -54.89
CA GLY M 44 -60.59 -53.15 -53.73
C GLY M 44 -61.91 -52.52 -54.16
N PRO M 45 -62.67 -51.99 -53.20
CA PRO M 45 -63.89 -51.26 -53.53
C PRO M 45 -63.45 -49.86 -53.92
N HIS M 46 -64.31 -49.08 -54.57
CA HIS M 46 -64.06 -47.65 -54.91
C HIS M 46 -62.77 -47.46 -55.72
N VAL M 47 -62.45 -48.36 -56.64
CA VAL M 47 -61.28 -48.24 -57.54
C VAL M 47 -61.75 -47.91 -58.96
N VAL M 48 -61.02 -47.07 -59.67
CA VAL M 48 -61.27 -46.78 -61.11
C VAL M 48 -60.09 -47.27 -61.93
N LEU M 49 -60.31 -48.27 -62.76
CA LEU M 49 -59.33 -48.66 -63.82
C LEU M 49 -59.83 -48.13 -65.18
N LYS M 50 -58.99 -47.41 -65.91
CA LYS M 50 -59.23 -46.95 -67.29
C LYS M 50 -58.13 -47.64 -68.07
N GLY M 51 -58.32 -47.85 -69.38
CA GLY M 51 -57.41 -48.58 -70.29
C GLY M 51 -57.07 -47.76 -71.52
N PRO M 52 -56.36 -48.33 -72.53
CA PRO M 52 -55.85 -49.70 -72.47
C PRO M 52 -54.84 -49.86 -71.35
N THR M 53 -55.05 -50.82 -70.47
CA THR M 53 -54.17 -51.11 -69.31
C THR M 53 -54.06 -52.62 -69.13
N LYS M 54 -52.86 -53.17 -68.97
CA LYS M 54 -52.57 -54.59 -68.59
C LYS M 54 -52.11 -54.62 -67.12
N ILE M 55 -52.76 -55.38 -66.27
CA ILE M 55 -52.35 -55.55 -64.86
C ILE M 55 -52.03 -57.02 -64.69
N GLY M 56 -50.83 -57.35 -64.24
CA GLY M 56 -50.30 -58.72 -64.16
C GLY M 56 -50.94 -59.52 -63.05
N LYS M 57 -50.20 -60.47 -62.49
CA LYS M 57 -50.75 -61.47 -61.54
C LYS M 57 -50.51 -61.01 -60.11
N HIS M 58 -51.42 -61.34 -59.22
CA HIS M 58 -51.21 -61.17 -57.77
C HIS M 58 -50.94 -59.70 -57.45
N ASN M 59 -51.61 -58.76 -58.07
CA ASN M 59 -51.62 -57.37 -57.57
C ASN M 59 -52.69 -57.18 -56.49
N ARG M 60 -52.55 -56.23 -55.58
CA ARG M 60 -53.61 -55.82 -54.59
C ARG M 60 -53.67 -54.31 -54.93
N ILE M 61 -54.84 -53.74 -55.23
CA ILE M 61 -55.06 -52.27 -55.53
C ILE M 61 -56.18 -51.72 -54.64
N TYR M 62 -55.86 -50.78 -53.77
CA TYR M 62 -56.76 -50.28 -52.71
C TYR M 62 -57.68 -49.17 -53.21
N GLN M 63 -58.67 -48.89 -52.38
CA GLN M 63 -59.78 -47.95 -52.65
C GLN M 63 -59.27 -46.57 -53.08
N PHE M 64 -60.00 -45.92 -53.98
CA PHE M 64 -59.85 -44.48 -54.35
C PHE M 64 -58.63 -44.29 -55.28
N SER M 65 -58.07 -45.41 -55.70
CA SER M 65 -57.03 -45.45 -56.74
C SER M 65 -57.68 -45.21 -58.10
N SER M 66 -57.10 -44.34 -58.92
CA SER M 66 -57.50 -44.13 -60.32
C SER M 66 -56.26 -44.55 -61.08
N VAL M 67 -56.28 -45.76 -61.60
CA VAL M 67 -55.21 -46.43 -62.37
C VAL M 67 -55.60 -46.42 -63.86
N GLY M 68 -54.79 -45.82 -64.71
CA GLY M 68 -54.95 -45.94 -66.16
C GLY M 68 -55.62 -44.73 -66.77
N GLU M 69 -55.81 -43.69 -66.00
CA GLU M 69 -56.45 -42.44 -66.45
C GLU M 69 -55.53 -41.71 -67.45
N ASP M 70 -56.02 -40.72 -68.18
CA ASP M 70 -55.16 -39.92 -69.08
C ASP M 70 -54.39 -38.90 -68.24
N THR M 71 -53.15 -38.58 -68.57
CA THR M 71 -52.52 -37.42 -67.91
C THR M 71 -53.32 -36.21 -68.29
N PRO M 72 -53.51 -35.21 -67.42
CA PRO M 72 -54.14 -33.99 -67.87
C PRO M 72 -53.13 -33.07 -68.56
N ASP M 73 -51.84 -33.41 -68.56
CA ASP M 73 -50.78 -32.59 -69.21
C ASP M 73 -51.30 -32.28 -70.63
N LEU M 74 -51.27 -31.01 -70.98
CA LEU M 74 -51.82 -30.42 -72.23
C LEU M 74 -51.18 -31.03 -73.51
N LYS M 75 -49.95 -31.56 -73.54
CA LYS M 75 -49.35 -32.30 -74.69
C LYS M 75 -50.24 -33.47 -75.16
N TYR M 76 -50.77 -34.20 -74.19
CA TYR M 76 -51.59 -35.39 -74.45
C TYR M 76 -52.92 -34.98 -75.10
N LYS M 77 -53.31 -35.67 -76.15
CA LYS M 77 -54.34 -35.19 -77.11
C LYS M 77 -55.30 -36.35 -77.39
N GLY M 78 -55.55 -37.17 -76.37
CA GLY M 78 -56.36 -38.43 -76.38
C GLY M 78 -55.86 -39.49 -77.36
N GLU M 79 -54.54 -39.67 -77.55
CA GLU M 79 -53.94 -40.71 -78.44
C GLU M 79 -54.12 -42.04 -77.74
N PRO M 80 -53.88 -43.20 -78.39
CA PRO M 80 -54.34 -44.45 -77.80
C PRO M 80 -53.21 -45.11 -76.98
N THR M 81 -52.54 -44.37 -76.12
CA THR M 81 -51.46 -44.82 -75.20
C THR M 81 -51.91 -45.81 -74.11
N ARG M 82 -50.94 -46.44 -73.42
CA ARG M 82 -51.12 -47.65 -72.57
C ARG M 82 -50.55 -47.47 -71.15
N LEU M 83 -50.94 -48.36 -70.27
CA LEU M 83 -50.32 -48.56 -68.95
C LEU M 83 -50.11 -50.08 -68.76
N VAL M 84 -48.92 -50.51 -68.34
CA VAL M 84 -48.62 -51.94 -68.10
C VAL M 84 -48.09 -52.00 -66.68
N ILE M 85 -48.61 -52.94 -65.92
CA ILE M 85 -48.27 -53.21 -64.51
C ILE M 85 -48.03 -54.69 -64.39
N GLY M 86 -46.87 -55.09 -63.87
CA GLY M 86 -46.51 -56.50 -63.76
C GLY M 86 -47.18 -57.23 -62.59
N ASP M 87 -46.41 -58.11 -61.95
CA ASP M 87 -46.87 -59.05 -60.92
C ASP M 87 -46.53 -58.54 -59.51
N HIS M 88 -47.33 -58.93 -58.52
CA HIS M 88 -47.03 -58.85 -57.06
C HIS M 88 -46.88 -57.42 -56.62
N ASN M 89 -47.52 -56.45 -57.26
CA ASN M 89 -47.45 -55.06 -56.78
C ASN M 89 -48.55 -54.83 -55.76
N VAL M 90 -48.31 -53.86 -54.91
CA VAL M 90 -49.31 -53.31 -53.97
C VAL M 90 -49.44 -51.82 -54.26
N ILE M 91 -50.65 -51.37 -54.53
CA ILE M 91 -50.99 -49.95 -54.84
C ILE M 91 -52.00 -49.49 -53.80
N ARG M 92 -51.57 -48.66 -52.87
CA ARG M 92 -52.35 -48.40 -51.64
C ARG M 92 -53.44 -47.34 -51.87
N GLU M 93 -54.04 -46.87 -50.79
CA GLU M 93 -55.28 -46.09 -50.95
C GLU M 93 -54.93 -44.79 -51.69
N GLY M 94 -55.69 -44.50 -52.75
CA GLY M 94 -55.73 -43.16 -53.38
C GLY M 94 -54.69 -42.92 -54.46
N VAL M 95 -54.03 -43.95 -54.96
CA VAL M 95 -52.88 -43.74 -55.87
C VAL M 95 -53.40 -43.33 -57.25
N THR M 96 -52.69 -42.47 -57.95
CA THR M 96 -52.95 -42.14 -59.37
C THR M 96 -51.84 -42.66 -60.25
N ILE M 97 -52.23 -43.35 -61.30
CA ILE M 97 -51.24 -43.81 -62.32
C ILE M 97 -51.80 -43.41 -63.67
N HIS M 98 -51.12 -42.58 -64.41
CA HIS M 98 -51.62 -42.20 -65.74
C HIS M 98 -50.87 -42.99 -66.82
N ARG M 99 -51.55 -43.26 -67.91
CA ARG M 99 -50.98 -43.95 -69.09
C ARG M 99 -50.03 -42.96 -69.77
N GLY M 100 -49.34 -43.42 -70.80
CA GLY M 100 -48.29 -42.67 -71.51
C GLY M 100 -48.87 -41.59 -72.41
N THR M 101 -47.92 -40.97 -73.14
CA THR M 101 -48.09 -39.96 -74.21
C THR M 101 -47.26 -40.36 -75.43
N VAL M 102 -47.69 -39.98 -76.64
CA VAL M 102 -47.07 -40.51 -77.88
C VAL M 102 -45.69 -39.92 -78.07
N GLN M 103 -45.47 -38.70 -77.58
CA GLN M 103 -44.17 -37.97 -77.53
C GLN M 103 -43.04 -38.87 -77.00
N ASP M 104 -43.24 -39.78 -76.03
CA ASP M 104 -42.21 -40.69 -75.47
C ASP M 104 -42.52 -42.09 -76.04
N ARG M 105 -42.90 -43.14 -75.30
CA ARG M 105 -42.97 -44.51 -75.93
C ARG M 105 -44.41 -45.02 -75.76
N ALA M 106 -45.27 -44.09 -75.40
CA ALA M 106 -46.74 -44.26 -75.38
C ALA M 106 -47.14 -45.37 -74.39
N GLU M 107 -46.39 -45.48 -73.29
CA GLU M 107 -46.67 -46.48 -72.23
C GLU M 107 -46.13 -45.98 -70.89
N THR M 108 -46.88 -46.08 -69.81
CA THR M 108 -46.38 -46.06 -68.41
C THR M 108 -46.13 -47.51 -68.02
N THR M 109 -45.02 -47.81 -67.38
CA THR M 109 -44.63 -49.20 -67.11
C THR M 109 -44.27 -49.35 -65.64
N ILE M 110 -44.88 -50.36 -65.01
CA ILE M 110 -44.51 -50.81 -63.65
C ILE M 110 -44.18 -52.30 -63.68
N GLY M 111 -43.04 -52.64 -63.11
CA GLY M 111 -42.51 -54.02 -63.04
C GLY M 111 -43.18 -54.83 -61.97
N ASP M 112 -42.42 -55.52 -61.12
CA ASP M 112 -42.95 -56.54 -60.17
C ASP M 112 -42.56 -56.22 -58.73
N HIS M 113 -43.33 -56.70 -57.76
CA HIS M 113 -43.02 -56.57 -56.32
C HIS M 113 -42.83 -55.10 -55.91
N ASN M 114 -43.43 -54.16 -56.62
CA ASN M 114 -43.37 -52.76 -56.14
C ASN M 114 -44.43 -52.56 -55.08
N LEU M 115 -44.17 -51.63 -54.19
CA LEU M 115 -45.09 -51.18 -53.12
C LEU M 115 -45.29 -49.68 -53.30
N ILE M 116 -46.52 -49.25 -53.56
CA ILE M 116 -46.77 -47.83 -53.90
C ILE M 116 -47.80 -47.33 -52.92
N MET M 117 -47.35 -46.53 -51.98
CA MET M 117 -48.18 -46.19 -50.80
C MET M 117 -49.21 -45.08 -51.10
N ALA M 118 -50.08 -44.85 -50.13
CA ALA M 118 -51.23 -43.94 -50.26
C ALA M 118 -50.83 -42.63 -50.94
N TYR M 119 -51.59 -42.31 -51.98
CA TYR M 119 -51.64 -41.00 -52.66
C TYR M 119 -50.38 -40.72 -53.45
N ALA M 120 -49.57 -41.76 -53.65
CA ALA M 120 -48.48 -41.68 -54.63
C ALA M 120 -49.09 -41.36 -56.00
N HIS M 121 -48.29 -40.75 -56.88
CA HIS M 121 -48.63 -40.35 -58.26
C HIS M 121 -47.56 -40.83 -59.21
N ILE M 122 -47.97 -41.52 -60.26
CA ILE M 122 -47.03 -42.10 -61.23
C ILE M 122 -47.44 -41.52 -62.54
N GLY M 123 -46.77 -40.43 -62.85
CA GLY M 123 -46.95 -39.64 -64.07
C GLY M 123 -46.80 -40.40 -65.38
N HIS M 124 -47.47 -39.88 -66.41
CA HIS M 124 -47.40 -40.47 -67.75
C HIS M 124 -45.94 -40.79 -68.11
N ASP M 125 -45.70 -42.00 -68.61
CA ASP M 125 -44.47 -42.42 -69.33
C ASP M 125 -43.38 -42.81 -68.35
N SER M 126 -43.69 -42.75 -67.04
CA SER M 126 -42.80 -43.27 -65.98
C SER M 126 -42.60 -44.78 -66.18
N VAL M 127 -41.47 -45.27 -65.69
CA VAL M 127 -41.03 -46.67 -65.83
C VAL M 127 -40.38 -47.03 -64.48
N ILE M 128 -40.98 -48.02 -63.80
CA ILE M 128 -40.61 -48.48 -62.45
C ILE M 128 -40.17 -49.94 -62.59
N GLY M 129 -39.05 -50.30 -61.98
CA GLY M 129 -38.50 -51.65 -62.06
C GLY M 129 -39.25 -52.55 -61.13
N ASN M 130 -38.49 -53.32 -60.32
CA ASN M 130 -39.04 -54.31 -59.38
C ASN M 130 -38.52 -53.99 -57.98
N HIS M 131 -39.29 -54.32 -56.96
CA HIS M 131 -38.89 -54.24 -55.54
C HIS M 131 -38.74 -52.78 -55.09
N CYS M 132 -39.32 -51.82 -55.80
CA CYS M 132 -39.30 -50.39 -55.39
C CYS M 132 -40.32 -50.12 -54.31
N ILE M 133 -40.12 -49.07 -53.54
CA ILE M 133 -41.13 -48.60 -52.56
C ILE M 133 -41.28 -47.10 -52.77
N LEU M 134 -42.43 -46.61 -53.20
CA LEU M 134 -42.71 -45.15 -53.25
C LEU M 134 -43.61 -44.88 -52.06
N VAL M 135 -43.11 -44.20 -51.06
CA VAL M 135 -43.88 -44.00 -49.80
C VAL M 135 -44.91 -42.91 -50.07
N ASN M 136 -45.87 -42.79 -49.15
CA ASN M 136 -47.05 -41.90 -49.29
C ASN M 136 -46.74 -40.65 -50.10
N ASN M 137 -47.59 -40.30 -51.09
CA ASN M 137 -47.61 -38.94 -51.70
C ASN M 137 -46.34 -38.67 -52.49
N THR M 138 -45.53 -39.68 -52.73
CA THR M 138 -44.45 -39.59 -53.71
C THR M 138 -45.08 -39.27 -55.05
N ALA M 139 -44.45 -38.43 -55.84
CA ALA M 139 -44.98 -38.00 -57.12
C ALA M 139 -43.89 -38.01 -58.15
N LEU M 140 -43.98 -38.87 -59.14
CA LEU M 140 -43.11 -38.84 -60.35
C LEU M 140 -43.81 -37.97 -61.41
N ALA M 141 -43.24 -36.85 -61.77
CA ALA M 141 -43.98 -35.89 -62.60
C ALA M 141 -44.25 -36.45 -63.99
N GLY M 142 -43.31 -37.22 -64.53
CA GLY M 142 -43.51 -37.85 -65.86
C GLY M 142 -42.22 -38.29 -66.52
N HIS M 143 -42.26 -39.35 -67.29
CA HIS M 143 -41.04 -39.87 -67.91
C HIS M 143 -40.00 -40.15 -66.83
N VAL M 144 -40.38 -40.58 -65.63
CA VAL M 144 -39.35 -40.85 -64.58
C VAL M 144 -39.00 -42.33 -64.60
N HIS M 145 -37.74 -42.68 -64.62
CA HIS M 145 -37.32 -44.09 -64.51
C HIS M 145 -36.81 -44.31 -63.10
N VAL M 146 -37.42 -45.24 -62.37
CA VAL M 146 -37.03 -45.70 -61.00
C VAL M 146 -36.56 -47.15 -61.13
N ASP M 147 -35.29 -47.41 -60.88
CA ASP M 147 -34.65 -48.73 -61.11
C ASP M 147 -34.83 -49.58 -59.84
N ASP M 148 -34.65 -50.88 -59.98
CA ASP M 148 -34.93 -51.86 -58.92
C ASP M 148 -34.47 -51.43 -57.53
N TRP M 149 -35.29 -51.68 -56.51
CA TRP M 149 -34.96 -51.58 -55.06
C TRP M 149 -34.89 -50.13 -54.66
N ALA M 150 -35.21 -49.19 -55.53
CA ALA M 150 -35.25 -47.79 -55.05
C ALA M 150 -36.29 -47.59 -53.95
N ILE M 151 -36.00 -46.68 -53.05
CA ILE M 151 -36.95 -46.25 -52.01
C ILE M 151 -37.08 -44.73 -52.04
N LEU M 152 -38.27 -44.22 -52.28
CA LEU M 152 -38.54 -42.77 -52.22
C LEU M 152 -39.36 -42.50 -50.99
N SER M 153 -38.88 -41.73 -50.06
CA SER M 153 -39.60 -41.55 -48.77
C SER M 153 -40.86 -40.70 -48.98
N GLY M 154 -41.64 -40.50 -47.95
CA GLY M 154 -42.89 -39.74 -48.12
C GLY M 154 -42.66 -38.42 -48.82
N TYR M 155 -43.61 -38.02 -49.62
CA TYR M 155 -43.69 -36.65 -50.19
C TYR M 155 -42.41 -36.33 -50.98
N THR M 156 -41.80 -37.37 -51.54
CA THR M 156 -40.72 -37.21 -52.52
C THR M 156 -41.30 -36.81 -53.88
N LEU M 157 -40.83 -35.65 -54.39
CA LEU M 157 -41.14 -35.11 -55.75
C LEU M 157 -39.98 -35.35 -56.75
N VAL M 158 -40.33 -35.93 -57.90
CA VAL M 158 -39.33 -36.19 -58.97
C VAL M 158 -39.73 -35.42 -60.22
N HIS M 159 -38.86 -34.55 -60.65
CA HIS M 159 -38.97 -33.76 -61.88
C HIS M 159 -39.10 -34.66 -63.11
N GLN M 160 -39.71 -34.17 -64.19
CA GLN M 160 -39.84 -34.95 -65.45
C GLN M 160 -38.47 -35.49 -65.83
N TYR M 161 -38.41 -36.71 -66.36
CA TYR M 161 -37.23 -37.29 -67.06
C TYR M 161 -36.12 -37.75 -66.13
N CYS M 162 -36.20 -37.49 -64.83
CA CYS M 162 -35.15 -37.93 -63.88
C CYS M 162 -35.05 -39.45 -63.87
N ARG M 163 -33.84 -39.97 -63.80
CA ARG M 163 -33.60 -41.38 -63.46
C ARG M 163 -33.20 -41.47 -61.97
N ILE M 164 -33.89 -42.34 -61.24
CA ILE M 164 -33.63 -42.73 -59.83
C ILE M 164 -32.96 -44.10 -59.84
N GLY M 165 -31.66 -44.14 -59.59
CA GLY M 165 -30.84 -45.35 -59.68
C GLY M 165 -31.29 -46.48 -58.75
N ALA M 166 -30.94 -47.68 -59.14
CA ALA M 166 -31.13 -48.89 -58.33
C ALA M 166 -30.66 -48.62 -56.91
N HIS M 167 -31.44 -49.06 -55.90
CA HIS M 167 -31.04 -49.06 -54.48
C HIS M 167 -30.87 -47.62 -53.99
N SER M 168 -31.20 -46.65 -54.81
CA SER M 168 -30.99 -45.28 -54.35
C SER M 168 -32.10 -44.99 -53.33
N PHE M 169 -31.99 -43.89 -52.58
CA PHE M 169 -32.92 -43.61 -51.46
C PHE M 169 -33.16 -42.10 -51.30
N SER M 170 -34.40 -41.64 -51.19
CA SER M 170 -34.71 -40.21 -51.03
C SER M 170 -35.30 -40.03 -49.65
N GLY M 171 -34.90 -38.97 -48.95
CA GLY M 171 -35.49 -38.63 -47.65
C GLY M 171 -36.85 -38.00 -47.78
N MET M 172 -37.56 -37.86 -46.69
CA MET M 172 -38.89 -37.29 -46.82
C MET M 172 -38.82 -35.84 -47.27
N GLY M 173 -39.82 -35.53 -48.06
CA GLY M 173 -39.91 -34.23 -48.69
C GLY M 173 -38.80 -33.95 -49.65
N SER M 174 -38.11 -34.89 -50.24
CA SER M 174 -37.03 -34.52 -51.17
C SER M 174 -37.65 -33.98 -52.45
N ALA M 175 -37.03 -33.00 -53.07
CA ALA M 175 -37.43 -32.48 -54.40
C ALA M 175 -36.25 -32.72 -55.34
N ILE M 176 -36.28 -33.85 -56.03
CA ILE M 176 -35.24 -34.32 -56.96
C ILE M 176 -35.44 -33.69 -58.32
N GLY M 177 -34.52 -32.89 -58.81
CA GLY M 177 -34.57 -32.32 -60.15
C GLY M 177 -33.52 -32.86 -61.06
N LYS M 178 -32.79 -33.88 -60.64
CA LYS M 178 -31.64 -34.39 -61.40
C LYS M 178 -31.49 -35.88 -61.10
N ASP M 179 -30.76 -36.63 -61.92
CA ASP M 179 -30.61 -38.07 -61.66
C ASP M 179 -30.05 -38.33 -60.27
N VAL M 180 -30.57 -39.37 -59.62
CA VAL M 180 -30.00 -39.98 -58.41
C VAL M 180 -29.29 -41.26 -58.83
N PRO M 181 -27.96 -41.28 -58.71
CA PRO M 181 -27.19 -42.47 -59.03
C PRO M 181 -27.55 -43.58 -58.08
N ALA M 182 -27.35 -44.79 -58.57
CA ALA M 182 -27.57 -46.03 -57.83
C ALA M 182 -26.92 -45.89 -56.46
N TYR M 183 -27.64 -46.34 -55.44
CA TYR M 183 -27.16 -46.48 -54.05
C TYR M 183 -27.19 -45.11 -53.37
N VAL M 184 -27.21 -44.04 -54.13
CA VAL M 184 -27.01 -42.73 -53.48
C VAL M 184 -28.20 -42.39 -52.61
N THR M 185 -27.97 -41.81 -51.43
CA THR M 185 -29.06 -41.19 -50.65
C THR M 185 -29.13 -39.69 -50.91
N VAL M 186 -30.32 -39.11 -50.99
CA VAL M 186 -30.49 -37.67 -51.29
C VAL M 186 -31.56 -37.09 -50.37
N PHE M 187 -31.40 -35.82 -50.03
CA PHE M 187 -32.23 -35.13 -49.05
C PHE M 187 -32.43 -33.68 -49.45
N GLY M 188 -33.62 -33.17 -49.14
CA GLY M 188 -34.00 -31.75 -49.11
C GLY M 188 -34.51 -31.23 -50.44
N ASN M 189 -34.76 -29.92 -50.48
CA ASN M 189 -35.36 -29.21 -51.64
C ASN M 189 -34.55 -27.95 -51.87
N PRO M 190 -33.68 -27.91 -52.88
CA PRO M 190 -33.53 -29.01 -53.83
C PRO M 190 -32.73 -30.13 -53.19
N ALA M 191 -32.84 -31.34 -53.74
CA ALA M 191 -32.32 -32.61 -53.21
C ALA M 191 -30.81 -32.58 -53.37
N GLU M 192 -30.05 -33.05 -52.39
CA GLU M 192 -28.55 -33.12 -52.37
C GLU M 192 -28.11 -34.54 -52.01
N ALA M 193 -27.02 -35.03 -52.56
CA ALA M 193 -26.40 -36.30 -52.14
C ALA M 193 -25.81 -36.15 -50.73
N ARG M 194 -25.96 -37.17 -49.90
CA ARG M 194 -25.38 -37.20 -48.56
C ARG M 194 -24.43 -38.40 -48.46
N SER M 195 -24.86 -39.57 -48.88
CA SER M 195 -24.12 -40.83 -48.66
C SER M 195 -24.69 -41.90 -49.58
N MET M 196 -24.55 -43.16 -49.15
CA MET M 196 -25.03 -44.36 -49.87
C MET M 196 -25.90 -45.18 -48.91
N ASN M 197 -26.81 -45.94 -49.53
CA ASN M 197 -27.89 -46.68 -48.84
C ASN M 197 -27.27 -47.99 -48.41
N PHE M 198 -26.40 -47.92 -47.42
CA PHE M 198 -25.70 -49.10 -46.90
C PHE M 198 -26.74 -50.06 -46.33
N GLU M 199 -27.84 -49.57 -45.76
CA GLU M 199 -28.90 -50.47 -45.24
C GLU M 199 -29.39 -51.35 -46.36
N GLY M 200 -29.51 -50.80 -47.56
CA GLY M 200 -30.07 -51.55 -48.70
C GLY M 200 -29.11 -52.62 -49.13
N MET M 201 -27.83 -52.30 -49.06
CA MET M 201 -26.76 -53.22 -49.47
C MET M 201 -26.78 -54.40 -48.49
N ARG M 202 -27.08 -54.16 -47.20
CA ARG M 202 -27.06 -55.24 -46.18
C ARG M 202 -28.23 -56.17 -46.50
N ARG M 203 -29.44 -55.61 -46.68
CA ARG M 203 -30.68 -56.36 -46.99
CA ARG M 203 -30.69 -56.35 -47.01
C ARG M 203 -30.45 -57.25 -48.23
N ARG M 204 -29.70 -56.80 -49.26
CA ARG M 204 -29.47 -57.65 -50.48
C ARG M 204 -28.28 -58.60 -50.27
N GLY M 205 -27.63 -58.57 -49.10
CA GLY M 205 -26.48 -59.44 -48.75
C GLY M 205 -25.20 -59.11 -49.52
N PHE M 206 -24.95 -57.88 -49.92
CA PHE M 206 -23.69 -57.48 -50.59
C PHE M 206 -22.51 -57.88 -49.72
N SER M 207 -21.41 -58.29 -50.31
CA SER M 207 -20.19 -58.55 -49.51
C SER M 207 -19.76 -57.26 -48.79
N SER M 208 -19.00 -57.43 -47.71
CA SER M 208 -18.12 -56.39 -47.13
C SER M 208 -17.37 -55.61 -48.21
N GLU M 209 -16.70 -56.30 -49.14
CA GLU M 209 -15.77 -55.63 -50.11
C GLU M 209 -16.61 -54.73 -51.01
N ALA M 210 -17.80 -55.22 -51.39
CA ALA M 210 -18.72 -54.53 -52.33
C ALA M 210 -19.14 -53.20 -51.72
N ILE M 211 -19.51 -53.27 -50.44
CA ILE M 211 -20.00 -52.11 -49.66
C ILE M 211 -18.88 -51.07 -49.58
N HIS M 212 -17.66 -51.55 -49.31
CA HIS M 212 -16.50 -50.65 -49.12
C HIS M 212 -16.21 -49.92 -50.44
N ALA M 213 -16.29 -50.64 -51.56
CA ALA M 213 -15.92 -50.16 -52.91
C ALA M 213 -16.83 -49.04 -53.38
N LEU M 214 -18.11 -49.26 -53.00
CA LEU M 214 -19.27 -48.36 -53.21
C LEU M 214 -19.02 -47.11 -52.40
N ARG M 215 -18.50 -47.26 -51.17
CA ARG M 215 -18.21 -46.07 -50.36
C ARG M 215 -17.07 -45.33 -51.03
N ARG M 216 -16.07 -46.03 -51.55
CA ARG M 216 -14.91 -45.33 -52.16
C ARG M 216 -15.43 -44.62 -53.39
N ALA M 217 -16.46 -45.20 -54.02
CA ALA M 217 -16.91 -44.72 -55.34
C ALA M 217 -17.68 -43.45 -55.09
N TYR M 218 -18.43 -43.43 -54.01
CA TYR M 218 -19.16 -42.22 -53.61
C TYR M 218 -18.11 -41.12 -53.49
N LYS M 219 -17.00 -41.48 -52.82
CA LYS M 219 -15.98 -40.46 -52.47
C LYS M 219 -15.42 -39.91 -53.77
N VAL M 220 -15.25 -40.77 -54.75
CA VAL M 220 -14.63 -40.39 -56.04
C VAL M 220 -15.54 -39.39 -56.73
N VAL M 221 -16.82 -39.59 -56.65
CA VAL M 221 -17.77 -38.78 -57.46
C VAL M 221 -18.06 -37.49 -56.72
N TYR M 222 -18.14 -37.52 -55.40
CA TYR M 222 -18.78 -36.43 -54.60
C TYR M 222 -17.74 -35.74 -53.70
N ARG M 223 -16.55 -36.29 -53.44
CA ARG M 223 -15.73 -35.82 -52.31
C ARG M 223 -14.27 -35.56 -52.70
N GLN M 224 -13.95 -35.29 -53.94
CA GLN M 224 -12.53 -35.11 -54.32
C GLN M 224 -12.47 -34.09 -55.46
N GLY M 225 -13.39 -33.12 -55.48
CA GLY M 225 -13.54 -32.15 -56.58
C GLY M 225 -13.18 -32.75 -57.94
N HIS M 226 -13.55 -33.98 -58.27
CA HIS M 226 -13.44 -34.47 -59.66
C HIS M 226 -14.61 -33.89 -60.43
N THR M 227 -14.42 -33.43 -61.65
CA THR M 227 -15.57 -33.28 -62.58
C THR M 227 -16.24 -34.65 -62.61
N VAL M 228 -17.17 -34.84 -63.52
CA VAL M 228 -17.93 -36.11 -63.60
C VAL M 228 -17.19 -37.03 -64.57
N GLU M 229 -16.74 -36.52 -65.70
CA GLU M 229 -15.99 -37.30 -66.72
C GLU M 229 -14.75 -37.92 -66.06
N GLU M 230 -14.11 -37.14 -65.18
CA GLU M 230 -12.92 -37.50 -64.36
C GLU M 230 -13.32 -38.62 -63.35
N ALA M 231 -14.44 -38.46 -62.63
CA ALA M 231 -14.95 -39.49 -61.69
C ALA M 231 -15.23 -40.79 -62.43
N LEU M 232 -15.97 -40.69 -63.52
CA LEU M 232 -16.22 -41.83 -64.43
C LEU M 232 -14.95 -42.59 -64.80
N ALA M 233 -13.88 -41.89 -65.11
CA ALA M 233 -12.59 -42.46 -65.57
C ALA M 233 -12.01 -43.22 -64.39
N GLU M 234 -11.90 -42.54 -63.26
CA GLU M 234 -11.31 -43.11 -62.03
C GLU M 234 -12.08 -44.38 -61.63
N LEU M 235 -13.40 -44.42 -61.78
CA LEU M 235 -14.28 -45.56 -61.41
C LEU M 235 -14.10 -46.78 -62.34
N ALA M 236 -13.38 -46.66 -63.46
CA ALA M 236 -13.31 -47.71 -64.51
C ALA M 236 -12.89 -49.05 -63.90
N GLU M 237 -11.90 -49.00 -63.01
CA GLU M 237 -11.24 -50.18 -62.41
C GLU M 237 -12.22 -50.84 -61.44
N SER M 238 -12.71 -50.08 -60.46
CA SER M 238 -13.66 -50.51 -59.39
C SER M 238 -14.85 -51.20 -60.06
N ALA M 239 -15.26 -50.79 -61.25
CA ALA M 239 -16.47 -51.27 -61.95
C ALA M 239 -16.21 -52.54 -62.76
N ALA M 240 -15.00 -52.65 -63.25
CA ALA M 240 -14.53 -53.92 -63.80
C ALA M 240 -14.40 -54.95 -62.67
N GLN M 241 -14.21 -54.51 -61.42
CA GLN M 241 -13.95 -55.44 -60.30
C GLN M 241 -15.27 -55.80 -59.64
N PHE M 242 -16.16 -54.85 -59.39
CA PHE M 242 -17.43 -55.08 -58.65
C PHE M 242 -18.64 -54.81 -59.57
N PRO M 243 -19.49 -55.82 -59.89
CA PRO M 243 -20.73 -55.57 -60.63
C PRO M 243 -21.56 -54.48 -59.94
N GLU M 244 -21.51 -54.48 -58.60
CA GLU M 244 -22.28 -53.51 -57.77
C GLU M 244 -21.76 -52.11 -58.05
N VAL M 245 -20.45 -51.91 -58.22
CA VAL M 245 -19.88 -50.57 -58.58
C VAL M 245 -20.20 -50.26 -60.04
N ALA M 246 -20.25 -51.28 -60.91
CA ALA M 246 -20.55 -51.05 -62.35
C ALA M 246 -21.95 -50.45 -62.47
N VAL M 247 -22.91 -50.98 -61.71
CA VAL M 247 -24.29 -50.38 -61.67
C VAL M 247 -24.16 -48.91 -61.34
N PHE M 248 -23.35 -48.58 -60.34
CA PHE M 248 -23.19 -47.18 -59.88
C PHE M 248 -22.63 -46.40 -61.04
N ARG M 249 -21.50 -46.83 -61.62
CA ARG M 249 -20.77 -46.05 -62.64
C ARG M 249 -21.77 -45.76 -63.76
N ASP M 250 -22.47 -46.80 -64.19
CA ASP M 250 -23.42 -46.76 -65.33
C ASP M 250 -24.52 -45.73 -65.06
N SER M 251 -24.99 -45.57 -63.81
CA SER M 251 -26.11 -44.64 -63.49
C SER M 251 -25.59 -43.24 -63.75
N ILE M 252 -24.30 -43.06 -63.56
CA ILE M 252 -23.65 -41.75 -63.73
C ILE M 252 -23.43 -41.48 -65.22
N GLN M 253 -22.88 -42.43 -65.97
CA GLN M 253 -22.65 -42.33 -67.44
C GLN M 253 -23.95 -41.89 -68.10
N SER M 254 -25.05 -42.56 -67.74
CA SER M 254 -26.34 -42.49 -68.46
C SER M 254 -27.01 -41.13 -68.17
N ALA M 255 -26.47 -40.31 -67.28
CA ALA M 255 -27.07 -39.03 -66.84
C ALA M 255 -26.56 -37.84 -67.67
N THR M 256 -25.33 -37.96 -68.17
CA THR M 256 -24.41 -36.85 -68.56
C THR M 256 -23.90 -37.11 -69.99
N ARG M 257 -24.71 -36.98 -71.03
CA ARG M 257 -24.10 -36.97 -72.39
C ARG M 257 -23.17 -35.73 -72.56
N GLY M 258 -23.67 -34.52 -72.24
CA GLY M 258 -22.91 -33.26 -72.26
C GLY M 258 -22.84 -32.71 -73.68
N ILE M 259 -22.24 -31.52 -73.82
CA ILE M 259 -22.09 -30.88 -75.14
C ILE M 259 -20.60 -30.75 -75.52
N THR M 260 -20.26 -30.90 -76.78
CA THR M 260 -18.94 -30.50 -77.29
C THR M 260 -18.64 -29.14 -76.70
N ARG M 261 -17.41 -28.93 -76.25
CA ARG M 261 -16.95 -27.65 -75.66
C ARG M 261 -15.66 -27.32 -76.33
N MET N 4 -83.07 -38.38 -39.81
CA MET N 4 -83.90 -39.61 -39.70
C MET N 4 -83.52 -40.60 -40.86
N SER N 5 -82.25 -40.59 -41.34
CA SER N 5 -81.62 -41.53 -42.34
C SER N 5 -81.03 -42.77 -41.62
N LEU N 6 -80.10 -42.50 -40.68
CA LEU N 6 -79.34 -43.45 -39.83
C LEU N 6 -78.39 -44.23 -40.73
N ILE N 7 -78.35 -45.56 -40.64
CA ILE N 7 -77.52 -46.41 -41.53
C ILE N 7 -78.17 -46.41 -42.89
N ASP N 8 -77.55 -45.83 -43.91
CA ASP N 8 -78.00 -45.94 -45.32
C ASP N 8 -77.97 -47.40 -45.72
N PRO N 9 -78.97 -47.92 -46.45
CA PRO N 9 -78.97 -49.34 -46.78
C PRO N 9 -78.05 -49.55 -47.98
N ARG N 10 -77.47 -48.52 -48.59
CA ARG N 10 -76.45 -48.74 -49.64
C ARG N 10 -75.07 -48.87 -48.98
N ALA N 11 -74.97 -48.85 -47.65
CA ALA N 11 -73.73 -49.11 -46.88
C ALA N 11 -73.64 -50.60 -46.69
N ILE N 12 -72.48 -51.10 -46.27
CA ILE N 12 -72.20 -52.52 -45.97
C ILE N 12 -71.74 -52.56 -44.51
N ILE N 13 -72.56 -53.10 -43.63
CA ILE N 13 -72.19 -53.22 -42.21
C ILE N 13 -71.90 -54.68 -41.95
N ASP N 14 -70.66 -55.02 -41.66
CA ASP N 14 -70.33 -56.41 -41.27
C ASP N 14 -71.16 -56.82 -40.04
N PRO N 15 -71.60 -58.09 -39.98
CA PRO N 15 -72.38 -58.54 -38.82
C PRO N 15 -71.70 -58.38 -37.43
N SER N 16 -70.35 -58.41 -37.34
CA SER N 16 -69.58 -58.28 -36.08
C SER N 16 -69.30 -56.82 -35.68
N ALA N 17 -69.61 -55.82 -36.53
CA ALA N 17 -69.46 -54.38 -36.19
C ALA N 17 -70.49 -54.06 -35.15
N ARG N 18 -70.21 -53.11 -34.26
CA ARG N 18 -71.11 -52.82 -33.13
C ARG N 18 -71.38 -51.32 -33.11
N LEU N 19 -72.58 -50.92 -33.50
CA LEU N 19 -72.95 -49.49 -33.63
C LEU N 19 -73.91 -49.09 -32.52
N ALA N 20 -73.67 -48.01 -31.77
CA ALA N 20 -74.71 -47.34 -30.95
C ALA N 20 -75.94 -47.05 -31.84
N ALA N 21 -77.14 -46.91 -31.26
CA ALA N 21 -78.39 -46.88 -32.08
C ALA N 21 -78.33 -45.72 -33.12
N ASP N 22 -78.02 -44.48 -32.65
CA ASP N 22 -78.17 -43.20 -33.44
C ASP N 22 -76.90 -42.83 -34.19
N VAL N 23 -76.05 -43.80 -34.50
CA VAL N 23 -74.89 -43.65 -35.41
C VAL N 23 -75.48 -43.47 -36.81
N GLN N 24 -74.91 -42.60 -37.62
CA GLN N 24 -75.26 -42.47 -39.05
C GLN N 24 -74.15 -43.05 -39.91
N VAL N 25 -74.53 -43.77 -40.95
CA VAL N 25 -73.55 -44.19 -41.98
C VAL N 25 -74.16 -43.89 -43.32
N GLY N 26 -73.39 -43.21 -44.14
CA GLY N 26 -73.83 -42.81 -45.47
C GLY N 26 -73.71 -43.94 -46.46
N PRO N 27 -74.23 -43.65 -47.66
CA PRO N 27 -74.24 -44.58 -48.78
C PRO N 27 -72.82 -44.93 -49.19
N TRP N 28 -72.64 -46.19 -49.54
CA TRP N 28 -71.38 -46.72 -50.10
C TRP N 28 -70.24 -46.66 -49.06
N SER N 29 -70.55 -46.57 -47.77
CA SER N 29 -69.51 -46.67 -46.73
C SER N 29 -69.46 -48.12 -46.26
N ILE N 30 -68.27 -48.64 -45.99
CA ILE N 30 -68.05 -50.02 -45.45
C ILE N 30 -67.67 -49.93 -43.97
N VAL N 31 -68.51 -50.45 -43.07
CA VAL N 31 -68.12 -50.68 -41.66
C VAL N 31 -67.74 -52.14 -41.55
N GLY N 32 -66.44 -52.39 -41.38
CA GLY N 32 -65.84 -53.74 -41.51
C GLY N 32 -65.98 -54.55 -40.25
N ALA N 33 -65.54 -55.79 -40.28
CA ALA N 33 -65.49 -56.62 -39.05
C ALA N 33 -64.78 -55.84 -37.93
N GLU N 34 -65.24 -56.06 -36.69
CA GLU N 34 -64.55 -55.79 -35.41
C GLU N 34 -64.43 -54.28 -35.28
N VAL N 35 -65.25 -53.54 -35.99
CA VAL N 35 -65.29 -52.06 -35.89
C VAL N 35 -66.46 -51.72 -34.99
N GLU N 36 -66.23 -50.77 -34.10
CA GLU N 36 -67.14 -50.42 -32.98
C GLU N 36 -67.30 -48.90 -32.97
N ILE N 37 -68.51 -48.40 -33.07
CA ILE N 37 -68.76 -46.93 -33.26
C ILE N 37 -69.68 -46.48 -32.14
N GLY N 38 -69.25 -45.46 -31.40
CA GLY N 38 -69.97 -44.85 -30.28
C GLY N 38 -71.13 -43.93 -30.69
N GLU N 39 -72.02 -43.69 -29.74
CA GLU N 39 -73.19 -42.80 -29.80
C GLU N 39 -72.87 -41.51 -30.58
N GLY N 40 -73.77 -41.05 -31.47
CA GLY N 40 -73.77 -39.67 -32.05
C GLY N 40 -72.84 -39.52 -33.24
N THR N 41 -71.99 -40.50 -33.51
CA THR N 41 -70.98 -40.46 -34.57
C THR N 41 -71.64 -40.57 -35.94
N VAL N 42 -71.24 -39.69 -36.85
CA VAL N 42 -71.65 -39.68 -38.28
C VAL N 42 -70.48 -40.20 -39.11
N ILE N 43 -70.71 -41.26 -39.85
CA ILE N 43 -69.85 -41.69 -40.97
C ILE N 43 -70.46 -41.15 -42.25
N GLY N 44 -69.66 -40.47 -43.04
CA GLY N 44 -70.09 -39.91 -44.32
C GLY N 44 -70.31 -41.05 -45.30
N PRO N 45 -70.52 -40.67 -46.57
CA PRO N 45 -70.57 -41.63 -47.66
C PRO N 45 -69.15 -42.01 -48.04
N HIS N 46 -68.99 -43.09 -48.77
CA HIS N 46 -67.69 -43.47 -49.35
C HIS N 46 -66.60 -43.56 -48.25
N VAL N 47 -66.88 -44.07 -47.06
CA VAL N 47 -65.83 -44.26 -46.02
C VAL N 47 -65.51 -45.73 -45.91
N VAL N 48 -64.23 -46.10 -45.74
CA VAL N 48 -63.84 -47.49 -45.43
C VAL N 48 -63.31 -47.52 -44.00
N LEU N 49 -64.04 -48.22 -43.13
CA LEU N 49 -63.63 -48.57 -41.76
C LEU N 49 -63.18 -50.04 -41.75
N LYS N 50 -61.97 -50.29 -41.25
CA LYS N 50 -61.49 -51.67 -41.00
C LYS N 50 -61.11 -51.72 -39.52
N GLY N 51 -61.08 -52.93 -38.97
CA GLY N 51 -60.78 -53.16 -37.55
C GLY N 51 -59.66 -54.17 -37.38
N PRO N 52 -59.50 -54.66 -36.15
CA PRO N 52 -60.29 -54.17 -35.02
C PRO N 52 -60.04 -52.70 -34.60
N THR N 53 -61.11 -51.92 -34.51
CA THR N 53 -61.10 -50.45 -34.28
C THR N 53 -62.25 -50.07 -33.34
N LYS N 54 -62.00 -49.28 -32.29
CA LYS N 54 -63.05 -48.68 -31.42
C LYS N 54 -63.08 -47.19 -31.77
N ILE N 55 -64.25 -46.67 -32.16
CA ILE N 55 -64.50 -45.24 -32.47
C ILE N 55 -65.50 -44.70 -31.46
N GLY N 56 -65.19 -43.56 -30.87
CA GLY N 56 -65.93 -43.01 -29.72
C GLY N 56 -67.24 -42.36 -30.13
N LYS N 57 -67.69 -41.51 -29.23
CA LYS N 57 -68.94 -40.72 -29.28
C LYS N 57 -68.71 -39.46 -30.13
N HIS N 58 -69.65 -39.10 -31.01
CA HIS N 58 -69.85 -37.75 -31.58
C HIS N 58 -68.67 -37.38 -32.47
N ASN N 59 -68.12 -38.30 -33.23
CA ASN N 59 -67.09 -37.98 -34.26
C ASN N 59 -67.77 -37.78 -35.62
N ARG N 60 -67.14 -37.06 -36.54
CA ARG N 60 -67.60 -36.84 -37.93
C ARG N 60 -66.42 -37.44 -38.73
N ILE N 61 -66.64 -38.39 -39.65
CA ILE N 61 -65.61 -38.87 -40.62
C ILE N 61 -66.09 -38.65 -42.06
N TYR N 62 -65.37 -37.87 -42.85
CA TYR N 62 -65.78 -37.46 -44.23
C TYR N 62 -65.40 -38.55 -45.24
N GLN N 63 -66.05 -38.43 -46.39
CA GLN N 63 -65.91 -39.32 -47.55
C GLN N 63 -64.42 -39.58 -47.87
N PHE N 64 -64.09 -40.76 -48.39
CA PHE N 64 -62.79 -41.13 -49.01
C PHE N 64 -61.72 -41.41 -47.95
N SER N 65 -62.12 -41.30 -46.70
CA SER N 65 -61.29 -41.71 -45.55
C SER N 65 -61.23 -43.22 -45.52
N SER N 66 -60.09 -43.72 -45.11
CA SER N 66 -59.81 -45.15 -44.96
C SER N 66 -59.14 -45.20 -43.59
N VAL N 67 -59.98 -45.37 -42.58
CA VAL N 67 -59.64 -45.44 -41.14
C VAL N 67 -59.63 -46.91 -40.72
N GLY N 68 -58.47 -47.48 -40.47
CA GLY N 68 -58.38 -48.73 -39.68
C GLY N 68 -57.70 -49.83 -40.44
N GLU N 69 -57.08 -49.47 -41.55
CA GLU N 69 -56.44 -50.32 -42.55
C GLU N 69 -55.09 -50.73 -41.95
N ASP N 70 -54.45 -51.75 -42.50
CA ASP N 70 -53.15 -52.30 -42.00
C ASP N 70 -52.08 -51.27 -42.35
N THR N 71 -50.94 -51.12 -41.67
CA THR N 71 -49.93 -50.27 -42.37
C THR N 71 -49.39 -51.12 -43.51
N PRO N 72 -48.87 -50.54 -44.59
CA PRO N 72 -48.14 -51.34 -45.56
C PRO N 72 -46.67 -51.62 -45.20
N ASP N 73 -46.06 -50.96 -44.19
CA ASP N 73 -44.65 -51.22 -43.80
C ASP N 73 -44.50 -52.73 -43.68
N LEU N 74 -43.39 -53.25 -44.18
CA LEU N 74 -43.19 -54.70 -44.31
C LEU N 74 -42.93 -55.34 -42.93
N LYS N 75 -42.54 -54.59 -41.91
CA LYS N 75 -42.39 -55.10 -40.51
C LYS N 75 -43.78 -55.58 -40.00
N TYR N 76 -44.89 -55.04 -40.52
CA TYR N 76 -46.26 -55.52 -40.17
C TYR N 76 -46.58 -56.81 -40.93
N LYS N 77 -46.94 -57.90 -40.26
CA LYS N 77 -47.09 -59.25 -40.92
C LYS N 77 -48.42 -59.87 -40.52
N GLY N 78 -49.48 -59.08 -40.43
CA GLY N 78 -50.87 -59.58 -40.28
C GLY N 78 -51.33 -59.65 -38.84
N GLU N 79 -50.49 -59.24 -37.86
CA GLU N 79 -50.74 -59.59 -36.43
C GLU N 79 -52.00 -58.84 -36.06
N PRO N 80 -52.74 -59.24 -35.00
CA PRO N 80 -54.14 -58.77 -34.86
C PRO N 80 -54.36 -57.41 -34.14
N THR N 81 -53.51 -56.40 -34.34
CA THR N 81 -53.42 -55.06 -33.67
C THR N 81 -54.62 -54.11 -33.85
N ARG N 82 -54.67 -52.97 -33.14
CA ARG N 82 -55.90 -52.15 -32.99
C ARG N 82 -55.71 -50.71 -33.42
N LEU N 83 -56.84 -50.02 -33.58
CA LEU N 83 -56.97 -48.53 -33.60
C LEU N 83 -58.07 -48.05 -32.68
N VAL N 84 -57.80 -46.96 -31.98
CA VAL N 84 -58.71 -46.40 -30.94
C VAL N 84 -58.79 -44.89 -31.18
N ILE N 85 -60.00 -44.43 -31.47
CA ILE N 85 -60.36 -42.99 -31.64
C ILE N 85 -61.35 -42.64 -30.52
N GLY N 86 -61.08 -41.55 -29.82
CA GLY N 86 -61.98 -41.01 -28.80
C GLY N 86 -63.20 -40.32 -29.37
N ASP N 87 -63.44 -39.12 -28.89
CA ASP N 87 -64.77 -38.47 -28.87
C ASP N 87 -64.64 -37.09 -29.48
N HIS N 88 -65.71 -36.56 -30.07
CA HIS N 88 -65.76 -35.22 -30.72
C HIS N 88 -64.56 -35.06 -31.68
N ASN N 89 -64.22 -36.06 -32.47
CA ASN N 89 -63.12 -35.85 -33.45
C ASN N 89 -63.75 -35.53 -34.81
N VAL N 90 -63.05 -34.76 -35.62
CA VAL N 90 -63.51 -34.52 -37.01
C VAL N 90 -62.40 -34.97 -37.92
N ILE N 91 -62.66 -36.00 -38.71
CA ILE N 91 -61.71 -36.55 -39.70
C ILE N 91 -62.21 -36.19 -41.10
N ARG N 92 -61.44 -35.40 -41.82
CA ARG N 92 -61.89 -34.80 -43.10
C ARG N 92 -61.66 -35.73 -44.31
N GLU N 93 -61.91 -35.18 -45.50
CA GLU N 93 -61.97 -35.91 -46.78
C GLU N 93 -60.60 -36.58 -46.99
N GLY N 94 -60.61 -37.90 -47.15
CA GLY N 94 -59.47 -38.63 -47.73
C GLY N 94 -58.38 -39.00 -46.73
N VAL N 95 -58.67 -38.81 -45.45
CA VAL N 95 -57.70 -39.15 -44.37
C VAL N 95 -57.43 -40.65 -44.29
N THR N 96 -56.18 -41.02 -44.02
CA THR N 96 -55.71 -42.39 -43.74
C THR N 96 -55.22 -42.53 -42.30
N ILE N 97 -55.69 -43.55 -41.62
CA ILE N 97 -55.32 -43.85 -40.22
C ILE N 97 -55.10 -45.36 -40.15
N HIS N 98 -53.87 -45.77 -39.89
CA HIS N 98 -53.55 -47.20 -39.92
C HIS N 98 -53.53 -47.71 -38.48
N ARG N 99 -53.91 -48.96 -38.25
CA ARG N 99 -53.82 -49.62 -36.94
C ARG N 99 -52.36 -49.76 -36.53
N GLY N 100 -52.14 -50.29 -35.33
CA GLY N 100 -50.81 -50.53 -34.72
C GLY N 100 -50.03 -51.64 -35.39
N THR N 101 -48.83 -51.86 -34.85
CA THR N 101 -47.89 -52.98 -35.11
C THR N 101 -47.51 -53.61 -33.77
N VAL N 102 -47.21 -54.90 -33.74
CA VAL N 102 -46.88 -55.55 -32.43
C VAL N 102 -45.48 -55.15 -31.97
N GLN N 103 -44.61 -54.70 -32.85
CA GLN N 103 -43.23 -54.31 -32.42
C GLN N 103 -43.31 -53.10 -31.48
N ASP N 104 -44.39 -52.34 -31.44
CA ASP N 104 -44.56 -51.23 -30.46
C ASP N 104 -45.64 -51.63 -29.45
N ARG N 105 -46.81 -51.00 -29.41
CA ARG N 105 -47.82 -51.24 -28.35
C ARG N 105 -49.09 -51.81 -29.04
N ALA N 106 -49.00 -52.25 -30.31
CA ALA N 106 -50.09 -52.90 -31.07
C ALA N 106 -51.31 -51.97 -31.23
N GLU N 107 -51.13 -50.67 -31.01
CA GLU N 107 -52.27 -49.72 -30.98
C GLU N 107 -51.87 -48.37 -31.57
N THR N 108 -52.68 -47.88 -32.50
CA THR N 108 -52.73 -46.48 -32.92
C THR N 108 -53.88 -45.80 -32.17
N THR N 109 -53.65 -44.62 -31.66
CA THR N 109 -54.54 -44.07 -30.62
C THR N 109 -54.76 -42.59 -30.94
N ILE N 110 -56.02 -42.17 -30.96
CA ILE N 110 -56.43 -40.75 -31.11
C ILE N 110 -57.37 -40.42 -29.95
N GLY N 111 -57.13 -39.26 -29.33
CA GLY N 111 -57.89 -38.82 -28.15
C GLY N 111 -59.15 -38.11 -28.57
N ASP N 112 -59.49 -36.99 -27.95
CA ASP N 112 -60.77 -36.28 -28.16
C ASP N 112 -60.54 -34.90 -28.77
N HIS N 113 -61.51 -34.40 -29.53
CA HIS N 113 -61.61 -32.98 -30.00
C HIS N 113 -60.51 -32.67 -31.01
N ASN N 114 -60.01 -33.64 -31.75
CA ASN N 114 -59.01 -33.35 -32.80
C ASN N 114 -59.70 -32.94 -34.10
N LEU N 115 -58.94 -32.23 -34.89
CA LEU N 115 -59.33 -31.88 -36.26
C LEU N 115 -58.21 -32.40 -37.14
N ILE N 116 -58.50 -33.45 -37.89
CA ILE N 116 -57.53 -34.04 -38.85
C ILE N 116 -58.05 -33.71 -40.24
N MET N 117 -57.44 -32.74 -40.90
CA MET N 117 -57.98 -32.14 -42.13
C MET N 117 -57.64 -32.99 -43.35
N ALA N 118 -58.07 -32.56 -44.52
CA ALA N 118 -58.14 -33.47 -45.66
C ALA N 118 -56.78 -34.14 -45.92
N TYR N 119 -56.80 -35.43 -46.23
CA TYR N 119 -55.64 -36.20 -46.70
C TYR N 119 -54.50 -36.25 -45.67
N ALA N 120 -54.73 -35.82 -44.43
CA ALA N 120 -53.78 -36.14 -43.36
C ALA N 120 -53.60 -37.66 -43.33
N HIS N 121 -52.46 -38.13 -42.83
CA HIS N 121 -52.14 -39.58 -42.70
C HIS N 121 -51.63 -39.82 -41.29
N ILE N 122 -52.25 -40.79 -40.61
CA ILE N 122 -51.82 -41.12 -39.23
C ILE N 122 -51.23 -42.53 -39.21
N GLY N 123 -49.93 -42.62 -39.06
CA GLY N 123 -49.22 -43.88 -39.31
C GLY N 123 -49.37 -44.82 -38.14
N HIS N 124 -49.15 -46.11 -38.41
CA HIS N 124 -49.20 -47.14 -37.36
C HIS N 124 -48.51 -46.63 -36.11
N ASP N 125 -49.21 -46.79 -34.99
CA ASP N 125 -48.64 -46.70 -33.64
C ASP N 125 -48.61 -45.25 -33.17
N SER N 126 -48.98 -44.30 -34.01
CA SER N 126 -49.05 -42.88 -33.62
C SER N 126 -50.08 -42.70 -32.50
N VAL N 127 -49.84 -41.72 -31.65
CA VAL N 127 -50.68 -41.46 -30.44
C VAL N 127 -50.95 -39.95 -30.41
N ILE N 128 -52.21 -39.58 -30.61
CA ILE N 128 -52.69 -38.19 -30.61
C ILE N 128 -53.55 -38.04 -29.37
N GLY N 129 -53.37 -36.90 -28.75
CA GLY N 129 -54.05 -36.53 -27.52
C GLY N 129 -55.32 -35.83 -27.87
N ASN N 130 -55.49 -34.60 -27.36
CA ASN N 130 -56.75 -33.86 -27.41
C ASN N 130 -56.55 -32.48 -28.06
N HIS N 131 -57.56 -31.99 -28.75
CA HIS N 131 -57.61 -30.58 -29.19
C HIS N 131 -56.48 -30.31 -30.14
N CYS N 132 -55.95 -31.32 -30.84
CA CYS N 132 -54.91 -31.13 -31.87
C CYS N 132 -55.55 -30.82 -33.20
N ILE N 133 -54.88 -30.01 -34.01
CA ILE N 133 -55.24 -29.77 -35.43
C ILE N 133 -54.06 -30.21 -36.27
N LEU N 134 -54.25 -31.30 -37.02
CA LEU N 134 -53.38 -31.71 -38.15
C LEU N 134 -54.01 -31.19 -39.43
N VAL N 135 -53.39 -30.21 -40.07
CA VAL N 135 -53.92 -29.55 -41.28
C VAL N 135 -53.64 -30.46 -42.50
N ASN N 136 -54.24 -30.14 -43.65
CA ASN N 136 -54.25 -30.95 -44.89
C ASN N 136 -52.91 -31.64 -45.06
N ASN N 137 -52.89 -32.95 -45.34
CA ASN N 137 -51.68 -33.62 -45.86
C ASN N 137 -50.57 -33.68 -44.82
N THR N 138 -50.83 -33.30 -43.58
CA THR N 138 -49.90 -33.63 -42.50
C THR N 138 -49.77 -35.15 -42.52
N ALA N 139 -48.58 -35.66 -42.22
CA ALA N 139 -48.24 -37.09 -42.34
C ALA N 139 -47.35 -37.56 -41.19
N LEU N 140 -47.89 -38.33 -40.24
CA LEU N 140 -47.17 -38.94 -39.11
C LEU N 140 -46.72 -40.31 -39.56
N ALA N 141 -45.42 -40.49 -39.77
CA ALA N 141 -44.88 -41.68 -40.47
C ALA N 141 -45.11 -42.92 -39.63
N GLY N 142 -45.02 -42.83 -38.31
CA GLY N 142 -45.32 -43.96 -37.43
C GLY N 142 -44.82 -43.75 -36.00
N HIS N 143 -45.53 -44.25 -35.00
CA HIS N 143 -45.03 -44.16 -33.61
C HIS N 143 -44.84 -42.69 -33.25
N VAL N 144 -45.64 -41.78 -33.79
CA VAL N 144 -45.47 -40.32 -33.56
C VAL N 144 -46.43 -39.98 -32.45
N HIS N 145 -45.94 -39.33 -31.41
CA HIS N 145 -46.78 -38.96 -30.26
C HIS N 145 -47.03 -37.47 -30.42
N VAL N 146 -48.28 -37.06 -30.43
CA VAL N 146 -48.69 -35.65 -30.60
C VAL N 146 -49.49 -35.25 -29.38
N ASP N 147 -48.94 -34.37 -28.56
CA ASP N 147 -49.52 -34.04 -27.23
C ASP N 147 -50.58 -32.93 -27.42
N ASP N 148 -51.40 -32.70 -26.39
CA ASP N 148 -52.62 -31.86 -26.46
C ASP N 148 -52.30 -30.51 -27.12
N TRP N 149 -53.15 -30.06 -28.04
CA TRP N 149 -53.26 -28.64 -28.52
C TRP N 149 -52.26 -28.41 -29.63
N ALA N 150 -51.41 -29.38 -29.94
CA ALA N 150 -50.42 -29.22 -31.04
C ALA N 150 -51.16 -28.85 -32.33
N ILE N 151 -50.58 -27.94 -33.09
CA ILE N 151 -51.02 -27.58 -34.46
C ILE N 151 -49.89 -27.90 -35.44
N LEU N 152 -50.12 -28.81 -36.37
CA LEU N 152 -49.17 -29.04 -37.48
C LEU N 152 -49.78 -28.42 -38.73
N SER N 153 -49.10 -27.47 -39.34
CA SER N 153 -49.67 -26.78 -40.53
C SER N 153 -49.68 -27.74 -41.74
N GLY N 154 -50.28 -27.28 -42.81
CA GLY N 154 -50.40 -28.03 -44.07
C GLY N 154 -49.13 -28.76 -44.42
N TYR N 155 -49.25 -30.02 -44.77
CA TYR N 155 -48.15 -30.75 -45.42
C TYR N 155 -46.94 -30.86 -44.50
N THR N 156 -47.19 -30.89 -43.21
CA THR N 156 -46.12 -31.14 -42.21
C THR N 156 -45.78 -32.63 -42.27
N LEU N 157 -44.55 -33.00 -42.54
CA LEU N 157 -44.14 -34.41 -42.38
C LEU N 157 -43.43 -34.62 -41.04
N VAL N 158 -43.86 -35.62 -40.30
CA VAL N 158 -43.19 -36.00 -39.02
C VAL N 158 -42.60 -37.38 -39.15
N HIS N 159 -41.31 -37.48 -38.92
CA HIS N 159 -40.51 -38.71 -38.94
C HIS N 159 -40.95 -39.69 -37.86
N GLN N 160 -40.73 -41.00 -38.04
CA GLN N 160 -41.10 -42.01 -37.00
C GLN N 160 -40.48 -41.66 -35.64
N TYR N 161 -41.25 -41.87 -34.57
CA TYR N 161 -40.86 -41.88 -33.14
C TYR N 161 -40.75 -40.46 -32.58
N CYS N 162 -40.79 -39.45 -33.45
CA CYS N 162 -40.83 -38.05 -32.98
C CYS N 162 -42.00 -37.80 -32.06
N ARG N 163 -41.75 -36.99 -31.04
CA ARG N 163 -42.75 -36.48 -30.10
C ARG N 163 -43.00 -35.02 -30.46
N ILE N 164 -44.25 -34.63 -30.62
CA ILE N 164 -44.66 -33.23 -30.88
C ILE N 164 -45.30 -32.72 -29.59
N GLY N 165 -44.74 -31.63 -29.06
CA GLY N 165 -45.07 -31.17 -27.70
C GLY N 165 -46.45 -30.56 -27.61
N ALA N 166 -47.00 -30.55 -26.40
CA ALA N 166 -48.23 -29.79 -26.14
C ALA N 166 -48.10 -28.37 -26.69
N HIS N 167 -49.10 -27.86 -27.41
CA HIS N 167 -49.19 -26.44 -27.82
C HIS N 167 -48.14 -26.06 -28.83
N SER N 168 -47.43 -27.05 -29.36
CA SER N 168 -46.32 -26.81 -30.31
C SER N 168 -46.94 -26.54 -31.66
N PHE N 169 -46.21 -25.89 -32.55
CA PHE N 169 -46.74 -25.48 -33.86
C PHE N 169 -45.71 -25.67 -34.97
N SER N 170 -46.12 -26.36 -36.04
CA SER N 170 -45.28 -26.56 -37.23
C SER N 170 -45.86 -25.69 -38.32
N GLY N 171 -44.98 -25.04 -39.03
CA GLY N 171 -45.37 -24.31 -40.24
C GLY N 171 -45.45 -25.20 -41.44
N MET N 172 -45.94 -24.63 -42.53
CA MET N 172 -46.44 -25.44 -43.64
C MET N 172 -45.22 -26.01 -44.39
N GLY N 173 -45.32 -27.28 -44.75
CA GLY N 173 -44.24 -27.96 -45.46
C GLY N 173 -43.07 -28.24 -44.55
N SER N 174 -43.21 -28.10 -43.24
CA SER N 174 -42.16 -28.50 -42.29
C SER N 174 -41.81 -29.98 -42.43
N ALA N 175 -40.53 -30.34 -42.33
CA ALA N 175 -40.07 -31.75 -42.29
C ALA N 175 -39.45 -31.98 -40.93
N ILE N 176 -40.23 -32.42 -39.94
CA ILE N 176 -39.78 -32.63 -38.55
C ILE N 176 -39.05 -33.97 -38.42
N GLY N 177 -37.80 -33.97 -38.00
CA GLY N 177 -36.93 -35.17 -37.88
C GLY N 177 -36.58 -35.51 -36.43
N LYS N 178 -36.97 -34.68 -35.49
CA LYS N 178 -36.47 -34.65 -34.10
C LYS N 178 -37.62 -34.15 -33.24
N ASP N 179 -37.58 -34.28 -31.92
CA ASP N 179 -38.75 -33.92 -31.08
C ASP N 179 -39.00 -32.42 -31.19
N VAL N 180 -40.27 -32.01 -31.21
CA VAL N 180 -40.66 -30.60 -31.02
C VAL N 180 -41.11 -30.48 -29.59
N PRO N 181 -40.35 -29.71 -28.78
CA PRO N 181 -40.73 -29.46 -27.41
C PRO N 181 -42.05 -28.68 -27.40
N ALA N 182 -42.71 -28.79 -26.27
CA ALA N 182 -43.98 -28.10 -25.98
C ALA N 182 -43.85 -26.65 -26.40
N TYR N 183 -44.94 -26.04 -26.82
CA TYR N 183 -45.03 -24.60 -27.17
C TYR N 183 -44.12 -24.17 -28.31
N VAL N 184 -43.17 -24.95 -28.81
CA VAL N 184 -42.15 -24.36 -29.73
C VAL N 184 -42.74 -24.25 -31.11
N THR N 185 -42.30 -23.28 -31.90
CA THR N 185 -42.70 -23.20 -33.31
C THR N 185 -41.52 -23.69 -34.14
N VAL N 186 -41.78 -24.47 -35.18
CA VAL N 186 -40.72 -24.99 -36.07
C VAL N 186 -41.14 -24.79 -37.51
N PHE N 187 -40.15 -24.65 -38.38
CA PHE N 187 -40.33 -24.29 -39.82
C PHE N 187 -39.21 -24.92 -40.62
N GLY N 188 -39.58 -25.30 -41.84
CA GLY N 188 -38.63 -25.64 -42.91
C GLY N 188 -38.31 -27.11 -42.93
N ASN N 189 -37.48 -27.47 -43.90
CA ASN N 189 -37.03 -28.85 -44.17
C ASN N 189 -35.54 -28.79 -44.30
N PRO N 190 -34.77 -29.22 -43.30
CA PRO N 190 -35.32 -29.70 -42.03
C PRO N 190 -35.93 -28.64 -41.11
N ALA N 191 -36.79 -29.13 -40.23
CA ALA N 191 -37.50 -28.29 -39.27
C ALA N 191 -36.45 -27.67 -38.40
N GLU N 192 -36.49 -26.36 -38.25
CA GLU N 192 -35.73 -25.59 -37.24
C GLU N 192 -36.69 -24.85 -36.29
N ALA N 193 -36.33 -24.71 -35.04
CA ALA N 193 -37.05 -23.91 -34.04
C ALA N 193 -36.86 -22.43 -34.35
N ARG N 194 -37.88 -21.63 -34.09
CA ARG N 194 -37.83 -20.17 -34.33
C ARG N 194 -38.34 -19.44 -33.09
N SER N 195 -39.50 -19.77 -32.54
CA SER N 195 -40.07 -19.05 -31.38
C SER N 195 -40.96 -20.00 -30.59
N MET N 196 -41.84 -19.45 -29.77
CA MET N 196 -42.90 -20.18 -29.05
C MET N 196 -44.23 -19.72 -29.64
N ASN N 197 -45.20 -20.61 -29.53
CA ASN N 197 -46.57 -20.40 -29.99
C ASN N 197 -47.29 -19.54 -28.96
N PHE N 198 -47.07 -18.24 -29.01
CA PHE N 198 -47.70 -17.32 -28.04
C PHE N 198 -49.19 -17.15 -28.36
N GLU N 199 -49.61 -17.19 -29.62
CA GLU N 199 -51.08 -17.15 -29.91
C GLU N 199 -51.78 -18.33 -29.21
N GLY N 200 -51.13 -19.47 -29.05
CA GLY N 200 -51.77 -20.61 -28.36
C GLY N 200 -51.91 -20.40 -26.87
N MET N 201 -50.84 -19.96 -26.23
CA MET N 201 -50.78 -19.55 -24.81
C MET N 201 -51.94 -18.59 -24.52
N ARG N 202 -52.22 -17.67 -25.46
CA ARG N 202 -53.26 -16.66 -25.23
C ARG N 202 -54.64 -17.30 -25.27
N ARG N 203 -54.93 -17.95 -26.41
CA ARG N 203 -56.15 -18.77 -26.64
C ARG N 203 -56.46 -19.60 -25.38
N ARG N 204 -55.46 -20.22 -24.72
CA ARG N 204 -55.71 -20.99 -23.47
C ARG N 204 -55.71 -20.06 -22.21
N GLY N 205 -55.52 -18.75 -22.34
CA GLY N 205 -55.57 -17.84 -21.17
C GLY N 205 -54.47 -18.11 -20.15
N PHE N 206 -53.23 -18.23 -20.61
CA PHE N 206 -52.07 -18.26 -19.70
C PHE N 206 -51.86 -16.87 -19.12
N SER N 207 -51.31 -16.78 -17.91
CA SER N 207 -50.95 -15.49 -17.26
C SER N 207 -49.92 -14.78 -18.12
N SER N 208 -49.80 -13.46 -18.05
CA SER N 208 -48.66 -12.86 -18.78
C SER N 208 -47.37 -13.28 -18.07
N GLU N 209 -47.41 -13.54 -16.78
CA GLU N 209 -46.23 -14.06 -16.06
C GLU N 209 -45.83 -15.38 -16.73
N ALA N 210 -46.80 -16.20 -17.08
CA ALA N 210 -46.47 -17.54 -17.60
C ALA N 210 -45.90 -17.42 -19.00
N ILE N 211 -46.54 -16.62 -19.85
CA ILE N 211 -46.08 -16.44 -21.26
C ILE N 211 -44.61 -16.05 -21.21
N HIS N 212 -44.27 -15.06 -20.39
CA HIS N 212 -42.92 -14.47 -20.25
C HIS N 212 -41.94 -15.56 -19.77
N ALA N 213 -42.30 -16.33 -18.74
CA ALA N 213 -41.46 -17.44 -18.24
C ALA N 213 -41.11 -18.40 -19.38
N LEU N 214 -42.08 -18.61 -20.26
CA LEU N 214 -41.94 -19.60 -21.34
C LEU N 214 -41.01 -19.02 -22.38
N ARG N 215 -41.09 -17.71 -22.60
CA ARG N 215 -40.19 -17.08 -23.56
C ARG N 215 -38.75 -17.20 -23.07
N ARG N 216 -38.54 -17.00 -21.76
CA ARG N 216 -37.20 -17.07 -21.18
C ARG N 216 -36.78 -18.52 -21.24
N ALA N 217 -37.68 -19.45 -20.99
CA ALA N 217 -37.32 -20.87 -21.19
C ALA N 217 -36.87 -21.11 -22.63
N TYR N 218 -37.52 -20.53 -23.64
CA TYR N 218 -37.07 -20.73 -25.03
C TYR N 218 -35.63 -20.23 -25.11
N LYS N 219 -35.36 -19.04 -24.57
CA LYS N 219 -34.03 -18.38 -24.69
C LYS N 219 -32.95 -19.31 -24.09
N VAL N 220 -33.28 -19.94 -22.97
CA VAL N 220 -32.36 -20.82 -22.23
C VAL N 220 -31.98 -22.03 -23.07
N VAL N 221 -32.93 -22.61 -23.77
CA VAL N 221 -32.66 -23.87 -24.52
C VAL N 221 -31.96 -23.57 -25.84
N TYR N 222 -32.25 -22.43 -26.46
CA TYR N 222 -32.03 -22.25 -27.93
C TYR N 222 -31.01 -21.14 -28.20
N ARG N 223 -30.90 -20.11 -27.36
CA ARG N 223 -30.36 -18.80 -27.77
C ARG N 223 -29.23 -18.43 -26.80
N GLN N 224 -28.70 -19.35 -25.99
CA GLN N 224 -27.72 -19.00 -24.93
C GLN N 224 -26.53 -19.98 -24.96
N GLY N 225 -26.31 -20.67 -26.06
CA GLY N 225 -25.16 -21.58 -26.16
C GLY N 225 -25.15 -22.73 -25.15
N HIS N 226 -26.25 -23.05 -24.45
CA HIS N 226 -26.26 -24.19 -23.49
C HIS N 226 -26.35 -25.49 -24.27
N THR N 227 -25.61 -26.52 -23.89
CA THR N 227 -25.92 -27.93 -24.17
C THR N 227 -27.33 -28.18 -23.61
N VAL N 228 -28.05 -29.17 -24.14
CA VAL N 228 -29.42 -29.54 -23.67
C VAL N 228 -29.36 -29.81 -22.16
N GLU N 229 -28.31 -30.52 -21.71
CA GLU N 229 -28.17 -30.99 -20.30
C GLU N 229 -27.99 -29.76 -19.41
N GLU N 230 -27.17 -28.80 -19.82
CA GLU N 230 -27.01 -27.51 -19.10
C GLU N 230 -28.35 -26.78 -19.05
N ALA N 231 -29.15 -26.81 -20.10
CA ALA N 231 -30.38 -25.99 -20.15
C ALA N 231 -31.44 -26.64 -19.27
N LEU N 232 -31.61 -27.95 -19.34
CA LEU N 232 -32.55 -28.67 -18.45
C LEU N 232 -32.35 -28.26 -16.99
N ALA N 233 -31.09 -28.13 -16.62
CA ALA N 233 -30.66 -27.79 -15.24
C ALA N 233 -31.04 -26.34 -15.00
N GLU N 234 -30.76 -25.43 -15.94
CA GLU N 234 -31.15 -24.01 -15.81
C GLU N 234 -32.65 -23.89 -15.61
N LEU N 235 -33.48 -24.70 -16.25
CA LEU N 235 -34.96 -24.62 -16.20
C LEU N 235 -35.56 -25.12 -14.86
N ALA N 236 -34.85 -25.87 -14.02
CA ALA N 236 -35.43 -26.50 -12.81
C ALA N 236 -36.28 -25.48 -12.05
N GLU N 237 -35.72 -24.29 -11.80
CA GLU N 237 -36.39 -23.21 -11.03
C GLU N 237 -37.68 -22.79 -11.71
N SER N 238 -37.56 -22.33 -12.98
CA SER N 238 -38.70 -21.86 -13.83
C SER N 238 -39.77 -22.98 -13.77
N ALA N 239 -39.38 -24.24 -13.87
CA ALA N 239 -40.36 -25.35 -13.91
C ALA N 239 -40.99 -25.62 -12.55
N ALA N 240 -40.33 -25.37 -11.43
CA ALA N 240 -40.99 -25.61 -10.12
C ALA N 240 -41.92 -24.43 -9.85
N GLN N 241 -41.73 -23.35 -10.62
CA GLN N 241 -42.43 -22.08 -10.41
C GLN N 241 -43.69 -22.13 -11.27
N PHE N 242 -43.63 -22.72 -12.44
CA PHE N 242 -44.72 -22.55 -13.43
C PHE N 242 -45.02 -23.88 -14.10
N PRO N 243 -46.22 -24.48 -13.89
CA PRO N 243 -46.60 -25.73 -14.57
C PRO N 243 -46.33 -25.64 -16.08
N GLU N 244 -46.57 -24.46 -16.65
CA GLU N 244 -46.52 -24.27 -18.12
C GLU N 244 -45.06 -24.53 -18.52
N VAL N 245 -44.10 -24.02 -17.76
CA VAL N 245 -42.63 -24.26 -17.98
C VAL N 245 -42.30 -25.71 -17.70
N ALA N 246 -42.88 -26.29 -16.68
CA ALA N 246 -42.64 -27.71 -16.36
C ALA N 246 -43.05 -28.61 -17.54
N VAL N 247 -44.13 -28.29 -18.26
CA VAL N 247 -44.53 -29.09 -19.45
C VAL N 247 -43.39 -29.02 -20.46
N PHE N 248 -42.78 -27.85 -20.55
CA PHE N 248 -41.71 -27.54 -21.53
C PHE N 248 -40.43 -28.24 -21.06
N ARG N 249 -40.06 -28.19 -19.76
CA ARG N 249 -38.82 -28.88 -19.30
C ARG N 249 -38.98 -30.36 -19.66
N ASP N 250 -40.16 -30.90 -19.32
CA ASP N 250 -40.49 -32.33 -19.49
C ASP N 250 -40.43 -32.72 -20.94
N SER N 251 -40.91 -31.92 -21.88
CA SER N 251 -40.86 -32.34 -23.30
C SER N 251 -39.40 -32.53 -23.72
N ILE N 252 -38.52 -31.70 -23.18
CA ILE N 252 -37.06 -31.74 -23.48
C ILE N 252 -36.40 -32.92 -22.75
N GLN N 253 -36.71 -33.12 -21.47
CA GLN N 253 -36.29 -34.32 -20.69
C GLN N 253 -36.47 -35.56 -21.59
N SER N 254 -37.70 -35.88 -21.97
CA SER N 254 -38.08 -37.22 -22.50
C SER N 254 -37.75 -37.31 -23.98
N ALA N 255 -36.59 -36.83 -24.40
CA ALA N 255 -36.19 -36.71 -25.82
C ALA N 255 -34.75 -37.21 -26.01
N THR N 256 -34.02 -37.33 -24.89
CA THR N 256 -32.64 -36.79 -24.73
C THR N 256 -31.81 -37.71 -23.82
N ARG N 257 -32.12 -39.01 -23.69
CA ARG N 257 -31.42 -39.87 -22.68
C ARG N 257 -29.89 -39.92 -22.91
N GLY N 258 -29.41 -40.25 -24.11
CA GLY N 258 -27.98 -40.13 -24.45
C GLY N 258 -27.17 -41.35 -24.03
N ILE N 259 -25.89 -41.32 -24.28
CA ILE N 259 -25.07 -42.53 -24.04
C ILE N 259 -24.07 -42.11 -23.00
N THR N 260 -23.66 -43.03 -22.13
CA THR N 260 -22.51 -42.79 -21.26
C THR N 260 -21.40 -42.33 -22.20
N ARG N 261 -20.81 -41.15 -21.96
CA ARG N 261 -19.53 -40.80 -22.63
C ARG N 261 -18.41 -40.78 -21.62
N MET O 4 -76.66 -45.15 -72.28
CA MET O 4 -77.37 -44.11 -73.10
C MET O 4 -77.84 -42.95 -72.19
N SER O 5 -77.98 -43.11 -70.86
CA SER O 5 -78.74 -42.19 -69.94
C SER O 5 -77.79 -41.23 -69.22
N LEU O 6 -78.12 -39.94 -69.15
CA LEU O 6 -77.15 -38.85 -68.81
C LEU O 6 -76.82 -38.75 -67.32
N ILE O 7 -77.85 -38.78 -66.47
CA ILE O 7 -77.72 -38.79 -64.99
C ILE O 7 -77.77 -40.25 -64.52
N ASP O 8 -76.65 -40.84 -64.17
CA ASP O 8 -76.61 -42.29 -63.81
C ASP O 8 -77.57 -42.55 -62.65
N PRO O 9 -78.34 -43.63 -62.69
CA PRO O 9 -79.27 -43.92 -61.60
C PRO O 9 -78.56 -44.13 -60.26
N ARG O 10 -77.31 -44.55 -60.26
CA ARG O 10 -76.63 -44.90 -58.99
C ARG O 10 -76.21 -43.60 -58.27
N ALA O 11 -76.49 -42.45 -58.84
CA ALA O 11 -76.17 -41.12 -58.28
C ALA O 11 -77.31 -40.54 -57.45
N ILE O 12 -77.03 -39.46 -56.72
CA ILE O 12 -78.00 -38.88 -55.76
C ILE O 12 -78.07 -37.40 -56.05
N ILE O 13 -79.25 -37.00 -56.51
CA ILE O 13 -79.54 -35.63 -56.95
C ILE O 13 -80.57 -35.08 -55.97
N ASP O 14 -80.16 -34.14 -55.15
CA ASP O 14 -81.08 -33.38 -54.26
C ASP O 14 -82.14 -32.69 -55.09
N PRO O 15 -83.42 -32.71 -54.67
CA PRO O 15 -84.46 -32.07 -55.49
C PRO O 15 -84.16 -30.57 -55.65
N SER O 16 -83.45 -29.93 -54.72
CA SER O 16 -83.12 -28.48 -54.84
C SER O 16 -81.93 -28.27 -55.80
N ALA O 17 -81.19 -29.29 -56.22
CA ALA O 17 -80.13 -29.11 -57.24
C ALA O 17 -80.74 -28.72 -58.57
N ARG O 18 -80.03 -28.00 -59.41
CA ARG O 18 -80.59 -27.49 -60.68
C ARG O 18 -79.55 -27.73 -61.78
N LEU O 19 -79.77 -28.78 -62.57
CA LEU O 19 -78.91 -29.24 -63.67
C LEU O 19 -79.47 -28.84 -65.04
N ALA O 20 -78.66 -28.19 -65.87
CA ALA O 20 -78.89 -27.94 -67.30
C ALA O 20 -79.07 -29.28 -68.02
N ALA O 21 -79.70 -29.28 -69.20
CA ALA O 21 -80.36 -30.53 -69.68
C ALA O 21 -79.25 -31.55 -69.98
N ASP O 22 -78.13 -31.12 -70.62
CA ASP O 22 -77.18 -32.15 -71.14
C ASP O 22 -76.06 -32.36 -70.13
N VAL O 23 -76.29 -32.04 -68.86
CA VAL O 23 -75.34 -32.33 -67.77
C VAL O 23 -75.27 -33.83 -67.60
N GLN O 24 -74.09 -34.35 -67.32
CA GLN O 24 -73.82 -35.77 -67.05
C GLN O 24 -73.38 -35.97 -65.60
N VAL O 25 -73.89 -36.98 -64.92
CA VAL O 25 -73.44 -37.30 -63.56
C VAL O 25 -73.20 -38.79 -63.51
N GLY O 26 -72.06 -39.17 -63.00
CA GLY O 26 -71.61 -40.55 -63.01
C GLY O 26 -72.12 -41.33 -61.80
N PRO O 27 -71.85 -42.65 -61.83
CA PRO O 27 -72.29 -43.52 -60.75
C PRO O 27 -71.77 -43.04 -59.40
N TRP O 28 -72.65 -42.98 -58.40
CA TRP O 28 -72.31 -42.80 -56.96
C TRP O 28 -71.76 -41.40 -56.69
N SER O 29 -72.10 -40.42 -57.51
CA SER O 29 -71.84 -39.00 -57.21
C SER O 29 -73.05 -38.46 -56.44
N ILE O 30 -72.83 -37.51 -55.56
CA ILE O 30 -73.91 -36.86 -54.78
C ILE O 30 -73.93 -35.43 -55.30
N VAL O 31 -75.07 -34.97 -55.82
CA VAL O 31 -75.26 -33.52 -56.08
C VAL O 31 -76.12 -32.93 -54.98
N GLY O 32 -75.55 -32.21 -54.00
CA GLY O 32 -76.22 -31.74 -52.77
C GLY O 32 -77.25 -30.64 -53.06
N ALA O 33 -78.09 -30.36 -52.07
CA ALA O 33 -78.97 -29.17 -52.08
C ALA O 33 -78.20 -27.96 -52.62
N GLU O 34 -78.88 -27.12 -53.38
CA GLU O 34 -78.46 -25.75 -53.75
C GLU O 34 -77.21 -25.82 -54.63
N VAL O 35 -77.00 -26.93 -55.35
CA VAL O 35 -75.89 -27.06 -56.34
C VAL O 35 -76.46 -26.86 -57.75
N GLU O 36 -75.91 -25.92 -58.49
CA GLU O 36 -76.39 -25.52 -59.83
C GLU O 36 -75.27 -25.87 -60.82
N ILE O 37 -75.59 -26.53 -61.93
CA ILE O 37 -74.56 -27.04 -62.91
C ILE O 37 -74.99 -26.71 -64.34
N GLY O 38 -74.14 -26.00 -65.06
CA GLY O 38 -74.42 -25.41 -66.38
C GLY O 38 -74.26 -26.43 -67.52
N GLU O 39 -74.90 -26.10 -68.66
CA GLU O 39 -74.79 -26.78 -69.97
C GLU O 39 -73.46 -27.55 -70.09
N GLY O 40 -73.57 -28.83 -70.35
CA GLY O 40 -72.43 -29.60 -70.90
C GLY O 40 -71.36 -29.94 -69.89
N THR O 41 -71.55 -29.65 -68.63
CA THR O 41 -70.61 -30.09 -67.58
C THR O 41 -70.82 -31.58 -67.40
N VAL O 42 -69.74 -32.26 -67.07
CA VAL O 42 -69.70 -33.71 -66.76
C VAL O 42 -69.09 -33.91 -65.37
N ILE O 43 -69.80 -34.65 -64.56
CA ILE O 43 -69.37 -35.11 -63.22
C ILE O 43 -69.02 -36.59 -63.35
N GLY O 44 -67.78 -36.94 -63.07
CA GLY O 44 -67.35 -38.35 -63.04
C GLY O 44 -68.13 -39.08 -61.97
N PRO O 45 -67.75 -40.35 -61.70
CA PRO O 45 -68.36 -41.13 -60.63
C PRO O 45 -67.74 -40.73 -59.27
N HIS O 46 -68.34 -41.06 -58.16
CA HIS O 46 -67.65 -40.84 -56.87
C HIS O 46 -67.31 -39.36 -56.72
N VAL O 47 -68.15 -38.42 -57.16
CA VAL O 47 -67.93 -36.99 -56.82
C VAL O 47 -68.90 -36.60 -55.73
N VAL O 48 -68.45 -35.73 -54.83
CA VAL O 48 -69.36 -35.10 -53.85
C VAL O 48 -69.37 -33.62 -54.16
N LEU O 49 -70.55 -33.11 -54.54
CA LEU O 49 -70.89 -31.66 -54.64
C LEU O 49 -71.79 -31.31 -53.47
N LYS O 50 -71.54 -30.15 -52.88
CA LYS O 50 -72.33 -29.57 -51.79
C LYS O 50 -72.54 -28.09 -52.10
N GLY O 51 -73.57 -27.47 -51.54
CA GLY O 51 -73.89 -26.07 -51.86
C GLY O 51 -73.94 -25.14 -50.66
N PRO O 52 -74.44 -23.92 -50.87
CA PRO O 52 -74.73 -23.42 -52.22
C PRO O 52 -73.48 -23.18 -53.11
N THR O 53 -73.47 -23.88 -54.24
CA THR O 53 -72.38 -23.87 -55.23
C THR O 53 -73.02 -23.66 -56.59
N LYS O 54 -72.43 -22.86 -57.46
CA LYS O 54 -72.85 -22.64 -58.87
C LYS O 54 -71.66 -23.04 -59.76
N ILE O 55 -71.91 -23.96 -60.68
CA ILE O 55 -70.86 -24.50 -61.57
C ILE O 55 -71.31 -24.25 -62.99
N GLY O 56 -70.44 -23.67 -63.80
CA GLY O 56 -70.78 -23.19 -65.15
C GLY O 56 -70.82 -24.30 -66.19
N LYS O 57 -70.57 -23.88 -67.42
CA LYS O 57 -70.74 -24.70 -68.64
C LYS O 57 -69.43 -25.41 -68.91
N HIS O 58 -69.50 -26.66 -69.36
CA HIS O 58 -68.39 -27.40 -70.00
C HIS O 58 -67.24 -27.69 -69.00
N ASN O 59 -67.53 -28.03 -67.76
CA ASN O 59 -66.54 -28.45 -66.75
C ASN O 59 -66.42 -29.98 -66.82
N ARG O 60 -65.24 -30.54 -66.61
CA ARG O 60 -65.06 -31.97 -66.33
C ARG O 60 -64.74 -31.99 -64.82
N ILE O 61 -65.42 -32.77 -63.99
CA ILE O 61 -64.98 -32.99 -62.57
C ILE O 61 -64.76 -34.47 -62.33
N TYR O 62 -63.55 -34.85 -61.96
CA TYR O 62 -63.13 -36.26 -61.85
C TYR O 62 -63.46 -36.79 -60.44
N GLN O 63 -63.33 -38.11 -60.39
CA GLN O 63 -63.66 -38.96 -59.22
C GLN O 63 -62.98 -38.51 -57.92
N PHE O 64 -63.69 -38.67 -56.81
CA PHE O 64 -63.14 -38.52 -55.44
C PHE O 64 -62.91 -37.04 -55.09
N SER O 65 -63.32 -36.15 -56.00
CA SER O 65 -63.28 -34.70 -55.74
C SER O 65 -64.40 -34.38 -54.75
N SER O 66 -64.17 -33.42 -53.87
CA SER O 66 -65.18 -32.94 -52.90
C SER O 66 -65.22 -31.44 -53.13
N VAL O 67 -66.30 -30.98 -53.74
CA VAL O 67 -66.44 -29.59 -54.25
C VAL O 67 -67.65 -28.94 -53.59
N GLY O 68 -67.41 -27.92 -52.77
CA GLY O 68 -68.46 -27.08 -52.15
C GLY O 68 -68.64 -27.43 -50.71
N GLU O 69 -67.65 -28.06 -50.10
CA GLU O 69 -67.74 -28.64 -48.75
C GLU O 69 -67.44 -27.48 -47.83
N ASP O 70 -67.90 -27.46 -46.57
CA ASP O 70 -67.57 -26.28 -45.71
C ASP O 70 -66.06 -26.28 -45.43
N THR O 71 -65.39 -25.14 -45.14
CA THR O 71 -64.02 -25.28 -44.60
C THR O 71 -64.10 -25.95 -43.23
N PRO O 72 -63.07 -26.73 -42.85
CA PRO O 72 -62.95 -27.14 -41.46
C PRO O 72 -62.44 -26.02 -40.56
N ASP O 73 -61.90 -24.90 -41.08
CA ASP O 73 -61.23 -23.84 -40.27
C ASP O 73 -62.27 -23.38 -39.25
N LEU O 74 -61.88 -23.29 -37.98
CA LEU O 74 -62.78 -23.09 -36.83
C LEU O 74 -63.43 -21.72 -36.85
N LYS O 75 -62.95 -20.75 -37.64
CA LYS O 75 -63.58 -19.39 -37.74
C LYS O 75 -64.96 -19.56 -38.44
N TYR O 76 -65.07 -20.45 -39.44
CA TYR O 76 -66.33 -20.81 -40.12
C TYR O 76 -67.30 -21.44 -39.13
N LYS O 77 -68.49 -20.85 -39.00
CA LYS O 77 -69.48 -21.23 -37.96
C LYS O 77 -70.81 -21.66 -38.60
N GLY O 78 -70.77 -22.29 -39.76
CA GLY O 78 -71.99 -22.76 -40.46
C GLY O 78 -72.78 -21.68 -41.21
N GLU O 79 -72.25 -20.47 -41.46
CA GLU O 79 -72.98 -19.36 -42.15
C GLU O 79 -73.21 -19.82 -43.60
N PRO O 80 -74.18 -19.24 -44.36
CA PRO O 80 -74.50 -19.78 -45.71
C PRO O 80 -73.61 -19.17 -46.82
N THR O 81 -72.38 -19.63 -46.95
CA THR O 81 -71.37 -19.14 -47.91
C THR O 81 -71.49 -19.88 -49.25
N ARG O 82 -70.82 -19.42 -50.29
CA ARG O 82 -71.06 -19.87 -51.69
C ARG O 82 -69.75 -20.36 -52.28
N LEU O 83 -69.84 -21.13 -53.35
CA LEU O 83 -68.72 -21.48 -54.23
C LEU O 83 -69.16 -21.12 -55.66
N VAL O 84 -68.32 -20.50 -56.47
CA VAL O 84 -68.74 -20.20 -57.87
C VAL O 84 -67.63 -20.69 -58.77
N ILE O 85 -67.97 -21.53 -59.74
CA ILE O 85 -66.99 -22.07 -60.71
C ILE O 85 -67.50 -21.71 -62.10
N GLY O 86 -66.64 -21.15 -62.94
CA GLY O 86 -67.04 -20.69 -64.28
C GLY O 86 -67.11 -21.84 -65.26
N ASP O 87 -66.61 -21.61 -66.46
CA ASP O 87 -66.84 -22.47 -67.63
C ASP O 87 -65.52 -23.13 -68.01
N HIS O 88 -65.56 -24.23 -68.74
CA HIS O 88 -64.41 -24.92 -69.37
C HIS O 88 -63.30 -25.22 -68.36
N ASN O 89 -63.59 -25.54 -67.12
CA ASN O 89 -62.53 -25.96 -66.18
C ASN O 89 -62.46 -27.46 -66.15
N VAL O 90 -61.30 -27.94 -65.80
CA VAL O 90 -61.04 -29.35 -65.50
C VAL O 90 -60.54 -29.47 -64.05
N ILE O 91 -61.23 -30.31 -63.31
CA ILE O 91 -60.92 -30.59 -61.89
C ILE O 91 -60.64 -32.08 -61.79
N ARG O 92 -59.38 -32.44 -61.59
CA ARG O 92 -58.95 -33.85 -61.58
C ARG O 92 -59.24 -34.56 -60.24
N GLU O 93 -58.61 -35.71 -60.09
CA GLU O 93 -59.03 -36.71 -59.12
C GLU O 93 -58.69 -36.20 -57.72
N GLY O 94 -59.69 -36.23 -56.84
CA GLY O 94 -59.52 -36.01 -55.40
C GLY O 94 -59.34 -34.54 -55.04
N VAL O 95 -59.68 -33.64 -55.94
CA VAL O 95 -59.52 -32.20 -55.62
C VAL O 95 -60.51 -31.86 -54.51
N THR O 96 -60.15 -31.00 -53.60
CA THR O 96 -61.05 -30.41 -52.60
C THR O 96 -61.11 -28.91 -52.89
N ILE O 97 -62.30 -28.35 -52.92
CA ILE O 97 -62.60 -26.91 -53.05
C ILE O 97 -63.64 -26.60 -51.98
N HIS O 98 -63.39 -25.64 -51.12
CA HIS O 98 -64.31 -25.25 -50.01
C HIS O 98 -65.00 -23.93 -50.35
N ARG O 99 -66.18 -23.70 -49.79
CA ARG O 99 -66.92 -22.43 -49.97
C ARG O 99 -66.33 -21.38 -49.03
N GLY O 100 -66.77 -20.14 -49.20
CA GLY O 100 -66.31 -18.96 -48.45
C GLY O 100 -66.62 -18.99 -46.99
N THR O 101 -66.24 -17.88 -46.35
CA THR O 101 -66.46 -17.54 -44.92
C THR O 101 -67.05 -16.13 -44.86
N VAL O 102 -68.00 -15.87 -43.96
CA VAL O 102 -68.64 -14.51 -43.90
C VAL O 102 -67.56 -13.49 -43.57
N GLN O 103 -66.52 -13.87 -42.85
CA GLN O 103 -65.46 -12.92 -42.41
C GLN O 103 -64.75 -12.31 -43.63
N ASP O 104 -64.86 -12.82 -44.86
CA ASP O 104 -64.25 -12.19 -46.07
C ASP O 104 -65.40 -11.74 -46.99
N ARG O 105 -65.56 -12.23 -48.21
CA ARG O 105 -66.67 -11.89 -49.14
C ARG O 105 -67.64 -13.07 -49.15
N ALA O 106 -67.43 -14.11 -48.33
CA ALA O 106 -68.35 -15.27 -48.25
C ALA O 106 -68.49 -16.06 -49.56
N GLU O 107 -67.47 -16.05 -50.41
CA GLU O 107 -67.48 -16.78 -51.69
C GLU O 107 -66.07 -17.28 -52.01
N THR O 108 -65.95 -18.54 -52.37
CA THR O 108 -64.77 -19.06 -53.10
C THR O 108 -65.08 -18.96 -54.59
N THR O 109 -64.21 -18.38 -55.39
CA THR O 109 -64.53 -18.05 -56.80
C THR O 109 -63.44 -18.68 -57.69
N ILE O 110 -63.84 -19.47 -58.68
CA ILE O 110 -62.96 -19.92 -59.77
C ILE O 110 -63.55 -19.46 -61.11
N GLY O 111 -62.71 -19.03 -62.04
CA GLY O 111 -63.13 -18.46 -63.32
C GLY O 111 -63.21 -19.53 -64.38
N ASP O 112 -62.64 -19.29 -65.57
CA ASP O 112 -62.79 -20.16 -66.76
C ASP O 112 -61.43 -20.71 -67.20
N HIS O 113 -61.48 -21.86 -67.87
CA HIS O 113 -60.36 -22.55 -68.54
C HIS O 113 -59.24 -22.87 -67.55
N ASN O 114 -59.53 -23.18 -66.30
CA ASN O 114 -58.46 -23.61 -65.35
C ASN O 114 -58.32 -25.14 -65.36
N LEU O 115 -57.11 -25.55 -65.02
CA LEU O 115 -56.75 -26.97 -64.91
C LEU O 115 -56.30 -27.20 -63.49
N ILE O 116 -57.08 -27.94 -62.74
CA ILE O 116 -56.76 -28.21 -61.32
C ILE O 116 -56.57 -29.69 -61.15
N MET O 117 -55.31 -30.01 -60.98
CA MET O 117 -54.80 -31.39 -61.05
C MET O 117 -54.97 -32.07 -59.69
N ALA O 118 -54.65 -33.33 -59.65
CA ALA O 118 -55.16 -34.22 -58.61
C ALA O 118 -54.72 -33.75 -57.22
N TYR O 119 -55.62 -33.91 -56.27
CA TYR O 119 -55.39 -33.68 -54.81
C TYR O 119 -55.02 -32.24 -54.53
N ALA O 120 -55.26 -31.35 -55.47
CA ALA O 120 -55.14 -29.91 -55.21
C ALA O 120 -56.22 -29.57 -54.21
N HIS O 121 -56.02 -28.47 -53.52
CA HIS O 121 -56.94 -27.96 -52.49
C HIS O 121 -57.09 -26.48 -52.72
N ILE O 122 -58.30 -26.00 -52.74
CA ILE O 122 -58.63 -24.58 -52.91
C ILE O 122 -59.42 -24.14 -51.70
N GLY O 123 -58.72 -23.54 -50.75
CA GLY O 123 -59.23 -23.14 -49.45
C GLY O 123 -60.26 -22.05 -49.59
N HIS O 124 -61.11 -21.98 -48.57
CA HIS O 124 -62.19 -20.98 -48.46
C HIS O 124 -61.65 -19.62 -48.87
N ASP O 125 -62.37 -19.00 -49.79
CA ASP O 125 -62.39 -17.55 -50.09
C ASP O 125 -61.35 -17.31 -51.16
N SER O 126 -60.66 -18.34 -51.56
CA SER O 126 -59.69 -18.26 -52.68
C SER O 126 -60.40 -17.74 -53.94
N VAL O 127 -59.66 -17.02 -54.74
CA VAL O 127 -60.17 -16.50 -56.02
C VAL O 127 -59.17 -16.89 -57.11
N ILE O 128 -59.56 -17.75 -58.03
CA ILE O 128 -58.79 -18.08 -59.24
C ILE O 128 -59.48 -17.43 -60.45
N GLY O 129 -58.66 -16.75 -61.24
CA GLY O 129 -59.02 -16.18 -62.55
C GLY O 129 -59.15 -17.25 -63.62
N ASN O 130 -58.59 -17.01 -64.80
CA ASN O 130 -58.81 -17.93 -65.93
C ASN O 130 -57.48 -18.46 -66.40
N HIS O 131 -57.45 -19.64 -66.99
CA HIS O 131 -56.28 -20.24 -67.69
C HIS O 131 -55.15 -20.51 -66.71
N CYS O 132 -55.46 -20.73 -65.45
CA CYS O 132 -54.46 -21.12 -64.42
C CYS O 132 -54.27 -22.62 -64.50
N ILE O 133 -53.11 -23.10 -64.10
CA ILE O 133 -52.86 -24.55 -63.91
C ILE O 133 -52.34 -24.75 -62.51
N LEU O 134 -53.09 -25.47 -61.70
CA LEU O 134 -52.65 -25.90 -60.36
C LEU O 134 -52.30 -27.38 -60.49
N VAL O 135 -51.03 -27.67 -60.46
CA VAL O 135 -50.52 -29.06 -60.56
C VAL O 135 -50.78 -29.81 -59.24
N ASN O 136 -50.74 -31.13 -59.34
CA ASN O 136 -51.11 -32.07 -58.25
C ASN O 136 -50.77 -31.45 -56.91
N ASN O 137 -51.73 -31.44 -55.98
CA ASN O 137 -51.39 -31.28 -54.55
C ASN O 137 -51.03 -29.82 -54.29
N THR O 138 -51.13 -28.92 -55.26
CA THR O 138 -51.11 -27.48 -54.94
C THR O 138 -52.15 -27.19 -53.86
N ALA O 139 -51.82 -26.38 -52.86
CA ALA O 139 -52.74 -26.04 -51.76
C ALA O 139 -52.83 -24.53 -51.54
N LEU O 140 -54.02 -23.96 -51.66
CA LEU O 140 -54.26 -22.54 -51.33
C LEU O 140 -54.93 -22.53 -49.97
N ALA O 141 -54.25 -22.07 -48.93
CA ALA O 141 -54.72 -22.29 -47.55
C ALA O 141 -56.03 -21.58 -47.36
N GLY O 142 -56.13 -20.39 -47.91
CA GLY O 142 -57.41 -19.65 -47.95
C GLY O 142 -57.20 -18.21 -48.33
N HIS O 143 -58.23 -17.56 -48.86
CA HIS O 143 -58.17 -16.15 -49.28
C HIS O 143 -57.01 -15.96 -50.25
N VAL O 144 -56.66 -16.98 -51.03
CA VAL O 144 -55.57 -16.83 -52.04
C VAL O 144 -56.19 -16.37 -53.34
N HIS O 145 -55.58 -15.35 -53.92
CA HIS O 145 -55.94 -14.82 -55.26
C HIS O 145 -54.88 -15.30 -56.24
N VAL O 146 -55.29 -16.11 -57.21
CA VAL O 146 -54.45 -16.52 -58.36
C VAL O 146 -54.98 -15.84 -59.61
N ASP O 147 -54.19 -15.00 -60.23
CA ASP O 147 -54.60 -14.18 -61.41
C ASP O 147 -54.30 -14.97 -62.69
N ASP O 148 -54.76 -14.49 -63.84
CA ASP O 148 -54.84 -15.31 -65.09
C ASP O 148 -53.46 -15.89 -65.46
N TRP O 149 -53.44 -17.14 -65.90
CA TRP O 149 -52.29 -17.82 -66.57
C TRP O 149 -51.22 -18.22 -65.58
N ALA O 150 -51.46 -18.08 -64.30
CA ALA O 150 -50.50 -18.52 -63.28
C ALA O 150 -50.37 -20.04 -63.39
N ILE O 151 -49.16 -20.54 -63.21
CA ILE O 151 -48.88 -22.00 -63.11
C ILE O 151 -48.26 -22.31 -61.76
N LEU O 152 -48.89 -23.12 -60.92
CA LEU O 152 -48.27 -23.54 -59.65
C LEU O 152 -47.89 -24.99 -59.80
N SER O 153 -46.58 -25.23 -59.76
CA SER O 153 -45.99 -26.58 -59.91
C SER O 153 -46.50 -27.47 -58.75
N GLY O 154 -46.36 -28.77 -58.90
CA GLY O 154 -46.90 -29.75 -57.94
C GLY O 154 -46.48 -29.50 -56.50
N TYR O 155 -47.39 -29.65 -55.54
CA TYR O 155 -47.11 -29.57 -54.08
C TYR O 155 -46.68 -28.13 -53.76
N THR O 156 -47.13 -27.17 -54.56
CA THR O 156 -46.96 -25.76 -54.20
C THR O 156 -47.93 -25.41 -53.09
N LEU O 157 -47.45 -24.82 -52.00
CA LEU O 157 -48.32 -24.38 -50.87
C LEU O 157 -48.34 -22.87 -50.81
N VAL O 158 -49.46 -22.26 -50.47
CA VAL O 158 -49.70 -20.78 -50.48
C VAL O 158 -50.38 -20.37 -49.18
N HIS O 159 -49.73 -19.50 -48.38
CA HIS O 159 -50.26 -18.95 -47.11
C HIS O 159 -51.55 -18.18 -47.43
N GLN O 160 -52.47 -18.17 -46.47
CA GLN O 160 -53.63 -17.26 -46.40
C GLN O 160 -53.24 -15.93 -47.06
N TYR O 161 -54.13 -15.33 -47.83
CA TYR O 161 -54.08 -13.89 -48.22
C TYR O 161 -53.06 -13.66 -49.32
N CYS O 162 -52.26 -14.64 -49.71
CA CYS O 162 -51.24 -14.33 -50.76
C CYS O 162 -51.91 -14.04 -52.09
N ARG O 163 -51.33 -13.19 -52.93
CA ARG O 163 -51.75 -13.01 -54.34
C ARG O 163 -50.69 -13.65 -55.24
N ILE O 164 -51.07 -14.54 -56.15
CA ILE O 164 -50.18 -15.09 -57.20
C ILE O 164 -50.46 -14.29 -58.48
N GLY O 165 -49.44 -13.66 -59.03
CA GLY O 165 -49.59 -12.70 -60.15
C GLY O 165 -49.91 -13.37 -61.46
N ALA O 166 -50.46 -12.62 -62.39
CA ALA O 166 -50.68 -13.09 -63.77
C ALA O 166 -49.38 -13.70 -64.30
N HIS O 167 -49.45 -14.82 -65.02
CA HIS O 167 -48.30 -15.51 -65.65
C HIS O 167 -47.19 -15.89 -64.70
N SER O 168 -47.42 -15.89 -63.40
CA SER O 168 -46.35 -16.23 -62.45
C SER O 168 -46.20 -17.76 -62.42
N PHE O 169 -45.13 -18.26 -61.84
CA PHE O 169 -44.81 -19.69 -61.89
C PHE O 169 -44.13 -20.10 -60.59
N SER O 170 -44.67 -21.09 -59.91
CA SER O 170 -43.99 -21.73 -58.77
C SER O 170 -43.39 -23.06 -59.22
N GLY O 171 -42.17 -23.33 -58.72
CA GLY O 171 -41.53 -24.64 -58.89
C GLY O 171 -42.09 -25.69 -57.94
N MET O 172 -41.76 -26.96 -58.14
CA MET O 172 -42.39 -28.02 -57.34
C MET O 172 -41.97 -27.90 -55.89
N GLY O 173 -42.90 -28.00 -54.94
CA GLY O 173 -42.58 -28.03 -53.50
C GLY O 173 -42.38 -26.65 -52.92
N SER O 174 -42.62 -25.59 -53.69
CA SER O 174 -42.52 -24.18 -53.25
C SER O 174 -43.47 -23.95 -52.08
N ALA O 175 -43.02 -23.17 -51.07
CA ALA O 175 -43.85 -22.74 -49.91
C ALA O 175 -43.94 -21.23 -50.01
N ILE O 176 -44.98 -20.76 -50.66
CA ILE O 176 -45.15 -19.32 -50.92
C ILE O 176 -45.77 -18.70 -49.68
N GLY O 177 -45.13 -17.68 -49.12
CA GLY O 177 -45.60 -17.00 -47.90
C GLY O 177 -45.91 -15.54 -48.15
N LYS O 178 -45.60 -14.95 -49.28
CA LYS O 178 -45.94 -13.52 -49.54
C LYS O 178 -46.37 -13.43 -51.01
N ASP O 179 -46.67 -12.26 -51.55
CA ASP O 179 -47.25 -12.26 -52.91
C ASP O 179 -46.17 -12.65 -53.89
N VAL O 180 -46.58 -13.21 -55.00
CA VAL O 180 -45.72 -13.44 -56.18
C VAL O 180 -46.14 -12.43 -57.24
N PRO O 181 -45.25 -11.51 -57.61
CA PRO O 181 -45.58 -10.57 -58.66
C PRO O 181 -45.83 -11.30 -59.99
N ALA O 182 -46.63 -10.66 -60.85
CA ALA O 182 -46.92 -11.14 -62.21
C ALA O 182 -45.59 -11.52 -62.89
N TYR O 183 -45.63 -12.65 -63.57
CA TYR O 183 -44.54 -13.21 -64.36
C TYR O 183 -43.44 -13.76 -63.48
N VAL O 184 -43.42 -13.51 -62.19
CA VAL O 184 -42.17 -13.88 -61.45
C VAL O 184 -42.14 -15.40 -61.30
N THR O 185 -40.98 -16.02 -61.47
CA THR O 185 -40.81 -17.45 -61.13
C THR O 185 -40.28 -17.51 -59.69
N VAL O 186 -40.82 -18.40 -58.85
CA VAL O 186 -40.35 -18.64 -57.46
C VAL O 186 -40.12 -20.13 -57.18
N PHE O 187 -39.22 -20.41 -56.23
CA PHE O 187 -38.70 -21.76 -55.91
C PHE O 187 -38.41 -21.87 -54.42
N GLY O 188 -38.70 -23.03 -53.88
CA GLY O 188 -38.19 -23.45 -52.56
C GLY O 188 -39.11 -23.07 -51.42
N ASN O 189 -38.67 -23.46 -50.23
CA ASN O 189 -39.42 -23.32 -48.96
C ASN O 189 -38.48 -22.74 -47.93
N PRO O 190 -38.57 -21.44 -47.62
CA PRO O 190 -39.52 -20.53 -48.26
C PRO O 190 -39.19 -20.16 -49.71
N ALA O 191 -40.23 -19.72 -50.42
CA ALA O 191 -40.15 -19.42 -51.88
C ALA O 191 -39.31 -18.18 -51.99
N GLU O 192 -38.43 -18.15 -53.01
CA GLU O 192 -37.62 -16.95 -53.38
C GLU O 192 -37.74 -16.73 -54.89
N ALA O 193 -37.72 -15.49 -55.32
CA ALA O 193 -37.76 -15.15 -56.75
C ALA O 193 -36.45 -15.59 -57.37
N ARG O 194 -36.47 -16.12 -58.60
CA ARG O 194 -35.29 -16.45 -59.44
C ARG O 194 -35.33 -15.63 -60.76
N SER O 195 -36.32 -15.75 -61.61
CA SER O 195 -36.37 -15.05 -62.92
C SER O 195 -37.81 -14.72 -63.27
N MET O 196 -38.08 -14.52 -64.54
CA MET O 196 -39.46 -14.30 -65.00
C MET O 196 -39.81 -15.45 -65.91
N ASN O 197 -41.11 -15.71 -66.02
CA ASN O 197 -41.69 -16.81 -66.78
C ASN O 197 -41.67 -16.44 -68.26
N PHE O 198 -40.50 -16.49 -68.84
CA PHE O 198 -40.29 -16.18 -70.26
C PHE O 198 -41.10 -17.12 -71.19
N GLU O 199 -41.20 -18.42 -70.86
CA GLU O 199 -41.93 -19.41 -71.68
C GLU O 199 -43.39 -19.03 -71.72
N GLY O 200 -43.96 -18.70 -70.55
CA GLY O 200 -45.31 -18.12 -70.40
C GLY O 200 -45.55 -17.00 -71.39
N MET O 201 -44.60 -16.05 -71.45
CA MET O 201 -44.63 -14.87 -72.36
C MET O 201 -44.61 -15.31 -73.83
N ARG O 202 -43.78 -16.30 -74.17
CA ARG O 202 -43.69 -16.78 -75.56
C ARG O 202 -45.04 -17.34 -75.97
N ARG O 203 -45.58 -18.26 -75.17
CA ARG O 203 -46.90 -18.89 -75.43
C ARG O 203 -47.93 -17.78 -75.60
N ARG O 204 -47.79 -16.58 -75.05
CA ARG O 204 -48.88 -15.58 -75.26
C ARG O 204 -48.59 -14.65 -76.43
N GLY O 205 -47.53 -14.87 -77.21
CA GLY O 205 -47.14 -13.97 -78.30
C GLY O 205 -46.72 -12.58 -77.83
N PHE O 206 -46.05 -12.45 -76.69
CA PHE O 206 -45.55 -11.13 -76.22
C PHE O 206 -44.49 -10.67 -77.21
N SER O 207 -44.38 -9.39 -77.43
CA SER O 207 -43.29 -8.91 -78.31
C SER O 207 -41.96 -9.26 -77.68
N SER O 208 -40.91 -9.27 -78.47
CA SER O 208 -39.55 -9.38 -77.90
C SER O 208 -39.15 -8.07 -77.21
N GLU O 209 -39.70 -6.90 -77.55
CA GLU O 209 -39.47 -5.62 -76.80
C GLU O 209 -40.05 -5.74 -75.39
N ALA O 210 -41.19 -6.42 -75.30
CA ALA O 210 -42.00 -6.50 -74.07
C ALA O 210 -41.37 -7.52 -73.15
N ILE O 211 -40.92 -8.63 -73.71
CA ILE O 211 -40.17 -9.64 -72.95
C ILE O 211 -38.96 -8.94 -72.33
N HIS O 212 -38.30 -8.10 -73.09
CA HIS O 212 -37.02 -7.51 -72.65
C HIS O 212 -37.36 -6.47 -71.58
N ALA O 213 -38.45 -5.73 -71.75
CA ALA O 213 -38.86 -4.72 -70.75
C ALA O 213 -39.11 -5.38 -69.40
N LEU O 214 -39.78 -6.52 -69.48
CA LEU O 214 -40.10 -7.30 -68.26
C LEU O 214 -38.79 -7.80 -67.66
N ARG O 215 -37.80 -8.17 -68.47
CA ARG O 215 -36.56 -8.65 -67.81
C ARG O 215 -35.94 -7.46 -67.10
N ARG O 216 -35.99 -6.26 -67.68
CA ARG O 216 -35.37 -5.11 -67.02
C ARG O 216 -36.14 -4.80 -65.77
N ALA O 217 -37.45 -5.04 -65.76
CA ALA O 217 -38.31 -4.64 -64.64
C ALA O 217 -38.02 -5.57 -63.49
N TYR O 218 -37.60 -6.77 -63.78
CA TYR O 218 -37.27 -7.76 -62.75
C TYR O 218 -36.05 -7.24 -62.01
N LYS O 219 -35.08 -6.84 -62.83
CA LYS O 219 -33.76 -6.38 -62.33
C LYS O 219 -34.04 -5.18 -61.40
N VAL O 220 -34.99 -4.36 -61.80
CA VAL O 220 -35.27 -3.08 -61.09
C VAL O 220 -35.74 -3.43 -59.69
N VAL O 221 -36.63 -4.41 -59.61
CA VAL O 221 -37.29 -4.84 -58.34
C VAL O 221 -36.32 -5.69 -57.53
N TYR O 222 -35.55 -6.55 -58.14
CA TYR O 222 -34.94 -7.70 -57.44
C TYR O 222 -33.42 -7.59 -57.39
N ARG O 223 -32.73 -6.91 -58.30
CA ARG O 223 -31.27 -7.18 -58.53
C ARG O 223 -30.50 -5.83 -58.50
N GLN O 224 -30.96 -4.78 -57.84
CA GLN O 224 -30.34 -3.42 -57.94
C GLN O 224 -30.42 -2.64 -56.60
N GLY O 225 -30.50 -3.35 -55.48
CA GLY O 225 -30.56 -2.77 -54.13
C GLY O 225 -31.69 -1.77 -53.95
N HIS O 226 -32.70 -1.71 -54.79
CA HIS O 226 -33.80 -0.73 -54.62
C HIS O 226 -34.72 -1.25 -53.53
N THR O 227 -35.33 -0.38 -52.75
CA THR O 227 -36.47 -0.73 -51.87
C THR O 227 -37.66 -0.90 -52.80
N VAL O 228 -38.77 -1.39 -52.30
CA VAL O 228 -39.95 -1.63 -53.15
C VAL O 228 -40.45 -0.25 -53.61
N GLU O 229 -40.44 0.73 -52.71
CA GLU O 229 -40.92 2.10 -53.02
C GLU O 229 -40.01 2.68 -54.12
N GLU O 230 -38.70 2.42 -54.08
CA GLU O 230 -37.78 2.96 -55.12
C GLU O 230 -38.08 2.25 -56.45
N ALA O 231 -38.31 0.94 -56.42
CA ALA O 231 -38.52 0.13 -57.66
C ALA O 231 -39.81 0.59 -58.36
N LEU O 232 -40.90 0.64 -57.60
CA LEU O 232 -42.22 1.15 -58.06
C LEU O 232 -42.08 2.48 -58.84
N ALA O 233 -41.19 3.35 -58.36
CA ALA O 233 -40.94 4.71 -58.93
C ALA O 233 -40.17 4.57 -60.25
N GLU O 234 -39.19 3.66 -60.33
CA GLU O 234 -38.38 3.42 -61.56
C GLU O 234 -39.24 2.68 -62.61
N LEU O 235 -40.17 1.81 -62.20
CA LEU O 235 -41.05 1.07 -63.13
C LEU O 235 -42.08 2.00 -63.80
N ALA O 236 -42.36 3.17 -63.22
CA ALA O 236 -43.37 4.11 -63.76
C ALA O 236 -43.35 4.24 -65.30
N GLU O 237 -42.15 4.54 -65.82
CA GLU O 237 -41.89 4.81 -67.25
C GLU O 237 -42.19 3.54 -68.05
N SER O 238 -41.54 2.44 -67.69
CA SER O 238 -41.69 1.12 -68.38
C SER O 238 -43.19 0.75 -68.39
N ALA O 239 -43.93 1.04 -67.31
CA ALA O 239 -45.33 0.62 -67.09
C ALA O 239 -46.26 1.44 -67.99
N ALA O 240 -45.81 2.62 -68.32
CA ALA O 240 -46.55 3.55 -69.15
C ALA O 240 -46.32 3.18 -70.64
N GLN O 241 -45.26 2.45 -70.94
CA GLN O 241 -44.87 2.16 -72.35
C GLN O 241 -45.41 0.78 -72.77
N PHE O 242 -45.47 -0.14 -71.81
CA PHE O 242 -45.78 -1.57 -71.99
C PHE O 242 -46.88 -1.99 -71.03
N PRO O 243 -48.09 -2.33 -71.54
CA PRO O 243 -49.18 -2.78 -70.67
C PRO O 243 -48.69 -3.98 -69.84
N GLU O 244 -47.81 -4.74 -70.48
CA GLU O 244 -47.24 -5.99 -69.88
C GLU O 244 -46.46 -5.59 -68.63
N VAL O 245 -45.71 -4.50 -68.64
CA VAL O 245 -44.89 -4.14 -67.45
C VAL O 245 -45.79 -3.55 -66.37
N ALA O 246 -46.79 -2.80 -66.84
CA ALA O 246 -47.90 -2.23 -66.01
C ALA O 246 -48.47 -3.34 -65.13
N VAL O 247 -48.81 -4.49 -65.72
CA VAL O 247 -49.37 -5.64 -64.96
C VAL O 247 -48.41 -6.02 -63.82
N PHE O 248 -47.13 -6.18 -64.15
CA PHE O 248 -46.07 -6.40 -63.15
C PHE O 248 -46.03 -5.26 -62.13
N ARG O 249 -45.90 -3.97 -62.50
CA ARG O 249 -45.90 -2.82 -61.51
C ARG O 249 -47.18 -2.96 -60.66
N ASP O 250 -48.35 -3.03 -61.26
CA ASP O 250 -49.64 -3.08 -60.52
C ASP O 250 -49.57 -4.18 -59.44
N SER O 251 -49.00 -5.36 -59.73
CA SER O 251 -49.03 -6.52 -58.80
C SER O 251 -48.17 -6.25 -57.55
N ILE O 252 -47.09 -5.47 -57.72
CA ILE O 252 -46.18 -5.08 -56.61
C ILE O 252 -46.78 -3.92 -55.81
N GLN O 253 -47.29 -2.88 -56.48
CA GLN O 253 -48.11 -1.79 -55.87
C GLN O 253 -49.09 -2.43 -54.90
N SER O 254 -49.97 -3.27 -55.44
CA SER O 254 -51.08 -3.99 -54.77
C SER O 254 -50.60 -4.75 -53.49
N ALA O 255 -49.34 -5.13 -53.31
CA ALA O 255 -48.93 -6.05 -52.23
C ALA O 255 -48.68 -5.34 -50.90
N THR O 256 -48.22 -4.09 -50.97
CA THR O 256 -47.26 -3.49 -50.00
C THR O 256 -47.81 -2.14 -49.53
N ARG O 257 -49.04 -2.02 -48.98
CA ARG O 257 -49.55 -0.65 -48.61
C ARG O 257 -48.61 0.05 -47.59
N GLY O 258 -48.12 -0.65 -46.57
CA GLY O 258 -47.04 -0.22 -45.65
C GLY O 258 -47.60 0.53 -44.46
N ILE O 259 -46.76 0.90 -43.51
CA ILE O 259 -47.19 1.78 -42.41
C ILE O 259 -46.38 3.07 -42.45
N THR O 260 -46.92 4.10 -41.82
CA THR O 260 -46.29 5.42 -41.71
C THR O 260 -45.02 5.21 -40.94
N ARG O 261 -43.87 5.57 -41.46
CA ARG O 261 -42.67 5.53 -40.60
C ARG O 261 -42.27 6.96 -40.35
N SER P 5 -32.57 -76.18 26.46
CA SER P 5 -31.63 -76.76 25.44
C SER P 5 -30.93 -75.59 24.73
N LEU P 6 -29.67 -75.79 24.36
CA LEU P 6 -28.76 -74.76 23.77
C LEU P 6 -28.98 -74.62 22.26
N ILE P 7 -28.99 -75.76 21.57
CA ILE P 7 -29.54 -75.90 20.19
C ILE P 7 -31.06 -75.65 20.27
N ASP P 8 -31.58 -74.74 19.45
CA ASP P 8 -33.05 -74.52 19.41
C ASP P 8 -33.65 -75.75 18.72
N PRO P 9 -34.78 -76.29 19.21
CA PRO P 9 -35.50 -77.32 18.47
C PRO P 9 -36.01 -76.92 17.06
N ARG P 10 -36.32 -75.66 16.79
CA ARG P 10 -36.81 -75.32 15.43
C ARG P 10 -35.62 -75.26 14.46
N ALA P 11 -34.38 -75.47 14.93
CA ALA P 11 -33.16 -75.44 14.07
C ALA P 11 -32.96 -76.80 13.41
N ILE P 12 -32.46 -76.84 12.17
CA ILE P 12 -32.07 -78.10 11.48
C ILE P 12 -30.57 -78.29 11.65
N ILE P 13 -30.16 -79.40 12.24
CA ILE P 13 -28.73 -79.84 12.35
C ILE P 13 -28.57 -81.15 11.57
N ASP P 14 -27.96 -81.07 10.40
CA ASP P 14 -27.60 -82.27 9.60
C ASP P 14 -26.70 -83.17 10.44
N PRO P 15 -26.83 -84.52 10.37
CA PRO P 15 -26.09 -85.37 11.30
C PRO P 15 -24.55 -85.40 11.10
N SER P 16 -24.01 -84.99 9.94
CA SER P 16 -22.54 -85.08 9.68
C SER P 16 -21.87 -83.82 10.23
N ALA P 17 -22.66 -82.86 10.73
CA ALA P 17 -22.18 -81.62 11.39
C ALA P 17 -21.69 -81.95 12.81
N ARG P 18 -20.71 -81.22 13.35
CA ARG P 18 -20.00 -81.60 14.60
C ARG P 18 -19.78 -80.34 15.47
N LEU P 19 -20.69 -80.12 16.42
CA LEU P 19 -20.81 -78.95 17.31
C LEU P 19 -20.21 -79.31 18.66
N ALA P 20 -19.27 -78.58 19.24
CA ALA P 20 -18.77 -78.96 20.60
C ALA P 20 -19.88 -78.57 21.60
N ALA P 21 -19.84 -79.15 22.81
CA ALA P 21 -21.03 -79.30 23.68
C ALA P 21 -21.76 -77.95 23.81
N ASP P 22 -21.07 -76.85 24.19
CA ASP P 22 -21.76 -75.63 24.71
C ASP P 22 -22.05 -74.60 23.61
N VAL P 23 -21.97 -74.99 22.33
CA VAL P 23 -22.49 -74.25 21.13
C VAL P 23 -24.01 -73.98 21.23
N GLN P 24 -24.47 -72.77 20.92
CA GLN P 24 -25.91 -72.48 20.71
C GLN P 24 -26.23 -72.25 19.23
N VAL P 25 -27.44 -72.63 18.81
CA VAL P 25 -27.97 -72.38 17.45
C VAL P 25 -29.40 -71.90 17.61
N GLY P 26 -29.66 -70.70 17.11
CA GLY P 26 -30.99 -70.05 17.17
C GLY P 26 -32.03 -70.87 16.42
N PRO P 27 -33.33 -70.50 16.49
CA PRO P 27 -34.37 -71.12 15.67
C PRO P 27 -34.25 -70.83 14.16
N TRP P 28 -34.57 -71.80 13.31
CA TRP P 28 -34.69 -71.65 11.84
C TRP P 28 -33.31 -71.48 11.20
N SER P 29 -32.30 -71.93 11.94
CA SER P 29 -30.92 -71.96 11.45
C SER P 29 -30.66 -73.38 10.95
N ILE P 30 -29.74 -73.52 10.02
CA ILE P 30 -29.45 -74.75 9.26
C ILE P 30 -27.96 -74.96 9.41
N VAL P 31 -27.52 -76.01 10.08
CA VAL P 31 -26.09 -76.41 10.01
C VAL P 31 -26.02 -77.63 9.09
N GLY P 32 -25.78 -77.35 7.81
CA GLY P 32 -25.69 -78.36 6.74
C GLY P 32 -24.59 -79.35 7.05
N ALA P 33 -24.52 -80.40 6.23
CA ALA P 33 -23.49 -81.46 6.32
C ALA P 33 -22.12 -80.78 6.42
N GLU P 34 -21.12 -81.43 7.04
CA GLU P 34 -19.69 -81.12 6.83
C GLU P 34 -19.30 -79.85 7.58
N VAL P 35 -20.20 -79.33 8.42
CA VAL P 35 -20.02 -78.04 9.13
C VAL P 35 -19.65 -78.38 10.56
N GLU P 36 -18.63 -77.72 11.07
CA GLU P 36 -17.94 -78.13 12.31
C GLU P 36 -17.82 -76.85 13.15
N ILE P 37 -18.52 -76.75 14.28
CA ILE P 37 -18.58 -75.50 15.10
C ILE P 37 -17.82 -75.72 16.40
N GLY P 38 -16.83 -74.85 16.65
CA GLY P 38 -15.96 -74.90 17.83
C GLY P 38 -16.70 -74.50 19.10
N GLU P 39 -16.14 -74.90 20.23
CA GLU P 39 -16.59 -74.54 21.61
C GLU P 39 -17.00 -73.06 21.64
N GLY P 40 -17.99 -72.68 22.45
CA GLY P 40 -18.26 -71.29 22.88
C GLY P 40 -19.05 -70.46 21.88
N THR P 41 -18.94 -70.78 20.58
CA THR P 41 -19.58 -70.15 19.38
C THR P 41 -21.09 -70.14 19.50
N VAL P 42 -21.74 -69.12 18.94
CA VAL P 42 -23.20 -68.83 19.04
C VAL P 42 -23.76 -68.52 17.66
N ILE P 43 -24.72 -69.31 17.22
CA ILE P 43 -25.43 -69.09 15.94
C ILE P 43 -26.77 -68.41 16.25
N GLY P 44 -26.96 -67.21 15.68
CA GLY P 44 -28.26 -66.51 15.63
C GLY P 44 -29.37 -67.37 15.04
N PRO P 45 -30.60 -66.84 14.98
CA PRO P 45 -31.67 -67.43 14.19
C PRO P 45 -31.49 -67.13 12.69
N HIS P 46 -32.33 -67.72 11.84
CA HIS P 46 -32.29 -67.54 10.37
C HIS P 46 -30.87 -67.50 9.80
N VAL P 47 -30.01 -68.45 10.19
CA VAL P 47 -28.62 -68.52 9.67
C VAL P 47 -28.46 -69.78 8.86
N VAL P 48 -27.73 -69.71 7.75
CA VAL P 48 -27.46 -70.88 6.87
C VAL P 48 -25.97 -71.13 6.85
N LEU P 49 -25.54 -72.24 7.44
CA LEU P 49 -24.18 -72.78 7.25
C LEU P 49 -24.21 -73.94 6.26
N LYS P 50 -23.30 -73.91 5.30
CA LYS P 50 -22.99 -75.00 4.35
C LYS P 50 -21.51 -75.35 4.59
N GLY P 51 -21.09 -76.55 4.17
CA GLY P 51 -19.76 -77.11 4.40
C GLY P 51 -19.15 -77.55 3.08
N PRO P 52 -17.94 -78.16 3.05
CA PRO P 52 -17.09 -78.29 4.25
C PRO P 52 -16.68 -76.94 4.84
N THR P 53 -16.98 -76.71 6.11
CA THR P 53 -16.71 -75.43 6.80
C THR P 53 -16.28 -75.72 8.22
N LYS P 54 -15.18 -75.13 8.65
CA LYS P 54 -14.71 -75.24 10.06
C LYS P 54 -14.88 -73.85 10.68
N ILE P 55 -15.74 -73.75 11.69
CA ILE P 55 -15.90 -72.51 12.50
C ILE P 55 -15.25 -72.80 13.85
N GLY P 56 -14.16 -72.10 14.15
CA GLY P 56 -13.51 -72.21 15.45
C GLY P 56 -14.39 -71.78 16.63
N LYS P 57 -13.73 -71.18 17.61
CA LYS P 57 -14.20 -71.05 19.01
C LYS P 57 -14.74 -69.63 19.23
N HIS P 58 -15.71 -69.48 20.13
CA HIS P 58 -16.17 -68.19 20.72
C HIS P 58 -16.53 -67.21 19.60
N ASN P 59 -17.16 -67.66 18.51
CA ASN P 59 -17.68 -66.74 17.45
C ASN P 59 -19.14 -66.42 17.74
N ARG P 60 -19.65 -65.40 17.08
CA ARG P 60 -21.04 -64.87 17.20
C ARG P 60 -21.35 -64.65 15.72
N ILE P 61 -22.32 -65.38 15.16
CA ILE P 61 -22.84 -65.24 13.77
C ILE P 61 -24.33 -64.89 13.87
N TYR P 62 -24.72 -63.81 13.21
CA TYR P 62 -26.04 -63.15 13.30
C TYR P 62 -26.95 -63.59 12.15
N GLN P 63 -28.22 -63.20 12.27
CA GLN P 63 -29.36 -63.62 11.38
C GLN P 63 -29.11 -63.28 9.91
N PHE P 64 -29.56 -64.13 8.97
CA PHE P 64 -29.59 -63.94 7.48
C PHE P 64 -28.21 -64.12 6.78
N SER P 65 -27.21 -64.46 7.58
CA SER P 65 -25.86 -64.81 7.07
C SER P 65 -25.93 -66.15 6.34
N SER P 66 -25.33 -66.23 5.16
CA SER P 66 -25.09 -67.46 4.41
C SER P 66 -23.58 -67.67 4.45
N VAL P 67 -23.14 -68.59 5.28
CA VAL P 67 -21.69 -68.83 5.53
C VAL P 67 -21.34 -70.24 5.06
N GLY P 68 -20.62 -70.34 3.95
CA GLY P 68 -20.12 -71.63 3.47
C GLY P 68 -20.74 -71.99 2.15
N GLU P 69 -21.46 -71.05 1.55
CA GLU P 69 -22.25 -71.23 0.31
C GLU P 69 -21.25 -71.40 -0.86
N ASP P 70 -21.64 -72.09 -1.91
CA ASP P 70 -20.85 -72.12 -3.18
C ASP P 70 -20.66 -70.67 -3.69
N THR P 71 -19.46 -70.26 -4.13
CA THR P 71 -19.40 -69.04 -4.97
C THR P 71 -20.29 -69.28 -6.17
N PRO P 72 -21.03 -68.26 -6.65
CA PRO P 72 -21.73 -68.35 -7.92
C PRO P 72 -20.84 -68.22 -9.15
N ASP P 73 -19.52 -67.96 -9.04
CA ASP P 73 -18.64 -67.73 -10.22
C ASP P 73 -18.62 -69.00 -11.07
N LEU P 74 -18.66 -68.82 -12.38
CA LEU P 74 -18.86 -69.91 -13.35
C LEU P 74 -17.59 -70.77 -13.38
N LYS P 75 -16.43 -70.17 -13.16
CA LYS P 75 -15.12 -70.77 -12.77
C LYS P 75 -15.26 -71.97 -11.83
N TYR P 76 -16.17 -71.93 -10.87
CA TYR P 76 -16.35 -73.02 -9.88
C TYR P 76 -17.43 -74.00 -10.35
N LYS P 77 -17.16 -75.31 -10.37
CA LYS P 77 -18.11 -76.35 -10.86
C LYS P 77 -18.28 -77.48 -9.83
N GLY P 78 -18.59 -77.14 -8.57
CA GLY P 78 -19.00 -78.07 -7.50
C GLY P 78 -17.84 -78.77 -6.80
N GLU P 79 -16.59 -78.45 -7.12
CA GLU P 79 -15.39 -79.11 -6.54
C GLU P 79 -15.44 -78.97 -5.01
N PRO P 80 -14.88 -79.92 -4.20
CA PRO P 80 -15.16 -79.92 -2.75
C PRO P 80 -14.13 -78.99 -2.07
N THR P 81 -14.54 -77.78 -1.68
CA THR P 81 -13.65 -76.64 -1.27
C THR P 81 -14.04 -76.23 0.14
N ARG P 82 -13.09 -75.70 0.92
CA ARG P 82 -13.29 -75.46 2.38
C ARG P 82 -13.51 -73.96 2.59
N LEU P 83 -14.26 -73.62 3.65
CA LEU P 83 -14.12 -72.33 4.38
C LEU P 83 -13.65 -72.67 5.78
N VAL P 84 -12.60 -71.99 6.24
CA VAL P 84 -12.05 -72.03 7.64
C VAL P 84 -12.31 -70.66 8.30
N ILE P 85 -12.76 -70.65 9.55
CA ILE P 85 -13.00 -69.42 10.34
C ILE P 85 -12.43 -69.68 11.73
N GLY P 86 -11.63 -68.74 12.23
CA GLY P 86 -10.89 -68.90 13.50
C GLY P 86 -11.75 -68.69 14.72
N ASP P 87 -11.18 -68.04 15.72
CA ASP P 87 -11.75 -67.80 17.07
C ASP P 87 -12.14 -66.32 17.23
N HIS P 88 -13.13 -66.05 18.11
CA HIS P 88 -13.62 -64.73 18.57
C HIS P 88 -13.99 -63.83 17.39
N ASN P 89 -14.70 -64.30 16.37
CA ASN P 89 -15.11 -63.40 15.26
C ASN P 89 -16.55 -62.98 15.49
N VAL P 90 -16.89 -61.75 15.17
CA VAL P 90 -18.31 -61.35 15.13
C VAL P 90 -18.67 -61.18 13.65
N ILE P 91 -19.62 -62.00 13.18
CA ILE P 91 -20.13 -61.92 11.80
C ILE P 91 -21.56 -61.41 11.92
N ARG P 92 -21.82 -60.18 11.51
CA ARG P 92 -23.11 -59.46 11.75
C ARG P 92 -24.18 -59.89 10.74
N GLU P 93 -25.24 -59.09 10.71
CA GLU P 93 -26.48 -59.53 10.03
C GLU P 93 -26.27 -59.62 8.51
N GLY P 94 -26.66 -60.73 7.93
CA GLY P 94 -26.77 -60.89 6.49
C GLY P 94 -25.43 -61.01 5.80
N VAL P 95 -24.38 -61.40 6.52
CA VAL P 95 -23.06 -61.48 5.88
C VAL P 95 -23.07 -62.68 4.95
N THR P 96 -22.42 -62.61 3.80
CA THR P 96 -22.15 -63.74 2.88
C THR P 96 -20.67 -64.14 2.98
N ILE P 97 -20.40 -65.41 3.20
CA ILE P 97 -19.04 -65.94 3.01
C ILE P 97 -19.09 -67.19 2.12
N HIS P 98 -18.28 -67.21 1.05
CA HIS P 98 -18.21 -68.33 0.10
C HIS P 98 -16.97 -69.18 0.36
N ARG P 99 -17.09 -70.49 0.13
CA ARG P 99 -15.94 -71.41 0.25
C ARG P 99 -15.00 -71.14 -0.94
N GLY P 100 -13.86 -71.82 -1.00
CA GLY P 100 -12.84 -71.55 -2.02
C GLY P 100 -13.21 -72.16 -3.37
N THR P 101 -12.19 -72.17 -4.24
CA THR P 101 -12.16 -72.72 -5.62
C THR P 101 -10.84 -73.49 -5.81
N VAL P 102 -10.81 -74.52 -6.66
CA VAL P 102 -9.57 -75.35 -6.82
C VAL P 102 -8.48 -74.62 -7.63
N GLN P 103 -8.79 -73.52 -8.31
CA GLN P 103 -7.79 -72.83 -9.16
C GLN P 103 -6.81 -72.10 -8.24
N ASP P 104 -7.18 -71.86 -6.97
CA ASP P 104 -6.30 -71.17 -5.98
C ASP P 104 -5.89 -72.26 -5.00
N ARG P 105 -6.23 -72.13 -3.70
CA ARG P 105 -5.84 -73.06 -2.62
C ARG P 105 -7.09 -73.80 -2.09
N ALA P 106 -8.25 -73.72 -2.75
CA ALA P 106 -9.47 -74.47 -2.36
C ALA P 106 -9.92 -74.10 -0.94
N GLU P 107 -9.53 -72.94 -0.42
CA GLU P 107 -9.87 -72.53 0.97
C GLU P 107 -10.09 -71.03 0.95
N THR P 108 -11.27 -70.64 1.42
CA THR P 108 -11.56 -69.31 1.99
C THR P 108 -11.29 -69.36 3.49
N THR P 109 -10.54 -68.38 4.00
CA THR P 109 -9.83 -68.46 5.31
C THR P 109 -10.01 -67.14 6.08
N ILE P 110 -10.68 -67.19 7.21
CA ILE P 110 -10.75 -66.08 8.19
C ILE P 110 -10.03 -66.44 9.50
N GLY P 111 -9.20 -65.52 10.02
CA GLY P 111 -8.37 -65.68 11.24
C GLY P 111 -9.18 -65.42 12.49
N ASP P 112 -8.61 -64.68 13.44
CA ASP P 112 -9.23 -64.47 14.78
C ASP P 112 -9.52 -63.00 15.03
N HIS P 113 -10.49 -62.77 15.93
CA HIS P 113 -10.84 -61.47 16.52
C HIS P 113 -11.19 -60.52 15.37
N ASN P 114 -11.97 -60.95 14.42
CA ASN P 114 -12.39 -60.05 13.33
C ASN P 114 -13.84 -59.63 13.56
N LEU P 115 -14.17 -58.51 12.94
CA LEU P 115 -15.51 -57.93 12.99
C LEU P 115 -15.95 -57.69 11.55
N ILE P 116 -16.91 -58.48 11.09
CA ILE P 116 -17.44 -58.35 9.71
C ILE P 116 -18.86 -57.83 9.83
N MET P 117 -19.12 -56.60 9.42
CA MET P 117 -20.41 -56.00 9.77
C MET P 117 -21.45 -56.38 8.72
N ALA P 118 -22.69 -55.95 8.94
CA ALA P 118 -23.88 -56.37 8.17
C ALA P 118 -23.61 -56.34 6.67
N TYR P 119 -24.08 -57.36 5.94
CA TYR P 119 -24.16 -57.41 4.45
C TYR P 119 -22.74 -57.38 3.85
N ALA P 120 -21.67 -57.62 4.61
CA ALA P 120 -20.32 -57.69 4.01
C ALA P 120 -20.32 -58.95 3.18
N HIS P 121 -19.52 -58.99 2.13
CA HIS P 121 -19.37 -60.20 1.29
C HIS P 121 -17.91 -60.62 1.35
N ILE P 122 -17.63 -61.85 1.77
CA ILE P 122 -16.24 -62.37 1.70
C ILE P 122 -16.17 -63.46 0.66
N GLY P 123 -15.70 -63.06 -0.54
CA GLY P 123 -15.65 -63.91 -1.74
C GLY P 123 -14.72 -65.10 -1.60
N HIS P 124 -14.93 -66.10 -2.47
CA HIS P 124 -14.08 -67.32 -2.58
C HIS P 124 -12.61 -66.95 -2.45
N ASP P 125 -11.86 -67.69 -1.61
CA ASP P 125 -10.39 -67.78 -1.69
C ASP P 125 -9.73 -66.59 -0.98
N SER P 126 -10.57 -65.70 -0.44
CA SER P 126 -10.16 -64.55 0.37
C SER P 126 -9.52 -65.07 1.67
N VAL P 127 -8.64 -64.25 2.22
CA VAL P 127 -7.88 -64.60 3.44
C VAL P 127 -7.82 -63.37 4.35
N ILE P 128 -8.57 -63.42 5.44
CA ILE P 128 -8.58 -62.33 6.45
C ILE P 128 -7.75 -62.80 7.64
N GLY P 129 -6.64 -62.16 7.93
CA GLY P 129 -5.89 -62.45 9.18
C GLY P 129 -6.71 -62.16 10.44
N ASN P 130 -6.20 -61.25 11.28
CA ASN P 130 -6.71 -61.03 12.65
C ASN P 130 -7.04 -59.56 12.96
N HIS P 131 -7.92 -59.31 13.93
CA HIS P 131 -8.30 -57.96 14.39
C HIS P 131 -8.71 -57.05 13.23
N CYS P 132 -9.24 -57.61 12.16
CA CYS P 132 -9.72 -56.83 11.00
C CYS P 132 -11.14 -56.35 11.29
N ILE P 133 -11.49 -55.17 10.78
CA ILE P 133 -12.86 -54.62 10.84
C ILE P 133 -13.25 -54.31 9.41
N LEU P 134 -14.15 -55.17 8.88
CA LEU P 134 -14.89 -55.00 7.60
C LEU P 134 -16.25 -54.38 7.93
N VAL P 135 -16.42 -53.12 7.59
CA VAL P 135 -17.67 -52.38 7.92
C VAL P 135 -18.76 -52.77 6.91
N ASN P 136 -20.00 -52.42 7.24
CA ASN P 136 -21.22 -52.75 6.46
C ASN P 136 -20.90 -52.82 4.97
N ASN P 137 -21.21 -53.95 4.31
CA ASN P 137 -21.30 -54.07 2.84
C ASN P 137 -19.92 -53.93 2.19
N THR P 138 -18.85 -53.97 2.99
CA THR P 138 -17.52 -54.23 2.43
C THR P 138 -17.66 -55.49 1.59
N ALA P 139 -17.11 -55.47 0.38
CA ALA P 139 -17.15 -56.65 -0.53
C ALA P 139 -15.74 -56.99 -1.00
N LEU P 140 -15.26 -58.20 -0.68
CA LEU P 140 -14.02 -58.78 -1.26
C LEU P 140 -14.36 -59.66 -2.47
N ALA P 141 -13.98 -59.32 -3.70
CA ALA P 141 -14.53 -60.03 -4.89
C ALA P 141 -14.12 -61.51 -4.94
N GLY P 142 -12.92 -61.81 -4.45
CA GLY P 142 -12.27 -63.15 -4.48
C GLY P 142 -10.75 -63.08 -4.44
N HIS P 143 -10.13 -64.09 -3.86
CA HIS P 143 -8.65 -64.21 -3.74
C HIS P 143 -8.11 -62.93 -3.11
N VAL P 144 -8.91 -62.24 -2.28
CA VAL P 144 -8.45 -61.02 -1.56
C VAL P 144 -7.79 -61.41 -0.24
N HIS P 145 -6.64 -60.85 0.04
CA HIS P 145 -5.87 -61.11 1.28
C HIS P 145 -5.93 -59.84 2.11
N VAL P 146 -6.44 -59.91 3.33
CA VAL P 146 -6.49 -58.72 4.23
C VAL P 146 -5.63 -59.05 5.44
N ASP P 147 -4.48 -58.42 5.51
CA ASP P 147 -3.55 -58.68 6.63
C ASP P 147 -4.04 -57.91 7.88
N ASP P 148 -3.44 -58.16 9.03
CA ASP P 148 -4.09 -57.89 10.36
C ASP P 148 -4.33 -56.39 10.59
N TRP P 149 -5.32 -56.04 11.42
CA TRP P 149 -5.76 -54.69 11.90
C TRP P 149 -6.28 -53.81 10.75
N ALA P 150 -6.55 -54.39 9.59
CA ALA P 150 -7.02 -53.56 8.47
C ALA P 150 -8.46 -53.19 8.77
N ILE P 151 -8.79 -51.97 8.44
CA ILE P 151 -10.16 -51.44 8.62
C ILE P 151 -10.62 -50.99 7.25
N LEU P 152 -11.62 -51.67 6.71
CA LEU P 152 -12.34 -51.28 5.48
C LEU P 152 -13.63 -50.64 5.92
N SER P 153 -13.72 -49.32 5.71
CA SER P 153 -14.95 -48.51 5.89
C SER P 153 -16.13 -49.10 5.09
N GLY P 154 -17.34 -48.71 5.44
CA GLY P 154 -18.56 -49.16 4.77
C GLY P 154 -18.44 -49.11 3.25
N TYR P 155 -18.92 -50.18 2.59
CA TYR P 155 -19.20 -50.21 1.13
C TYR P 155 -17.88 -50.09 0.38
N THR P 156 -16.80 -50.50 1.02
CA THR P 156 -15.47 -50.63 0.39
C THR P 156 -15.54 -51.84 -0.51
N LEU P 157 -15.18 -51.68 -1.77
CA LEU P 157 -15.07 -52.80 -2.75
C LEU P 157 -13.60 -53.07 -3.09
N VAL P 158 -13.26 -54.34 -3.24
CA VAL P 158 -11.87 -54.80 -3.47
C VAL P 158 -11.87 -55.79 -4.64
N HIS P 159 -11.12 -55.49 -5.70
CA HIS P 159 -10.97 -56.29 -6.95
C HIS P 159 -10.31 -57.64 -6.59
N GLN P 160 -10.62 -58.69 -7.35
CA GLN P 160 -9.95 -60.03 -7.32
C GLN P 160 -8.46 -59.83 -7.00
N TYR P 161 -7.90 -60.62 -6.09
CA TYR P 161 -6.43 -60.78 -5.88
C TYR P 161 -5.76 -59.56 -5.26
N CYS P 162 -6.47 -58.53 -4.85
CA CYS P 162 -5.80 -57.42 -4.13
C CYS P 162 -5.41 -57.85 -2.72
N ARG P 163 -4.25 -57.37 -2.28
CA ARG P 163 -3.73 -57.44 -0.89
C ARG P 163 -3.98 -56.07 -0.21
N ILE P 164 -4.75 -56.10 0.87
CA ILE P 164 -5.00 -54.98 1.81
C ILE P 164 -4.02 -55.15 2.96
N GLY P 165 -3.06 -54.25 3.03
CA GLY P 165 -1.94 -54.31 3.97
C GLY P 165 -2.39 -54.19 5.41
N ALA P 166 -1.51 -54.58 6.31
CA ALA P 166 -1.72 -54.51 7.77
C ALA P 166 -1.91 -53.08 8.24
N HIS P 167 -2.93 -52.85 9.07
CA HIS P 167 -3.29 -51.53 9.66
C HIS P 167 -3.64 -50.52 8.58
N SER P 168 -3.80 -50.94 7.34
CA SER P 168 -4.24 -50.06 6.24
C SER P 168 -5.68 -49.72 6.56
N PHE P 169 -6.22 -48.78 5.80
CA PHE P 169 -7.54 -48.16 6.05
C PHE P 169 -8.11 -47.63 4.75
N SER P 170 -9.37 -47.97 4.57
CA SER P 170 -10.09 -47.57 3.35
C SER P 170 -11.26 -46.71 3.80
N GLY P 171 -11.38 -45.58 3.17
CA GLY P 171 -12.56 -44.73 3.41
C GLY P 171 -13.83 -45.34 2.87
N MET P 172 -14.96 -44.73 3.20
CA MET P 172 -16.26 -45.26 2.83
C MET P 172 -16.42 -45.08 1.34
N GLY P 173 -17.08 -46.09 0.76
CA GLY P 173 -17.28 -46.28 -0.70
C GLY P 173 -15.99 -46.34 -1.49
N SER P 174 -14.86 -46.69 -0.89
CA SER P 174 -13.59 -46.85 -1.65
C SER P 174 -13.75 -48.02 -2.62
N ALA P 175 -13.20 -47.88 -3.81
CA ALA P 175 -13.17 -48.95 -4.85
C ALA P 175 -11.73 -49.34 -5.12
N ILE P 176 -11.24 -50.32 -4.40
CA ILE P 176 -9.79 -50.60 -4.39
C ILE P 176 -9.53 -51.54 -5.57
N GLY P 177 -8.65 -51.19 -6.45
CA GLY P 177 -8.37 -52.07 -7.60
C GLY P 177 -6.97 -52.54 -7.64
N LYS P 178 -6.13 -52.14 -6.69
CA LYS P 178 -4.68 -52.48 -6.64
C LYS P 178 -4.30 -52.67 -5.18
N ASP P 179 -3.09 -53.07 -4.89
CA ASP P 179 -2.76 -53.38 -3.47
C ASP P 179 -2.79 -52.11 -2.62
N VAL P 180 -3.09 -52.26 -1.34
CA VAL P 180 -2.98 -51.16 -0.35
C VAL P 180 -1.83 -51.51 0.56
N PRO P 181 -0.73 -50.75 0.48
CA PRO P 181 0.42 -51.06 1.31
C PRO P 181 -0.04 -50.93 2.77
N ALA P 182 0.63 -51.63 3.66
CA ALA P 182 0.39 -51.57 5.12
C ALA P 182 0.36 -50.11 5.59
N TYR P 183 -0.58 -49.81 6.48
CA TYR P 183 -0.70 -48.50 7.16
C TYR P 183 -1.36 -47.46 6.25
N VAL P 184 -1.46 -47.72 4.94
CA VAL P 184 -1.86 -46.62 4.03
C VAL P 184 -3.36 -46.41 4.16
N THR P 185 -3.79 -45.15 4.05
CA THR P 185 -5.21 -44.75 3.92
C THR P 185 -5.51 -44.48 2.45
N VAL P 186 -6.57 -45.13 1.97
CA VAL P 186 -7.07 -44.94 0.59
C VAL P 186 -8.53 -44.53 0.66
N PHE P 187 -8.95 -43.77 -0.36
CA PHE P 187 -10.22 -43.02 -0.45
C PHE P 187 -10.56 -42.95 -1.94
N GLY P 188 -11.86 -43.09 -2.28
CA GLY P 188 -12.32 -42.84 -3.65
C GLY P 188 -12.57 -44.11 -4.48
N ASN P 189 -13.26 -43.89 -5.59
CA ASN P 189 -13.43 -44.79 -6.73
C ASN P 189 -12.88 -44.05 -7.92
N PRO P 190 -11.66 -44.35 -8.41
CA PRO P 190 -10.83 -45.41 -7.88
C PRO P 190 -10.08 -44.93 -6.62
N ALA P 191 -9.83 -45.86 -5.71
CA ALA P 191 -9.07 -45.59 -4.47
C ALA P 191 -7.72 -44.93 -4.80
N GLU P 192 -7.42 -43.80 -4.17
CA GLU P 192 -6.08 -43.18 -4.19
C GLU P 192 -5.60 -43.13 -2.73
N ALA P 193 -4.28 -43.20 -2.52
CA ALA P 193 -3.60 -43.10 -1.21
C ALA P 193 -3.61 -41.63 -0.81
N ARG P 194 -3.89 -41.35 0.46
CA ARG P 194 -3.92 -39.99 1.04
C ARG P 194 -2.81 -39.82 2.09
N SER P 195 -2.60 -40.79 2.97
CA SER P 195 -1.90 -40.67 4.27
C SER P 195 -1.68 -42.08 4.80
N MET P 196 -0.96 -42.21 5.92
CA MET P 196 -0.86 -43.45 6.73
C MET P 196 -1.90 -43.29 7.84
N ASN P 197 -2.27 -44.39 8.46
CA ASN P 197 -3.28 -44.53 9.52
C ASN P 197 -2.60 -44.26 10.85
N PHE P 198 -2.25 -43.02 11.08
CA PHE P 198 -1.56 -42.64 12.33
C PHE P 198 -2.38 -43.08 13.53
N GLU P 199 -3.71 -43.00 13.41
CA GLU P 199 -4.66 -43.36 14.50
C GLU P 199 -4.36 -44.80 14.96
N GLY P 200 -4.35 -45.75 14.03
CA GLY P 200 -4.19 -47.17 14.39
C GLY P 200 -2.78 -47.46 14.82
N MET P 201 -1.86 -46.58 14.45
CA MET P 201 -0.44 -46.67 14.90
C MET P 201 -0.40 -46.31 16.38
N ARG P 202 -1.18 -45.31 16.78
CA ARG P 202 -1.34 -44.92 18.19
C ARG P 202 -1.91 -46.11 18.96
N ARG P 203 -3.03 -46.64 18.47
CA ARG P 203 -3.74 -47.72 19.17
C ARG P 203 -2.76 -48.87 19.34
N ARG P 204 -1.81 -49.10 18.44
CA ARG P 204 -0.90 -50.26 18.68
C ARG P 204 0.27 -49.83 19.59
N GLY P 205 0.24 -48.62 20.18
CA GLY P 205 1.35 -48.09 21.02
C GLY P 205 2.67 -48.15 20.28
N PHE P 206 2.70 -47.78 19.00
CA PHE P 206 3.92 -47.58 18.20
C PHE P 206 4.72 -46.48 18.85
N SER P 207 6.02 -46.53 18.78
CA SER P 207 6.83 -45.38 19.26
C SER P 207 6.57 -44.21 18.33
N SER P 208 6.88 -43.01 18.81
CA SER P 208 6.72 -41.82 17.97
C SER P 208 7.86 -41.73 16.94
N GLU P 209 9.06 -42.33 17.14
CA GLU P 209 10.23 -42.36 16.19
C GLU P 209 9.79 -43.13 14.94
N ALA P 210 9.00 -44.18 15.20
CA ALA P 210 8.44 -45.10 14.19
C ALA P 210 7.28 -44.49 13.45
N ILE P 211 6.34 -43.88 14.17
CA ILE P 211 5.22 -43.16 13.53
C ILE P 211 5.82 -42.18 12.52
N HIS P 212 6.88 -41.48 12.92
CA HIS P 212 7.51 -40.44 12.08
C HIS P 212 8.13 -41.10 10.88
N ALA P 213 8.71 -42.29 11.07
CA ALA P 213 9.57 -42.95 10.08
C ALA P 213 8.69 -43.45 8.96
N LEU P 214 7.44 -43.75 9.32
CA LEU P 214 6.40 -44.21 8.37
C LEU P 214 5.83 -43.02 7.61
N ARG P 215 5.80 -41.83 8.19
CA ARG P 215 5.39 -40.63 7.45
C ARG P 215 6.46 -40.42 6.39
N ARG P 216 7.73 -40.43 6.79
CA ARG P 216 8.86 -40.23 5.85
C ARG P 216 8.77 -41.32 4.79
N ALA P 217 8.41 -42.54 5.17
CA ALA P 217 8.34 -43.64 4.18
C ALA P 217 7.16 -43.41 3.23
N TYR P 218 5.96 -43.04 3.70
CA TYR P 218 4.86 -42.62 2.79
C TYR P 218 5.38 -41.63 1.77
N LYS P 219 6.13 -40.62 2.23
CA LYS P 219 6.57 -39.52 1.36
C LYS P 219 7.49 -40.09 0.30
N VAL P 220 8.34 -41.06 0.63
CA VAL P 220 9.33 -41.60 -0.34
C VAL P 220 8.60 -42.31 -1.49
N VAL P 221 7.53 -43.02 -1.16
CA VAL P 221 6.75 -43.83 -2.12
C VAL P 221 5.81 -42.92 -2.90
N TYR P 222 5.20 -41.92 -2.29
CA TYR P 222 4.09 -41.17 -2.94
C TYR P 222 4.46 -39.69 -3.22
N ARG P 223 5.11 -38.98 -2.31
CA ARG P 223 5.05 -37.51 -2.39
C ARG P 223 6.43 -37.11 -2.96
N GLN P 224 7.18 -37.93 -3.70
CA GLN P 224 8.57 -37.52 -4.14
C GLN P 224 9.01 -37.92 -5.57
N GLY P 225 8.10 -38.19 -6.50
CA GLY P 225 8.49 -38.48 -7.90
C GLY P 225 9.23 -39.80 -8.10
N HIS P 226 9.50 -40.56 -7.05
CA HIS P 226 10.23 -41.86 -7.15
C HIS P 226 9.36 -42.88 -7.97
N THR P 227 9.96 -43.68 -8.85
CA THR P 227 9.31 -44.93 -9.34
C THR P 227 9.18 -45.86 -8.13
N VAL P 228 8.30 -46.83 -8.16
CA VAL P 228 8.25 -47.87 -7.09
C VAL P 228 9.66 -48.48 -6.87
N GLU P 229 10.38 -48.89 -7.92
CA GLU P 229 11.73 -49.50 -7.76
C GLU P 229 12.65 -48.49 -7.05
N GLU P 230 12.59 -47.20 -7.36
CA GLU P 230 13.54 -46.23 -6.74
C GLU P 230 13.15 -46.09 -5.26
N ALA P 231 11.85 -46.14 -4.98
CA ALA P 231 11.28 -45.98 -3.63
C ALA P 231 11.82 -47.09 -2.73
N LEU P 232 11.53 -48.32 -3.12
CA LEU P 232 11.99 -49.55 -2.44
C LEU P 232 13.47 -49.49 -2.08
N ALA P 233 14.25 -48.98 -3.02
CA ALA P 233 15.69 -48.79 -2.86
C ALA P 233 15.93 -47.84 -1.69
N GLU P 234 15.26 -46.69 -1.74
CA GLU P 234 15.38 -45.59 -0.74
C GLU P 234 14.87 -46.10 0.61
N LEU P 235 13.81 -46.90 0.66
CA LEU P 235 13.30 -47.42 1.97
C LEU P 235 14.30 -48.39 2.66
N ALA P 236 15.23 -49.00 1.94
CA ALA P 236 16.08 -50.08 2.48
C ALA P 236 16.62 -49.71 3.86
N GLU P 237 17.24 -48.55 3.97
CA GLU P 237 17.84 -48.06 5.25
C GLU P 237 16.76 -47.99 6.34
N SER P 238 15.67 -47.26 6.06
CA SER P 238 14.56 -47.02 7.01
C SER P 238 14.05 -48.39 7.53
N ALA P 239 14.06 -49.39 6.64
CA ALA P 239 13.47 -50.70 6.88
C ALA P 239 14.38 -51.58 7.70
N ALA P 240 15.67 -51.42 7.57
CA ALA P 240 16.61 -52.06 8.49
C ALA P 240 16.47 -51.52 9.90
N GLN P 241 16.02 -50.28 10.07
CA GLN P 241 16.03 -49.57 11.38
C GLN P 241 14.72 -49.76 12.12
N PHE P 242 13.62 -49.77 11.40
CA PHE P 242 12.25 -49.80 12.00
C PHE P 242 11.52 -51.02 11.47
N PRO P 243 11.33 -52.08 12.29
CA PRO P 243 10.50 -53.22 11.90
C PRO P 243 9.18 -52.78 11.24
N GLU P 244 8.60 -51.72 11.81
CA GLU P 244 7.34 -51.09 11.36
C GLU P 244 7.48 -50.69 9.89
N VAL P 245 8.62 -50.17 9.49
CA VAL P 245 8.78 -49.65 8.11
C VAL P 245 9.00 -50.83 7.17
N ALA P 246 9.69 -51.84 7.63
CA ALA P 246 9.93 -53.07 6.84
C ALA P 246 8.58 -53.66 6.44
N VAL P 247 7.60 -53.70 7.35
CA VAL P 247 6.23 -54.24 7.06
C VAL P 247 5.65 -53.48 5.88
N PHE P 248 5.87 -52.18 5.85
CA PHE P 248 5.52 -51.32 4.69
C PHE P 248 6.39 -51.68 3.47
N ARG P 249 7.74 -51.65 3.53
CA ARG P 249 8.57 -51.92 2.33
C ARG P 249 8.08 -53.27 1.79
N ASP P 250 7.94 -54.30 2.64
CA ASP P 250 7.58 -55.68 2.21
C ASP P 250 6.21 -55.62 1.53
N SER P 251 5.23 -54.86 2.02
CA SER P 251 3.88 -54.77 1.36
C SER P 251 3.99 -54.22 -0.05
N ILE P 252 4.94 -53.36 -0.33
CA ILE P 252 5.15 -52.76 -1.68
C ILE P 252 5.93 -53.74 -2.56
N GLN P 253 6.94 -54.38 -1.98
CA GLN P 253 7.81 -55.40 -2.65
C GLN P 253 6.90 -56.46 -3.29
N SER P 254 5.93 -57.03 -2.55
CA SER P 254 5.10 -58.17 -3.03
C SER P 254 3.92 -57.76 -3.93
N ALA P 255 3.85 -56.53 -4.40
CA ALA P 255 2.81 -56.15 -5.38
C ALA P 255 3.44 -56.05 -6.78
N THR P 256 4.78 -55.88 -6.84
CA THR P 256 5.58 -55.39 -8.02
C THR P 256 6.68 -56.40 -8.30
N ARG P 257 6.51 -57.29 -9.27
CA ARG P 257 7.69 -57.92 -9.91
C ARG P 257 8.10 -57.09 -11.13
N GLY P 258 7.21 -56.93 -12.11
CA GLY P 258 7.46 -56.16 -13.33
C GLY P 258 7.97 -57.11 -14.38
N ILE P 259 8.37 -56.56 -15.52
CA ILE P 259 8.89 -57.34 -16.66
C ILE P 259 10.25 -56.80 -17.10
N THR P 260 11.16 -57.65 -17.52
CA THR P 260 12.37 -57.21 -18.25
C THR P 260 11.95 -56.15 -19.24
N ARG P 261 12.54 -54.96 -19.11
CA ARG P 261 12.49 -53.89 -20.13
C ARG P 261 13.70 -54.09 -21.00
N SER Q 5 -55.77 -65.72 12.89
CA SER Q 5 -55.35 -65.02 14.14
C SER Q 5 -54.16 -64.12 13.80
N LEU Q 6 -54.10 -62.88 14.35
CA LEU Q 6 -53.30 -61.74 13.83
C LEU Q 6 -51.80 -62.00 14.03
N ILE Q 7 -51.45 -62.43 15.24
CA ILE Q 7 -50.08 -62.90 15.62
C ILE Q 7 -49.96 -64.36 15.15
N ASP Q 8 -49.16 -64.63 14.13
CA ASP Q 8 -48.91 -66.01 13.61
C ASP Q 8 -48.32 -66.79 14.78
N PRO Q 9 -48.76 -68.04 15.08
CA PRO Q 9 -48.25 -68.76 16.26
C PRO Q 9 -46.85 -69.34 15.98
N ARG Q 10 -46.41 -69.25 14.73
CA ARG Q 10 -45.08 -69.76 14.29
C ARG Q 10 -44.02 -68.69 14.58
N ALA Q 11 -44.46 -67.49 14.97
CA ALA Q 11 -43.65 -66.38 15.54
C ALA Q 11 -43.37 -66.63 17.03
N ILE Q 12 -42.29 -66.03 17.52
CA ILE Q 12 -41.91 -65.99 18.96
C ILE Q 12 -42.12 -64.57 19.50
N ILE Q 13 -43.00 -64.43 20.48
CA ILE Q 13 -43.14 -63.19 21.28
C ILE Q 13 -42.44 -63.38 22.62
N ASP Q 14 -41.76 -62.36 23.10
CA ASP Q 14 -41.32 -62.34 24.51
C ASP Q 14 -42.54 -62.20 25.43
N PRO Q 15 -42.57 -62.90 26.59
CA PRO Q 15 -43.52 -62.57 27.65
C PRO Q 15 -43.60 -61.05 27.93
N SER Q 16 -42.47 -60.33 27.87
CA SER Q 16 -42.30 -58.91 28.33
C SER Q 16 -42.49 -57.91 27.20
N ALA Q 17 -42.56 -58.32 25.93
CA ALA Q 17 -43.00 -57.41 24.83
C ALA Q 17 -44.41 -56.94 25.16
N ARG Q 18 -44.89 -55.89 24.49
CA ARG Q 18 -46.25 -55.34 24.75
C ARG Q 18 -46.79 -54.74 23.45
N LEU Q 19 -47.70 -55.49 22.82
CA LEU Q 19 -48.22 -55.34 21.43
C LEU Q 19 -49.67 -54.88 21.52
N ALA Q 20 -49.98 -53.67 21.08
CA ALA Q 20 -51.35 -53.13 21.08
C ALA Q 20 -52.34 -54.04 20.33
N ALA Q 21 -53.63 -53.82 20.61
CA ALA Q 21 -54.84 -54.41 19.98
C ALA Q 21 -54.52 -55.27 18.74
N ASP Q 22 -54.31 -54.64 17.59
CA ASP Q 22 -54.62 -55.20 16.25
C ASP Q 22 -53.32 -55.35 15.48
N VAL Q 23 -52.23 -55.54 16.22
CA VAL Q 23 -50.88 -55.75 15.64
C VAL Q 23 -50.89 -57.11 14.97
N GLN Q 24 -50.36 -57.19 13.76
CA GLN Q 24 -50.02 -58.46 13.07
C GLN Q 24 -48.52 -58.71 13.12
N VAL Q 25 -48.13 -59.98 13.23
CA VAL Q 25 -46.74 -60.44 13.21
C VAL Q 25 -46.70 -61.72 12.36
N GLY Q 26 -45.94 -61.72 11.27
CA GLY Q 26 -45.87 -62.84 10.31
C GLY Q 26 -45.21 -64.05 10.96
N PRO Q 27 -45.19 -65.19 10.24
CA PRO Q 27 -44.48 -66.37 10.71
C PRO Q 27 -42.97 -66.13 10.84
N TRP Q 28 -42.36 -66.69 11.88
CA TRP Q 28 -40.89 -66.79 12.05
C TRP Q 28 -40.32 -65.43 12.43
N SER Q 29 -41.14 -64.57 12.98
CA SER Q 29 -40.65 -63.23 13.37
C SER Q 29 -40.47 -63.25 14.88
N ILE Q 30 -39.41 -62.62 15.40
CA ILE Q 30 -39.08 -62.58 16.85
C ILE Q 30 -39.39 -61.17 17.34
N VAL Q 31 -40.32 -61.03 18.27
CA VAL Q 31 -40.53 -59.74 18.98
C VAL Q 31 -39.85 -59.91 20.33
N GLY Q 32 -38.52 -59.80 20.36
CA GLY Q 32 -37.65 -59.96 21.55
C GLY Q 32 -38.15 -59.14 22.72
N ALA Q 33 -37.41 -59.15 23.82
CA ALA Q 33 -37.83 -58.53 25.11
C ALA Q 33 -37.95 -57.01 24.95
N GLU Q 34 -38.90 -56.41 25.66
CA GLU Q 34 -39.00 -54.94 25.87
C GLU Q 34 -39.14 -54.25 24.52
N VAL Q 35 -39.90 -54.89 23.64
CA VAL Q 35 -40.36 -54.28 22.38
C VAL Q 35 -41.80 -53.85 22.58
N GLU Q 36 -42.09 -52.60 22.32
CA GLU Q 36 -43.45 -52.01 22.36
C GLU Q 36 -43.90 -51.86 20.89
N ILE Q 37 -45.08 -52.34 20.52
CA ILE Q 37 -45.63 -52.14 19.14
C ILE Q 37 -47.03 -51.51 19.24
N GLY Q 38 -47.24 -50.41 18.50
CA GLY Q 38 -48.46 -49.60 18.53
C GLY Q 38 -49.54 -50.10 17.58
N GLU Q 39 -50.79 -49.73 17.90
CA GLU Q 39 -52.02 -49.92 17.09
C GLU Q 39 -51.69 -49.94 15.57
N GLY Q 40 -52.18 -50.94 14.83
CA GLY Q 40 -52.26 -50.92 13.37
C GLY Q 40 -51.01 -51.45 12.71
N THR Q 41 -49.91 -51.48 13.44
CA THR Q 41 -48.58 -51.88 12.91
C THR Q 41 -48.66 -53.34 12.47
N VAL Q 42 -47.92 -53.67 11.40
CA VAL Q 42 -47.79 -55.01 10.76
C VAL Q 42 -46.31 -55.33 10.72
N ILE Q 43 -45.85 -56.21 11.59
CA ILE Q 43 -44.58 -56.96 11.38
C ILE Q 43 -44.87 -58.06 10.36
N GLY Q 44 -43.94 -58.31 9.46
CA GLY Q 44 -44.05 -59.35 8.43
C GLY Q 44 -43.33 -60.63 8.85
N PRO Q 45 -43.18 -61.59 7.92
CA PRO Q 45 -42.46 -62.83 8.20
C PRO Q 45 -40.96 -62.58 8.39
N HIS Q 46 -40.24 -63.45 9.10
CA HIS Q 46 -38.76 -63.44 9.15
C HIS Q 46 -38.20 -62.09 9.65
N VAL Q 47 -38.92 -61.32 10.44
CA VAL Q 47 -38.41 -60.07 11.05
C VAL Q 47 -37.82 -60.39 12.43
N VAL Q 48 -36.82 -59.61 12.85
CA VAL Q 48 -36.18 -59.68 14.19
C VAL Q 48 -36.26 -58.30 14.84
N LEU Q 49 -36.98 -58.17 15.95
CA LEU Q 49 -37.02 -56.93 16.76
C LEU Q 49 -36.30 -57.24 18.07
N LYS Q 50 -35.30 -56.45 18.46
CA LYS Q 50 -34.69 -56.46 19.81
C LYS Q 50 -35.10 -55.13 20.43
N GLY Q 51 -35.02 -55.03 21.77
CA GLY Q 51 -35.34 -53.82 22.56
C GLY Q 51 -34.19 -53.41 23.48
N PRO Q 52 -34.35 -52.38 24.33
CA PRO Q 52 -35.61 -51.62 24.45
C PRO Q 52 -36.00 -50.78 23.23
N THR Q 53 -37.16 -51.03 22.63
CA THR Q 53 -37.63 -50.35 21.39
C THR Q 53 -39.12 -50.01 21.48
N LYS Q 54 -39.49 -48.74 21.32
CA LYS Q 54 -40.90 -48.31 21.08
C LYS Q 54 -41.12 -48.22 19.56
N ILE Q 55 -42.16 -48.85 19.03
CA ILE Q 55 -42.59 -48.72 17.60
C ILE Q 55 -44.04 -48.22 17.58
N GLY Q 56 -44.29 -47.09 16.94
CA GLY Q 56 -45.59 -46.40 17.00
C GLY Q 56 -46.68 -47.13 16.22
N LYS Q 57 -47.62 -46.35 15.66
CA LYS Q 57 -48.91 -46.83 15.08
C LYS Q 57 -48.73 -47.02 13.58
N HIS Q 58 -49.47 -47.95 12.97
CA HIS Q 58 -49.60 -48.11 11.49
C HIS Q 58 -48.25 -48.13 10.76
N ASN Q 59 -47.25 -48.88 11.24
CA ASN Q 59 -45.95 -49.00 10.54
C ASN Q 59 -45.98 -50.33 9.83
N ARG Q 60 -45.29 -50.49 8.69
CA ARG Q 60 -45.32 -51.75 7.87
C ARG Q 60 -43.81 -52.09 7.85
N ILE Q 61 -43.41 -53.26 8.40
CA ILE Q 61 -41.99 -53.72 8.53
C ILE Q 61 -41.87 -55.09 7.87
N TYR Q 62 -40.83 -55.27 7.08
CA TYR Q 62 -40.73 -56.29 6.01
C TYR Q 62 -39.68 -57.32 6.36
N GLN Q 63 -39.70 -58.41 5.59
CA GLN Q 63 -38.91 -59.64 5.87
C GLN Q 63 -37.43 -59.29 5.92
N PHE Q 64 -36.71 -59.87 6.88
CA PHE Q 64 -35.23 -59.92 6.91
C PHE Q 64 -34.63 -58.66 7.51
N SER Q 65 -35.52 -57.78 8.00
CA SER Q 65 -35.20 -56.57 8.81
C SER Q 65 -34.83 -56.95 10.24
N SER Q 66 -33.75 -56.34 10.72
CA SER Q 66 -33.18 -56.56 12.06
C SER Q 66 -33.20 -55.18 12.69
N VAL Q 67 -34.28 -54.91 13.39
CA VAL Q 67 -34.60 -53.58 13.98
C VAL Q 67 -34.44 -53.64 15.49
N GLY Q 68 -33.50 -52.90 16.05
CA GLY Q 68 -33.36 -52.74 17.51
C GLY Q 68 -32.10 -53.43 18.04
N GLU Q 69 -31.24 -53.89 17.16
CA GLU Q 69 -30.01 -54.63 17.51
C GLU Q 69 -28.98 -53.64 18.10
N ASP Q 70 -27.96 -54.15 18.79
CA ASP Q 70 -26.87 -53.31 19.36
C ASP Q 70 -26.04 -52.85 18.17
N THR Q 71 -25.35 -51.71 18.21
CA THR Q 71 -24.34 -51.50 17.14
C THR Q 71 -23.24 -52.51 17.43
N PRO Q 72 -22.46 -52.92 16.40
CA PRO Q 72 -21.16 -53.51 16.64
C PRO Q 72 -20.06 -52.51 16.98
N ASP Q 73 -20.21 -51.18 16.80
CA ASP Q 73 -19.09 -50.23 17.04
C ASP Q 73 -18.48 -50.54 18.40
N LEU Q 74 -17.18 -50.72 18.43
CA LEU Q 74 -16.41 -51.18 19.62
C LEU Q 74 -16.64 -50.24 20.83
N LYS Q 75 -16.80 -48.94 20.65
CA LYS Q 75 -17.43 -47.99 21.61
C LYS Q 75 -18.51 -48.66 22.45
N TYR Q 76 -19.57 -49.22 21.84
CA TYR Q 76 -20.77 -49.68 22.62
C TYR Q 76 -20.48 -51.01 23.31
N LYS Q 77 -20.66 -51.13 24.64
CA LYS Q 77 -20.35 -52.37 25.42
C LYS Q 77 -21.53 -52.73 26.35
N GLY Q 78 -22.76 -52.82 25.81
CA GLY Q 78 -23.97 -53.48 26.39
C GLY Q 78 -24.83 -52.58 27.28
N GLU Q 79 -24.56 -51.27 27.30
CA GLU Q 79 -25.26 -50.24 28.11
C GLU Q 79 -26.74 -50.24 27.69
N PRO Q 80 -27.70 -49.91 28.59
CA PRO Q 80 -29.12 -49.98 28.21
C PRO Q 80 -29.39 -48.79 27.28
N THR Q 81 -29.77 -49.00 26.03
CA THR Q 81 -30.02 -47.87 25.11
C THR Q 81 -31.27 -48.16 24.30
N ARG Q 82 -31.88 -47.14 23.69
CA ARG Q 82 -33.24 -47.28 23.14
C ARG Q 82 -33.24 -47.17 21.59
N LEU Q 83 -34.27 -47.73 20.96
CA LEU Q 83 -34.77 -47.34 19.62
C LEU Q 83 -36.22 -46.86 19.75
N VAL Q 84 -36.55 -45.76 19.06
CA VAL Q 84 -37.92 -45.16 19.01
C VAL Q 84 -38.28 -44.92 17.55
N ILE Q 85 -39.34 -45.55 17.11
CA ILE Q 85 -39.92 -45.33 15.77
C ILE Q 85 -41.31 -44.75 15.95
N GLY Q 86 -41.61 -43.73 15.18
CA GLY Q 86 -42.91 -43.07 15.19
C GLY Q 86 -43.99 -43.86 14.47
N ASP Q 87 -44.88 -43.11 13.82
CA ASP Q 87 -46.12 -43.62 13.18
C ASP Q 87 -45.95 -43.63 11.67
N HIS Q 88 -46.70 -44.50 10.98
CA HIS Q 88 -46.85 -44.50 9.50
C HIS Q 88 -45.50 -44.62 8.79
N ASN Q 89 -44.52 -45.33 9.36
CA ASN Q 89 -43.25 -45.59 8.63
C ASN Q 89 -43.40 -46.88 7.83
N VAL Q 90 -42.71 -46.92 6.71
CA VAL Q 90 -42.51 -48.18 5.95
C VAL Q 90 -41.04 -48.53 6.03
N ILE Q 91 -40.73 -49.67 6.64
CA ILE Q 91 -39.35 -50.22 6.67
C ILE Q 91 -39.29 -51.47 5.80
N ARG Q 92 -38.56 -51.43 4.69
CA ARG Q 92 -38.64 -52.46 3.64
C ARG Q 92 -37.71 -53.62 3.97
N GLU Q 93 -37.53 -54.47 2.99
CA GLU Q 93 -36.83 -55.75 3.19
C GLU Q 93 -35.37 -55.48 3.59
N GLY Q 94 -34.96 -56.03 4.72
CA GLY Q 94 -33.53 -56.24 5.02
C GLY Q 94 -32.91 -55.06 5.72
N VAL Q 95 -33.73 -54.12 6.12
CA VAL Q 95 -33.25 -52.90 6.81
C VAL Q 95 -32.61 -53.32 8.14
N THR Q 96 -31.54 -52.63 8.50
CA THR Q 96 -30.88 -52.72 9.83
C THR Q 96 -31.03 -51.38 10.54
N ILE Q 97 -31.74 -51.36 11.66
CA ILE Q 97 -31.78 -50.17 12.55
C ILE Q 97 -31.18 -50.60 13.88
N HIS Q 98 -30.19 -49.85 14.36
CA HIS Q 98 -29.49 -50.13 15.63
C HIS Q 98 -29.94 -49.10 16.64
N ARG Q 99 -29.95 -49.52 17.90
CA ARG Q 99 -30.21 -48.66 19.08
C ARG Q 99 -28.98 -47.82 19.45
N GLY Q 100 -29.20 -46.76 20.24
CA GLY Q 100 -28.20 -45.75 20.58
C GLY Q 100 -27.08 -46.27 21.45
N THR Q 101 -26.30 -45.31 21.96
CA THR Q 101 -25.03 -45.48 22.71
C THR Q 101 -24.97 -44.37 23.78
N VAL Q 102 -24.55 -44.62 25.03
CA VAL Q 102 -24.49 -43.53 26.07
C VAL Q 102 -23.57 -42.39 25.62
N GLN Q 103 -22.48 -42.70 24.94
CA GLN Q 103 -21.52 -41.72 24.40
C GLN Q 103 -22.34 -40.52 23.89
N ASP Q 104 -23.47 -40.69 23.18
CA ASP Q 104 -24.37 -39.59 22.66
C ASP Q 104 -25.53 -39.31 23.63
N ARG Q 105 -26.80 -39.46 23.22
CA ARG Q 105 -28.05 -39.27 24.01
C ARG Q 105 -28.77 -40.63 24.20
N ALA Q 106 -28.19 -41.78 23.86
CA ALA Q 106 -28.67 -43.13 24.26
C ALA Q 106 -29.93 -43.55 23.46
N GLU Q 107 -30.20 -42.90 22.32
CA GLU Q 107 -31.43 -43.18 21.53
C GLU Q 107 -31.15 -43.02 20.03
N THR Q 108 -31.57 -44.02 19.25
CA THR Q 108 -31.83 -43.94 17.79
C THR Q 108 -33.31 -43.60 17.63
N THR Q 109 -33.63 -42.52 16.95
CA THR Q 109 -35.00 -41.96 16.88
C THR Q 109 -35.47 -41.90 15.41
N ILE Q 110 -36.66 -42.43 15.14
CA ILE Q 110 -37.28 -42.31 13.78
C ILE Q 110 -38.66 -41.72 13.98
N GLY Q 111 -38.97 -40.67 13.23
CA GLY Q 111 -40.27 -40.00 13.31
C GLY Q 111 -41.34 -40.75 12.53
N ASP Q 112 -42.04 -40.01 11.66
CA ASP Q 112 -43.38 -40.31 11.10
C ASP Q 112 -43.34 -40.25 9.57
N HIS Q 113 -44.07 -41.16 8.91
CA HIS Q 113 -44.31 -41.21 7.44
C HIS Q 113 -42.97 -41.29 6.70
N ASN Q 114 -42.05 -42.07 7.20
CA ASN Q 114 -40.80 -42.26 6.46
C ASN Q 114 -40.95 -43.56 5.68
N LEU Q 115 -40.21 -43.60 4.58
CA LEU Q 115 -40.10 -44.75 3.68
C LEU Q 115 -38.62 -45.08 3.64
N ILE Q 116 -38.25 -46.16 4.31
CA ILE Q 116 -36.84 -46.62 4.38
C ILE Q 116 -36.74 -47.89 3.57
N MET Q 117 -36.25 -47.76 2.36
CA MET Q 117 -36.29 -48.89 1.42
C MET Q 117 -35.21 -49.92 1.76
N ALA Q 118 -35.16 -50.93 0.89
CA ALA Q 118 -34.51 -52.22 1.11
C ALA Q 118 -33.02 -52.08 1.44
N TYR Q 119 -32.60 -52.82 2.46
CA TYR Q 119 -31.18 -53.10 2.81
C TYR Q 119 -30.51 -51.81 3.30
N ALA Q 120 -31.29 -50.78 3.63
CA ALA Q 120 -30.79 -49.51 4.21
C ALA Q 120 -30.25 -49.80 5.60
N HIS Q 121 -29.36 -48.96 6.12
CA HIS Q 121 -28.82 -49.05 7.49
C HIS Q 121 -29.00 -47.70 8.16
N ILE Q 122 -29.60 -47.73 9.33
CA ILE Q 122 -29.76 -46.55 10.20
C ILE Q 122 -28.96 -46.78 11.47
N GLY Q 123 -27.72 -46.31 11.44
CA GLY Q 123 -26.75 -46.54 12.50
C GLY Q 123 -27.20 -45.89 13.78
N HIS Q 124 -26.57 -46.30 14.89
CA HIS Q 124 -26.81 -45.78 16.27
C HIS Q 124 -26.89 -44.26 16.32
N ASP Q 125 -27.87 -43.75 17.05
CA ASP Q 125 -27.91 -42.36 17.56
C ASP Q 125 -28.44 -41.44 16.46
N SER Q 126 -28.72 -42.05 15.30
CA SER Q 126 -29.29 -41.38 14.12
C SER Q 126 -30.69 -40.89 14.50
N VAL Q 127 -31.07 -39.75 13.95
CA VAL Q 127 -32.38 -39.07 14.18
C VAL Q 127 -32.98 -38.74 12.81
N ILE Q 128 -34.02 -39.49 12.45
CA ILE Q 128 -34.81 -39.23 11.24
C ILE Q 128 -36.13 -38.56 11.66
N GLY Q 129 -36.48 -37.48 10.98
CA GLY Q 129 -37.71 -36.70 11.23
C GLY Q 129 -38.88 -37.31 10.50
N ASN Q 130 -39.51 -36.56 9.60
CA ASN Q 130 -40.77 -36.99 8.96
C ASN Q 130 -40.70 -36.90 7.44
N HIS Q 131 -41.46 -37.77 6.78
CA HIS Q 131 -41.71 -37.73 5.32
C HIS Q 131 -40.40 -37.90 4.54
N CYS Q 132 -39.37 -38.48 5.16
CA CYS Q 132 -38.07 -38.76 4.51
C CYS Q 132 -38.16 -40.03 3.69
N ILE Q 133 -37.39 -40.07 2.61
CA ILE Q 133 -37.23 -41.27 1.78
C ILE Q 133 -35.75 -41.61 1.75
N LEU Q 134 -35.38 -42.73 2.37
CA LEU Q 134 -34.04 -43.36 2.27
C LEU Q 134 -34.21 -44.52 1.31
N VAL Q 135 -33.62 -44.37 0.13
CA VAL Q 135 -33.73 -45.39 -0.94
C VAL Q 135 -32.76 -46.53 -0.62
N ASN Q 136 -32.95 -47.69 -1.27
CA ASN Q 136 -32.19 -48.95 -1.15
C ASN Q 136 -30.74 -48.66 -0.75
N ASN Q 137 -30.27 -49.29 0.35
CA ASN Q 137 -28.84 -49.41 0.76
C ASN Q 137 -28.24 -48.07 1.15
N THR Q 138 -29.07 -47.08 1.40
CA THR Q 138 -28.68 -45.84 2.09
C THR Q 138 -28.19 -46.24 3.47
N ALA Q 139 -27.00 -45.83 3.82
CA ALA Q 139 -26.38 -46.15 5.12
C ALA Q 139 -26.03 -44.88 5.88
N LEU Q 140 -26.55 -44.75 7.10
CA LEU Q 140 -26.16 -43.66 8.01
C LEU Q 140 -25.20 -44.24 9.05
N ALA Q 141 -23.94 -43.84 9.01
CA ALA Q 141 -22.87 -44.48 9.81
C ALA Q 141 -23.24 -44.50 11.28
N GLY Q 142 -23.84 -43.41 11.73
CA GLY Q 142 -24.27 -43.19 13.13
C GLY Q 142 -24.28 -41.70 13.49
N HIS Q 143 -25.19 -41.30 14.37
CA HIS Q 143 -25.33 -39.92 14.86
C HIS Q 143 -25.71 -39.03 13.69
N VAL Q 144 -26.37 -39.57 12.68
CA VAL Q 144 -26.83 -38.73 11.56
C VAL Q 144 -28.22 -38.19 11.84
N HIS Q 145 -28.41 -36.90 11.59
CA HIS Q 145 -29.74 -36.24 11.72
C HIS Q 145 -30.23 -35.96 10.32
N VAL Q 146 -31.32 -36.63 9.93
CA VAL Q 146 -32.03 -36.38 8.65
C VAL Q 146 -33.31 -35.64 8.95
N ASP Q 147 -33.49 -34.45 8.39
CA ASP Q 147 -34.59 -33.54 8.77
C ASP Q 147 -35.72 -33.70 7.73
N ASP Q 148 -36.89 -33.11 7.97
CA ASP Q 148 -38.18 -33.43 7.28
C ASP Q 148 -38.03 -33.42 5.75
N TRP Q 149 -38.59 -34.40 5.02
CA TRP Q 149 -38.71 -34.36 3.53
C TRP Q 149 -37.36 -34.60 2.80
N ALA Q 150 -36.32 -34.97 3.55
CA ALA Q 150 -35.06 -35.32 2.86
C ALA Q 150 -35.29 -36.57 2.03
N ILE Q 151 -34.70 -36.59 0.86
CA ILE Q 151 -34.65 -37.78 0.00
C ILE Q 151 -33.20 -38.19 -0.25
N LEU Q 152 -32.80 -39.39 0.17
CA LEU Q 152 -31.45 -39.96 -0.07
C LEU Q 152 -31.56 -41.10 -1.10
N SER Q 153 -31.01 -40.86 -2.30
CA SER Q 153 -31.07 -41.79 -3.45
C SER Q 153 -30.30 -43.06 -3.09
N GLY Q 154 -30.52 -44.13 -3.86
CA GLY Q 154 -29.96 -45.46 -3.53
C GLY Q 154 -28.49 -45.35 -3.18
N TYR Q 155 -28.03 -46.13 -2.18
CA TYR Q 155 -26.57 -46.37 -1.93
C TYR Q 155 -25.90 -45.05 -1.54
N THR Q 156 -26.64 -44.20 -0.85
CA THR Q 156 -26.12 -42.96 -0.26
C THR Q 156 -25.45 -43.29 1.06
N LEU Q 157 -24.19 -42.97 1.23
CA LEU Q 157 -23.47 -43.24 2.50
C LEU Q 157 -23.28 -41.91 3.20
N VAL Q 158 -23.50 -41.89 4.50
CA VAL Q 158 -23.46 -40.63 5.28
C VAL Q 158 -22.51 -40.84 6.45
N HIS Q 159 -21.46 -40.02 6.53
CA HIS Q 159 -20.38 -40.14 7.53
C HIS Q 159 -20.97 -39.89 8.93
N GLN Q 160 -20.41 -40.47 10.01
CA GLN Q 160 -20.86 -40.21 11.41
C GLN Q 160 -21.10 -38.69 11.54
N TYR Q 161 -22.12 -38.23 12.30
CA TYR Q 161 -22.37 -36.84 12.78
C TYR Q 161 -22.88 -35.86 11.70
N CYS Q 162 -23.10 -36.25 10.46
CA CYS Q 162 -23.61 -35.30 9.45
C CYS Q 162 -25.08 -34.97 9.70
N ARG Q 163 -25.48 -33.73 9.38
CA ARG Q 163 -26.90 -33.28 9.34
C ARG Q 163 -27.31 -33.18 7.87
N ILE Q 164 -28.28 -33.97 7.44
CA ILE Q 164 -28.92 -33.88 6.10
C ILE Q 164 -30.11 -32.91 6.25
N GLY Q 165 -30.05 -31.71 5.67
CA GLY Q 165 -31.10 -30.67 5.78
C GLY Q 165 -32.47 -31.09 5.20
N ALA Q 166 -33.52 -30.54 5.78
CA ALA Q 166 -34.89 -30.56 5.24
C ALA Q 166 -34.93 -30.40 3.71
N HIS Q 167 -35.74 -31.20 3.02
CA HIS Q 167 -35.97 -31.16 1.55
C HIS Q 167 -34.69 -31.28 0.75
N SER Q 168 -33.58 -31.68 1.33
CA SER Q 168 -32.31 -31.89 0.61
C SER Q 168 -32.34 -33.22 -0.14
N PHE Q 169 -31.39 -33.44 -1.03
CA PHE Q 169 -31.42 -34.57 -1.98
C PHE Q 169 -30.02 -35.03 -2.27
N SER Q 170 -29.75 -36.31 -2.02
CA SER Q 170 -28.51 -36.99 -2.47
C SER Q 170 -28.87 -37.76 -3.74
N GLY Q 171 -27.97 -37.71 -4.71
CA GLY Q 171 -28.05 -38.57 -5.90
C GLY Q 171 -27.47 -39.92 -5.62
N MET Q 172 -27.64 -40.89 -6.51
CA MET Q 172 -27.35 -42.28 -6.16
C MET Q 172 -25.84 -42.46 -6.07
N GLY Q 173 -25.48 -43.23 -5.06
CA GLY Q 173 -24.07 -43.48 -4.75
C GLY Q 173 -23.38 -42.27 -4.17
N SER Q 174 -24.07 -41.20 -3.80
CA SER Q 174 -23.43 -40.10 -3.06
C SER Q 174 -22.72 -40.65 -1.81
N ALA Q 175 -21.54 -40.10 -1.54
CA ALA Q 175 -20.71 -40.34 -0.34
C ALA Q 175 -20.67 -39.04 0.46
N ILE Q 176 -21.51 -38.89 1.44
CA ILE Q 176 -21.62 -37.58 2.11
C ILE Q 176 -20.72 -37.49 3.31
N GLY Q 177 -19.89 -36.46 3.36
CA GLY Q 177 -18.85 -36.26 4.38
C GLY Q 177 -19.15 -35.12 5.35
N LYS Q 178 -19.87 -34.12 4.91
CA LYS Q 178 -20.12 -32.89 5.68
C LYS Q 178 -21.62 -32.62 5.67
N ASP Q 179 -22.12 -31.65 6.41
CA ASP Q 179 -23.60 -31.43 6.44
C ASP Q 179 -24.08 -31.07 5.05
N VAL Q 180 -25.31 -31.47 4.74
CA VAL Q 180 -26.00 -31.01 3.52
C VAL Q 180 -27.01 -29.96 3.96
N PRO Q 181 -26.90 -28.71 3.51
CA PRO Q 181 -27.90 -27.72 3.89
C PRO Q 181 -29.27 -28.12 3.34
N ALA Q 182 -30.28 -27.51 3.91
CA ALA Q 182 -31.67 -27.74 3.50
C ALA Q 182 -31.82 -27.37 2.02
N TYR Q 183 -32.74 -28.06 1.34
CA TYR Q 183 -33.02 -27.97 -0.11
C TYR Q 183 -31.81 -28.32 -0.99
N VAL Q 184 -30.57 -28.44 -0.49
CA VAL Q 184 -29.42 -28.57 -1.43
C VAL Q 184 -29.48 -29.96 -2.08
N THR Q 185 -29.11 -30.08 -3.36
CA THR Q 185 -28.85 -31.40 -4.01
C THR Q 185 -27.35 -31.65 -4.03
N VAL Q 186 -26.97 -32.87 -3.69
CA VAL Q 186 -25.55 -33.27 -3.73
C VAL Q 186 -25.44 -34.61 -4.42
N PHE Q 187 -24.26 -34.85 -4.98
CA PHE Q 187 -23.94 -35.94 -5.94
C PHE Q 187 -22.48 -36.27 -5.78
N GLY Q 188 -22.12 -37.55 -5.87
CA GLY Q 188 -20.73 -37.98 -6.14
C GLY Q 188 -20.03 -38.50 -4.91
N ASN Q 189 -18.77 -38.90 -5.11
CA ASN Q 189 -17.88 -39.40 -4.03
C ASN Q 189 -16.55 -38.67 -4.13
N PRO Q 190 -16.21 -37.68 -3.31
CA PRO Q 190 -17.13 -37.14 -2.29
C PRO Q 190 -18.27 -36.28 -2.86
N ALA Q 191 -19.40 -36.28 -2.15
CA ALA Q 191 -20.57 -35.45 -2.50
C ALA Q 191 -20.15 -34.00 -2.75
N GLU Q 192 -20.62 -33.38 -3.83
CA GLU Q 192 -20.57 -31.90 -3.95
C GLU Q 192 -21.97 -31.39 -4.24
N ALA Q 193 -22.23 -30.19 -3.77
CA ALA Q 193 -23.48 -29.45 -4.00
C ALA Q 193 -23.58 -29.15 -5.49
N ARG Q 194 -24.75 -29.27 -6.08
CA ARG Q 194 -24.92 -28.94 -7.50
C ARG Q 194 -25.93 -27.80 -7.65
N SER Q 195 -27.09 -27.95 -7.02
CA SER Q 195 -28.25 -27.03 -7.07
C SER Q 195 -29.15 -27.20 -5.84
N MET Q 196 -30.42 -26.88 -5.97
CA MET Q 196 -31.45 -26.99 -4.93
C MET Q 196 -32.54 -27.88 -5.48
N ASN Q 197 -33.31 -28.49 -4.59
CA ASN Q 197 -34.40 -29.44 -4.89
C ASN Q 197 -35.67 -28.67 -5.21
N PHE Q 198 -35.64 -27.95 -6.30
CA PHE Q 198 -36.81 -27.25 -6.83
C PHE Q 198 -37.98 -28.22 -6.92
N GLU Q 199 -37.77 -29.47 -7.35
CA GLU Q 199 -38.93 -30.42 -7.45
C GLU Q 199 -39.63 -30.47 -6.09
N GLY Q 200 -38.89 -30.63 -5.00
CA GLY Q 200 -39.50 -30.84 -3.67
C GLY Q 200 -40.20 -29.59 -3.19
N MET Q 201 -39.68 -28.44 -3.60
CA MET Q 201 -40.26 -27.10 -3.33
C MET Q 201 -41.64 -27.04 -4.01
N ARG Q 202 -41.73 -27.58 -5.23
CA ARG Q 202 -43.01 -27.64 -5.98
C ARG Q 202 -44.01 -28.55 -5.26
N ARG Q 203 -43.60 -29.78 -4.91
CA ARG Q 203 -44.50 -30.76 -4.25
CA ARG Q 203 -44.46 -30.79 -4.21
C ARG Q 203 -45.00 -30.12 -2.93
N ARG Q 204 -44.15 -29.46 -2.18
CA ARG Q 204 -44.57 -28.76 -0.92
C ARG Q 204 -45.44 -27.54 -1.26
N GLY Q 205 -45.59 -27.18 -2.54
CA GLY Q 205 -46.40 -26.01 -2.95
C GLY Q 205 -45.91 -24.72 -2.34
N PHE Q 206 -44.62 -24.42 -2.51
CA PHE Q 206 -43.94 -23.16 -2.11
C PHE Q 206 -44.30 -22.07 -3.12
N SER Q 207 -44.39 -20.85 -2.63
CA SER Q 207 -44.61 -19.64 -3.47
C SER Q 207 -43.54 -19.60 -4.56
N SER Q 208 -43.88 -19.06 -5.71
CA SER Q 208 -42.88 -18.90 -6.78
C SER Q 208 -41.79 -17.88 -6.32
N GLU Q 209 -42.09 -16.95 -5.39
CA GLU Q 209 -41.13 -15.91 -4.89
C GLU Q 209 -40.14 -16.62 -3.97
N ALA Q 210 -40.60 -17.57 -3.16
CA ALA Q 210 -39.73 -18.33 -2.24
C ALA Q 210 -38.76 -19.20 -3.02
N ILE Q 211 -39.21 -19.82 -4.11
CA ILE Q 211 -38.37 -20.71 -4.96
C ILE Q 211 -37.22 -19.88 -5.54
N HIS Q 212 -37.57 -18.75 -6.15
CA HIS Q 212 -36.57 -17.76 -6.59
C HIS Q 212 -35.61 -17.40 -5.44
N ALA Q 213 -36.07 -17.25 -4.21
CA ALA Q 213 -35.26 -16.63 -3.15
C ALA Q 213 -34.22 -17.66 -2.72
N LEU Q 214 -34.64 -18.94 -2.78
CA LEU Q 214 -33.80 -20.06 -2.36
C LEU Q 214 -32.80 -20.24 -3.47
N ARG Q 215 -33.16 -19.90 -4.70
CA ARG Q 215 -32.17 -20.04 -5.76
C ARG Q 215 -31.13 -18.95 -5.55
N ARG Q 216 -31.54 -17.69 -5.32
CA ARG Q 216 -30.61 -16.58 -4.98
C ARG Q 216 -29.77 -17.00 -3.79
N ALA Q 217 -30.32 -17.76 -2.85
CA ALA Q 217 -29.60 -18.10 -1.61
C ALA Q 217 -28.49 -19.08 -1.91
N TYR Q 218 -28.75 -20.03 -2.82
CA TYR Q 218 -27.74 -21.01 -3.24
C TYR Q 218 -26.58 -20.25 -3.88
N LYS Q 219 -26.88 -19.38 -4.84
CA LYS Q 219 -25.86 -18.53 -5.50
C LYS Q 219 -25.00 -17.83 -4.43
N VAL Q 220 -25.54 -17.41 -3.29
CA VAL Q 220 -24.77 -16.60 -2.32
C VAL Q 220 -23.69 -17.50 -1.66
N VAL Q 221 -24.16 -18.58 -1.08
CA VAL Q 221 -23.33 -19.61 -0.41
C VAL Q 221 -22.30 -20.23 -1.35
N TYR Q 222 -22.65 -20.59 -2.58
CA TYR Q 222 -21.88 -21.57 -3.40
C TYR Q 222 -21.27 -20.93 -4.66
N ARG Q 223 -21.86 -19.90 -5.26
CA ARG Q 223 -21.61 -19.59 -6.69
C ARG Q 223 -21.06 -18.15 -6.73
N GLN Q 224 -20.54 -17.55 -5.65
CA GLN Q 224 -20.23 -16.09 -5.59
C GLN Q 224 -19.00 -15.73 -4.72
N GLY Q 225 -18.09 -16.64 -4.43
CA GLY Q 225 -16.82 -16.31 -3.76
C GLY Q 225 -16.89 -16.21 -2.26
N HIS Q 226 -18.08 -16.09 -1.68
CA HIS Q 226 -18.23 -15.75 -0.25
C HIS Q 226 -17.63 -16.86 0.63
N THR Q 227 -16.97 -16.53 1.72
CA THR Q 227 -16.77 -17.51 2.82
C THR Q 227 -18.13 -17.90 3.33
N VAL Q 228 -18.23 -18.90 4.18
CA VAL Q 228 -19.52 -19.17 4.86
C VAL Q 228 -19.94 -17.98 5.74
N GLU Q 229 -19.09 -17.39 6.58
CA GLU Q 229 -19.45 -16.26 7.50
C GLU Q 229 -20.02 -15.14 6.61
N GLU Q 230 -19.37 -14.82 5.49
CA GLU Q 230 -19.85 -13.75 4.56
C GLU Q 230 -21.22 -14.13 3.99
N ALA Q 231 -21.37 -15.35 3.53
CA ALA Q 231 -22.67 -15.87 3.03
C ALA Q 231 -23.77 -15.64 4.06
N LEU Q 232 -23.62 -16.21 5.27
CA LEU Q 232 -24.68 -16.12 6.30
C LEU Q 232 -25.14 -14.68 6.52
N ALA Q 233 -24.16 -13.78 6.47
CA ALA Q 233 -24.36 -12.33 6.64
C ALA Q 233 -25.28 -11.84 5.51
N GLU Q 234 -24.92 -12.11 4.24
CA GLU Q 234 -25.72 -11.73 3.05
C GLU Q 234 -27.13 -12.33 3.18
N LEU Q 235 -27.27 -13.55 3.70
CA LEU Q 235 -28.57 -14.23 3.81
C LEU Q 235 -29.53 -13.54 4.82
N ALA Q 236 -29.03 -12.71 5.73
CA ALA Q 236 -29.84 -12.16 6.83
C ALA Q 236 -31.19 -11.61 6.35
N GLU Q 237 -31.15 -10.70 5.37
CA GLU Q 237 -32.30 -10.08 4.66
C GLU Q 237 -33.22 -11.17 4.11
N SER Q 238 -32.73 -12.04 3.22
CA SER Q 238 -33.52 -13.07 2.50
C SER Q 238 -34.21 -13.94 3.58
N ALA Q 239 -33.53 -14.21 4.69
CA ALA Q 239 -34.00 -15.13 5.75
C ALA Q 239 -35.08 -14.48 6.58
N ALA Q 240 -35.10 -13.17 6.71
CA ALA Q 240 -36.13 -12.44 7.46
C ALA Q 240 -37.41 -12.34 6.62
N GLN Q 241 -37.27 -12.50 5.33
CA GLN Q 241 -38.34 -12.19 4.36
C GLN Q 241 -39.12 -13.46 4.09
N PHE Q 242 -38.42 -14.59 4.17
CA PHE Q 242 -38.79 -15.92 3.64
C PHE Q 242 -38.50 -16.98 4.70
N PRO Q 243 -39.52 -17.54 5.40
CA PRO Q 243 -39.26 -18.58 6.39
C PRO Q 243 -38.51 -19.76 5.76
N GLU Q 244 -38.73 -20.01 4.46
CA GLU Q 244 -38.06 -21.08 3.68
C GLU Q 244 -36.55 -20.81 3.62
N VAL Q 245 -36.14 -19.57 3.43
CA VAL Q 245 -34.69 -19.22 3.33
C VAL Q 245 -34.07 -19.33 4.73
N ALA Q 246 -34.84 -18.98 5.73
CA ALA Q 246 -34.44 -19.09 7.15
C ALA Q 246 -34.12 -20.54 7.50
N VAL Q 247 -34.91 -21.50 7.02
CA VAL Q 247 -34.64 -22.96 7.22
C VAL Q 247 -33.22 -23.26 6.68
N PHE Q 248 -32.94 -22.70 5.49
CA PHE Q 248 -31.65 -22.83 4.78
C PHE Q 248 -30.54 -22.17 5.58
N ARG Q 249 -30.71 -20.89 5.97
CA ARG Q 249 -29.64 -20.15 6.68
C ARG Q 249 -29.29 -20.98 7.92
N ASP Q 250 -30.29 -21.36 8.73
CA ASP Q 250 -30.11 -22.11 10.00
C ASP Q 250 -29.34 -23.45 9.76
N SER Q 251 -29.71 -24.22 8.74
CA SER Q 251 -28.99 -25.47 8.44
C SER Q 251 -27.50 -25.18 8.28
N ILE Q 252 -27.14 -24.02 7.70
CA ILE Q 252 -25.72 -23.59 7.44
C ILE Q 252 -25.08 -23.06 8.74
N GLN Q 253 -25.76 -22.14 9.43
CA GLN Q 253 -25.38 -21.63 10.78
C GLN Q 253 -24.91 -22.80 11.63
N SER Q 254 -25.73 -23.86 11.69
CA SER Q 254 -25.67 -24.85 12.80
C SER Q 254 -24.67 -25.97 12.46
N ALA Q 255 -23.68 -25.71 11.63
CA ALA Q 255 -22.76 -26.74 11.09
C ALA Q 255 -21.34 -26.26 11.20
N THR Q 256 -21.14 -24.98 10.88
CA THR Q 256 -19.90 -24.19 11.10
C THR Q 256 -20.11 -23.46 12.43
N ARG Q 257 -19.38 -23.78 13.51
CA ARG Q 257 -19.19 -22.77 14.59
C ARG Q 257 -17.88 -22.04 14.31
N GLY Q 258 -16.85 -22.85 14.06
CA GLY Q 258 -15.54 -22.40 13.61
C GLY Q 258 -14.60 -22.28 14.79
N ILE Q 259 -13.37 -21.84 14.54
CA ILE Q 259 -12.36 -21.57 15.60
C ILE Q 259 -11.92 -20.09 15.55
N THR Q 260 -11.62 -19.52 16.70
CA THR Q 260 -10.96 -18.20 16.79
C THR Q 260 -9.76 -18.23 15.87
N ARG Q 261 -9.66 -17.23 14.98
CA ARG Q 261 -8.65 -17.02 13.91
C ARG Q 261 -7.67 -15.98 14.41
N SER R 5 -38.96 -85.75 0.43
CA SER R 5 -40.26 -85.19 -0.16
C SER R 5 -40.05 -83.71 -0.54
N LEU R 6 -40.35 -83.34 -1.78
CA LEU R 6 -39.77 -82.18 -2.54
C LEU R 6 -40.09 -80.82 -1.90
N ILE R 7 -41.38 -80.56 -1.63
CA ILE R 7 -41.88 -79.37 -0.88
C ILE R 7 -41.71 -79.62 0.62
N ASP R 8 -40.81 -78.89 1.27
CA ASP R 8 -40.65 -78.98 2.73
C ASP R 8 -42.00 -78.66 3.37
N PRO R 9 -42.50 -79.46 4.36
CA PRO R 9 -43.76 -79.16 5.03
C PRO R 9 -43.74 -77.88 5.88
N ARG R 10 -42.58 -77.37 6.30
CA ARG R 10 -42.49 -76.09 7.07
C ARG R 10 -42.57 -74.86 6.17
N ALA R 11 -42.62 -75.04 4.85
CA ALA R 11 -42.98 -73.98 3.89
C ALA R 11 -44.48 -73.74 3.97
N ILE R 12 -44.94 -72.64 3.38
CA ILE R 12 -46.36 -72.24 3.24
C ILE R 12 -46.62 -72.09 1.74
N ILE R 13 -47.63 -72.77 1.21
CA ILE R 13 -47.97 -72.73 -0.25
C ILE R 13 -49.42 -72.30 -0.47
N ASP R 14 -49.66 -71.03 -0.81
CA ASP R 14 -51.02 -70.49 -0.97
C ASP R 14 -51.79 -71.37 -1.95
N PRO R 15 -53.05 -71.76 -1.62
CA PRO R 15 -53.87 -72.59 -2.50
C PRO R 15 -53.94 -72.14 -3.97
N SER R 16 -53.77 -70.87 -4.32
CA SER R 16 -53.79 -70.41 -5.74
C SER R 16 -52.39 -70.49 -6.38
N ALA R 17 -51.34 -70.91 -5.67
CA ALA R 17 -50.04 -71.25 -6.29
C ALA R 17 -50.18 -72.46 -7.23
N ARG R 18 -49.62 -72.41 -8.44
CA ARG R 18 -49.51 -73.55 -9.42
C ARG R 18 -48.01 -73.93 -9.50
N LEU R 19 -47.64 -75.10 -8.97
CA LEU R 19 -46.28 -75.67 -8.95
C LEU R 19 -46.25 -76.94 -9.77
N ALA R 20 -45.35 -77.00 -10.76
CA ALA R 20 -44.99 -78.21 -11.52
C ALA R 20 -44.53 -79.30 -10.53
N ALA R 21 -44.74 -80.58 -10.90
CA ALA R 21 -44.72 -81.74 -9.98
C ALA R 21 -43.31 -81.91 -9.38
N ASP R 22 -42.22 -81.61 -10.12
CA ASP R 22 -40.84 -81.92 -9.63
C ASP R 22 -40.15 -80.66 -9.09
N VAL R 23 -40.90 -79.64 -8.71
CA VAL R 23 -40.37 -78.45 -7.97
C VAL R 23 -39.94 -78.83 -6.55
N GLN R 24 -38.75 -78.41 -6.14
CA GLN R 24 -38.34 -78.31 -4.71
C GLN R 24 -38.71 -76.92 -4.15
N VAL R 25 -39.09 -76.88 -2.87
CA VAL R 25 -39.19 -75.67 -2.04
C VAL R 25 -38.67 -76.07 -0.65
N GLY R 26 -37.84 -75.23 -0.06
CA GLY R 26 -37.17 -75.51 1.22
C GLY R 26 -38.03 -75.01 2.37
N PRO R 27 -37.56 -75.22 3.62
CA PRO R 27 -38.30 -74.79 4.80
C PRO R 27 -38.37 -73.28 4.94
N TRP R 28 -39.44 -72.81 5.57
CA TRP R 28 -39.71 -71.38 5.90
C TRP R 28 -39.76 -70.53 4.64
N SER R 29 -40.02 -71.12 3.48
CA SER R 29 -40.25 -70.29 2.28
C SER R 29 -41.77 -70.10 2.16
N ILE R 30 -42.19 -68.99 1.56
CA ILE R 30 -43.61 -68.63 1.28
C ILE R 30 -43.81 -68.55 -0.23
N VAL R 31 -44.88 -69.15 -0.73
CA VAL R 31 -45.26 -69.08 -2.16
C VAL R 31 -46.70 -68.55 -2.21
N GLY R 32 -46.84 -67.23 -2.20
CA GLY R 32 -48.11 -66.52 -2.00
C GLY R 32 -49.01 -66.69 -3.20
N ALA R 33 -50.21 -66.15 -3.11
CA ALA R 33 -51.23 -66.29 -4.17
C ALA R 33 -50.56 -65.92 -5.48
N GLU R 34 -51.06 -66.53 -6.57
CA GLU R 34 -50.84 -66.05 -7.95
C GLU R 34 -49.39 -66.36 -8.38
N VAL R 35 -48.67 -67.24 -7.70
CA VAL R 35 -47.28 -67.57 -8.11
C VAL R 35 -47.27 -68.93 -8.81
N GLU R 36 -46.77 -68.91 -10.01
CA GLU R 36 -46.72 -70.05 -10.92
C GLU R 36 -45.25 -70.42 -10.96
N ILE R 37 -44.88 -71.68 -10.74
CA ILE R 37 -43.46 -72.11 -10.85
C ILE R 37 -43.35 -73.29 -11.84
N GLY R 38 -42.36 -73.21 -12.72
CA GLY R 38 -42.04 -74.20 -13.79
C GLY R 38 -41.28 -75.42 -13.29
N GLU R 39 -41.27 -76.44 -14.15
CA GLU R 39 -40.56 -77.74 -13.99
C GLU R 39 -39.11 -77.52 -13.54
N GLY R 40 -38.68 -78.22 -12.49
CA GLY R 40 -37.27 -78.41 -12.06
C GLY R 40 -36.65 -77.21 -11.38
N THR R 41 -37.44 -76.18 -11.08
CA THR R 41 -37.00 -75.01 -10.28
C THR R 41 -36.83 -75.45 -8.81
N VAL R 42 -35.88 -74.86 -8.09
CA VAL R 42 -35.63 -75.13 -6.65
C VAL R 42 -35.77 -73.80 -5.91
N ILE R 43 -36.72 -73.67 -5.01
CA ILE R 43 -36.73 -72.57 -4.01
C ILE R 43 -35.91 -73.04 -2.80
N GLY R 44 -34.84 -72.34 -2.49
CA GLY R 44 -34.09 -72.57 -1.24
C GLY R 44 -35.01 -72.37 -0.05
N PRO R 45 -34.46 -72.42 1.17
CA PRO R 45 -35.20 -72.05 2.37
C PRO R 45 -35.29 -70.52 2.54
N HIS R 46 -36.12 -70.03 3.46
CA HIS R 46 -36.26 -68.58 3.77
C HIS R 46 -36.41 -67.71 2.52
N VAL R 47 -37.23 -68.08 1.56
CA VAL R 47 -37.48 -67.24 0.36
C VAL R 47 -38.90 -66.73 0.48
N VAL R 48 -39.20 -65.62 -0.17
CA VAL R 48 -40.58 -65.08 -0.26
C VAL R 48 -40.88 -64.88 -1.72
N LEU R 49 -41.92 -65.53 -2.23
CA LEU R 49 -42.47 -65.26 -3.58
C LEU R 49 -43.84 -64.60 -3.41
N LYS R 50 -44.07 -63.39 -3.95
CA LYS R 50 -45.42 -62.76 -4.07
C LYS R 50 -45.75 -62.65 -5.57
N GLY R 51 -47.03 -62.53 -5.92
CA GLY R 51 -47.51 -62.47 -7.32
C GLY R 51 -48.41 -61.29 -7.63
N PRO R 52 -49.06 -61.23 -8.81
CA PRO R 52 -48.90 -62.27 -9.85
C PRO R 52 -47.50 -62.43 -10.46
N THR R 53 -46.94 -63.64 -10.45
CA THR R 53 -45.54 -63.94 -10.87
C THR R 53 -45.48 -65.30 -11.59
N LYS R 54 -44.95 -65.36 -12.82
CA LYS R 54 -44.70 -66.61 -13.61
C LYS R 54 -43.18 -66.83 -13.54
N ILE R 55 -42.75 -67.89 -12.87
CA ILE R 55 -41.32 -68.28 -12.81
C ILE R 55 -41.14 -69.49 -13.71
N GLY R 56 -40.24 -69.43 -14.70
CA GLY R 56 -39.96 -70.52 -15.66
C GLY R 56 -39.38 -71.79 -15.05
N LYS R 57 -38.67 -72.55 -15.90
CA LYS R 57 -38.14 -73.92 -15.64
C LYS R 57 -36.67 -73.83 -15.21
N HIS R 58 -36.25 -74.67 -14.27
CA HIS R 58 -34.81 -74.93 -13.99
C HIS R 58 -34.13 -73.70 -13.36
N ASN R 59 -34.90 -72.89 -12.61
CA ASN R 59 -34.38 -71.70 -11.89
C ASN R 59 -33.99 -72.19 -10.50
N ARG R 60 -33.00 -71.55 -9.90
CA ARG R 60 -32.50 -71.88 -8.55
C ARG R 60 -32.63 -70.51 -7.88
N ILE R 61 -33.40 -70.37 -6.79
CA ILE R 61 -33.55 -69.09 -6.02
C ILE R 61 -33.07 -69.30 -4.59
N TYR R 62 -32.11 -68.52 -4.10
CA TYR R 62 -31.47 -68.76 -2.79
C TYR R 62 -32.22 -68.04 -1.67
N GLN R 63 -31.80 -68.36 -0.43
CA GLN R 63 -32.33 -67.85 0.87
C GLN R 63 -32.35 -66.31 0.90
N PHE R 64 -33.46 -65.71 1.38
CA PHE R 64 -33.57 -64.31 1.86
C PHE R 64 -33.90 -63.36 0.72
N SER R 65 -34.07 -63.95 -0.46
CA SER R 65 -34.61 -63.33 -1.67
C SER R 65 -36.09 -63.01 -1.44
N SER R 66 -36.54 -61.87 -1.95
CA SER R 66 -37.93 -61.41 -1.88
C SER R 66 -38.24 -61.08 -3.32
N VAL R 67 -38.86 -62.06 -4.00
CA VAL R 67 -39.21 -62.05 -5.45
C VAL R 67 -40.71 -61.84 -5.64
N GLY R 68 -41.07 -60.76 -6.32
CA GLY R 68 -42.45 -60.45 -6.72
C GLY R 68 -43.09 -59.42 -5.80
N GLU R 69 -42.33 -58.90 -4.85
CA GLU R 69 -42.80 -57.88 -3.89
C GLU R 69 -43.22 -56.65 -4.73
N ASP R 70 -44.18 -55.87 -4.22
CA ASP R 70 -44.55 -54.54 -4.79
C ASP R 70 -43.33 -53.62 -4.81
N THR R 71 -43.17 -52.72 -5.78
CA THR R 71 -42.24 -51.58 -5.55
C THR R 71 -42.80 -50.73 -4.44
N PRO R 72 -41.96 -50.05 -3.65
CA PRO R 72 -42.44 -49.02 -2.73
C PRO R 72 -42.45 -47.64 -3.36
N ASP R 73 -41.97 -47.45 -4.60
CA ASP R 73 -41.91 -46.10 -5.28
C ASP R 73 -43.36 -45.60 -5.25
N LEU R 74 -43.62 -44.37 -4.85
CA LEU R 74 -44.95 -43.98 -4.29
C LEU R 74 -45.99 -43.91 -5.41
N LYS R 75 -45.59 -43.45 -6.60
CA LYS R 75 -46.11 -43.74 -7.97
C LYS R 75 -46.96 -45.03 -8.02
N TYR R 76 -46.57 -46.12 -7.36
CA TYR R 76 -47.33 -47.39 -7.43
C TYR R 76 -48.47 -47.34 -6.41
N LYS R 77 -49.73 -47.30 -6.84
CA LYS R 77 -50.89 -47.27 -5.91
C LYS R 77 -51.66 -48.62 -5.98
N GLY R 78 -50.98 -49.75 -5.73
CA GLY R 78 -51.60 -51.06 -5.43
C GLY R 78 -52.08 -51.86 -6.64
N GLU R 79 -51.90 -51.41 -7.88
CA GLU R 79 -52.60 -51.99 -9.09
C GLU R 79 -52.16 -53.44 -9.28
N PRO R 80 -52.82 -54.27 -10.14
CA PRO R 80 -52.43 -55.70 -10.30
C PRO R 80 -51.40 -55.78 -11.45
N THR R 81 -50.12 -55.90 -11.13
CA THR R 81 -48.98 -55.88 -12.10
C THR R 81 -48.18 -57.16 -11.96
N ARG R 82 -47.28 -57.47 -12.90
CA ARG R 82 -46.76 -58.87 -13.02
C ARG R 82 -45.24 -58.92 -12.88
N LEU R 83 -44.72 -60.08 -12.48
CA LEU R 83 -43.30 -60.45 -12.66
C LEU R 83 -43.22 -61.69 -13.53
N VAL R 84 -42.34 -61.69 -14.50
CA VAL R 84 -42.12 -62.88 -15.35
C VAL R 84 -40.63 -63.19 -15.38
N ILE R 85 -40.32 -64.43 -15.01
CA ILE R 85 -38.94 -64.96 -15.00
C ILE R 85 -38.92 -66.18 -15.89
N GLY R 86 -37.93 -66.22 -16.78
CA GLY R 86 -37.72 -67.30 -17.75
C GLY R 86 -37.12 -68.55 -17.10
N ASP R 87 -36.34 -69.27 -17.90
CA ASP R 87 -35.83 -70.61 -17.55
C ASP R 87 -34.32 -70.47 -17.32
N HIS R 88 -33.76 -71.40 -16.55
CA HIS R 88 -32.31 -71.64 -16.27
C HIS R 88 -31.69 -70.39 -15.64
N ASN R 89 -32.37 -69.63 -14.77
CA ASN R 89 -31.77 -68.44 -14.09
C ASN R 89 -31.28 -68.87 -12.71
N VAL R 90 -30.23 -68.22 -12.25
CA VAL R 90 -29.71 -68.39 -10.87
C VAL R 90 -29.87 -67.03 -10.18
N ILE R 91 -30.75 -67.00 -9.19
CA ILE R 91 -31.02 -65.83 -8.33
C ILE R 91 -30.45 -66.10 -6.94
N ARG R 92 -29.41 -65.38 -6.56
CA ARG R 92 -28.56 -65.71 -5.38
C ARG R 92 -29.17 -65.12 -4.11
N GLU R 93 -28.38 -65.02 -3.03
CA GLU R 93 -28.95 -64.83 -1.67
C GLU R 93 -29.33 -63.36 -1.45
N GLY R 94 -30.54 -63.10 -0.95
CA GLY R 94 -30.98 -61.74 -0.57
C GLY R 94 -31.44 -60.89 -1.76
N VAL R 95 -31.67 -61.46 -2.93
CA VAL R 95 -32.04 -60.66 -4.14
C VAL R 95 -33.45 -60.07 -3.95
N THR R 96 -33.68 -58.86 -4.42
CA THR R 96 -35.03 -58.27 -4.47
C THR R 96 -35.39 -58.07 -5.93
N ILE R 97 -36.56 -58.56 -6.33
CA ILE R 97 -37.15 -58.34 -7.68
C ILE R 97 -38.55 -57.83 -7.41
N HIS R 98 -38.90 -56.68 -7.95
CA HIS R 98 -40.25 -56.06 -7.76
C HIS R 98 -41.07 -56.19 -9.04
N ARG R 99 -42.37 -56.45 -8.86
CA ARG R 99 -43.32 -56.51 -9.97
C ARG R 99 -43.34 -55.13 -10.60
N GLY R 100 -43.95 -54.99 -11.77
CA GLY R 100 -44.05 -53.72 -12.50
C GLY R 100 -45.01 -52.70 -11.88
N THR R 101 -45.33 -51.69 -12.69
CA THR R 101 -46.21 -50.54 -12.41
C THR R 101 -46.99 -50.24 -13.69
N VAL R 102 -48.21 -49.70 -13.61
CA VAL R 102 -49.11 -49.52 -14.81
C VAL R 102 -48.62 -48.33 -15.63
N GLN R 103 -47.91 -47.42 -15.00
CA GLN R 103 -47.43 -46.20 -15.68
C GLN R 103 -46.49 -46.63 -16.82
N ASP R 104 -46.15 -47.91 -17.02
CA ASP R 104 -45.23 -48.37 -18.12
C ASP R 104 -45.85 -49.59 -18.82
N ARG R 105 -45.31 -50.81 -18.77
CA ARG R 105 -45.95 -51.99 -19.43
C ARG R 105 -46.49 -52.94 -18.35
N ALA R 106 -46.41 -52.59 -17.08
CA ALA R 106 -47.17 -53.32 -16.04
C ALA R 106 -46.57 -54.72 -15.81
N GLU R 107 -45.27 -54.87 -16.07
CA GLU R 107 -44.55 -56.16 -15.99
C GLU R 107 -43.06 -55.86 -15.78
N THR R 108 -42.44 -56.57 -14.83
CA THR R 108 -40.98 -56.78 -14.73
C THR R 108 -40.68 -58.11 -15.43
N THR R 109 -39.59 -58.20 -16.20
CA THR R 109 -39.35 -59.31 -17.13
C THR R 109 -37.88 -59.74 -17.01
N ILE R 110 -37.66 -61.01 -16.81
CA ILE R 110 -36.30 -61.62 -16.84
C ILE R 110 -36.36 -62.82 -17.78
N GLY R 111 -35.40 -62.91 -18.70
CA GLY R 111 -35.31 -63.96 -19.72
C GLY R 111 -34.69 -65.22 -19.13
N ASP R 112 -33.62 -65.70 -19.75
CA ASP R 112 -33.13 -67.08 -19.61
C ASP R 112 -31.64 -67.04 -19.28
N HIS R 113 -31.14 -67.94 -18.43
CA HIS R 113 -29.68 -68.20 -18.21
C HIS R 113 -28.98 -67.01 -17.54
N ASN R 114 -29.67 -66.32 -16.64
CA ASN R 114 -29.11 -65.12 -15.98
C ASN R 114 -28.55 -65.54 -14.64
N LEU R 115 -27.47 -64.89 -14.24
CA LEU R 115 -26.87 -65.03 -12.91
C LEU R 115 -27.10 -63.71 -12.19
N ILE R 116 -27.95 -63.70 -11.19
CA ILE R 116 -28.23 -62.45 -10.44
C ILE R 116 -27.73 -62.70 -9.03
N MET R 117 -26.62 -62.06 -8.66
CA MET R 117 -25.85 -62.45 -7.45
C MET R 117 -26.39 -61.68 -6.26
N ALA R 118 -25.95 -62.09 -5.08
CA ALA R 118 -26.43 -61.72 -3.74
C ALA R 118 -26.86 -60.25 -3.65
N TYR R 119 -27.99 -59.98 -3.01
CA TYR R 119 -28.43 -58.62 -2.58
C TYR R 119 -28.57 -57.71 -3.81
N ALA R 120 -28.53 -58.25 -5.03
CA ALA R 120 -28.81 -57.43 -6.22
C ALA R 120 -30.29 -57.02 -6.16
N HIS R 121 -30.66 -56.00 -6.90
CA HIS R 121 -32.03 -55.45 -6.83
C HIS R 121 -32.51 -55.17 -8.24
N ILE R 122 -33.72 -55.62 -8.56
CA ILE R 122 -34.30 -55.47 -9.93
C ILE R 122 -35.58 -54.67 -9.80
N GLY R 123 -35.49 -53.37 -10.07
CA GLY R 123 -36.62 -52.43 -9.92
C GLY R 123 -37.78 -52.72 -10.87
N HIS R 124 -38.96 -52.24 -10.46
CA HIS R 124 -40.23 -52.34 -11.21
C HIS R 124 -39.93 -52.08 -12.68
N ASP R 125 -40.46 -52.92 -13.56
CA ASP R 125 -40.52 -52.65 -15.01
C ASP R 125 -39.16 -52.90 -15.66
N SER R 126 -38.17 -53.35 -14.90
CA SER R 126 -36.86 -53.72 -15.48
C SER R 126 -37.05 -54.93 -16.39
N VAL R 127 -36.21 -55.02 -17.41
CA VAL R 127 -36.31 -56.02 -18.48
C VAL R 127 -34.90 -56.56 -18.75
N ILE R 128 -34.68 -57.83 -18.40
CA ILE R 128 -33.38 -58.47 -18.61
C ILE R 128 -33.57 -59.56 -19.66
N GLY R 129 -32.71 -59.55 -20.67
CA GLY R 129 -32.63 -60.63 -21.66
C GLY R 129 -32.05 -61.93 -21.11
N ASN R 130 -31.05 -62.45 -21.81
CA ASN R 130 -30.47 -63.78 -21.54
C ASN R 130 -28.96 -63.64 -21.33
N HIS R 131 -28.41 -64.56 -20.53
CA HIS R 131 -26.96 -64.75 -20.35
C HIS R 131 -26.39 -63.52 -19.64
N CYS R 132 -27.21 -62.76 -18.94
CA CYS R 132 -26.70 -61.59 -18.20
C CYS R 132 -26.15 -62.05 -16.87
N ILE R 133 -25.14 -61.33 -16.39
CA ILE R 133 -24.56 -61.51 -15.02
C ILE R 133 -24.67 -60.18 -14.29
N LEU R 134 -25.44 -60.14 -13.23
CA LEU R 134 -25.57 -58.99 -12.33
C LEU R 134 -24.84 -59.39 -11.05
N VAL R 135 -23.69 -58.79 -10.83
CA VAL R 135 -22.84 -59.16 -9.69
C VAL R 135 -23.43 -58.52 -8.45
N ASN R 136 -23.02 -59.00 -7.28
CA ASN R 136 -23.46 -58.56 -5.93
C ASN R 136 -23.88 -57.10 -5.94
N ASN R 137 -25.11 -56.83 -5.50
CA ASN R 137 -25.57 -55.48 -5.08
C ASN R 137 -25.76 -54.58 -6.30
N THR R 138 -25.72 -55.10 -7.51
CA THR R 138 -26.16 -54.34 -8.71
C THR R 138 -27.59 -53.92 -8.44
N ALA R 139 -27.93 -52.69 -8.77
CA ALA R 139 -29.27 -52.14 -8.46
C ALA R 139 -29.84 -51.46 -9.70
N LEU R 140 -30.91 -52.00 -10.24
CA LEU R 140 -31.62 -51.40 -11.40
C LEU R 140 -32.78 -50.60 -10.82
N ALA R 141 -32.73 -49.27 -10.88
CA ALA R 141 -33.64 -48.38 -10.12
C ALA R 141 -35.08 -48.57 -10.60
N GLY R 142 -35.22 -48.88 -11.88
CA GLY R 142 -36.52 -49.24 -12.45
C GLY R 142 -36.60 -48.91 -13.92
N HIS R 143 -37.44 -49.63 -14.66
CA HIS R 143 -37.58 -49.46 -16.12
C HIS R 143 -36.22 -49.59 -16.82
N VAL R 144 -35.31 -50.37 -16.25
CA VAL R 144 -33.97 -50.54 -16.85
C VAL R 144 -34.02 -51.74 -17.78
N HIS R 145 -33.41 -51.61 -18.95
CA HIS R 145 -33.37 -52.67 -19.98
C HIS R 145 -31.92 -53.14 -20.14
N VAL R 146 -31.64 -54.36 -19.70
CA VAL R 146 -30.31 -55.05 -19.82
C VAL R 146 -30.42 -56.10 -20.92
N ASP R 147 -29.72 -55.88 -22.02
CA ASP R 147 -29.91 -56.69 -23.24
C ASP R 147 -28.90 -57.85 -23.12
N ASP R 148 -28.95 -58.85 -24.00
CA ASP R 148 -28.27 -60.16 -23.79
C ASP R 148 -26.76 -60.01 -23.48
N TRP R 149 -26.25 -60.86 -22.57
CA TRP R 149 -24.82 -61.15 -22.35
C TRP R 149 -24.12 -60.04 -21.56
N ALA R 150 -24.86 -59.04 -21.07
CA ALA R 150 -24.25 -57.90 -20.33
C ALA R 150 -23.78 -58.40 -18.98
N ILE R 151 -22.75 -57.77 -18.50
CA ILE R 151 -22.19 -58.05 -17.17
C ILE R 151 -22.15 -56.74 -16.41
N LEU R 152 -22.79 -56.71 -15.26
CA LEU R 152 -22.74 -55.55 -14.35
C LEU R 152 -21.95 -55.96 -13.13
N SER R 153 -20.78 -55.34 -12.97
CA SER R 153 -19.83 -55.71 -11.90
C SER R 153 -20.51 -55.39 -10.56
N GLY R 154 -19.90 -55.79 -9.45
CA GLY R 154 -20.47 -55.57 -8.11
C GLY R 154 -20.87 -54.11 -7.87
N TYR R 155 -21.99 -53.89 -7.19
CA TYR R 155 -22.39 -52.54 -6.74
C TYR R 155 -22.54 -51.58 -7.94
N THR R 156 -22.92 -52.10 -9.11
CA THR R 156 -23.24 -51.23 -10.26
C THR R 156 -24.65 -50.67 -10.04
N LEU R 157 -24.79 -49.34 -10.00
CA LEU R 157 -26.12 -48.68 -9.84
C LEU R 157 -26.62 -48.19 -11.22
N VAL R 158 -27.90 -48.37 -11.55
CA VAL R 158 -28.42 -47.90 -12.86
C VAL R 158 -29.62 -46.99 -12.68
N HIS R 159 -29.56 -45.77 -13.24
CA HIS R 159 -30.64 -44.74 -13.10
C HIS R 159 -31.89 -45.27 -13.85
N GLN R 160 -33.09 -44.94 -13.35
CA GLN R 160 -34.43 -45.20 -13.97
C GLN R 160 -34.25 -45.11 -15.48
N TYR R 161 -34.78 -46.06 -16.23
CA TYR R 161 -34.99 -46.04 -17.70
C TYR R 161 -33.72 -46.24 -18.54
N CYS R 162 -32.53 -46.34 -18.00
CA CYS R 162 -31.31 -46.59 -18.83
C CYS R 162 -31.37 -47.94 -19.53
N ARG R 163 -30.79 -48.00 -20.73
CA ARG R 163 -30.58 -49.24 -21.52
C ARG R 163 -29.09 -49.65 -21.45
N ILE R 164 -28.85 -50.89 -21.03
CA ILE R 164 -27.51 -51.48 -20.93
C ILE R 164 -27.34 -52.35 -22.18
N GLY R 165 -26.51 -51.91 -23.13
CA GLY R 165 -26.36 -52.65 -24.41
C GLY R 165 -25.92 -54.06 -24.19
N ALA R 166 -26.22 -54.93 -25.13
CA ALA R 166 -25.71 -56.34 -25.16
C ALA R 166 -24.19 -56.38 -25.14
N HIS R 167 -23.62 -57.34 -24.42
CA HIS R 167 -22.16 -57.63 -24.33
C HIS R 167 -21.42 -56.49 -23.64
N SER R 168 -22.16 -55.58 -23.02
CA SER R 168 -21.54 -54.39 -22.39
C SER R 168 -21.09 -54.80 -20.99
N PHE R 169 -20.37 -53.90 -20.34
CA PHE R 169 -19.75 -54.19 -19.04
C PHE R 169 -19.58 -52.93 -18.22
N SER R 170 -20.02 -52.97 -16.99
CA SER R 170 -19.72 -51.93 -15.99
C SER R 170 -18.71 -52.53 -15.02
N GLY R 171 -17.69 -51.75 -14.71
CA GLY R 171 -16.79 -52.00 -13.57
C GLY R 171 -17.48 -51.81 -12.24
N MET R 172 -16.79 -52.15 -11.15
CA MET R 172 -17.45 -52.15 -9.86
C MET R 172 -17.65 -50.71 -9.41
N GLY R 173 -18.74 -50.53 -8.70
CA GLY R 173 -19.16 -49.24 -8.14
C GLY R 173 -19.55 -48.27 -9.24
N SER R 174 -19.60 -48.70 -10.49
CA SER R 174 -20.13 -47.88 -11.60
C SER R 174 -21.51 -47.30 -11.24
N ALA R 175 -21.73 -46.04 -11.51
CA ALA R 175 -23.04 -45.37 -11.33
C ALA R 175 -23.50 -44.90 -12.71
N ILE R 176 -24.42 -45.59 -13.36
CA ILE R 176 -24.75 -45.35 -14.79
C ILE R 176 -25.96 -44.42 -14.88
N GLY R 177 -25.81 -43.32 -15.58
CA GLY R 177 -26.91 -42.34 -15.68
C GLY R 177 -27.48 -42.34 -17.07
N LYS R 178 -26.84 -42.98 -18.00
CA LYS R 178 -27.17 -42.81 -19.43
C LYS R 178 -27.02 -44.17 -20.05
N ASP R 179 -27.48 -44.36 -21.27
CA ASP R 179 -27.44 -45.70 -21.88
C ASP R 179 -25.99 -46.16 -22.02
N VAL R 180 -25.79 -47.46 -21.94
CA VAL R 180 -24.48 -48.05 -22.25
C VAL R 180 -24.68 -48.72 -23.59
N PRO R 181 -23.97 -48.26 -24.63
CA PRO R 181 -24.06 -48.89 -25.93
C PRO R 181 -23.59 -50.33 -25.80
N ALA R 182 -24.04 -51.21 -26.71
CA ALA R 182 -23.60 -52.62 -26.80
C ALA R 182 -22.06 -52.66 -26.83
N TYR R 183 -21.46 -53.64 -26.16
CA TYR R 183 -20.00 -53.96 -26.19
C TYR R 183 -19.22 -52.98 -25.33
N VAL R 184 -19.78 -51.86 -24.91
CA VAL R 184 -18.93 -50.79 -24.34
C VAL R 184 -18.61 -51.16 -22.89
N THR R 185 -17.42 -50.82 -22.43
CA THR R 185 -17.07 -50.91 -20.98
C THR R 185 -17.21 -49.53 -20.31
N VAL R 186 -17.90 -49.44 -19.17
CA VAL R 186 -18.03 -48.18 -18.40
C VAL R 186 -17.53 -48.36 -16.95
N PHE R 187 -17.06 -47.26 -16.38
CA PHE R 187 -16.35 -47.22 -15.08
C PHE R 187 -16.68 -45.92 -14.39
N GLY R 188 -16.95 -46.01 -13.09
CA GLY R 188 -16.92 -44.89 -12.16
C GLY R 188 -18.25 -44.24 -11.97
N ASN R 189 -18.23 -43.13 -11.26
CA ASN R 189 -19.40 -42.39 -10.74
C ASN R 189 -19.18 -40.92 -11.00
N PRO R 190 -19.71 -40.33 -12.08
CA PRO R 190 -20.57 -41.08 -13.03
C PRO R 190 -19.79 -41.99 -13.99
N ALA R 191 -20.43 -43.06 -14.41
CA ALA R 191 -19.93 -44.03 -15.41
C ALA R 191 -19.43 -43.30 -16.66
N GLU R 192 -18.19 -43.55 -17.08
CA GLU R 192 -17.63 -43.05 -18.35
C GLU R 192 -17.20 -44.26 -19.22
N ALA R 193 -17.22 -44.13 -20.55
CA ALA R 193 -16.82 -45.20 -21.48
C ALA R 193 -15.29 -45.32 -21.45
N ARG R 194 -14.75 -46.49 -21.32
CA ARG R 194 -13.29 -46.69 -21.39
C ARG R 194 -12.93 -47.32 -22.72
N SER R 195 -13.63 -48.37 -23.12
CA SER R 195 -13.22 -49.26 -24.22
C SER R 195 -14.38 -50.16 -24.62
N MET R 196 -14.08 -51.26 -25.31
CA MET R 196 -15.10 -52.26 -25.64
C MET R 196 -14.70 -53.53 -24.91
N ASN R 197 -15.66 -54.41 -24.65
CA ASN R 197 -15.50 -55.64 -23.86
C ASN R 197 -14.94 -56.72 -24.79
N PHE R 198 -13.67 -56.60 -25.14
CA PHE R 198 -13.08 -57.54 -26.11
C PHE R 198 -13.16 -58.95 -25.51
N GLU R 199 -13.00 -59.10 -24.19
CA GLU R 199 -13.03 -60.44 -23.56
C GLU R 199 -14.30 -61.16 -24.01
N GLY R 200 -15.44 -60.49 -23.89
CA GLY R 200 -16.75 -61.10 -24.17
C GLY R 200 -16.89 -61.43 -25.63
N MET R 201 -16.25 -60.67 -26.51
CA MET R 201 -16.33 -60.94 -27.98
C MET R 201 -15.56 -62.25 -28.24
N ARG R 202 -14.39 -62.46 -27.58
CA ARG R 202 -13.57 -63.70 -27.71
C ARG R 202 -14.45 -64.89 -27.31
N ARG R 203 -14.99 -64.80 -26.09
CA ARG R 203 -15.94 -65.78 -25.50
C ARG R 203 -17.09 -66.08 -26.46
N ARG R 204 -17.66 -65.14 -27.21
CA ARG R 204 -18.81 -65.49 -28.11
C ARG R 204 -18.27 -65.83 -29.51
N GLY R 205 -16.97 -66.14 -29.60
CA GLY R 205 -16.24 -66.51 -30.83
C GLY R 205 -16.41 -65.53 -31.97
N PHE R 206 -16.40 -64.21 -31.71
CA PHE R 206 -16.57 -63.18 -32.74
C PHE R 206 -15.44 -63.34 -33.72
N SER R 207 -15.78 -63.33 -34.99
CA SER R 207 -14.80 -63.09 -36.06
C SER R 207 -13.73 -62.12 -35.54
N SER R 208 -12.51 -62.31 -35.94
CA SER R 208 -11.42 -61.37 -35.59
C SER R 208 -11.53 -60.04 -36.38
N GLU R 209 -12.17 -60.04 -37.57
CA GLU R 209 -12.39 -58.82 -38.40
C GLU R 209 -13.50 -58.01 -37.75
N ALA R 210 -14.47 -58.70 -37.15
CA ALA R 210 -15.60 -58.13 -36.37
C ALA R 210 -15.07 -57.37 -35.14
N ILE R 211 -14.06 -57.96 -34.49
CA ILE R 211 -13.44 -57.37 -33.28
C ILE R 211 -12.77 -56.06 -33.73
N HIS R 212 -11.91 -56.11 -34.72
CA HIS R 212 -11.32 -54.86 -35.25
C HIS R 212 -12.42 -53.81 -35.50
N ALA R 213 -13.46 -54.15 -36.25
CA ALA R 213 -14.47 -53.21 -36.78
C ALA R 213 -15.22 -52.51 -35.64
N LEU R 214 -15.37 -53.25 -34.54
CA LEU R 214 -16.03 -52.75 -33.33
C LEU R 214 -15.09 -51.79 -32.60
N ARG R 215 -13.78 -52.06 -32.63
CA ARG R 215 -12.80 -51.10 -32.10
C ARG R 215 -12.85 -49.80 -32.90
N ARG R 216 -12.86 -49.89 -34.23
CA ARG R 216 -12.90 -48.67 -35.07
C ARG R 216 -14.20 -48.00 -34.78
N ALA R 217 -15.24 -48.73 -34.44
CA ALA R 217 -16.55 -48.09 -34.18
C ALA R 217 -16.48 -47.30 -32.86
N TYR R 218 -15.87 -47.86 -31.85
CA TYR R 218 -15.72 -47.14 -30.57
C TYR R 218 -14.97 -45.84 -30.88
N LYS R 219 -13.90 -45.95 -31.65
CA LYS R 219 -13.02 -44.78 -31.92
C LYS R 219 -13.92 -43.71 -32.56
N VAL R 220 -14.81 -44.09 -33.45
CA VAL R 220 -15.68 -43.16 -34.21
C VAL R 220 -16.63 -42.42 -33.27
N VAL R 221 -17.24 -43.12 -32.34
CA VAL R 221 -18.19 -42.47 -31.39
C VAL R 221 -17.39 -41.69 -30.33
N TYR R 222 -16.25 -42.19 -29.90
CA TYR R 222 -15.81 -41.79 -28.52
C TYR R 222 -14.57 -40.91 -28.62
N ARG R 223 -13.77 -41.03 -29.68
CA ARG R 223 -12.34 -40.71 -29.69
C ARG R 223 -12.03 -39.83 -30.93
N GLN R 224 -13.00 -39.21 -31.60
CA GLN R 224 -12.75 -38.54 -32.92
C GLN R 224 -13.46 -37.17 -33.03
N GLY R 225 -13.95 -36.69 -31.88
CA GLY R 225 -14.72 -35.44 -31.75
C GLY R 225 -15.99 -35.42 -32.56
N HIS R 226 -16.53 -36.52 -33.06
CA HIS R 226 -17.84 -36.48 -33.75
C HIS R 226 -18.95 -36.28 -32.71
N THR R 227 -20.05 -35.67 -33.11
CA THR R 227 -21.31 -35.65 -32.34
C THR R 227 -21.95 -37.01 -32.60
N VAL R 228 -22.83 -37.41 -31.72
CA VAL R 228 -23.59 -38.68 -31.89
C VAL R 228 -24.20 -38.76 -33.30
N GLU R 229 -24.74 -37.68 -33.89
CA GLU R 229 -25.42 -37.77 -35.21
C GLU R 229 -24.36 -38.11 -36.26
N GLU R 230 -23.28 -37.35 -36.27
CA GLU R 230 -22.12 -37.54 -37.18
C GLU R 230 -21.52 -38.98 -37.07
N ALA R 231 -21.48 -39.57 -35.88
CA ALA R 231 -20.97 -40.94 -35.66
C ALA R 231 -21.91 -41.95 -36.30
N LEU R 232 -23.18 -41.84 -35.95
CA LEU R 232 -24.21 -42.77 -36.47
C LEU R 232 -24.09 -42.80 -37.99
N ALA R 233 -23.82 -41.62 -38.54
CA ALA R 233 -23.71 -41.49 -40.00
C ALA R 233 -22.43 -42.20 -40.45
N GLU R 234 -21.31 -42.05 -39.75
CA GLU R 234 -19.99 -42.63 -40.14
C GLU R 234 -20.09 -44.17 -40.05
N LEU R 235 -20.75 -44.66 -38.99
CA LEU R 235 -20.98 -46.09 -38.70
C LEU R 235 -21.82 -46.79 -39.79
N ALA R 236 -22.61 -46.05 -40.59
CA ALA R 236 -23.51 -46.63 -41.62
C ALA R 236 -22.84 -47.80 -42.33
N GLU R 237 -21.61 -47.60 -42.81
CA GLU R 237 -20.95 -48.56 -43.74
C GLU R 237 -20.60 -49.85 -42.97
N SER R 238 -19.82 -49.69 -41.91
CA SER R 238 -19.35 -50.71 -40.95
C SER R 238 -20.56 -51.52 -40.46
N ALA R 239 -21.67 -50.86 -40.18
CA ALA R 239 -22.88 -51.54 -39.67
C ALA R 239 -23.48 -52.43 -40.73
N ALA R 240 -23.36 -52.11 -42.01
CA ALA R 240 -23.97 -52.96 -43.05
C ALA R 240 -23.01 -54.11 -43.33
N GLN R 241 -21.76 -53.94 -42.95
CA GLN R 241 -20.75 -54.96 -43.24
C GLN R 241 -20.77 -56.00 -42.13
N PHE R 242 -21.03 -55.61 -40.87
CA PHE R 242 -20.86 -56.43 -39.64
C PHE R 242 -22.09 -56.37 -38.74
N PRO R 243 -22.85 -57.47 -38.66
CA PRO R 243 -24.04 -57.53 -37.81
C PRO R 243 -23.68 -57.09 -36.40
N GLU R 244 -22.47 -57.45 -35.99
CA GLU R 244 -21.93 -57.07 -34.65
C GLU R 244 -21.90 -55.53 -34.52
N VAL R 245 -21.54 -54.77 -35.54
CA VAL R 245 -21.45 -53.29 -35.39
C VAL R 245 -22.85 -52.70 -35.42
N ALA R 246 -23.76 -53.40 -36.08
CA ALA R 246 -25.13 -52.88 -36.28
C ALA R 246 -25.87 -52.93 -34.94
N VAL R 247 -25.52 -53.92 -34.14
CA VAL R 247 -26.00 -54.02 -32.73
C VAL R 247 -25.56 -52.74 -32.04
N PHE R 248 -24.28 -52.40 -32.18
CA PHE R 248 -23.66 -51.19 -31.60
C PHE R 248 -24.27 -49.95 -32.24
N ARG R 249 -24.35 -49.85 -33.59
CA ARG R 249 -25.03 -48.68 -34.17
C ARG R 249 -26.44 -48.65 -33.53
N ASP R 250 -27.18 -49.76 -33.58
CA ASP R 250 -28.60 -49.79 -33.10
C ASP R 250 -28.66 -49.25 -31.66
N SER R 251 -27.72 -49.56 -30.77
CA SER R 251 -27.87 -49.26 -29.33
C SER R 251 -27.79 -47.75 -29.15
N ILE R 252 -26.99 -47.12 -29.96
CA ILE R 252 -26.76 -45.65 -29.88
C ILE R 252 -27.97 -44.94 -30.46
N GLN R 253 -28.47 -45.42 -31.59
CA GLN R 253 -29.65 -44.83 -32.24
C GLN R 253 -30.79 -44.76 -31.21
N SER R 254 -31.02 -45.81 -30.42
CA SER R 254 -32.21 -45.94 -29.53
C SER R 254 -32.16 -44.90 -28.41
N ALA R 255 -31.06 -44.19 -28.25
CA ALA R 255 -30.77 -43.55 -26.96
C ALA R 255 -31.10 -42.06 -27.05
N THR R 256 -31.31 -41.61 -28.29
CA THR R 256 -30.66 -40.37 -28.75
C THR R 256 -31.51 -39.69 -29.84
N ARG R 257 -32.81 -39.48 -29.67
CA ARG R 257 -33.62 -38.83 -30.75
C ARG R 257 -33.23 -37.34 -30.86
N GLY R 258 -33.35 -36.59 -29.76
CA GLY R 258 -32.96 -35.18 -29.70
C GLY R 258 -34.14 -34.26 -29.90
N ILE R 259 -33.87 -32.95 -30.02
CA ILE R 259 -34.93 -31.91 -30.21
C ILE R 259 -34.60 -31.12 -31.44
N THR R 260 -35.61 -30.72 -32.18
CA THR R 260 -35.47 -29.75 -33.28
C THR R 260 -34.68 -28.60 -32.72
N ARG R 261 -33.50 -28.30 -33.28
CA ARG R 261 -32.78 -27.08 -32.89
C ARG R 261 -33.08 -25.99 -33.91
N MET S 4 31.35 11.52 75.78
CA MET S 4 31.03 12.75 76.55
C MET S 4 32.05 13.87 76.26
N SER S 5 33.38 13.62 76.32
CA SER S 5 34.45 14.64 76.04
C SER S 5 34.63 14.74 74.54
N LEU S 6 34.75 15.95 73.99
CA LEU S 6 34.64 16.19 72.54
C LEU S 6 35.82 15.54 71.81
N ILE S 7 37.03 15.76 72.33
CA ILE S 7 38.25 15.07 71.88
C ILE S 7 38.43 13.75 72.61
N ASP S 8 38.68 12.69 71.85
CA ASP S 8 38.74 11.33 72.39
C ASP S 8 40.15 11.13 72.94
N PRO S 9 40.23 10.39 74.04
CA PRO S 9 41.55 10.07 74.59
C PRO S 9 42.45 9.30 73.56
N ARG S 10 41.86 8.45 72.73
CA ARG S 10 42.64 7.58 71.83
C ARG S 10 43.08 8.33 70.58
N ALA S 11 42.76 9.62 70.44
CA ALA S 11 43.30 10.46 69.33
C ALA S 11 44.71 10.92 69.70
N ILE S 12 45.47 11.39 68.73
CA ILE S 12 46.75 12.13 68.92
C ILE S 12 46.58 13.55 68.36
N ILE S 13 46.80 14.55 69.19
CA ILE S 13 46.71 15.97 68.82
C ILE S 13 48.09 16.60 69.02
N ASP S 14 48.72 17.00 67.92
CA ASP S 14 50.01 17.75 67.96
C ASP S 14 49.85 18.97 68.85
N PRO S 15 50.86 19.26 69.70
CA PRO S 15 50.83 20.45 70.54
C PRO S 15 50.63 21.74 69.74
N SER S 16 50.92 21.71 68.43
CA SER S 16 50.94 22.89 67.52
C SER S 16 49.62 22.97 66.76
N ALA S 17 48.83 21.91 66.78
CA ALA S 17 47.49 21.95 66.20
C ALA S 17 46.66 22.90 67.03
N ARG S 18 45.72 23.63 66.43
CA ARG S 18 44.84 24.56 67.16
C ARG S 18 43.40 24.19 66.79
N LEU S 19 42.61 23.78 67.77
CA LEU S 19 41.20 23.33 67.65
C LEU S 19 40.27 24.42 68.21
N ALA S 20 39.27 24.89 67.48
CA ALA S 20 38.20 25.72 68.08
C ALA S 20 37.54 24.91 69.19
N ALA S 21 36.83 25.59 70.07
CA ALA S 21 36.61 25.07 71.44
C ALA S 21 35.49 23.98 71.47
N ASP S 22 34.76 23.71 70.35
CA ASP S 22 33.69 22.66 70.31
C ASP S 22 33.98 21.64 69.19
N VAL S 23 35.21 21.59 68.66
CA VAL S 23 35.64 20.58 67.66
C VAL S 23 35.49 19.17 68.24
N GLN S 24 35.24 18.13 67.46
CA GLN S 24 35.22 16.74 68.02
C GLN S 24 36.20 15.91 67.23
N VAL S 25 36.85 14.99 67.92
CA VAL S 25 37.90 14.17 67.28
C VAL S 25 37.66 12.77 67.82
N GLY S 26 37.50 11.85 66.88
CA GLY S 26 37.10 10.48 67.17
C GLY S 26 38.33 9.71 67.64
N PRO S 27 38.13 8.48 68.13
CA PRO S 27 39.27 7.66 68.56
C PRO S 27 40.21 7.36 67.38
N TRP S 28 41.52 7.26 67.64
CA TRP S 28 42.57 6.82 66.68
C TRP S 28 42.70 7.76 65.50
N SER S 29 42.21 8.98 65.65
CA SER S 29 42.52 10.02 64.65
C SER S 29 43.79 10.74 65.12
N ILE S 30 44.57 11.26 64.18
CA ILE S 30 45.83 12.01 64.38
C ILE S 30 45.60 13.40 63.81
N VAL S 31 45.76 14.45 64.58
CA VAL S 31 45.68 15.83 64.07
C VAL S 31 47.11 16.37 64.03
N GLY S 32 47.74 16.37 62.87
CA GLY S 32 49.18 16.63 62.71
C GLY S 32 49.58 18.03 63.11
N ALA S 33 50.89 18.25 63.13
CA ALA S 33 51.47 19.58 63.42
C ALA S 33 50.80 20.52 62.40
N GLU S 34 50.41 21.72 62.85
CA GLU S 34 50.14 22.87 61.96
C GLU S 34 48.73 22.74 61.37
N VAL S 35 47.88 22.04 62.09
CA VAL S 35 46.53 21.74 61.59
C VAL S 35 45.55 22.54 62.41
N GLU S 36 44.91 23.47 61.76
CA GLU S 36 43.97 24.38 62.42
C GLU S 36 42.57 23.84 62.12
N ILE S 37 41.67 23.73 63.09
CA ILE S 37 40.29 23.22 62.84
C ILE S 37 39.25 24.18 63.41
N GLY S 38 38.29 24.55 62.57
CA GLY S 38 37.29 25.60 62.86
C GLY S 38 36.19 25.11 63.78
N GLU S 39 35.57 26.07 64.45
CA GLU S 39 34.43 25.88 65.34
C GLU S 39 33.48 24.83 64.76
N GLY S 40 32.95 23.90 65.56
CA GLY S 40 31.84 23.03 65.15
C GLY S 40 32.24 21.84 64.29
N THR S 41 33.46 21.80 63.77
CA THR S 41 33.89 20.73 62.86
C THR S 41 34.03 19.43 63.63
N VAL S 42 33.72 18.32 62.97
CA VAL S 42 33.61 16.98 63.60
C VAL S 42 34.51 16.03 62.85
N ILE S 43 35.53 15.53 63.52
CA ILE S 43 36.53 14.60 62.95
C ILE S 43 36.16 13.22 63.47
N GLY S 44 35.98 12.31 62.53
CA GLY S 44 35.61 10.91 62.79
C GLY S 44 36.77 10.17 63.40
N PRO S 45 36.54 8.87 63.62
CA PRO S 45 37.59 7.96 64.02
C PRO S 45 38.52 7.64 62.85
N HIS S 46 39.71 7.16 63.14
CA HIS S 46 40.70 6.73 62.13
C HIS S 46 40.84 7.80 61.06
N VAL S 47 41.04 9.06 61.41
CA VAL S 47 41.32 10.09 60.39
C VAL S 47 42.75 10.56 60.59
N VAL S 48 43.49 10.79 59.51
CA VAL S 48 44.81 11.43 59.55
C VAL S 48 44.73 12.83 58.96
N LEU S 49 45.10 13.83 59.74
CA LEU S 49 45.27 15.20 59.23
C LEU S 49 46.73 15.58 59.32
N LYS S 50 47.29 16.13 58.24
CA LYS S 50 48.68 16.61 58.14
C LYS S 50 48.61 18.07 57.73
N GLY S 51 49.66 18.81 58.08
CA GLY S 51 49.76 20.26 57.87
C GLY S 51 50.89 20.69 56.94
N PRO S 52 51.01 22.01 56.76
CA PRO S 52 50.06 22.97 57.33
C PRO S 52 48.72 23.06 56.57
N THR S 53 47.61 22.95 57.31
CA THR S 53 46.22 22.80 56.80
C THR S 53 45.25 23.67 57.64
N LYS S 54 44.42 24.49 57.03
CA LYS S 54 43.32 25.21 57.71
C LYS S 54 42.00 24.52 57.31
N ILE S 55 41.28 24.02 58.30
CA ILE S 55 39.88 23.51 58.16
C ILE S 55 38.95 24.46 58.90
N GLY S 56 37.90 24.89 58.24
CA GLY S 56 36.93 25.86 58.75
C GLY S 56 35.88 25.22 59.63
N LYS S 57 34.72 25.88 59.69
CA LYS S 57 33.63 25.65 60.66
C LYS S 57 32.66 24.59 60.10
N HIS S 58 32.07 23.79 60.97
CA HIS S 58 30.97 22.82 60.72
C HIS S 58 31.30 21.81 59.62
N ASN S 59 32.56 21.42 59.41
CA ASN S 59 32.88 20.30 58.49
C ASN S 59 32.71 18.97 59.21
N ARG S 60 32.48 17.90 58.47
CA ARG S 60 32.34 16.52 59.01
C ARG S 60 33.34 15.78 58.11
N ILE S 61 34.28 15.06 58.68
CA ILE S 61 35.30 14.27 57.94
C ILE S 61 35.28 12.86 58.48
N TYR S 62 35.13 11.87 57.62
CA TYR S 62 34.82 10.48 58.01
C TYR S 62 36.09 9.64 58.05
N GLN S 63 35.93 8.42 58.55
CA GLN S 63 37.01 7.43 58.78
C GLN S 63 37.88 7.16 57.54
N PHE S 64 39.18 6.97 57.76
CA PHE S 64 40.17 6.45 56.79
C PHE S 64 40.53 7.53 55.73
N SER S 65 39.91 8.72 55.84
CA SER S 65 40.34 9.94 55.12
C SER S 65 41.77 10.30 55.49
N SER S 66 42.59 10.76 54.54
CA SER S 66 43.99 11.21 54.76
C SER S 66 44.07 12.59 54.10
N VAL S 67 43.73 13.61 54.90
CA VAL S 67 43.60 15.06 54.56
C VAL S 67 44.82 15.84 55.01
N GLY S 68 45.56 16.38 54.04
CA GLY S 68 46.70 17.28 54.22
C GLY S 68 48.00 16.58 53.89
N GLU S 69 47.94 15.38 53.35
CA GLU S 69 49.19 14.60 53.15
C GLU S 69 49.97 15.30 52.01
N ASP S 70 51.26 15.05 51.87
CA ASP S 70 52.03 15.53 50.70
C ASP S 70 51.60 14.78 49.43
N THR S 71 51.68 15.39 48.24
CA THR S 71 51.51 14.60 47.02
C THR S 71 52.75 13.74 46.93
N PRO S 72 52.61 12.52 46.41
CA PRO S 72 53.75 11.71 46.10
C PRO S 72 54.36 12.04 44.74
N ASP S 73 53.75 12.92 43.92
CA ASP S 73 54.32 13.39 42.62
C ASP S 73 55.77 13.82 42.81
N LEU S 74 56.64 13.29 41.99
CA LEU S 74 58.09 13.46 42.15
C LEU S 74 58.46 14.92 42.03
N LYS S 75 57.67 15.73 41.31
CA LYS S 75 57.90 17.19 41.18
C LYS S 75 57.94 17.84 42.60
N TYR S 76 57.09 17.47 43.57
CA TYR S 76 57.12 17.97 44.99
C TYR S 76 58.38 17.52 45.73
N LYS S 77 59.10 18.44 46.36
CA LYS S 77 60.45 18.17 46.93
C LYS S 77 60.42 18.50 48.43
N GLY S 78 59.30 18.34 49.15
CA GLY S 78 59.22 18.61 50.59
C GLY S 78 58.88 20.06 50.93
N GLU S 79 58.65 20.95 49.94
CA GLU S 79 58.52 22.43 50.17
C GLU S 79 57.34 22.66 51.13
N PRO S 80 57.25 23.83 51.84
CA PRO S 80 56.28 23.95 52.94
C PRO S 80 54.91 24.47 52.44
N THR S 81 54.11 23.64 51.75
CA THR S 81 52.86 24.05 51.03
C THR S 81 51.61 23.82 51.86
N ARG S 82 50.46 24.33 51.44
CA ARG S 82 49.25 24.43 52.30
C ARG S 82 48.03 23.70 51.73
N LEU S 83 47.09 23.33 52.60
CA LEU S 83 45.69 22.98 52.24
C LEU S 83 44.74 23.91 53.00
N VAL S 84 43.71 24.42 52.32
CA VAL S 84 42.66 25.24 53.00
C VAL S 84 41.28 24.62 52.71
N ILE S 85 40.48 24.43 53.72
CA ILE S 85 39.14 23.85 53.57
C ILE S 85 38.18 24.80 54.27
N GLY S 86 37.11 25.14 53.57
CA GLY S 86 36.11 26.12 54.06
C GLY S 86 35.22 25.55 55.14
N ASP S 87 33.92 25.89 55.03
CA ASP S 87 32.88 25.63 56.05
C ASP S 87 31.85 24.65 55.46
N HIS S 88 31.15 23.90 56.32
CA HIS S 88 30.01 23.01 55.97
C HIS S 88 30.34 22.01 54.86
N ASN S 89 31.55 21.51 54.77
CA ASN S 89 31.92 20.44 53.82
C ASN S 89 31.69 19.11 54.50
N VAL S 90 31.38 18.09 53.71
CA VAL S 90 31.29 16.69 54.18
C VAL S 90 32.29 15.91 53.33
N ILE S 91 33.26 15.32 53.99
CA ILE S 91 34.35 14.52 53.36
C ILE S 91 34.19 13.12 53.90
N ARG S 92 33.85 12.21 52.99
CA ARG S 92 33.34 10.86 53.34
C ARG S 92 34.49 9.87 53.51
N GLU S 93 34.14 8.60 53.64
CA GLU S 93 35.15 7.63 54.11
C GLU S 93 36.29 7.50 53.07
N GLY S 94 37.53 7.51 53.53
CA GLY S 94 38.68 7.08 52.70
C GLY S 94 39.16 8.11 51.67
N VAL S 95 38.68 9.35 51.81
CA VAL S 95 39.04 10.46 50.90
C VAL S 95 40.48 10.83 51.16
N THR S 96 41.26 11.09 50.12
CA THR S 96 42.59 11.73 50.19
C THR S 96 42.56 13.13 49.61
N ILE S 97 43.30 14.03 50.21
CA ILE S 97 43.37 15.46 49.81
C ILE S 97 44.81 15.86 50.06
N HIS S 98 45.51 16.30 49.03
CA HIS S 98 46.95 16.62 49.15
C HIS S 98 47.11 18.14 49.15
N ARG S 99 48.14 18.60 49.81
CA ARG S 99 48.50 20.03 49.87
C ARG S 99 49.10 20.40 48.51
N GLY S 100 49.40 21.65 48.30
CA GLY S 100 49.89 22.13 47.00
C GLY S 100 51.35 21.84 46.79
N THR S 101 51.89 22.49 45.76
CA THR S 101 53.29 22.40 45.32
C THR S 101 53.73 23.83 44.99
N VAL S 102 55.01 24.15 45.14
CA VAL S 102 55.49 25.56 44.94
C VAL S 102 55.33 25.94 43.47
N GLN S 103 55.41 24.97 42.55
CA GLN S 103 55.30 25.19 41.07
C GLN S 103 54.07 26.03 40.76
N ASP S 104 52.95 25.85 41.45
CA ASP S 104 51.65 26.55 41.18
C ASP S 104 51.48 27.63 42.25
N ARG S 105 50.43 27.68 43.09
CA ARG S 105 50.36 28.77 44.11
C ARG S 105 50.53 28.14 45.50
N ALA S 106 51.02 26.91 45.61
CA ALA S 106 51.52 26.34 46.89
C ALA S 106 50.38 26.06 47.88
N GLU S 107 49.16 26.02 47.36
CA GLU S 107 47.89 25.81 48.11
C GLU S 107 46.96 24.92 47.26
N THR S 108 46.32 23.98 47.96
CA THR S 108 45.12 23.19 47.58
C THR S 108 43.96 23.79 48.35
N THR S 109 42.84 24.07 47.70
CA THR S 109 41.83 24.97 48.25
C THR S 109 40.45 24.37 48.03
N ILE S 110 39.64 24.33 49.09
CA ILE S 110 38.24 23.87 49.06
C ILE S 110 37.32 24.87 49.74
N GLY S 111 36.25 25.26 49.06
CA GLY S 111 35.40 26.34 49.54
C GLY S 111 34.40 25.80 50.52
N ASP S 112 33.11 26.14 50.37
CA ASP S 112 32.12 25.80 51.40
C ASP S 112 31.07 24.84 50.84
N HIS S 113 30.37 24.09 51.73
CA HIS S 113 29.14 23.31 51.41
C HIS S 113 29.40 22.21 50.38
N ASN S 114 30.60 21.70 50.23
CA ASN S 114 30.89 20.65 49.26
C ASN S 114 30.68 19.29 49.91
N LEU S 115 30.41 18.34 49.05
CA LEU S 115 30.18 16.95 49.44
C LEU S 115 31.17 16.13 48.63
N ILE S 116 32.15 15.58 49.30
CA ILE S 116 33.17 14.75 48.63
C ILE S 116 32.99 13.32 49.10
N MET S 117 32.59 12.42 48.22
CA MET S 117 32.17 11.07 48.70
C MET S 117 33.32 10.08 48.72
N ALA S 118 33.02 8.88 49.18
CA ALA S 118 34.06 7.89 49.57
C ALA S 118 35.19 7.77 48.56
N TYR S 119 36.43 7.71 49.02
CA TYR S 119 37.61 7.35 48.18
C TYR S 119 37.85 8.34 47.03
N ALA S 120 37.16 9.49 47.06
CA ALA S 120 37.51 10.65 46.19
C ALA S 120 38.94 11.12 46.51
N HIS S 121 39.59 11.67 45.51
CA HIS S 121 41.00 12.15 45.56
C HIS S 121 41.05 13.58 45.08
N ILE S 122 41.50 14.47 45.96
CA ILE S 122 41.66 15.88 45.56
C ILE S 122 43.13 16.19 45.52
N GLY S 123 43.71 16.08 44.33
CA GLY S 123 45.15 16.15 44.12
C GLY S 123 45.70 17.57 44.28
N HIS S 124 47.01 17.65 44.46
CA HIS S 124 47.70 18.91 44.82
C HIS S 124 47.22 20.01 43.90
N ASP S 125 46.85 21.13 44.49
CA ASP S 125 46.80 22.42 43.81
C ASP S 125 45.40 22.56 43.28
N SER S 126 44.57 21.55 43.47
CA SER S 126 43.17 21.64 43.02
C SER S 126 42.49 22.73 43.85
N VAL S 127 41.50 23.38 43.22
CA VAL S 127 40.66 24.45 43.80
C VAL S 127 39.21 24.11 43.50
N ILE S 128 38.45 23.95 44.57
CA ILE S 128 37.03 23.55 44.54
C ILE S 128 36.31 24.72 45.18
N GLY S 129 35.23 25.14 44.55
CA GLY S 129 34.44 26.25 45.06
C GLY S 129 33.47 25.78 46.11
N ASN S 130 32.20 26.12 45.90
CA ASN S 130 31.14 25.84 46.87
C ASN S 130 30.07 25.02 46.20
N HIS S 131 29.30 24.34 47.03
CA HIS S 131 28.19 23.43 46.65
C HIS S 131 28.61 22.40 45.60
N CYS S 132 29.87 21.93 45.54
CA CYS S 132 30.19 20.83 44.60
C CYS S 132 29.83 19.46 45.19
N ILE S 133 29.57 18.49 44.35
CA ILE S 133 29.45 17.08 44.77
C ILE S 133 30.41 16.27 43.92
N LEU S 134 31.43 15.70 44.54
CA LEU S 134 32.33 14.72 43.89
C LEU S 134 31.88 13.34 44.34
N VAL S 135 31.34 12.54 43.46
CA VAL S 135 30.80 11.24 43.93
C VAL S 135 31.95 10.24 44.10
N ASN S 136 31.66 9.10 44.75
CA ASN S 136 32.66 8.07 45.08
C ASN S 136 33.77 8.00 44.03
N ASN S 137 35.02 8.08 44.47
CA ASN S 137 36.16 7.63 43.67
C ASN S 137 36.43 8.66 42.57
N THR S 138 35.73 9.76 42.51
CA THR S 138 36.11 10.87 41.60
C THR S 138 37.55 11.24 41.90
N ALA S 139 38.37 11.54 40.91
CA ALA S 139 39.80 11.82 41.18
C ALA S 139 40.29 13.01 40.38
N LEU S 140 40.67 14.06 41.05
CA LEU S 140 41.31 15.22 40.39
C LEU S 140 42.83 15.09 40.40
N ALA S 141 43.50 14.88 39.29
CA ALA S 141 44.95 14.56 39.24
C ALA S 141 45.82 15.62 39.91
N GLY S 142 45.46 16.88 39.72
CA GLY S 142 46.24 18.04 40.16
C GLY S 142 45.86 19.31 39.43
N HIS S 143 45.99 20.42 40.13
CA HIS S 143 45.79 21.75 39.57
C HIS S 143 44.42 21.78 38.92
N VAL S 144 43.48 20.91 39.30
CA VAL S 144 42.11 20.92 38.68
C VAL S 144 41.26 21.99 39.35
N HIS S 145 40.48 22.75 38.59
CA HIS S 145 39.61 23.83 39.14
C HIS S 145 38.13 23.44 38.99
N VAL S 146 37.40 23.33 40.07
CA VAL S 146 35.98 22.93 40.03
C VAL S 146 35.17 24.10 40.54
N ASP S 147 34.35 24.70 39.67
CA ASP S 147 33.56 25.89 40.03
C ASP S 147 32.20 25.46 40.63
N ASP S 148 31.54 26.40 41.29
CA ASP S 148 30.37 26.16 42.18
C ASP S 148 29.33 25.24 41.56
N TRP S 149 28.71 24.34 42.33
CA TRP S 149 27.55 23.48 41.95
C TRP S 149 27.90 22.39 40.92
N ALA S 150 29.14 22.29 40.45
CA ALA S 150 29.55 21.13 39.64
C ALA S 150 29.15 19.83 40.36
N ILE S 151 28.87 18.80 39.60
CA ILE S 151 28.66 17.41 40.06
C ILE S 151 29.49 16.46 39.20
N LEU S 152 30.35 15.68 39.83
CA LEU S 152 31.16 14.71 39.08
C LEU S 152 30.64 13.37 39.53
N SER S 153 30.14 12.60 38.61
CA SER S 153 29.57 11.30 38.98
C SER S 153 30.70 10.33 39.37
N GLY S 154 30.28 9.21 39.93
CA GLY S 154 31.13 8.08 40.35
C GLY S 154 32.31 7.92 39.44
N TYR S 155 33.51 7.84 40.01
CA TYR S 155 34.68 7.35 39.29
C TYR S 155 34.97 8.28 38.11
N THR S 156 34.71 9.58 38.26
CA THR S 156 35.17 10.59 37.26
C THR S 156 36.66 10.89 37.46
N LEU S 157 37.43 10.75 36.41
CA LEU S 157 38.85 11.13 36.40
C LEU S 157 39.01 12.44 35.65
N VAL S 158 39.76 13.36 36.22
CA VAL S 158 40.03 14.68 35.60
C VAL S 158 41.53 14.85 35.51
N HIS S 159 42.00 15.10 34.31
CA HIS S 159 43.41 15.42 33.98
C HIS S 159 43.86 16.71 34.68
N GLN S 160 45.16 16.74 35.01
CA GLN S 160 45.92 17.92 35.44
C GLN S 160 45.38 19.14 34.67
N TYR S 161 45.08 20.23 35.37
CA TYR S 161 44.86 21.59 34.82
C TYR S 161 43.44 21.77 34.28
N CYS S 162 42.59 20.77 34.22
CA CYS S 162 41.28 20.97 33.58
C CYS S 162 40.46 21.89 34.49
N ARG S 163 39.65 22.80 33.94
CA ARG S 163 38.62 23.49 34.72
C ARG S 163 37.26 22.81 34.47
N ILE S 164 36.57 22.45 35.55
CA ILE S 164 35.17 21.95 35.54
C ILE S 164 34.27 23.16 35.82
N GLY S 165 33.42 23.50 34.87
CA GLY S 165 32.59 24.72 34.89
C GLY S 165 31.54 24.70 35.97
N ALA S 166 31.02 25.86 36.29
CA ALA S 166 29.92 25.93 37.27
C ALA S 166 28.74 25.11 36.76
N HIS S 167 28.03 24.45 37.64
CA HIS S 167 26.83 23.63 37.32
C HIS S 167 27.10 22.55 36.28
N SER S 168 28.37 22.28 35.97
CA SER S 168 28.70 21.30 34.91
C SER S 168 28.49 19.92 35.55
N PHE S 169 28.43 18.85 34.77
CA PHE S 169 28.03 17.50 35.25
C PHE S 169 28.70 16.42 34.41
N SER S 170 29.41 15.52 35.06
CA SER S 170 30.13 14.40 34.43
C SER S 170 29.38 13.13 34.81
N GLY S 171 29.21 12.24 33.85
CA GLY S 171 28.53 10.95 34.07
C GLY S 171 29.48 9.92 34.69
N MET S 172 29.00 8.76 35.10
CA MET S 172 29.93 7.83 35.79
C MET S 172 30.98 7.34 34.82
N GLY S 173 32.17 7.20 35.37
CA GLY S 173 33.32 6.62 34.65
C GLY S 173 33.91 7.62 33.68
N SER S 174 33.43 8.85 33.66
CA SER S 174 33.93 9.87 32.73
C SER S 174 35.43 10.09 32.92
N ALA S 175 36.16 10.21 31.81
CA ALA S 175 37.61 10.49 31.80
C ALA S 175 37.79 11.85 31.13
N ILE S 176 37.76 12.91 31.94
CA ILE S 176 37.82 14.30 31.43
C ILE S 176 39.27 14.72 31.21
N GLY S 177 39.66 15.06 29.98
CA GLY S 177 41.01 15.54 29.62
C GLY S 177 41.05 16.97 29.11
N LYS S 178 39.92 17.66 29.08
CA LYS S 178 39.86 19.08 28.64
C LYS S 178 38.88 19.86 29.50
N ASP S 179 38.79 21.18 29.39
CA ASP S 179 37.82 21.90 30.25
C ASP S 179 36.40 21.47 29.93
N VAL S 180 35.54 21.50 30.93
CA VAL S 180 34.10 21.29 30.76
C VAL S 180 33.45 22.62 31.00
N PRO S 181 32.91 23.28 29.97
CA PRO S 181 32.23 24.55 30.15
C PRO S 181 31.09 24.42 31.16
N ALA S 182 30.71 25.54 31.72
CA ALA S 182 29.67 25.60 32.76
C ALA S 182 28.39 25.00 32.18
N TYR S 183 27.57 24.42 33.05
CA TYR S 183 26.29 23.78 32.67
C TYR S 183 26.52 22.56 31.79
N VAL S 184 27.67 22.35 31.17
CA VAL S 184 27.71 21.24 30.15
C VAL S 184 27.69 19.90 30.89
N THR S 185 26.96 18.92 30.37
CA THR S 185 27.16 17.51 30.81
C THR S 185 28.14 16.78 29.89
N VAL S 186 28.98 15.89 30.39
CA VAL S 186 29.96 15.12 29.59
C VAL S 186 29.93 13.66 30.00
N PHE S 187 30.26 12.76 29.07
CA PHE S 187 30.18 11.31 29.30
C PHE S 187 31.33 10.63 28.63
N GLY S 188 31.71 9.53 29.24
CA GLY S 188 32.58 8.49 28.65
C GLY S 188 34.04 8.81 28.74
N ASN S 189 34.83 8.00 28.09
CA ASN S 189 36.31 8.10 28.14
C ASN S 189 36.81 7.83 26.76
N PRO S 190 37.26 8.82 25.98
CA PRO S 190 37.36 10.19 26.48
C PRO S 190 35.99 10.83 26.63
N ALA S 191 35.91 11.73 27.60
CA ALA S 191 34.74 12.55 27.93
C ALA S 191 34.34 13.33 26.69
N GLU S 192 33.05 13.33 26.39
CA GLU S 192 32.37 14.08 25.30
C GLU S 192 31.14 14.83 25.82
N ALA S 193 30.88 16.02 25.30
CA ALA S 193 29.67 16.81 25.62
C ALA S 193 28.43 16.14 25.05
N ARG S 194 27.33 16.18 25.78
CA ARG S 194 26.03 15.63 25.39
C ARG S 194 24.98 16.74 25.45
N SER S 195 24.68 17.35 26.57
CA SER S 195 23.64 18.40 26.66
C SER S 195 24.10 19.39 27.72
N MET S 196 23.19 20.09 28.38
CA MET S 196 23.46 21.01 29.51
C MET S 196 22.73 20.39 30.70
N ASN S 197 23.13 20.78 31.92
CA ASN S 197 22.61 20.20 33.18
C ASN S 197 21.33 20.92 33.59
N PHE S 198 20.25 20.66 32.88
CA PHE S 198 18.97 21.38 33.06
C PHE S 198 18.42 21.11 34.46
N GLU S 199 18.64 19.89 34.99
CA GLU S 199 18.23 19.51 36.39
C GLU S 199 18.83 20.50 37.41
N GLY S 200 20.10 20.84 37.24
CA GLY S 200 20.84 21.79 38.07
C GLY S 200 20.28 23.17 37.98
N MET S 201 19.83 23.54 36.78
CA MET S 201 19.23 24.87 36.51
C MET S 201 17.87 24.92 37.20
N ARG S 202 17.06 23.87 37.13
CA ARG S 202 15.76 23.88 37.82
C ARG S 202 16.03 24.08 39.30
N ARG S 203 16.96 23.29 39.86
CA ARG S 203 17.29 23.27 41.30
C ARG S 203 17.69 24.69 41.73
N ARG S 204 18.46 25.47 40.97
CA ARG S 204 18.85 26.86 41.36
C ARG S 204 17.71 27.86 41.12
N GLY S 205 16.55 27.41 40.62
CA GLY S 205 15.39 28.27 40.28
C GLY S 205 15.70 29.26 39.16
N PHE S 206 16.46 28.87 38.15
CA PHE S 206 16.71 29.70 36.95
C PHE S 206 15.38 29.92 36.26
N SER S 207 15.25 31.01 35.52
CA SER S 207 14.00 31.29 34.75
C SER S 207 13.84 30.32 33.56
N SER S 208 12.61 30.14 33.07
CA SER S 208 12.43 29.41 31.81
C SER S 208 13.21 30.12 30.69
N GLU S 209 13.33 31.47 30.68
CA GLU S 209 14.01 32.22 29.58
C GLU S 209 15.51 31.88 29.62
N ALA S 210 16.10 31.88 30.82
CA ALA S 210 17.53 31.63 31.01
C ALA S 210 17.88 30.17 30.64
N ILE S 211 17.03 29.21 31.04
CA ILE S 211 17.23 27.80 30.65
C ILE S 211 17.27 27.72 29.11
N HIS S 212 16.26 28.28 28.47
CA HIS S 212 16.16 28.23 26.99
C HIS S 212 17.42 28.83 26.38
N ALA S 213 17.97 29.90 26.93
CA ALA S 213 19.07 30.68 26.32
C ALA S 213 20.35 29.85 26.41
N LEU S 214 20.43 29.07 27.49
CA LEU S 214 21.56 28.15 27.67
C LEU S 214 21.40 27.01 26.69
N ARG S 215 20.19 26.59 26.40
CA ARG S 215 20.09 25.55 25.38
C ARG S 215 20.51 26.12 24.03
N ARG S 216 20.12 27.36 23.68
CA ARG S 216 20.62 27.96 22.43
C ARG S 216 22.15 28.04 22.51
N ALA S 217 22.69 28.33 23.69
CA ALA S 217 24.12 28.63 23.82
C ALA S 217 24.92 27.37 23.57
N TYR S 218 24.36 26.24 24.00
CA TYR S 218 24.99 24.92 23.75
C TYR S 218 25.02 24.64 22.26
N LYS S 219 23.88 24.85 21.59
CA LYS S 219 23.70 24.66 20.12
C LYS S 219 24.76 25.52 19.39
N VAL S 220 25.04 26.74 19.84
CA VAL S 220 26.04 27.61 19.18
C VAL S 220 27.41 26.90 19.23
N VAL S 221 27.80 26.47 20.41
CA VAL S 221 29.18 26.03 20.65
C VAL S 221 29.42 24.67 20.00
N TYR S 222 28.43 23.80 20.05
CA TYR S 222 28.56 22.34 19.85
C TYR S 222 27.79 21.85 18.62
N ARG S 223 26.60 22.36 18.27
CA ARG S 223 25.73 21.76 17.22
C ARG S 223 25.72 22.58 15.92
N GLN S 224 26.59 23.58 15.64
CA GLN S 224 26.33 24.46 14.44
C GLN S 224 27.56 24.73 13.57
N GLY S 225 28.57 23.88 13.59
CA GLY S 225 29.69 24.06 12.68
C GLY S 225 30.69 25.03 13.24
N HIS S 226 30.36 25.88 14.20
CA HIS S 226 31.26 27.01 14.52
C HIS S 226 32.57 26.53 15.18
N THR S 227 33.70 27.06 14.77
CA THR S 227 34.91 27.19 15.59
C THR S 227 34.56 27.90 16.89
N VAL S 228 35.48 27.95 17.82
CA VAL S 228 35.26 28.47 19.19
C VAL S 228 35.24 30.00 19.13
N GLU S 229 36.17 30.61 18.38
CA GLU S 229 36.21 32.08 18.19
C GLU S 229 34.83 32.48 17.67
N GLU S 230 34.31 31.74 16.69
CA GLU S 230 33.03 32.06 16.04
C GLU S 230 31.92 31.95 17.09
N ALA S 231 31.97 30.90 17.92
CA ALA S 231 30.92 30.64 18.93
C ALA S 231 30.92 31.76 19.94
N LEU S 232 32.07 32.06 20.50
CA LEU S 232 32.22 33.12 21.51
C LEU S 232 31.64 34.46 21.05
N ALA S 233 31.92 34.77 19.81
CA ALA S 233 31.44 35.99 19.15
C ALA S 233 29.91 36.00 19.13
N GLU S 234 29.32 34.88 18.67
CA GLU S 234 27.87 34.67 18.53
C GLU S 234 27.23 34.79 19.92
N LEU S 235 27.81 34.14 20.91
CA LEU S 235 27.30 34.23 22.30
C LEU S 235 27.39 35.63 22.89
N ALA S 236 28.05 36.62 22.26
CA ALA S 236 28.34 37.91 22.94
C ALA S 236 27.07 38.52 23.53
N GLU S 237 26.03 38.51 22.65
CA GLU S 237 24.69 39.11 22.82
C GLU S 237 23.96 38.40 23.96
N SER S 238 23.75 37.09 23.84
CA SER S 238 23.08 36.23 24.84
C SER S 238 23.77 36.46 26.22
N ALA S 239 25.10 36.61 26.22
CA ALA S 239 25.91 36.73 27.44
C ALA S 239 25.66 38.07 28.10
N ALA S 240 25.25 39.06 27.34
CA ALA S 240 24.97 40.40 27.90
C ALA S 240 23.54 40.47 28.43
N GLN S 241 22.66 39.59 27.93
CA GLN S 241 21.23 39.60 28.29
C GLN S 241 21.02 38.75 29.54
N PHE S 242 21.83 37.71 29.67
CA PHE S 242 21.70 36.67 30.73
C PHE S 242 23.04 36.44 31.41
N PRO S 243 23.14 36.86 32.69
CA PRO S 243 24.27 36.49 33.53
C PRO S 243 24.65 35.01 33.45
N GLU S 244 23.60 34.15 33.40
CA GLU S 244 23.67 32.65 33.36
C GLU S 244 24.45 32.22 32.10
N VAL S 245 24.23 32.92 30.99
CA VAL S 245 24.88 32.63 29.70
C VAL S 245 26.32 33.12 29.80
N ALA S 246 26.57 34.22 30.52
CA ALA S 246 27.90 34.90 30.57
C ALA S 246 28.89 33.95 31.24
N VAL S 247 28.42 33.23 32.23
CA VAL S 247 29.19 32.23 33.02
C VAL S 247 29.75 31.15 32.10
N PHE S 248 28.91 30.82 31.12
CA PHE S 248 29.13 29.79 30.07
C PHE S 248 30.08 30.36 29.03
N ARG S 249 29.83 31.58 28.49
CA ARG S 249 30.75 32.23 27.54
C ARG S 249 32.11 32.31 28.26
N ASP S 250 32.15 32.91 29.46
CA ASP S 250 33.41 33.08 30.23
C ASP S 250 34.13 31.73 30.37
N SER S 251 33.45 30.63 30.74
CA SER S 251 34.12 29.31 30.94
C SER S 251 34.82 28.91 29.64
N ILE S 252 34.19 29.18 28.51
CA ILE S 252 34.80 28.86 27.19
C ILE S 252 35.94 29.82 26.86
N GLN S 253 35.81 31.10 27.16
CA GLN S 253 36.88 32.11 26.98
C GLN S 253 38.15 31.62 27.69
N SER S 254 38.09 31.30 28.99
CA SER S 254 39.32 31.09 29.80
C SER S 254 39.85 29.66 29.64
N ALA S 255 39.92 29.13 28.41
CA ALA S 255 40.24 27.72 28.10
C ALA S 255 41.06 27.64 26.82
N THR S 256 40.81 28.60 25.94
CA THR S 256 41.17 28.57 24.50
C THR S 256 41.80 29.93 24.24
N ARG S 257 42.96 30.25 24.82
CA ARG S 257 43.70 31.44 24.32
C ARG S 257 44.29 31.11 22.93
N GLY S 258 45.03 30.02 22.81
CA GLY S 258 45.45 29.54 21.50
C GLY S 258 46.73 30.20 21.07
N ILE S 259 47.14 29.93 19.84
CA ILE S 259 48.45 30.43 19.34
C ILE S 259 48.19 31.29 18.10
N THR S 260 49.11 32.17 17.77
CA THR S 260 49.09 32.96 16.53
C THR S 260 49.20 31.97 15.39
N ARG S 261 48.25 31.99 14.48
CA ARG S 261 48.27 31.25 13.18
C ARG S 261 48.75 32.19 12.09
N MET T 4 42.40 -15.70 76.38
CA MET T 4 42.21 -14.62 75.28
C MET T 4 40.74 -14.56 74.81
N SER T 5 40.10 -13.41 75.07
CA SER T 5 38.70 -13.03 74.74
C SER T 5 38.62 -12.74 73.25
N LEU T 6 37.50 -13.14 72.63
CA LEU T 6 37.32 -13.11 71.18
C LEU T 6 37.02 -11.66 70.77
N ILE T 7 36.60 -10.87 71.74
CA ILE T 7 36.50 -9.39 71.55
C ILE T 7 37.74 -8.72 72.12
N ASP T 8 38.52 -8.09 71.23
CA ASP T 8 39.74 -7.34 71.59
C ASP T 8 39.35 -6.27 72.61
N PRO T 9 40.01 -6.18 73.76
CA PRO T 9 39.76 -5.05 74.65
C PRO T 9 39.82 -3.68 73.92
N ARG T 10 40.49 -3.62 72.76
CA ARG T 10 40.78 -2.33 72.09
C ARG T 10 39.62 -1.95 71.16
N ALA T 11 38.65 -2.83 70.93
CA ALA T 11 37.46 -2.50 70.13
C ALA T 11 36.50 -1.77 71.04
N ILE T 12 35.69 -0.91 70.47
CA ILE T 12 34.54 -0.26 71.16
C ILE T 12 33.28 -1.02 70.73
N ILE T 13 32.48 -1.47 71.69
CA ILE T 13 31.18 -2.14 71.46
C ILE T 13 30.05 -1.32 72.10
N ASP T 14 29.14 -0.75 71.35
CA ASP T 14 28.01 -0.06 72.00
C ASP T 14 27.27 -1.05 72.91
N PRO T 15 26.89 -0.62 74.13
CA PRO T 15 25.89 -1.36 74.90
C PRO T 15 24.70 -1.88 74.07
N SER T 16 24.13 -1.14 73.11
CA SER T 16 22.91 -1.62 72.43
C SER T 16 23.23 -2.81 71.54
N ALA T 17 24.47 -2.91 71.01
CA ALA T 17 24.92 -3.93 70.03
C ALA T 17 24.81 -5.31 70.66
N ARG T 18 24.61 -6.36 69.88
CA ARG T 18 24.16 -7.67 70.39
C ARG T 18 24.90 -8.74 69.57
N LEU T 19 25.80 -9.50 70.22
CA LEU T 19 26.82 -10.35 69.56
C LEU T 19 26.60 -11.79 69.99
N ALA T 20 26.27 -12.72 69.12
CA ALA T 20 26.34 -14.19 69.39
C ALA T 20 27.72 -14.56 69.96
N ALA T 21 27.82 -15.68 70.71
CA ALA T 21 28.82 -15.77 71.81
C ALA T 21 30.23 -15.98 71.18
N ASP T 22 30.34 -16.64 70.01
CA ASP T 22 31.69 -16.93 69.44
C ASP T 22 31.99 -15.89 68.35
N VAL T 23 31.43 -14.69 68.44
CA VAL T 23 31.82 -13.58 67.54
C VAL T 23 33.21 -13.14 67.93
N GLN T 24 34.01 -12.80 66.95
CA GLN T 24 35.30 -12.15 67.15
C GLN T 24 35.29 -10.73 66.60
N VAL T 25 35.95 -9.83 67.31
CA VAL T 25 36.12 -8.43 66.88
C VAL T 25 37.57 -8.06 67.13
N GLY T 26 38.22 -7.43 66.18
CA GLY T 26 39.63 -7.02 66.28
C GLY T 26 39.85 -5.69 66.99
N PRO T 27 41.14 -5.42 67.25
CA PRO T 27 41.53 -4.14 67.83
C PRO T 27 41.09 -2.93 66.98
N TRP T 28 40.47 -1.96 67.61
CA TRP T 28 40.21 -0.61 67.04
C TRP T 28 39.04 -0.70 66.09
N SER T 29 38.22 -1.71 66.25
CA SER T 29 36.95 -1.78 65.49
C SER T 29 35.87 -1.14 66.35
N ILE T 30 34.83 -0.63 65.71
CA ILE T 30 33.65 -0.03 66.39
C ILE T 30 32.44 -0.88 66.01
N VAL T 31 31.71 -1.38 66.99
CA VAL T 31 30.43 -2.05 66.70
C VAL T 31 29.39 -1.13 67.30
N GLY T 32 28.85 -0.23 66.50
CA GLY T 32 28.01 0.87 66.99
C GLY T 32 26.66 0.41 67.49
N ALA T 33 25.90 1.41 67.93
CA ALA T 33 24.53 1.21 68.48
C ALA T 33 23.68 0.44 67.45
N GLU T 34 22.86 -0.49 67.95
CA GLU T 34 21.80 -1.22 67.21
C GLU T 34 22.48 -2.10 66.15
N VAL T 35 23.72 -2.51 66.35
CA VAL T 35 24.31 -3.52 65.45
C VAL T 35 24.22 -4.90 66.09
N GLU T 36 23.84 -5.87 65.31
CA GLU T 36 23.61 -7.27 65.72
C GLU T 36 24.53 -8.18 64.88
N ILE T 37 25.24 -9.10 65.47
CA ILE T 37 26.20 -9.92 64.71
C ILE T 37 25.99 -11.37 65.13
N GLY T 38 25.83 -12.23 64.15
CA GLY T 38 25.45 -13.65 64.33
C GLY T 38 26.68 -14.53 64.47
N GLU T 39 26.40 -15.77 64.84
CA GLU T 39 27.33 -16.84 65.28
C GLU T 39 28.55 -16.96 64.36
N GLY T 40 29.76 -17.02 64.94
CA GLY T 40 31.03 -17.30 64.25
C GLY T 40 31.38 -16.26 63.19
N THR T 41 30.82 -15.06 63.25
CA THR T 41 31.29 -13.98 62.39
C THR T 41 32.57 -13.39 62.98
N VAL T 42 33.48 -13.03 62.10
CA VAL T 42 34.79 -12.46 62.49
C VAL T 42 34.87 -11.04 61.93
N ILE T 43 35.03 -10.05 62.80
CA ILE T 43 35.30 -8.64 62.41
C ILE T 43 36.82 -8.43 62.53
N GLY T 44 37.42 -7.95 61.45
CA GLY T 44 38.85 -7.62 61.44
C GLY T 44 39.13 -6.46 62.37
N PRO T 45 40.37 -5.97 62.36
CA PRO T 45 40.70 -4.77 63.10
C PRO T 45 40.22 -3.57 62.29
N HIS T 46 40.11 -2.39 62.90
CA HIS T 46 39.92 -1.16 62.12
C HIS T 46 38.64 -1.24 61.31
N VAL T 47 37.58 -1.84 61.77
CA VAL T 47 36.28 -1.83 61.04
C VAL T 47 35.33 -0.88 61.72
N VAL T 48 34.49 -0.18 60.98
CA VAL T 48 33.38 0.61 61.59
C VAL T 48 32.07 -0.07 61.23
N LEU T 49 31.28 -0.56 62.20
CA LEU T 49 29.87 -0.98 61.97
C LEU T 49 28.96 0.09 62.57
N LYS T 50 27.92 0.52 61.85
CA LYS T 50 26.89 1.47 62.32
C LYS T 50 25.57 0.78 62.04
N GLY T 51 24.55 1.05 62.86
CA GLY T 51 23.23 0.41 62.73
C GLY T 51 22.12 1.42 62.43
N PRO T 52 20.86 0.96 62.49
CA PRO T 52 20.52 -0.44 62.75
C PRO T 52 20.95 -1.40 61.65
N THR T 53 21.77 -2.38 62.00
CA THR T 53 22.36 -3.36 61.04
C THR T 53 22.25 -4.78 61.62
N LYS T 54 21.78 -5.74 60.85
CA LYS T 54 21.73 -7.15 61.29
C LYS T 54 22.72 -7.92 60.41
N ILE T 55 23.77 -8.47 61.01
CA ILE T 55 24.82 -9.27 60.30
C ILE T 55 24.63 -10.72 60.73
N GLY T 56 24.57 -11.64 59.79
CA GLY T 56 24.26 -13.04 60.07
C GLY T 56 25.46 -13.82 60.60
N LYS T 57 25.48 -15.11 60.27
CA LYS T 57 26.44 -16.10 60.79
C LYS T 57 27.62 -16.26 59.84
N HIS T 58 28.81 -16.50 60.38
CA HIS T 58 30.02 -16.91 59.64
C HIS T 58 30.35 -15.90 58.54
N ASN T 59 30.24 -14.60 58.80
CA ASN T 59 30.74 -13.57 57.88
C ASN T 59 32.20 -13.30 58.24
N ARG T 60 33.06 -12.91 57.30
CA ARG T 60 34.41 -12.38 57.62
C ARG T 60 34.31 -10.94 57.09
N ILE T 61 34.52 -9.93 57.94
CA ILE T 61 34.60 -8.51 57.47
C ILE T 61 35.98 -7.94 57.75
N TYR T 62 36.68 -7.52 56.69
CA TYR T 62 38.09 -7.11 56.79
C TYR T 62 38.23 -5.63 57.13
N GLN T 63 39.45 -5.29 57.49
CA GLN T 63 39.86 -3.95 57.99
C GLN T 63 39.43 -2.85 57.02
N PHE T 64 39.14 -1.66 57.59
CA PHE T 64 38.95 -0.36 56.89
C PHE T 64 37.58 -0.29 56.20
N SER T 65 36.83 -1.39 56.30
CA SER T 65 35.42 -1.47 55.87
C SER T 65 34.55 -0.61 56.76
N SER T 66 33.73 0.25 56.17
CA SER T 66 32.72 1.03 56.92
C SER T 66 31.37 0.51 56.40
N VAL T 67 30.79 -0.42 57.13
CA VAL T 67 29.50 -1.13 56.90
C VAL T 67 28.40 -0.55 57.81
N GLY T 68 27.42 0.15 57.26
CA GLY T 68 26.18 0.48 58.00
C GLY T 68 26.04 1.96 58.20
N GLU T 69 26.96 2.68 57.57
CA GLU T 69 27.06 4.14 57.55
C GLU T 69 25.85 4.66 56.76
N ASP T 70 25.46 5.90 56.96
CA ASP T 70 24.33 6.55 56.23
C ASP T 70 24.78 6.78 54.79
N THR T 71 23.92 6.70 53.81
CA THR T 71 24.37 7.24 52.52
C THR T 71 24.54 8.74 52.70
N PRO T 72 25.49 9.35 51.98
CA PRO T 72 25.54 10.80 51.85
C PRO T 72 24.58 11.39 50.80
N ASP T 73 23.89 10.56 49.99
CA ASP T 73 22.90 11.06 48.99
C ASP T 73 21.99 11.99 49.79
N LEU T 74 21.81 13.21 49.32
CA LEU T 74 21.07 14.30 50.00
C LEU T 74 19.54 14.01 50.14
N LYS T 75 18.93 13.01 49.51
CA LYS T 75 17.51 12.61 49.79
C LYS T 75 17.37 11.91 51.16
N TYR T 76 18.43 11.28 51.62
CA TYR T 76 18.48 10.74 53.01
C TYR T 76 18.55 11.89 54.00
N LYS T 77 17.58 11.99 54.92
CA LYS T 77 17.51 13.01 55.99
C LYS T 77 17.50 12.32 57.37
N GLY T 78 18.30 11.28 57.59
CA GLY T 78 18.60 10.79 58.95
C GLY T 78 17.55 9.80 59.44
N GLU T 79 16.58 9.41 58.60
CA GLU T 79 15.46 8.48 58.94
C GLU T 79 16.05 7.13 59.36
N PRO T 80 15.32 6.28 60.12
CA PRO T 80 15.96 5.21 60.89
C PRO T 80 16.11 3.86 60.15
N THR T 81 16.49 3.90 58.88
CA THR T 81 16.61 2.77 57.92
C THR T 81 17.65 1.71 58.31
N ARG T 82 17.69 0.59 57.58
CA ARG T 82 18.33 -0.69 57.98
C ARG T 82 19.35 -1.21 56.96
N LEU T 83 20.20 -2.14 57.39
CA LEU T 83 21.13 -2.97 56.57
C LEU T 83 21.05 -4.42 57.06
N VAL T 84 20.79 -5.35 56.16
CA VAL T 84 20.71 -6.78 56.56
C VAL T 84 21.77 -7.54 55.76
N ILE T 85 22.61 -8.25 56.48
CA ILE T 85 23.62 -9.09 55.84
C ILE T 85 23.38 -10.51 56.33
N GLY T 86 23.39 -11.42 55.38
CA GLY T 86 23.07 -12.81 55.60
C GLY T 86 24.26 -13.53 56.21
N ASP T 87 24.46 -14.79 55.78
CA ASP T 87 25.46 -15.73 56.30
C ASP T 87 26.55 -15.97 55.25
N HIS T 88 27.73 -16.34 55.72
CA HIS T 88 28.87 -16.84 54.93
C HIS T 88 29.32 -15.79 53.90
N ASN T 89 29.15 -14.50 54.15
CA ASN T 89 29.78 -13.53 53.25
C ASN T 89 31.20 -13.23 53.69
N VAL T 90 31.98 -12.77 52.74
CA VAL T 90 33.33 -12.21 52.95
C VAL T 90 33.28 -10.78 52.43
N ILE T 91 33.60 -9.85 53.30
CA ILE T 91 33.68 -8.42 52.92
C ILE T 91 35.10 -7.97 53.13
N ARG T 92 35.79 -7.63 52.04
CA ARG T 92 37.24 -7.42 52.03
C ARG T 92 37.61 -6.00 52.48
N GLU T 93 38.82 -5.57 52.18
CA GLU T 93 39.39 -4.40 52.86
C GLU T 93 38.76 -3.16 52.24
N GLY T 94 38.18 -2.33 53.11
CA GLY T 94 37.73 -0.98 52.71
C GLY T 94 36.41 -0.95 51.94
N VAL T 95 35.64 -2.03 52.00
CA VAL T 95 34.26 -2.04 51.45
C VAL T 95 33.37 -1.04 52.21
N THR T 96 32.57 -0.27 51.49
CA THR T 96 31.54 0.62 52.04
C THR T 96 30.19 0.01 51.76
N ILE T 97 29.33 -0.10 52.77
CA ILE T 97 27.94 -0.57 52.61
C ILE T 97 27.07 0.37 53.41
N HIS T 98 26.27 1.16 52.71
CA HIS T 98 25.32 2.13 53.30
C HIS T 98 23.95 1.44 53.50
N ARG T 99 23.27 1.84 54.57
CA ARG T 99 21.87 1.48 54.89
C ARG T 99 20.92 2.12 53.87
N GLY T 100 19.64 1.77 53.98
CA GLY T 100 18.60 2.25 53.07
C GLY T 100 18.22 3.72 53.26
N THR T 101 17.26 4.08 52.40
CA THR T 101 16.46 5.32 52.33
C THR T 101 14.97 4.95 52.41
N VAL T 102 14.15 5.79 53.03
CA VAL T 102 12.70 5.45 53.23
C VAL T 102 12.01 5.50 51.89
N GLN T 103 12.53 6.28 50.94
CA GLN T 103 11.85 6.54 49.66
C GLN T 103 11.82 5.25 48.82
N ASP T 104 12.46 4.17 49.26
CA ASP T 104 12.40 2.82 48.62
C ASP T 104 11.84 1.89 49.68
N ARG T 105 12.64 1.03 50.30
CA ARG T 105 12.06 -0.04 51.16
C ARG T 105 12.83 0.03 52.48
N ALA T 106 13.61 1.10 52.70
CA ALA T 106 14.23 1.40 54.01
C ALA T 106 15.28 0.35 54.40
N GLU T 107 15.83 -0.41 53.45
CA GLU T 107 16.73 -1.54 53.76
C GLU T 107 17.77 -1.77 52.67
N THR T 108 19.02 -1.99 53.02
CA THR T 108 19.98 -2.55 52.06
C THR T 108 20.14 -4.02 52.42
N THR T 109 20.06 -4.92 51.48
CA THR T 109 19.91 -6.35 51.80
C THR T 109 21.04 -7.11 51.10
N ILE T 110 21.79 -7.88 51.85
CA ILE T 110 22.79 -8.79 51.26
C ILE T 110 22.44 -10.19 51.71
N GLY T 111 22.50 -11.12 50.76
CA GLY T 111 22.17 -12.54 50.96
C GLY T 111 23.28 -13.28 51.64
N ASP T 112 23.41 -14.55 51.28
CA ASP T 112 24.43 -15.51 51.75
C ASP T 112 25.53 -15.75 50.71
N HIS T 113 26.71 -16.18 51.18
CA HIS T 113 27.82 -16.72 50.34
C HIS T 113 28.35 -15.68 49.35
N ASN T 114 28.26 -14.39 49.62
CA ASN T 114 28.79 -13.38 48.67
C ASN T 114 30.25 -13.10 49.00
N LEU T 115 31.01 -12.72 47.98
CA LEU T 115 32.40 -12.27 48.14
C LEU T 115 32.44 -10.85 47.57
N ILE T 116 32.55 -9.86 48.45
CA ILE T 116 32.64 -8.44 48.05
C ILE T 116 34.08 -8.02 48.28
N MET T 117 34.85 -7.83 47.21
CA MET T 117 36.31 -7.59 47.30
C MET T 117 36.63 -6.13 47.56
N ALA T 118 37.90 -5.84 47.69
CA ALA T 118 38.41 -4.60 48.30
C ALA T 118 37.71 -3.38 47.69
N TYR T 119 37.28 -2.44 48.53
CA TYR T 119 37.01 -1.04 48.09
C TYR T 119 35.73 -1.02 47.28
N ALA T 120 35.00 -2.13 47.23
CA ALA T 120 33.68 -2.14 46.60
C ALA T 120 32.72 -1.26 47.42
N HIS T 121 31.65 -0.82 46.77
CA HIS T 121 30.63 0.08 47.36
C HIS T 121 29.24 -0.47 47.09
N ILE T 122 28.48 -0.69 48.12
CA ILE T 122 27.08 -1.11 47.99
C ILE T 122 26.18 0.04 48.46
N GLY T 123 25.57 0.70 47.49
CA GLY T 123 24.82 1.94 47.72
C GLY T 123 23.55 1.66 48.48
N HIS T 124 22.98 2.71 49.07
CA HIS T 124 21.69 2.57 49.79
C HIS T 124 20.71 1.75 48.94
N ASP T 125 19.98 0.84 49.58
CA ASP T 125 18.77 0.17 49.05
C ASP T 125 19.12 -0.95 48.10
N SER T 126 20.40 -1.22 47.84
CA SER T 126 20.84 -2.30 46.92
C SER T 126 20.46 -3.65 47.53
N VAL T 127 20.34 -4.65 46.70
CA VAL T 127 19.86 -5.99 47.15
C VAL T 127 20.72 -7.02 46.46
N ILE T 128 21.47 -7.76 47.23
CA ILE T 128 22.40 -8.77 46.68
C ILE T 128 21.90 -10.11 47.17
N GLY T 129 21.80 -11.02 46.20
CA GLY T 129 21.33 -12.38 46.45
C GLY T 129 22.43 -13.21 47.08
N ASN T 130 22.60 -14.36 46.47
CA ASN T 130 23.42 -15.45 47.02
C ASN T 130 24.54 -15.71 46.03
N HIS T 131 25.77 -15.92 46.49
CA HIS T 131 26.83 -16.52 45.64
C HIS T 131 27.37 -15.51 44.64
N CYS T 132 27.18 -14.23 44.88
CA CYS T 132 27.71 -13.18 43.99
C CYS T 132 29.18 -12.88 44.34
N ILE T 133 29.94 -12.48 43.34
CA ILE T 133 31.30 -11.93 43.47
C ILE T 133 31.24 -10.54 42.90
N LEU T 134 31.49 -9.56 43.75
CA LEU T 134 31.71 -8.15 43.39
C LEU T 134 33.21 -7.91 43.50
N VAL T 135 33.90 -7.80 42.38
CA VAL T 135 35.37 -7.66 42.46
C VAL T 135 35.73 -6.23 42.86
N ASN T 136 36.97 -6.06 43.29
CA ASN T 136 37.56 -4.80 43.78
C ASN T 136 36.90 -3.61 43.12
N ASN T 137 36.43 -2.67 43.93
CA ASN T 137 36.06 -1.31 43.49
C ASN T 137 34.81 -1.36 42.61
N THR T 138 34.09 -2.46 42.57
CA THR T 138 32.74 -2.48 41.99
C THR T 138 31.85 -1.51 42.77
N ALA T 139 31.01 -0.75 42.10
CA ALA T 139 30.20 0.26 42.82
C ALA T 139 28.77 0.19 42.35
N LEU T 140 27.86 -0.08 43.27
CA LEU T 140 26.41 -0.05 43.03
C LEU T 140 25.86 1.29 43.53
N ALA T 141 25.40 2.16 42.65
CA ALA T 141 25.09 3.55 43.06
C ALA T 141 23.95 3.58 44.06
N GLY T 142 23.01 2.65 43.93
CA GLY T 142 21.84 2.60 44.83
C GLY T 142 20.70 1.87 44.20
N HIS T 143 19.92 1.14 45.00
CA HIS T 143 18.69 0.49 44.52
C HIS T 143 19.07 -0.54 43.45
N VAL T 144 20.23 -1.16 43.57
CA VAL T 144 20.69 -2.11 42.54
C VAL T 144 20.36 -3.50 43.04
N HIS T 145 19.80 -4.30 42.16
CA HIS T 145 19.49 -5.70 42.48
C HIS T 145 20.49 -6.58 41.75
N VAL T 146 21.22 -7.38 42.48
CA VAL T 146 22.20 -8.32 41.90
C VAL T 146 21.63 -9.67 42.28
N ASP T 147 21.34 -10.51 41.29
CA ASP T 147 20.70 -11.82 41.57
C ASP T 147 21.80 -12.90 41.66
N ASP T 148 21.44 -14.07 42.15
CA ASP T 148 22.41 -15.07 42.58
C ASP T 148 23.43 -15.31 41.46
N TRP T 149 24.67 -15.54 41.87
CA TRP T 149 25.78 -16.10 41.06
C TRP T 149 26.32 -15.01 40.14
N ALA T 150 25.80 -13.79 40.19
CA ALA T 150 26.36 -12.74 39.32
C ALA T 150 27.82 -12.51 39.70
N ILE T 151 28.62 -12.21 38.71
CA ILE T 151 30.02 -11.80 38.85
C ILE T 151 30.21 -10.43 38.20
N LEU T 152 30.44 -9.39 39.01
CA LEU T 152 30.86 -8.07 38.49
C LEU T 152 32.39 -7.95 38.53
N SER T 153 33.05 -7.87 37.37
CA SER T 153 34.52 -7.76 37.32
C SER T 153 34.95 -6.43 37.97
N GLY T 154 36.23 -6.29 38.25
CA GLY T 154 36.75 -5.12 38.97
C GLY T 154 36.34 -3.78 38.35
N TYR T 155 36.13 -2.79 39.21
CA TYR T 155 35.81 -1.40 38.81
C TYR T 155 34.60 -1.35 37.87
N THR T 156 33.65 -2.27 38.09
CA THR T 156 32.32 -2.23 37.43
C THR T 156 31.46 -1.22 38.15
N LEU T 157 30.89 -0.28 37.39
CA LEU T 157 29.94 0.74 37.91
C LEU T 157 28.53 0.42 37.45
N VAL T 158 27.57 0.57 38.35
CA VAL T 158 26.14 0.27 38.09
C VAL T 158 25.26 1.44 38.52
N HIS T 159 24.39 1.93 37.65
CA HIS T 159 23.57 3.15 37.83
C HIS T 159 22.42 2.81 38.81
N GLN T 160 21.94 3.83 39.56
CA GLN T 160 20.71 3.78 40.37
C GLN T 160 19.76 2.82 39.59
N TYR T 161 19.08 1.89 40.29
CA TYR T 161 17.87 1.11 39.88
C TYR T 161 18.21 -0.06 38.92
N CYS T 162 19.42 -0.22 38.41
CA CYS T 162 19.70 -1.36 37.51
C CYS T 162 19.50 -2.70 38.20
N ARG T 163 19.08 -3.69 37.43
CA ARG T 163 19.10 -5.09 37.91
C ARG T 163 20.13 -5.88 37.12
N ILE T 164 20.91 -6.70 37.82
CA ILE T 164 21.99 -7.53 37.26
C ILE T 164 21.51 -8.98 37.38
N GLY T 165 21.31 -9.67 36.26
CA GLY T 165 20.61 -10.96 36.25
C GLY T 165 21.41 -12.06 36.90
N ALA T 166 20.72 -13.11 37.31
CA ALA T 166 21.39 -14.34 37.79
C ALA T 166 22.49 -14.76 36.80
N HIS T 167 23.67 -15.11 37.30
CA HIS T 167 24.83 -15.66 36.55
C HIS T 167 25.32 -14.68 35.50
N SER T 168 24.83 -13.47 35.50
CA SER T 168 25.32 -12.48 34.53
C SER T 168 26.77 -12.13 34.88
N PHE T 169 27.55 -11.63 33.93
CA PHE T 169 28.94 -11.26 34.15
C PHE T 169 29.21 -9.91 33.49
N SER T 170 29.89 -9.00 34.20
CA SER T 170 30.46 -7.75 33.65
C SER T 170 31.99 -7.86 33.60
N GLY T 171 32.56 -7.38 32.51
CA GLY T 171 34.01 -7.28 32.39
C GLY T 171 34.55 -6.09 33.15
N MET T 172 35.87 -6.00 33.23
CA MET T 172 36.46 -4.96 34.06
C MET T 172 36.17 -3.60 33.43
N GLY T 173 35.86 -2.67 34.31
CA GLY T 173 35.71 -1.27 33.94
C GLY T 173 34.38 -1.01 33.31
N SER T 174 33.42 -1.92 33.41
CA SER T 174 32.11 -1.80 32.76
C SER T 174 31.31 -0.66 33.39
N ALA T 175 30.61 0.16 32.61
CA ALA T 175 29.67 1.14 33.16
C ALA T 175 28.28 0.67 32.78
N ILE T 176 27.65 -0.07 33.66
CA ILE T 176 26.28 -0.55 33.42
C ILE T 176 25.28 0.57 33.73
N GLY T 177 24.32 0.86 32.82
CA GLY T 177 23.23 1.85 33.02
C GLY T 177 21.84 1.35 32.65
N LYS T 178 21.73 0.13 32.16
CA LYS T 178 20.44 -0.56 31.96
C LYS T 178 20.58 -1.93 32.60
N ASP T 179 19.49 -2.70 32.64
CA ASP T 179 19.55 -4.03 33.28
C ASP T 179 20.42 -4.95 32.46
N VAL T 180 20.93 -5.94 33.15
CA VAL T 180 21.73 -7.01 32.57
C VAL T 180 20.90 -8.25 32.80
N PRO T 181 20.44 -8.84 31.71
CA PRO T 181 19.63 -10.04 31.80
C PRO T 181 20.49 -11.17 32.36
N ALA T 182 19.84 -12.15 32.96
CA ALA T 182 20.53 -13.33 33.48
C ALA T 182 21.40 -13.93 32.38
N TYR T 183 22.57 -14.38 32.79
CA TYR T 183 23.58 -15.12 32.01
C TYR T 183 24.38 -14.18 31.11
N VAL T 184 23.97 -12.93 30.91
CA VAL T 184 24.55 -12.11 29.81
C VAL T 184 25.93 -11.62 30.22
N THR T 185 26.82 -11.46 29.25
CA THR T 185 28.13 -10.81 29.46
C THR T 185 28.09 -9.43 28.86
N VAL T 186 28.41 -8.42 29.65
CA VAL T 186 28.53 -7.04 29.17
C VAL T 186 29.93 -6.52 29.41
N PHE T 187 30.38 -5.64 28.53
CA PHE T 187 31.72 -5.01 28.55
C PHE T 187 31.56 -3.55 28.21
N GLY T 188 32.39 -2.71 28.81
CA GLY T 188 32.66 -1.40 28.22
C GLY T 188 31.88 -0.31 28.90
N ASN T 189 32.21 0.91 28.50
CA ASN T 189 31.61 2.16 29.00
C ASN T 189 31.15 2.90 27.78
N PRO T 190 29.84 2.89 27.46
CA PRO T 190 28.85 2.11 28.21
C PRO T 190 28.79 0.62 27.87
N ALA T 191 28.34 -0.12 28.87
CA ALA T 191 28.17 -1.57 28.90
C ALA T 191 27.44 -1.95 27.63
N GLU T 192 27.90 -3.00 26.97
CA GLU T 192 27.26 -3.58 25.77
C GLU T 192 27.23 -5.10 25.91
N ALA T 193 26.14 -5.75 25.51
CA ALA T 193 26.03 -7.23 25.60
C ALA T 193 26.97 -7.84 24.58
N ARG T 194 27.64 -8.90 24.95
CA ARG T 194 28.57 -9.55 24.06
C ARG T 194 28.12 -10.99 23.88
N SER T 195 27.95 -11.72 24.95
CA SER T 195 27.55 -13.16 24.86
C SER T 195 26.88 -13.59 26.15
N MET T 196 27.04 -14.86 26.47
CA MET T 196 26.50 -15.45 27.71
C MET T 196 27.63 -16.11 28.49
N ASN T 197 27.42 -16.20 29.79
CA ASN T 197 28.44 -16.59 30.78
C ASN T 197 28.43 -18.10 30.81
N PHE T 198 28.94 -18.70 29.75
CA PHE T 198 28.96 -20.15 29.60
C PHE T 198 29.86 -20.74 30.68
N GLU T 199 30.98 -20.11 31.07
CA GLU T 199 31.79 -20.69 32.19
C GLU T 199 30.88 -20.88 33.43
N GLY T 200 29.95 -19.93 33.66
CA GLY T 200 28.97 -19.94 34.77
C GLY T 200 28.09 -21.15 34.71
N MET T 201 27.52 -21.41 33.55
CA MET T 201 26.61 -22.54 33.33
C MET T 201 27.40 -23.83 33.57
N ARG T 202 28.64 -23.95 33.06
CA ARG T 202 29.48 -25.16 33.31
C ARG T 202 29.58 -25.38 34.83
N ARG T 203 30.04 -24.40 35.58
CA ARG T 203 30.33 -24.58 37.01
C ARG T 203 29.08 -24.99 37.76
N ARG T 204 27.89 -24.60 37.32
CA ARG T 204 26.60 -24.94 38.02
C ARG T 204 26.01 -26.25 37.47
N GLY T 205 26.80 -27.00 36.68
CA GLY T 205 26.44 -28.26 35.98
C GLY T 205 25.19 -28.23 35.14
N PHE T 206 24.85 -27.14 34.45
CA PHE T 206 23.69 -27.10 33.54
C PHE T 206 23.83 -28.20 32.49
N SER T 207 22.75 -28.76 31.95
CA SER T 207 22.90 -29.71 30.82
C SER T 207 23.51 -29.03 29.58
N SER T 208 24.03 -29.82 28.62
CA SER T 208 24.31 -29.35 27.23
C SER T 208 23.07 -28.70 26.61
N GLU T 209 21.89 -29.29 26.84
CA GLU T 209 20.63 -28.88 26.13
C GLU T 209 20.31 -27.47 26.67
N ALA T 210 20.54 -27.24 27.95
CA ALA T 210 20.13 -25.98 28.58
C ALA T 210 21.08 -24.90 28.10
N ILE T 211 22.38 -25.21 28.05
CA ILE T 211 23.41 -24.24 27.60
C ILE T 211 23.04 -23.79 26.19
N HIS T 212 22.70 -24.72 25.32
CA HIS T 212 22.47 -24.45 23.88
C HIS T 212 21.20 -23.62 23.83
N ALA T 213 20.31 -23.88 24.77
CA ALA T 213 18.98 -23.24 24.75
C ALA T 213 19.17 -21.77 25.11
N LEU T 214 20.05 -21.53 26.09
CA LEU T 214 20.39 -20.14 26.47
C LEU T 214 21.18 -19.46 25.35
N ARG T 215 21.96 -20.19 24.59
CA ARG T 215 22.55 -19.52 23.42
C ARG T 215 21.44 -19.14 22.42
N ARG T 216 20.50 -20.03 22.09
CA ARG T 216 19.43 -19.64 21.15
C ARG T 216 18.68 -18.45 21.75
N ALA T 217 18.43 -18.45 23.07
CA ALA T 217 17.64 -17.36 23.68
C ALA T 217 18.40 -16.06 23.51
N TYR T 218 19.74 -16.09 23.62
CA TYR T 218 20.58 -14.89 23.45
C TYR T 218 20.37 -14.33 22.04
N LYS T 219 20.44 -15.22 21.03
CA LYS T 219 20.35 -14.89 19.59
C LYS T 219 19.01 -14.22 19.34
N VAL T 220 17.96 -14.73 19.99
CA VAL T 220 16.58 -14.23 19.80
C VAL T 220 16.56 -12.77 20.22
N VAL T 221 17.17 -12.48 21.38
CA VAL T 221 17.03 -11.17 22.05
C VAL T 221 17.89 -10.13 21.33
N TYR T 222 19.08 -10.57 20.95
CA TYR T 222 20.22 -9.69 20.63
C TYR T 222 20.55 -9.75 19.14
N ARG T 223 20.46 -10.90 18.50
CA ARG T 223 21.23 -11.12 17.25
C ARG T 223 20.15 -11.31 16.16
N GLN T 224 18.89 -10.90 16.32
CA GLN T 224 17.89 -11.36 15.31
C GLN T 224 16.96 -10.22 14.89
N GLY T 225 17.30 -8.98 15.18
CA GLY T 225 16.42 -7.87 14.75
C GLY T 225 15.09 -7.79 15.47
N HIS T 226 14.75 -8.68 16.42
CA HIS T 226 13.45 -8.67 17.15
C HIS T 226 13.43 -7.45 18.04
N THR T 227 12.24 -7.03 18.47
CA THR T 227 12.10 -6.03 19.54
C THR T 227 12.39 -6.76 20.85
N VAL T 228 11.61 -6.44 21.84
CA VAL T 228 11.78 -7.07 23.16
C VAL T 228 10.43 -7.76 23.37
N GLU T 229 9.33 -7.03 23.11
CA GLU T 229 7.92 -7.54 23.07
C GLU T 229 8.00 -8.79 22.18
N GLU T 230 8.55 -8.65 20.97
CA GLU T 230 8.71 -9.76 19.98
C GLU T 230 9.64 -10.84 20.57
N ALA T 231 10.79 -10.49 21.15
CA ALA T 231 11.73 -11.53 21.67
C ALA T 231 11.08 -12.28 22.83
N LEU T 232 10.39 -11.54 23.66
CA LEU T 232 9.77 -12.13 24.84
C LEU T 232 8.73 -13.17 24.42
N ALA T 233 7.96 -12.86 23.38
CA ALA T 233 6.94 -13.76 22.81
C ALA T 233 7.60 -15.03 22.27
N GLU T 234 8.67 -14.89 21.50
CA GLU T 234 9.43 -16.03 20.94
C GLU T 234 9.96 -16.91 22.07
N LEU T 235 10.50 -16.28 23.14
CA LEU T 235 11.05 -17.06 24.27
C LEU T 235 9.98 -17.93 24.96
N ALA T 236 8.67 -17.67 24.85
CA ALA T 236 7.65 -18.37 25.68
C ALA T 236 7.92 -19.88 25.69
N GLU T 237 8.12 -20.47 24.51
CA GLU T 237 8.30 -21.94 24.36
C GLU T 237 9.51 -22.41 25.17
N SER T 238 10.70 -21.90 24.81
CA SER T 238 12.03 -22.23 25.41
C SER T 238 11.91 -22.07 26.95
N ALA T 239 11.18 -21.05 27.41
CA ALA T 239 11.02 -20.73 28.84
C ALA T 239 10.14 -21.76 29.50
N ALA T 240 9.19 -22.30 28.77
CA ALA T 240 8.36 -23.38 29.35
C ALA T 240 9.15 -24.69 29.40
N GLN T 241 10.15 -24.84 28.54
CA GLN T 241 10.90 -26.12 28.42
C GLN T 241 12.02 -26.12 29.44
N PHE T 242 12.76 -25.01 29.57
CA PHE T 242 13.99 -24.92 30.39
C PHE T 242 13.85 -23.88 31.49
N PRO T 243 13.84 -24.34 32.77
CA PRO T 243 13.79 -23.48 33.96
C PRO T 243 14.85 -22.39 33.89
N GLU T 244 16.00 -22.77 33.30
CA GLU T 244 17.18 -21.88 33.10
C GLU T 244 16.85 -20.74 32.14
N VAL T 245 16.03 -20.99 31.13
CA VAL T 245 15.74 -19.99 30.08
C VAL T 245 14.68 -19.08 30.67
N ALA T 246 13.80 -19.65 31.48
CA ALA T 246 12.70 -18.90 32.16
C ALA T 246 13.31 -17.77 33.00
N VAL T 247 14.39 -18.10 33.68
CA VAL T 247 15.18 -17.12 34.46
C VAL T 247 15.60 -15.99 33.51
N PHE T 248 16.18 -16.32 32.36
CA PHE T 248 16.54 -15.28 31.36
C PHE T 248 15.30 -14.55 30.87
N ARG T 249 14.19 -15.23 30.53
CA ARG T 249 12.97 -14.53 30.00
C ARG T 249 12.48 -13.58 31.10
N ASP T 250 12.39 -14.05 32.35
CA ASP T 250 11.91 -13.25 33.51
C ASP T 250 12.78 -11.99 33.60
N SER T 251 14.09 -12.09 33.45
CA SER T 251 14.97 -10.93 33.66
C SER T 251 14.67 -9.88 32.59
N ILE T 252 14.41 -10.27 31.36
CA ILE T 252 14.06 -9.29 30.29
C ILE T 252 12.69 -8.69 30.56
N GLN T 253 11.74 -9.54 30.95
CA GLN T 253 10.34 -9.17 31.26
C GLN T 253 10.41 -8.01 32.25
N SER T 254 11.19 -8.13 33.35
CA SER T 254 11.20 -7.14 34.46
C SER T 254 11.82 -5.81 34.06
N ALA T 255 12.64 -5.68 33.03
CA ALA T 255 13.36 -4.41 32.76
C ALA T 255 12.48 -3.37 32.03
N THR T 256 11.29 -3.78 31.60
CA THR T 256 10.79 -3.53 30.23
C THR T 256 9.39 -2.91 30.26
N ARG T 257 8.81 -2.58 31.43
CA ARG T 257 7.31 -2.40 31.56
C ARG T 257 6.70 -1.56 30.39
N GLY T 258 7.22 -0.36 30.11
CA GLY T 258 6.95 0.43 28.90
C GLY T 258 5.81 1.42 29.08
N ILE T 259 5.56 2.25 28.08
CA ILE T 259 4.44 3.22 28.16
C ILE T 259 3.40 2.85 27.10
N THR T 260 2.15 3.18 27.35
CA THR T 260 1.09 3.00 26.36
C THR T 260 1.49 3.82 25.15
N ARG T 261 1.72 3.21 23.99
CA ARG T 261 1.99 3.99 22.77
C ARG T 261 0.67 4.11 22.03
N MET U 4 59.46 9.76 71.02
CA MET U 4 60.90 9.41 70.70
C MET U 4 60.98 7.97 70.14
N SER U 5 60.12 7.01 70.55
CA SER U 5 60.15 5.54 70.19
C SER U 5 60.10 5.26 68.66
N LEU U 6 60.76 4.17 68.23
CA LEU U 6 60.83 3.74 66.81
C LEU U 6 59.64 2.86 66.48
N ILE U 7 59.45 1.77 67.21
CA ILE U 7 58.18 0.99 67.25
C ILE U 7 57.23 1.66 68.26
N ASP U 8 56.09 2.16 67.80
CA ASP U 8 55.03 2.64 68.72
C ASP U 8 54.53 1.48 69.58
N PRO U 9 54.41 1.68 70.91
CA PRO U 9 53.82 0.65 71.78
C PRO U 9 52.33 0.43 71.48
N ARG U 10 51.68 1.36 70.78
CA ARG U 10 50.26 1.20 70.45
C ARG U 10 50.10 0.26 69.24
N ALA U 11 51.19 -0.09 68.57
CA ALA U 11 51.18 -1.05 67.46
C ALA U 11 51.29 -2.47 67.98
N ILE U 12 51.10 -3.44 67.11
CA ILE U 12 51.09 -4.88 67.49
C ILE U 12 52.11 -5.59 66.63
N ILE U 13 53.15 -6.13 67.26
CA ILE U 13 54.27 -6.82 66.58
C ILE U 13 54.19 -8.30 66.97
N ASP U 14 54.16 -9.21 65.99
CA ASP U 14 54.05 -10.64 66.31
C ASP U 14 55.42 -11.07 66.82
N PRO U 15 55.52 -11.93 67.85
CA PRO U 15 56.81 -12.40 68.30
C PRO U 15 57.69 -12.96 67.15
N SER U 16 57.07 -13.55 66.11
CA SER U 16 57.80 -14.21 65.00
C SER U 16 58.15 -13.20 63.90
N ALA U 17 57.69 -11.94 63.91
CA ALA U 17 58.16 -10.90 62.98
C ALA U 17 59.63 -10.60 63.27
N ARG U 18 60.39 -10.10 62.32
CA ARG U 18 61.83 -9.80 62.48
C ARG U 18 62.09 -8.41 61.87
N LEU U 19 62.47 -7.42 62.68
CA LEU U 19 62.66 -6.01 62.26
C LEU U 19 64.08 -5.52 62.52
N ALA U 20 64.77 -4.98 61.52
CA ALA U 20 66.08 -4.30 61.67
C ALA U 20 65.93 -3.24 62.76
N ALA U 21 66.99 -2.78 63.44
CA ALA U 21 66.83 -1.93 64.67
C ALA U 21 66.03 -0.65 64.34
N ASP U 22 66.39 0.01 63.21
CA ASP U 22 65.98 1.42 62.96
C ASP U 22 64.65 1.44 62.21
N VAL U 23 63.95 0.31 62.10
CA VAL U 23 62.58 0.30 61.53
C VAL U 23 61.69 1.16 62.38
N GLN U 24 60.78 1.89 61.75
CA GLN U 24 59.73 2.65 62.45
C GLN U 24 58.36 2.03 62.20
N VAL U 25 57.57 1.86 63.25
CA VAL U 25 56.16 1.43 63.10
C VAL U 25 55.25 2.41 63.85
N GLY U 26 54.29 3.01 63.13
CA GLY U 26 53.37 3.99 63.70
C GLY U 26 52.35 3.29 64.59
N PRO U 27 51.56 4.10 65.35
CA PRO U 27 50.51 3.59 66.23
C PRO U 27 49.44 2.81 65.48
N TRP U 28 48.88 1.77 66.10
CA TRP U 28 47.73 1.00 65.58
C TRP U 28 48.10 0.31 64.25
N SER U 29 49.38 -0.02 64.05
CA SER U 29 49.77 -0.87 62.92
C SER U 29 49.99 -2.30 63.43
N ILE U 30 49.76 -3.28 62.56
CA ILE U 30 49.90 -4.73 62.87
C ILE U 30 51.01 -5.26 61.97
N VAL U 31 52.10 -5.72 62.59
CA VAL U 31 53.15 -6.44 61.84
C VAL U 31 52.95 -7.91 62.17
N GLY U 32 52.23 -8.63 61.32
CA GLY U 32 51.77 -10.00 61.60
C GLY U 32 52.89 -11.01 61.67
N ALA U 33 52.60 -12.24 62.04
CA ALA U 33 53.62 -13.30 62.05
C ALA U 33 54.30 -13.44 60.67
N GLU U 34 55.56 -13.86 60.67
CA GLU U 34 56.38 -14.26 59.50
C GLU U 34 56.62 -13.03 58.65
N VAL U 35 56.53 -11.82 59.20
CA VAL U 35 56.82 -10.59 58.40
C VAL U 35 58.21 -10.09 58.71
N GLU U 36 59.07 -9.86 57.73
CA GLU U 36 60.48 -9.46 57.93
C GLU U 36 60.61 -8.07 57.31
N ILE U 37 61.10 -7.05 58.03
CA ILE U 37 61.19 -5.61 57.59
C ILE U 37 62.64 -5.11 57.66
N GLY U 38 63.17 -4.63 56.55
CA GLY U 38 64.58 -4.25 56.41
C GLY U 38 64.92 -2.92 57.08
N GLU U 39 66.22 -2.67 57.22
CA GLU U 39 66.84 -1.43 57.72
C GLU U 39 66.15 -0.18 57.15
N GLY U 40 65.77 0.75 58.02
CA GLY U 40 65.38 2.11 57.60
C GLY U 40 64.00 2.24 56.97
N THR U 41 63.21 1.17 56.94
CA THR U 41 61.82 1.16 56.45
C THR U 41 60.94 1.86 57.48
N VAL U 42 59.90 2.54 57.00
CA VAL U 42 58.97 3.29 57.86
C VAL U 42 57.53 2.85 57.59
N ILE U 43 56.87 2.33 58.60
CA ILE U 43 55.46 1.89 58.57
C ILE U 43 54.68 2.98 59.28
N GLY U 44 53.74 3.56 58.56
CA GLY U 44 52.84 4.57 59.13
C GLY U 44 51.95 3.93 60.18
N PRO U 45 51.01 4.74 60.69
CA PRO U 45 49.96 4.21 61.55
C PRO U 45 48.87 3.53 60.70
N HIS U 46 48.00 2.77 61.33
CA HIS U 46 46.88 2.08 60.65
C HIS U 46 47.39 1.22 59.47
N VAL U 47 48.55 0.57 59.59
CA VAL U 47 49.01 -0.33 58.50
C VAL U 47 48.84 -1.75 58.98
N VAL U 48 48.35 -2.61 58.09
CA VAL U 48 48.28 -4.07 58.32
C VAL U 48 49.25 -4.76 57.37
N LEU U 49 50.24 -5.44 57.95
CA LEU U 49 51.24 -6.33 57.31
C LEU U 49 50.89 -7.74 57.71
N LYS U 50 50.93 -8.65 56.74
CA LYS U 50 50.65 -10.07 56.95
C LYS U 50 51.70 -10.84 56.19
N GLY U 51 51.90 -12.11 56.56
CA GLY U 51 53.02 -12.94 56.11
C GLY U 51 52.59 -14.28 55.52
N PRO U 52 53.56 -15.08 55.05
CA PRO U 52 54.98 -14.71 55.01
C PRO U 52 55.36 -13.55 54.08
N THR U 53 56.01 -12.51 54.58
CA THR U 53 56.34 -11.34 53.75
C THR U 53 57.71 -10.81 54.11
N LYS U 54 58.58 -10.62 53.13
CA LYS U 54 59.86 -9.90 53.30
C LYS U 54 59.69 -8.51 52.67
N ILE U 55 59.89 -7.49 53.46
CA ILE U 55 60.05 -6.08 53.02
C ILE U 55 61.50 -5.63 53.22
N GLY U 56 62.14 -5.15 52.18
CA GLY U 56 63.55 -4.71 52.25
C GLY U 56 63.75 -3.35 52.92
N LYS U 57 64.77 -2.63 52.45
CA LYS U 57 65.43 -1.49 53.13
C LYS U 57 64.85 -0.19 52.58
N HIS U 58 64.58 0.77 53.45
CA HIS U 58 64.18 2.16 53.11
C HIS U 58 62.85 2.23 52.34
N ASN U 59 61.81 1.55 52.78
CA ASN U 59 60.46 1.68 52.21
C ASN U 59 59.67 2.64 53.14
N ARG U 60 58.71 3.40 52.59
CA ARG U 60 57.68 4.20 53.33
C ARG U 60 56.40 3.40 53.03
N ILE U 61 55.71 2.88 54.02
CA ILE U 61 54.35 2.33 53.79
C ILE U 61 53.33 3.22 54.51
N TYR U 62 52.36 3.81 53.77
CA TYR U 62 51.39 4.76 54.37
C TYR U 62 50.18 4.03 54.93
N GLN U 63 49.48 4.78 55.78
CA GLN U 63 48.26 4.40 56.54
C GLN U 63 47.22 3.70 55.68
N PHE U 64 46.51 2.78 56.30
CA PHE U 64 45.35 2.02 55.74
C PHE U 64 45.72 1.07 54.58
N SER U 65 47.02 0.91 54.31
CA SER U 65 47.60 -0.14 53.43
C SER U 65 47.46 -1.51 54.07
N SER U 66 47.19 -2.53 53.27
CA SER U 66 46.99 -3.94 53.73
C SER U 66 47.91 -4.70 52.80
N VAL U 67 49.10 -4.98 53.29
CA VAL U 67 50.23 -5.55 52.55
C VAL U 67 50.50 -6.93 53.09
N GLY U 68 50.36 -7.94 52.23
CA GLY U 68 50.67 -9.36 52.51
C GLY U 68 49.42 -10.19 52.80
N GLU U 69 48.25 -9.68 52.48
CA GLU U 69 46.96 -10.35 52.80
C GLU U 69 46.74 -11.50 51.79
N ASP U 70 45.98 -12.52 52.14
CA ASP U 70 45.68 -13.59 51.16
C ASP U 70 44.87 -12.99 50.00
N THR U 71 45.03 -13.42 48.74
CA THR U 71 44.04 -13.02 47.71
C THR U 71 42.70 -13.54 48.17
N PRO U 72 41.57 -12.88 47.88
CA PRO U 72 40.27 -13.54 47.99
C PRO U 72 39.90 -14.47 46.84
N ASP U 73 40.71 -14.58 45.76
CA ASP U 73 40.32 -15.41 44.59
C ASP U 73 40.13 -16.81 45.17
N LEU U 74 39.04 -17.45 44.77
CA LEU U 74 38.58 -18.80 45.26
C LEU U 74 39.61 -19.94 44.99
N LYS U 75 40.50 -19.84 43.99
CA LYS U 75 41.67 -20.75 43.72
C LYS U 75 42.61 -20.84 44.92
N TYR U 76 42.80 -19.74 45.63
CA TYR U 76 43.63 -19.71 46.84
C TYR U 76 42.90 -20.53 47.87
N LYS U 77 43.54 -21.56 48.44
CA LYS U 77 42.92 -22.47 49.41
C LYS U 77 43.76 -22.52 50.67
N GLY U 78 44.56 -21.50 50.97
CA GLY U 78 45.23 -21.31 52.29
C GLY U 78 46.72 -21.66 52.23
N GLU U 79 47.25 -22.01 51.05
CA GLU U 79 48.59 -22.61 50.91
C GLU U 79 49.61 -21.59 51.38
N PRO U 80 50.79 -22.00 51.92
CA PRO U 80 51.74 -21.00 52.45
C PRO U 80 52.36 -20.34 51.20
N THR U 81 52.24 -19.02 51.07
CA THR U 81 52.71 -18.29 49.86
C THR U 81 53.29 -16.98 50.34
N ARG U 82 54.15 -16.37 49.54
CA ARG U 82 55.03 -15.29 49.95
C ARG U 82 54.63 -14.00 49.24
N LEU U 83 54.97 -12.88 49.86
CA LEU U 83 55.16 -11.58 49.21
C LEU U 83 56.57 -11.08 49.48
N VAL U 84 57.28 -10.64 48.46
CA VAL U 84 58.64 -10.05 48.59
C VAL U 84 58.61 -8.64 48.04
N ILE U 85 59.17 -7.71 48.80
CA ILE U 85 59.28 -6.30 48.40
C ILE U 85 60.73 -5.89 48.59
N GLY U 86 61.30 -5.37 47.52
CA GLY U 86 62.61 -4.72 47.49
C GLY U 86 62.83 -3.49 48.41
N ASP U 87 63.71 -2.60 47.96
CA ASP U 87 64.21 -1.43 48.72
C ASP U 87 63.73 -0.12 48.09
N HIS U 88 63.64 0.93 48.90
CA HIS U 88 63.43 2.31 48.42
C HIS U 88 62.07 2.40 47.73
N ASN U 89 61.06 1.68 48.20
CA ASN U 89 59.71 1.78 47.57
C ASN U 89 58.87 2.70 48.44
N VAL U 90 57.98 3.44 47.78
CA VAL U 90 56.88 4.17 48.46
C VAL U 90 55.57 3.44 48.18
N ILE U 91 54.82 3.14 49.22
CA ILE U 91 53.47 2.57 49.12
C ILE U 91 52.54 3.51 49.84
N ARG U 92 51.62 4.11 49.08
CA ARG U 92 50.88 5.29 49.56
C ARG U 92 49.60 4.81 50.24
N GLU U 93 48.68 5.75 50.45
CA GLU U 93 47.58 5.46 51.38
C GLU U 93 46.61 4.43 50.76
N GLY U 94 46.31 3.39 51.52
CA GLY U 94 45.25 2.41 51.21
C GLY U 94 45.62 1.36 50.16
N VAL U 95 46.90 1.20 49.87
CA VAL U 95 47.30 0.23 48.84
C VAL U 95 47.02 -1.15 49.37
N THR U 96 46.70 -2.10 48.49
CA THR U 96 46.57 -3.53 48.81
C THR U 96 47.53 -4.34 47.96
N ILE U 97 48.34 -5.16 48.59
CA ILE U 97 49.26 -6.11 47.92
C ILE U 97 48.99 -7.46 48.56
N HIS U 98 48.63 -8.43 47.74
CA HIS U 98 48.29 -9.82 48.16
C HIS U 98 49.47 -10.73 47.84
N ARG U 99 49.63 -11.74 48.65
CA ARG U 99 50.69 -12.74 48.41
C ARG U 99 50.26 -13.64 47.23
N GLY U 100 51.16 -14.54 46.85
CA GLY U 100 50.97 -15.45 45.71
C GLY U 100 49.99 -16.61 45.94
N THR U 101 49.85 -17.41 44.88
CA THR U 101 49.04 -18.66 44.76
C THR U 101 49.97 -19.79 44.37
N VAL U 102 49.74 -21.03 44.78
CA VAL U 102 50.71 -22.13 44.43
C VAL U 102 50.59 -22.52 42.95
N GLN U 103 49.46 -22.23 42.29
CA GLN U 103 49.20 -22.48 40.85
C GLN U 103 50.19 -21.67 39.98
N ASP U 104 50.74 -20.54 40.39
CA ASP U 104 51.86 -19.88 39.65
C ASP U 104 53.18 -20.26 40.34
N ARG U 105 53.81 -19.32 41.03
CA ARG U 105 55.18 -19.47 41.60
C ARG U 105 55.13 -19.12 43.08
N ALA U 106 53.95 -19.03 43.66
CA ALA U 106 53.78 -18.88 45.12
C ALA U 106 54.32 -17.55 45.66
N GLU U 107 54.54 -16.53 44.82
CA GLU U 107 55.23 -15.26 45.21
C GLU U 107 54.63 -14.07 44.43
N THR U 108 54.26 -13.01 45.15
CA THR U 108 54.09 -11.66 44.59
C THR U 108 55.40 -10.90 44.79
N THR U 109 55.94 -10.27 43.78
CA THR U 109 57.28 -9.69 43.85
C THR U 109 57.28 -8.21 43.43
N ILE U 110 57.89 -7.40 44.27
CA ILE U 110 58.08 -5.96 43.99
C ILE U 110 59.58 -5.70 44.08
N GLY U 111 60.14 -5.02 43.10
CA GLY U 111 61.57 -4.71 43.06
C GLY U 111 61.84 -3.48 43.85
N ASP U 112 62.60 -2.54 43.30
CA ASP U 112 63.15 -1.36 44.04
C ASP U 112 62.68 -0.05 43.42
N HIS U 113 62.61 1.02 44.21
CA HIS U 113 62.38 2.43 43.72
C HIS U 113 61.04 2.57 43.01
N ASN U 114 60.06 1.76 43.39
CA ASN U 114 58.72 1.89 42.79
C ASN U 114 57.91 2.89 43.59
N LEU U 115 56.98 3.52 42.94
CA LEU U 115 56.05 4.42 43.65
C LEU U 115 54.65 3.87 43.40
N ILE U 116 53.98 3.39 44.43
CA ILE U 116 52.63 2.82 44.29
C ILE U 116 51.69 3.75 45.05
N MET U 117 50.79 4.42 44.32
CA MET U 117 50.01 5.53 44.89
C MET U 117 48.68 5.03 45.42
N ALA U 118 47.96 5.92 46.09
CA ALA U 118 46.81 5.57 46.92
C ALA U 118 45.89 4.55 46.24
N TYR U 119 45.47 3.53 46.96
CA TYR U 119 44.29 2.70 46.59
C TYR U 119 44.63 1.80 45.39
N ALA U 120 45.89 1.79 44.97
CA ALA U 120 46.42 0.83 43.97
C ALA U 120 46.27 -0.58 44.51
N HIS U 121 46.23 -1.57 43.61
CA HIS U 121 46.03 -2.99 43.96
C HIS U 121 46.95 -3.88 43.13
N ILE U 122 47.68 -4.73 43.84
CA ILE U 122 48.75 -5.57 43.27
C ILE U 122 48.35 -6.97 43.61
N GLY U 123 47.59 -7.60 42.73
CA GLY U 123 46.99 -8.92 43.00
C GLY U 123 48.04 -10.01 42.94
N HIS U 124 47.72 -11.15 43.53
CA HIS U 124 48.61 -12.33 43.69
C HIS U 124 49.43 -12.57 42.43
N ASP U 125 50.71 -12.88 42.62
CA ASP U 125 51.61 -13.43 41.57
C ASP U 125 52.12 -12.32 40.69
N SER U 126 51.66 -11.11 40.88
CA SER U 126 52.21 -9.95 40.14
C SER U 126 53.71 -9.78 40.45
N VAL U 127 54.44 -9.32 39.47
CA VAL U 127 55.88 -9.12 39.57
C VAL U 127 56.13 -7.74 39.03
N ILE U 128 56.50 -6.83 39.90
CA ILE U 128 56.91 -5.46 39.55
C ILE U 128 58.42 -5.33 39.67
N GLY U 129 58.97 -4.68 38.66
CA GLY U 129 60.42 -4.49 38.44
C GLY U 129 60.87 -3.36 39.30
N ASN U 130 61.65 -2.44 38.75
CA ASN U 130 62.07 -1.21 39.49
C ASN U 130 61.68 0.08 38.80
N HIS U 131 61.63 1.18 39.56
CA HIS U 131 61.41 2.56 39.06
C HIS U 131 60.03 2.63 38.41
N CYS U 132 59.09 1.83 38.85
CA CYS U 132 57.75 1.92 38.24
C CYS U 132 56.97 2.91 39.09
N ILE U 133 56.00 3.52 38.44
CA ILE U 133 54.91 4.31 39.05
C ILE U 133 53.58 3.71 38.67
N LEU U 134 52.82 3.34 39.68
CA LEU U 134 51.38 2.99 39.60
C LEU U 134 50.65 4.12 40.28
N VAL U 135 49.85 4.82 39.51
CA VAL U 135 49.09 5.97 40.07
C VAL U 135 47.82 5.48 40.76
N ASN U 136 47.22 6.36 41.51
CA ASN U 136 46.02 6.03 42.33
C ASN U 136 45.22 4.94 41.65
N ASN U 137 44.85 3.89 42.35
CA ASN U 137 43.72 3.03 41.88
C ASN U 137 44.13 2.17 40.66
N THR U 138 45.39 2.18 40.25
CA THR U 138 45.84 1.16 39.32
C THR U 138 45.57 -0.22 39.89
N ALA U 139 45.11 -1.16 39.10
CA ALA U 139 44.83 -2.49 39.65
C ALA U 139 45.41 -3.54 38.74
N LEU U 140 46.36 -4.33 39.25
CA LEU U 140 46.88 -5.53 38.54
C LEU U 140 46.08 -6.70 39.09
N ALA U 141 45.26 -7.29 38.23
CA ALA U 141 44.31 -8.34 38.66
C ALA U 141 44.98 -9.59 39.24
N GLY U 142 46.13 -9.96 38.68
CA GLY U 142 46.85 -11.18 39.08
C GLY U 142 47.87 -11.63 38.04
N HIS U 143 49.02 -12.13 38.49
CA HIS U 143 50.11 -12.61 37.62
C HIS U 143 50.49 -11.52 36.61
N VAL U 144 50.30 -10.25 36.91
CA VAL U 144 50.72 -9.18 35.97
C VAL U 144 52.21 -8.92 36.17
N HIS U 145 52.98 -8.87 35.08
CA HIS U 145 54.40 -8.46 35.10
C HIS U 145 54.54 -7.02 34.61
N VAL U 146 55.09 -6.14 35.47
CA VAL U 146 55.43 -4.74 35.11
C VAL U 146 56.95 -4.61 35.10
N ASP U 147 57.56 -4.34 33.95
CA ASP U 147 59.03 -4.18 33.82
C ASP U 147 59.40 -2.72 34.16
N ASP U 148 60.69 -2.46 34.24
CA ASP U 148 61.29 -1.21 34.79
C ASP U 148 60.75 0.05 34.11
N TRP U 149 60.44 1.07 34.90
CA TRP U 149 60.15 2.46 34.47
C TRP U 149 58.76 2.56 33.87
N ALA U 150 57.96 1.51 33.97
CA ALA U 150 56.57 1.62 33.47
C ALA U 150 55.83 2.62 34.33
N ILE U 151 55.05 3.44 33.67
CA ILE U 151 54.05 4.30 34.32
C ILE U 151 52.67 3.83 33.89
N LEU U 152 51.85 3.45 34.87
CA LEU U 152 50.39 3.30 34.74
C LEU U 152 49.71 4.52 35.37
N SER U 153 49.02 5.29 34.54
CA SER U 153 48.21 6.41 35.01
C SER U 153 47.04 5.87 35.85
N GLY U 154 46.43 6.78 36.57
CA GLY U 154 45.42 6.44 37.58
C GLY U 154 44.31 5.60 37.01
N TYR U 155 43.80 4.69 37.84
CA TYR U 155 42.60 3.88 37.50
C TYR U 155 42.87 3.02 36.25
N THR U 156 44.15 2.77 35.95
CA THR U 156 44.54 1.79 34.91
C THR U 156 44.22 0.37 35.43
N LEU U 157 43.43 -0.40 34.72
CA LEU U 157 43.08 -1.79 35.10
C LEU U 157 43.84 -2.77 34.20
N VAL U 158 44.56 -3.74 34.78
CA VAL U 158 45.34 -4.75 34.02
C VAL U 158 44.80 -6.18 34.25
N HIS U 159 44.51 -6.89 33.16
CA HIS U 159 43.93 -8.27 33.12
C HIS U 159 44.96 -9.25 33.67
N GLN U 160 44.48 -10.28 34.37
CA GLN U 160 45.25 -11.49 34.73
C GLN U 160 46.31 -11.65 33.63
N TYR U 161 47.56 -11.95 34.00
CA TYR U 161 48.60 -12.52 33.10
C TYR U 161 49.17 -11.46 32.14
N CYS U 162 48.69 -10.23 32.02
CA CYS U 162 49.33 -9.27 31.05
C CYS U 162 50.75 -8.90 31.44
N ARG U 163 51.62 -8.65 30.47
CA ARG U 163 52.96 -8.08 30.70
C ARG U 163 52.93 -6.61 30.28
N ILE U 164 53.38 -5.70 31.15
CA ILE U 164 53.55 -4.26 30.84
C ILE U 164 55.04 -3.99 30.56
N GLY U 165 55.37 -3.59 29.34
CA GLY U 165 56.76 -3.45 28.90
C GLY U 165 57.53 -2.42 29.68
N ALA U 166 58.87 -2.52 29.69
CA ALA U 166 59.76 -1.44 30.17
C ALA U 166 59.34 -0.11 29.54
N HIS U 167 59.32 0.98 30.30
CA HIS U 167 59.09 2.35 29.81
C HIS U 167 57.71 2.54 29.17
N SER U 168 56.82 1.59 29.32
CA SER U 168 55.49 1.74 28.72
C SER U 168 54.67 2.67 29.61
N PHE U 169 53.56 3.11 29.06
CA PHE U 169 52.70 4.15 29.61
C PHE U 169 51.23 3.87 29.30
N SER U 170 50.41 3.84 30.32
CA SER U 170 48.95 3.73 30.21
C SER U 170 48.34 5.08 30.59
N GLY U 171 47.41 5.55 29.77
CA GLY U 171 46.59 6.74 30.07
C GLY U 171 45.59 6.51 31.20
N MET U 172 45.01 7.54 31.77
CA MET U 172 44.14 7.30 32.91
C MET U 172 42.90 6.56 32.42
N GLY U 173 42.43 5.60 33.21
CA GLY U 173 41.20 4.86 32.91
C GLY U 173 41.44 3.79 31.86
N SER U 174 42.67 3.58 31.44
CA SER U 174 43.02 2.47 30.53
C SER U 174 42.56 1.14 31.13
N ALA U 175 42.05 0.28 30.28
CA ALA U 175 41.71 -1.10 30.66
C ALA U 175 42.54 -1.99 29.76
N ILE U 176 43.70 -2.41 30.22
CA ILE U 176 44.63 -3.19 29.39
C ILE U 176 44.23 -4.66 29.46
N GLY U 177 44.01 -5.36 28.34
CA GLY U 177 43.60 -6.78 28.33
C GLY U 177 44.64 -7.67 27.63
N LYS U 178 45.78 -7.11 27.25
CA LYS U 178 46.77 -7.77 26.37
C LYS U 178 48.13 -7.10 26.62
N ASP U 179 49.24 -7.78 26.40
CA ASP U 179 50.58 -7.22 26.70
C ASP U 179 50.75 -5.81 26.12
N VAL U 180 51.49 -4.97 26.82
CA VAL U 180 51.86 -3.64 26.34
C VAL U 180 53.36 -3.69 26.10
N PRO U 181 53.78 -3.61 24.84
CA PRO U 181 55.19 -3.72 24.54
C PRO U 181 55.84 -2.52 25.19
N ALA U 182 57.15 -2.64 25.22
CA ALA U 182 58.02 -1.65 25.84
C ALA U 182 57.87 -0.32 25.08
N TYR U 183 57.99 0.76 25.82
CA TYR U 183 57.84 2.17 25.41
C TYR U 183 56.45 2.46 24.85
N VAL U 184 55.53 1.52 24.74
CA VAL U 184 54.26 1.86 24.06
C VAL U 184 53.34 2.65 24.99
N THR U 185 52.59 3.59 24.45
CA THR U 185 51.52 4.30 25.20
C THR U 185 50.20 3.68 24.81
N VAL U 186 49.34 3.41 25.79
CA VAL U 186 47.99 2.84 25.56
C VAL U 186 46.94 3.66 26.29
N PHE U 187 45.77 3.81 25.69
CA PHE U 187 44.66 4.68 26.13
C PHE U 187 43.37 3.91 25.93
N GLY U 188 42.45 4.02 26.87
CA GLY U 188 41.02 3.71 26.67
C GLY U 188 40.66 2.33 27.16
N ASN U 189 39.38 2.03 27.11
CA ASN U 189 38.76 0.74 27.50
C ASN U 189 37.96 0.21 26.32
N PRO U 190 38.47 -0.75 25.53
CA PRO U 190 39.75 -1.43 25.78
C PRO U 190 40.96 -0.57 25.40
N ALA U 191 42.09 -0.79 26.05
CA ALA U 191 43.31 -0.02 25.78
C ALA U 191 43.76 -0.27 24.36
N GLU U 192 44.11 0.78 23.63
CA GLU U 192 44.68 0.71 22.27
C GLU U 192 46.05 1.40 22.27
N ALA U 193 46.96 1.01 21.39
CA ALA U 193 48.28 1.68 21.29
C ALA U 193 48.14 3.02 20.53
N ARG U 194 48.93 4.01 20.88
CA ARG U 194 48.86 5.34 20.25
C ARG U 194 50.24 5.79 19.77
N SER U 195 51.29 5.60 20.55
CA SER U 195 52.61 6.18 20.23
C SER U 195 53.62 5.51 21.14
N MET U 196 54.86 6.01 21.15
CA MET U 196 55.87 5.56 22.12
C MET U 196 56.01 6.68 23.15
N ASN U 197 56.47 6.30 24.33
CA ASN U 197 56.67 7.15 25.50
C ASN U 197 57.99 7.86 25.32
N PHE U 198 57.99 8.88 24.48
CA PHE U 198 59.22 9.57 24.10
C PHE U 198 59.74 10.35 25.31
N GLU U 199 58.85 10.88 26.15
CA GLU U 199 59.26 11.59 27.40
C GLU U 199 60.19 10.69 28.23
N GLY U 200 59.82 9.41 28.40
CA GLY U 200 60.54 8.48 29.26
C GLY U 200 61.89 8.19 28.69
N MET U 201 61.93 8.05 27.36
CA MET U 201 63.18 7.93 26.57
C MET U 201 64.08 9.13 26.81
N ARG U 202 63.55 10.36 26.72
CA ARG U 202 64.37 11.57 27.00
C ARG U 202 64.97 11.41 28.40
N ARG U 203 64.08 11.32 29.41
CA ARG U 203 64.48 11.22 30.84
C ARG U 203 65.63 10.23 30.96
N ARG U 204 65.76 9.16 30.17
CA ARG U 204 66.81 8.13 30.42
C ARG U 204 68.03 8.41 29.54
N GLY U 205 68.06 9.57 28.87
CA GLY U 205 69.15 10.02 27.98
C GLY U 205 69.36 9.08 26.82
N PHE U 206 68.29 8.64 26.17
CA PHE U 206 68.40 7.84 24.93
C PHE U 206 69.06 8.75 23.90
N SER U 207 69.95 8.21 23.11
CA SER U 207 70.45 8.92 21.92
C SER U 207 69.24 9.41 21.13
N SER U 208 69.40 10.50 20.40
CA SER U 208 68.34 10.90 19.44
C SER U 208 68.24 9.86 18.30
N GLU U 209 69.28 9.08 17.97
CA GLU U 209 69.19 8.03 16.90
C GLU U 209 68.31 6.88 17.39
N ALA U 210 68.33 6.60 18.69
CA ALA U 210 67.60 5.45 19.24
C ALA U 210 66.12 5.82 19.33
N ILE U 211 65.83 7.05 19.74
CA ILE U 211 64.42 7.51 19.82
C ILE U 211 63.79 7.37 18.43
N HIS U 212 64.52 7.83 17.43
CA HIS U 212 64.08 7.70 16.04
C HIS U 212 63.87 6.23 15.70
N ALA U 213 64.80 5.36 16.03
CA ALA U 213 64.74 3.93 15.67
C ALA U 213 63.50 3.29 16.32
N LEU U 214 63.19 3.76 17.53
CA LEU U 214 62.06 3.22 18.29
C LEU U 214 60.78 3.73 17.65
N ARG U 215 60.82 4.86 16.99
CA ARG U 215 59.60 5.36 16.36
C ARG U 215 59.41 4.55 15.08
N ARG U 216 60.48 4.22 14.38
CA ARG U 216 60.32 3.49 13.09
C ARG U 216 59.77 2.12 13.47
N ALA U 217 60.23 1.59 14.60
CA ALA U 217 59.86 0.27 15.13
C ALA U 217 58.36 0.26 15.42
N TYR U 218 57.87 1.37 15.97
CA TYR U 218 56.44 1.48 16.30
C TYR U 218 55.70 1.36 14.98
N LYS U 219 56.13 2.12 13.99
CA LYS U 219 55.42 2.17 12.71
C LYS U 219 55.40 0.74 12.13
N VAL U 220 56.50 0.01 12.23
CA VAL U 220 56.60 -1.37 11.70
C VAL U 220 55.49 -2.22 12.34
N VAL U 221 55.25 -2.04 13.64
CA VAL U 221 54.39 -3.03 14.36
C VAL U 221 52.93 -2.63 14.17
N TYR U 222 52.65 -1.34 14.07
CA TYR U 222 51.31 -0.80 14.35
C TYR U 222 50.74 -0.05 13.14
N ARG U 223 51.54 0.53 12.26
CA ARG U 223 51.03 1.60 11.37
C ARG U 223 51.31 1.07 9.94
N GLN U 224 51.42 -0.22 9.68
CA GLN U 224 52.01 -0.68 8.36
C GLN U 224 51.39 -1.99 7.85
N GLY U 225 50.31 -2.47 8.42
CA GLY U 225 49.73 -3.68 7.84
C GLY U 225 50.43 -4.95 8.24
N HIS U 226 51.61 -4.93 8.87
CA HIS U 226 52.43 -6.16 9.08
C HIS U 226 51.62 -7.04 10.03
N THR U 227 51.59 -8.36 9.87
CA THR U 227 51.11 -9.27 10.96
C THR U 227 52.12 -9.12 12.10
N VAL U 228 51.91 -9.71 13.26
CA VAL U 228 52.88 -9.56 14.37
C VAL U 228 54.16 -10.25 13.93
N GLU U 229 54.05 -11.42 13.30
CA GLU U 229 55.23 -12.22 12.84
C GLU U 229 56.04 -11.44 11.80
N GLU U 230 55.30 -10.83 10.89
CA GLU U 230 55.87 -10.02 9.82
C GLU U 230 56.70 -8.91 10.45
N ALA U 231 56.16 -8.29 11.50
CA ALA U 231 56.78 -7.16 12.21
C ALA U 231 58.08 -7.62 12.86
N LEU U 232 58.01 -8.72 13.59
CA LEU U 232 59.18 -9.23 14.35
C LEU U 232 60.36 -9.48 13.42
N ALA U 233 60.08 -9.91 12.21
CA ALA U 233 61.13 -10.23 11.23
C ALA U 233 61.66 -8.92 10.61
N GLU U 234 60.81 -7.96 10.27
CA GLU U 234 61.25 -6.61 9.84
C GLU U 234 62.12 -5.94 10.93
N LEU U 235 61.78 -6.13 12.22
CA LEU U 235 62.53 -5.54 13.35
C LEU U 235 63.96 -6.11 13.49
N ALA U 236 64.26 -7.33 13.05
CA ALA U 236 65.50 -8.06 13.43
C ALA U 236 66.75 -7.17 13.28
N GLU U 237 66.78 -6.38 12.20
CA GLU U 237 67.91 -5.49 11.83
C GLU U 237 68.04 -4.40 12.88
N SER U 238 67.00 -3.59 13.04
CA SER U 238 66.88 -2.49 14.04
C SER U 238 67.30 -3.04 15.44
N ALA U 239 66.79 -4.20 15.83
CA ALA U 239 67.05 -4.86 17.11
C ALA U 239 68.51 -5.28 17.22
N ALA U 240 69.21 -5.48 16.11
CA ALA U 240 70.63 -5.85 16.15
C ALA U 240 71.50 -4.60 16.25
N GLN U 241 70.92 -3.45 15.92
CA GLN U 241 71.63 -2.16 15.80
C GLN U 241 71.54 -1.37 17.10
N PHE U 242 70.49 -1.58 17.88
CA PHE U 242 69.92 -0.68 18.91
C PHE U 242 69.41 -1.57 20.04
N PRO U 243 70.13 -1.64 21.17
CA PRO U 243 69.64 -2.41 22.31
C PRO U 243 68.21 -1.99 22.68
N GLU U 244 67.93 -0.69 22.57
CA GLU U 244 66.61 -0.12 22.96
C GLU U 244 65.55 -0.74 22.05
N VAL U 245 65.84 -0.97 20.77
CA VAL U 245 64.86 -1.64 19.88
C VAL U 245 64.79 -3.12 20.25
N ALA U 246 65.88 -3.73 20.68
CA ALA U 246 65.83 -5.16 21.10
C ALA U 246 64.80 -5.33 22.23
N VAL U 247 64.80 -4.43 23.21
CA VAL U 247 63.89 -4.54 24.39
C VAL U 247 62.44 -4.56 23.85
N PHE U 248 62.19 -3.73 22.84
CA PHE U 248 60.86 -3.54 22.21
C PHE U 248 60.49 -4.85 21.53
N ARG U 249 61.36 -5.30 20.61
CA ARG U 249 61.15 -6.54 19.83
C ARG U 249 60.87 -7.66 20.84
N ASP U 250 61.75 -7.85 21.81
CA ASP U 250 61.61 -8.93 22.79
C ASP U 250 60.25 -8.79 23.49
N SER U 251 59.74 -7.60 23.77
CA SER U 251 58.48 -7.54 24.56
C SER U 251 57.37 -8.13 23.69
N ILE U 252 57.50 -8.01 22.37
CA ILE U 252 56.48 -8.51 21.42
C ILE U 252 56.62 -10.03 21.22
N GLN U 253 57.85 -10.48 20.97
CA GLN U 253 58.25 -11.90 20.94
C GLN U 253 57.52 -12.61 22.08
N SER U 254 57.73 -12.20 23.34
CA SER U 254 57.44 -13.02 24.54
C SER U 254 55.97 -12.85 24.98
N ALA U 255 55.06 -12.85 24.02
CA ALA U 255 53.64 -12.49 24.17
C ALA U 255 52.82 -13.37 23.19
N THR U 256 53.37 -13.61 21.99
CA THR U 256 52.80 -14.32 20.81
C THR U 256 53.64 -15.58 20.59
N ARG U 257 53.23 -16.77 21.04
CA ARG U 257 53.76 -18.03 20.43
C ARG U 257 52.88 -18.38 19.22
N GLY U 258 51.57 -18.44 19.43
CA GLY U 258 50.60 -18.76 18.39
C GLY U 258 50.36 -20.25 18.36
N ILE U 259 49.54 -20.67 17.41
CA ILE U 259 49.24 -22.11 17.16
C ILE U 259 49.70 -22.46 15.73
N THR U 260 50.27 -23.64 15.57
CA THR U 260 50.43 -24.27 14.25
C THR U 260 49.11 -23.99 13.55
N ARG U 261 49.11 -23.22 12.45
CA ARG U 261 47.93 -23.21 11.55
C ARG U 261 48.24 -24.12 10.38
N SER V 5 -46.67 -13.34 54.74
CA SER V 5 -47.39 -12.03 54.64
C SER V 5 -46.64 -11.00 53.78
N LEU V 6 -47.25 -10.58 52.65
CA LEU V 6 -46.64 -10.06 51.38
C LEU V 6 -45.37 -9.21 51.57
N ILE V 7 -45.46 -8.20 52.43
CA ILE V 7 -44.42 -7.17 52.71
C ILE V 7 -43.59 -7.71 53.88
N ASP V 8 -42.51 -8.45 53.62
CA ASP V 8 -41.75 -9.21 54.66
C ASP V 8 -41.41 -8.30 55.84
N PRO V 9 -41.54 -8.80 57.09
CA PRO V 9 -41.20 -7.98 58.26
C PRO V 9 -39.70 -7.69 58.46
N ARG V 10 -38.78 -8.56 58.04
CA ARG V 10 -37.33 -8.21 58.08
C ARG V 10 -36.99 -7.11 57.03
N ALA V 11 -37.94 -6.69 56.18
CA ALA V 11 -37.85 -5.47 55.32
C ALA V 11 -38.08 -4.21 56.14
N ILE V 12 -37.54 -3.09 55.68
CA ILE V 12 -37.82 -1.71 56.18
C ILE V 12 -38.66 -0.97 55.14
N ILE V 13 -39.77 -0.39 55.55
CA ILE V 13 -40.62 0.48 54.70
C ILE V 13 -40.66 1.86 55.37
N ASP V 14 -40.34 2.91 54.62
CA ASP V 14 -40.41 4.30 55.12
C ASP V 14 -41.87 4.66 55.34
N PRO V 15 -42.24 5.31 56.47
CA PRO V 15 -43.60 5.82 56.64
C PRO V 15 -44.10 6.44 55.32
N SER V 16 -43.23 7.14 54.58
CA SER V 16 -43.60 8.03 53.45
C SER V 16 -43.67 7.25 52.14
N ALA V 17 -43.13 6.03 52.06
CA ALA V 17 -43.27 5.14 50.87
C ALA V 17 -44.74 4.82 50.63
N ARG V 18 -45.19 4.43 49.43
CA ARG V 18 -46.66 4.25 49.21
C ARG V 18 -46.93 3.17 48.17
N LEU V 19 -47.42 2.01 48.62
CA LEU V 19 -47.50 0.72 47.86
C LEU V 19 -48.96 0.33 47.55
N ALA V 20 -49.28 -0.18 46.37
CA ALA V 20 -50.57 -0.88 46.18
C ALA V 20 -50.58 -2.03 47.17
N ALA V 21 -51.74 -2.55 47.55
CA ALA V 21 -51.89 -3.48 48.72
C ALA V 21 -51.07 -4.75 48.45
N ASP V 22 -51.14 -5.24 47.20
CA ASP V 22 -50.71 -6.61 46.74
C ASP V 22 -49.25 -6.62 46.26
N VAL V 23 -48.51 -5.51 46.42
CA VAL V 23 -47.03 -5.43 46.23
C VAL V 23 -46.36 -6.38 47.22
N GLN V 24 -45.41 -7.20 46.75
CA GLN V 24 -44.55 -8.05 47.60
C GLN V 24 -43.17 -7.41 47.74
N VAL V 25 -42.64 -7.39 48.96
CA VAL V 25 -41.28 -6.87 49.30
C VAL V 25 -40.62 -7.95 50.14
N GLY V 26 -39.45 -8.40 49.72
CA GLY V 26 -38.74 -9.55 50.30
C GLY V 26 -37.96 -9.12 51.55
N PRO V 27 -37.32 -10.09 52.22
CA PRO V 27 -36.61 -9.82 53.47
C PRO V 27 -35.40 -8.92 53.18
N TRP V 28 -35.01 -8.04 54.12
CA TRP V 28 -33.80 -7.16 54.06
C TRP V 28 -33.85 -6.22 52.87
N SER V 29 -35.01 -6.01 52.26
CA SER V 29 -35.18 -5.03 51.17
C SER V 29 -35.58 -3.72 51.84
N ILE V 30 -35.08 -2.60 51.33
CA ILE V 30 -35.39 -1.24 51.87
C ILE V 30 -36.21 -0.48 50.83
N VAL V 31 -37.36 0.07 51.24
CA VAL V 31 -38.12 1.07 50.44
C VAL V 31 -38.02 2.42 51.15
N GLY V 32 -37.15 3.29 50.64
CA GLY V 32 -36.87 4.59 51.28
C GLY V 32 -38.06 5.53 51.20
N ALA V 33 -37.96 6.68 51.86
CA ALA V 33 -38.84 7.86 51.63
C ALA V 33 -39.08 8.00 50.13
N GLU V 34 -40.32 8.35 49.75
CA GLU V 34 -40.70 8.99 48.46
C GLU V 34 -40.77 7.94 47.34
N VAL V 35 -40.63 6.67 47.68
CA VAL V 35 -40.79 5.56 46.74
C VAL V 35 -42.26 5.14 46.71
N GLU V 36 -42.84 5.21 45.53
CA GLU V 36 -44.24 4.79 45.22
C GLU V 36 -44.12 3.55 44.31
N ILE V 37 -44.88 2.49 44.59
CA ILE V 37 -44.81 1.20 43.87
C ILE V 37 -46.22 0.74 43.50
N GLY V 38 -46.52 0.73 42.20
CA GLY V 38 -47.78 0.22 41.61
C GLY V 38 -48.02 -1.28 41.82
N GLU V 39 -49.31 -1.63 41.87
CA GLU V 39 -49.94 -2.97 41.77
C GLU V 39 -48.99 -4.05 41.28
N GLY V 40 -48.95 -5.22 41.95
CA GLY V 40 -48.49 -6.52 41.41
C GLY V 40 -46.97 -6.61 41.33
N THR V 41 -46.28 -5.48 41.38
CA THR V 41 -44.80 -5.36 41.42
C THR V 41 -44.26 -6.19 42.58
N VAL V 42 -43.23 -6.99 42.33
CA VAL V 42 -42.58 -7.81 43.38
C VAL V 42 -41.16 -7.27 43.55
N ILE V 43 -40.86 -6.75 44.74
CA ILE V 43 -39.47 -6.49 45.13
C ILE V 43 -38.94 -7.78 45.76
N GLY V 44 -37.82 -8.26 45.25
CA GLY V 44 -37.14 -9.45 45.79
C GLY V 44 -36.50 -9.12 47.13
N PRO V 45 -35.69 -10.04 47.66
CA PRO V 45 -34.86 -9.78 48.84
C PRO V 45 -33.70 -8.83 48.49
N HIS V 46 -33.14 -8.16 49.48
CA HIS V 46 -31.84 -7.43 49.38
C HIS V 46 -31.88 -6.31 48.34
N VAL V 47 -33.05 -5.72 48.07
CA VAL V 47 -33.17 -4.59 47.11
C VAL V 47 -33.07 -3.31 47.89
N VAL V 48 -32.66 -2.23 47.22
CA VAL V 48 -32.66 -0.86 47.80
C VAL V 48 -33.34 0.07 46.81
N LEU V 49 -34.46 0.64 47.23
CA LEU V 49 -35.15 1.76 46.55
C LEU V 49 -34.93 3.05 47.37
N LYS V 50 -34.61 4.15 46.68
CA LYS V 50 -34.46 5.51 47.22
C LYS V 50 -35.34 6.42 46.35
N GLY V 51 -35.76 7.59 46.85
CA GLY V 51 -36.71 8.47 46.12
C GLY V 51 -36.22 9.89 45.90
N PRO V 52 -37.09 10.81 45.43
CA PRO V 52 -38.42 10.47 44.94
C PRO V 52 -38.34 9.57 43.70
N THR V 53 -39.13 8.48 43.70
CA THR V 53 -39.10 7.43 42.64
C THR V 53 -40.47 6.79 42.43
N LYS V 54 -40.91 6.59 41.18
CA LYS V 54 -42.27 6.08 40.87
C LYS V 54 -42.13 4.76 40.07
N ILE V 55 -42.67 3.66 40.59
CA ILE V 55 -42.50 2.31 40.00
C ILE V 55 -43.89 1.76 39.71
N GLY V 56 -44.21 1.58 38.44
CA GLY V 56 -45.59 1.21 38.02
C GLY V 56 -45.95 -0.21 38.37
N LYS V 57 -46.84 -0.78 37.54
CA LYS V 57 -47.51 -2.09 37.76
C LYS V 57 -46.62 -3.27 37.28
N HIS V 58 -46.65 -4.40 37.99
CA HIS V 58 -46.27 -5.77 37.56
C HIS V 58 -44.80 -5.87 37.19
N ASN V 59 -43.94 -5.07 37.83
CA ASN V 59 -42.46 -5.11 37.72
C ASN V 59 -41.94 -6.12 38.73
N ARG V 60 -40.91 -6.89 38.35
CA ARG V 60 -40.20 -7.90 39.18
C ARG V 60 -38.81 -7.25 39.34
N ILE V 61 -38.36 -6.96 40.54
CA ILE V 61 -37.01 -6.37 40.78
C ILE V 61 -36.25 -7.34 41.66
N TYR V 62 -35.08 -7.75 41.21
CA TYR V 62 -34.32 -8.85 41.83
C TYR V 62 -33.33 -8.26 42.82
N GLN V 63 -32.63 -9.15 43.54
CA GLN V 63 -31.74 -8.85 44.69
C GLN V 63 -30.54 -8.03 44.25
N PHE V 64 -30.00 -7.23 45.17
CA PHE V 64 -28.70 -6.53 45.11
C PHE V 64 -28.78 -5.33 44.14
N SER V 65 -30.01 -5.03 43.69
CA SER V 65 -30.30 -3.87 42.82
C SER V 65 -30.39 -2.64 43.70
N SER V 66 -29.81 -1.53 43.28
CA SER V 66 -29.90 -0.20 43.94
C SER V 66 -30.63 0.71 42.97
N VAL V 67 -31.92 0.93 43.19
CA VAL V 67 -32.83 1.63 42.23
C VAL V 67 -33.26 2.93 42.88
N GLY V 68 -32.92 4.05 42.28
CA GLY V 68 -33.32 5.39 42.77
C GLY V 68 -32.18 6.11 43.47
N GLU V 69 -30.98 5.56 43.46
CA GLU V 69 -29.87 6.14 44.23
C GLU V 69 -29.46 7.44 43.55
N ASP V 70 -28.67 8.29 44.19
CA ASP V 70 -28.13 9.51 43.54
C ASP V 70 -27.06 9.08 42.53
N THR V 71 -26.89 9.76 41.40
CA THR V 71 -25.67 9.57 40.60
C THR V 71 -24.54 10.11 41.43
N PRO V 72 -23.36 9.50 41.47
CA PRO V 72 -22.22 10.07 42.18
C PRO V 72 -21.49 11.16 41.41
N ASP V 73 -21.89 11.35 40.16
CA ASP V 73 -21.28 12.24 39.14
C ASP V 73 -21.24 13.65 39.75
N LEU V 74 -20.11 14.31 39.68
CA LEU V 74 -19.76 15.44 40.59
C LEU V 74 -20.67 16.66 40.34
N LYS V 75 -21.23 16.86 39.13
CA LYS V 75 -22.14 18.01 38.84
C LYS V 75 -23.49 17.87 39.55
N TYR V 76 -23.87 16.70 40.10
CA TYR V 76 -25.11 16.56 40.91
C TYR V 76 -24.86 16.98 42.36
N LYS V 77 -25.74 17.80 42.93
CA LYS V 77 -25.49 18.47 44.26
C LYS V 77 -26.47 18.05 45.36
N GLY V 78 -27.54 17.30 45.08
CA GLY V 78 -28.54 16.87 46.08
C GLY V 78 -29.94 17.37 45.72
N GLU V 79 -30.05 18.17 44.65
CA GLU V 79 -31.35 18.68 44.13
C GLU V 79 -32.36 17.53 44.09
N PRO V 80 -33.69 17.79 44.27
CA PRO V 80 -34.67 16.70 44.27
C PRO V 80 -34.97 16.32 42.80
N THR V 81 -34.53 15.14 42.39
CA THR V 81 -34.66 14.62 41.01
C THR V 81 -35.36 13.27 41.11
N ARG V 82 -35.94 12.79 40.02
CA ARG V 82 -36.89 11.66 40.10
C ARG V 82 -36.33 10.50 39.28
N LEU V 83 -36.87 9.31 39.55
CA LEU V 83 -36.82 8.13 38.67
C LEU V 83 -38.26 7.64 38.44
N VAL V 84 -38.64 7.44 37.19
CA VAL V 84 -39.97 6.90 36.82
C VAL V 84 -39.71 5.63 36.05
N ILE V 85 -40.55 4.63 36.31
CA ILE V 85 -40.46 3.25 35.77
C ILE V 85 -41.89 2.81 35.48
N GLY V 86 -42.17 2.46 34.24
CA GLY V 86 -43.51 2.03 33.79
C GLY V 86 -43.88 0.66 34.34
N ASP V 87 -44.55 -0.15 33.52
CA ASP V 87 -45.14 -1.45 33.93
C ASP V 87 -44.43 -2.63 33.26
N HIS V 88 -44.54 -3.82 33.86
CA HIS V 88 -44.07 -5.12 33.32
C HIS V 88 -42.57 -5.08 33.01
N ASN V 89 -41.73 -4.49 33.86
CA ASN V 89 -40.27 -4.47 33.63
C ASN V 89 -39.69 -5.58 34.47
N VAL V 90 -38.60 -6.17 34.01
CA VAL V 90 -37.80 -7.09 34.83
C VAL V 90 -36.43 -6.46 35.00
N ILE V 91 -36.11 -6.14 36.23
CA ILE V 91 -34.78 -5.62 36.65
C ILE V 91 -34.08 -6.70 37.49
N ARG V 92 -33.01 -7.21 36.93
CA ARG V 92 -32.31 -8.40 37.46
C ARG V 92 -31.27 -7.98 38.48
N GLU V 93 -30.57 -9.02 38.94
CA GLU V 93 -29.55 -9.09 40.02
C GLU V 93 -28.55 -7.92 39.86
N GLY V 94 -28.61 -6.97 40.80
CA GLY V 94 -27.56 -5.97 40.98
C GLY V 94 -27.63 -4.84 39.97
N VAL V 95 -28.79 -4.62 39.37
CA VAL V 95 -28.92 -3.40 38.55
C VAL V 95 -28.80 -2.16 39.43
N THR V 96 -28.12 -1.16 38.91
CA THR V 96 -28.03 0.23 39.39
C THR V 96 -28.90 1.08 38.48
N ILE V 97 -29.79 1.86 39.06
CA ILE V 97 -30.52 2.93 38.35
C ILE V 97 -30.42 4.20 39.22
N HIS V 98 -29.87 5.27 38.66
CA HIS V 98 -29.74 6.59 39.30
C HIS V 98 -30.88 7.54 38.85
N ARG V 99 -31.27 8.44 39.74
CA ARG V 99 -32.30 9.43 39.42
C ARG V 99 -31.65 10.50 38.54
N GLY V 100 -32.43 11.46 38.06
CA GLY V 100 -31.98 12.57 37.19
C GLY V 100 -30.98 13.50 37.85
N THR V 101 -30.65 14.55 37.08
CA THR V 101 -29.92 15.78 37.44
C THR V 101 -30.73 16.97 36.93
N VAL V 102 -30.54 18.14 37.51
CA VAL V 102 -31.33 19.33 37.13
C VAL V 102 -30.79 19.89 35.82
N GLN V 103 -29.53 19.63 35.52
CA GLN V 103 -28.88 20.14 34.29
C GLN V 103 -29.73 19.75 33.08
N ASP V 104 -30.54 18.70 33.17
CA ASP V 104 -31.22 18.14 31.99
C ASP V 104 -32.71 18.37 32.19
N ARG V 105 -33.36 17.41 32.82
CA ARG V 105 -34.83 17.30 32.85
C ARG V 105 -35.23 16.81 34.22
N ALA V 106 -34.27 16.46 35.06
CA ALA V 106 -34.49 16.04 36.46
C ALA V 106 -35.13 14.64 36.53
N GLU V 107 -34.98 13.79 35.52
CA GLU V 107 -35.75 12.52 35.50
C GLU V 107 -35.02 11.47 34.68
N THR V 108 -34.64 10.37 35.34
CA THR V 108 -34.35 9.07 34.70
C THR V 108 -35.69 8.40 34.44
N THR V 109 -35.95 7.96 33.22
CA THR V 109 -37.29 7.48 32.76
C THR V 109 -37.14 6.11 32.09
N ILE V 110 -37.98 5.15 32.50
CA ILE V 110 -38.03 3.76 31.94
C ILE V 110 -39.49 3.48 31.60
N GLY V 111 -39.77 3.15 30.35
CA GLY V 111 -41.12 2.77 29.91
C GLY V 111 -41.53 1.41 30.48
N ASP V 112 -41.99 0.53 29.58
CA ASP V 112 -42.75 -0.71 29.88
C ASP V 112 -42.13 -1.90 29.17
N HIS V 113 -42.32 -3.13 29.68
CA HIS V 113 -41.94 -4.41 29.04
C HIS V 113 -40.44 -4.47 28.71
N ASN V 114 -39.61 -3.73 29.42
CA ASN V 114 -38.16 -3.80 29.19
C ASN V 114 -37.64 -4.92 30.05
N LEU V 115 -36.54 -5.51 29.64
CA LEU V 115 -35.77 -6.50 30.43
C LEU V 115 -34.36 -5.97 30.61
N ILE V 116 -34.02 -5.61 31.83
CA ILE V 116 -32.67 -5.13 32.19
C ILE V 116 -31.96 -6.19 33.02
N MET V 117 -30.96 -6.83 32.45
CA MET V 117 -30.35 -8.03 33.06
C MET V 117 -29.30 -7.60 34.08
N ALA V 118 -28.70 -8.62 34.71
CA ALA V 118 -27.79 -8.49 35.88
C ALA V 118 -26.72 -7.40 35.67
N TYR V 119 -26.50 -6.57 36.67
CA TYR V 119 -25.32 -5.68 36.79
C TYR V 119 -25.37 -4.58 35.73
N ALA V 120 -26.50 -4.45 35.04
CA ALA V 120 -26.67 -3.35 34.09
C ALA V 120 -26.74 -2.05 34.88
N HIS V 121 -26.44 -0.95 34.21
CA HIS V 121 -26.40 0.38 34.84
C HIS V 121 -27.16 1.39 33.98
N ILE V 122 -28.08 2.08 34.61
CA ILE V 122 -28.86 3.10 33.89
C ILE V 122 -28.57 4.44 34.54
N GLY V 123 -27.62 5.13 33.95
CA GLY V 123 -27.14 6.42 34.47
C GLY V 123 -28.20 7.50 34.41
N HIS V 124 -28.02 8.51 35.26
CA HIS V 124 -28.98 9.64 35.39
C HIS V 124 -29.45 10.10 34.02
N ASP V 125 -30.74 10.41 33.91
CA ASP V 125 -31.35 11.21 32.80
C ASP V 125 -31.56 10.34 31.55
N SER V 126 -31.16 9.08 31.62
CA SER V 126 -31.41 8.08 30.57
C SER V 126 -32.91 7.88 30.45
N VAL V 127 -33.34 7.57 29.24
CA VAL V 127 -34.75 7.44 28.86
C VAL V 127 -34.87 6.16 28.02
N ILE V 128 -35.44 5.13 28.63
CA ILE V 128 -35.66 3.81 27.97
C ILE V 128 -37.14 3.70 27.55
N GLY V 129 -37.42 3.47 26.30
CA GLY V 129 -38.81 3.32 25.86
C GLY V 129 -39.41 2.01 26.31
N ASN V 130 -39.96 1.23 25.38
CA ASN V 130 -40.63 -0.05 25.68
C ASN V 130 -39.92 -1.22 25.00
N HIS V 131 -40.02 -2.45 25.57
CA HIS V 131 -39.71 -3.74 24.89
C HIS V 131 -38.21 -3.88 24.57
N CYS V 132 -37.39 -3.15 25.32
CA CYS V 132 -35.93 -3.08 25.14
C CYS V 132 -35.31 -4.20 25.95
N ILE V 133 -34.08 -4.57 25.62
CA ILE V 133 -33.34 -5.59 26.39
C ILE V 133 -31.93 -5.09 26.61
N LEU V 134 -31.58 -4.90 27.84
CA LEU V 134 -30.22 -4.46 28.20
C LEU V 134 -29.62 -5.69 28.84
N VAL V 135 -28.71 -6.32 28.13
CA VAL V 135 -28.10 -7.58 28.59
C VAL V 135 -27.06 -7.24 29.66
N ASN V 136 -26.75 -8.24 30.49
CA ASN V 136 -25.82 -8.14 31.63
C ASN V 136 -24.78 -7.07 31.37
N ASN V 137 -24.62 -6.19 32.35
CA ASN V 137 -23.47 -5.26 32.45
C ASN V 137 -23.53 -4.17 31.41
N THR V 138 -24.64 -4.03 30.68
CA THR V 138 -24.89 -2.86 29.80
C THR V 138 -24.88 -1.60 30.66
N ALA V 139 -24.24 -0.56 30.20
CA ALA V 139 -24.02 0.67 30.98
C ALA V 139 -24.34 1.89 30.10
N LEU V 140 -25.48 2.52 30.41
CA LEU V 140 -25.85 3.88 29.92
C LEU V 140 -25.19 4.94 30.79
N ALA V 141 -24.21 5.66 30.29
CA ALA V 141 -23.36 6.55 31.11
C ALA V 141 -24.18 7.68 31.70
N GLY V 142 -25.19 8.16 30.97
CA GLY V 142 -25.97 9.36 31.35
C GLY V 142 -26.63 9.97 30.14
N HIS V 143 -27.88 10.38 30.27
CA HIS V 143 -28.62 11.16 29.24
C HIS V 143 -28.79 10.31 27.98
N VAL V 144 -28.88 9.00 28.14
CA VAL V 144 -28.93 8.06 26.98
C VAL V 144 -30.39 7.79 26.63
N HIS V 145 -30.80 8.05 25.40
CA HIS V 145 -32.17 7.70 24.97
C HIS V 145 -32.10 6.36 24.22
N VAL V 146 -32.81 5.36 24.69
CA VAL V 146 -32.95 4.05 24.04
C VAL V 146 -34.37 3.97 23.54
N ASP V 147 -34.63 4.04 22.23
CA ASP V 147 -35.99 3.88 21.66
C ASP V 147 -36.41 2.40 21.69
N ASP V 148 -37.68 2.15 21.45
CA ASP V 148 -38.38 0.84 21.60
C ASP V 148 -37.66 -0.30 20.88
N TRP V 149 -37.61 -1.50 21.51
CA TRP V 149 -37.14 -2.82 21.00
C TRP V 149 -35.63 -2.88 20.78
N ALA V 150 -34.91 -1.89 21.25
CA ALA V 150 -33.45 -1.93 21.08
C ALA V 150 -32.95 -3.04 22.00
N ILE V 151 -31.93 -3.75 21.54
CA ILE V 151 -31.25 -4.84 22.28
C ILE V 151 -29.78 -4.44 22.36
N LEU V 152 -29.34 -4.15 23.58
CA LEU V 152 -27.92 -3.92 23.88
C LEU V 152 -27.37 -5.26 24.39
N SER V 153 -26.45 -5.88 23.64
CA SER V 153 -25.80 -7.15 24.02
C SER V 153 -24.95 -6.93 25.27
N GLY V 154 -24.58 -8.00 25.94
CA GLY V 154 -23.91 -7.87 27.25
C GLY V 154 -22.71 -6.97 27.17
N TYR V 155 -22.47 -6.17 28.20
CA TYR V 155 -21.24 -5.36 28.37
C TYR V 155 -21.15 -4.25 27.32
N THR V 156 -22.29 -3.86 26.76
CA THR V 156 -22.42 -2.69 25.87
C THR V 156 -22.33 -1.44 26.73
N LEU V 157 -21.33 -0.58 26.46
CA LEU V 157 -21.16 0.76 27.03
C LEU V 157 -21.69 1.80 26.02
N VAL V 158 -22.42 2.81 26.52
CA VAL V 158 -22.97 3.93 25.74
C VAL V 158 -22.51 5.23 26.35
N HIS V 159 -21.80 6.04 25.58
CA HIS V 159 -21.35 7.40 25.97
C HIS V 159 -22.56 8.30 26.25
N GLN V 160 -22.45 9.19 27.21
CA GLN V 160 -23.40 10.29 27.53
C GLN V 160 -24.07 10.78 26.27
N TYR V 161 -25.36 11.03 26.32
CA TYR V 161 -26.21 11.72 25.31
C TYR V 161 -26.44 10.90 24.05
N CYS V 162 -25.96 9.70 23.94
CA CYS V 162 -26.16 8.91 22.70
C CYS V 162 -27.60 8.45 22.62
N ARG V 163 -28.16 8.47 21.40
CA ARG V 163 -29.49 7.85 21.09
C ARG V 163 -29.25 6.50 20.41
N ILE V 164 -29.81 5.47 21.04
CA ILE V 164 -29.88 4.08 20.54
C ILE V 164 -31.22 3.97 19.82
N GLY V 165 -31.21 3.92 18.50
CA GLY V 165 -32.43 3.84 17.70
C GLY V 165 -33.30 2.61 17.98
N ALA V 166 -34.58 2.78 17.74
CA ALA V 166 -35.58 1.71 17.75
C ALA V 166 -35.07 0.53 16.92
N HIS V 167 -35.19 -0.67 17.48
CA HIS V 167 -34.92 -1.96 16.82
C HIS V 167 -33.43 -2.14 16.56
N SER V 168 -32.58 -1.21 16.99
CA SER V 168 -31.11 -1.29 16.81
C SER V 168 -30.57 -2.37 17.74
N PHE V 169 -29.34 -2.76 17.56
CA PHE V 169 -28.78 -3.96 18.22
C PHE V 169 -27.29 -3.75 18.38
N SER V 170 -26.78 -3.84 19.59
CA SER V 170 -25.32 -3.71 19.79
C SER V 170 -24.80 -5.11 20.02
N GLY V 171 -23.64 -5.37 19.48
CA GLY V 171 -22.89 -6.61 19.74
C GLY V 171 -22.29 -6.64 21.14
N MET V 172 -21.83 -7.81 21.59
CA MET V 172 -21.32 -7.88 22.96
C MET V 172 -19.99 -7.12 22.99
N GLY V 173 -19.83 -6.38 24.09
CA GLY V 173 -18.64 -5.58 24.37
C GLY V 173 -18.56 -4.34 23.52
N SER V 174 -19.63 -3.94 22.83
CA SER V 174 -19.66 -2.68 22.05
C SER V 174 -19.42 -1.48 22.95
N ALA V 175 -18.58 -0.56 22.48
CA ALA V 175 -18.35 0.75 23.12
C ALA V 175 -18.91 1.84 22.21
N ILE V 176 -20.14 2.27 22.46
CA ILE V 176 -20.92 3.12 21.53
C ILE V 176 -20.66 4.58 21.86
N GLY V 177 -20.16 5.35 20.93
CA GLY V 177 -19.71 6.72 21.21
C GLY V 177 -20.59 7.78 20.57
N LYS V 178 -21.45 7.39 19.65
CA LYS V 178 -22.19 8.29 18.74
C LYS V 178 -23.56 7.63 18.56
N ASP V 179 -24.58 8.33 18.08
CA ASP V 179 -25.89 7.65 17.99
C ASP V 179 -25.86 6.35 17.17
N VAL V 180 -26.81 5.48 17.43
CA VAL V 180 -27.08 4.28 16.62
C VAL V 180 -28.43 4.52 15.95
N PRO V 181 -28.49 4.66 14.61
CA PRO V 181 -29.77 4.84 13.92
C PRO V 181 -30.62 3.59 14.19
N ALA V 182 -31.92 3.75 14.13
CA ALA V 182 -32.89 2.65 14.21
C ALA V 182 -32.50 1.52 13.25
N TYR V 183 -32.82 0.30 13.67
CA TYR V 183 -32.61 -0.97 12.93
C TYR V 183 -31.12 -1.31 12.81
N VAL V 184 -30.21 -0.38 13.12
CA VAL V 184 -28.79 -0.67 12.79
C VAL V 184 -28.23 -1.66 13.80
N THR V 185 -27.32 -2.51 13.34
CA THR V 185 -26.43 -3.34 14.18
C THR V 185 -25.06 -2.69 14.25
N VAL V 186 -24.55 -2.50 15.46
CA VAL V 186 -23.17 -2.00 15.72
C VAL V 186 -22.40 -3.01 16.57
N PHE V 187 -21.05 -3.01 16.42
CA PHE V 187 -20.07 -4.00 16.99
C PHE V 187 -18.75 -3.30 17.28
N GLY V 188 -18.16 -3.62 18.41
CA GLY V 188 -16.76 -3.30 18.67
C GLY V 188 -16.57 -2.02 19.47
N ASN V 189 -15.30 -1.77 19.79
CA ASN V 189 -14.80 -0.55 20.47
C ASN V 189 -13.77 0.04 19.54
N PRO V 190 -14.04 1.20 18.89
CA PRO V 190 -15.34 1.85 18.96
C PRO V 190 -16.36 1.05 18.12
N ALA V 191 -17.65 1.18 18.46
CA ALA V 191 -18.78 0.58 17.73
C ALA V 191 -18.72 1.06 16.28
N GLU V 192 -18.83 0.14 15.33
CA GLU V 192 -19.04 0.44 13.89
C GLU V 192 -20.28 -0.32 13.45
N ALA V 193 -20.99 0.25 12.48
CA ALA V 193 -22.22 -0.29 11.86
C ALA V 193 -21.82 -1.43 10.95
N ARG V 194 -22.52 -2.54 10.99
CA ARG V 194 -22.26 -3.72 10.16
C ARG V 194 -23.45 -3.91 9.21
N SER V 195 -24.68 -3.62 9.64
CA SER V 195 -25.91 -4.11 8.95
C SER V 195 -27.15 -3.62 9.65
N MET V 196 -28.31 -4.16 9.27
CA MET V 196 -29.54 -3.95 10.06
C MET V 196 -29.98 -5.29 10.68
N ASN V 197 -30.67 -5.12 11.78
CA ASN V 197 -31.32 -6.17 12.56
C ASN V 197 -32.55 -6.65 11.82
N PHE V 198 -32.33 -7.46 10.81
CA PHE V 198 -33.41 -8.15 10.08
C PHE V 198 -34.19 -9.11 10.97
N GLU V 199 -33.54 -9.71 11.99
CA GLU V 199 -34.27 -10.68 12.87
C GLU V 199 -35.44 -9.93 13.53
N GLY V 200 -35.14 -8.79 14.16
CA GLY V 200 -36.15 -7.97 14.87
C GLY V 200 -37.27 -7.50 13.97
N MET V 201 -36.97 -7.31 12.68
CA MET V 201 -37.94 -6.86 11.65
C MET V 201 -38.90 -8.01 11.47
N ARG V 202 -38.36 -9.23 11.49
CA ARG V 202 -39.19 -10.43 11.29
C ARG V 202 -40.13 -10.52 12.49
N ARG V 203 -39.54 -10.66 13.69
CA ARG V 203 -40.21 -10.64 15.02
C ARG V 203 -41.31 -9.59 15.02
N ARG V 204 -41.17 -8.38 14.47
CA ARG V 204 -42.26 -7.36 14.45
C ARG V 204 -43.17 -7.54 13.24
N GLY V 205 -42.86 -8.54 12.41
CA GLY V 205 -43.67 -8.86 11.23
C GLY V 205 -43.69 -7.71 10.26
N PHE V 206 -42.54 -7.17 9.89
CA PHE V 206 -42.43 -6.22 8.76
C PHE V 206 -42.67 -6.97 7.46
N SER V 207 -43.22 -6.24 6.50
CA SER V 207 -43.42 -6.73 5.12
C SER V 207 -42.07 -7.11 4.54
N SER V 208 -42.05 -8.03 3.60
CA SER V 208 -40.76 -8.34 2.96
C SER V 208 -40.28 -7.08 2.18
N GLU V 209 -41.20 -6.23 1.67
CA GLU V 209 -40.91 -4.97 0.91
C GLU V 209 -40.15 -3.99 1.81
N ALA V 210 -40.52 -3.94 3.09
CA ALA V 210 -40.00 -2.91 4.01
C ALA V 210 -38.61 -3.36 4.47
N ILE V 211 -38.50 -4.66 4.69
CA ILE V 211 -37.19 -5.26 5.01
C ILE V 211 -36.21 -4.89 3.89
N HIS V 212 -36.57 -5.07 2.62
CA HIS V 212 -35.67 -4.71 1.50
C HIS V 212 -35.40 -3.20 1.46
N ALA V 213 -36.43 -2.40 1.71
CA ALA V 213 -36.34 -0.91 1.66
C ALA V 213 -35.36 -0.41 2.73
N LEU V 214 -35.39 -1.07 3.89
CA LEU V 214 -34.43 -0.78 4.96
C LEU V 214 -33.03 -1.26 4.54
N ARG V 215 -32.92 -2.37 3.82
CA ARG V 215 -31.57 -2.78 3.36
C ARG V 215 -31.06 -1.76 2.39
N ARG V 216 -31.88 -1.24 1.47
CA ARG V 216 -31.39 -0.20 0.52
C ARG V 216 -31.01 1.04 1.29
N ALA V 217 -31.77 1.39 2.33
CA ALA V 217 -31.56 2.67 3.06
C ALA V 217 -30.21 2.55 3.74
N TYR V 218 -29.91 1.38 4.28
CA TYR V 218 -28.63 1.16 4.95
C TYR V 218 -27.53 1.37 3.93
N LYS V 219 -27.66 0.77 2.76
CA LYS V 219 -26.60 0.94 1.72
C LYS V 219 -26.43 2.45 1.42
N VAL V 220 -27.48 3.24 1.42
CA VAL V 220 -27.40 4.67 1.02
C VAL V 220 -26.52 5.43 2.02
N VAL V 221 -26.73 5.11 3.30
CA VAL V 221 -26.14 5.85 4.45
C VAL V 221 -24.67 5.50 4.56
N TYR V 222 -24.39 4.19 4.40
CA TYR V 222 -23.12 3.52 4.78
C TYR V 222 -22.33 2.90 3.62
N ARG V 223 -22.79 2.62 2.41
CA ARG V 223 -21.89 1.89 1.45
C ARG V 223 -21.74 2.62 0.11
N GLN V 224 -22.15 3.88 -0.06
CA GLN V 224 -22.06 4.64 -1.35
C GLN V 224 -21.27 5.92 -1.07
N GLY V 225 -20.42 5.82 -0.05
CA GLY V 225 -19.73 6.95 0.61
C GLY V 225 -20.42 8.27 0.32
N HIS V 226 -21.64 8.44 0.81
CA HIS V 226 -22.38 9.72 0.82
C HIS V 226 -22.13 10.41 2.15
N THR V 227 -21.99 11.73 2.16
CA THR V 227 -22.18 12.51 3.41
C THR V 227 -23.55 12.18 4.01
N VAL V 228 -23.71 12.36 5.30
CA VAL V 228 -25.00 12.15 6.02
C VAL V 228 -26.07 12.99 5.29
N GLU V 229 -25.72 14.22 4.92
CA GLU V 229 -26.66 15.18 4.31
C GLU V 229 -27.09 14.56 2.98
N GLU V 230 -26.14 14.10 2.17
CA GLU V 230 -26.49 13.54 0.83
C GLU V 230 -27.42 12.32 1.00
N ALA V 231 -27.10 11.46 1.96
CA ALA V 231 -27.86 10.23 2.25
C ALA V 231 -29.29 10.61 2.59
N LEU V 232 -29.40 11.55 3.51
CA LEU V 232 -30.70 12.06 3.97
C LEU V 232 -31.53 12.54 2.79
N ALA V 233 -30.90 13.20 1.82
CA ALA V 233 -31.63 13.66 0.63
C ALA V 233 -32.12 12.44 -0.16
N GLU V 234 -31.25 11.48 -0.46
CA GLU V 234 -31.58 10.23 -1.19
C GLU V 234 -32.69 9.45 -0.45
N LEU V 235 -32.74 9.49 0.88
CA LEU V 235 -33.81 8.78 1.65
C LEU V 235 -35.18 9.50 1.53
N ALA V 236 -35.27 10.70 0.97
CA ALA V 236 -36.55 11.44 1.05
C ALA V 236 -37.64 10.51 0.49
N GLU V 237 -37.36 9.87 -0.65
CA GLU V 237 -38.37 9.14 -1.46
C GLU V 237 -38.77 7.88 -0.70
N SER V 238 -37.78 7.13 -0.28
CA SER V 238 -37.92 5.85 0.46
C SER V 238 -38.69 6.09 1.77
N ALA V 239 -38.38 7.18 2.48
CA ALA V 239 -38.95 7.53 3.80
C ALA V 239 -40.41 7.88 3.63
N ALA V 240 -40.75 8.48 2.49
CA ALA V 240 -42.16 8.80 2.17
C ALA V 240 -42.95 7.55 1.78
N GLN V 241 -42.28 6.51 1.28
CA GLN V 241 -42.99 5.30 0.81
C GLN V 241 -43.17 4.31 1.97
N PHE V 242 -42.24 4.29 2.92
CA PHE V 242 -42.17 3.25 3.97
C PHE V 242 -42.02 3.96 5.31
N PRO V 243 -43.11 3.99 6.12
CA PRO V 243 -43.04 4.51 7.49
C PRO V 243 -41.85 3.85 8.19
N GLU V 244 -41.52 2.58 7.90
CA GLU V 244 -40.35 1.90 8.54
C GLU V 244 -39.05 2.63 8.18
N VAL V 245 -38.86 3.08 6.96
CA VAL V 245 -37.63 3.82 6.53
C VAL V 245 -37.61 5.24 7.11
N ALA V 246 -38.77 5.83 7.33
CA ALA V 246 -38.90 7.15 8.01
C ALA V 246 -38.36 7.09 9.46
N VAL V 247 -38.65 6.06 10.21
CA VAL V 247 -38.06 5.89 11.56
C VAL V 247 -36.55 6.02 11.41
N PHE V 248 -36.03 5.43 10.34
CA PHE V 248 -34.57 5.41 10.07
C PHE V 248 -34.10 6.79 9.61
N ARG V 249 -34.71 7.37 8.56
CA ARG V 249 -34.30 8.72 8.10
C ARG V 249 -34.31 9.60 9.38
N ASP V 250 -35.38 9.56 10.15
CA ASP V 250 -35.54 10.45 11.35
C ASP V 250 -34.47 10.16 12.42
N SER V 251 -34.00 8.94 12.63
CA SER V 251 -32.99 8.69 13.69
C SER V 251 -31.67 9.37 13.28
N ILE V 252 -31.37 9.36 11.99
CA ILE V 252 -30.13 9.99 11.45
C ILE V 252 -30.28 11.51 11.48
N GLN V 253 -31.45 12.00 11.04
CA GLN V 253 -31.85 13.42 11.00
C GLN V 253 -31.39 14.14 12.26
N SER V 254 -31.79 13.58 13.41
CA SER V 254 -31.92 14.31 14.69
C SER V 254 -30.73 13.97 15.55
N ALA V 255 -29.60 13.78 14.88
CA ALA V 255 -28.33 13.31 15.44
C ALA V 255 -27.24 14.19 14.86
N THR V 256 -27.46 14.68 13.61
CA THR V 256 -26.74 15.78 12.89
C THR V 256 -27.57 17.05 13.00
N ARG V 257 -26.99 18.18 13.37
CA ARG V 257 -27.45 19.48 12.83
C ARG V 257 -26.36 20.01 11.90
N GLY V 258 -25.12 20.06 12.39
CA GLY V 258 -23.99 20.69 11.71
C GLY V 258 -23.85 22.15 12.07
N ILE V 259 -22.76 22.72 11.58
CA ILE V 259 -22.42 24.16 11.73
C ILE V 259 -22.31 24.69 10.31
N THR V 260 -22.67 25.95 10.14
CA THR V 260 -22.48 26.75 8.92
C THR V 260 -21.03 26.62 8.54
N ARG V 261 -20.77 26.04 7.38
CA ARG V 261 -19.46 25.86 6.73
C ARG V 261 -19.26 27.09 5.90
N SER W 5 -22.54 -21.12 66.26
CA SER W 5 -23.53 -22.18 65.72
C SER W 5 -23.62 -22.17 64.17
N LEU W 6 -23.41 -23.34 63.51
CA LEU W 6 -22.91 -23.52 62.11
C LEU W 6 -23.70 -22.68 61.09
N ILE W 7 -24.98 -23.05 60.92
CA ILE W 7 -26.04 -22.29 60.20
C ILE W 7 -26.37 -21.06 61.04
N ASP W 8 -26.32 -19.86 60.46
CA ASP W 8 -26.79 -18.63 61.16
C ASP W 8 -28.30 -18.75 61.35
N PRO W 9 -28.85 -18.33 62.50
CA PRO W 9 -30.31 -18.27 62.64
C PRO W 9 -30.86 -17.16 61.75
N ARG W 10 -30.04 -16.15 61.45
CA ARG W 10 -30.53 -14.92 60.77
C ARG W 10 -30.73 -15.19 59.27
N ALA W 11 -30.26 -16.34 58.80
CA ALA W 11 -30.49 -16.88 57.43
C ALA W 11 -31.84 -17.58 57.38
N ILE W 12 -32.29 -17.92 56.18
CA ILE W 12 -33.56 -18.64 55.92
C ILE W 12 -33.20 -19.95 55.20
N ILE W 13 -33.42 -21.08 55.84
CA ILE W 13 -33.36 -22.40 55.16
C ILE W 13 -34.81 -22.75 54.82
N ASP W 14 -35.03 -23.32 53.64
CA ASP W 14 -36.35 -23.85 53.23
C ASP W 14 -36.38 -25.31 53.65
N PRO W 15 -37.47 -25.83 54.25
CA PRO W 15 -37.43 -27.18 54.82
C PRO W 15 -37.16 -28.28 53.77
N SER W 16 -37.43 -27.99 52.48
CA SER W 16 -37.29 -28.95 51.34
C SER W 16 -35.86 -28.92 50.79
N ALA W 17 -34.97 -28.06 51.31
CA ALA W 17 -33.50 -28.14 51.12
C ALA W 17 -33.03 -29.27 52.00
N ARG W 18 -31.81 -29.78 51.81
CA ARG W 18 -31.10 -30.51 52.92
C ARG W 18 -29.60 -30.42 52.65
N LEU W 19 -28.83 -30.29 53.75
CA LEU W 19 -27.44 -29.79 53.91
C LEU W 19 -26.66 -30.76 54.79
N ALA W 20 -25.64 -31.45 54.27
CA ALA W 20 -24.85 -32.44 55.07
C ALA W 20 -24.45 -31.77 56.40
N ALA W 21 -24.13 -32.55 57.44
CA ALA W 21 -24.27 -32.12 58.86
C ALA W 21 -23.34 -30.93 59.18
N ASP W 22 -22.25 -30.69 58.44
CA ASP W 22 -21.20 -29.75 58.89
C ASP W 22 -21.06 -28.55 57.94
N VAL W 23 -22.06 -28.33 57.08
CA VAL W 23 -22.23 -27.11 56.22
C VAL W 23 -22.28 -25.87 57.11
N GLN W 24 -21.72 -24.77 56.64
CA GLN W 24 -21.96 -23.43 57.22
C GLN W 24 -22.84 -22.58 56.30
N VAL W 25 -23.72 -21.77 56.88
CA VAL W 25 -24.45 -20.70 56.15
C VAL W 25 -24.39 -19.43 56.96
N GLY W 26 -23.98 -18.34 56.33
CA GLY W 26 -23.86 -17.03 56.96
C GLY W 26 -25.19 -16.32 57.18
N PRO W 27 -25.15 -15.20 57.93
CA PRO W 27 -26.32 -14.35 58.13
C PRO W 27 -26.91 -13.88 56.79
N TRP W 28 -28.24 -13.84 56.70
CA TRP W 28 -29.06 -13.23 55.61
C TRP W 28 -28.81 -13.94 54.29
N SER W 29 -28.47 -15.21 54.37
CA SER W 29 -28.34 -16.02 53.16
C SER W 29 -29.66 -16.77 53.04
N ILE W 30 -30.17 -16.99 51.83
CA ILE W 30 -31.40 -17.80 51.58
C ILE W 30 -30.97 -19.11 50.96
N VAL W 31 -31.51 -20.23 51.42
CA VAL W 31 -31.27 -21.54 50.77
C VAL W 31 -32.61 -22.07 50.28
N GLY W 32 -32.92 -21.76 49.02
CA GLY W 32 -34.22 -22.00 48.35
C GLY W 32 -34.68 -23.44 48.45
N ALA W 33 -35.91 -23.67 48.03
CA ALA W 33 -36.46 -25.04 47.89
C ALA W 33 -35.55 -25.76 46.89
N GLU W 34 -35.35 -27.06 47.14
CA GLU W 34 -34.76 -28.07 46.23
C GLU W 34 -33.26 -27.82 46.10
N VAL W 35 -32.64 -27.19 47.09
CA VAL W 35 -31.17 -26.95 47.08
C VAL W 35 -30.50 -27.96 48.00
N GLU W 36 -29.56 -28.73 47.47
CA GLU W 36 -28.83 -29.79 48.19
C GLU W 36 -27.36 -29.34 48.27
N ILE W 37 -26.76 -29.31 49.47
CA ILE W 37 -25.37 -28.80 49.73
C ILE W 37 -24.56 -29.87 50.47
N GLY W 38 -23.46 -30.36 49.86
CA GLY W 38 -22.68 -31.51 50.37
C GLY W 38 -21.73 -31.13 51.50
N GLU W 39 -21.18 -32.15 52.18
CA GLU W 39 -20.21 -32.05 53.31
C GLU W 39 -19.24 -30.86 53.17
N GLY W 40 -19.17 -30.00 54.20
CA GLY W 40 -18.02 -29.09 54.47
C GLY W 40 -18.03 -27.81 53.66
N THR W 41 -19.05 -27.59 52.84
CA THR W 41 -19.25 -26.35 52.04
C THR W 41 -19.60 -25.21 52.99
N VAL W 42 -19.11 -24.00 52.71
CA VAL W 42 -19.39 -22.74 53.46
C VAL W 42 -20.17 -21.76 52.55
N ILE W 43 -21.43 -21.48 52.86
CA ILE W 43 -22.14 -20.31 52.30
C ILE W 43 -21.76 -19.08 53.14
N GLY W 44 -21.34 -18.03 52.46
CA GLY W 44 -21.04 -16.74 53.10
C GLY W 44 -22.33 -16.06 53.54
N PRO W 45 -22.19 -14.82 54.06
CA PRO W 45 -23.34 -13.95 54.27
C PRO W 45 -24.01 -13.51 52.96
N HIS W 46 -25.31 -13.20 52.96
CA HIS W 46 -25.99 -12.47 51.86
C HIS W 46 -25.87 -13.27 50.54
N VAL W 47 -25.88 -14.59 50.61
CA VAL W 47 -25.96 -15.43 49.39
C VAL W 47 -27.42 -15.80 49.12
N VAL W 48 -27.84 -15.86 47.86
CA VAL W 48 -29.16 -16.43 47.42
C VAL W 48 -28.92 -17.72 46.63
N LEU W 49 -29.48 -18.84 47.11
CA LEU W 49 -29.50 -20.13 46.37
C LEU W 49 -30.92 -20.37 45.91
N LYS W 50 -31.12 -20.73 44.64
CA LYS W 50 -32.42 -21.18 44.08
C LYS W 50 -32.14 -22.56 43.49
N GLY W 51 -33.17 -23.40 43.40
CA GLY W 51 -33.07 -24.80 42.96
C GLY W 51 -34.06 -25.08 41.85
N PRO W 52 -34.10 -26.34 41.33
CA PRO W 52 -33.32 -27.44 41.89
C PRO W 52 -31.82 -27.35 41.57
N THR W 53 -30.99 -27.40 42.60
CA THR W 53 -29.53 -27.19 42.52
C THR W 53 -28.84 -28.19 43.43
N LYS W 54 -27.77 -28.80 42.96
CA LYS W 54 -26.92 -29.71 43.76
C LYS W 54 -25.57 -28.99 43.89
N ILE W 55 -25.05 -28.90 45.11
CA ILE W 55 -23.69 -28.37 45.43
C ILE W 55 -22.92 -29.45 46.19
N GLY W 56 -21.74 -29.79 45.68
CA GLY W 56 -20.89 -30.87 46.22
C GLY W 56 -20.22 -30.48 47.52
N LYS W 57 -19.07 -31.10 47.78
CA LYS W 57 -18.37 -31.05 49.10
C LYS W 57 -17.32 -29.92 49.03
N HIS W 58 -17.07 -29.25 50.17
CA HIS W 58 -15.90 -28.37 50.42
C HIS W 58 -15.84 -27.21 49.43
N ASN W 59 -16.98 -26.62 49.12
CA ASN W 59 -17.12 -25.36 48.33
C ASN W 59 -17.10 -24.16 49.31
N ARG W 60 -16.80 -22.97 48.80
CA ARG W 60 -16.77 -21.71 49.57
C ARG W 60 -17.50 -20.76 48.57
N ILE W 61 -18.68 -20.26 48.92
CA ILE W 61 -19.51 -19.30 48.10
C ILE W 61 -19.58 -17.96 48.86
N TYR W 62 -19.19 -16.86 48.21
CA TYR W 62 -19.10 -15.52 48.85
C TYR W 62 -20.40 -14.71 48.71
N GLN W 63 -20.39 -13.56 49.41
CA GLN W 63 -21.53 -12.62 49.57
C GLN W 63 -22.00 -12.11 48.21
N PHE W 64 -23.33 -11.91 48.07
CA PHE W 64 -24.07 -11.21 46.98
C PHE W 64 -24.15 -12.00 45.67
N SER W 65 -23.69 -13.26 45.78
CA SER W 65 -23.83 -14.35 44.80
C SER W 65 -25.29 -14.75 44.75
N SER W 66 -25.79 -14.97 43.55
CA SER W 66 -27.16 -15.42 43.28
C SER W 66 -26.96 -16.64 42.40
N VAL W 67 -27.02 -17.79 43.05
CA VAL W 67 -26.69 -19.07 42.42
C VAL W 67 -27.97 -19.86 42.19
N GLY W 68 -28.18 -20.26 40.95
CA GLY W 68 -29.23 -21.20 40.61
C GLY W 68 -30.53 -20.48 40.34
N GLU W 69 -30.49 -19.18 40.08
CA GLU W 69 -31.69 -18.45 39.61
C GLU W 69 -31.99 -18.92 38.17
N ASP W 70 -33.23 -18.66 37.74
CA ASP W 70 -33.76 -18.77 36.37
C ASP W 70 -32.91 -17.94 35.41
N THR W 71 -32.66 -18.37 34.19
CA THR W 71 -32.12 -17.39 33.21
C THR W 71 -33.21 -16.36 32.96
N PRO W 72 -32.87 -15.07 32.70
CA PRO W 72 -33.86 -14.09 32.30
C PRO W 72 -34.24 -14.19 30.82
N ASP W 73 -33.49 -14.95 29.99
CA ASP W 73 -33.67 -15.05 28.51
C ASP W 73 -35.05 -15.59 28.23
N LEU W 74 -35.72 -15.05 27.21
CA LEU W 74 -37.18 -15.26 26.95
C LEU W 74 -37.44 -16.72 26.55
N LYS W 75 -36.56 -17.34 25.76
CA LYS W 75 -36.51 -18.81 25.51
C LYS W 75 -37.01 -19.60 26.71
N TYR W 76 -36.55 -19.28 27.93
CA TYR W 76 -36.89 -20.02 29.18
C TYR W 76 -38.31 -19.69 29.60
N LYS W 77 -39.24 -20.65 29.64
CA LYS W 77 -40.64 -20.38 30.07
C LYS W 77 -40.91 -21.03 31.43
N GLY W 78 -39.93 -21.24 32.29
CA GLY W 78 -40.20 -21.66 33.67
C GLY W 78 -40.16 -23.17 33.85
N GLU W 79 -39.71 -23.94 32.86
CA GLU W 79 -39.64 -25.43 32.94
C GLU W 79 -38.75 -25.80 34.13
N PRO W 80 -38.87 -27.00 34.80
CA PRO W 80 -38.04 -27.29 35.99
C PRO W 80 -36.67 -27.74 35.47
N THR W 81 -35.58 -27.03 35.77
CA THR W 81 -34.24 -27.29 35.20
C THR W 81 -33.16 -27.13 36.25
N ARG W 82 -32.04 -27.84 36.09
CA ARG W 82 -31.08 -28.09 37.18
C ARG W 82 -29.85 -27.20 37.01
N LEU W 83 -29.10 -27.09 38.12
CA LEU W 83 -27.71 -26.59 38.28
C LEU W 83 -26.95 -27.60 39.15
N VAL W 84 -25.77 -28.02 38.71
CA VAL W 84 -24.92 -28.99 39.45
C VAL W 84 -23.53 -28.37 39.60
N ILE W 85 -23.07 -28.22 40.83
CA ILE W 85 -21.71 -27.70 41.12
C ILE W 85 -20.97 -28.84 41.80
N GLY W 86 -19.82 -29.25 41.29
CA GLY W 86 -18.96 -30.26 41.95
C GLY W 86 -18.35 -29.79 43.29
N ASP W 87 -17.08 -30.13 43.50
CA ASP W 87 -16.42 -30.09 44.83
C ASP W 87 -15.23 -29.14 44.80
N HIS W 88 -14.82 -28.60 45.94
CA HIS W 88 -13.62 -27.73 46.15
C HIS W 88 -13.64 -26.53 45.21
N ASN W 89 -14.80 -25.97 44.87
CA ASN W 89 -14.88 -24.74 44.04
C ASN W 89 -14.98 -23.55 44.96
N VAL W 90 -14.31 -22.44 44.59
CA VAL W 90 -14.46 -21.12 45.25
C VAL W 90 -15.25 -20.25 44.27
N ILE W 91 -16.42 -19.79 44.68
CA ILE W 91 -17.29 -18.87 43.90
C ILE W 91 -17.27 -17.53 44.63
N ARG W 92 -16.71 -16.50 44.02
CA ARG W 92 -16.35 -15.29 44.80
C ARG W 92 -17.56 -14.37 44.87
N GLU W 93 -17.34 -13.09 45.20
CA GLU W 93 -18.44 -12.14 45.57
C GLU W 93 -19.21 -11.73 44.31
N GLY W 94 -20.51 -11.94 44.35
CA GLY W 94 -21.42 -11.34 43.38
C GLY W 94 -21.54 -12.16 42.10
N VAL W 95 -21.19 -13.44 42.13
CA VAL W 95 -21.27 -14.28 40.91
C VAL W 95 -22.75 -14.60 40.65
N THR W 96 -23.15 -14.61 39.39
CA THR W 96 -24.45 -15.14 38.94
C THR W 96 -24.21 -16.43 38.16
N ILE W 97 -24.98 -17.46 38.52
CA ILE W 97 -24.98 -18.79 37.86
C ILE W 97 -26.45 -19.14 37.65
N HIS W 98 -26.85 -19.44 36.43
CA HIS W 98 -28.27 -19.72 36.15
C HIS W 98 -28.46 -21.20 35.86
N ARG W 99 -29.63 -21.74 36.18
CA ARG W 99 -29.97 -23.13 35.81
C ARG W 99 -30.21 -23.19 34.30
N GLY W 100 -30.20 -24.41 33.76
CA GLY W 100 -30.39 -24.74 32.33
C GLY W 100 -31.77 -24.38 31.82
N THR W 101 -31.95 -24.61 30.52
CA THR W 101 -33.18 -24.46 29.72
C THR W 101 -33.45 -25.83 29.13
N VAL W 102 -34.69 -26.23 28.77
CA VAL W 102 -34.96 -27.61 28.22
C VAL W 102 -34.46 -27.80 26.77
N GLN W 103 -34.16 -26.70 26.08
CA GLN W 103 -33.79 -26.65 24.63
C GLN W 103 -32.40 -27.30 24.47
N ASP W 104 -31.49 -27.14 25.43
CA ASP W 104 -30.18 -27.86 25.52
C ASP W 104 -30.45 -29.10 26.38
N ARG W 105 -29.71 -29.31 27.48
CA ARG W 105 -29.77 -30.60 28.22
C ARG W 105 -30.33 -30.32 29.62
N ALA W 106 -30.86 -29.14 29.85
CA ALA W 106 -31.71 -28.89 31.03
C ALA W 106 -30.85 -28.76 32.29
N GLU W 107 -29.55 -28.52 32.13
CA GLU W 107 -28.60 -28.46 33.25
C GLU W 107 -27.49 -27.42 32.97
N THR W 108 -27.19 -26.59 33.97
CA THR W 108 -25.87 -25.92 34.12
C THR W 108 -24.98 -26.80 34.99
N THR W 109 -23.77 -27.10 34.57
CA THR W 109 -22.87 -28.06 35.27
C THR W 109 -21.53 -27.38 35.56
N ILE W 110 -20.99 -27.52 36.77
CA ILE W 110 -19.64 -27.01 37.13
C ILE W 110 -18.88 -28.13 37.84
N GLY W 111 -17.62 -28.31 37.47
CA GLY W 111 -16.81 -29.50 37.87
C GLY W 111 -16.24 -29.30 39.25
N ASP W 112 -14.96 -29.62 39.41
CA ASP W 112 -14.25 -29.53 40.70
C ASP W 112 -13.10 -28.50 40.61
N HIS W 113 -12.68 -27.96 41.75
CA HIS W 113 -11.43 -27.18 41.89
C HIS W 113 -11.46 -25.98 40.91
N ASN W 114 -12.64 -25.43 40.68
CA ASN W 114 -12.78 -24.19 39.90
C ASN W 114 -12.72 -23.00 40.83
N LEU W 115 -12.27 -21.88 40.27
CA LEU W 115 -12.17 -20.55 40.93
C LEU W 115 -12.86 -19.53 40.04
N ILE W 116 -14.00 -19.02 40.49
CA ILE W 116 -14.89 -18.16 39.68
C ILE W 116 -14.93 -16.85 40.42
N MET W 117 -14.25 -15.86 39.90
CA MET W 117 -13.98 -14.62 40.65
C MET W 117 -15.16 -13.65 40.54
N ALA W 118 -15.05 -12.54 41.25
CA ALA W 118 -16.18 -11.64 41.54
C ALA W 118 -16.92 -11.24 40.26
N TYR W 119 -18.27 -11.27 40.29
CA TYR W 119 -19.20 -10.75 39.25
C TYR W 119 -19.11 -11.61 37.98
N ALA W 120 -18.51 -12.79 38.06
CA ALA W 120 -18.51 -13.69 36.89
C ALA W 120 -19.96 -14.03 36.63
N HIS W 121 -20.31 -14.38 35.41
CA HIS W 121 -21.66 -14.88 35.08
C HIS W 121 -21.52 -16.19 34.32
N ILE W 122 -22.33 -17.16 34.69
CA ILE W 122 -22.31 -18.53 34.11
C ILE W 122 -23.71 -18.85 33.65
N GLY W 123 -24.00 -18.45 32.40
CA GLY W 123 -25.30 -18.57 31.74
C GLY W 123 -25.82 -20.00 31.74
N HIS W 124 -27.14 -20.10 31.63
CA HIS W 124 -27.84 -21.39 31.42
C HIS W 124 -26.99 -22.31 30.56
N ASP W 125 -26.79 -23.53 31.03
CA ASP W 125 -26.49 -24.72 30.18
C ASP W 125 -24.98 -24.77 29.96
N SER W 126 -24.28 -23.80 30.54
CA SER W 126 -22.81 -23.73 30.43
C SER W 126 -22.26 -24.95 31.16
N VAL W 127 -21.13 -25.46 30.73
CA VAL W 127 -20.51 -26.65 31.35
C VAL W 127 -19.06 -26.28 31.63
N ILE W 128 -18.69 -26.19 32.90
CA ILE W 128 -17.28 -25.97 33.32
C ILE W 128 -16.73 -27.30 33.85
N GLY W 129 -15.60 -27.76 33.29
CA GLY W 129 -14.81 -28.91 33.78
C GLY W 129 -14.17 -28.65 35.12
N ASN W 130 -12.86 -28.91 35.28
CA ASN W 130 -12.16 -28.75 36.59
C ASN W 130 -10.92 -27.88 36.44
N HIS W 131 -10.48 -27.25 37.55
CA HIS W 131 -9.23 -26.45 37.65
C HIS W 131 -9.29 -25.19 36.74
N CYS W 132 -10.49 -24.79 36.37
CA CYS W 132 -10.64 -23.54 35.59
C CYS W 132 -10.50 -22.36 36.54
N ILE W 133 -10.04 -21.25 36.00
CA ILE W 133 -10.10 -19.92 36.67
C ILE W 133 -10.86 -18.98 35.75
N LEU W 134 -12.05 -18.56 36.15
CA LEU W 134 -12.83 -17.47 35.52
C LEU W 134 -12.58 -16.21 36.34
N VAL W 135 -11.82 -15.29 35.79
CA VAL W 135 -11.45 -14.05 36.50
C VAL W 135 -12.62 -13.06 36.52
N ASN W 136 -12.53 -12.11 37.45
CA ASN W 136 -13.45 -10.97 37.68
C ASN W 136 -14.27 -10.66 36.41
N ASN W 137 -15.60 -10.73 36.49
CA ASN W 137 -16.57 -10.21 35.46
C ASN W 137 -16.54 -10.98 34.13
N THR W 138 -15.80 -12.08 34.03
CA THR W 138 -15.94 -13.05 32.92
C THR W 138 -17.43 -13.36 32.85
N ALA W 139 -17.97 -13.44 31.64
CA ALA W 139 -19.38 -13.80 31.39
C ALA W 139 -19.53 -14.84 30.27
N LEU W 140 -20.14 -15.98 30.60
CA LEU W 140 -20.51 -17.03 29.60
C LEU W 140 -21.97 -16.85 29.22
N ALA W 141 -22.25 -16.42 27.99
CA ALA W 141 -23.59 -15.99 27.53
C ALA W 141 -24.60 -17.10 27.75
N GLY W 142 -24.17 -18.35 27.55
CA GLY W 142 -24.97 -19.58 27.73
C GLY W 142 -24.55 -20.72 26.80
N HIS W 143 -24.76 -21.96 27.24
CA HIS W 143 -24.35 -23.18 26.48
C HIS W 143 -22.86 -23.13 26.17
N VAL W 144 -22.02 -22.51 26.99
CA VAL W 144 -20.56 -22.46 26.77
C VAL W 144 -19.90 -23.62 27.49
N HIS W 145 -18.92 -24.25 26.88
CA HIS W 145 -18.20 -25.40 27.48
C HIS W 145 -16.78 -24.94 27.73
N VAL W 146 -16.40 -24.84 29.01
CA VAL W 146 -15.01 -24.55 29.43
C VAL W 146 -14.39 -25.85 29.93
N ASP W 147 -13.37 -26.32 29.24
CA ASP W 147 -12.74 -27.63 29.47
C ASP W 147 -11.56 -27.44 30.44
N ASP W 148 -11.03 -28.52 31.02
CA ASP W 148 -10.16 -28.41 32.22
C ASP W 148 -9.04 -27.36 32.04
N TRP W 149 -8.66 -26.67 33.12
CA TRP W 149 -7.46 -25.79 33.23
C TRP W 149 -7.57 -24.54 32.37
N ALA W 150 -8.72 -24.29 31.77
CA ALA W 150 -8.85 -23.04 30.99
C ALA W 150 -8.69 -21.91 31.99
N ILE W 151 -8.00 -20.84 31.59
CA ILE W 151 -8.04 -19.52 32.28
C ILE W 151 -8.69 -18.42 31.40
N LEU W 152 -9.78 -17.84 31.87
CA LEU W 152 -10.41 -16.69 31.20
C LEU W 152 -10.05 -15.43 31.98
N SER W 153 -9.21 -14.58 31.42
CA SER W 153 -8.76 -13.33 32.06
C SER W 153 -9.98 -12.43 32.34
N GLY W 154 -9.79 -11.33 33.06
CA GLY W 154 -10.90 -10.45 33.46
C GLY W 154 -11.76 -9.95 32.32
N TYR W 155 -13.06 -9.89 32.52
CA TYR W 155 -14.01 -9.22 31.59
C TYR W 155 -13.95 -9.93 30.23
N THR W 156 -13.70 -11.24 30.27
CA THR W 156 -13.82 -12.12 29.10
C THR W 156 -15.30 -12.44 28.89
N LEU W 157 -15.75 -12.17 27.67
CA LEU W 157 -17.13 -12.35 27.19
C LEU W 157 -17.08 -13.50 26.21
N VAL W 158 -17.88 -14.53 26.44
CA VAL W 158 -17.95 -15.74 25.59
C VAL W 158 -19.37 -15.84 25.07
N HIS W 159 -19.46 -15.87 23.74
CA HIS W 159 -20.68 -15.94 22.93
C HIS W 159 -21.29 -17.32 23.17
N GLN W 160 -22.62 -17.44 23.06
CA GLN W 160 -23.35 -18.72 23.32
CA GLN W 160 -23.41 -18.69 23.21
C GLN W 160 -22.72 -19.85 22.50
N TYR W 161 -22.83 -21.08 22.99
CA TYR W 161 -22.37 -22.35 22.36
C TYR W 161 -20.85 -22.42 22.12
N CYS W 162 -20.02 -21.48 22.55
CA CYS W 162 -18.57 -21.61 22.29
C CYS W 162 -17.89 -22.66 23.18
N ARG W 163 -16.93 -23.39 22.66
CA ARG W 163 -16.14 -24.30 23.49
C ARG W 163 -14.81 -23.60 23.78
N ILE W 164 -14.46 -23.47 25.05
CA ILE W 164 -13.11 -23.02 25.47
C ILE W 164 -12.30 -24.27 25.76
N GLY W 165 -11.16 -24.42 25.11
CA GLY W 165 -10.39 -25.67 25.15
C GLY W 165 -9.61 -25.85 26.44
N ALA W 166 -9.13 -27.05 26.68
CA ALA W 166 -8.29 -27.29 27.87
C ALA W 166 -7.05 -26.43 27.79
N HIS W 167 -6.63 -25.91 28.96
CA HIS W 167 -5.40 -25.11 29.14
C HIS W 167 -5.41 -23.91 28.20
N SER W 168 -6.53 -23.57 27.61
CA SER W 168 -6.58 -22.34 26.80
C SER W 168 -6.65 -21.14 27.72
N PHE W 169 -6.38 -19.97 27.18
CA PHE W 169 -6.26 -18.72 27.93
C PHE W 169 -6.76 -17.56 27.08
N SER W 170 -7.64 -16.77 27.65
CA SER W 170 -8.18 -15.53 27.07
C SER W 170 -7.53 -14.36 27.80
N GLY W 171 -7.18 -13.32 27.07
CA GLY W 171 -6.61 -12.10 27.66
C GLY W 171 -7.69 -11.17 28.18
N MET W 172 -7.37 -10.10 28.91
CA MET W 172 -8.45 -9.37 29.57
C MET W 172 -9.28 -8.66 28.51
N GLY W 173 -10.58 -8.67 28.67
CA GLY W 173 -11.50 -7.92 27.81
C GLY W 173 -11.68 -8.61 26.48
N SER W 174 -11.45 -9.90 26.44
CA SER W 174 -11.56 -10.64 25.17
C SER W 174 -13.04 -10.81 24.82
N ALA W 175 -13.37 -10.76 23.54
CA ALA W 175 -14.74 -10.96 23.07
C ALA W 175 -14.71 -12.22 22.24
N ILE W 176 -15.06 -13.32 22.82
CA ILE W 176 -14.80 -14.62 22.17
C ILE W 176 -16.07 -14.98 21.43
N GLY W 177 -16.03 -15.10 20.12
CA GLY W 177 -17.19 -15.34 19.23
C GLY W 177 -17.22 -16.75 18.71
N LYS W 178 -16.06 -17.35 18.54
CA LYS W 178 -15.86 -18.65 17.87
C LYS W 178 -15.20 -19.54 18.95
N ASP W 179 -14.97 -20.82 18.71
CA ASP W 179 -14.36 -21.71 19.74
C ASP W 179 -12.90 -21.36 20.01
N VAL W 180 -12.38 -21.69 21.19
CA VAL W 180 -10.94 -21.56 21.47
C VAL W 180 -10.36 -22.97 21.59
N PRO W 181 -9.47 -23.36 20.68
CA PRO W 181 -8.90 -24.69 20.73
C PRO W 181 -8.02 -24.74 21.97
N ALA W 182 -7.84 -25.93 22.50
CA ALA W 182 -6.98 -26.21 23.66
C ALA W 182 -5.60 -25.56 23.52
N TYR W 183 -5.03 -25.12 24.65
CA TYR W 183 -3.68 -24.51 24.74
C TYR W 183 -3.68 -23.11 24.14
N VAL W 184 -4.64 -22.71 23.30
CA VAL W 184 -4.47 -21.45 22.51
C VAL W 184 -4.68 -20.22 23.41
N THR W 185 -3.93 -19.15 23.19
CA THR W 185 -4.18 -17.85 23.85
C THR W 185 -4.83 -16.93 22.82
N VAL W 186 -5.92 -16.27 23.21
CA VAL W 186 -6.70 -15.35 22.36
C VAL W 186 -6.81 -14.02 23.08
N PHE W 187 -6.94 -12.93 22.36
CA PHE W 187 -6.82 -11.53 22.86
C PHE W 187 -7.70 -10.68 21.97
N GLY W 188 -8.46 -9.75 22.53
CA GLY W 188 -9.09 -8.65 21.80
C GLY W 188 -10.58 -8.85 21.54
N ASN W 189 -11.16 -7.82 20.92
CA ASN W 189 -12.59 -7.78 20.49
C ASN W 189 -12.64 -7.43 19.00
N PRO W 190 -12.87 -8.39 18.07
CA PRO W 190 -13.10 -9.80 18.44
C PRO W 190 -11.78 -10.47 18.83
N ALA W 191 -11.86 -11.52 19.65
CA ALA W 191 -10.73 -12.39 20.05
C ALA W 191 -10.02 -12.94 18.81
N GLU W 192 -8.70 -13.00 18.85
CA GLU W 192 -7.81 -13.46 17.77
C GLU W 192 -6.78 -14.37 18.45
N ALA W 193 -6.41 -15.46 17.82
CA ALA W 193 -5.38 -16.37 18.33
C ALA W 193 -4.05 -15.64 18.26
N ARG W 194 -3.24 -15.71 19.31
CA ARG W 194 -1.88 -15.09 19.34
C ARG W 194 -0.83 -16.19 19.44
N SER W 195 -0.98 -17.14 20.36
CA SER W 195 0.05 -18.17 20.62
C SER W 195 -0.54 -19.33 21.40
N MET W 196 0.33 -20.04 22.12
CA MET W 196 -0.14 -21.11 23.01
C MET W 196 0.29 -20.85 24.45
N ASN W 197 -0.47 -21.42 25.35
CA ASN W 197 -0.33 -21.20 26.78
C ASN W 197 0.85 -22.03 27.29
N PHE W 198 2.07 -21.61 26.97
CA PHE W 198 3.30 -22.31 27.41
C PHE W 198 3.37 -22.33 28.93
N GLU W 199 3.12 -21.21 29.61
CA GLU W 199 3.03 -21.15 31.08
C GLU W 199 2.27 -22.39 31.58
N GLY W 200 1.07 -22.65 31.06
CA GLY W 200 0.15 -23.71 31.53
C GLY W 200 0.76 -25.08 31.36
N MET W 201 1.42 -25.28 30.23
CA MET W 201 2.11 -26.57 29.93
C MET W 201 3.25 -26.75 30.95
N ARG W 202 4.07 -25.71 31.23
CA ARG W 202 5.13 -25.75 32.25
C ARG W 202 4.49 -26.20 33.55
N ARG W 203 3.42 -25.51 33.99
CA ARG W 203 2.78 -25.72 35.31
C ARG W 203 2.31 -27.17 35.37
N ARG W 204 1.89 -27.83 34.31
CA ARG W 204 1.49 -29.27 34.38
C ARG W 204 2.67 -30.22 34.11
N GLY W 205 3.92 -29.70 34.06
CA GLY W 205 5.16 -30.41 33.67
C GLY W 205 5.00 -31.26 32.43
N PHE W 206 4.52 -30.67 31.34
CA PHE W 206 4.56 -31.25 29.98
C PHE W 206 6.03 -31.47 29.65
N SER W 207 6.33 -32.50 28.89
CA SER W 207 7.71 -32.70 28.40
C SER W 207 8.11 -31.52 27.51
N SER W 208 9.40 -31.24 27.34
CA SER W 208 9.81 -30.30 26.28
C SER W 208 9.46 -30.86 24.90
N GLU W 209 9.47 -32.18 24.69
CA GLU W 209 9.14 -32.74 23.34
C GLU W 209 7.67 -32.30 23.05
N ALA W 210 6.79 -32.37 24.04
CA ALA W 210 5.35 -32.09 23.83
C ALA W 210 5.08 -30.59 23.58
N ILE W 211 5.76 -29.72 24.36
CA ILE W 211 5.70 -28.24 24.25
C ILE W 211 6.17 -27.86 22.84
N HIS W 212 7.30 -28.37 22.36
CA HIS W 212 7.71 -28.10 20.97
C HIS W 212 6.65 -28.59 19.98
N ALA W 213 6.03 -29.74 20.21
CA ALA W 213 5.11 -30.36 19.22
C ALA W 213 3.85 -29.52 19.14
N LEU W 214 3.55 -28.87 20.29
CA LEU W 214 2.35 -28.02 20.39
C LEU W 214 2.64 -26.69 19.72
N ARG W 215 3.88 -26.22 19.82
CA ARG W 215 4.22 -24.98 19.13
C ARG W 215 4.09 -25.27 17.65
N ARG W 216 4.53 -26.44 17.16
CA ARG W 216 4.52 -26.76 15.70
C ARG W 216 3.08 -26.89 15.29
N ALA W 217 2.23 -27.42 16.16
CA ALA W 217 0.79 -27.65 15.85
C ALA W 217 0.09 -26.30 15.66
N TYR W 218 0.39 -25.35 16.53
CA TYR W 218 -0.08 -23.96 16.42
C TYR W 218 0.31 -23.44 15.04
N LYS W 219 1.57 -23.67 14.64
CA LYS W 219 2.11 -23.13 13.38
C LYS W 219 1.27 -23.76 12.26
N VAL W 220 1.01 -25.05 12.36
CA VAL W 220 0.33 -25.78 11.27
C VAL W 220 -1.05 -25.14 11.08
N VAL W 221 -1.69 -24.83 12.17
CA VAL W 221 -3.11 -24.43 12.10
C VAL W 221 -3.15 -22.98 11.72
N TYR W 222 -2.27 -22.15 12.27
CA TYR W 222 -2.47 -20.68 12.28
C TYR W 222 -1.46 -19.96 11.39
N ARG W 223 -0.31 -20.48 10.99
CA ARG W 223 0.76 -19.61 10.44
C ARG W 223 1.27 -20.14 9.09
N GLN W 224 0.51 -20.96 8.39
CA GLN W 224 1.12 -21.76 7.31
C GLN W 224 0.18 -21.85 6.12
N GLY W 225 -0.76 -20.92 6.03
CA GLY W 225 -1.69 -20.77 4.89
C GLY W 225 -2.81 -21.82 4.84
N HIS W 226 -2.79 -22.82 5.70
CA HIS W 226 -3.63 -24.02 5.57
C HIS W 226 -5.07 -23.65 5.88
N THR W 227 -6.02 -24.24 5.18
CA THR W 227 -7.46 -24.34 5.59
C THR W 227 -7.47 -25.21 6.83
N VAL W 228 -8.53 -25.19 7.61
CA VAL W 228 -8.65 -26.10 8.78
C VAL W 228 -8.61 -27.57 8.38
N GLU W 229 -9.32 -28.03 7.32
CA GLU W 229 -9.35 -29.49 6.96
C GLU W 229 -7.89 -29.84 6.58
N GLU W 230 -7.18 -28.95 5.89
CA GLU W 230 -5.74 -29.13 5.58
C GLU W 230 -4.99 -29.32 6.92
N ALA W 231 -5.20 -28.49 7.93
CA ALA W 231 -4.39 -28.55 9.17
C ALA W 231 -4.69 -29.85 9.90
N LEU W 232 -5.96 -30.16 10.08
CA LEU W 232 -6.35 -31.38 10.83
C LEU W 232 -5.59 -32.59 10.25
N ALA W 233 -5.52 -32.60 8.92
CA ALA W 233 -4.87 -33.63 8.11
C ALA W 233 -3.41 -33.66 8.53
N GLU W 234 -2.74 -32.51 8.49
CA GLU W 234 -1.28 -32.39 8.73
C GLU W 234 -0.97 -32.74 10.18
N LEU W 235 -1.88 -32.41 11.10
CA LEU W 235 -1.77 -32.75 12.54
C LEU W 235 -1.92 -34.27 12.85
N ALA W 236 -2.20 -35.16 11.88
CA ALA W 236 -2.56 -36.56 12.17
C ALA W 236 -1.33 -37.25 12.79
N GLU W 237 -0.15 -37.00 12.21
CA GLU W 237 1.11 -37.63 12.67
C GLU W 237 1.36 -37.23 14.14
N SER W 238 1.32 -35.93 14.41
CA SER W 238 1.78 -35.28 15.67
C SER W 238 0.80 -35.70 16.78
N ALA W 239 -0.49 -35.78 16.47
CA ALA W 239 -1.55 -36.28 17.39
C ALA W 239 -1.39 -37.78 17.73
N ALA W 240 -0.90 -38.59 16.83
CA ALA W 240 -0.61 -39.99 17.15
C ALA W 240 0.61 -40.09 18.08
N GLN W 241 1.49 -39.10 18.06
CA GLN W 241 2.77 -39.20 18.81
C GLN W 241 2.63 -38.63 20.22
N PHE W 242 1.74 -37.66 20.42
CA PHE W 242 1.60 -36.91 21.69
C PHE W 242 0.12 -36.73 22.03
N PRO W 243 -0.36 -37.27 23.17
CA PRO W 243 -1.75 -37.05 23.57
C PRO W 243 -2.08 -35.56 23.65
N GLU W 244 -1.08 -34.76 24.06
CA GLU W 244 -1.25 -33.30 24.28
C GLU W 244 -1.64 -32.70 22.94
N VAL W 245 -1.04 -33.17 21.84
CA VAL W 245 -1.41 -32.66 20.48
C VAL W 245 -2.78 -33.22 20.12
N ALA W 246 -3.11 -34.45 20.48
CA ALA W 246 -4.41 -35.02 20.11
C ALA W 246 -5.51 -34.19 20.81
N VAL W 247 -5.29 -33.71 22.04
CA VAL W 247 -6.28 -32.84 22.74
C VAL W 247 -6.59 -31.60 21.89
N PHE W 248 -5.52 -31.01 21.32
CA PHE W 248 -5.56 -29.81 20.42
C PHE W 248 -6.26 -30.16 19.12
N ARG W 249 -5.88 -31.27 18.41
CA ARG W 249 -6.51 -31.70 17.14
C ARG W 249 -7.99 -31.91 17.45
N ASP W 250 -8.31 -32.77 18.45
CA ASP W 250 -9.72 -33.09 18.83
C ASP W 250 -10.47 -31.75 19.07
N SER W 251 -9.92 -30.73 19.78
CA SER W 251 -10.69 -29.49 20.06
C SER W 251 -11.01 -28.74 18.76
N ILE W 252 -10.23 -28.89 17.70
CA ILE W 252 -10.45 -28.21 16.39
C ILE W 252 -11.40 -29.06 15.54
N GLN W 253 -11.17 -30.37 15.49
CA GLN W 253 -12.12 -31.35 14.87
C GLN W 253 -13.53 -31.00 15.33
N SER W 254 -13.71 -30.87 16.63
CA SER W 254 -15.04 -30.87 17.27
C SER W 254 -15.68 -29.46 17.11
N ALA W 255 -15.01 -28.50 16.47
CA ALA W 255 -15.64 -27.21 16.08
C ALA W 255 -16.21 -27.32 14.68
N THR W 256 -15.36 -27.16 13.67
CA THR W 256 -15.67 -27.22 12.21
C THR W 256 -16.26 -28.59 11.86
N ARG W 257 -17.56 -28.70 11.57
CA ARG W 257 -18.09 -29.81 10.72
C ARG W 257 -18.11 -29.38 9.24
N GLY W 258 -18.72 -28.25 8.93
CA GLY W 258 -18.69 -27.64 7.57
C GLY W 258 -19.88 -28.12 6.77
N ILE W 259 -19.97 -27.70 5.53
CA ILE W 259 -21.12 -28.03 4.66
C ILE W 259 -20.58 -28.66 3.38
N THR W 260 -21.26 -29.62 2.82
CA THR W 260 -20.90 -30.11 1.47
C THR W 260 -20.69 -28.89 0.57
N ARG W 261 -19.50 -28.76 -0.03
CA ARG W 261 -19.12 -27.68 -1.00
C ARG W 261 -19.38 -28.21 -2.38
N SER X 5 -29.29 5.67 67.35
CA SER X 5 -28.81 4.35 66.94
C SER X 5 -27.89 4.49 65.71
N LEU X 6 -26.75 5.19 65.85
CA LEU X 6 -25.74 5.45 64.79
C LEU X 6 -25.21 4.13 64.18
N ILE X 7 -24.81 3.20 65.04
CA ILE X 7 -24.61 1.77 64.66
C ILE X 7 -26.00 1.12 64.69
N ASP X 8 -26.50 0.64 63.53
CA ASP X 8 -27.86 0.06 63.43
C ASP X 8 -27.79 -1.28 64.17
N PRO X 9 -28.83 -1.62 64.98
CA PRO X 9 -28.83 -2.88 65.72
C PRO X 9 -28.71 -4.11 64.80
N ARG X 10 -29.25 -4.09 63.58
CA ARG X 10 -29.22 -5.30 62.68
C ARG X 10 -27.82 -5.54 62.06
N ALA X 11 -26.89 -4.58 62.21
CA ALA X 11 -25.44 -4.70 61.92
C ALA X 11 -24.75 -5.64 62.93
N ILE X 12 -23.60 -6.16 62.55
CA ILE X 12 -22.72 -7.07 63.34
C ILE X 12 -21.39 -6.37 63.50
N ILE X 13 -20.93 -6.16 64.73
CA ILE X 13 -19.65 -5.46 64.98
C ILE X 13 -18.72 -6.37 65.80
N ASP X 14 -17.65 -6.86 65.20
CA ASP X 14 -16.66 -7.67 65.93
C ASP X 14 -16.13 -6.85 67.12
N PRO X 15 -16.05 -7.46 68.32
CA PRO X 15 -15.44 -6.79 69.48
C PRO X 15 -14.05 -6.13 69.27
N SER X 16 -13.21 -6.58 68.33
CA SER X 16 -11.85 -6.02 68.08
C SER X 16 -11.89 -5.00 66.96
N ALA X 17 -12.96 -4.23 66.83
CA ALA X 17 -13.08 -3.21 65.76
C ALA X 17 -13.17 -1.86 66.45
N ARG X 18 -12.33 -0.87 66.12
CA ARG X 18 -12.44 0.46 66.78
C ARG X 18 -13.13 1.41 65.81
N LEU X 19 -14.26 1.98 66.25
CA LEU X 19 -15.17 2.89 65.51
C LEU X 19 -15.35 4.22 66.27
N ALA X 20 -14.71 5.29 65.81
CA ALA X 20 -14.85 6.66 66.36
C ALA X 20 -16.34 6.96 66.65
N ALA X 21 -16.67 7.62 67.78
CA ALA X 21 -18.08 7.79 68.24
C ALA X 21 -19.01 8.08 67.05
N ASP X 22 -18.76 9.11 66.23
CA ASP X 22 -19.81 9.66 65.32
C ASP X 22 -19.79 8.89 63.99
N VAL X 23 -19.27 7.65 64.00
CA VAL X 23 -19.37 6.69 62.84
C VAL X 23 -20.82 6.23 62.73
N GLN X 24 -21.26 5.90 61.51
CA GLN X 24 -22.62 5.36 61.19
C GLN X 24 -22.51 4.00 60.48
N VAL X 25 -23.45 3.10 60.72
CA VAL X 25 -23.43 1.77 60.06
C VAL X 25 -24.87 1.33 59.84
N GLY X 26 -25.18 1.06 58.56
CA GLY X 26 -26.51 0.64 58.08
C GLY X 26 -26.84 -0.75 58.60
N PRO X 27 -28.11 -1.15 58.48
CA PRO X 27 -28.48 -2.53 58.80
C PRO X 27 -27.73 -3.58 57.95
N TRP X 28 -27.41 -4.73 58.53
CA TRP X 28 -26.94 -5.96 57.85
C TRP X 28 -25.53 -5.74 57.29
N SER X 29 -24.81 -4.78 57.87
CA SER X 29 -23.40 -4.61 57.46
C SER X 29 -22.54 -5.41 58.45
N ILE X 30 -21.47 -6.07 58.00
CA ILE X 30 -20.53 -6.80 58.90
C ILE X 30 -19.26 -5.95 59.02
N VAL X 31 -18.94 -5.50 60.20
CA VAL X 31 -17.59 -4.94 60.45
C VAL X 31 -16.80 -6.03 61.18
N GLY X 32 -16.00 -6.79 60.41
CA GLY X 32 -15.11 -7.90 60.85
C GLY X 32 -14.03 -7.45 61.82
N ALA X 33 -13.17 -8.37 62.23
CA ALA X 33 -12.02 -8.12 63.14
C ALA X 33 -10.97 -7.23 62.48
N GLU X 34 -9.93 -6.87 63.24
CA GLU X 34 -9.19 -5.57 63.30
C GLU X 34 -9.53 -4.66 62.12
N VAL X 35 -10.81 -4.37 61.95
CA VAL X 35 -11.28 -3.20 61.16
C VAL X 35 -11.36 -1.96 62.05
N GLU X 36 -10.92 -0.83 61.52
CA GLU X 36 -10.70 0.43 62.24
C GLU X 36 -11.34 1.53 61.38
N ILE X 37 -12.31 2.26 61.89
CA ILE X 37 -13.04 3.27 61.06
C ILE X 37 -12.94 4.65 61.73
N GLY X 38 -12.53 5.65 60.94
CA GLY X 38 -12.32 7.02 61.40
C GLY X 38 -13.60 7.81 61.58
N GLU X 39 -13.48 8.88 62.37
CA GLU X 39 -14.49 9.95 62.60
C GLU X 39 -15.22 10.21 61.28
N GLY X 40 -16.58 10.26 61.29
CA GLY X 40 -17.40 10.97 60.26
C GLY X 40 -17.88 10.05 59.15
N THR X 41 -17.05 9.04 58.84
CA THR X 41 -17.28 7.89 57.95
C THR X 41 -18.68 7.28 58.15
N VAL X 42 -19.33 6.93 57.05
CA VAL X 42 -20.70 6.37 57.04
C VAL X 42 -20.61 5.10 56.20
N ILE X 43 -21.01 3.97 56.79
CA ILE X 43 -21.20 2.66 56.11
C ILE X 43 -22.70 2.51 55.80
N GLY X 44 -23.02 2.35 54.52
CA GLY X 44 -24.42 2.10 54.12
C GLY X 44 -24.86 0.76 54.69
N PRO X 45 -26.03 0.26 54.28
CA PRO X 45 -26.43 -1.10 54.61
C PRO X 45 -25.78 -2.17 53.70
N HIS X 46 -25.72 -3.40 54.19
CA HIS X 46 -25.36 -4.58 53.37
C HIS X 46 -23.90 -4.48 52.92
N VAL X 47 -22.99 -4.03 53.78
CA VAL X 47 -21.54 -3.89 53.47
C VAL X 47 -20.75 -4.93 54.25
N VAL X 48 -19.69 -5.42 53.64
CA VAL X 48 -18.81 -6.41 54.32
C VAL X 48 -17.43 -5.82 54.40
N LEU X 49 -16.97 -5.55 55.62
CA LEU X 49 -15.58 -5.13 55.95
C LEU X 49 -14.90 -6.32 56.62
N LYS X 50 -13.85 -6.85 55.99
CA LYS X 50 -12.89 -7.81 56.57
C LYS X 50 -11.64 -7.00 56.89
N GLY X 51 -10.85 -7.49 57.86
CA GLY X 51 -9.60 -6.85 58.30
C GLY X 51 -8.40 -7.75 58.07
N PRO X 52 -7.20 -7.37 58.54
CA PRO X 52 -6.97 -6.06 59.15
C PRO X 52 -7.08 -4.85 58.18
N THR X 53 -7.91 -3.87 58.51
CA THR X 53 -8.20 -2.74 57.60
C THR X 53 -8.41 -1.45 58.38
N LYS X 54 -7.89 -0.36 57.84
CA LYS X 54 -7.92 1.00 58.42
C LYS X 54 -8.66 1.92 57.43
N ILE X 55 -9.78 2.48 57.86
CA ILE X 55 -10.61 3.43 57.07
C ILE X 55 -10.58 4.78 57.81
N GLY X 56 -10.13 5.83 57.14
CA GLY X 56 -10.00 7.19 57.71
C GLY X 56 -11.32 7.93 57.93
N LYS X 57 -11.29 9.25 57.81
CA LYS X 57 -12.36 10.17 58.25
C LYS X 57 -13.30 10.40 57.07
N HIS X 58 -14.57 10.74 57.31
CA HIS X 58 -15.55 11.32 56.34
C HIS X 58 -15.67 10.45 55.07
N ASN X 59 -15.43 9.15 55.20
CA ASN X 59 -15.61 8.19 54.11
C ASN X 59 -17.09 7.83 54.00
N ARG X 60 -17.53 7.45 52.81
CA ARG X 60 -18.94 7.15 52.50
C ARG X 60 -18.85 5.83 51.73
N ILE X 61 -19.24 4.70 52.31
CA ILE X 61 -19.16 3.39 51.61
C ILE X 61 -20.57 2.81 51.41
N TYR X 62 -20.99 2.63 50.16
CA TYR X 62 -22.36 2.20 49.78
C TYR X 62 -22.50 0.68 49.83
N GLN X 63 -23.73 0.23 49.64
CA GLN X 63 -24.23 -1.16 49.82
C GLN X 63 -23.56 -2.12 48.85
N PHE X 64 -23.44 -3.38 49.24
CA PHE X 64 -23.00 -4.55 48.43
C PHE X 64 -21.47 -4.52 48.16
N SER X 65 -20.81 -3.54 48.77
CA SER X 65 -19.34 -3.43 48.81
C SER X 65 -18.75 -4.49 49.73
N SER X 66 -17.75 -5.18 49.25
CA SER X 66 -16.88 -6.10 50.00
C SER X 66 -15.50 -5.45 50.02
N VAL X 67 -15.27 -4.59 51.05
CA VAL X 67 -13.98 -3.91 51.34
C VAL X 67 -13.12 -4.69 52.35
N GLY X 68 -11.95 -5.16 51.92
CA GLY X 68 -10.91 -5.71 52.80
C GLY X 68 -10.83 -7.21 52.77
N GLU X 69 -11.52 -7.84 51.83
CA GLU X 69 -11.56 -9.31 51.61
C GLU X 69 -10.16 -9.77 51.16
N ASP X 70 -9.88 -11.07 51.31
CA ASP X 70 -8.69 -11.73 50.70
C ASP X 70 -8.75 -11.65 49.16
N THR X 71 -7.64 -11.41 48.45
CA THR X 71 -7.60 -11.69 46.99
C THR X 71 -7.85 -13.18 46.75
N PRO X 72 -8.59 -13.56 45.70
CA PRO X 72 -8.74 -14.97 45.39
C PRO X 72 -7.47 -15.58 44.78
N ASP X 73 -6.54 -14.72 44.29
CA ASP X 73 -5.33 -15.12 43.50
C ASP X 73 -4.54 -16.16 44.26
N LEU X 74 -4.16 -17.24 43.59
CA LEU X 74 -3.61 -18.43 44.27
C LEU X 74 -2.26 -18.12 44.96
N LYS X 75 -1.54 -17.06 44.60
CA LYS X 75 -0.23 -16.73 45.23
C LYS X 75 -0.45 -16.21 46.66
N TYR X 76 -1.51 -15.47 46.94
CA TYR X 76 -1.95 -15.20 48.34
C TYR X 76 -2.16 -16.53 49.02
N LYS X 77 -1.58 -16.76 50.20
CA LYS X 77 -1.74 -17.98 51.04
C LYS X 77 -2.02 -17.57 52.49
N GLY X 78 -3.06 -16.77 52.76
CA GLY X 78 -3.59 -16.52 54.12
C GLY X 78 -2.71 -15.63 55.01
N GLU X 79 -1.52 -15.23 54.56
CA GLU X 79 -0.51 -14.44 55.34
C GLU X 79 -1.20 -13.15 55.82
N PRO X 80 -0.80 -12.42 56.89
CA PRO X 80 -1.71 -11.44 57.51
C PRO X 80 -1.64 -9.96 57.02
N THR X 81 -1.51 -9.73 55.72
CA THR X 81 -1.61 -8.46 54.90
C THR X 81 -2.78 -7.49 55.22
N ARG X 82 -2.70 -6.25 54.70
CA ARG X 82 -3.46 -5.04 55.17
C ARG X 82 -4.15 -4.29 54.01
N LEU X 83 -5.14 -3.47 54.37
CA LEU X 83 -5.77 -2.45 53.49
C LEU X 83 -5.85 -1.14 54.26
N VAL X 84 -5.44 -0.06 53.59
CA VAL X 84 -5.52 1.32 54.15
C VAL X 84 -6.31 2.19 53.18
N ILE X 85 -7.29 2.90 53.73
CA ILE X 85 -8.09 3.94 53.03
C ILE X 85 -8.02 5.24 53.83
N GLY X 86 -7.49 6.28 53.19
CA GLY X 86 -7.46 7.66 53.69
C GLY X 86 -8.85 8.19 53.95
N ASP X 87 -9.04 9.50 53.69
CA ASP X 87 -10.20 10.29 54.13
C ASP X 87 -11.01 10.80 52.93
N HIS X 88 -12.30 11.10 53.15
CA HIS X 88 -13.20 11.88 52.26
C HIS X 88 -13.42 11.10 50.95
N ASN X 89 -13.15 9.80 50.93
CA ASN X 89 -13.36 8.91 49.78
C ASN X 89 -14.83 8.58 49.67
N VAL X 90 -15.30 8.32 48.45
CA VAL X 90 -16.67 7.76 48.24
C VAL X 90 -16.48 6.46 47.51
N ILE X 91 -16.95 5.36 48.08
CA ILE X 91 -16.90 4.00 47.48
C ILE X 91 -18.32 3.60 47.16
N ARG X 92 -18.71 3.63 45.89
CA ARG X 92 -20.12 3.42 45.50
C ARG X 92 -20.48 1.94 45.60
N GLU X 93 -21.56 1.53 44.95
CA GLU X 93 -22.33 0.36 45.38
C GLU X 93 -21.69 -0.87 44.74
N GLY X 94 -21.47 -1.92 45.52
CA GLY X 94 -20.90 -3.18 44.98
C GLY X 94 -19.39 -3.14 44.69
N VAL X 95 -18.71 -2.06 44.99
CA VAL X 95 -17.23 -2.01 44.84
C VAL X 95 -16.65 -3.19 45.60
N THR X 96 -15.60 -3.83 45.04
CA THR X 96 -14.70 -4.80 45.70
C THR X 96 -13.33 -4.16 45.88
N ILE X 97 -12.79 -4.18 47.10
CA ILE X 97 -11.39 -3.82 47.44
C ILE X 97 -10.75 -4.97 48.24
N HIS X 98 -9.59 -5.46 47.83
CA HIS X 98 -8.90 -6.61 48.45
C HIS X 98 -7.64 -6.11 49.17
N ARG X 99 -7.28 -6.73 50.29
CA ARG X 99 -6.00 -6.42 50.97
C ARG X 99 -4.80 -6.92 50.13
N GLY X 100 -3.61 -6.60 50.63
CA GLY X 100 -2.33 -6.91 50.00
C GLY X 100 -1.98 -8.38 50.02
N THR X 101 -0.75 -8.63 49.54
CA THR X 101 -0.01 -9.91 49.44
C THR X 101 1.43 -9.69 49.92
N VAL X 102 2.06 -10.69 50.54
CA VAL X 102 3.43 -10.47 51.13
C VAL X 102 4.47 -10.30 49.99
N GLN X 103 4.14 -10.69 48.76
CA GLN X 103 5.10 -10.67 47.64
C GLN X 103 5.50 -9.21 47.34
N ASP X 104 4.64 -8.24 47.65
CA ASP X 104 4.86 -6.80 47.36
C ASP X 104 5.14 -6.07 48.70
N ARG X 105 4.23 -5.29 49.25
CA ARG X 105 4.50 -4.50 50.48
C ARG X 105 3.42 -4.89 51.47
N ALA X 106 2.68 -5.94 51.17
CA ALA X 106 1.66 -6.48 52.10
C ALA X 106 0.53 -5.46 52.42
N GLU X 107 0.27 -4.51 51.51
CA GLU X 107 -0.70 -3.41 51.71
C GLU X 107 -1.32 -2.97 50.38
N THR X 108 -2.64 -3.02 50.29
CA THR X 108 -3.46 -2.22 49.37
C THR X 108 -3.69 -0.84 49.99
N THR X 109 -3.45 0.23 49.25
CA THR X 109 -3.43 1.63 49.77
C THR X 109 -4.33 2.52 48.90
N ILE X 110 -5.27 3.21 49.52
CA ILE X 110 -6.11 4.25 48.89
C ILE X 110 -5.99 5.51 49.74
N GLY X 111 -5.61 6.63 49.12
CA GLY X 111 -5.42 7.97 49.72
C GLY X 111 -6.74 8.68 49.97
N ASP X 112 -6.86 9.95 49.54
CA ASP X 112 -7.93 10.89 49.99
C ASP X 112 -8.82 11.39 48.84
N HIS X 113 -10.08 11.74 49.12
CA HIS X 113 -11.02 12.38 48.17
C HIS X 113 -11.15 11.59 46.85
N ASN X 114 -11.24 10.26 46.91
CA ASN X 114 -11.40 9.43 45.69
C ASN X 114 -12.87 9.11 45.48
N LEU X 115 -13.24 8.98 44.21
CA LEU X 115 -14.59 8.56 43.83
C LEU X 115 -14.44 7.24 43.09
N ILE X 116 -14.87 6.15 43.70
CA ILE X 116 -14.75 4.76 43.17
C ILE X 116 -16.16 4.27 42.94
N MET X 117 -16.53 4.19 41.69
CA MET X 117 -17.96 4.04 41.38
C MET X 117 -18.31 2.57 41.29
N ALA X 118 -19.54 2.30 40.94
CA ALA X 118 -20.20 1.01 41.20
C ALA X 118 -19.41 -0.14 40.55
N TYR X 119 -19.14 -1.16 41.37
CA TYR X 119 -18.65 -2.45 40.88
C TYR X 119 -17.20 -2.29 40.46
N ALA X 120 -16.56 -1.17 40.77
CA ALA X 120 -15.11 -1.03 40.53
C ALA X 120 -14.39 -2.10 41.35
N HIS X 121 -13.20 -2.48 40.93
CA HIS X 121 -12.43 -3.52 41.65
C HIS X 121 -11.05 -2.97 41.95
N ILE X 122 -10.58 -2.99 43.18
CA ILE X 122 -9.18 -2.60 43.46
C ILE X 122 -8.44 -3.82 44.02
N GLY X 123 -7.70 -4.47 43.13
CA GLY X 123 -6.98 -5.72 43.42
C GLY X 123 -5.84 -5.51 44.39
N HIS X 124 -5.44 -6.58 45.07
CA HIS X 124 -4.30 -6.57 46.01
C HIS X 124 -3.19 -5.61 45.59
N ASP X 125 -2.77 -4.77 46.50
CA ASP X 125 -1.46 -4.11 46.48
C ASP X 125 -1.58 -2.87 45.63
N SER X 126 -2.79 -2.60 45.13
CA SER X 126 -3.00 -1.38 44.32
C SER X 126 -2.73 -0.18 45.22
N VAL X 127 -2.24 0.91 44.65
CA VAL X 127 -2.02 2.16 45.44
C VAL X 127 -2.79 3.26 44.74
N ILE X 128 -3.80 3.81 45.38
CA ILE X 128 -4.48 5.02 44.84
C ILE X 128 -4.07 6.21 45.68
N GLY X 129 -3.73 7.30 44.98
CA GLY X 129 -3.37 8.60 45.58
C GLY X 129 -4.62 9.38 45.93
N ASN X 130 -4.78 10.58 45.38
CA ASN X 130 -5.84 11.53 45.76
C ASN X 130 -6.66 11.99 44.57
N HIS X 131 -7.90 12.46 44.77
CA HIS X 131 -8.76 13.16 43.75
C HIS X 131 -8.92 12.30 42.47
N CYS X 132 -8.86 10.99 42.66
CA CYS X 132 -8.95 9.98 41.59
C CYS X 132 -10.42 9.63 41.35
N ILE X 133 -10.75 9.35 40.12
CA ILE X 133 -12.13 8.91 39.78
C ILE X 133 -11.99 7.61 39.00
N LEU X 134 -12.42 6.54 39.63
CA LEU X 134 -12.53 5.22 39.00
C LEU X 134 -14.02 5.03 38.76
N VAL X 135 -14.40 5.14 37.51
CA VAL X 135 -15.82 5.02 37.11
C VAL X 135 -16.26 3.55 37.11
N ASN X 136 -17.56 3.32 37.18
CA ASN X 136 -18.23 1.99 37.20
C ASN X 136 -17.34 0.87 36.63
N ASN X 137 -17.05 -0.18 37.40
CA ASN X 137 -16.54 -1.45 36.80
C ASN X 137 -15.12 -1.27 36.25
N THR X 138 -14.48 -0.15 36.53
CA THR X 138 -13.02 -0.03 36.42
C THR X 138 -12.41 -1.16 37.25
N ALA X 139 -11.29 -1.67 36.80
CA ALA X 139 -10.68 -2.86 37.42
C ALA X 139 -9.15 -2.78 37.41
N LEU X 140 -8.55 -2.79 38.58
CA LEU X 140 -7.09 -2.80 38.74
C LEU X 140 -6.67 -4.23 39.11
N ALA X 141 -6.05 -4.99 38.21
CA ALA X 141 -5.78 -6.44 38.42
C ALA X 141 -5.05 -6.68 39.75
N GLY X 142 -4.11 -5.79 40.08
CA GLY X 142 -3.29 -5.83 41.30
C GLY X 142 -1.98 -5.08 41.13
N HIS X 143 -1.41 -4.63 42.24
CA HIS X 143 -0.14 -3.86 42.20
C HIS X 143 -0.29 -2.72 41.21
N VAL X 144 -1.51 -2.20 41.03
CA VAL X 144 -1.68 -1.01 40.16
C VAL X 144 -1.54 0.24 41.00
N HIS X 145 -0.77 1.20 40.49
CA HIS X 145 -0.54 2.54 41.09
C HIS X 145 -1.23 3.61 40.23
N VAL X 146 -2.23 4.27 40.78
CA VAL X 146 -2.95 5.41 40.18
C VAL X 146 -2.49 6.69 40.89
N ASP X 147 -1.77 7.58 40.22
CA ASP X 147 -1.30 8.85 40.83
C ASP X 147 -2.45 9.87 40.83
N ASP X 148 -2.31 10.97 41.56
CA ASP X 148 -3.42 11.93 41.79
C ASP X 148 -4.10 12.40 40.51
N TRP X 149 -5.40 12.72 40.64
CA TRP X 149 -6.31 13.41 39.67
C TRP X 149 -6.68 12.47 38.49
N ALA X 150 -6.18 11.24 38.53
CA ALA X 150 -6.35 10.34 37.37
C ALA X 150 -7.84 10.06 37.24
N ILE X 151 -8.33 10.09 36.01
CA ILE X 151 -9.69 9.60 35.67
C ILE X 151 -9.63 8.31 34.83
N LEU X 152 -10.25 7.26 35.33
CA LEU X 152 -10.45 6.01 34.58
C LEU X 152 -11.94 5.86 34.25
N SER X 153 -12.29 5.92 32.96
CA SER X 153 -13.70 5.90 32.50
C SER X 153 -14.23 4.49 32.70
N GLY X 154 -15.55 4.34 32.68
CA GLY X 154 -16.22 3.08 33.08
C GLY X 154 -15.63 1.87 32.37
N TYR X 155 -15.54 0.75 33.06
CA TYR X 155 -15.07 -0.53 32.47
C TYR X 155 -13.64 -0.38 31.93
N THR X 156 -12.83 0.55 32.44
CA THR X 156 -11.38 0.54 32.13
C THR X 156 -10.73 -0.63 32.88
N LEU X 157 -10.03 -1.53 32.18
CA LEU X 157 -9.25 -2.62 32.79
C LEU X 157 -7.77 -2.23 32.81
N VAL X 158 -7.05 -2.56 33.90
CA VAL X 158 -5.59 -2.28 34.08
C VAL X 158 -4.85 -3.57 34.48
N HIS X 159 -3.86 -3.96 33.67
CA HIS X 159 -2.93 -5.10 33.85
C HIS X 159 -2.16 -4.90 35.16
N GLN X 160 -1.80 -5.98 35.85
CA GLN X 160 -0.96 -5.90 37.08
CA GLN X 160 -0.86 -6.03 37.02
C GLN X 160 0.28 -5.03 36.82
N TYR X 161 0.72 -4.34 37.88
CA TYR X 161 1.96 -3.52 37.98
C TYR X 161 1.96 -2.21 37.15
N CYS X 162 0.89 -1.87 36.45
CA CYS X 162 0.88 -0.67 35.57
C CYS X 162 0.80 0.58 36.43
N ARG X 163 1.47 1.65 36.03
CA ARG X 163 1.43 2.97 36.71
C ARG X 163 0.57 3.86 35.80
N ILE X 164 -0.48 4.40 36.38
CA ILE X 164 -1.43 5.38 35.79
C ILE X 164 -1.03 6.74 36.34
N GLY X 165 -0.49 7.60 35.48
CA GLY X 165 0.13 8.88 35.87
C GLY X 165 -0.91 9.86 36.34
N ALA X 166 -0.48 10.86 37.13
CA ALA X 166 -1.33 12.01 37.55
C ALA X 166 -2.05 12.66 36.36
N HIS X 167 -3.34 12.94 36.52
CA HIS X 167 -4.17 13.72 35.58
C HIS X 167 -4.42 12.92 34.31
N SER X 168 -3.92 11.71 34.25
CA SER X 168 -4.09 10.87 33.04
C SER X 168 -5.58 10.53 32.95
N PHE X 169 -6.02 10.12 31.78
CA PHE X 169 -7.44 9.80 31.49
C PHE X 169 -7.52 8.59 30.58
N SER X 170 -8.42 7.67 30.87
CA SER X 170 -8.69 6.53 29.98
C SER X 170 -10.14 6.64 29.53
N GLY X 171 -10.34 6.34 28.25
CA GLY X 171 -11.70 6.33 27.69
C GLY X 171 -12.39 5.07 28.13
N MET X 172 -13.71 5.00 27.92
CA MET X 172 -14.49 3.85 28.38
C MET X 172 -14.04 2.62 27.62
N GLY X 173 -13.95 1.54 28.40
CA GLY X 173 -13.64 0.18 27.94
C GLY X 173 -12.18 0.06 27.57
N SER X 174 -11.32 1.01 27.91
CA SER X 174 -9.86 0.91 27.70
C SER X 174 -9.35 -0.34 28.41
N ALA X 175 -8.38 -1.00 27.79
CA ALA X 175 -7.63 -2.13 28.34
C ALA X 175 -6.17 -1.70 28.41
N ILE X 176 -5.73 -1.28 29.57
CA ILE X 176 -4.38 -0.71 29.72
C ILE X 176 -3.43 -1.87 30.05
N GLY X 177 -2.44 -2.14 29.23
CA GLY X 177 -1.39 -3.14 29.51
C GLY X 177 -0.06 -2.49 29.84
N LYS X 178 0.07 -1.19 29.72
CA LYS X 178 1.39 -0.55 29.89
C LYS X 178 1.18 0.76 30.64
N ASP X 179 2.23 1.45 31.08
CA ASP X 179 2.03 2.62 31.96
C ASP X 179 1.38 3.74 31.17
N VAL X 180 0.43 4.44 31.77
CA VAL X 180 -0.11 5.70 31.20
C VAL X 180 0.68 6.85 31.82
N PRO X 181 1.48 7.56 31.02
CA PRO X 181 2.21 8.70 31.52
C PRO X 181 1.20 9.74 31.98
N ALA X 182 1.67 10.62 32.83
CA ALA X 182 0.91 11.72 33.43
C ALA X 182 0.29 12.55 32.31
N TYR X 183 -0.95 12.94 32.51
CA TYR X 183 -1.79 13.76 31.60
C TYR X 183 -2.23 13.03 30.33
N VAL X 184 -1.68 11.88 29.97
CA VAL X 184 -1.99 11.25 28.65
C VAL X 184 -3.43 10.75 28.69
N THR X 185 -4.13 10.85 27.58
CA THR X 185 -5.40 10.16 27.34
C THR X 185 -5.16 8.90 26.48
N VAL X 186 -5.81 7.82 26.87
CA VAL X 186 -5.71 6.52 26.17
C VAL X 186 -7.12 6.03 25.90
N PHE X 187 -7.27 5.19 24.88
CA PHE X 187 -8.53 4.63 24.37
C PHE X 187 -8.25 3.26 23.75
N GLY X 188 -9.22 2.38 23.88
CA GLY X 188 -9.31 1.12 23.13
C GLY X 188 -8.66 -0.03 23.87
N ASN X 189 -8.79 -1.18 23.24
CA ASN X 189 -8.22 -2.48 23.65
C ASN X 189 -7.34 -3.05 22.53
N PRO X 190 -5.99 -2.99 22.57
CA PRO X 190 -5.25 -2.42 23.70
C PRO X 190 -5.27 -0.88 23.67
N ALA X 191 -5.27 -0.27 24.85
CA ALA X 191 -5.08 1.20 25.09
C ALA X 191 -3.96 1.77 24.19
N GLU X 192 -4.23 2.93 23.60
CA GLU X 192 -3.28 3.70 22.78
C GLU X 192 -3.39 5.15 23.19
N ALA X 193 -2.30 5.89 23.28
CA ALA X 193 -2.29 7.33 23.54
C ALA X 193 -3.08 8.03 22.43
N ARG X 194 -3.88 9.04 22.74
CA ARG X 194 -4.46 9.95 21.71
C ARG X 194 -3.92 11.38 21.87
N SER X 195 -3.89 11.92 23.09
CA SER X 195 -3.68 13.35 23.38
C SER X 195 -3.28 13.49 24.84
N MET X 196 -3.31 14.72 25.35
CA MET X 196 -3.19 15.03 26.78
C MET X 196 -4.57 15.44 27.26
N ASN X 197 -4.80 15.41 28.57
CA ASN X 197 -6.10 15.67 29.22
C ASN X 197 -6.13 17.16 29.50
N PHE X 198 -6.30 17.93 28.46
CA PHE X 198 -6.24 19.38 28.61
C PHE X 198 -7.37 19.85 29.51
N GLU X 199 -8.54 19.23 29.42
CA GLU X 199 -9.74 19.63 30.21
C GLU X 199 -9.32 19.66 31.67
N GLY X 200 -8.74 18.58 32.15
CA GLY X 200 -8.26 18.45 33.53
C GLY X 200 -7.25 19.51 33.91
N MET X 201 -6.42 19.95 32.96
CA MET X 201 -5.34 20.95 33.19
C MET X 201 -6.00 22.31 33.49
N ARG X 202 -7.12 22.60 32.81
CA ARG X 202 -7.95 23.84 32.89
C ARG X 202 -8.54 23.84 34.28
N ARG X 203 -9.32 22.81 34.63
CA ARG X 203 -9.81 22.53 36.01
C ARG X 203 -8.75 22.77 37.11
N ARG X 204 -7.47 22.44 36.94
CA ARG X 204 -6.46 22.61 38.03
C ARG X 204 -5.82 23.98 37.82
N GLY X 205 -6.38 24.77 36.90
CA GLY X 205 -5.93 26.14 36.53
C GLY X 205 -4.44 26.21 36.23
N PHE X 206 -3.98 25.43 35.26
CA PHE X 206 -2.58 25.51 34.77
C PHE X 206 -2.45 26.79 33.95
N SER X 207 -1.28 27.40 33.99
CA SER X 207 -0.92 28.47 33.02
C SER X 207 -1.17 27.94 31.61
N SER X 208 -1.39 28.86 30.69
CA SER X 208 -1.47 28.51 29.27
C SER X 208 -0.05 28.19 28.78
N GLU X 209 1.03 28.78 29.34
CA GLU X 209 2.44 28.44 28.98
C GLU X 209 2.65 26.93 29.30
N ALA X 210 2.17 26.48 30.43
CA ALA X 210 2.33 25.08 30.90
C ALA X 210 1.54 24.12 30.03
N ILE X 211 0.31 24.48 29.73
CA ILE X 211 -0.61 23.64 28.94
C ILE X 211 0.06 23.38 27.59
N HIS X 212 0.56 24.46 26.97
CA HIS X 212 1.24 24.38 25.67
C HIS X 212 2.59 23.63 25.82
N ALA X 213 3.32 23.72 26.92
CA ALA X 213 4.61 22.98 27.04
C ALA X 213 4.34 21.48 27.09
N LEU X 214 3.14 21.13 27.59
CA LEU X 214 2.73 19.72 27.81
C LEU X 214 2.25 19.15 26.49
N ARG X 215 1.67 20.00 25.65
CA ARG X 215 1.24 19.58 24.30
C ARG X 215 2.48 19.27 23.51
N ARG X 216 3.51 20.13 23.61
CA ARG X 216 4.78 19.97 22.84
C ARG X 216 5.47 18.71 23.33
N ALA X 217 5.31 18.40 24.61
CA ALA X 217 6.01 17.29 25.26
C ALA X 217 5.31 16.02 24.77
N TYR X 218 4.00 16.08 24.54
CA TYR X 218 3.26 14.91 24.02
C TYR X 218 3.78 14.64 22.60
N LYS X 219 3.87 15.70 21.79
CA LYS X 219 4.40 15.58 20.41
C LYS X 219 5.81 14.94 20.50
N VAL X 220 6.67 15.34 21.44
CA VAL X 220 8.07 14.85 21.51
C VAL X 220 8.05 13.36 21.76
N VAL X 221 7.11 12.88 22.54
CA VAL X 221 7.14 11.44 22.95
C VAL X 221 6.47 10.57 21.86
N TYR X 222 5.42 11.06 21.22
CA TYR X 222 4.46 10.18 20.52
C TYR X 222 4.44 10.52 19.03
N ARG X 223 4.48 11.78 18.68
CA ARG X 223 4.07 12.20 17.32
C ARG X 223 5.36 12.66 16.58
N GLN X 224 6.57 12.21 16.91
CA GLN X 224 7.81 12.76 16.26
C GLN X 224 8.91 11.70 16.01
N GLY X 225 8.64 10.42 16.26
CA GLY X 225 9.54 9.39 15.73
C GLY X 225 10.67 9.05 16.67
N HIS X 226 10.77 9.69 17.83
CA HIS X 226 11.85 9.51 18.85
C HIS X 226 11.72 8.17 19.57
N THR X 227 12.81 7.52 19.94
CA THR X 227 12.76 6.38 20.87
C THR X 227 12.40 7.00 22.20
N VAL X 228 11.91 6.24 23.13
CA VAL X 228 11.70 6.76 24.51
C VAL X 228 12.93 7.48 25.02
N GLU X 229 14.12 6.89 24.90
CA GLU X 229 15.41 7.45 25.42
C GLU X 229 15.64 8.80 24.74
N GLU X 230 15.45 8.88 23.43
CA GLU X 230 15.60 10.16 22.70
C GLU X 230 14.54 11.18 23.20
N ALA X 231 13.29 10.79 23.45
CA ALA X 231 12.28 11.73 24.01
C ALA X 231 12.75 12.29 25.35
N LEU X 232 13.08 11.40 26.29
CA LEU X 232 13.44 11.83 27.65
C LEU X 232 14.53 12.90 27.59
N ALA X 233 15.45 12.72 26.66
CA ALA X 233 16.57 13.66 26.51
C ALA X 233 16.00 14.97 25.99
N GLU X 234 15.19 14.97 24.93
CA GLU X 234 14.57 16.20 24.41
C GLU X 234 13.78 16.89 25.55
N LEU X 235 13.08 16.14 26.40
CA LEU X 235 12.22 16.77 27.45
C LEU X 235 13.03 17.49 28.53
N ALA X 236 14.32 17.23 28.70
CA ALA X 236 15.10 17.79 29.84
C ALA X 236 14.89 19.30 29.97
N GLU X 237 14.95 20.03 28.88
CA GLU X 237 14.82 21.51 28.96
C GLU X 237 13.42 21.94 29.48
N SER X 238 12.34 21.45 28.83
CA SER X 238 10.90 21.65 29.17
C SER X 238 10.68 21.29 30.66
N ALA X 239 11.22 20.17 31.11
CA ALA X 239 11.07 19.65 32.48
C ALA X 239 11.74 20.59 33.47
N ALA X 240 12.74 21.32 33.06
CA ALA X 240 13.45 22.20 34.01
C ALA X 240 12.67 23.51 34.17
N GLN X 241 11.92 23.85 33.13
CA GLN X 241 11.16 25.10 33.01
C GLN X 241 9.76 24.93 33.61
N PHE X 242 9.17 23.75 33.59
CA PHE X 242 7.73 23.57 33.92
C PHE X 242 7.58 22.34 34.81
N PRO X 243 7.30 22.54 36.10
CA PRO X 243 7.01 21.43 37.00
C PRO X 243 6.01 20.44 36.41
N GLU X 244 5.02 20.97 35.68
CA GLU X 244 3.94 20.15 35.09
C GLU X 244 4.60 19.21 34.09
N VAL X 245 5.63 19.65 33.37
CA VAL X 245 6.33 18.77 32.39
C VAL X 245 7.25 17.80 33.11
N ALA X 246 7.86 18.23 34.21
CA ALA X 246 8.76 17.34 34.98
C ALA X 246 7.98 16.07 35.37
N VAL X 247 6.71 16.23 35.73
CA VAL X 247 5.83 15.14 36.25
C VAL X 247 5.60 14.17 35.09
N PHE X 248 5.50 14.75 33.88
CA PHE X 248 5.36 14.01 32.60
C PHE X 248 6.67 13.30 32.31
N ARG X 249 7.81 14.02 32.22
CA ARG X 249 9.12 13.34 32.01
C ARG X 249 9.22 12.22 33.06
N ASP X 250 8.94 12.47 34.35
CA ASP X 250 9.18 11.51 35.47
C ASP X 250 8.31 10.26 35.30
N SER X 251 7.03 10.36 34.94
CA SER X 251 6.17 9.18 34.76
C SER X 251 6.73 8.30 33.64
N ILE X 252 7.39 8.89 32.65
CA ILE X 252 7.97 8.12 31.51
C ILE X 252 9.28 7.45 31.97
N GLN X 253 10.18 8.24 32.57
CA GLN X 253 11.46 7.77 33.17
C GLN X 253 11.24 6.41 33.79
N SER X 254 10.32 6.33 34.74
CA SER X 254 10.26 5.24 35.73
C SER X 254 9.36 4.13 35.21
N ALA X 255 9.44 3.85 33.93
CA ALA X 255 8.60 2.84 33.27
C ALA X 255 9.51 1.96 32.44
N THR X 256 10.72 2.45 32.19
CA THR X 256 11.42 2.42 30.88
C THR X 256 12.92 2.12 31.10
N ARG X 257 13.30 1.25 32.05
CA ARG X 257 14.76 1.10 32.31
C ARG X 257 15.43 0.44 31.11
N GLY X 258 14.91 -0.68 30.63
CA GLY X 258 15.40 -1.32 29.40
C GLY X 258 16.58 -2.28 29.66
N ILE X 259 17.09 -2.92 28.62
CA ILE X 259 18.15 -3.91 28.84
C ILE X 259 19.45 -3.40 28.19
N THR X 260 20.58 -3.78 28.75
CA THR X 260 21.89 -3.51 28.12
C THR X 260 21.79 -4.11 26.73
N ARG X 261 21.82 -3.30 25.69
CA ARG X 261 21.92 -3.85 24.31
C ARG X 261 23.39 -3.79 23.94
N MET Y 4 9.00 114.31 0.46
CA MET Y 4 10.47 114.43 0.60
C MET Y 4 10.85 114.41 2.10
N SER Y 5 10.94 113.22 2.70
CA SER Y 5 11.60 113.03 4.02
C SER Y 5 11.95 111.56 4.19
N LEU Y 6 13.24 111.25 4.27
CA LEU Y 6 13.83 109.91 4.02
C LEU Y 6 13.05 108.82 4.78
N ILE Y 7 12.80 109.00 6.08
CA ILE Y 7 11.89 108.15 6.92
C ILE Y 7 10.47 108.71 6.78
N ASP Y 8 9.48 107.89 6.38
CA ASP Y 8 8.04 108.30 6.35
C ASP Y 8 7.58 108.49 7.81
N PRO Y 9 6.84 109.56 8.13
CA PRO Y 9 6.30 109.72 9.49
C PRO Y 9 5.26 108.63 9.84
N ARG Y 10 4.72 107.94 8.82
CA ARG Y 10 3.61 106.96 8.93
C ARG Y 10 4.18 105.60 9.32
N ALA Y 11 5.52 105.50 9.35
CA ALA Y 11 6.33 104.33 9.78
C ALA Y 11 6.58 104.42 11.28
N ILE Y 12 6.81 103.25 11.90
CA ILE Y 12 7.21 103.11 13.33
C ILE Y 12 8.66 102.62 13.40
N ILE Y 13 9.56 103.48 13.85
CA ILE Y 13 10.98 103.16 14.19
C ILE Y 13 11.02 102.98 15.71
N ASP Y 14 11.54 101.86 16.19
CA ASP Y 14 11.78 101.69 17.65
C ASP Y 14 12.92 102.63 18.09
N PRO Y 15 12.85 103.19 19.32
CA PRO Y 15 14.03 103.71 20.02
C PRO Y 15 15.39 102.98 19.84
N SER Y 16 15.47 101.65 19.95
CA SER Y 16 16.77 100.90 19.88
C SER Y 16 17.21 100.68 18.41
N ALA Y 17 16.34 100.93 17.43
CA ALA Y 17 16.73 101.01 16.00
C ALA Y 17 17.94 101.92 15.86
N ARG Y 18 18.90 101.59 14.99
CA ARG Y 18 20.05 102.48 14.65
C ARG Y 18 20.19 102.48 13.12
N LEU Y 19 19.76 103.56 12.47
CA LEU Y 19 19.78 103.71 10.99
C LEU Y 19 20.84 104.76 10.63
N ALA Y 20 21.74 104.44 9.71
CA ALA Y 20 22.65 105.40 9.06
C ALA Y 20 21.82 106.51 8.39
N ALA Y 21 22.47 107.58 7.93
CA ALA Y 21 21.85 108.93 7.77
C ALA Y 21 20.80 108.91 6.65
N ASP Y 22 21.18 108.38 5.48
CA ASP Y 22 20.44 108.49 4.19
C ASP Y 22 19.55 107.25 3.99
N VAL Y 23 19.40 106.43 5.01
CA VAL Y 23 18.47 105.25 4.97
C VAL Y 23 17.08 105.83 4.74
N GLN Y 24 16.30 105.17 3.89
CA GLN Y 24 14.87 105.50 3.63
C GLN Y 24 13.95 104.39 4.18
N VAL Y 25 12.71 104.73 4.55
CA VAL Y 25 11.72 103.78 5.11
C VAL Y 25 10.35 104.19 4.54
N GLY Y 26 9.83 103.42 3.59
CA GLY Y 26 8.46 103.56 3.06
C GLY Y 26 7.46 103.77 4.19
N PRO Y 27 6.23 104.26 3.88
CA PRO Y 27 5.13 104.33 4.85
C PRO Y 27 4.78 102.99 5.50
N TRP Y 28 4.18 102.99 6.69
CA TRP Y 28 3.53 101.79 7.31
C TRP Y 28 4.53 100.66 7.49
N SER Y 29 5.82 100.96 7.42
CA SER Y 29 6.88 99.96 7.64
C SER Y 29 7.19 100.01 9.14
N ILE Y 30 7.47 98.88 9.77
CA ILE Y 30 7.95 98.86 11.18
C ILE Y 30 9.41 98.52 11.17
N VAL Y 31 10.25 99.34 11.77
CA VAL Y 31 11.61 98.91 12.23
C VAL Y 31 11.56 98.61 13.74
N GLY Y 32 11.30 97.34 14.07
CA GLY Y 32 11.29 96.80 15.45
C GLY Y 32 12.60 97.07 16.13
N ALA Y 33 12.67 96.70 17.40
CA ALA Y 33 13.80 97.00 18.30
C ALA Y 33 14.96 96.12 17.90
N GLU Y 34 16.18 96.69 18.03
CA GLU Y 34 17.51 96.03 17.94
C GLU Y 34 17.90 95.88 16.46
N VAL Y 35 17.12 96.45 15.57
CA VAL Y 35 17.35 96.31 14.11
C VAL Y 35 18.25 97.46 13.74
N GLU Y 36 19.08 97.32 12.71
CA GLU Y 36 20.29 98.15 12.57
C GLU Y 36 20.66 98.21 11.09
N ILE Y 37 20.47 99.35 10.43
CA ILE Y 37 20.32 99.46 8.95
C ILE Y 37 21.40 100.36 8.36
N GLY Y 38 22.15 99.82 7.41
CA GLY Y 38 23.38 100.42 6.90
C GLY Y 38 23.09 101.53 5.91
N GLU Y 39 24.12 102.30 5.63
CA GLU Y 39 24.12 103.45 4.70
C GLU Y 39 23.45 103.05 3.38
N GLY Y 40 22.57 103.88 2.84
CA GLY Y 40 22.12 103.78 1.43
C GLY Y 40 21.01 102.76 1.24
N THR Y 41 20.66 101.99 2.26
CA THR Y 41 19.57 100.97 2.22
C THR Y 41 18.20 101.69 2.17
N VAL Y 42 17.23 101.04 1.51
CA VAL Y 42 15.85 101.53 1.27
C VAL Y 42 14.87 100.45 1.69
N ILE Y 43 14.13 100.70 2.76
CA ILE Y 43 12.98 99.88 3.20
C ILE Y 43 11.76 100.43 2.49
N GLY Y 44 10.98 99.54 1.87
CA GLY Y 44 9.77 99.92 1.14
C GLY Y 44 8.62 100.18 2.11
N PRO Y 45 7.42 100.36 1.56
CA PRO Y 45 6.23 100.47 2.38
C PRO Y 45 5.89 99.08 2.94
N HIS Y 46 5.06 99.01 3.98
CA HIS Y 46 4.53 97.76 4.58
C HIS Y 46 5.63 96.73 4.76
N VAL Y 47 6.79 97.10 5.26
CA VAL Y 47 7.79 96.06 5.61
C VAL Y 47 7.80 95.87 7.13
N VAL Y 48 7.87 94.64 7.62
CA VAL Y 48 8.18 94.39 9.06
C VAL Y 48 9.66 93.96 9.19
N LEU Y 49 10.44 94.72 9.97
CA LEU Y 49 11.76 94.27 10.50
C LEU Y 49 11.66 94.00 12.01
N LYS Y 50 12.14 92.80 12.40
CA LYS Y 50 12.29 92.35 13.81
C LYS Y 50 13.77 92.01 13.99
N GLY Y 51 14.22 92.06 15.24
CA GLY Y 51 15.63 91.91 15.65
C GLY Y 51 15.79 90.91 16.79
N PRO Y 52 17.03 90.74 17.33
CA PRO Y 52 18.23 91.43 16.82
C PRO Y 52 18.63 91.19 15.35
N THR Y 53 18.81 92.25 14.54
CA THR Y 53 19.11 92.13 13.09
C THR Y 53 20.08 93.23 12.67
N LYS Y 54 21.13 92.88 11.93
CA LYS Y 54 22.02 93.84 11.21
C LYS Y 54 21.69 93.72 9.73
N ILE Y 55 21.45 94.82 9.07
CA ILE Y 55 21.29 94.92 7.60
C ILE Y 55 22.39 95.85 7.10
N GLY Y 56 23.14 95.48 6.09
CA GLY Y 56 24.30 96.29 5.64
C GLY Y 56 23.88 97.49 4.80
N LYS Y 57 24.69 97.79 3.78
CA LYS Y 57 24.74 99.06 3.02
C LYS Y 57 24.08 98.83 1.67
N HIS Y 58 23.43 99.85 1.10
CA HIS Y 58 22.83 99.90 -0.28
C HIS Y 58 21.93 98.69 -0.57
N ASN Y 59 21.26 98.15 0.45
CA ASN Y 59 20.25 97.06 0.33
C ASN Y 59 18.94 97.67 -0.16
N ARG Y 60 18.04 96.88 -0.76
CA ARG Y 60 16.72 97.33 -1.25
C ARG Y 60 15.73 96.24 -0.86
N ILE Y 61 14.74 96.49 -0.01
CA ILE Y 61 13.75 95.50 0.54
C ILE Y 61 12.31 95.91 0.24
N TYR Y 62 11.58 95.10 -0.52
CA TYR Y 62 10.23 95.46 -1.03
C TYR Y 62 9.17 95.16 0.04
N GLN Y 63 7.95 95.59 -0.28
CA GLN Y 63 6.75 95.57 0.59
C GLN Y 63 6.36 94.14 0.99
N PHE Y 64 5.80 93.99 2.20
CA PHE Y 64 5.11 92.77 2.75
C PHE Y 64 6.10 91.71 3.19
N SER Y 65 7.37 92.08 3.22
CA SER Y 65 8.48 91.22 3.65
C SER Y 65 8.50 91.20 5.17
N SER Y 66 8.73 90.03 5.75
CA SER Y 66 8.94 89.88 7.21
C SER Y 66 10.39 89.44 7.39
N VAL Y 67 11.26 90.41 7.63
CA VAL Y 67 12.74 90.21 7.77
C VAL Y 67 13.11 90.24 9.25
N GLY Y 68 13.48 89.08 9.79
CA GLY Y 68 13.98 88.97 11.17
C GLY Y 68 12.96 88.46 12.18
N GLU Y 69 11.81 87.95 11.73
CA GLU Y 69 10.82 87.35 12.66
C GLU Y 69 11.46 86.08 13.26
N ASP Y 70 10.95 85.58 14.37
CA ASP Y 70 11.35 84.27 14.95
C ASP Y 70 10.98 83.14 13.99
N THR Y 71 11.66 81.99 13.95
CA THR Y 71 11.09 80.85 13.22
C THR Y 71 9.93 80.36 14.06
N PRO Y 72 8.84 79.83 13.47
CA PRO Y 72 7.75 79.19 14.23
C PRO Y 72 8.07 77.75 14.69
N ASP Y 73 9.25 77.29 14.34
CA ASP Y 73 9.74 75.91 14.50
C ASP Y 73 9.80 75.64 15.99
N LEU Y 74 9.29 74.52 16.47
CA LEU Y 74 9.09 74.28 17.93
C LEU Y 74 10.43 74.18 18.69
N LYS Y 75 11.56 73.84 18.05
CA LYS Y 75 12.91 73.84 18.69
C LYS Y 75 13.25 75.29 19.15
N TYR Y 76 12.75 76.32 18.47
CA TYR Y 76 13.00 77.73 18.88
C TYR Y 76 12.13 78.00 20.11
N LYS Y 77 12.76 78.20 21.27
CA LYS Y 77 12.07 78.39 22.57
C LYS Y 77 12.30 79.86 23.04
N GLY Y 78 12.49 80.82 22.14
CA GLY Y 78 12.47 82.28 22.44
C GLY Y 78 13.84 82.89 22.69
N GLU Y 79 14.93 82.16 22.44
CA GLU Y 79 16.32 82.54 22.85
C GLU Y 79 16.78 83.77 22.05
N PRO Y 80 17.91 84.43 22.41
CA PRO Y 80 18.16 85.79 21.93
C PRO Y 80 19.02 85.78 20.65
N THR Y 81 18.64 85.00 19.62
CA THR Y 81 19.40 84.76 18.36
C THR Y 81 19.27 85.93 17.37
N ARG Y 82 19.93 85.85 16.20
CA ARG Y 82 20.28 87.00 15.31
C ARG Y 82 20.07 86.71 13.82
N LEU Y 83 19.96 87.76 13.02
CA LEU Y 83 19.93 87.71 11.53
C LEU Y 83 20.96 88.71 11.00
N VAL Y 84 21.80 88.34 10.04
CA VAL Y 84 22.81 89.29 9.47
C VAL Y 84 22.62 89.39 7.97
N ILE Y 85 22.54 90.60 7.45
CA ILE Y 85 22.46 90.80 5.99
C ILE Y 85 23.58 91.77 5.58
N GLY Y 86 24.37 91.35 4.59
CA GLY Y 86 25.45 92.13 3.98
C GLY Y 86 24.92 93.31 3.19
N ASP Y 87 25.59 93.59 2.06
CA ASP Y 87 25.42 94.84 1.25
C ASP Y 87 24.90 94.48 -0.15
N HIS Y 88 24.26 95.44 -0.83
CA HIS Y 88 23.79 95.36 -2.24
C HIS Y 88 22.89 94.13 -2.46
N ASN Y 89 22.15 93.70 -1.45
CA ASN Y 89 21.13 92.64 -1.64
C ASN Y 89 19.87 93.30 -2.17
N VAL Y 90 19.02 92.52 -2.83
CA VAL Y 90 17.65 92.96 -3.21
C VAL Y 90 16.67 91.94 -2.64
N ILE Y 91 15.81 92.36 -1.73
CA ILE Y 91 14.78 91.45 -1.20
C ILE Y 91 13.44 91.91 -1.76
N ARG Y 92 12.84 91.09 -2.63
CA ARG Y 92 11.59 91.47 -3.31
C ARG Y 92 10.35 91.19 -2.42
N GLU Y 93 9.19 91.35 -3.05
CA GLU Y 93 7.92 91.55 -2.33
C GLU Y 93 7.60 90.27 -1.54
N GLY Y 94 7.49 90.36 -0.23
CA GLY Y 94 6.82 89.32 0.60
C GLY Y 94 7.73 88.21 1.06
N VAL Y 95 9.04 88.42 0.88
CA VAL Y 95 10.08 87.51 1.41
C VAL Y 95 9.91 87.44 2.93
N THR Y 96 10.02 86.24 3.48
CA THR Y 96 10.26 85.94 4.92
C THR Y 96 11.72 85.52 5.13
N ILE Y 97 12.38 86.08 6.14
CA ILE Y 97 13.72 85.67 6.60
C ILE Y 97 13.68 85.51 8.13
N HIS Y 98 14.05 84.36 8.64
CA HIS Y 98 13.91 84.11 10.09
C HIS Y 98 15.29 84.14 10.70
N ARG Y 99 15.36 84.47 11.98
CA ARG Y 99 16.64 84.53 12.69
C ARG Y 99 16.97 83.12 13.15
N GLY Y 100 18.20 82.94 13.66
CA GLY Y 100 18.84 81.67 14.09
C GLY Y 100 18.09 80.97 15.21
N THR Y 101 18.64 79.80 15.58
CA THR Y 101 18.23 78.98 16.74
C THR Y 101 19.51 78.64 17.46
N VAL Y 102 19.49 78.51 18.79
CA VAL Y 102 20.74 78.32 19.57
C VAL Y 102 21.37 76.98 19.24
N GLN Y 103 20.56 75.99 18.85
CA GLN Y 103 20.96 74.59 18.50
C GLN Y 103 22.11 74.53 17.49
N ASP Y 104 22.29 75.57 16.66
CA ASP Y 104 23.32 75.65 15.57
C ASP Y 104 24.32 76.73 15.97
N ARG Y 105 24.29 77.91 15.33
CA ARG Y 105 25.22 79.05 15.56
C ARG Y 105 24.38 80.30 15.88
N ALA Y 106 23.07 80.18 16.10
CA ALA Y 106 22.15 81.29 16.47
C ALA Y 106 22.28 82.45 15.47
N GLU Y 107 22.51 82.16 14.19
CA GLU Y 107 22.57 83.27 13.20
C GLU Y 107 22.19 82.77 11.81
N THR Y 108 21.16 83.41 11.25
CA THR Y 108 20.83 83.40 9.82
C THR Y 108 21.68 84.47 9.16
N THR Y 109 22.44 84.11 8.12
CA THR Y 109 23.44 85.00 7.50
C THR Y 109 23.20 85.13 5.99
N ILE Y 110 23.04 86.35 5.48
CA ILE Y 110 23.11 86.62 4.03
C ILE Y 110 24.33 87.51 3.72
N GLY Y 111 25.03 87.18 2.66
CA GLY Y 111 26.24 87.92 2.22
C GLY Y 111 25.90 89.19 1.46
N ASP Y 112 26.57 89.41 0.32
CA ASP Y 112 26.51 90.65 -0.50
C ASP Y 112 25.98 90.27 -1.89
N HIS Y 113 25.30 91.21 -2.54
CA HIS Y 113 24.91 91.20 -3.98
C HIS Y 113 23.93 90.09 -4.32
N ASN Y 114 23.06 89.72 -3.40
CA ASN Y 114 22.09 88.62 -3.67
C ASN Y 114 20.78 89.21 -4.14
N LEU Y 115 19.99 88.32 -4.69
CA LEU Y 115 18.70 88.68 -5.30
C LEU Y 115 17.75 87.57 -4.90
N ILE Y 116 16.80 87.92 -4.06
CA ILE Y 116 15.79 87.04 -3.41
C ILE Y 116 14.42 87.53 -3.88
N MET Y 117 13.76 86.75 -4.69
CA MET Y 117 12.55 87.30 -5.34
C MET Y 117 11.31 86.97 -4.52
N ALA Y 118 10.16 87.40 -5.03
CA ALA Y 118 8.92 87.45 -4.26
C ALA Y 118 8.73 86.13 -3.50
N TYR Y 119 8.41 86.18 -2.21
CA TYR Y 119 7.84 85.07 -1.39
C TYR Y 119 8.91 84.02 -1.10
N ALA Y 120 10.14 84.20 -1.57
CA ALA Y 120 11.25 83.39 -1.08
C ALA Y 120 11.14 83.24 0.44
N HIS Y 121 11.65 82.13 0.97
CA HIS Y 121 11.77 81.91 2.45
C HIS Y 121 13.20 81.50 2.79
N ILE Y 122 13.83 82.29 3.64
CA ILE Y 122 15.14 81.95 4.24
C ILE Y 122 14.92 81.51 5.67
N GLY Y 123 14.74 80.22 5.91
CA GLY Y 123 14.47 79.69 7.26
C GLY Y 123 15.67 79.83 8.18
N HIS Y 124 15.41 79.77 9.48
CA HIS Y 124 16.44 79.92 10.56
C HIS Y 124 17.75 79.23 10.17
N ASP Y 125 18.88 79.95 10.30
CA ASP Y 125 20.27 79.42 10.36
C ASP Y 125 20.79 79.18 8.95
N SER Y 126 19.94 79.31 7.93
CA SER Y 126 20.42 79.40 6.54
C SER Y 126 21.55 80.44 6.40
N VAL Y 127 22.51 80.15 5.53
CA VAL Y 127 23.70 81.00 5.26
C VAL Y 127 23.81 81.14 3.74
N ILE Y 128 23.67 82.35 3.24
CA ILE Y 128 23.72 82.67 1.81
C ILE Y 128 25.01 83.48 1.59
N GLY Y 129 25.75 83.10 0.57
CA GLY Y 129 27.04 83.71 0.23
C GLY Y 129 26.83 84.97 -0.55
N ASN Y 130 27.58 85.15 -1.65
CA ASN Y 130 27.48 86.35 -2.52
C ASN Y 130 26.91 86.03 -3.90
N HIS Y 131 26.23 86.99 -4.53
CA HIS Y 131 25.81 86.94 -5.95
C HIS Y 131 24.86 85.75 -6.22
N CYS Y 132 24.15 85.26 -5.20
CA CYS Y 132 23.10 84.23 -5.40
C CYS Y 132 21.81 84.88 -5.88
N ILE Y 133 21.08 84.13 -6.69
CA ILE Y 133 19.67 84.39 -7.10
C ILE Y 133 18.79 83.25 -6.56
N LEU Y 134 17.85 83.61 -5.70
CA LEU Y 134 16.72 82.76 -5.28
C LEU Y 134 15.48 83.34 -5.93
N VAL Y 135 14.87 82.58 -6.83
CA VAL Y 135 13.72 83.06 -7.63
C VAL Y 135 12.45 82.90 -6.78
N ASN Y 136 11.35 83.52 -7.21
CA ASN Y 136 10.01 83.55 -6.55
C ASN Y 136 9.77 82.22 -5.84
N ASN Y 137 9.47 82.25 -4.55
CA ASN Y 137 8.89 81.10 -3.79
C ASN Y 137 9.96 80.06 -3.43
N THR Y 138 11.18 80.24 -3.86
CA THR Y 138 12.32 79.45 -3.32
C THR Y 138 12.28 79.51 -1.80
N ALA Y 139 12.51 78.36 -1.17
CA ALA Y 139 12.30 78.15 0.27
C ALA Y 139 13.39 77.23 0.85
N LEU Y 140 14.13 77.75 1.83
CA LEU Y 140 15.18 76.98 2.58
C LEU Y 140 14.65 76.61 3.95
N ALA Y 141 14.34 75.33 4.13
CA ALA Y 141 13.71 74.80 5.36
C ALA Y 141 14.47 75.27 6.60
N GLY Y 142 15.78 75.31 6.55
CA GLY Y 142 16.59 75.69 7.71
C GLY Y 142 18.01 75.19 7.60
N HIS Y 143 18.96 75.94 8.13
CA HIS Y 143 20.37 75.53 8.22
C HIS Y 143 20.87 75.19 6.79
N VAL Y 144 20.34 75.85 5.76
CA VAL Y 144 20.78 75.60 4.35
C VAL Y 144 21.91 76.55 4.05
N HIS Y 145 22.99 76.07 3.44
CA HIS Y 145 24.17 76.86 3.02
C HIS Y 145 24.12 76.96 1.50
N VAL Y 146 23.91 78.15 0.95
CA VAL Y 146 23.92 78.41 -0.51
C VAL Y 146 25.20 79.14 -0.84
N ASP Y 147 26.12 78.51 -1.59
CA ASP Y 147 27.45 79.08 -1.81
C ASP Y 147 27.34 80.01 -3.03
N ASP Y 148 28.38 80.79 -3.28
CA ASP Y 148 28.32 81.97 -4.18
C ASP Y 148 27.81 81.58 -5.58
N TRP Y 149 27.07 82.48 -6.22
CA TRP Y 149 26.67 82.41 -7.66
C TRP Y 149 25.62 81.30 -7.90
N ALA Y 150 25.16 80.64 -6.85
CA ALA Y 150 24.08 79.67 -7.01
C ALA Y 150 22.83 80.40 -7.49
N ILE Y 151 22.09 79.72 -8.34
CA ILE Y 151 20.78 80.19 -8.88
C ILE Y 151 19.76 79.09 -8.58
N LEU Y 152 18.77 79.44 -7.74
CA LEU Y 152 17.66 78.55 -7.41
C LEU Y 152 16.44 79.05 -8.16
N SER Y 153 16.03 78.28 -9.16
CA SER Y 153 14.83 78.53 -9.99
C SER Y 153 13.57 78.59 -9.10
N GLY Y 154 12.52 79.22 -9.64
CA GLY Y 154 11.21 79.38 -8.98
C GLY Y 154 10.75 78.13 -8.23
N TYR Y 155 10.28 78.32 -7.00
CA TYR Y 155 9.57 77.28 -6.24
C TYR Y 155 10.50 76.09 -5.99
N THR Y 156 11.79 76.39 -5.82
CA THR Y 156 12.78 75.37 -5.44
C THR Y 156 12.68 75.22 -3.93
N LEU Y 157 12.46 74.01 -3.45
CA LEU Y 157 12.39 73.70 -2.01
C LEU Y 157 13.68 73.04 -1.56
N VAL Y 158 14.27 73.42 -0.44
CA VAL Y 158 15.55 72.80 0.03
C VAL Y 158 15.37 72.32 1.46
N HIS Y 159 15.72 71.05 1.73
CA HIS Y 159 15.48 70.34 3.01
C HIS Y 159 16.52 70.81 4.03
N GLN Y 160 16.17 70.79 5.30
CA GLN Y 160 17.07 71.30 6.38
CA GLN Y 160 17.06 71.28 6.38
C GLN Y 160 18.47 70.70 6.14
N TYR Y 161 19.50 71.54 6.28
CA TYR Y 161 20.95 71.21 6.37
C TYR Y 161 21.62 70.90 5.02
N CYS Y 162 20.91 70.93 3.89
CA CYS Y 162 21.56 70.80 2.57
C CYS Y 162 22.45 71.99 2.25
N ARG Y 163 23.48 71.71 1.47
CA ARG Y 163 24.47 72.67 0.93
C ARG Y 163 24.22 72.75 -0.57
N ILE Y 164 23.95 73.95 -1.06
CA ILE Y 164 23.84 74.27 -2.49
C ILE Y 164 25.20 74.82 -2.92
N GLY Y 165 25.93 74.11 -3.78
CA GLY Y 165 27.31 74.51 -4.09
C GLY Y 165 27.38 75.77 -4.95
N ALA Y 166 28.55 76.39 -5.01
CA ALA Y 166 28.80 77.56 -5.84
C ALA Y 166 28.49 77.26 -7.31
N HIS Y 167 27.90 78.22 -8.01
CA HIS Y 167 27.57 78.18 -9.45
C HIS Y 167 26.60 77.07 -9.78
N SER Y 168 25.92 76.54 -8.79
CA SER Y 168 25.04 75.38 -9.00
C SER Y 168 23.72 75.96 -9.47
N PHE Y 169 22.80 75.12 -9.91
CA PHE Y 169 21.51 75.55 -10.50
C PHE Y 169 20.44 74.50 -10.26
N SER Y 170 19.32 74.91 -9.69
CA SER Y 170 18.08 74.12 -9.66
C SER Y 170 17.12 74.64 -10.71
N GLY Y 171 16.36 73.74 -11.29
CA GLY Y 171 15.26 74.06 -12.21
C GLY Y 171 13.98 74.27 -11.45
N MET Y 172 12.95 74.83 -12.10
CA MET Y 172 11.76 75.24 -11.36
C MET Y 172 11.08 74.02 -10.74
N GLY Y 173 10.68 74.18 -9.50
CA GLY Y 173 9.85 73.20 -8.78
C GLY Y 173 10.74 72.11 -8.27
N SER Y 174 12.05 72.31 -8.28
CA SER Y 174 12.98 71.30 -7.72
C SER Y 174 12.75 71.12 -6.23
N ALA Y 175 12.78 69.88 -5.77
CA ALA Y 175 12.80 69.55 -4.35
C ALA Y 175 14.13 68.89 -3.99
N ILE Y 176 15.06 69.68 -3.47
CA ILE Y 176 16.43 69.22 -3.15
C ILE Y 176 16.42 68.56 -1.77
N GLY Y 177 16.74 67.28 -1.72
CA GLY Y 177 16.78 66.47 -0.47
C GLY Y 177 18.18 66.29 0.08
N LYS Y 178 19.20 66.75 -0.63
CA LYS Y 178 20.60 66.32 -0.43
C LYS Y 178 21.51 67.39 -1.02
N ASP Y 179 22.79 67.37 -0.69
CA ASP Y 179 23.67 68.47 -1.14
C ASP Y 179 23.65 68.54 -2.66
N VAL Y 180 24.00 69.68 -3.21
CA VAL Y 180 24.07 69.87 -4.67
C VAL Y 180 25.50 70.29 -4.92
N PRO Y 181 26.30 69.49 -5.62
CA PRO Y 181 27.71 69.83 -5.74
C PRO Y 181 27.79 71.07 -6.60
N ALA Y 182 28.93 71.76 -6.46
CA ALA Y 182 29.22 73.04 -7.14
C ALA Y 182 28.99 72.82 -8.62
N TYR Y 183 28.45 73.84 -9.28
CA TYR Y 183 28.29 73.84 -10.75
C TYR Y 183 27.20 72.89 -11.22
N VAL Y 184 26.69 72.00 -10.37
CA VAL Y 184 25.76 70.94 -10.86
C VAL Y 184 24.43 71.60 -11.15
N THR Y 185 23.71 71.05 -12.08
CA THR Y 185 22.30 71.39 -12.30
C THR Y 185 21.43 70.21 -11.94
N VAL Y 186 20.40 70.46 -11.18
CA VAL Y 186 19.45 69.45 -10.66
C VAL Y 186 18.03 69.88 -11.02
N PHE Y 187 17.12 68.90 -11.20
CA PHE Y 187 15.72 69.10 -11.66
C PHE Y 187 14.82 68.09 -10.96
N GLY Y 188 13.58 68.49 -10.66
CA GLY Y 188 12.50 67.58 -10.28
C GLY Y 188 12.39 67.33 -8.79
N ASN Y 189 11.48 66.42 -8.45
CA ASN Y 189 11.06 66.07 -7.09
C ASN Y 189 10.91 64.56 -7.06
N PRO Y 190 11.90 63.82 -6.54
CA PRO Y 190 13.12 64.39 -5.96
C PRO Y 190 14.05 64.96 -7.03
N ALA Y 191 14.81 65.97 -6.65
CA ALA Y 191 15.84 66.62 -7.48
C ALA Y 191 16.89 65.57 -7.88
N GLU Y 192 17.32 65.58 -9.14
CA GLU Y 192 18.43 64.72 -9.66
C GLU Y 192 19.32 65.58 -10.54
N ALA Y 193 20.56 65.15 -10.71
CA ALA Y 193 21.62 65.92 -11.39
C ALA Y 193 21.43 65.72 -12.86
N ARG Y 194 21.65 66.70 -13.70
CA ARG Y 194 21.56 66.46 -15.14
C ARG Y 194 22.87 66.84 -15.84
N SER Y 195 23.43 67.99 -15.55
CA SER Y 195 24.62 68.46 -16.25
C SER Y 195 25.42 69.37 -15.31
N MET Y 196 26.35 70.14 -15.85
CA MET Y 196 26.93 71.25 -15.11
C MET Y 196 26.33 72.53 -15.69
N ASN Y 197 26.39 73.58 -14.88
CA ASN Y 197 25.91 74.91 -15.26
C ASN Y 197 27.00 75.54 -16.11
N PHE Y 198 27.07 75.11 -17.36
CA PHE Y 198 28.02 75.71 -18.32
C PHE Y 198 27.70 77.20 -18.57
N GLU Y 199 26.44 77.66 -18.59
CA GLU Y 199 26.13 79.11 -18.82
C GLU Y 199 26.81 79.93 -17.70
N GLY Y 200 26.68 79.47 -16.46
CA GLY Y 200 27.26 80.13 -15.27
C GLY Y 200 28.74 80.29 -15.43
N MET Y 201 29.38 79.25 -15.99
CA MET Y 201 30.84 79.16 -16.23
C MET Y 201 31.20 80.21 -17.29
N ARG Y 202 30.47 80.32 -18.41
CA ARG Y 202 30.73 81.36 -19.41
C ARG Y 202 30.72 82.78 -18.75
N ARG Y 203 29.66 83.12 -18.05
CA ARG Y 203 29.51 84.43 -17.37
C ARG Y 203 30.69 84.65 -16.40
N ARG Y 204 31.24 83.66 -15.73
CA ARG Y 204 32.43 83.94 -14.88
C ARG Y 204 33.70 84.02 -15.75
N GLY Y 205 33.63 83.87 -17.08
CA GLY Y 205 34.81 83.85 -17.96
C GLY Y 205 35.79 82.71 -17.65
N PHE Y 206 35.32 81.53 -17.27
CA PHE Y 206 36.12 80.29 -17.21
C PHE Y 206 36.70 80.01 -18.60
N SER Y 207 37.91 79.48 -18.58
CA SER Y 207 38.64 79.00 -19.76
C SER Y 207 37.96 77.75 -20.35
N SER Y 208 38.21 77.47 -21.62
CA SER Y 208 37.83 76.22 -22.30
C SER Y 208 38.29 75.01 -21.49
N GLU Y 209 39.53 75.06 -20.98
CA GLU Y 209 40.23 73.89 -20.41
C GLU Y 209 39.44 73.52 -19.16
N ALA Y 210 39.02 74.52 -18.39
CA ALA Y 210 38.32 74.36 -17.09
C ALA Y 210 36.86 73.92 -17.31
N ILE Y 211 36.21 74.46 -18.33
CA ILE Y 211 34.85 74.03 -18.73
C ILE Y 211 34.94 72.54 -19.08
N HIS Y 212 35.94 72.13 -19.85
CA HIS Y 212 36.05 70.72 -20.27
C HIS Y 212 36.35 69.88 -19.02
N ALA Y 213 37.13 70.41 -18.10
CA ALA Y 213 37.62 69.66 -16.93
C ALA Y 213 36.45 69.39 -15.99
N LEU Y 214 35.50 70.33 -15.97
CA LEU Y 214 34.32 70.19 -15.09
C LEU Y 214 33.35 69.19 -15.70
N ARG Y 215 33.14 69.26 -17.01
CA ARG Y 215 32.36 68.24 -17.73
C ARG Y 215 32.91 66.87 -17.37
N ARG Y 216 34.23 66.68 -17.43
CA ARG Y 216 34.83 65.35 -17.21
C ARG Y 216 34.58 64.98 -15.78
N ALA Y 217 34.82 65.91 -14.86
CA ALA Y 217 34.58 65.70 -13.40
C ALA Y 217 33.14 65.22 -13.18
N TYR Y 218 32.19 65.82 -13.88
CA TYR Y 218 30.77 65.42 -13.79
C TYR Y 218 30.68 63.94 -14.16
N LYS Y 219 31.24 63.56 -15.31
CA LYS Y 219 31.11 62.17 -15.81
C LYS Y 219 31.73 61.22 -14.78
N VAL Y 220 32.84 61.61 -14.17
CA VAL Y 220 33.50 60.78 -13.13
C VAL Y 220 32.47 60.49 -12.03
N VAL Y 221 31.94 61.54 -11.42
CA VAL Y 221 31.01 61.40 -10.26
C VAL Y 221 29.71 60.70 -10.65
N TYR Y 222 29.16 60.97 -11.81
CA TYR Y 222 27.73 60.72 -12.10
C TYR Y 222 27.54 59.67 -13.19
N ARG Y 223 28.51 59.34 -14.03
CA ARG Y 223 28.16 58.65 -15.28
C ARG Y 223 29.11 57.49 -15.43
N GLN Y 224 29.78 57.05 -14.38
CA GLN Y 224 30.85 56.03 -14.62
C GLN Y 224 30.76 54.87 -13.61
N GLY Y 225 29.63 54.68 -12.96
CA GLY Y 225 29.47 53.66 -11.92
C GLY Y 225 30.38 53.82 -10.74
N HIS Y 226 31.09 54.92 -10.52
CA HIS Y 226 31.98 55.09 -9.34
C HIS Y 226 31.13 55.28 -8.08
N THR Y 227 31.52 54.73 -6.94
CA THR Y 227 31.02 55.15 -5.61
C THR Y 227 31.52 56.56 -5.42
N VAL Y 228 30.91 57.34 -4.57
CA VAL Y 228 31.44 58.70 -4.27
C VAL Y 228 32.93 58.63 -3.89
N GLU Y 229 33.28 57.70 -3.00
CA GLU Y 229 34.68 57.38 -2.61
C GLU Y 229 35.58 57.29 -3.87
N GLU Y 230 35.21 56.41 -4.77
CA GLU Y 230 35.99 56.09 -5.98
C GLU Y 230 36.14 57.38 -6.78
N ALA Y 231 35.04 58.14 -6.92
CA ALA Y 231 34.97 59.40 -7.71
C ALA Y 231 35.96 60.41 -7.17
N LEU Y 232 35.90 60.65 -5.86
CA LEU Y 232 36.74 61.66 -5.19
C LEU Y 232 38.22 61.43 -5.47
N ALA Y 233 38.54 60.15 -5.57
CA ALA Y 233 39.93 59.69 -5.73
C ALA Y 233 40.35 59.96 -7.18
N GLU Y 234 39.44 59.63 -8.10
CA GLU Y 234 39.67 59.81 -9.53
C GLU Y 234 39.75 61.31 -9.78
N LEU Y 235 39.04 62.12 -9.00
CA LEU Y 235 39.10 63.59 -9.15
C LEU Y 235 40.43 64.23 -8.71
N ALA Y 236 41.32 63.56 -7.99
CA ALA Y 236 42.45 64.23 -7.26
C ALA Y 236 43.41 64.94 -8.23
N GLU Y 237 43.75 64.28 -9.33
CA GLU Y 237 44.54 64.87 -10.45
C GLU Y 237 43.83 66.15 -10.96
N SER Y 238 42.63 66.02 -11.51
CA SER Y 238 41.87 67.16 -12.08
C SER Y 238 41.89 68.33 -11.06
N ALA Y 239 41.73 68.02 -9.78
CA ALA Y 239 41.54 69.01 -8.71
C ALA Y 239 42.85 69.72 -8.38
N ALA Y 240 43.99 69.07 -8.60
CA ALA Y 240 45.30 69.71 -8.43
C ALA Y 240 45.59 70.62 -9.62
N GLN Y 241 44.97 70.35 -10.76
CA GLN Y 241 45.31 71.05 -12.01
C GLN Y 241 44.43 72.28 -12.22
N PHE Y 242 43.16 72.23 -11.81
CA PHE Y 242 42.10 73.24 -12.05
C PHE Y 242 41.48 73.66 -10.72
N PRO Y 243 41.70 74.91 -10.24
CA PRO Y 243 41.07 75.35 -8.99
C PRO Y 243 39.54 75.18 -9.07
N GLU Y 244 38.96 75.32 -10.27
CA GLU Y 244 37.49 75.20 -10.49
C GLU Y 244 37.06 73.75 -10.22
N VAL Y 245 37.84 72.77 -10.64
CA VAL Y 245 37.49 71.38 -10.30
C VAL Y 245 37.62 71.17 -8.79
N ALA Y 246 38.61 71.75 -8.15
CA ALA Y 246 38.82 71.58 -6.69
C ALA Y 246 37.56 72.00 -5.92
N VAL Y 247 36.94 73.10 -6.38
CA VAL Y 247 35.69 73.66 -5.78
C VAL Y 247 34.64 72.57 -5.86
N PHE Y 248 34.58 71.87 -6.98
CA PHE Y 248 33.66 70.72 -7.17
C PHE Y 248 34.10 69.56 -6.28
N ARG Y 249 35.40 69.13 -6.28
CA ARG Y 249 35.81 67.95 -5.48
C ARG Y 249 35.41 68.27 -4.03
N ASP Y 250 35.83 69.43 -3.51
CA ASP Y 250 35.59 69.89 -2.12
C ASP Y 250 34.07 69.89 -1.83
N SER Y 251 33.18 70.37 -2.70
CA SER Y 251 31.73 70.39 -2.40
C SER Y 251 31.23 68.95 -2.17
N ILE Y 252 31.69 67.95 -2.93
CA ILE Y 252 31.31 66.51 -2.74
C ILE Y 252 31.99 65.96 -1.48
N GLN Y 253 33.27 66.27 -1.30
CA GLN Y 253 34.11 65.79 -0.16
C GLN Y 253 33.30 65.96 1.11
N SER Y 254 32.73 67.15 1.32
CA SER Y 254 32.21 67.65 2.63
C SER Y 254 30.69 67.50 2.74
N ALA Y 255 30.18 66.42 2.18
CA ALA Y 255 28.78 66.03 2.21
C ALA Y 255 28.72 64.59 2.72
N THR Y 256 29.78 63.83 2.42
CA THR Y 256 29.92 62.36 2.56
C THR Y 256 31.07 62.08 3.54
N ARG Y 257 30.86 62.18 4.86
CA ARG Y 257 31.90 61.70 5.83
C ARG Y 257 31.90 60.16 5.95
N GLY Y 258 30.73 59.50 5.87
CA GLY Y 258 30.61 58.04 5.79
C GLY Y 258 30.57 57.43 7.17
N ILE Y 259 30.39 56.11 7.23
CA ILE Y 259 30.55 55.32 8.47
C ILE Y 259 31.58 54.23 8.24
N THR Y 260 32.24 53.78 9.28
CA THR Y 260 33.07 52.58 9.16
C THR Y 260 32.18 51.52 8.59
N ARG Y 261 32.63 50.84 7.53
CA ARG Y 261 32.02 49.53 7.20
C ARG Y 261 33.09 48.49 7.34
N MET Z 4 -16.89 106.45 4.67
CA MET Z 4 -17.96 106.05 3.69
C MET Z 4 -17.90 106.95 2.44
N SER Z 5 -16.71 107.37 1.97
CA SER Z 5 -16.49 108.09 0.68
C SER Z 5 -15.29 107.43 -0.04
N LEU Z 6 -15.28 107.42 -1.35
CA LEU Z 6 -14.81 106.26 -2.17
C LEU Z 6 -13.31 105.97 -2.00
N ILE Z 7 -12.42 106.90 -2.39
CA ILE Z 7 -10.96 106.92 -2.04
C ILE Z 7 -10.81 107.12 -0.52
N ASP Z 8 -10.04 106.29 0.16
CA ASP Z 8 -9.87 106.35 1.63
C ASP Z 8 -8.81 107.43 1.88
N PRO Z 9 -9.06 108.33 2.85
CA PRO Z 9 -8.06 109.33 3.19
C PRO Z 9 -6.69 108.70 3.51
N ARG Z 10 -6.68 107.57 4.23
CA ARG Z 10 -5.47 106.92 4.81
C ARG Z 10 -4.60 106.32 3.69
N ALA Z 11 -5.12 106.34 2.44
CA ALA Z 11 -4.45 105.91 1.18
C ALA Z 11 -3.68 107.06 0.55
N ILE Z 12 -2.64 106.71 -0.21
CA ILE Z 12 -1.79 107.66 -1.00
C ILE Z 12 -2.16 107.57 -2.49
N ILE Z 13 -2.37 108.73 -3.12
CA ILE Z 13 -2.67 108.86 -4.56
C ILE Z 13 -1.73 109.91 -5.14
N ASP Z 14 -0.90 109.47 -6.07
CA ASP Z 14 0.04 110.35 -6.79
C ASP Z 14 -0.76 111.33 -7.64
N PRO Z 15 -0.34 112.60 -7.70
CA PRO Z 15 -0.99 113.57 -8.58
C PRO Z 15 -1.09 113.17 -10.07
N SER Z 16 -0.13 112.40 -10.61
CA SER Z 16 -0.09 112.03 -12.04
C SER Z 16 -1.18 111.00 -12.31
N ALA Z 17 -1.53 110.20 -11.29
CA ALA Z 17 -2.53 109.10 -11.34
C ALA Z 17 -3.87 109.68 -11.76
N ARG Z 18 -4.62 108.95 -12.58
CA ARG Z 18 -5.95 109.44 -12.97
C ARG Z 18 -6.90 108.24 -12.92
N LEU Z 19 -7.89 108.36 -12.02
CA LEU Z 19 -8.98 107.42 -11.61
C LEU Z 19 -10.36 107.99 -12.02
N ALA Z 20 -11.21 107.22 -12.73
CA ALA Z 20 -12.62 107.59 -12.97
C ALA Z 20 -13.28 107.83 -11.62
N ALA Z 21 -14.42 108.53 -11.61
CA ALA Z 21 -14.97 109.17 -10.40
C ALA Z 21 -15.56 108.12 -9.45
N ASP Z 22 -15.84 106.88 -9.86
CA ASP Z 22 -16.55 105.96 -8.92
C ASP Z 22 -15.65 104.80 -8.51
N VAL Z 23 -14.36 104.86 -8.84
CA VAL Z 23 -13.28 104.00 -8.27
C VAL Z 23 -13.26 104.14 -6.75
N GLN Z 24 -13.09 103.06 -6.03
CA GLN Z 24 -12.70 103.11 -4.60
C GLN Z 24 -11.28 102.58 -4.41
N VAL Z 25 -10.60 103.12 -3.42
CA VAL Z 25 -9.31 102.65 -2.89
C VAL Z 25 -9.50 102.45 -1.38
N GLY Z 26 -9.10 101.27 -0.91
CA GLY Z 26 -9.06 100.97 0.53
C GLY Z 26 -7.96 101.80 1.18
N PRO Z 27 -7.96 101.73 2.53
CA PRO Z 27 -6.87 102.24 3.38
C PRO Z 27 -5.49 101.72 2.99
N TRP Z 28 -4.48 102.57 2.98
CA TRP Z 28 -3.03 102.23 2.96
C TRP Z 28 -2.65 101.63 1.61
N SER Z 29 -3.51 101.79 0.61
CA SER Z 29 -3.15 101.41 -0.77
C SER Z 29 -2.42 102.61 -1.36
N ILE Z 30 -1.47 102.37 -2.27
CA ILE Z 30 -0.60 103.39 -2.93
C ILE Z 30 -0.87 103.28 -4.41
N VAL Z 31 -1.76 104.10 -4.93
CA VAL Z 31 -1.89 104.25 -6.40
C VAL Z 31 -0.77 105.18 -6.85
N GLY Z 32 0.35 104.62 -7.30
CA GLY Z 32 1.50 105.45 -7.70
C GLY Z 32 1.29 106.20 -9.01
N ALA Z 33 2.37 106.84 -9.44
CA ALA Z 33 2.48 107.69 -10.67
C ALA Z 33 2.10 106.88 -11.91
N GLU Z 34 1.49 107.54 -12.91
CA GLU Z 34 1.29 107.04 -14.29
C GLU Z 34 0.31 105.87 -14.27
N VAL Z 35 -0.43 105.73 -13.18
CA VAL Z 35 -1.35 104.59 -12.97
C VAL Z 35 -2.77 105.08 -13.19
N GLU Z 36 -3.48 104.42 -14.08
CA GLU Z 36 -4.77 104.88 -14.60
C GLU Z 36 -5.79 103.79 -14.25
N ILE Z 37 -6.91 104.14 -13.64
CA ILE Z 37 -7.89 103.12 -13.13
C ILE Z 37 -9.30 103.43 -13.66
N GLY Z 38 -9.91 102.43 -14.30
CA GLY Z 38 -11.16 102.55 -15.08
C GLY Z 38 -12.41 102.60 -14.22
N GLU Z 39 -13.53 102.98 -14.85
CA GLU Z 39 -14.86 103.10 -14.20
C GLU Z 39 -15.15 101.82 -13.41
N GLY Z 40 -15.60 101.90 -12.16
CA GLY Z 40 -16.19 100.79 -11.41
C GLY Z 40 -15.17 100.02 -10.59
N THR Z 41 -13.89 100.14 -10.91
CA THR Z 41 -12.81 99.30 -10.33
C THR Z 41 -12.72 99.57 -8.81
N VAL Z 42 -12.50 98.51 -8.04
CA VAL Z 42 -12.32 98.61 -6.57
C VAL Z 42 -10.90 98.18 -6.27
N ILE Z 43 -10.07 99.07 -5.75
CA ILE Z 43 -8.80 98.67 -5.09
C ILE Z 43 -9.10 98.44 -3.60
N GLY Z 44 -8.71 97.26 -3.11
CA GLY Z 44 -8.85 96.90 -1.69
C GLY Z 44 -7.88 97.74 -0.88
N PRO Z 45 -7.69 97.36 0.40
CA PRO Z 45 -6.64 97.93 1.26
C PRO Z 45 -5.23 97.33 1.06
N HIS Z 46 -4.20 97.92 1.67
CA HIS Z 46 -2.79 97.47 1.61
C HIS Z 46 -2.37 97.00 0.22
N VAL Z 47 -2.88 97.59 -0.87
CA VAL Z 47 -2.49 97.29 -2.28
C VAL Z 47 -1.40 98.25 -2.73
N VAL Z 48 -0.54 97.84 -3.66
CA VAL Z 48 0.49 98.74 -4.23
C VAL Z 48 0.34 98.67 -5.74
N LEU Z 49 0.04 99.82 -6.35
CA LEU Z 49 0.05 99.99 -7.82
C LEU Z 49 1.25 100.87 -8.22
N LYS Z 50 1.99 100.46 -9.26
CA LYS Z 50 3.16 101.19 -9.85
C LYS Z 50 2.94 101.21 -11.38
N GLY Z 51 3.54 102.19 -12.06
CA GLY Z 51 3.22 102.57 -13.45
C GLY Z 51 4.45 102.60 -14.35
N PRO Z 52 4.24 102.89 -15.66
CA PRO Z 52 2.92 103.23 -16.17
C PRO Z 52 2.05 101.97 -16.33
N THR Z 53 0.80 102.08 -15.92
CA THR Z 53 -0.13 100.95 -15.86
C THR Z 53 -1.52 101.48 -16.15
N LYS Z 54 -2.26 100.84 -17.06
CA LYS Z 54 -3.69 101.12 -17.32
C LYS Z 54 -4.48 99.92 -16.79
N ILE Z 55 -5.43 100.20 -15.89
CA ILE Z 55 -6.41 99.21 -15.35
C ILE Z 55 -7.78 99.63 -15.86
N GLY Z 56 -8.48 98.74 -16.59
CA GLY Z 56 -9.83 99.00 -17.11
C GLY Z 56 -10.89 98.95 -16.02
N LYS Z 57 -12.08 98.47 -16.37
CA LYS Z 57 -13.33 98.78 -15.64
C LYS Z 57 -13.77 97.57 -14.83
N HIS Z 58 -14.45 97.81 -13.71
CA HIS Z 58 -15.05 96.82 -12.76
C HIS Z 58 -14.04 95.74 -12.38
N ASN Z 59 -12.81 96.12 -12.06
CA ASN Z 59 -11.80 95.16 -11.53
C ASN Z 59 -11.92 95.16 -10.00
N ARG Z 60 -11.69 94.03 -9.33
CA ARG Z 60 -11.61 93.90 -7.85
C ARG Z 60 -10.12 93.59 -7.69
N ILE Z 61 -9.37 94.29 -6.85
CA ILE Z 61 -7.93 93.96 -6.53
C ILE Z 61 -7.78 93.86 -5.01
N TYR Z 62 -7.37 92.70 -4.50
CA TYR Z 62 -7.27 92.45 -3.03
C TYR Z 62 -5.88 92.86 -2.43
N GLN Z 63 -5.84 92.73 -1.11
CA GLN Z 63 -4.73 93.19 -0.24
C GLN Z 63 -3.41 92.56 -0.69
N PHE Z 64 -2.30 93.26 -0.47
CA PHE Z 64 -0.93 92.67 -0.46
C PHE Z 64 -0.46 92.35 -1.89
N SER Z 65 -1.37 92.62 -2.84
CA SER Z 65 -1.11 92.67 -4.29
C SER Z 65 -0.13 93.82 -4.57
N SER Z 66 0.91 93.53 -5.35
CA SER Z 66 1.93 94.46 -5.83
C SER Z 66 1.82 94.35 -7.35
N VAL Z 67 1.01 95.23 -7.93
CA VAL Z 67 0.65 95.26 -9.38
C VAL Z 67 1.32 96.45 -10.08
N GLY Z 68 2.32 96.19 -10.90
CA GLY Z 68 2.96 97.22 -11.75
C GLY Z 68 4.42 97.39 -11.39
N GLU Z 69 4.95 96.51 -10.54
CA GLU Z 69 6.36 96.56 -10.09
C GLU Z 69 7.22 96.21 -11.32
N ASP Z 70 8.47 96.66 -11.36
CA ASP Z 70 9.47 96.20 -12.35
C ASP Z 70 9.72 94.70 -12.10
N THR Z 71 9.97 93.86 -13.10
CA THR Z 71 10.57 92.53 -12.83
C THR Z 71 11.93 92.76 -12.20
N PRO Z 72 12.40 91.87 -11.31
CA PRO Z 72 13.76 91.92 -10.80
C PRO Z 72 14.80 91.39 -11.78
N ASP Z 73 14.33 90.77 -12.88
CA ASP Z 73 15.18 90.02 -13.85
C ASP Z 73 16.25 90.99 -14.32
N LEU Z 74 17.53 90.59 -14.28
CA LEU Z 74 18.64 91.55 -14.50
C LEU Z 74 18.71 91.91 -16.00
N LYS Z 75 17.95 91.24 -16.86
CA LYS Z 75 17.73 91.59 -18.28
C LYS Z 75 17.09 92.98 -18.40
N TYR Z 76 16.40 93.46 -17.37
CA TYR Z 76 15.70 94.76 -17.38
C TYR Z 76 16.46 95.77 -16.51
N LYS Z 77 16.70 96.97 -17.06
CA LYS Z 77 17.54 98.04 -16.46
C LYS Z 77 16.79 99.38 -16.44
N GLY Z 78 15.61 99.47 -15.82
CA GLY Z 78 14.87 100.72 -15.51
C GLY Z 78 14.06 101.31 -16.69
N GLU Z 79 14.12 100.70 -17.89
CA GLU Z 79 13.51 101.25 -19.16
C GLU Z 79 12.00 101.44 -18.93
N PRO Z 80 11.28 102.35 -19.64
CA PRO Z 80 9.88 102.66 -19.27
C PRO Z 80 8.89 101.71 -19.95
N THR Z 81 8.39 100.71 -19.23
CA THR Z 81 7.55 99.61 -19.80
C THR Z 81 6.15 99.66 -19.20
N ARG Z 82 5.14 99.19 -19.92
CA ARG Z 82 3.71 99.33 -19.51
C ARG Z 82 3.22 98.00 -18.95
N LEU Z 83 2.20 98.08 -18.08
CA LEU Z 83 1.24 97.00 -17.69
C LEU Z 83 -0.18 97.39 -18.13
N VAL Z 84 -0.90 96.50 -18.81
CA VAL Z 84 -2.31 96.78 -19.24
C VAL Z 84 -3.20 95.68 -18.68
N ILE Z 85 -4.34 96.07 -18.11
CA ILE Z 85 -5.37 95.14 -17.60
C ILE Z 85 -6.73 95.60 -18.13
N GLY Z 86 -7.42 94.76 -18.91
CA GLY Z 86 -8.79 95.04 -19.35
C GLY Z 86 -9.77 95.15 -18.18
N ASP Z 87 -10.91 94.48 -18.31
CA ASP Z 87 -12.17 94.76 -17.55
C ASP Z 87 -12.64 93.49 -16.81
N HIS Z 88 -13.32 93.66 -15.68
CA HIS Z 88 -14.06 92.58 -14.95
C HIS Z 88 -13.08 91.52 -14.43
N ASN Z 89 -11.87 91.93 -14.05
CA ASN Z 89 -10.87 91.00 -13.47
C ASN Z 89 -11.04 91.00 -11.94
N VAL Z 90 -10.81 89.85 -11.36
CA VAL Z 90 -10.62 89.71 -9.90
C VAL Z 90 -9.15 89.32 -9.74
N ILE Z 91 -8.42 90.04 -8.89
CA ILE Z 91 -6.99 89.78 -8.59
C ILE Z 91 -6.88 89.65 -7.09
N ARG Z 92 -6.67 88.44 -6.60
CA ARG Z 92 -6.85 88.11 -5.17
C ARG Z 92 -5.60 88.48 -4.33
N GLU Z 93 -5.57 87.90 -3.14
CA GLU Z 93 -4.71 88.42 -2.07
C GLU Z 93 -3.25 88.08 -2.40
N GLY Z 94 -2.48 89.13 -2.52
CA GLY Z 94 -1.03 89.02 -2.58
C GLY Z 94 -0.53 88.70 -3.97
N VAL Z 95 -1.31 88.91 -5.01
CA VAL Z 95 -0.82 88.66 -6.40
C VAL Z 95 0.29 89.67 -6.72
N THR Z 96 1.26 89.26 -7.51
CA THR Z 96 2.36 90.10 -8.06
C THR Z 96 2.20 90.13 -9.57
N ILE Z 97 2.10 91.32 -10.18
CA ILE Z 97 2.11 91.45 -11.66
C ILE Z 97 3.21 92.42 -12.03
N HIS Z 98 4.08 92.05 -12.93
CA HIS Z 98 5.23 92.89 -13.29
C HIS Z 98 4.97 93.48 -14.68
N ARG Z 99 5.41 94.72 -14.84
CA ARG Z 99 5.44 95.43 -16.13
C ARG Z 99 6.43 94.70 -17.03
N GLY Z 100 6.50 95.09 -18.31
CA GLY Z 100 7.29 94.41 -19.35
C GLY Z 100 8.77 94.75 -19.30
N THR Z 101 9.40 94.49 -20.44
CA THR Z 101 10.85 94.59 -20.73
C THR Z 101 10.96 95.05 -22.20
N VAL Z 102 11.93 95.87 -22.55
CA VAL Z 102 11.94 96.40 -23.96
C VAL Z 102 12.32 95.29 -24.94
N GLN Z 103 12.97 94.23 -24.47
CA GLN Z 103 13.46 93.15 -25.38
C GLN Z 103 12.25 92.42 -26.00
N ASP Z 104 11.05 92.39 -25.39
CA ASP Z 104 9.83 91.78 -26.00
C ASP Z 104 9.07 92.93 -26.66
N ARG Z 105 7.77 93.09 -26.39
CA ARG Z 105 6.92 94.16 -26.96
C ARG Z 105 6.78 95.26 -25.89
N ALA Z 106 7.35 95.09 -24.68
CA ALA Z 106 7.53 96.15 -23.64
C ALA Z 106 6.22 96.42 -22.89
N GLU Z 107 5.37 95.40 -22.79
CA GLU Z 107 4.03 95.46 -22.18
C GLU Z 107 3.74 94.07 -21.64
N THR Z 108 3.35 93.98 -20.37
CA THR Z 108 2.60 92.83 -19.82
C THR Z 108 1.13 93.16 -20.01
N THR Z 109 0.34 92.20 -20.45
CA THR Z 109 -1.06 92.43 -20.90
C THR Z 109 -2.03 91.39 -20.34
N ILE Z 110 -3.19 91.85 -19.86
CA ILE Z 110 -4.27 91.03 -19.27
C ILE Z 110 -5.61 91.52 -19.84
N GLY Z 111 -6.40 90.60 -20.35
CA GLY Z 111 -7.72 90.95 -20.91
C GLY Z 111 -8.79 91.11 -19.84
N ASP Z 112 -9.89 90.37 -20.03
CA ASP Z 112 -11.18 90.62 -19.38
C ASP Z 112 -11.66 89.32 -18.73
N HIS Z 113 -12.43 89.42 -17.63
CA HIS Z 113 -13.11 88.28 -16.97
C HIS Z 113 -12.07 87.26 -16.50
N ASN Z 114 -10.90 87.72 -16.10
CA ASN Z 114 -9.86 86.82 -15.56
C ASN Z 114 -10.02 86.72 -14.05
N LEU Z 115 -9.77 85.53 -13.52
CA LEU Z 115 -9.75 85.25 -12.07
C LEU Z 115 -8.34 84.81 -11.69
N ILE Z 116 -7.63 85.62 -10.93
CA ILE Z 116 -6.22 85.34 -10.57
C ILE Z 116 -6.14 85.23 -9.07
N MET Z 117 -5.93 84.03 -8.58
CA MET Z 117 -6.07 83.78 -7.15
C MET Z 117 -4.77 84.09 -6.40
N ALA Z 118 -4.83 83.94 -5.08
CA ALA Z 118 -3.85 84.47 -4.12
C ALA Z 118 -2.44 84.09 -4.54
N TYR Z 119 -1.51 85.03 -4.40
CA TYR Z 119 -0.04 84.80 -4.49
C TYR Z 119 0.32 84.31 -5.90
N ALA Z 120 -0.55 84.42 -6.90
CA ALA Z 120 -0.19 84.06 -8.28
C ALA Z 120 0.82 85.08 -8.79
N HIS Z 121 1.73 84.72 -9.66
CA HIS Z 121 2.73 85.68 -10.18
C HIS Z 121 2.53 85.79 -11.68
N ILE Z 122 2.33 87.00 -12.17
CA ILE Z 122 2.27 87.24 -13.64
C ILE Z 122 3.54 87.98 -14.05
N GLY Z 123 4.50 87.24 -14.54
CA GLY Z 123 5.84 87.74 -14.85
C GLY Z 123 5.86 88.65 -16.05
N HIS Z 124 6.97 89.41 -16.15
CA HIS Z 124 7.13 90.43 -17.20
C HIS Z 124 6.71 89.88 -18.55
N ASP Z 125 5.98 90.68 -19.29
CA ASP Z 125 5.72 90.45 -20.72
C ASP Z 125 4.72 89.34 -20.91
N SER Z 126 4.18 88.75 -19.85
CA SER Z 126 3.12 87.74 -20.04
C SER Z 126 1.90 88.35 -20.77
N VAL Z 127 1.12 87.53 -21.45
CA VAL Z 127 -0.14 87.97 -22.11
C VAL Z 127 -1.24 86.99 -21.70
N ILE Z 128 -2.19 87.46 -20.93
CA ILE Z 128 -3.43 86.72 -20.60
C ILE Z 128 -4.60 87.29 -21.40
N GLY Z 129 -5.41 86.41 -21.96
CA GLY Z 129 -6.57 86.76 -22.80
C GLY Z 129 -7.74 86.99 -21.92
N ASN Z 130 -8.76 86.16 -22.06
CA ASN Z 130 -10.07 86.40 -21.40
C ASN Z 130 -10.54 85.13 -20.68
N HIS Z 131 -11.28 85.30 -19.59
CA HIS Z 131 -12.02 84.19 -18.94
C HIS Z 131 -11.07 83.12 -18.37
N CYS Z 132 -9.81 83.48 -18.15
CA CYS Z 132 -8.76 82.53 -17.69
C CYS Z 132 -8.89 82.42 -16.18
N ILE Z 133 -8.56 81.26 -15.64
CA ILE Z 133 -8.45 81.09 -14.16
C ILE Z 133 -7.05 80.60 -13.81
N LEU Z 134 -6.33 81.42 -13.05
CA LEU Z 134 -5.04 81.08 -12.45
C LEU Z 134 -5.25 80.84 -10.95
N VAL Z 135 -5.12 79.60 -10.55
CA VAL Z 135 -5.40 79.25 -9.15
C VAL Z 135 -4.16 79.60 -8.35
N ASN Z 136 -4.27 79.62 -7.03
CA ASN Z 136 -3.25 80.14 -6.09
C ASN Z 136 -1.85 79.83 -6.61
N ASN Z 137 -0.93 80.78 -6.56
CA ASN Z 137 0.53 80.45 -6.61
C ASN Z 137 0.90 79.98 -8.03
N THR Z 138 -0.01 80.03 -8.99
CA THR Z 138 0.35 79.93 -10.40
C THR Z 138 1.40 80.98 -10.67
N ALA Z 139 2.44 80.65 -11.42
CA ALA Z 139 3.56 81.56 -11.69
C ALA Z 139 3.98 81.44 -13.14
N LEU Z 140 3.84 82.51 -13.90
CA LEU Z 140 4.33 82.56 -15.29
C LEU Z 140 5.64 83.35 -15.27
N ALA Z 141 6.75 82.71 -15.60
CA ALA Z 141 8.12 83.24 -15.41
C ALA Z 141 8.32 84.54 -16.17
N GLY Z 142 7.83 84.56 -17.39
CA GLY Z 142 7.75 85.76 -18.25
C GLY Z 142 7.44 85.42 -19.71
N HIS Z 143 6.90 86.39 -20.44
CA HIS Z 143 6.61 86.17 -21.87
C HIS Z 143 5.69 84.95 -22.07
N VAL Z 144 4.84 84.63 -21.09
CA VAL Z 144 3.92 83.47 -21.19
C VAL Z 144 2.60 83.94 -21.80
N HIS Z 145 2.11 83.24 -22.80
CA HIS Z 145 0.83 83.59 -23.45
C HIS Z 145 -0.21 82.57 -22.99
N VAL Z 146 -1.25 83.04 -22.33
CA VAL Z 146 -2.39 82.21 -21.87
C VAL Z 146 -3.59 82.64 -22.72
N ASP Z 147 -4.04 81.75 -23.61
CA ASP Z 147 -5.21 81.96 -24.49
C ASP Z 147 -6.52 81.75 -23.71
N ASP Z 148 -7.64 82.08 -24.31
CA ASP Z 148 -8.89 82.27 -23.52
C ASP Z 148 -9.32 80.98 -22.83
N TRP Z 149 -9.96 81.13 -21.65
CA TRP Z 149 -10.62 80.05 -20.84
C TRP Z 149 -9.62 79.04 -20.24
N ALA Z 150 -8.33 79.30 -20.32
CA ALA Z 150 -7.36 78.40 -19.69
C ALA Z 150 -7.57 78.36 -18.18
N ILE Z 151 -7.45 77.18 -17.61
CA ILE Z 151 -7.39 77.00 -16.14
C ILE Z 151 -6.04 76.40 -15.77
N LEU Z 152 -5.24 77.19 -15.05
CA LEU Z 152 -4.02 76.71 -14.40
C LEU Z 152 -4.37 76.41 -12.94
N SER Z 153 -4.31 75.13 -12.57
CA SER Z 153 -4.58 74.65 -11.19
C SER Z 153 -3.52 75.23 -10.22
N GLY Z 154 -3.82 75.20 -8.92
CA GLY Z 154 -2.92 75.76 -7.90
C GLY Z 154 -1.48 75.36 -8.16
N TYR Z 155 -0.56 76.30 -7.90
CA TYR Z 155 0.92 76.13 -7.96
C TYR Z 155 1.42 75.56 -9.30
N THR Z 156 0.74 75.90 -10.39
CA THR Z 156 1.23 75.58 -11.73
C THR Z 156 2.32 76.61 -11.99
N LEU Z 157 3.53 76.15 -12.27
CA LEU Z 157 4.69 76.95 -12.77
C LEU Z 157 4.76 76.84 -14.30
N VAL Z 158 5.09 77.92 -15.00
CA VAL Z 158 5.23 77.98 -16.47
C VAL Z 158 6.57 78.63 -16.85
N HIS Z 159 7.37 77.92 -17.63
CA HIS Z 159 8.70 78.35 -18.12
C HIS Z 159 8.45 79.56 -19.03
N GLN Z 160 9.43 80.48 -19.09
CA GLN Z 160 9.45 81.65 -20.02
CA GLN Z 160 9.50 81.62 -20.03
C GLN Z 160 9.05 81.20 -21.42
N TYR Z 161 8.34 82.06 -22.13
CA TYR Z 161 8.02 82.00 -23.58
C TYR Z 161 7.00 80.92 -23.90
N CYS Z 162 6.49 80.16 -22.93
CA CYS Z 162 5.54 79.05 -23.26
C CYS Z 162 4.19 79.68 -23.60
N ARG Z 163 3.43 79.01 -24.44
CA ARG Z 163 2.01 79.34 -24.75
C ARG Z 163 1.09 78.31 -24.11
N ILE Z 164 0.11 78.75 -23.36
CA ILE Z 164 -0.96 77.92 -22.78
C ILE Z 164 -2.20 78.13 -23.63
N GLY Z 165 -2.70 77.06 -24.20
CA GLY Z 165 -3.74 77.17 -25.24
C GLY Z 165 -5.11 77.45 -24.67
N ALA Z 166 -6.01 77.83 -25.54
CA ALA Z 166 -7.40 78.11 -25.17
C ALA Z 166 -7.98 76.85 -24.55
N HIS Z 167 -8.74 77.01 -23.47
CA HIS Z 167 -9.47 75.89 -22.77
C HIS Z 167 -8.49 74.84 -22.23
N SER Z 168 -7.20 75.11 -22.20
CA SER Z 168 -6.24 74.06 -21.80
C SER Z 168 -6.33 74.04 -20.28
N PHE Z 169 -5.81 72.97 -19.68
CA PHE Z 169 -5.95 72.79 -18.22
C PHE Z 169 -4.68 72.17 -17.63
N SER Z 170 -4.18 72.75 -16.57
CA SER Z 170 -2.99 72.21 -15.90
C SER Z 170 -3.45 71.71 -14.55
N GLY Z 171 -3.15 70.46 -14.28
CA GLY Z 171 -3.20 69.92 -12.92
C GLY Z 171 -2.33 70.67 -11.90
N MET Z 172 -2.66 70.48 -10.63
CA MET Z 172 -2.05 71.20 -9.53
C MET Z 172 -0.64 70.70 -9.42
N GLY Z 173 0.25 71.65 -9.21
CA GLY Z 173 1.68 71.42 -9.18
C GLY Z 173 2.31 71.22 -10.54
N SER Z 174 1.63 71.47 -11.64
CA SER Z 174 2.22 71.17 -12.97
C SER Z 174 3.45 72.07 -13.18
N ALA Z 175 4.51 71.54 -13.78
CA ALA Z 175 5.67 72.37 -14.18
C ALA Z 175 5.78 72.29 -15.69
N ILE Z 176 5.12 73.24 -16.34
CA ILE Z 176 4.94 73.36 -17.81
C ILE Z 176 6.24 73.95 -18.38
N GLY Z 177 7.00 73.21 -19.18
CA GLY Z 177 8.23 73.68 -19.81
C GLY Z 177 8.12 73.78 -21.30
N LYS Z 178 7.03 73.29 -21.89
CA LYS Z 178 6.76 73.45 -23.34
C LYS Z 178 5.33 73.92 -23.53
N ASP Z 179 4.92 74.19 -24.75
CA ASP Z 179 3.58 74.73 -25.00
C ASP Z 179 2.51 73.72 -24.59
N VAL Z 180 1.33 74.26 -24.31
CA VAL Z 180 0.12 73.46 -24.07
C VAL Z 180 -0.82 73.77 -25.21
N PRO Z 181 -1.07 72.76 -26.05
CA PRO Z 181 -2.04 72.92 -27.11
C PRO Z 181 -3.36 73.25 -26.43
N ALA Z 182 -4.21 73.98 -27.13
CA ALA Z 182 -5.64 74.22 -26.80
C ALA Z 182 -6.30 72.91 -26.39
N TYR Z 183 -7.08 73.00 -25.32
CA TYR Z 183 -7.98 71.95 -24.84
C TYR Z 183 -7.22 70.92 -24.01
N VAL Z 184 -5.89 70.88 -24.03
CA VAL Z 184 -5.14 69.70 -23.48
C VAL Z 184 -5.03 69.79 -21.95
N THR Z 185 -5.26 68.69 -21.26
CA THR Z 185 -4.98 68.61 -19.82
C THR Z 185 -3.56 68.09 -19.66
N VAL Z 186 -2.73 68.80 -18.87
CA VAL Z 186 -1.35 68.39 -18.49
C VAL Z 186 -1.19 68.28 -16.95
N PHE Z 187 -0.20 67.54 -16.48
CA PHE Z 187 -0.07 67.13 -15.06
C PHE Z 187 1.39 66.82 -14.85
N GLY Z 188 1.91 67.06 -13.63
CA GLY Z 188 3.22 66.60 -13.16
C GLY Z 188 4.36 67.54 -13.48
N ASN Z 189 5.54 67.15 -13.02
CA ASN Z 189 6.81 67.90 -13.08
C ASN Z 189 7.86 66.94 -13.61
N PRO Z 190 8.22 66.98 -14.92
CA PRO Z 190 7.70 67.95 -15.88
C PRO Z 190 6.28 67.60 -16.36
N ALA Z 191 5.52 68.60 -16.78
CA ALA Z 191 4.15 68.44 -17.31
C ALA Z 191 4.12 67.45 -18.48
N GLU Z 192 3.04 66.66 -18.52
CA GLU Z 192 2.72 65.61 -19.52
C GLU Z 192 1.24 65.67 -19.92
N ALA Z 193 0.93 65.45 -21.18
CA ALA Z 193 -0.44 65.49 -21.68
C ALA Z 193 -1.12 64.24 -21.14
N ARG Z 194 -2.37 64.33 -20.74
CA ARG Z 194 -3.13 63.15 -20.31
C ARG Z 194 -4.42 63.01 -21.16
N SER Z 195 -5.16 64.09 -21.40
CA SER Z 195 -6.34 64.07 -22.26
C SER Z 195 -6.66 65.49 -22.68
N MET Z 196 -7.89 65.68 -23.08
CA MET Z 196 -8.46 66.99 -23.41
C MET Z 196 -9.48 67.35 -22.36
N ASN Z 197 -9.70 68.62 -22.23
CA ASN Z 197 -10.49 69.25 -21.16
C ASN Z 197 -11.96 69.16 -21.55
N PHE Z 198 -12.50 67.95 -21.54
CA PHE Z 198 -13.90 67.76 -21.98
C PHE Z 198 -14.83 68.62 -21.11
N GLU Z 199 -14.56 68.79 -19.81
CA GLU Z 199 -15.44 69.54 -18.87
C GLU Z 199 -15.56 70.97 -19.40
N GLY Z 200 -14.41 71.52 -19.79
CA GLY Z 200 -14.38 72.84 -20.42
C GLY Z 200 -15.28 72.90 -21.64
N MET Z 201 -15.34 71.82 -22.41
CA MET Z 201 -16.04 71.80 -23.71
C MET Z 201 -17.55 71.72 -23.45
N ARG Z 202 -17.95 71.01 -22.40
CA ARG Z 202 -19.37 70.92 -21.99
C ARG Z 202 -19.79 72.32 -21.59
N ARG Z 203 -19.01 72.95 -20.69
CA ARG Z 203 -19.33 74.26 -20.07
C ARG Z 203 -19.52 75.30 -21.18
N ARG Z 204 -18.78 75.28 -22.28
CA ARG Z 204 -18.92 76.32 -23.35
C ARG Z 204 -19.95 75.87 -24.41
N GLY Z 205 -20.66 74.75 -24.19
CA GLY Z 205 -21.78 74.25 -25.01
C GLY Z 205 -21.37 73.71 -26.37
N PHE Z 206 -20.16 73.20 -26.50
CA PHE Z 206 -19.63 72.59 -27.73
C PHE Z 206 -20.57 71.47 -28.14
N SER Z 207 -20.78 71.30 -29.44
CA SER Z 207 -21.62 70.21 -29.95
C SER Z 207 -20.95 68.90 -29.56
N SER Z 208 -21.73 67.84 -29.44
CA SER Z 208 -21.17 66.48 -29.19
C SER Z 208 -20.29 65.99 -30.39
N GLU Z 209 -20.53 66.44 -31.62
CA GLU Z 209 -19.69 66.06 -32.79
C GLU Z 209 -18.31 66.69 -32.63
N ALA Z 210 -18.24 67.87 -32.03
CA ALA Z 210 -17.00 68.65 -31.94
C ALA Z 210 -16.08 68.05 -30.87
N ILE Z 211 -16.70 67.72 -29.75
CA ILE Z 211 -16.04 67.06 -28.63
C ILE Z 211 -15.44 65.78 -29.18
N HIS Z 212 -16.22 64.99 -29.91
CA HIS Z 212 -15.69 63.72 -30.50
C HIS Z 212 -14.53 64.03 -31.45
N ALA Z 213 -14.65 65.06 -32.29
CA ALA Z 213 -13.64 65.40 -33.31
C ALA Z 213 -12.30 65.71 -32.65
N LEU Z 214 -12.43 66.31 -31.48
CA LEU Z 214 -11.30 66.77 -30.65
C LEU Z 214 -10.69 65.58 -29.89
N ARG Z 215 -11.50 64.63 -29.46
CA ARG Z 215 -10.88 63.43 -28.88
C ARG Z 215 -10.02 62.75 -29.92
N ARG Z 216 -10.55 62.60 -31.15
CA ARG Z 216 -9.85 61.94 -32.26
C ARG Z 216 -8.59 62.73 -32.57
N ALA Z 217 -8.63 64.04 -32.39
CA ALA Z 217 -7.48 64.91 -32.74
C ALA Z 217 -6.40 64.70 -31.68
N TYR Z 218 -6.76 64.45 -30.45
CA TYR Z 218 -5.74 64.27 -29.41
C TYR Z 218 -5.04 62.96 -29.75
N LYS Z 219 -5.85 61.95 -30.07
CA LYS Z 219 -5.34 60.61 -30.47
C LYS Z 219 -4.28 60.83 -31.59
N VAL Z 220 -4.62 61.57 -32.64
CA VAL Z 220 -3.77 61.80 -33.84
C VAL Z 220 -2.42 62.31 -33.37
N VAL Z 221 -2.38 63.25 -32.42
CA VAL Z 221 -1.16 64.02 -32.03
C VAL Z 221 -0.30 63.24 -31.01
N TYR Z 222 -0.92 62.41 -30.19
CA TYR Z 222 -0.32 61.87 -28.92
C TYR Z 222 -0.37 60.35 -28.92
N ARG Z 223 -1.30 59.68 -29.59
CA ARG Z 223 -1.53 58.29 -29.23
C ARG Z 223 -1.31 57.43 -30.48
N GLN Z 224 -0.65 57.86 -31.56
CA GLN Z 224 -0.48 57.06 -32.83
C GLN Z 224 0.97 57.13 -33.36
N GLY Z 225 1.90 57.44 -32.45
CA GLY Z 225 3.30 57.85 -32.75
C GLY Z 225 3.44 58.53 -34.08
N HIS Z 226 2.56 59.48 -34.41
CA HIS Z 226 2.83 60.44 -35.49
C HIS Z 226 3.95 61.37 -35.01
N THR Z 227 4.80 61.87 -35.90
CA THR Z 227 5.63 63.05 -35.61
C THR Z 227 4.65 64.20 -35.43
N VAL Z 228 5.12 65.40 -35.19
CA VAL Z 228 4.21 66.56 -35.13
C VAL Z 228 3.86 66.89 -36.57
N GLU Z 229 4.79 66.82 -37.55
CA GLU Z 229 4.45 67.30 -38.94
C GLU Z 229 3.40 66.34 -39.51
N GLU Z 230 3.48 65.06 -39.14
CA GLU Z 230 2.53 64.04 -39.64
C GLU Z 230 1.12 64.32 -39.09
N ALA Z 231 1.05 64.71 -37.83
CA ALA Z 231 -0.23 64.89 -37.13
C ALA Z 231 -0.91 66.14 -37.67
N LEU Z 232 -0.13 67.20 -37.82
CA LEU Z 232 -0.63 68.46 -38.42
C LEU Z 232 -1.26 68.16 -39.78
N ALA Z 233 -0.60 67.25 -40.52
CA ALA Z 233 -1.07 66.84 -41.86
C ALA Z 233 -2.42 66.16 -41.68
N GLU Z 234 -2.50 65.15 -40.82
CA GLU Z 234 -3.72 64.34 -40.60
C GLU Z 234 -4.87 65.25 -40.16
N LEU Z 235 -4.54 66.19 -39.28
CA LEU Z 235 -5.52 67.15 -38.70
C LEU Z 235 -6.13 68.06 -39.79
N ALA Z 236 -5.54 68.22 -40.95
CA ALA Z 236 -6.04 69.20 -41.95
C ALA Z 236 -7.56 69.08 -42.16
N GLU Z 237 -8.08 67.86 -42.24
CA GLU Z 237 -9.50 67.57 -42.59
C GLU Z 237 -10.36 67.98 -41.40
N SER Z 238 -10.09 67.44 -40.24
CA SER Z 238 -10.88 67.71 -39.01
C SER Z 238 -10.94 69.25 -38.74
N ALA Z 239 -9.85 69.97 -39.04
CA ALA Z 239 -9.66 71.42 -38.84
C ALA Z 239 -10.51 72.22 -39.80
N ALA Z 240 -10.84 71.66 -40.93
CA ALA Z 240 -11.61 72.39 -41.93
C ALA Z 240 -13.09 72.19 -41.62
N GLN Z 241 -13.39 71.16 -40.85
CA GLN Z 241 -14.79 70.79 -40.57
C GLN Z 241 -15.28 71.47 -39.27
N PHE Z 242 -14.37 71.65 -38.32
CA PHE Z 242 -14.62 72.06 -36.92
C PHE Z 242 -13.67 73.18 -36.58
N PRO Z 243 -14.18 74.44 -36.49
CA PRO Z 243 -13.38 75.57 -36.01
C PRO Z 243 -12.68 75.16 -34.70
N GLU Z 244 -13.34 74.33 -33.87
CA GLU Z 244 -12.81 73.90 -32.56
C GLU Z 244 -11.52 73.08 -32.77
N VAL Z 245 -11.48 72.25 -33.81
CA VAL Z 245 -10.27 71.45 -34.10
C VAL Z 245 -9.22 72.38 -34.67
N ALA Z 246 -9.63 73.36 -35.47
CA ALA Z 246 -8.69 74.31 -36.11
C ALA Z 246 -7.86 75.02 -35.04
N VAL Z 247 -8.50 75.34 -33.92
CA VAL Z 247 -7.88 76.05 -32.76
C VAL Z 247 -6.78 75.14 -32.21
N PHE Z 248 -7.09 73.86 -32.04
CA PHE Z 248 -6.12 72.81 -31.65
C PHE Z 248 -5.02 72.76 -32.70
N ARG Z 249 -5.33 72.67 -34.00
CA ARG Z 249 -4.27 72.47 -35.02
C ARG Z 249 -3.43 73.73 -34.98
N ASP Z 250 -4.02 74.92 -35.02
CA ASP Z 250 -3.28 76.20 -34.87
C ASP Z 250 -2.38 76.13 -33.60
N SER Z 251 -2.83 75.72 -32.41
CA SER Z 251 -1.99 75.88 -31.18
C SER Z 251 -0.69 75.09 -31.31
N ILE Z 252 -0.79 73.87 -31.87
CA ILE Z 252 0.34 72.99 -32.20
C ILE Z 252 1.18 73.56 -33.34
N GLN Z 253 0.57 74.03 -34.44
CA GLN Z 253 1.34 74.57 -35.61
C GLN Z 253 2.29 75.66 -35.09
N SER Z 254 1.76 76.56 -34.25
CA SER Z 254 2.45 77.80 -33.80
C SER Z 254 3.57 77.49 -32.78
N ALA Z 255 3.78 76.26 -32.36
CA ALA Z 255 4.82 75.97 -31.34
C ALA Z 255 6.15 75.54 -31.99
N THR Z 256 6.16 75.36 -33.31
CA THR Z 256 6.70 74.12 -33.95
C THR Z 256 7.36 74.43 -35.29
N ARG Z 257 8.30 75.38 -35.41
CA ARG Z 257 8.89 75.51 -36.77
C ARG Z 257 9.84 74.33 -37.02
N GLY Z 258 10.83 74.13 -36.16
CA GLY Z 258 11.85 73.10 -36.38
C GLY Z 258 12.96 73.59 -37.25
N ILE Z 259 13.95 72.75 -37.46
CA ILE Z 259 15.18 73.07 -38.26
C ILE Z 259 15.20 72.19 -39.50
N THR Z 260 15.59 72.69 -40.64
CA THR Z 260 15.99 71.87 -41.79
C THR Z 260 16.87 70.72 -41.28
N ARG Z 261 16.46 69.51 -41.57
CA ARG Z 261 17.31 68.32 -41.44
C ARG Z 261 17.76 67.92 -42.83
N SER AA 5 -2.06 101.31 24.58
CA SER AA 5 -3.18 100.39 24.92
C SER AA 5 -3.12 99.21 23.94
N LEU AA 6 -4.13 98.34 23.96
CA LEU AA 6 -4.05 96.92 23.52
C LEU AA 6 -4.43 96.85 22.05
N ILE AA 7 -5.55 97.49 21.73
CA ILE AA 7 -5.99 97.77 20.33
C ILE AA 7 -5.19 98.97 19.85
N ASP AA 8 -4.31 98.78 18.87
CA ASP AA 8 -3.58 99.94 18.28
C ASP AA 8 -4.61 100.91 17.70
N PRO AA 9 -4.45 102.23 17.91
CA PRO AA 9 -5.37 103.22 17.33
C PRO AA 9 -5.34 103.27 15.79
N ARG AA 10 -4.22 102.92 15.14
CA ARG AA 10 -4.11 102.98 13.65
C ARG AA 10 -4.83 101.80 12.99
N ALA AA 11 -5.31 100.85 13.79
CA ALA AA 11 -6.18 99.72 13.37
C ALA AA 11 -7.61 100.21 13.22
N ILE AA 12 -8.48 99.37 12.66
CA ILE AA 12 -9.88 99.68 12.24
C ILE AA 12 -10.76 98.53 12.70
N ILE AA 13 -11.46 98.74 13.82
CA ILE AA 13 -12.47 97.80 14.38
C ILE AA 13 -13.89 98.20 13.92
N ASP AA 14 -14.56 97.26 13.26
CA ASP AA 14 -15.96 97.42 12.81
C ASP AA 14 -16.85 97.44 14.04
N PRO AA 15 -17.81 98.41 14.13
CA PRO AA 15 -18.69 98.54 15.30
C PRO AA 15 -19.35 97.22 15.70
N SER AA 16 -19.46 96.24 14.78
CA SER AA 16 -20.20 94.97 15.01
C SER AA 16 -19.23 93.89 15.49
N ALA AA 17 -17.91 94.09 15.41
CA ALA AA 17 -16.90 93.11 15.88
C ALA AA 17 -16.98 92.98 17.40
N ARG AA 18 -16.70 91.80 17.96
CA ARG AA 18 -16.84 91.56 19.42
C ARG AA 18 -15.55 90.91 19.93
N LEU AA 19 -14.73 91.64 20.70
CA LEU AA 19 -13.35 91.32 21.20
C LEU AA 19 -13.38 91.24 22.72
N ALA AA 20 -12.99 90.12 23.31
CA ALA AA 20 -12.79 90.02 24.78
C ALA AA 20 -11.78 91.10 25.22
N ALA AA 21 -11.71 91.41 26.51
CA ALA AA 21 -11.03 92.64 27.03
C ALA AA 21 -9.56 92.66 26.55
N ASP AA 22 -8.79 91.61 26.88
CA ASP AA 22 -7.29 91.61 26.80
C ASP AA 22 -6.82 91.16 25.40
N VAL AA 23 -7.71 91.20 24.40
CA VAL AA 23 -7.33 91.02 22.96
C VAL AA 23 -6.34 92.12 22.56
N GLN AA 24 -5.31 91.77 21.82
CA GLN AA 24 -4.44 92.78 21.19
C GLN AA 24 -4.71 92.83 19.69
N VAL AA 25 -4.60 94.02 19.09
CA VAL AA 25 -4.65 94.22 17.63
C VAL AA 25 -3.59 95.25 17.24
N GLY AA 26 -2.65 94.79 16.42
CA GLY AA 26 -1.56 95.61 15.90
C GLY AA 26 -2.08 96.72 15.00
N PRO AA 27 -1.16 97.65 14.64
CA PRO AA 27 -1.44 98.72 13.67
C PRO AA 27 -1.94 98.23 12.31
N TRP AA 28 -2.83 99.00 11.67
CA TRP AA 28 -3.18 98.80 10.23
C TRP AA 28 -3.88 97.46 10.03
N SER AA 29 -4.52 96.97 11.07
CA SER AA 29 -5.24 95.70 10.99
C SER AA 29 -6.71 96.05 10.86
N ILE AA 30 -7.46 95.27 10.09
CA ILE AA 30 -8.92 95.46 9.90
C ILE AA 30 -9.63 94.27 10.56
N VAL AA 31 -10.42 94.55 11.59
CA VAL AA 31 -11.33 93.53 12.21
C VAL AA 31 -12.73 93.85 11.68
N GLY AA 32 -13.05 93.29 10.51
CA GLY AA 32 -14.32 93.49 9.77
C GLY AA 32 -15.55 93.18 10.62
N ALA AA 33 -16.70 93.65 10.12
CA ALA AA 33 -18.02 93.28 10.66
C ALA AA 33 -18.02 91.78 10.96
N GLU AA 34 -18.54 91.41 12.14
CA GLU AA 34 -19.06 90.05 12.44
C GLU AA 34 -17.92 89.10 12.83
N VAL AA 35 -16.84 89.67 13.34
CA VAL AA 35 -15.65 88.90 13.76
C VAL AA 35 -15.67 88.88 15.27
N GLU AA 36 -15.81 87.70 15.84
CA GLU AA 36 -15.78 87.53 17.30
C GLU AA 36 -14.37 86.97 17.60
N ILE AA 37 -13.59 87.62 18.48
CA ILE AA 37 -12.22 87.19 18.89
C ILE AA 37 -12.15 86.93 20.40
N GLY AA 38 -12.00 85.67 20.82
CA GLY AA 38 -11.87 85.23 22.22
C GLY AA 38 -10.61 85.73 22.92
N GLU AA 39 -10.59 85.44 24.21
CA GLU AA 39 -9.70 86.06 25.23
C GLU AA 39 -8.23 85.71 24.93
N GLY AA 40 -7.31 86.66 25.10
CA GLY AA 40 -5.85 86.42 25.13
C GLY AA 40 -5.25 86.32 23.74
N THR AA 41 -6.10 86.37 22.71
CA THR AA 41 -5.69 86.32 21.28
C THR AA 41 -5.01 87.63 20.90
N VAL AA 42 -4.00 87.54 20.05
CA VAL AA 42 -3.15 88.68 19.63
C VAL AA 42 -3.16 88.79 18.11
N ILE AA 43 -3.68 89.89 17.57
CA ILE AA 43 -3.60 90.18 16.13
C ILE AA 43 -2.37 91.04 15.88
N GLY AA 44 -1.48 90.58 15.01
CA GLY AA 44 -0.32 91.40 14.61
C GLY AA 44 -0.80 92.59 13.80
N PRO AA 45 0.13 93.36 13.19
CA PRO AA 45 -0.24 94.45 12.29
C PRO AA 45 -0.56 93.94 10.89
N HIS AA 46 -1.13 94.76 10.03
CA HIS AA 46 -1.35 94.38 8.63
C HIS AA 46 -2.06 93.04 8.55
N VAL AA 47 -2.96 92.75 9.48
CA VAL AA 47 -3.89 91.59 9.38
C VAL AA 47 -5.22 92.10 8.81
N VAL AA 48 -5.96 91.25 8.12
CA VAL AA 48 -7.33 91.53 7.60
C VAL AA 48 -8.24 90.39 8.04
N LEU AA 49 -9.26 90.68 8.85
CA LEU AA 49 -10.34 89.73 9.21
C LEU AA 49 -11.64 90.14 8.52
N LYS AA 50 -12.28 89.21 7.80
CA LYS AA 50 -13.70 89.30 7.37
C LYS AA 50 -14.43 88.30 8.26
N GLY AA 51 -15.74 88.55 8.45
CA GLY AA 51 -16.70 87.69 9.15
C GLY AA 51 -17.67 87.13 8.12
N PRO AA 52 -18.74 86.41 8.52
CA PRO AA 52 -18.93 85.94 9.89
C PRO AA 52 -17.83 84.98 10.34
N THR AA 53 -17.10 85.30 11.42
CA THR AA 53 -15.89 84.56 11.85
C THR AA 53 -15.77 84.56 13.38
N LYS AA 54 -15.47 83.40 13.94
CA LYS AA 54 -15.40 83.07 15.39
C LYS AA 54 -13.96 82.65 15.67
N ILE AA 55 -13.11 83.54 16.20
CA ILE AA 55 -11.70 83.22 16.58
C ILE AA 55 -11.66 83.02 18.09
N GLY AA 56 -11.31 81.81 18.55
CA GLY AA 56 -11.27 81.47 19.99
C GLY AA 56 -10.12 82.15 20.75
N LYS AA 57 -9.68 81.46 21.81
CA LYS AA 57 -8.80 81.98 22.88
C LYS AA 57 -7.32 81.75 22.53
N HIS AA 58 -6.42 82.65 22.98
CA HIS AA 58 -4.93 82.56 23.02
C HIS AA 58 -4.35 82.23 21.63
N ASN AA 59 -4.88 82.80 20.54
CA ASN AA 59 -4.38 82.60 19.17
C ASN AA 59 -3.36 83.71 18.89
N ARG AA 60 -2.32 83.44 18.11
CA ARG AA 60 -1.32 84.43 17.59
C ARG AA 60 -1.63 84.41 16.07
N ILE AA 61 -1.89 85.56 15.43
CA ILE AA 61 -2.14 85.71 13.96
C ILE AA 61 -1.23 86.80 13.40
N TYR AA 62 -0.27 86.43 12.55
CA TYR AA 62 0.88 87.27 12.15
C TYR AA 62 0.45 88.11 10.95
N GLN AA 63 1.33 89.03 10.56
CA GLN AA 63 1.06 90.07 9.53
C GLN AA 63 0.75 89.45 8.16
N PHE AA 64 -0.03 90.16 7.35
CA PHE AA 64 -0.25 89.91 5.91
C PHE AA 64 -1.22 88.72 5.68
N SER AA 65 -1.69 88.13 6.77
CA SER AA 65 -2.72 87.09 6.76
C SER AA 65 -4.03 87.73 6.34
N SER AA 66 -4.87 87.00 5.63
CA SER AA 66 -6.24 87.42 5.26
C SER AA 66 -7.14 86.25 5.69
N VAL AA 67 -7.64 86.34 6.91
CA VAL AA 67 -8.50 85.34 7.59
C VAL AA 67 -9.98 85.75 7.48
N GLY AA 68 -10.81 84.92 6.85
CA GLY AA 68 -12.26 85.14 6.78
C GLY AA 68 -12.80 85.51 5.41
N GLU AA 69 -11.96 85.80 4.40
CA GLU AA 69 -12.42 86.27 3.07
C GLU AA 69 -13.31 85.22 2.43
N ASP AA 70 -14.06 85.64 1.42
CA ASP AA 70 -14.83 84.68 0.60
C ASP AA 70 -13.86 83.75 -0.12
N THR AA 71 -14.25 82.53 -0.47
CA THR AA 71 -13.45 81.90 -1.55
C THR AA 71 -13.79 82.64 -2.83
N PRO AA 72 -12.86 82.75 -3.78
CA PRO AA 72 -13.21 83.11 -5.14
C PRO AA 72 -13.74 81.96 -6.00
N ASP AA 73 -13.76 80.69 -5.53
CA ASP AA 73 -14.29 79.56 -6.36
C ASP AA 73 -15.68 80.03 -6.82
N LEU AA 74 -15.97 79.88 -8.10
CA LEU AA 74 -17.08 80.55 -8.80
C LEU AA 74 -18.42 79.97 -8.31
N LYS AA 75 -18.38 78.78 -7.71
CA LYS AA 75 -19.52 78.03 -7.11
C LYS AA 75 -19.93 78.73 -5.80
N TYR AA 76 -19.27 79.81 -5.40
CA TYR AA 76 -19.65 80.59 -4.19
C TYR AA 76 -20.40 81.83 -4.66
N LYS AA 77 -21.67 81.98 -4.27
CA LYS AA 77 -22.58 82.97 -4.88
C LYS AA 77 -22.80 84.16 -3.91
N GLY AA 78 -22.14 84.22 -2.75
CA GLY AA 78 -22.17 85.36 -1.81
C GLY AA 78 -22.98 85.10 -0.53
N GLU AA 79 -23.44 83.87 -0.30
CA GLU AA 79 -24.28 83.43 0.85
C GLU AA 79 -23.57 83.74 2.18
N PRO AA 80 -24.24 83.72 3.37
CA PRO AA 80 -23.57 84.02 4.65
C PRO AA 80 -22.89 82.77 5.25
N THR AA 81 -21.69 82.45 4.81
CA THR AA 81 -20.93 81.28 5.29
C THR AA 81 -20.02 81.72 6.44
N ARG AA 82 -19.46 80.76 7.18
CA ARG AA 82 -18.82 81.00 8.51
C ARG AA 82 -17.38 80.49 8.50
N LEU AA 83 -16.54 81.08 9.36
CA LEU AA 83 -15.22 80.56 9.76
C LEU AA 83 -15.20 80.45 11.29
N VAL AA 84 -14.80 79.28 11.79
CA VAL AA 84 -14.56 79.02 13.24
C VAL AA 84 -13.09 78.60 13.39
N ILE AA 85 -12.38 79.27 14.30
CA ILE AA 85 -10.98 78.96 14.70
C ILE AA 85 -11.03 78.81 16.21
N GLY AA 86 -10.49 77.69 16.71
CA GLY AA 86 -10.47 77.36 18.15
C GLY AA 86 -9.40 78.10 18.93
N ASP AA 87 -8.75 77.39 19.86
CA ASP AA 87 -7.84 77.99 20.87
C ASP AA 87 -6.39 77.65 20.53
N HIS AA 88 -5.44 78.50 20.95
CA HIS AA 88 -3.97 78.26 21.06
C HIS AA 88 -3.37 77.95 19.67
N ASN AA 89 -3.97 78.44 18.58
CA ASN AA 89 -3.45 78.25 17.20
C ASN AA 89 -2.48 79.37 16.91
N VAL AA 90 -1.43 79.10 16.11
CA VAL AA 90 -0.44 80.11 15.68
C VAL AA 90 -0.57 80.14 14.17
N ILE AA 91 -1.05 81.25 13.63
CA ILE AA 91 -1.20 81.48 12.18
C ILE AA 91 -0.10 82.44 11.77
N ARG AA 92 0.77 82.02 10.87
CA ARG AA 92 1.97 82.83 10.55
C ARG AA 92 1.66 83.81 9.41
N GLU AA 93 2.73 84.37 8.83
CA GLU AA 93 2.65 85.55 7.96
C GLU AA 93 2.03 85.14 6.62
N GLY AA 94 1.07 85.92 6.13
CA GLY AA 94 0.60 85.74 4.75
C GLY AA 94 -0.40 84.59 4.59
N VAL AA 95 -0.80 83.94 5.67
CA VAL AA 95 -1.73 82.80 5.62
C VAL AA 95 -3.09 83.29 5.15
N THR AA 96 -3.78 82.50 4.34
CA THR AA 96 -5.12 82.79 3.75
C THR AA 96 -6.09 81.74 4.27
N ILE AA 97 -7.24 82.16 4.83
CA ILE AA 97 -8.25 81.23 5.36
C ILE AA 97 -9.61 81.73 4.88
N HIS AA 98 -10.29 80.90 4.13
CA HIS AA 98 -11.52 81.28 3.44
C HIS AA 98 -12.68 80.71 4.23
N ARG AA 99 -13.75 81.49 4.32
CA ARG AA 99 -15.07 81.05 4.84
C ARG AA 99 -15.60 79.94 3.93
N GLY AA 100 -16.62 79.23 4.44
CA GLY AA 100 -17.29 78.08 3.83
C GLY AA 100 -18.13 78.42 2.62
N THR AA 101 -18.88 77.42 2.16
CA THR AA 101 -19.77 77.45 0.96
C THR AA 101 -21.02 76.65 1.28
N VAL AA 102 -22.20 77.06 0.81
CA VAL AA 102 -23.47 76.43 1.30
C VAL AA 102 -23.60 75.00 0.76
N GLN AA 103 -22.84 74.58 -0.23
CA GLN AA 103 -23.06 73.26 -0.86
C GLN AA 103 -22.43 72.20 0.04
N ASP AA 104 -21.68 72.57 1.08
CA ASP AA 104 -21.10 71.60 2.07
C ASP AA 104 -21.84 71.84 3.39
N ARG AA 105 -21.20 72.44 4.40
CA ARG AA 105 -21.79 72.57 5.76
C ARG AA 105 -21.73 74.05 6.16
N ALA AA 106 -21.37 74.94 5.22
CA ALA AA 106 -21.45 76.42 5.34
C ALA AA 106 -20.32 77.01 6.19
N GLU AA 107 -19.32 76.22 6.59
CA GLU AA 107 -18.33 76.60 7.65
C GLU AA 107 -16.96 76.02 7.33
N THR AA 108 -15.92 76.85 7.36
CA THR AA 108 -14.49 76.42 7.45
C THR AA 108 -14.18 76.33 8.94
N THR AA 109 -13.48 75.29 9.37
CA THR AA 109 -13.32 74.93 10.81
C THR AA 109 -11.84 74.61 11.14
N ILE AA 110 -11.37 75.12 12.26
CA ILE AA 110 -10.00 74.88 12.79
C ILE AA 110 -10.08 74.68 14.31
N GLY AA 111 -9.59 73.51 14.76
CA GLY AA 111 -9.54 73.11 16.18
C GLY AA 111 -8.55 73.96 16.98
N ASP AA 112 -7.83 73.33 17.88
CA ASP AA 112 -6.92 74.00 18.85
C ASP AA 112 -5.47 73.63 18.51
N HIS AA 113 -4.51 74.39 19.06
CA HIS AA 113 -3.05 74.08 19.15
C HIS AA 113 -2.45 73.80 17.78
N ASN AA 114 -2.92 74.46 16.72
CA ASN AA 114 -2.47 74.17 15.34
C ASN AA 114 -1.41 75.21 14.97
N LEU AA 115 -0.40 74.77 14.25
CA LEU AA 115 0.69 75.63 13.78
C LEU AA 115 0.55 75.75 12.27
N ILE AA 116 0.19 76.92 11.76
CA ILE AA 116 -0.12 77.10 10.32
C ILE AA 116 0.89 78.13 9.86
N MET AA 117 1.89 77.71 9.10
CA MET AA 117 3.04 78.57 8.76
C MET AA 117 2.79 79.44 7.51
N ALA AA 118 3.78 80.27 7.22
CA ALA AA 118 3.69 81.40 6.28
C ALA AA 118 3.09 80.96 4.97
N TYR AA 119 2.18 81.78 4.42
CA TYR AA 119 1.65 81.67 3.06
C TYR AA 119 0.86 80.36 2.89
N ALA AA 120 0.50 79.67 3.96
CA ALA AA 120 -0.38 78.49 3.83
C ALA AA 120 -1.75 79.00 3.39
N HIS AA 121 -2.54 78.11 2.80
CA HIS AA 121 -3.87 78.44 2.29
C HIS AA 121 -4.82 77.36 2.77
N ILE AA 122 -5.78 77.72 3.60
CA ILE AA 122 -6.91 76.86 4.07
C ILE AA 122 -8.16 77.20 3.25
N GLY AA 123 -8.45 76.43 2.21
CA GLY AA 123 -9.60 76.63 1.31
C GLY AA 123 -10.92 76.41 2.03
N HIS AA 124 -11.95 77.03 1.46
CA HIS AA 124 -13.34 76.93 1.98
C HIS AA 124 -13.67 75.51 2.42
N ASP AA 125 -14.26 75.37 3.60
CA ASP AA 125 -14.95 74.14 4.07
C ASP AA 125 -13.97 73.08 4.59
N SER AA 126 -12.69 73.42 4.66
CA SER AA 126 -11.68 72.56 5.30
C SER AA 126 -11.96 72.48 6.81
N VAL AA 127 -11.56 71.38 7.42
CA VAL AA 127 -11.73 71.03 8.86
C VAL AA 127 -10.37 70.54 9.35
N ILE AA 128 -9.79 71.29 10.26
CA ILE AA 128 -8.48 70.98 10.88
C ILE AA 128 -8.80 70.64 12.33
N GLY AA 129 -8.36 69.47 12.78
CA GLY AA 129 -8.48 69.09 14.19
C GLY AA 129 -7.50 69.87 15.05
N ASN AA 130 -6.71 69.16 15.88
CA ASN AA 130 -5.85 69.81 16.89
C ASN AA 130 -4.41 69.31 16.75
N HIS AA 131 -3.45 70.15 17.13
CA HIS AA 131 -2.01 69.84 17.16
C HIS AA 131 -1.46 69.58 15.74
N CYS AA 132 -2.14 70.06 14.69
CA CYS AA 132 -1.65 69.91 13.31
C CYS AA 132 -0.61 70.99 13.03
N ILE AA 133 0.36 70.67 12.21
CA ILE AA 133 1.38 71.59 11.68
C ILE AA 133 1.27 71.56 10.17
N LEU AA 134 1.02 72.73 9.58
CA LEU AA 134 0.93 72.95 8.13
C LEU AA 134 2.09 73.84 7.75
N VAL AA 135 3.11 73.30 7.11
CA VAL AA 135 4.34 74.10 6.88
C VAL AA 135 4.11 75.06 5.72
N ASN AA 136 5.03 76.00 5.57
CA ASN AA 136 4.95 77.08 4.57
C ASN AA 136 4.23 76.58 3.32
N ASN AA 137 3.14 77.26 2.95
CA ASN AA 137 2.61 77.25 1.56
C ASN AA 137 1.88 75.92 1.30
N THR AA 138 1.72 75.10 2.32
CA THR AA 138 0.72 74.02 2.33
C THR AA 138 -0.58 74.63 1.83
N ALA AA 139 -1.28 73.98 0.92
CA ALA AA 139 -2.52 74.52 0.33
C ALA AA 139 -3.60 73.43 0.34
N LEU AA 140 -4.73 73.70 1.03
CA LEU AA 140 -5.91 72.83 1.09
C LEU AA 140 -6.94 73.43 0.13
N ALA AA 141 -7.18 72.81 -0.98
CA ALA AA 141 -7.91 73.41 -2.11
C ALA AA 141 -9.36 73.72 -1.68
N GLY AA 142 -9.93 72.79 -0.91
CA GLY AA 142 -11.32 72.86 -0.41
C GLY AA 142 -11.84 71.56 0.18
N HIS AA 143 -12.68 71.69 1.23
CA HIS AA 143 -13.41 70.55 1.83
C HIS AA 143 -12.40 69.51 2.30
N VAL AA 144 -11.18 69.94 2.66
CA VAL AA 144 -10.09 69.04 3.14
C VAL AA 144 -10.23 68.82 4.65
N HIS AA 145 -10.20 67.57 5.09
CA HIS AA 145 -10.30 67.24 6.53
C HIS AA 145 -8.92 66.78 6.95
N VAL AA 146 -8.28 67.53 7.86
CA VAL AA 146 -6.97 67.16 8.45
C VAL AA 146 -7.26 66.76 9.88
N ASP AA 147 -7.06 65.48 10.20
CA ASP AA 147 -7.30 64.92 11.55
C ASP AA 147 -6.05 65.19 12.40
N ASP AA 148 -6.16 64.97 13.71
CA ASP AA 148 -5.22 65.50 14.72
C ASP AA 148 -3.76 65.04 14.48
N TRP AA 149 -2.81 65.92 14.81
CA TRP AA 149 -1.34 65.61 14.85
C TRP AA 149 -0.76 65.48 13.45
N ALA AA 150 -1.49 65.83 12.39
CA ALA AA 150 -0.95 65.57 11.04
C ALA AA 150 0.09 66.62 10.76
N ILE AA 151 1.17 66.29 10.08
CA ILE AA 151 2.17 67.27 9.63
C ILE AA 151 2.19 67.27 8.12
N LEU AA 152 1.93 68.42 7.51
CA LEU AA 152 2.02 68.65 6.06
C LEU AA 152 3.30 69.47 5.83
N SER AA 153 4.38 68.85 5.35
CA SER AA 153 5.68 69.50 5.03
C SER AA 153 5.48 70.65 4.02
N GLY AA 154 6.47 71.54 3.89
CA GLY AA 154 6.41 72.74 3.05
C GLY AA 154 5.79 72.45 1.70
N TYR AA 155 4.94 73.37 1.21
CA TYR AA 155 4.49 73.36 -0.20
C TYR AA 155 3.70 72.07 -0.53
N THR AA 156 3.14 71.44 0.50
CA THR AA 156 2.21 70.30 0.31
C THR AA 156 0.88 70.83 -0.24
N LEU AA 157 0.42 70.27 -1.36
CA LEU AA 157 -0.90 70.58 -1.95
C LEU AA 157 -1.88 69.44 -1.71
N VAL AA 158 -3.12 69.75 -1.44
CA VAL AA 158 -4.15 68.71 -1.19
C VAL AA 158 -5.37 69.06 -2.05
N HIS AA 159 -5.75 68.13 -2.91
CA HIS AA 159 -6.87 68.22 -3.87
C HIS AA 159 -8.14 68.29 -3.03
N GLN AA 160 -9.22 68.81 -3.58
CA GLN AA 160 -10.52 68.95 -2.86
CA GLN AA 160 -10.57 68.91 -2.96
C GLN AA 160 -10.96 67.57 -2.32
N TYR AA 161 -11.64 67.62 -1.17
CA TYR AA 161 -12.37 66.53 -0.45
C TYR AA 161 -11.46 65.48 0.17
N CYS AA 162 -10.15 65.56 0.04
CA CYS AA 162 -9.22 64.60 0.66
C CYS AA 162 -9.24 64.64 2.20
N ARG AA 163 -9.08 63.49 2.83
CA ARG AA 163 -8.91 63.38 4.28
C ARG AA 163 -7.43 63.13 4.57
N ILE AA 164 -6.82 63.98 5.38
CA ILE AA 164 -5.45 63.70 5.90
C ILE AA 164 -5.59 63.03 7.27
N GLY AA 165 -5.12 61.78 7.37
CA GLY AA 165 -5.27 60.92 8.55
C GLY AA 165 -4.57 61.47 9.77
N ALA AA 166 -5.04 61.09 10.95
CA ALA AA 166 -4.35 61.46 12.19
C ALA AA 166 -2.89 60.96 12.17
N HIS AA 167 -1.92 61.78 12.60
CA HIS AA 167 -0.48 61.46 12.76
C HIS AA 167 0.21 61.23 11.43
N SER AA 168 -0.49 61.46 10.33
CA SER AA 168 0.03 61.18 8.97
C SER AA 168 1.03 62.29 8.68
N PHE AA 169 1.76 62.18 7.59
CA PHE AA 169 2.90 63.06 7.28
C PHE AA 169 3.13 63.08 5.78
N SER AA 170 3.30 64.27 5.24
CA SER AA 170 3.51 64.53 3.81
C SER AA 170 4.89 65.16 3.74
N GLY AA 171 5.70 64.76 2.78
CA GLY AA 171 7.03 65.34 2.54
C GLY AA 171 6.93 66.59 1.69
N MET AA 172 7.96 67.40 1.64
CA MET AA 172 7.82 68.69 0.95
C MET AA 172 7.48 68.45 -0.52
N GLY AA 173 6.72 69.38 -1.05
CA GLY AA 173 6.35 69.38 -2.46
C GLY AA 173 5.39 68.27 -2.80
N SER AA 174 4.78 67.57 -1.84
CA SER AA 174 3.76 66.52 -2.07
C SER AA 174 2.50 67.07 -2.77
N ALA AA 175 1.95 66.30 -3.70
CA ALA AA 175 0.67 66.61 -4.36
C ALA AA 175 -0.32 65.50 -4.02
N ILE AA 176 -1.07 65.67 -2.95
CA ILE AA 176 -1.98 64.63 -2.44
C ILE AA 176 -3.28 64.71 -3.24
N GLY AA 177 -3.62 63.68 -3.99
CA GLY AA 177 -4.89 63.59 -4.71
C GLY AA 177 -5.92 62.66 -4.10
N LYS AA 178 -5.61 61.87 -3.08
CA LYS AA 178 -6.53 60.84 -2.56
C LYS AA 178 -6.29 60.83 -1.06
N ASP AA 179 -7.09 60.17 -0.24
CA ASP AA 179 -6.90 60.34 1.21
C ASP AA 179 -5.54 59.79 1.61
N VAL AA 180 -5.03 60.32 2.69
CA VAL AA 180 -3.87 59.74 3.41
C VAL AA 180 -4.36 59.02 4.68
N PRO AA 181 -4.15 57.71 4.78
CA PRO AA 181 -4.56 57.00 5.98
C PRO AA 181 -3.76 57.51 7.17
N ALA AA 182 -4.35 57.46 8.35
CA ALA AA 182 -3.69 57.76 9.63
C ALA AA 182 -2.27 57.16 9.69
N TYR AA 183 -1.35 57.92 10.27
CA TYR AA 183 0.06 57.52 10.44
C TYR AA 183 0.84 57.39 9.13
N VAL AA 184 0.23 57.32 7.94
CA VAL AA 184 1.06 57.10 6.71
C VAL AA 184 1.90 58.35 6.38
N THR AA 185 3.11 58.14 5.93
CA THR AA 185 3.98 59.12 5.23
C THR AA 185 3.85 58.99 3.70
N VAL AA 186 3.78 60.11 3.00
CA VAL AA 186 3.56 60.23 1.53
C VAL AA 186 4.50 61.32 1.02
N PHE AA 187 4.95 61.17 -0.22
CA PHE AA 187 6.04 61.93 -0.87
C PHE AA 187 5.69 62.03 -2.36
N GLY AA 188 6.02 63.15 -2.98
CA GLY AA 188 6.06 63.27 -4.43
C GLY AA 188 4.76 63.74 -5.04
N ASN AA 189 4.81 63.91 -6.35
CA ASN AA 189 3.68 64.43 -7.12
C ASN AA 189 3.50 63.45 -8.25
N PRO AA 190 2.52 62.54 -8.28
CA PRO AA 190 1.52 62.41 -7.23
C PRO AA 190 2.13 61.78 -5.97
N ALA AA 191 1.58 62.14 -4.82
CA ALA AA 191 1.89 61.55 -3.50
C ALA AA 191 1.73 60.04 -3.58
N GLU AA 192 2.76 59.33 -3.13
CA GLU AA 192 2.82 57.85 -2.94
C GLU AA 192 3.19 57.56 -1.49
N ALA AA 193 2.68 56.46 -0.95
CA ALA AA 193 2.89 56.05 0.46
C ALA AA 193 4.29 55.48 0.56
N ARG AA 194 5.03 55.84 1.59
CA ARG AA 194 6.37 55.27 1.77
C ARG AA 194 6.38 54.41 3.02
N SER AA 195 5.85 54.92 4.12
CA SER AA 195 6.00 54.29 5.45
C SER AA 195 4.92 54.79 6.39
N MET AA 196 5.07 54.47 7.65
CA MET AA 196 4.30 55.06 8.75
C MET AA 196 5.24 56.06 9.42
N ASN AA 197 4.65 57.08 10.04
CA ASN AA 197 5.32 58.18 10.78
C ASN AA 197 5.66 57.73 12.20
N PHE AA 198 6.66 56.87 12.31
CA PHE AA 198 7.11 56.33 13.61
C PHE AA 198 7.60 57.47 14.50
N GLU AA 199 8.25 58.49 13.95
CA GLU AA 199 8.70 59.62 14.80
C GLU AA 199 7.47 60.13 15.56
N GLY AA 200 6.40 60.37 14.83
CA GLY AA 200 5.14 60.83 15.42
C GLY AA 200 4.66 59.89 16.51
N MET AA 201 4.80 58.58 16.33
CA MET AA 201 4.23 57.61 17.30
C MET AA 201 5.06 57.68 18.58
N ARG AA 202 6.38 57.78 18.42
CA ARG AA 202 7.29 57.90 19.59
C ARG AA 202 6.82 59.11 20.39
N ARG AA 203 6.78 60.28 19.73
CA ARG AA 203 6.46 61.57 20.36
C ARG AA 203 5.16 61.41 21.16
N ARG AA 204 4.15 60.66 20.72
CA ARG AA 204 2.88 60.51 21.49
C ARG AA 204 2.97 59.33 22.46
N GLY AA 205 4.16 58.77 22.68
CA GLY AA 205 4.44 57.69 23.66
C GLY AA 205 3.72 56.37 23.42
N PHE AA 206 3.47 56.02 22.17
CA PHE AA 206 2.89 54.72 21.79
C PHE AA 206 3.80 53.61 22.28
N SER AA 207 3.18 52.53 22.69
CA SER AA 207 3.86 51.29 23.10
C SER AA 207 4.62 50.77 21.92
N SER AA 208 5.71 50.07 22.19
CA SER AA 208 6.50 49.40 21.13
C SER AA 208 5.67 48.29 20.47
N GLU AA 209 4.68 47.68 21.15
CA GLU AA 209 3.80 46.65 20.55
C GLU AA 209 2.90 47.31 19.50
N ALA AA 210 2.34 48.48 19.84
CA ALA AA 210 1.45 49.23 18.93
C ALA AA 210 2.21 49.69 17.68
N ILE AA 211 3.42 50.20 17.89
CA ILE AA 211 4.30 50.63 16.78
C ILE AA 211 4.49 49.44 15.81
N HIS AA 212 4.81 48.25 16.34
CA HIS AA 212 5.04 47.07 15.48
C HIS AA 212 3.73 46.71 14.76
N ALA AA 213 2.58 46.86 15.43
CA ALA AA 213 1.26 46.50 14.87
C ALA AA 213 0.94 47.45 13.72
N LEU AA 214 1.34 48.71 13.87
CA LEU AA 214 1.08 49.68 12.77
C LEU AA 214 2.00 49.39 11.58
N ARG AA 215 3.25 48.99 11.80
CA ARG AA 215 4.11 48.59 10.67
C ARG AA 215 3.52 47.36 9.98
N ARG AA 216 2.91 46.46 10.71
CA ARG AA 216 2.36 45.25 10.08
C ARG AA 216 1.16 45.65 9.28
N ALA AA 217 0.40 46.58 9.82
CA ALA AA 217 -0.83 47.04 9.17
C ALA AA 217 -0.48 47.68 7.83
N TYR AA 218 0.60 48.48 7.81
CA TYR AA 218 1.11 49.17 6.60
C TYR AA 218 1.35 48.07 5.56
N LYS AA 219 2.16 47.08 5.94
CA LYS AA 219 2.53 45.95 5.05
C LYS AA 219 1.24 45.29 4.52
N VAL AA 220 0.23 45.05 5.35
CA VAL AA 220 -1.03 44.45 4.89
C VAL AA 220 -1.66 45.29 3.79
N VAL AA 221 -1.68 46.59 3.98
CA VAL AA 221 -2.48 47.49 3.09
C VAL AA 221 -1.70 47.69 1.81
N TYR AA 222 -0.37 47.75 1.89
CA TYR AA 222 0.49 48.37 0.86
C TYR AA 222 1.50 47.40 0.26
N ARG AA 223 1.98 46.38 0.95
CA ARG AA 223 3.26 45.71 0.55
C ARG AA 223 2.85 44.22 0.32
N GLN AA 224 1.62 43.87 0.00
CA GLN AA 224 1.17 42.43 0.02
C GLN AA 224 0.20 42.14 -1.13
N GLY AA 225 0.17 43.05 -2.11
CA GLY AA 225 -0.80 43.04 -3.22
C GLY AA 225 -2.23 42.72 -2.82
N HIS AA 226 -2.63 42.99 -1.60
CA HIS AA 226 -4.06 42.85 -1.24
C HIS AA 226 -4.84 43.94 -1.95
N THR AA 227 -6.09 43.65 -2.34
CA THR AA 227 -7.04 44.75 -2.62
C THR AA 227 -7.38 45.44 -1.31
N VAL AA 228 -7.84 46.67 -1.43
CA VAL AA 228 -8.12 47.57 -0.28
C VAL AA 228 -9.24 46.91 0.55
N GLU AA 229 -10.11 46.16 -0.10
CA GLU AA 229 -11.23 45.41 0.56
C GLU AA 229 -10.69 44.16 1.29
N GLU AA 230 -9.78 43.43 0.65
CA GLU AA 230 -9.08 42.25 1.26
C GLU AA 230 -8.28 42.70 2.49
N ALA AA 231 -7.65 43.88 2.41
CA ALA AA 231 -6.74 44.43 3.43
C ALA AA 231 -7.56 44.85 4.65
N LEU AA 232 -8.71 45.43 4.41
CA LEU AA 232 -9.58 45.75 5.54
C LEU AA 232 -9.92 44.47 6.28
N ALA AA 233 -10.20 43.40 5.55
CA ALA AA 233 -10.65 42.17 6.23
C ALA AA 233 -9.48 41.62 7.08
N GLU AA 234 -8.26 41.61 6.56
CA GLU AA 234 -7.04 41.17 7.27
C GLU AA 234 -6.85 41.95 8.56
N LEU AA 235 -7.09 43.28 8.50
CA LEU AA 235 -6.91 44.26 9.63
C LEU AA 235 -7.93 44.06 10.77
N ALA AA 236 -9.05 43.38 10.56
CA ALA AA 236 -10.05 43.20 11.63
C ALA AA 236 -9.38 42.83 12.98
N GLU AA 237 -8.59 41.77 12.97
CA GLU AA 237 -8.02 41.18 14.20
C GLU AA 237 -7.13 42.24 14.86
N SER AA 238 -6.25 42.86 14.06
CA SER AA 238 -5.20 43.79 14.56
C SER AA 238 -5.93 44.98 15.23
N ALA AA 239 -6.98 45.49 14.56
CA ALA AA 239 -7.80 46.64 15.00
C ALA AA 239 -8.51 46.37 16.32
N ALA AA 240 -8.89 45.14 16.55
CA ALA AA 240 -9.64 44.85 17.77
C ALA AA 240 -8.66 44.80 18.94
N GLN AA 241 -7.40 44.52 18.62
CA GLN AA 241 -6.35 44.34 19.65
C GLN AA 241 -5.68 45.65 20.08
N PHE AA 242 -5.61 46.60 19.16
CA PHE AA 242 -4.88 47.88 19.28
C PHE AA 242 -5.74 49.02 18.74
N PRO AA 243 -6.18 49.94 19.63
CA PRO AA 243 -6.94 51.11 19.23
C PRO AA 243 -6.17 51.90 18.19
N GLU AA 244 -4.84 51.91 18.29
CA GLU AA 244 -3.99 52.65 17.31
C GLU AA 244 -4.25 52.10 15.91
N VAL AA 245 -4.47 50.79 15.79
CA VAL AA 245 -4.55 50.12 14.45
C VAL AA 245 -5.95 50.43 13.91
N ALA AA 246 -6.93 50.50 14.80
CA ALA AA 246 -8.33 50.81 14.43
C ALA AA 246 -8.38 52.24 13.85
N VAL AA 247 -7.60 53.18 14.40
CA VAL AA 247 -7.53 54.56 13.82
C VAL AA 247 -7.09 54.39 12.36
N PHE AA 248 -6.09 53.55 12.11
CA PHE AA 248 -5.63 53.24 10.74
C PHE AA 248 -6.72 52.57 9.93
N ARG AA 249 -7.30 51.46 10.42
CA ARG AA 249 -8.29 50.69 9.63
C ARG AA 249 -9.43 51.65 9.30
N ASP AA 250 -9.94 52.37 10.30
CA ASP AA 250 -11.08 53.30 10.15
C ASP AA 250 -10.73 54.33 9.06
N SER AA 251 -9.50 54.84 8.98
CA SER AA 251 -9.18 55.93 8.02
C SER AA 251 -9.32 55.42 6.59
N ILE AA 252 -8.97 54.15 6.39
CA ILE AA 252 -8.91 53.50 5.05
C ILE AA 252 -10.34 53.22 4.63
N GLN AA 253 -11.14 52.77 5.59
CA GLN AA 253 -12.55 52.36 5.41
C GLN AA 253 -13.34 53.54 4.83
N SER AA 254 -13.20 54.69 5.48
CA SER AA 254 -14.11 55.81 5.24
C SER AA 254 -13.53 56.64 4.09
N ALA AA 255 -13.17 55.94 3.01
CA ALA AA 255 -12.51 56.51 1.80
C ALA AA 255 -12.98 55.72 0.57
N THR AA 256 -13.05 54.40 0.75
CA THR AA 256 -13.45 53.40 -0.29
C THR AA 256 -14.86 52.95 0.09
N ARG AA 257 -15.91 53.47 -0.51
CA ARG AA 257 -17.19 52.74 -0.45
C ARG AA 257 -17.22 51.75 -1.64
N GLY AA 258 -16.80 52.20 -2.81
CA GLY AA 258 -16.80 51.40 -4.04
C GLY AA 258 -18.17 51.33 -4.68
N ILE AA 259 -18.19 50.74 -5.88
CA ILE AA 259 -19.42 50.47 -6.65
C ILE AA 259 -19.70 48.97 -6.72
N THR AA 260 -20.95 48.65 -6.94
CA THR AA 260 -21.45 47.27 -7.04
C THR AA 260 -20.87 46.78 -8.33
N ARG AA 261 -20.19 45.66 -8.32
CA ARG AA 261 -19.72 45.08 -9.59
C ARG AA 261 -20.54 43.86 -9.83
N SER BA 5 78.66 64.39 44.87
CA SER BA 5 77.28 64.35 44.34
C SER BA 5 77.16 63.12 43.44
N LEU BA 6 76.55 62.00 43.88
CA LEU BA 6 76.10 60.88 43.00
C LEU BA 6 74.57 61.04 42.78
N ILE BA 7 73.88 61.21 43.91
CA ILE BA 7 72.52 61.79 44.08
C ILE BA 7 72.63 63.31 43.81
N ASP BA 8 71.79 63.84 42.92
CA ASP BA 8 71.70 65.29 42.66
C ASP BA 8 70.98 65.96 43.83
N PRO BA 9 71.58 67.02 44.41
CA PRO BA 9 70.83 67.91 45.30
C PRO BA 9 69.42 68.22 44.73
N ARG BA 10 69.27 68.41 43.41
CA ARG BA 10 68.02 68.96 42.79
C ARG BA 10 66.96 67.85 42.68
N ALA BA 11 67.35 66.61 43.01
CA ALA BA 11 66.47 65.41 43.04
C ALA BA 11 65.83 65.25 44.43
N ILE BA 12 64.58 64.80 44.44
CA ILE BA 12 63.81 64.46 45.67
C ILE BA 12 64.02 62.97 45.91
N ILE BA 13 64.15 62.56 47.17
CA ILE BA 13 64.40 61.15 47.61
C ILE BA 13 63.62 60.94 48.91
N ASP BA 14 62.68 59.99 48.88
CA ASP BA 14 61.84 59.73 50.06
C ASP BA 14 62.68 59.07 51.14
N PRO BA 15 62.49 59.50 52.42
CA PRO BA 15 63.16 58.89 53.57
C PRO BA 15 63.04 57.35 53.62
N SER BA 16 61.88 56.78 53.25
CA SER BA 16 61.60 55.32 53.34
C SER BA 16 62.08 54.60 52.07
N ALA BA 17 62.98 55.18 51.28
CA ALA BA 17 63.57 54.57 50.06
C ALA BA 17 64.95 54.04 50.40
N ARG BA 18 65.29 52.83 49.95
CA ARG BA 18 66.55 52.13 50.36
C ARG BA 18 67.46 51.98 49.10
N LEU BA 19 68.46 52.85 48.93
CA LEU BA 19 69.42 52.90 47.78
C LEU BA 19 70.77 52.37 48.20
N ALA BA 20 71.42 51.47 47.45
CA ALA BA 20 72.82 51.02 47.67
C ALA BA 20 73.73 52.25 47.60
N ALA BA 21 74.83 52.32 48.36
CA ALA BA 21 75.49 53.63 48.56
C ALA BA 21 75.78 54.19 47.15
N ASP BA 22 76.46 53.40 46.28
CA ASP BA 22 77.10 53.88 45.00
C ASP BA 22 76.11 54.01 43.82
N VAL BA 23 74.80 54.04 44.09
CA VAL BA 23 73.73 54.42 43.12
C VAL BA 23 73.88 55.88 42.69
N GLN BA 24 73.62 56.16 41.41
CA GLN BA 24 73.52 57.53 40.84
C GLN BA 24 72.06 57.92 40.62
N VAL BA 25 71.68 59.18 40.90
CA VAL BA 25 70.35 59.73 40.55
C VAL BA 25 70.57 61.13 39.95
N GLY BA 26 69.96 61.37 38.79
CA GLY BA 26 70.02 62.64 38.06
C GLY BA 26 69.13 63.70 38.72
N PRO BA 27 69.28 64.98 38.32
CA PRO BA 27 68.46 66.08 38.83
C PRO BA 27 66.98 65.90 38.52
N TRP BA 28 66.07 66.27 39.41
CA TRP BA 28 64.62 66.36 39.12
C TRP BA 28 64.00 64.97 39.05
N SER BA 29 64.73 63.97 39.52
CA SER BA 29 64.15 62.62 39.59
C SER BA 29 63.45 62.51 40.95
N ILE BA 30 62.33 61.79 41.04
CA ILE BA 30 61.63 61.54 42.33
C ILE BA 30 61.78 60.06 42.58
N VAL BA 31 62.34 59.67 43.71
CA VAL BA 31 62.50 58.26 44.15
C VAL BA 31 61.60 58.10 45.39
N GLY BA 32 60.37 57.65 45.16
CA GLY BA 32 59.24 57.76 46.11
C GLY BA 32 59.34 56.80 47.28
N ALA BA 33 58.39 56.96 48.21
CA ALA BA 33 58.17 56.02 49.34
C ALA BA 33 58.29 54.59 48.80
N GLU BA 34 58.99 53.77 49.59
CA GLU BA 34 58.97 52.29 49.49
C GLU BA 34 59.65 51.84 48.19
N VAL BA 35 60.58 52.61 47.63
CA VAL BA 35 61.37 52.21 46.43
C VAL BA 35 62.79 51.85 46.86
N GLU BA 36 63.24 50.70 46.43
CA GLU BA 36 64.54 50.08 46.82
C GLU BA 36 65.37 49.97 45.52
N ILE BA 37 66.64 50.36 45.51
CA ILE BA 37 67.44 50.40 44.26
C ILE BA 37 68.79 49.74 44.46
N GLY BA 38 69.08 48.74 43.62
CA GLY BA 38 70.26 47.86 43.77
C GLY BA 38 71.56 48.59 43.47
N GLU BA 39 72.66 47.98 43.90
CA GLU BA 39 74.06 48.45 43.67
C GLU BA 39 74.27 48.91 42.21
N GLY BA 40 74.95 50.04 41.99
CA GLY BA 40 75.55 50.46 40.70
C GLY BA 40 74.52 50.77 39.64
N THR BA 41 73.24 50.87 40.03
CA THR BA 41 72.12 51.37 39.19
C THR BA 41 72.27 52.89 39.07
N VAL BA 42 71.81 53.45 37.95
CA VAL BA 42 71.93 54.88 37.58
C VAL BA 42 70.56 55.38 37.09
N ILE BA 43 69.88 56.21 37.88
CA ILE BA 43 68.66 56.95 37.43
C ILE BA 43 69.12 58.23 36.70
N GLY BA 44 68.67 58.38 35.47
CA GLY BA 44 68.87 59.62 34.72
C GLY BA 44 68.08 60.74 35.40
N PRO BA 45 68.12 61.93 34.78
CA PRO BA 45 67.31 63.07 35.22
C PRO BA 45 65.82 62.91 34.91
N HIS BA 46 64.95 63.61 35.63
CA HIS BA 46 63.50 63.68 35.33
C HIS BA 46 62.89 62.28 35.32
N VAL BA 47 63.26 61.40 36.24
CA VAL BA 47 62.65 60.04 36.28
C VAL BA 47 61.67 60.00 37.43
N VAL BA 48 60.52 59.36 37.30
CA VAL BA 48 59.64 59.15 38.48
C VAL BA 48 59.64 57.66 38.84
N LEU BA 49 60.04 57.31 40.06
CA LEU BA 49 59.88 55.96 40.65
C LEU BA 49 58.81 55.97 41.77
N LYS BA 50 57.82 55.08 41.71
CA LYS BA 50 56.74 54.93 42.72
C LYS BA 50 56.87 53.50 43.27
N GLY BA 51 56.41 53.29 44.49
CA GLY BA 51 56.58 52.03 45.21
C GLY BA 51 55.24 51.37 45.50
N PRO BA 52 55.27 50.23 46.20
CA PRO BA 52 56.52 49.54 46.52
C PRO BA 52 57.24 48.87 45.32
N THR BA 53 58.54 49.07 45.14
CA THR BA 53 59.26 48.63 43.90
C THR BA 53 60.70 48.23 44.22
N LYS BA 54 61.13 46.98 43.96
CA LYS BA 54 62.59 46.61 44.03
C LYS BA 54 63.20 46.83 42.65
N ILE BA 55 64.34 47.51 42.60
CA ILE BA 55 65.17 47.63 41.37
C ILE BA 55 66.55 47.06 41.69
N GLY BA 56 66.93 46.00 40.98
CA GLY BA 56 68.16 45.25 41.23
C GLY BA 56 69.40 46.02 40.82
N LYS BA 57 70.51 45.29 40.59
CA LYS BA 57 71.89 45.85 40.48
C LYS BA 57 72.15 46.19 39.01
N HIS BA 58 72.78 47.33 38.75
CA HIS BA 58 73.45 47.76 37.49
C HIS BA 58 72.43 48.12 36.41
N ASN BA 59 71.29 48.71 36.78
CA ASN BA 59 70.30 49.15 35.77
C ASN BA 59 70.62 50.58 35.37
N ARG BA 60 70.15 50.96 34.20
CA ARG BA 60 70.37 52.31 33.60
C ARG BA 60 68.93 52.66 33.21
N ILE BA 61 68.35 53.73 33.73
CA ILE BA 61 66.94 54.15 33.47
C ILE BA 61 66.97 55.60 32.95
N TYR BA 62 66.54 55.86 31.71
CA TYR BA 62 66.63 57.21 31.08
C TYR BA 62 65.44 58.06 31.50
N GLN BA 63 65.48 59.34 31.12
CA GLN BA 63 64.58 60.45 31.54
C GLN BA 63 63.15 60.12 31.14
N PHE BA 64 62.14 60.62 31.88
CA PHE BA 64 60.73 60.74 31.43
C PHE BA 64 59.97 59.42 31.57
N SER BA 65 60.67 58.45 32.19
CA SER BA 65 60.13 57.11 32.52
C SER BA 65 59.42 57.20 33.86
N SER BA 66 58.22 56.67 33.90
CA SER BA 66 57.37 56.58 35.11
C SER BA 66 57.34 55.09 35.42
N VAL BA 67 58.28 54.68 36.27
CA VAL BA 67 58.44 53.28 36.75
C VAL BA 67 57.84 53.17 38.15
N GLY BA 68 56.86 52.26 38.27
CA GLY BA 68 56.25 51.90 39.56
C GLY BA 68 54.86 52.45 39.69
N GLU BA 69 54.32 53.19 38.71
CA GLU BA 69 53.01 53.85 38.94
C GLU BA 69 51.89 52.79 39.02
N ASP BA 70 50.77 53.20 39.61
CA ASP BA 70 49.49 52.45 39.52
C ASP BA 70 49.06 52.33 38.06
N THR BA 71 48.63 51.16 37.60
CA THR BA 71 47.86 51.08 36.32
C THR BA 71 46.65 51.98 36.48
N PRO BA 72 46.18 52.68 35.41
CA PRO BA 72 44.95 53.47 35.47
C PRO BA 72 43.73 52.56 35.34
N ASP BA 73 43.99 51.28 35.13
CA ASP BA 73 42.93 50.27 34.87
C ASP BA 73 41.89 50.30 35.98
N LEU BA 74 40.61 50.38 35.62
CA LEU BA 74 39.49 50.54 36.58
C LEU BA 74 39.40 49.34 37.54
N LYS BA 75 40.10 48.22 37.29
CA LYS BA 75 40.04 47.03 38.17
C LYS BA 75 41.06 47.23 39.30
N TYR BA 76 41.68 48.38 39.42
CA TYR BA 76 42.67 48.61 40.48
C TYR BA 76 42.08 49.58 41.49
N LYS BA 77 41.76 49.14 42.69
CA LYS BA 77 41.31 50.11 43.72
C LYS BA 77 42.43 50.26 44.77
N GLY BA 78 43.56 50.88 44.38
CA GLY BA 78 44.67 51.35 45.24
C GLY BA 78 45.26 50.32 46.21
N GLU BA 79 45.28 49.01 45.88
CA GLU BA 79 45.69 47.89 46.79
C GLU BA 79 47.21 47.91 46.91
N PRO BA 80 47.88 47.23 47.88
CA PRO BA 80 49.35 47.33 47.96
C PRO BA 80 50.01 46.31 47.00
N THR BA 81 50.46 46.68 45.80
CA THR BA 81 51.07 45.71 44.83
C THR BA 81 52.49 46.14 44.49
N ARG BA 82 53.28 45.25 43.85
CA ARG BA 82 54.76 45.42 43.74
C ARG BA 82 55.15 45.52 42.24
N LEU BA 83 56.30 46.15 41.97
CA LEU BA 83 57.12 46.00 40.74
C LEU BA 83 58.46 45.40 41.16
N VAL BA 84 58.98 44.46 40.40
CA VAL BA 84 60.34 43.92 40.62
C VAL BA 84 61.08 43.96 39.29
N ILE BA 85 62.23 44.60 39.31
CA ILE BA 85 63.17 44.66 38.16
C ILE BA 85 64.49 44.11 38.65
N GLY BA 86 65.02 43.12 37.94
CA GLY BA 86 66.31 42.51 38.34
C GLY BA 86 67.44 43.45 37.99
N ASP BA 87 68.39 42.93 37.20
CA ASP BA 87 69.79 43.42 37.14
C ASP BA 87 70.19 43.65 35.67
N HIS BA 88 70.98 44.70 35.40
CA HIS BA 88 71.66 44.93 34.09
C HIS BA 88 70.60 45.22 33.02
N ASN BA 89 69.49 45.86 33.38
CA ASN BA 89 68.44 46.26 32.42
C ASN BA 89 68.72 47.69 31.99
N VAL BA 90 68.33 47.99 30.76
CA VAL BA 90 68.29 49.36 30.20
C VAL BA 90 66.84 49.65 29.88
N ILE BA 91 66.26 50.57 30.60
CA ILE BA 91 64.93 51.15 30.36
C ILE BA 91 65.17 52.56 29.83
N ARG BA 92 64.73 52.84 28.61
CA ARG BA 92 65.06 54.07 27.85
C ARG BA 92 64.03 55.17 28.09
N GLU BA 93 64.10 56.20 27.24
CA GLU BA 93 63.39 57.48 27.48
C GLU BA 93 61.88 57.23 27.40
N GLY BA 94 61.18 57.54 28.49
CA GLY BA 94 59.71 57.73 28.49
C GLY BA 94 58.97 56.44 28.74
N VAL BA 95 59.65 55.44 29.30
CA VAL BA 95 59.05 54.11 29.45
C VAL BA 95 58.09 54.20 30.62
N THR BA 96 56.94 53.57 30.51
CA THR BA 96 55.96 53.41 31.60
C THR BA 96 55.97 51.95 31.97
N ILE BA 97 56.21 51.68 33.25
CA ILE BA 97 56.06 50.32 33.85
C ILE BA 97 55.13 50.48 35.04
N HIS BA 98 54.04 49.72 35.10
CA HIS BA 98 53.03 49.77 36.19
C HIS BA 98 53.21 48.56 37.11
N ARG BA 99 52.86 48.72 38.38
CA ARG BA 99 52.96 47.61 39.35
C ARG BA 99 51.73 46.75 39.13
N GLY BA 100 51.65 45.64 39.86
CA GLY BA 100 50.60 44.62 39.73
C GLY BA 100 49.22 45.06 40.18
N THR BA 101 48.30 44.07 40.18
CA THR BA 101 46.89 44.06 40.65
C THR BA 101 46.64 42.81 41.50
N VAL BA 102 45.82 42.85 42.56
CA VAL BA 102 45.67 41.69 43.52
C VAL BA 102 45.05 40.51 42.76
N GLN BA 103 44.32 40.84 41.69
CA GLN BA 103 43.48 39.97 40.79
C GLN BA 103 44.30 38.84 40.15
N ASP BA 104 45.60 39.06 39.89
CA ASP BA 104 46.59 38.09 39.34
C ASP BA 104 47.52 37.69 40.50
N ARG BA 105 48.83 37.98 40.44
CA ARG BA 105 49.74 37.59 41.55
C ARG BA 105 50.29 38.87 42.21
N ALA BA 106 49.64 40.02 42.05
CA ALA BA 106 50.02 41.33 42.65
C ALA BA 106 51.48 41.70 42.35
N GLU BA 107 51.99 41.40 41.15
CA GLU BA 107 53.39 41.75 40.83
C GLU BA 107 53.62 41.88 39.32
N THR BA 108 54.13 43.05 38.92
CA THR BA 108 54.77 43.21 37.61
C THR BA 108 56.24 42.92 37.81
N THR BA 109 56.82 42.07 36.98
CA THR BA 109 58.13 41.43 37.18
C THR BA 109 58.98 41.48 35.91
N ILE BA 110 60.20 41.98 36.00
CA ILE BA 110 61.19 42.08 34.89
C ILE BA 110 62.50 41.41 35.33
N GLY BA 111 63.05 40.50 34.51
CA GLY BA 111 64.27 39.76 34.86
C GLY BA 111 65.51 40.63 34.75
N ASP BA 112 66.51 40.14 33.99
CA ASP BA 112 67.87 40.70 33.85
C ASP BA 112 68.22 40.84 32.36
N HIS BA 113 69.13 41.77 32.03
CA HIS BA 113 69.72 42.04 30.67
C HIS BA 113 68.63 42.42 29.67
N ASN BA 114 67.55 43.01 30.13
CA ASN BA 114 66.51 43.49 29.19
C ASN BA 114 66.87 44.89 28.71
N LEU BA 115 66.55 45.14 27.45
CA LEU BA 115 66.61 46.44 26.79
C LEU BA 115 65.20 46.86 26.44
N ILE BA 116 64.61 47.79 27.16
CA ILE BA 116 63.24 48.32 26.91
C ILE BA 116 63.40 49.74 26.37
N MET BA 117 63.13 49.96 25.09
CA MET BA 117 63.43 51.23 24.40
C MET BA 117 62.28 52.23 24.55
N ALA BA 118 62.43 53.40 23.95
CA ALA BA 118 61.63 54.58 24.35
C ALA BA 118 60.13 54.29 24.27
N TYR BA 119 59.39 54.77 25.26
CA TYR BA 119 57.91 54.90 25.23
C TYR BA 119 57.24 53.53 25.18
N ALA BA 120 58.02 52.51 25.52
CA ALA BA 120 57.50 51.15 25.74
C ALA BA 120 56.59 51.21 26.96
N HIS BA 121 55.55 50.38 27.00
CA HIS BA 121 54.66 50.26 28.18
C HIS BA 121 54.64 48.81 28.64
N ILE BA 122 55.21 48.51 29.80
CA ILE BA 122 55.07 47.21 30.50
C ILE BA 122 53.85 47.37 31.39
N GLY BA 123 52.71 46.79 31.06
CA GLY BA 123 51.46 46.97 31.82
C GLY BA 123 51.45 46.10 33.06
N HIS BA 124 50.52 46.41 33.96
CA HIS BA 124 50.38 45.66 35.23
C HIS BA 124 50.41 44.16 35.00
N ASP BA 125 51.14 43.48 35.87
CA ASP BA 125 51.17 42.00 36.06
C ASP BA 125 52.06 41.36 35.00
N SER BA 126 52.55 42.13 34.04
CA SER BA 126 53.42 41.58 32.99
C SER BA 126 54.67 40.94 33.61
N VAL BA 127 55.15 39.87 33.00
CA VAL BA 127 56.36 39.18 33.46
C VAL BA 127 57.35 39.09 32.30
N ILE BA 128 58.53 39.66 32.44
CA ILE BA 128 59.60 39.61 31.41
C ILE BA 128 60.78 38.83 31.98
N GLY BA 129 61.16 37.76 31.29
CA GLY BA 129 62.35 36.94 31.61
C GLY BA 129 63.62 37.75 31.38
N ASN BA 130 64.58 37.16 30.66
CA ASN BA 130 65.89 37.84 30.53
C ASN BA 130 66.24 37.92 29.05
N HIS BA 131 67.01 38.95 28.71
CA HIS BA 131 67.72 39.11 27.42
C HIS BA 131 66.69 39.53 26.38
N CYS BA 132 65.57 40.09 26.81
CA CYS BA 132 64.53 40.54 25.86
C CYS BA 132 64.84 41.96 25.39
N ILE BA 133 64.36 42.25 24.20
CA ILE BA 133 64.45 43.57 23.55
C ILE BA 133 63.02 43.96 23.25
N LEU BA 134 62.51 44.97 23.92
CA LEU BA 134 61.22 45.59 23.52
C LEU BA 134 61.52 46.92 22.85
N VAL BA 135 61.29 47.01 21.54
CA VAL BA 135 61.69 48.22 20.77
C VAL BA 135 60.66 49.33 20.98
N ASN BA 136 60.99 50.54 20.56
CA ASN BA 136 60.15 51.74 20.86
C ASN BA 136 58.65 51.39 20.81
N ASN BA 137 57.95 51.80 21.85
CA ASN BA 137 56.47 51.92 21.80
C ASN BA 137 55.87 50.51 21.81
N THR BA 138 56.68 49.49 22.01
CA THR BA 138 56.12 48.18 22.39
C THR BA 138 55.18 48.43 23.57
N ALA BA 139 54.00 47.81 23.58
CA ALA BA 139 53.02 47.95 24.67
C ALA BA 139 52.47 46.58 25.08
N LEU BA 140 52.67 46.16 26.31
CA LEU BA 140 52.13 44.90 26.88
C LEU BA 140 50.90 45.30 27.72
N ALA BA 141 49.69 45.05 27.25
CA ALA BA 141 48.46 45.62 27.87
C ALA BA 141 48.38 45.23 29.35
N GLY BA 142 48.78 44.01 29.71
CA GLY BA 142 48.69 43.52 31.10
C GLY BA 142 48.82 42.01 31.18
N HIS BA 143 49.39 41.52 32.28
CA HIS BA 143 49.49 40.07 32.48
C HIS BA 143 50.21 39.43 31.28
N VAL BA 144 51.04 40.19 30.57
CA VAL BA 144 51.78 39.58 29.42
C VAL BA 144 53.03 38.87 29.94
N HIS BA 145 53.27 37.64 29.52
CA HIS BA 145 54.54 36.93 29.82
C HIS BA 145 55.41 36.90 28.55
N VAL BA 146 56.63 37.38 28.69
CA VAL BA 146 57.66 37.41 27.61
C VAL BA 146 58.86 36.60 28.09
N ASP BA 147 59.02 35.39 27.55
CA ASP BA 147 60.08 34.45 27.95
C ASP BA 147 61.43 34.91 27.33
N ASP BA 148 62.55 34.29 27.71
CA ASP BA 148 63.96 34.72 27.46
C ASP BA 148 64.19 34.94 25.95
N TRP BA 149 64.93 36.01 25.58
CA TRP BA 149 65.52 36.32 24.25
C TRP BA 149 64.47 36.80 23.25
N ALA BA 150 63.24 36.97 23.68
CA ALA BA 150 62.19 37.49 22.79
C ALA BA 150 62.61 38.89 22.28
N ILE BA 151 62.22 39.23 21.07
CA ILE BA 151 62.38 40.60 20.49
C ILE BA 151 61.02 41.08 19.96
N LEU BA 152 60.45 42.11 20.55
CA LEU BA 152 59.22 42.73 20.02
C LEU BA 152 59.68 43.96 19.24
N SER BA 153 59.57 43.93 17.91
CA SER BA 153 59.88 45.09 17.06
C SER BA 153 59.08 46.34 17.46
N GLY BA 154 59.50 47.48 16.95
CA GLY BA 154 58.84 48.79 17.20
C GLY BA 154 57.33 48.73 17.11
N TYR BA 155 56.64 49.34 18.08
CA TYR BA 155 55.17 49.53 18.09
C TYR BA 155 54.43 48.19 18.07
N THR BA 156 55.05 47.15 18.62
CA THR BA 156 54.35 45.85 18.80
C THR BA 156 53.35 46.01 19.94
N LEU BA 157 52.06 45.80 19.70
CA LEU BA 157 51.03 45.76 20.77
C LEU BA 157 50.73 44.30 21.15
N VAL BA 158 50.58 43.98 22.43
CA VAL BA 158 50.26 42.60 22.90
C VAL BA 158 49.02 42.67 23.78
N HIS BA 159 48.00 41.90 23.47
CA HIS BA 159 46.70 41.83 24.20
C HIS BA 159 46.95 41.18 25.57
N GLN BA 160 46.16 41.57 26.57
CA GLN BA 160 46.27 41.05 27.97
CA GLN BA 160 46.25 41.06 27.95
C GLN BA 160 46.35 39.52 27.89
N TYR BA 161 47.14 38.92 28.77
CA TYR BA 161 47.18 37.47 29.09
C TYR BA 161 48.07 36.72 28.09
N CYS BA 162 48.53 37.33 27.01
CA CYS BA 162 49.32 36.62 25.97
C CYS BA 162 50.71 36.19 26.44
N ARG BA 163 51.21 35.10 25.88
CA ARG BA 163 52.56 34.57 26.16
C ARG BA 163 53.40 34.76 24.91
N ILE BA 164 54.56 35.37 25.08
CA ILE BA 164 55.56 35.55 24.00
C ILE BA 164 56.68 34.56 24.21
N GLY BA 165 56.77 33.53 23.37
CA GLY BA 165 57.73 32.42 23.54
C GLY BA 165 59.17 32.91 23.54
N ALA BA 166 60.05 32.21 24.25
CA ALA BA 166 61.52 32.29 24.11
C ALA BA 166 61.97 32.38 22.66
N HIS BA 167 62.90 33.31 22.38
CA HIS BA 167 63.50 33.54 21.04
C HIS BA 167 62.49 33.97 19.97
N SER BA 168 61.26 34.32 20.35
CA SER BA 168 60.19 34.67 19.39
C SER BA 168 60.49 36.08 18.87
N PHE BA 169 59.86 36.47 17.79
CA PHE BA 169 60.12 37.73 17.06
C PHE BA 169 58.80 38.28 16.48
N SER BA 170 58.52 39.55 16.68
CA SER BA 170 57.35 40.30 16.14
C SER BA 170 57.91 41.40 15.23
N GLY BA 171 57.21 41.63 14.12
CA GLY BA 171 57.53 42.69 13.15
C GLY BA 171 57.04 44.07 13.60
N MET BA 172 57.49 45.15 12.98
CA MET BA 172 57.02 46.45 13.49
C MET BA 172 55.51 46.54 13.27
N GLY BA 173 54.81 47.00 14.31
CA GLY BA 173 53.38 47.31 14.19
C GLY BA 173 52.54 46.07 14.34
N SER BA 174 53.16 44.93 14.63
CA SER BA 174 52.47 43.66 14.97
C SER BA 174 51.40 43.92 16.04
N ALA BA 175 50.20 43.40 15.84
CA ALA BA 175 49.20 43.42 16.92
C ALA BA 175 48.95 41.97 17.34
N ILE BA 176 49.55 41.55 18.42
CA ILE BA 176 49.55 40.13 18.87
C ILE BA 176 48.33 39.90 19.75
N GLY BA 177 47.48 38.94 19.38
CA GLY BA 177 46.21 38.73 20.10
C GLY BA 177 46.13 37.35 20.73
N LYS BA 178 46.96 36.41 20.28
CA LYS BA 178 47.03 35.03 20.82
C LYS BA 178 48.50 34.82 21.21
N ASP BA 179 48.89 33.68 21.76
CA ASP BA 179 50.30 33.49 22.20
C ASP BA 179 51.22 33.33 21.00
N VAL BA 180 52.48 33.65 21.19
CA VAL BA 180 53.52 33.48 20.13
C VAL BA 180 54.41 32.33 20.58
N PRO BA 181 54.41 31.18 19.90
CA PRO BA 181 55.22 30.06 20.37
C PRO BA 181 56.68 30.48 20.33
N ALA BA 182 57.49 29.74 21.05
CA ALA BA 182 58.94 29.94 21.10
C ALA BA 182 59.45 29.98 19.67
N TYR BA 183 60.35 30.92 19.36
CA TYR BA 183 61.13 31.05 18.11
C TYR BA 183 60.28 31.48 16.91
N VAL BA 184 58.98 31.62 17.05
CA VAL BA 184 58.09 31.93 15.88
C VAL BA 184 58.26 33.39 15.51
N THR BA 185 58.19 33.74 14.26
CA THR BA 185 58.11 35.16 13.87
C THR BA 185 56.67 35.47 13.45
N VAL BA 186 56.14 36.60 13.91
CA VAL BA 186 54.77 37.05 13.59
C VAL BA 186 54.79 38.48 13.05
N PHE BA 187 53.82 38.84 12.22
CA PHE BA 187 53.73 40.13 11.50
C PHE BA 187 52.27 40.50 11.35
N GLY BA 188 51.99 41.79 11.39
CA GLY BA 188 50.74 42.39 10.96
C GLY BA 188 49.70 42.47 12.05
N ASN BA 189 48.58 43.09 11.68
CA ASN BA 189 47.48 43.44 12.61
C ASN BA 189 46.23 42.88 11.99
N PRO BA 190 45.63 41.77 12.44
CA PRO BA 190 46.17 40.92 13.49
C PRO BA 190 47.41 40.13 13.05
N ALA BA 191 48.24 39.85 14.04
CA ALA BA 191 49.49 39.08 13.91
C ALA BA 191 49.25 37.67 13.33
N GLU BA 192 50.14 37.24 12.44
CA GLU BA 192 50.15 35.90 11.82
C GLU BA 192 51.59 35.40 11.86
N ALA BA 193 51.77 34.12 12.11
CA ALA BA 193 53.04 33.40 12.04
C ALA BA 193 53.50 33.45 10.58
N ARG BA 194 54.82 33.54 10.40
CA ARG BA 194 55.48 33.47 9.08
C ARG BA 194 56.58 32.41 9.08
N SER BA 195 57.48 32.39 10.05
CA SER BA 195 58.61 31.44 10.02
C SER BA 195 59.20 31.34 11.42
N MET BA 196 60.44 30.90 11.52
CA MET BA 196 61.11 30.87 12.83
C MET BA 196 62.29 31.80 12.74
N ASN BA 197 62.60 32.37 13.90
CA ASN BA 197 63.70 33.32 14.11
C ASN BA 197 65.02 32.56 14.06
N PHE BA 198 65.39 32.15 12.86
CA PHE BA 198 66.65 31.41 12.65
C PHE BA 198 67.83 32.31 13.01
N GLU BA 199 67.74 33.63 12.81
CA GLU BA 199 68.85 34.55 13.14
C GLU BA 199 69.13 34.46 14.65
N GLY BA 200 68.09 34.41 15.45
CA GLY BA 200 68.24 34.30 16.90
C GLY BA 200 68.92 33.01 17.29
N MET BA 201 68.67 31.93 16.52
CA MET BA 201 69.22 30.59 16.77
C MET BA 201 70.73 30.60 16.49
N ARG BA 202 71.16 31.31 15.45
CA ARG BA 202 72.59 31.50 15.13
C ARG BA 202 73.24 32.12 16.37
N ARG BA 203 72.72 33.26 16.78
CA ARG BA 203 73.31 34.09 17.86
C ARG BA 203 73.46 33.22 19.10
N ARG BA 204 72.54 32.31 19.41
CA ARG BA 204 72.66 31.43 20.60
C ARG BA 204 73.58 30.24 20.31
N GLY BA 205 74.19 30.20 19.12
CA GLY BA 205 75.05 29.09 18.65
C GLY BA 205 74.34 27.75 18.67
N PHE BA 206 73.10 27.70 18.23
CA PHE BA 206 72.32 26.44 18.13
C PHE BA 206 73.00 25.56 17.13
N SER BA 207 73.03 24.27 17.40
CA SER BA 207 73.51 23.27 16.43
C SER BA 207 72.65 23.42 15.18
N SER BA 208 73.20 23.04 14.05
CA SER BA 208 72.51 23.14 12.77
C SER BA 208 71.42 22.04 12.70
N GLU BA 209 71.61 20.88 13.34
CA GLU BA 209 70.65 19.75 13.41
C GLU BA 209 69.36 20.22 14.11
N ALA BA 210 69.56 21.04 15.14
CA ALA BA 210 68.53 21.67 15.99
C ALA BA 210 67.81 22.76 15.22
N ILE BA 211 68.55 23.50 14.42
CA ILE BA 211 67.88 24.53 13.60
C ILE BA 211 66.93 23.85 12.61
N HIS BA 212 67.40 22.79 11.95
CA HIS BA 212 66.57 21.98 11.02
C HIS BA 212 65.39 21.42 11.78
N ALA BA 213 65.61 20.88 12.97
CA ALA BA 213 64.52 20.25 13.75
C ALA BA 213 63.40 21.25 14.01
N LEU BA 214 63.76 22.49 14.35
CA LEU BA 214 62.78 23.55 14.63
C LEU BA 214 62.10 23.93 13.34
N ARG BA 215 62.77 23.85 12.22
CA ARG BA 215 62.10 24.20 10.96
C ARG BA 215 61.03 23.16 10.68
N ARG BA 216 61.32 21.85 10.88
CA ARG BA 216 60.30 20.81 10.64
C ARG BA 216 59.20 21.03 11.66
N ALA BA 217 59.52 21.48 12.87
CA ALA BA 217 58.50 21.56 13.94
C ALA BA 217 57.54 22.68 13.55
N TYR BA 218 58.05 23.74 12.93
CA TYR BA 218 57.19 24.83 12.44
C TYR BA 218 56.25 24.25 11.37
N LYS BA 219 56.74 23.43 10.44
CA LYS BA 219 55.88 22.85 9.35
C LYS BA 219 54.79 22.01 9.99
N VAL BA 220 55.09 21.29 11.06
CA VAL BA 220 54.14 20.37 11.73
C VAL BA 220 52.96 21.19 12.26
N VAL BA 221 53.23 22.36 12.81
CA VAL BA 221 52.18 23.15 13.49
C VAL BA 221 51.44 24.00 12.46
N TYR BA 222 52.09 24.46 11.41
CA TYR BA 222 51.61 25.60 10.60
C TYR BA 222 51.36 25.12 9.17
N ARG BA 223 52.24 24.37 8.55
CA ARG BA 223 52.20 24.24 7.08
C ARG BA 223 51.72 22.80 6.74
N GLN BA 224 50.94 22.08 7.56
CA GLN BA 224 50.52 20.65 7.25
C GLN BA 224 49.08 20.28 7.63
N GLY BA 225 48.20 21.23 7.91
CA GLY BA 225 46.79 20.93 8.15
C GLY BA 225 46.53 20.21 9.45
N HIS BA 226 47.48 20.16 10.38
CA HIS BA 226 47.30 19.42 11.66
C HIS BA 226 46.46 20.31 12.58
N THR BA 227 45.54 19.77 13.36
CA THR BA 227 45.04 20.51 14.54
C THR BA 227 46.23 20.67 15.46
N VAL BA 228 46.12 21.55 16.42
CA VAL BA 228 47.13 21.76 17.47
C VAL BA 228 47.33 20.45 18.25
N GLU BA 229 46.29 19.67 18.58
CA GLU BA 229 46.49 18.38 19.32
C GLU BA 229 47.33 17.41 18.50
N GLU BA 230 47.05 17.33 17.20
CA GLU BA 230 47.77 16.42 16.27
C GLU BA 230 49.24 16.87 16.21
N ALA BA 231 49.45 18.18 16.16
CA ALA BA 231 50.78 18.81 16.04
C ALA BA 231 51.61 18.40 17.26
N LEU BA 232 51.01 18.58 18.43
CA LEU BA 232 51.67 18.24 19.68
C LEU BA 232 52.09 16.75 19.64
N ALA BA 233 51.16 15.89 19.24
CA ALA BA 233 51.40 14.44 19.14
C ALA BA 233 52.57 14.21 18.17
N GLU BA 234 52.59 14.85 16.99
CA GLU BA 234 53.67 14.62 16.01
C GLU BA 234 55.00 15.09 16.61
N LEU BA 235 54.99 16.16 17.40
CA LEU BA 235 56.21 16.83 17.93
C LEU BA 235 56.87 15.97 18.98
N ALA BA 236 56.16 15.05 19.65
CA ALA BA 236 56.71 14.26 20.78
C ALA BA 236 58.13 13.75 20.49
N GLU BA 237 58.38 13.14 19.32
CA GLU BA 237 59.69 12.55 18.97
C GLU BA 237 60.74 13.70 18.94
N SER BA 238 60.54 14.71 18.08
CA SER BA 238 61.44 15.86 17.85
C SER BA 238 61.78 16.47 19.24
N ALA BA 239 60.80 16.57 20.15
CA ALA BA 239 60.89 17.22 21.49
C ALA BA 239 61.75 16.38 22.45
N ALA BA 240 61.69 15.08 22.34
CA ALA BA 240 62.50 14.19 23.18
C ALA BA 240 63.93 14.19 22.67
N GLN BA 241 64.14 14.54 21.41
CA GLN BA 241 65.49 14.45 20.81
C GLN BA 241 66.26 15.75 20.99
N PHE BA 242 65.53 16.89 21.03
CA PHE BA 242 66.07 18.27 20.97
C PHE BA 242 65.41 19.16 22.02
N PRO BA 243 66.15 19.55 23.08
CA PRO BA 243 65.60 20.45 24.10
C PRO BA 243 65.06 21.72 23.45
N GLU BA 244 65.70 22.15 22.36
CA GLU BA 244 65.26 23.38 21.67
C GLU BA 244 63.84 23.16 21.12
N VAL BA 245 63.52 21.97 20.61
CA VAL BA 245 62.15 21.65 20.08
C VAL BA 245 61.19 21.49 21.27
N ALA BA 246 61.66 20.97 22.38
CA ALA BA 246 60.79 20.74 23.56
C ALA BA 246 60.28 22.09 24.09
N VAL BA 247 61.10 23.12 23.99
CA VAL BA 247 60.76 24.52 24.36
C VAL BA 247 59.61 24.96 23.46
N PHE BA 248 59.70 24.68 22.16
CA PHE BA 248 58.64 24.97 21.15
C PHE BA 248 57.40 24.11 21.50
N ARG BA 249 57.49 22.76 21.70
CA ARG BA 249 56.29 21.93 21.96
C ARG BA 249 55.62 22.52 23.20
N ASP BA 250 56.42 22.84 24.23
CA ASP BA 250 55.93 23.37 25.54
C ASP BA 250 55.17 24.70 25.33
N SER BA 251 55.67 25.67 24.55
CA SER BA 251 54.96 26.95 24.36
C SER BA 251 53.58 26.68 23.79
N ILE BA 252 53.49 25.63 22.98
CA ILE BA 252 52.23 25.36 22.22
C ILE BA 252 51.28 24.65 23.16
N GLN BA 253 51.79 23.68 23.90
CA GLN BA 253 50.96 22.93 24.88
C GLN BA 253 50.32 23.92 25.84
N SER BA 254 51.06 24.91 26.34
CA SER BA 254 50.59 25.68 27.52
C SER BA 254 49.63 26.79 27.08
N ALA BA 255 49.34 26.95 25.80
CA ALA BA 255 48.47 28.03 25.30
C ALA BA 255 47.01 27.55 25.20
N THR BA 256 46.83 26.22 25.11
CA THR BA 256 45.66 25.53 24.49
C THR BA 256 45.23 24.40 25.39
N ARG BA 257 44.27 24.56 26.27
CA ARG BA 257 43.72 23.35 26.93
C ARG BA 257 42.58 22.85 26.03
N GLY BA 258 41.61 23.74 25.79
CA GLY BA 258 40.42 23.44 24.99
C GLY BA 258 39.25 22.99 25.84
N ILE BA 259 38.10 22.87 25.21
CA ILE BA 259 36.88 22.36 25.86
C ILE BA 259 36.62 20.97 25.31
N THR BA 260 36.01 20.12 26.13
CA THR BA 260 35.45 18.81 25.74
C THR BA 260 34.50 19.07 24.59
N ARG BA 261 34.73 18.48 23.42
CA ARG BA 261 33.71 18.34 22.35
C ARG BA 261 33.09 16.98 22.51
N MET CA 4 64.85 90.79 32.97
CA MET CA 4 64.60 89.73 31.91
C MET CA 4 65.93 88.94 31.74
N SER CA 5 65.93 87.71 31.17
CA SER CA 5 67.17 86.93 30.79
C SER CA 5 66.83 85.57 30.15
N LEU CA 6 67.67 85.12 29.21
CA LEU CA 6 67.28 84.20 28.11
C LEU CA 6 67.48 82.74 28.48
N ILE CA 7 68.67 82.41 28.96
CA ILE CA 7 69.03 81.07 29.53
C ILE CA 7 68.50 81.04 30.95
N ASP CA 8 67.49 80.21 31.25
CA ASP CA 8 66.91 80.14 32.62
C ASP CA 8 68.02 79.66 33.57
N PRO CA 9 68.15 80.25 34.78
CA PRO CA 9 69.17 79.75 35.73
C PRO CA 9 68.85 78.38 36.35
N ARG CA 10 67.63 77.83 36.15
CA ARG CA 10 67.27 76.44 36.59
C ARG CA 10 67.69 75.43 35.52
N ALA CA 11 68.16 75.89 34.35
CA ALA CA 11 68.77 75.04 33.32
C ALA CA 11 70.21 74.77 33.72
N ILE CA 12 70.77 73.69 33.19
CA ILE CA 12 72.19 73.29 33.30
C ILE CA 12 72.78 73.37 31.90
N ILE CA 13 73.60 74.36 31.62
CA ILE CA 13 74.47 74.43 30.40
C ILE CA 13 75.82 73.80 30.73
N ASP CA 14 76.27 72.78 30.02
CA ASP CA 14 77.63 72.24 30.22
C ASP CA 14 78.60 73.35 29.81
N PRO CA 15 79.78 73.50 30.43
CA PRO CA 15 80.73 74.55 30.02
C PRO CA 15 81.26 74.40 28.57
N SER CA 16 81.53 73.17 28.10
CA SER CA 16 82.02 72.91 26.71
C SER CA 16 80.90 73.19 25.70
N ALA CA 17 79.66 73.35 26.16
CA ALA CA 17 78.52 73.77 25.29
C ALA CA 17 78.86 75.13 24.73
N ARG CA 18 78.37 75.45 23.53
CA ARG CA 18 78.65 76.76 22.89
C ARG CA 18 77.41 77.24 22.14
N LEU CA 19 76.60 78.07 22.82
CA LEU CA 19 75.32 78.70 22.38
C LEU CA 19 75.57 80.12 21.82
N ALA CA 20 75.06 80.45 20.63
CA ALA CA 20 75.01 81.83 20.09
C ALA CA 20 74.18 82.75 21.03
N ALA CA 21 74.18 84.06 20.72
CA ALA CA 21 73.85 85.20 21.62
C ALA CA 21 72.41 85.07 22.17
N ASP CA 22 71.40 85.06 21.28
CA ASP CA 22 69.96 85.28 21.62
C ASP CA 22 69.20 83.95 21.86
N VAL CA 23 69.91 82.82 21.85
CA VAL CA 23 69.39 81.47 22.22
C VAL CA 23 68.61 81.57 23.55
N GLN CA 24 67.43 80.94 23.65
CA GLN CA 24 66.74 80.76 24.95
C GLN CA 24 66.83 79.31 25.40
N VAL CA 25 66.83 79.09 26.72
CA VAL CA 25 66.69 77.76 27.33
C VAL CA 25 65.73 77.88 28.52
N GLY CA 26 64.66 77.11 28.46
CA GLY CA 26 63.66 76.99 29.54
C GLY CA 26 64.32 76.35 30.76
N PRO CA 27 63.62 76.38 31.92
CA PRO CA 27 64.06 75.69 33.13
C PRO CA 27 64.17 74.18 32.99
N TRP CA 28 65.16 73.59 33.65
CA TRP CA 28 65.29 72.12 33.80
C TRP CA 28 65.66 71.47 32.46
N SER CA 29 65.91 72.28 31.45
CA SER CA 29 66.54 71.72 30.25
C SER CA 29 68.01 71.51 30.56
N ILE CA 30 68.61 70.51 29.92
CA ILE CA 30 70.06 70.19 30.04
C ILE CA 30 70.71 70.35 28.67
N VAL CA 31 71.67 71.27 28.53
CA VAL CA 31 72.54 71.33 27.32
C VAL CA 31 73.89 70.68 27.64
N GLY CA 32 74.02 69.37 27.36
CA GLY CA 32 75.21 68.56 27.71
C GLY CA 32 76.43 69.01 26.93
N ALA CA 33 77.53 68.27 27.14
CA ALA CA 33 78.86 68.57 26.56
C ALA CA 33 78.73 68.60 25.05
N GLU CA 34 79.49 69.48 24.37
CA GLU CA 34 79.75 69.34 22.91
C GLU CA 34 78.45 69.64 22.13
N VAL CA 35 77.54 70.42 22.71
CA VAL CA 35 76.31 70.85 22.00
C VAL CA 35 76.56 72.28 21.55
N GLU CA 36 76.31 72.52 20.27
CA GLU CA 36 76.38 73.84 19.59
C GLU CA 36 74.94 74.24 19.27
N ILE CA 37 74.51 75.44 19.60
CA ILE CA 37 73.13 75.91 19.26
C ILE CA 37 73.25 77.23 18.52
N GLY CA 38 72.80 77.26 17.28
CA GLY CA 38 72.87 78.43 16.38
C GLY CA 38 72.01 79.59 16.88
N GLU CA 39 72.32 80.79 16.37
CA GLU CA 39 71.54 82.04 16.51
C GLU CA 39 70.02 81.76 16.44
N GLY CA 40 69.20 82.41 17.25
CA GLY CA 40 67.73 82.45 17.04
C GLY CA 40 67.00 81.28 17.65
N THR CA 41 67.70 80.27 18.15
CA THR CA 41 67.06 78.97 18.51
C THR CA 41 66.40 79.12 19.88
N VAL CA 42 65.31 78.40 20.12
CA VAL CA 42 64.61 78.41 21.43
C VAL CA 42 64.50 76.96 21.90
N ILE CA 43 65.10 76.69 23.05
CA ILE CA 43 64.90 75.44 23.82
C ILE CA 43 63.85 75.70 24.89
N GLY CA 44 62.85 74.83 24.93
CA GLY CA 44 61.81 74.83 25.97
C GLY CA 44 62.36 74.31 27.29
N PRO CA 45 61.47 74.16 28.29
CA PRO CA 45 61.80 73.54 29.57
C PRO CA 45 61.90 72.01 29.43
N HIS CA 46 62.44 71.29 30.42
CA HIS CA 46 62.37 69.81 30.47
C HIS CA 46 62.83 69.19 29.12
N VAL CA 47 63.92 69.70 28.55
CA VAL CA 47 64.53 69.19 27.30
C VAL CA 47 65.87 68.61 27.70
N VAL CA 48 66.32 67.57 27.02
CA VAL CA 48 67.70 67.04 27.20
C VAL CA 48 68.42 67.13 25.86
N LEU CA 49 69.47 67.93 25.73
CA LEU CA 49 70.35 67.82 24.54
C LEU CA 49 71.64 67.12 24.98
N LYS CA 50 72.06 66.08 24.23
CA LYS CA 50 73.32 65.31 24.43
C LYS CA 50 74.09 65.52 23.12
N GLY CA 51 75.41 65.47 23.16
CA GLY CA 51 76.28 65.77 22.01
C GLY CA 51 77.10 64.53 21.68
N PRO CA 52 78.05 64.63 20.72
CA PRO CA 52 78.26 65.85 19.95
C PRO CA 52 77.13 66.17 18.96
N THR CA 53 76.53 67.36 19.09
CA THR CA 53 75.33 67.77 18.32
C THR CA 53 75.43 69.24 17.88
N LYS CA 54 75.31 69.50 16.58
CA LYS CA 54 75.29 70.87 16.00
C LYS CA 54 73.83 71.12 15.62
N ILE CA 55 73.11 71.95 16.39
CA ILE CA 55 71.74 72.46 16.09
C ILE CA 55 71.95 73.85 15.50
N GLY CA 56 71.39 74.10 14.31
CA GLY CA 56 71.51 75.41 13.61
C GLY CA 56 70.58 76.48 14.20
N LYS CA 57 69.90 77.26 13.35
CA LYS CA 57 69.33 78.59 13.71
C LYS CA 57 67.78 78.60 13.78
N HIS CA 58 67.19 79.48 14.58
CA HIS CA 58 65.73 79.74 14.64
C HIS CA 58 64.97 78.42 14.70
N ASN CA 59 65.46 77.47 15.48
CA ASN CA 59 64.73 76.22 15.79
C ASN CA 59 63.90 76.45 17.07
N ARG CA 60 62.83 75.69 17.21
CA ARG CA 60 61.99 75.59 18.43
C ARG CA 60 62.17 74.12 18.83
N ILE CA 61 62.41 73.78 20.09
CA ILE CA 61 62.44 72.36 20.57
C ILE CA 61 61.60 72.28 21.83
N TYR CA 62 60.58 71.43 21.88
CA TYR CA 62 59.60 71.44 23.00
C TYR CA 62 60.03 70.46 24.09
N GLN CA 63 59.40 70.62 25.25
CA GLN CA 63 59.55 69.82 26.49
C GLN CA 63 59.57 68.32 26.18
N PHE CA 64 60.41 67.57 26.91
CA PHE CA 64 60.39 66.08 27.07
C PHE CA 64 61.04 65.34 25.89
N SER CA 65 61.58 66.18 25.00
CA SER CA 65 62.41 65.80 23.84
C SER CA 65 63.79 65.44 24.37
N SER CA 66 64.34 64.39 23.81
CA SER CA 66 65.68 63.91 24.13
C SER CA 66 66.38 63.94 22.77
N VAL CA 67 67.20 64.96 22.54
CA VAL CA 67 67.87 65.21 21.24
C VAL CA 67 69.39 64.98 21.39
N GLY CA 68 69.93 64.04 20.64
CA GLY CA 68 71.38 63.78 20.52
C GLY CA 68 71.81 62.58 21.35
N GLU CA 69 70.86 61.83 21.92
CA GLU CA 69 71.14 60.68 22.80
C GLU CA 69 71.72 59.55 21.94
N ASP CA 70 72.39 58.58 22.53
CA ASP CA 70 72.94 57.43 21.76
C ASP CA 70 71.81 56.52 21.29
N THR CA 71 71.93 55.81 20.17
CA THR CA 71 70.91 54.75 19.89
C THR CA 71 71.14 53.67 20.93
N PRO CA 72 70.11 52.97 21.41
CA PRO CA 72 70.34 51.78 22.22
C PRO CA 72 70.73 50.54 21.41
N ASP CA 73 70.62 50.55 20.06
CA ASP CA 73 70.97 49.34 19.26
C ASP CA 73 72.36 48.86 19.71
N LEU CA 74 72.47 47.57 20.00
CA LEU CA 74 73.68 46.94 20.53
C LEU CA 74 74.80 47.10 19.49
N LYS CA 75 74.43 47.21 18.22
CA LYS CA 75 75.30 47.50 17.05
C LYS CA 75 76.32 48.60 17.41
N TYR CA 76 75.95 49.52 18.30
CA TYR CA 76 76.74 50.72 18.71
C TYR CA 76 77.26 50.57 20.15
N LYS CA 77 78.57 50.83 20.36
CA LYS CA 77 79.18 50.84 21.71
C LYS CA 77 80.07 52.09 21.85
N GLY CA 78 79.47 53.26 22.06
CA GLY CA 78 80.09 54.49 22.58
C GLY CA 78 81.00 55.25 21.59
N GLU CA 79 81.12 54.85 20.32
CA GLU CA 79 82.01 55.55 19.33
C GLU CA 79 81.60 57.04 19.25
N PRO CA 80 82.49 57.98 18.84
CA PRO CA 80 82.13 59.40 18.80
C PRO CA 80 81.32 59.63 17.51
N THR CA 81 80.02 59.83 17.59
CA THR CA 81 79.18 59.98 16.39
C THR CA 81 78.47 61.31 16.56
N ARG CA 82 77.96 61.91 15.50
CA ARG CA 82 77.38 63.29 15.53
C ARG CA 82 75.86 63.25 15.35
N LEU CA 83 75.18 64.32 15.77
CA LEU CA 83 73.87 64.77 15.23
C LEU CA 83 74.05 66.18 14.66
N VAL CA 84 73.56 66.42 13.44
CA VAL CA 84 73.47 67.78 12.82
C VAL CA 84 71.99 68.07 12.57
N ILE CA 85 71.56 69.26 12.97
CA ILE CA 85 70.22 69.82 12.67
C ILE CA 85 70.43 71.19 12.02
N GLY CA 86 69.83 71.40 10.85
CA GLY CA 86 69.83 72.70 10.16
C GLY CA 86 68.98 73.75 10.87
N ASP CA 87 68.27 74.56 10.08
CA ASP CA 87 67.64 75.82 10.56
C ASP CA 87 66.12 75.74 10.37
N HIS CA 88 65.40 76.62 11.07
CA HIS CA 88 63.94 76.83 10.98
C HIS CA 88 63.19 75.52 11.19
N ASN CA 89 63.58 74.66 12.12
CA ASN CA 89 62.90 73.36 12.36
C ASN CA 89 62.06 73.54 13.62
N VAL CA 90 60.94 72.82 13.71
CA VAL CA 90 60.11 72.69 14.94
C VAL CA 90 60.13 71.22 15.37
N ILE CA 91 60.65 70.93 16.54
CA ILE CA 91 60.68 69.58 17.17
C ILE CA 91 59.71 69.63 18.36
N ARG CA 92 58.61 68.90 18.30
CA ARG CA 92 57.49 69.06 19.24
C ARG CA 92 57.73 68.21 20.49
N GLU CA 93 56.69 68.04 21.29
CA GLU CA 93 56.87 67.58 22.67
C GLU CA 93 57.31 66.11 22.62
N GLY CA 94 58.37 65.77 23.33
CA GLY CA 94 58.74 64.37 23.59
C GLY CA 94 59.40 63.67 22.40
N VAL CA 95 59.91 64.42 21.43
CA VAL CA 95 60.61 63.79 20.28
C VAL CA 95 61.95 63.21 20.75
N THR CA 96 62.32 62.10 20.13
CA THR CA 96 63.64 61.44 20.29
C THR CA 96 64.45 61.53 18.99
N ILE CA 97 65.72 61.90 19.11
CA ILE CA 97 66.68 61.98 17.99
C ILE CA 97 67.98 61.39 18.53
N HIS CA 98 68.46 60.35 17.86
CA HIS CA 98 69.73 59.66 18.20
C HIS CA 98 70.82 60.09 17.24
N ARG CA 99 72.04 60.25 17.75
CA ARG CA 99 73.23 60.46 16.90
C ARG CA 99 73.48 59.19 16.08
N GLY CA 100 74.37 59.28 15.10
CA GLY CA 100 74.70 58.13 14.24
C GLY CA 100 75.48 57.04 14.94
N THR CA 101 76.00 56.20 14.04
CA THR CA 101 76.80 54.98 14.26
C THR CA 101 77.97 54.93 13.25
N VAL CA 102 79.13 54.40 13.66
CA VAL CA 102 80.36 54.34 12.81
C VAL CA 102 80.17 53.45 11.58
N GLN CA 103 79.26 52.49 11.60
CA GLN CA 103 79.10 51.54 10.49
C GLN CA 103 78.47 52.26 9.27
N ASP CA 104 78.08 53.53 9.35
CA ASP CA 104 77.44 54.19 8.19
C ASP CA 104 78.17 55.53 7.94
N ARG CA 105 77.64 56.67 8.36
CA ARG CA 105 78.38 57.94 8.20
C ARG CA 105 78.56 58.60 9.55
N ALA CA 106 78.39 57.88 10.66
CA ALA CA 106 78.65 58.41 12.02
C ALA CA 106 77.76 59.63 12.32
N GLU CA 107 76.73 59.89 11.52
CA GLU CA 107 76.00 61.17 11.59
C GLU CA 107 74.51 60.94 11.38
N THR CA 108 73.68 61.51 12.25
CA THR CA 108 72.23 61.72 12.01
C THR CA 108 72.04 63.18 11.63
N THR CA 109 71.35 63.45 10.53
CA THR CA 109 71.26 64.78 9.84
C THR CA 109 69.79 65.17 9.59
N ILE CA 110 69.42 66.37 9.97
CA ILE CA 110 68.10 66.96 9.66
C ILE CA 110 68.35 68.31 8.99
N GLY CA 111 67.69 68.55 7.87
CA GLY CA 111 67.86 69.78 7.10
C GLY CA 111 67.12 70.96 7.71
N ASP CA 112 66.43 71.73 6.86
CA ASP CA 112 65.83 73.03 7.24
C ASP CA 112 64.31 72.92 7.20
N HIS CA 113 63.63 73.80 7.94
CA HIS CA 113 62.16 74.02 7.84
C HIS CA 113 61.38 72.70 7.98
N ASN CA 114 61.82 71.75 8.79
CA ASN CA 114 61.02 70.54 9.00
C ASN CA 114 60.17 70.72 10.25
N LEU CA 115 59.09 69.96 10.31
CA LEU CA 115 58.13 69.94 11.43
C LEU CA 115 58.06 68.49 11.96
N ILE CA 116 58.64 68.24 13.13
CA ILE CA 116 58.67 66.88 13.69
C ILE CA 116 57.77 66.89 14.90
N MET CA 117 56.63 66.22 14.82
CA MET CA 117 55.55 66.35 15.82
C MET CA 117 55.79 65.40 17.00
N ALA CA 118 54.91 65.49 18.00
CA ALA CA 118 55.08 64.86 19.31
C ALA CA 118 55.45 63.38 19.18
N TYR CA 119 56.40 62.97 20.00
CA TYR CA 119 56.73 61.56 20.26
C TYR CA 119 57.27 60.91 18.99
N ALA CA 120 57.54 61.70 17.95
CA ALA CA 120 58.21 61.19 16.73
C ALA CA 120 59.59 60.74 17.11
N HIS CA 121 60.17 59.83 16.34
CA HIS CA 121 61.49 59.22 16.66
C HIS CA 121 62.31 59.21 15.40
N ILE CA 122 63.50 59.80 15.48
CA ILE CA 122 64.47 59.83 14.34
C ILE CA 122 65.72 59.03 14.74
N GLY CA 123 65.68 57.73 14.44
CA GLY CA 123 66.72 56.74 14.72
C GLY CA 123 68.05 57.08 14.08
N HIS CA 124 69.13 56.54 14.64
CA HIS CA 124 70.52 56.83 14.21
C HIS CA 124 70.64 56.83 12.70
N ASP CA 125 71.36 57.80 12.15
CA ASP CA 125 71.89 57.75 10.77
C ASP CA 125 70.81 58.14 9.75
N SER CA 126 69.60 58.38 10.24
CA SER CA 126 68.49 58.92 9.44
C SER CA 126 68.95 60.28 8.89
N VAL CA 127 68.38 60.68 7.76
CA VAL CA 127 68.76 61.93 7.05
C VAL CA 127 67.48 62.56 6.52
N ILE CA 128 67.08 63.67 7.09
CA ILE CA 128 65.86 64.42 6.67
C ILE CA 128 66.29 65.67 5.90
N GLY CA 129 65.69 65.87 4.74
CA GLY CA 129 65.99 67.00 3.85
C GLY CA 129 65.32 68.20 4.44
N ASN CA 130 64.42 68.84 3.67
CA ASN CA 130 63.84 70.15 4.01
C ASN CA 130 62.33 70.10 3.83
N HIS CA 131 61.62 70.91 4.61
CA HIS CA 131 60.14 71.11 4.47
C HIS CA 131 59.42 69.77 4.62
N CYS CA 132 59.92 68.83 5.42
CA CYS CA 132 59.15 67.60 5.64
C CYS CA 132 58.28 67.79 6.89
N ILE CA 133 57.21 67.02 6.97
CA ILE CA 133 56.35 66.94 8.18
C ILE CA 133 56.33 65.48 8.64
N LEU CA 134 56.86 65.19 9.81
CA LEU CA 134 56.71 63.90 10.49
C LEU CA 134 55.63 64.04 11.58
N VAL CA 135 54.47 63.42 11.40
CA VAL CA 135 53.34 63.68 12.32
C VAL CA 135 53.54 62.78 13.55
N ASN CA 136 52.74 63.00 14.59
CA ASN CA 136 52.88 62.33 15.90
C ASN CA 136 53.32 60.88 15.74
N ASN CA 137 54.39 60.54 16.45
CA ASN CA 137 54.68 59.15 16.83
C ASN CA 137 55.23 58.45 15.57
N THR CA 138 55.57 59.19 14.53
CA THR CA 138 56.34 58.69 13.38
C THR CA 138 57.69 58.21 13.90
N ALA CA 139 58.22 57.19 13.26
CA ALA CA 139 59.36 56.43 13.80
C ALA CA 139 60.22 55.96 12.63
N LEU CA 140 61.42 56.53 12.52
CA LEU CA 140 62.46 56.14 11.54
C LEU CA 140 63.40 55.19 12.27
N ALA CA 141 63.42 53.91 11.93
CA ALA CA 141 64.13 52.88 12.71
C ALA CA 141 65.61 53.19 12.70
N GLY CA 142 66.11 53.59 11.52
CA GLY CA 142 67.53 53.93 11.33
C GLY CA 142 68.02 53.96 9.88
N HIS CA 143 68.92 54.89 9.58
CA HIS CA 143 69.54 54.97 8.24
C HIS CA 143 68.44 55.27 7.23
N VAL CA 144 67.33 55.89 7.67
CA VAL CA 144 66.17 56.29 6.81
C VAL CA 144 66.41 57.67 6.21
N HIS CA 145 66.17 57.78 4.90
CA HIS CA 145 66.44 59.02 4.12
C HIS CA 145 65.08 59.59 3.70
N VAL CA 146 64.62 60.66 4.33
CA VAL CA 146 63.39 61.38 3.93
C VAL CA 146 63.84 62.57 3.09
N ASP CA 147 63.49 62.57 1.82
CA ASP CA 147 63.77 63.65 0.85
C ASP CA 147 62.70 64.75 0.99
N ASP CA 148 62.89 65.87 0.32
CA ASP CA 148 62.16 67.12 0.61
C ASP CA 148 60.66 66.96 0.45
N TRP CA 149 59.90 67.66 1.32
CA TRP CA 149 58.43 67.88 1.23
C TRP CA 149 57.67 66.60 1.57
N ALA CA 150 58.36 65.57 2.00
CA ALA CA 150 57.70 64.30 2.37
C ALA CA 150 56.77 64.63 3.51
N ILE CA 151 55.65 63.95 3.58
CA ILE CA 151 54.76 63.97 4.77
C ILE CA 151 54.57 62.53 5.23
N LEU CA 152 54.95 62.24 6.46
CA LEU CA 152 54.64 60.95 7.10
C LEU CA 152 53.53 61.22 8.09
N SER CA 153 52.37 60.65 7.81
CA SER CA 153 51.16 60.83 8.62
C SER CA 153 51.41 60.20 9.99
N GLY CA 154 50.50 60.43 10.92
CA GLY CA 154 50.61 59.93 12.29
C GLY CA 154 51.00 58.47 12.36
N TYR CA 155 51.91 58.13 13.27
CA TYR CA 155 52.17 56.73 13.64
C TYR CA 155 52.67 55.90 12.44
N THR CA 156 53.36 56.56 11.50
CA THR CA 156 54.11 55.90 10.40
C THR CA 156 55.40 55.26 10.92
N LEU CA 157 55.57 53.97 10.70
CA LEU CA 157 56.84 53.29 11.01
C LEU CA 157 57.57 53.09 9.70
N VAL CA 158 58.89 53.34 9.68
CA VAL CA 158 59.77 53.14 8.50
C VAL CA 158 60.90 52.17 8.88
N HIS CA 159 61.05 51.09 8.14
CA HIS CA 159 62.05 50.00 8.37
C HIS CA 159 63.41 50.59 8.05
N GLN CA 160 64.47 50.01 8.60
CA GLN CA 160 65.85 50.54 8.41
CA GLN CA 160 65.86 50.49 8.42
C GLN CA 160 66.17 50.59 6.92
N TYR CA 161 66.88 51.63 6.50
CA TYR CA 161 67.51 51.86 5.17
C TYR CA 161 66.52 52.36 4.09
N CYS CA 162 65.23 52.39 4.39
CA CYS CA 162 64.21 52.84 3.40
C CYS CA 162 64.43 54.31 3.03
N ARG CA 163 64.19 54.63 1.77
CA ARG CA 163 64.31 56.00 1.25
C ARG CA 163 62.86 56.43 0.98
N ILE CA 164 62.43 57.50 1.64
CA ILE CA 164 61.08 58.07 1.49
C ILE CA 164 61.21 59.19 0.50
N GLY CA 165 60.59 59.04 -0.67
CA GLY CA 165 60.82 59.96 -1.80
C GLY CA 165 60.35 61.38 -1.51
N ALA CA 166 60.87 62.33 -2.26
CA ALA CA 166 60.36 63.71 -2.21
C ALA CA 166 58.86 63.77 -2.54
N HIS CA 167 58.18 64.68 -1.85
CA HIS CA 167 56.73 64.97 -2.04
C HIS CA 167 55.90 63.74 -1.76
N SER CA 168 56.54 62.67 -1.29
CA SER CA 168 55.81 61.42 -0.98
C SER CA 168 54.90 61.69 0.22
N PHE CA 169 53.93 60.80 0.38
CA PHE CA 169 52.95 60.88 1.49
C PHE CA 169 52.58 59.48 2.00
N SER CA 170 52.58 59.30 3.32
CA SER CA 170 52.17 58.04 3.96
C SER CA 170 50.93 58.33 4.79
N GLY CA 171 49.97 57.42 4.76
CA GLY CA 171 48.77 57.51 5.59
C GLY CA 171 48.96 57.02 7.00
N MET CA 172 48.00 57.28 7.87
CA MET CA 172 48.26 57.03 9.29
C MET CA 172 48.47 55.54 9.56
N GLY CA 173 49.38 55.30 10.49
CA GLY CA 173 49.67 53.93 10.90
C GLY CA 173 50.28 53.12 9.77
N SER CA 174 50.90 53.74 8.78
CA SER CA 174 51.57 52.99 7.69
C SER CA 174 52.84 52.35 8.24
N ALA CA 175 53.17 51.18 7.73
CA ALA CA 175 54.38 50.41 8.10
C ALA CA 175 55.20 50.22 6.84
N ILE CA 176 56.20 51.04 6.66
CA ILE CA 176 56.88 51.10 5.36
C ILE CA 176 58.08 50.17 5.47
N GLY CA 177 58.13 49.15 4.63
CA GLY CA 177 59.22 48.15 4.61
C GLY CA 177 60.16 48.36 3.44
N LYS CA 178 59.78 49.19 2.49
CA LYS CA 178 60.51 49.28 1.20
C LYS CA 178 60.41 50.74 0.80
N ASP CA 179 61.20 51.20 -0.16
CA ASP CA 179 61.27 52.65 -0.50
C ASP CA 179 59.91 53.12 -1.01
N VAL CA 180 59.67 54.40 -0.84
CA VAL CA 180 58.48 55.10 -1.31
C VAL CA 180 58.98 56.06 -2.35
N PRO CA 181 58.64 55.84 -3.62
CA PRO CA 181 59.12 56.73 -4.65
C PRO CA 181 58.57 58.14 -4.41
N ALA CA 182 59.20 59.08 -5.05
CA ALA CA 182 58.81 60.48 -4.99
C ALA CA 182 57.32 60.58 -5.37
N TYR CA 183 56.59 61.45 -4.70
CA TYR CA 183 55.18 61.79 -4.98
C TYR CA 183 54.26 60.61 -4.62
N VAL CA 184 54.74 59.40 -4.36
CA VAL CA 184 53.75 58.29 -4.19
C VAL CA 184 53.04 58.46 -2.84
N THR CA 185 51.79 58.04 -2.78
CA THR CA 185 51.03 57.84 -1.50
C THR CA 185 51.01 56.35 -1.13
N VAL CA 186 51.28 56.04 0.14
CA VAL CA 186 51.29 54.65 0.66
C VAL CA 186 50.39 54.56 1.89
N PHE CA 187 49.76 53.41 2.11
CA PHE CA 187 48.74 53.21 3.15
C PHE CA 187 48.89 51.79 3.65
N GLY CA 188 48.74 51.59 4.95
CA GLY CA 188 48.53 50.26 5.53
C GLY CA 188 49.79 49.62 6.08
N ASN CA 189 49.58 48.44 6.66
CA ASN CA 189 50.66 47.59 7.20
C ASN CA 189 50.44 46.20 6.62
N PRO CA 190 51.19 45.76 5.60
CA PRO CA 190 52.33 46.51 5.05
C PRO CA 190 51.93 47.65 4.12
N ALA CA 191 52.65 48.76 4.11
CA ALA CA 191 52.40 49.94 3.24
C ALA CA 191 52.16 49.53 1.78
N GLU CA 192 51.15 50.01 1.08
CA GLU CA 192 51.03 49.75 -0.38
C GLU CA 192 50.80 51.08 -1.09
N ALA CA 193 51.22 51.17 -2.34
CA ALA CA 193 50.99 52.37 -3.16
C ALA CA 193 49.50 52.46 -3.53
N ARG CA 194 48.99 53.67 -3.53
CA ARG CA 194 47.59 53.93 -3.90
C ARG CA 194 47.51 54.92 -5.06
N SER CA 195 48.28 55.99 -5.00
CA SER CA 195 48.24 57.12 -5.96
C SER CA 195 49.46 58.00 -5.74
N MET CA 196 49.31 59.23 -6.18
CA MET CA 196 50.35 60.26 -6.11
C MET CA 196 49.78 61.42 -5.31
N ASN CA 197 50.67 62.17 -4.70
CA ASN CA 197 50.33 63.29 -3.79
C ASN CA 197 50.06 64.51 -4.64
N PHE CA 198 48.90 64.55 -5.28
CA PHE CA 198 48.51 65.66 -6.17
C PHE CA 198 48.30 66.95 -5.36
N GLU CA 199 47.75 66.82 -4.14
CA GLU CA 199 47.54 67.98 -3.24
C GLU CA 199 48.92 68.62 -3.11
N GLY CA 200 49.96 67.81 -2.93
CA GLY CA 200 51.34 68.28 -2.72
C GLY CA 200 51.85 68.99 -3.95
N MET CA 201 51.51 68.47 -5.12
CA MET CA 201 52.05 69.00 -6.40
C MET CA 201 51.49 70.40 -6.62
N ARG CA 202 50.20 70.55 -6.31
CA ARG CA 202 49.43 71.80 -6.48
C ARG CA 202 50.05 72.91 -5.64
N ARG CA 203 50.23 72.60 -4.35
CA ARG CA 203 50.93 73.43 -3.35
C ARG CA 203 52.26 73.89 -3.91
N ARG CA 204 53.06 73.10 -4.63
CA ARG CA 204 54.39 73.62 -5.10
C ARG CA 204 54.23 74.31 -6.47
N GLY CA 205 53.00 74.57 -6.92
CA GLY CA 205 52.72 75.28 -8.19
C GLY CA 205 53.25 74.52 -9.38
N PHE CA 206 53.02 73.20 -9.44
CA PHE CA 206 53.46 72.36 -10.58
C PHE CA 206 52.55 72.64 -11.78
N SER CA 207 53.01 72.51 -13.02
CA SER CA 207 52.13 72.77 -14.19
C SER CA 207 51.09 71.66 -14.24
N SER CA 208 49.94 71.86 -14.86
CA SER CA 208 48.97 70.74 -14.96
C SER CA 208 49.48 69.69 -15.94
N GLU CA 209 50.30 70.08 -16.92
CA GLU CA 209 50.97 69.14 -17.84
C GLU CA 209 51.82 68.17 -16.99
N ALA CA 210 52.54 68.70 -16.02
CA ALA CA 210 53.50 67.87 -15.25
C ALA CA 210 52.72 66.98 -14.29
N ILE CA 211 51.62 67.48 -13.78
CA ILE CA 211 50.76 66.65 -12.89
C ILE CA 211 50.29 65.41 -13.68
N HIS CA 212 49.73 65.63 -14.86
CA HIS CA 212 49.19 64.54 -15.68
C HIS CA 212 50.32 63.60 -16.06
N ALA CA 213 51.51 64.12 -16.26
CA ALA CA 213 52.68 63.31 -16.65
C ALA CA 213 53.04 62.34 -15.52
N LEU CA 214 52.84 62.79 -14.28
CA LEU CA 214 53.16 62.00 -13.08
C LEU CA 214 52.06 60.99 -12.81
N ARG CA 215 50.82 61.29 -13.19
CA ARG CA 215 49.77 60.26 -13.16
C ARG CA 215 50.13 59.19 -14.17
N ARG CA 216 50.57 59.56 -15.36
CA ARG CA 216 50.84 58.50 -16.34
C ARG CA 216 52.03 57.71 -15.87
N ALA CA 217 53.00 58.39 -15.26
CA ALA CA 217 54.17 57.68 -14.71
C ALA CA 217 53.70 56.69 -13.65
N TYR CA 218 52.75 57.05 -12.80
CA TYR CA 218 52.33 56.12 -11.72
C TYR CA 218 51.72 54.91 -12.39
N LYS CA 219 50.88 55.14 -13.38
CA LYS CA 219 50.26 54.06 -14.16
C LYS CA 219 51.36 53.16 -14.74
N VAL CA 220 52.40 53.70 -15.36
CA VAL CA 220 53.47 52.89 -16.03
C VAL CA 220 54.07 51.92 -14.99
N VAL CA 221 54.27 52.42 -13.77
CA VAL CA 221 55.01 51.69 -12.69
C VAL CA 221 54.07 50.75 -11.92
N TYR CA 222 52.80 51.04 -11.76
CA TYR CA 222 51.99 50.35 -10.73
C TYR CA 222 50.78 49.67 -11.39
N ARG CA 223 50.25 50.17 -12.48
CA ARG CA 223 48.85 49.86 -12.88
C ARG CA 223 48.99 49.19 -14.28
N GLN CA 224 50.12 48.61 -14.70
CA GLN CA 224 50.23 48.01 -16.08
C GLN CA 224 51.01 46.68 -16.15
N GLY CA 225 51.18 45.98 -15.02
CA GLY CA 225 52.00 44.74 -14.92
C GLY CA 225 53.36 44.84 -15.57
N HIS CA 226 53.99 46.01 -15.67
CA HIS CA 226 55.40 46.11 -16.14
C HIS CA 226 56.28 45.59 -14.99
N THR CA 227 57.40 44.90 -15.25
CA THR CA 227 58.40 44.68 -14.15
C THR CA 227 58.91 46.06 -13.73
N VAL CA 228 59.77 46.14 -12.74
CA VAL CA 228 60.34 47.46 -12.41
C VAL CA 228 61.24 47.87 -13.58
N GLU CA 229 62.06 47.01 -14.17
CA GLU CA 229 62.97 47.55 -15.21
C GLU CA 229 62.20 47.76 -16.50
N GLU CA 230 61.08 47.10 -16.72
CA GLU CA 230 60.23 47.45 -17.90
C GLU CA 230 59.74 48.89 -17.77
N ALA CA 231 59.32 49.23 -16.55
CA ALA CA 231 58.74 50.53 -16.12
C ALA CA 231 59.73 51.64 -16.34
N LEU CA 232 60.92 51.46 -15.80
CA LEU CA 232 62.06 52.42 -15.94
C LEU CA 232 62.31 52.73 -17.40
N ALA CA 233 62.31 51.72 -18.26
CA ALA CA 233 62.61 51.89 -19.70
C ALA CA 233 61.53 52.78 -20.29
N GLU CA 234 60.27 52.45 -19.98
CA GLU CA 234 59.06 53.10 -20.51
C GLU CA 234 59.14 54.55 -20.08
N LEU CA 235 59.61 54.80 -18.84
CA LEU CA 235 59.59 56.14 -18.23
C LEU CA 235 60.65 57.05 -18.84
N ALA CA 236 61.57 56.59 -19.69
CA ALA CA 236 62.72 57.42 -20.14
C ALA CA 236 62.23 58.66 -20.90
N GLU CA 237 61.27 58.49 -21.82
CA GLU CA 237 60.73 59.60 -22.62
C GLU CA 237 60.20 60.68 -21.64
N SER CA 238 59.31 60.29 -20.72
CA SER CA 238 58.57 61.18 -19.77
C SER CA 238 59.58 61.97 -18.92
N ALA CA 239 60.55 61.26 -18.35
CA ALA CA 239 61.68 61.81 -17.56
C ALA CA 239 62.53 62.85 -18.33
N ALA CA 240 62.74 62.69 -19.61
CA ALA CA 240 63.51 63.66 -20.37
C ALA CA 240 62.69 64.91 -20.61
N GLN CA 241 61.37 64.81 -20.50
CA GLN CA 241 60.46 65.92 -20.87
C GLN CA 241 60.12 66.74 -19.64
N PHE CA 242 60.02 66.09 -18.48
CA PHE CA 242 59.51 66.66 -17.21
C PHE CA 242 60.51 66.44 -16.06
N PRO CA 243 61.27 67.48 -15.65
CA PRO CA 243 62.11 67.40 -14.47
C PRO CA 243 61.41 66.63 -13.35
N GLU CA 244 60.13 66.91 -13.18
CA GLU CA 244 59.34 66.37 -12.04
C GLU CA 244 59.18 64.85 -12.20
N VAL CA 245 59.17 64.33 -13.43
CA VAL CA 245 58.96 62.89 -13.68
C VAL CA 245 60.31 62.22 -13.54
N ALA CA 246 61.34 62.87 -14.01
CA ALA CA 246 62.74 62.50 -13.74
C ALA CA 246 62.96 62.19 -12.25
N VAL CA 247 62.39 63.02 -11.37
CA VAL CA 247 62.60 62.90 -9.88
C VAL CA 247 61.98 61.55 -9.48
N PHE CA 248 60.82 61.26 -10.05
CA PHE CA 248 60.11 59.97 -9.89
C PHE CA 248 60.95 58.83 -10.48
N ARG CA 249 61.39 58.91 -11.74
CA ARG CA 249 62.17 57.81 -12.37
C ARG CA 249 63.39 57.58 -11.47
N ASP CA 250 64.07 58.65 -11.02
CA ASP CA 250 65.27 58.54 -10.12
C ASP CA 250 64.90 57.85 -8.80
N SER CA 251 63.77 58.16 -8.15
CA SER CA 251 63.50 57.55 -6.83
C SER CA 251 63.51 56.04 -7.00
N ILE CA 252 63.00 55.59 -8.15
CA ILE CA 252 62.71 54.16 -8.39
C ILE CA 252 64.01 53.47 -8.80
N GLN CA 253 64.76 54.12 -9.70
CA GLN CA 253 66.10 53.68 -10.16
C GLN CA 253 66.95 53.26 -8.95
N SER CA 254 67.02 54.13 -7.94
CA SER CA 254 68.06 54.10 -6.88
C SER CA 254 67.57 53.27 -5.67
N ALA CA 255 66.85 52.20 -5.99
CA ALA CA 255 66.24 51.27 -5.01
C ALA CA 255 66.47 49.83 -5.50
N THR CA 256 66.97 49.68 -6.73
CA THR CA 256 66.45 48.68 -7.70
C THR CA 256 67.54 47.77 -8.25
N ARG CA 257 68.80 47.94 -7.87
CA ARG CA 257 69.94 47.35 -8.63
C ARG CA 257 69.62 45.91 -9.09
N GLY CA 258 69.34 44.99 -8.16
CA GLY CA 258 69.00 43.59 -8.48
C GLY CA 258 70.21 42.71 -8.63
N ILE CA 259 69.97 41.45 -8.97
CA ILE CA 259 71.07 40.47 -9.10
C ILE CA 259 71.10 39.88 -10.51
N THR CA 260 72.29 39.57 -11.02
CA THR CA 260 72.47 38.84 -12.27
C THR CA 260 71.60 37.63 -12.12
N ARG CA 261 70.61 37.47 -13.00
CA ARG CA 261 69.94 36.16 -13.16
C ARG CA 261 70.50 35.41 -14.35
N SER DA 5 53.25 71.84 52.10
CA SER DA 5 52.48 72.91 51.35
C SER DA 5 51.79 72.28 50.13
N LEU DA 6 50.88 72.97 49.41
CA LEU DA 6 49.92 72.31 48.48
C LEU DA 6 50.30 72.59 47.03
N ILE DA 7 50.61 73.85 46.73
CA ILE DA 7 51.44 74.21 45.54
C ILE DA 7 52.92 74.05 45.92
N ASP DA 8 53.67 73.28 45.15
CA ASP DA 8 55.10 72.99 45.43
C ASP DA 8 55.88 74.27 45.13
N PRO DA 9 56.79 74.70 46.05
CA PRO DA 9 57.67 75.84 45.77
C PRO DA 9 58.45 75.73 44.44
N ARG DA 10 58.82 74.54 43.92
CA ARG DA 10 59.64 74.46 42.69
C ARG DA 10 58.76 74.46 41.43
N ALA DA 11 57.41 74.43 41.57
CA ALA DA 11 56.48 74.77 40.47
C ALA DA 11 56.58 76.27 40.12
N ILE DA 12 56.36 76.62 38.87
CA ILE DA 12 56.14 78.01 38.38
C ILE DA 12 54.63 78.18 38.18
N ILE DA 13 54.03 79.28 38.63
CA ILE DA 13 52.59 79.58 38.45
C ILE DA 13 52.45 81.01 37.93
N ASP DA 14 52.34 81.22 36.62
CA ASP DA 14 52.18 82.58 36.04
C ASP DA 14 51.18 83.40 36.87
N PRO DA 15 51.43 84.70 37.16
CA PRO DA 15 50.60 85.39 38.16
C PRO DA 15 49.15 85.60 37.67
N SER DA 16 48.89 85.47 36.37
CA SER DA 16 47.52 85.61 35.80
C SER DA 16 46.81 84.24 35.74
N ALA DA 17 47.38 83.19 36.35
CA ALA DA 17 46.72 81.87 36.52
C ALA DA 17 45.80 81.92 37.72
N ARG DA 18 44.76 81.09 37.78
CA ARG DA 18 43.72 81.19 38.83
C ARG DA 18 43.33 79.77 39.30
N LEU DA 19 43.56 79.48 40.59
CA LEU DA 19 43.61 78.13 41.19
C LEU DA 19 42.75 78.03 42.46
N ALA DA 20 41.45 77.74 42.27
CA ALA DA 20 40.44 77.48 43.33
C ALA DA 20 41.12 76.81 44.54
N ALA DA 21 40.62 77.15 45.74
CA ALA DA 21 41.35 77.17 47.04
C ALA DA 21 42.38 76.03 47.12
N ASP DA 22 41.96 74.74 47.09
CA ASP DA 22 42.73 73.55 47.57
C ASP DA 22 43.37 72.74 46.45
N VAL DA 23 43.68 73.34 45.30
CA VAL DA 23 44.45 72.73 44.18
C VAL DA 23 45.82 72.26 44.67
N GLN DA 24 46.24 71.06 44.29
CA GLN DA 24 47.67 70.65 44.47
C GLN DA 24 48.41 70.90 43.15
N VAL DA 25 49.70 71.27 43.22
CA VAL DA 25 50.63 71.25 42.04
C VAL DA 25 52.04 70.78 42.43
N GLY DA 26 52.56 69.84 41.64
CA GLY DA 26 53.80 69.10 41.90
C GLY DA 26 55.01 69.92 41.48
N PRO DA 27 56.19 69.49 41.93
CA PRO DA 27 57.45 70.15 41.58
C PRO DA 27 57.74 70.22 40.08
N TRP DA 28 58.18 71.37 39.54
CA TRP DA 28 58.69 71.49 38.14
C TRP DA 28 57.51 71.50 37.15
N SER DA 29 56.31 71.69 37.64
CA SER DA 29 55.14 71.84 36.77
C SER DA 29 54.97 73.36 36.49
N ILE DA 30 54.57 73.73 35.27
CA ILE DA 30 54.41 75.14 34.80
C ILE DA 30 52.93 75.38 34.56
N VAL DA 31 52.36 76.42 35.13
CA VAL DA 31 50.92 76.75 34.93
C VAL DA 31 50.81 78.13 34.28
N GLY DA 32 51.31 78.31 33.04
CA GLY DA 32 51.35 79.58 32.28
C GLY DA 32 50.04 80.37 32.32
N ALA DA 33 50.01 81.48 31.57
CA ALA DA 33 48.97 82.53 31.63
C ALA DA 33 47.56 82.02 31.26
N GLU DA 34 46.54 82.72 31.76
CA GLU DA 34 45.08 82.42 31.66
C GLU DA 34 44.82 80.91 31.73
N VAL DA 35 45.61 80.16 32.51
CA VAL DA 35 45.20 78.78 32.88
C VAL DA 35 44.38 78.87 34.17
N GLU DA 36 43.22 78.24 34.21
CA GLU DA 36 42.29 78.22 35.37
C GLU DA 36 42.11 76.79 35.86
N ILE DA 37 42.09 76.53 37.16
CA ILE DA 37 42.01 75.13 37.67
C ILE DA 37 40.97 75.05 38.80
N GLY DA 38 39.93 74.22 38.66
CA GLY DA 38 38.85 74.12 39.65
C GLY DA 38 39.28 73.38 40.92
N GLU DA 39 38.49 73.55 42.00
CA GLU DA 39 38.55 72.78 43.29
C GLU DA 39 38.99 71.32 43.06
N GLY DA 40 39.82 70.74 43.94
CA GLY DA 40 40.01 69.27 44.14
C GLY DA 40 41.02 68.62 43.20
N THR DA 41 41.46 69.35 42.18
CA THR DA 41 42.35 68.91 41.08
C THR DA 41 43.79 68.85 41.58
N VAL DA 42 44.56 67.88 41.05
CA VAL DA 42 45.98 67.59 41.41
C VAL DA 42 46.85 67.66 40.17
N ILE DA 43 47.92 68.44 40.18
CA ILE DA 43 48.79 68.50 38.97
C ILE DA 43 50.07 67.81 39.36
N GLY DA 44 50.25 66.57 38.96
CA GLY DA 44 51.50 65.86 39.25
C GLY DA 44 52.71 66.75 38.99
N PRO DA 45 53.90 66.18 39.22
CA PRO DA 45 55.15 66.88 38.92
C PRO DA 45 55.38 66.88 37.40
N HIS DA 46 56.22 67.77 36.88
CA HIS DA 46 56.69 67.81 35.46
C HIS DA 46 55.51 68.02 34.48
N VAL DA 47 54.51 68.81 34.86
CA VAL DA 47 53.42 69.14 33.90
C VAL DA 47 53.68 70.51 33.27
N VAL DA 48 53.20 70.69 32.04
CA VAL DA 48 53.18 71.99 31.32
C VAL DA 48 51.72 72.28 30.96
N LEU DA 49 51.13 73.30 31.59
CA LEU DA 49 49.79 73.86 31.25
C LEU DA 49 50.03 75.19 30.52
N LYS DA 50 49.69 75.27 29.24
CA LYS DA 50 49.59 76.54 28.50
C LYS DA 50 48.08 76.84 28.42
N GLY DA 51 47.68 78.11 28.38
CA GLY DA 51 46.27 78.54 28.23
C GLY DA 51 46.05 79.30 26.92
N PRO DA 52 44.91 79.99 26.73
CA PRO DA 52 43.79 79.94 27.66
C PRO DA 52 43.13 78.56 27.81
N THR DA 53 43.15 78.04 29.05
CA THR DA 53 42.63 76.70 29.41
C THR DA 53 41.81 76.82 30.71
N LYS DA 54 40.65 76.17 30.79
CA LYS DA 54 39.76 76.08 32.00
C LYS DA 54 39.68 74.59 32.34
N ILE DA 55 40.35 74.18 33.41
CA ILE DA 55 40.33 72.79 33.91
C ILE DA 55 39.40 72.72 35.11
N GLY DA 56 38.38 71.86 35.06
CA GLY DA 56 37.32 71.77 36.07
C GLY DA 56 37.78 71.25 37.44
N LYS DA 57 36.80 70.67 38.17
CA LYS DA 57 36.90 70.08 39.53
C LYS DA 57 37.45 68.64 39.49
N HIS DA 58 38.23 68.27 40.52
CA HIS DA 58 38.50 66.87 40.94
C HIS DA 58 39.17 66.07 39.80
N ASN DA 59 40.03 66.73 39.01
CA ASN DA 59 40.87 66.10 37.95
C ASN DA 59 42.22 65.66 38.56
N ARG DA 60 42.86 64.67 37.93
CA ARG DA 60 44.25 64.16 38.22
C ARG DA 60 45.01 64.36 36.90
N ILE DA 61 46.08 65.15 36.84
CA ILE DA 61 46.94 65.24 35.62
C ILE DA 61 48.36 64.76 35.96
N TYR DA 62 48.84 63.73 35.27
CA TYR DA 62 50.09 63.03 35.62
C TYR DA 62 51.24 63.67 34.89
N GLN DA 63 52.46 63.22 35.22
CA GLN DA 63 53.75 63.85 34.81
C GLN DA 63 53.87 63.82 33.29
N PHE DA 64 54.69 64.72 32.74
CA PHE DA 64 55.14 64.72 31.32
C PHE DA 64 54.02 65.11 30.35
N SER DA 65 52.82 65.38 30.87
CA SER DA 65 51.68 65.86 30.07
C SER DA 65 51.88 67.33 29.64
N SER DA 66 51.67 67.62 28.37
CA SER DA 66 51.55 68.99 27.82
C SER DA 66 50.08 69.27 27.50
N VAL DA 67 49.38 69.96 28.39
CA VAL DA 67 47.92 70.25 28.25
C VAL DA 67 47.72 71.73 27.92
N GLY DA 68 47.17 71.99 26.76
CA GLY DA 68 46.79 73.34 26.31
C GLY DA 68 47.85 73.96 25.41
N GLU DA 69 48.81 73.19 24.86
CA GLU DA 69 49.79 73.72 23.89
C GLU DA 69 49.06 74.15 22.61
N ASP DA 70 49.74 74.84 21.70
CA ASP DA 70 49.18 75.11 20.35
C ASP DA 70 49.25 73.82 19.54
N THR DA 71 48.36 73.59 18.57
CA THR DA 71 48.62 72.55 17.54
C THR DA 71 49.73 73.09 16.66
N PRO DA 72 50.62 72.20 16.20
CA PRO DA 72 51.61 72.62 15.23
C PRO DA 72 51.01 72.63 13.83
N ASP DA 73 49.74 72.26 13.56
CA ASP DA 73 49.27 72.24 12.14
C ASP DA 73 49.43 73.66 11.63
N LEU DA 74 49.81 73.80 10.37
CA LEU DA 74 50.29 75.08 9.77
C LEU DA 74 49.12 76.07 9.67
N LYS DA 75 47.90 75.56 9.48
CA LYS DA 75 46.61 76.31 9.42
C LYS DA 75 46.37 77.08 10.74
N TYR DA 76 46.88 76.62 11.87
CA TYR DA 76 46.90 77.42 13.12
C TYR DA 76 47.99 78.50 13.01
N LYS DA 77 47.65 79.73 13.37
CA LYS DA 77 48.50 80.92 13.07
C LYS DA 77 48.72 81.76 14.35
N GLY DA 78 48.61 81.18 15.55
CA GLY DA 78 48.73 81.88 16.85
C GLY DA 78 47.44 82.54 17.36
N GLU DA 79 46.29 82.38 16.68
CA GLU DA 79 44.98 83.02 17.02
C GLU DA 79 44.61 82.76 18.49
N PRO DA 80 43.58 83.42 19.09
CA PRO DA 80 43.40 83.39 20.55
C PRO DA 80 42.57 82.22 21.11
N THR DA 81 42.76 80.99 20.66
CA THR DA 81 41.86 79.82 20.85
C THR DA 81 41.92 79.16 22.24
N ARG DA 82 40.95 78.29 22.56
CA ARG DA 82 40.67 77.76 23.93
C ARG DA 82 40.78 76.23 24.07
N LEU DA 83 40.96 75.77 25.32
CA LEU DA 83 40.80 74.36 25.81
C LEU DA 83 40.00 74.39 27.10
N VAL DA 84 39.06 73.46 27.25
CA VAL DA 84 38.09 73.32 28.38
C VAL DA 84 38.13 71.86 28.82
N ILE DA 85 38.29 71.63 30.10
CA ILE DA 85 38.24 70.25 30.64
C ILE DA 85 37.32 70.24 31.84
N GLY DA 86 36.43 69.25 31.85
CA GLY DA 86 35.35 69.15 32.84
C GLY DA 86 35.85 68.67 34.18
N ASP DA 87 35.00 67.86 34.83
CA ASP DA 87 35.16 67.37 36.23
C ASP DA 87 35.61 65.90 36.19
N HIS DA 88 36.40 65.46 37.19
CA HIS DA 88 36.72 64.05 37.53
C HIS DA 88 37.43 63.30 36.39
N ASN DA 89 38.34 63.93 35.69
CA ASN DA 89 39.08 63.22 34.62
C ASN DA 89 40.46 62.80 35.14
N VAL DA 90 40.97 61.73 34.59
CA VAL DA 90 42.36 61.27 34.81
C VAL DA 90 43.09 61.44 33.48
N ILE DA 91 44.06 62.33 33.44
CA ILE DA 91 45.00 62.42 32.30
C ILE DA 91 46.35 61.80 32.73
N ARG DA 92 46.74 60.70 32.07
CA ARG DA 92 47.86 59.85 32.55
C ARG DA 92 49.19 60.35 31.99
N GLU DA 93 50.25 59.56 32.14
CA GLU DA 93 51.61 60.12 31.93
C GLU DA 93 51.78 60.46 30.44
N GLY DA 94 52.07 61.72 30.13
CA GLY DA 94 52.63 62.10 28.83
C GLY DA 94 51.58 62.42 27.79
N VAL DA 95 50.38 62.70 28.24
CA VAL DA 95 49.28 62.99 27.29
C VAL DA 95 49.55 64.37 26.67
N THR DA 96 49.31 64.53 25.37
CA THR DA 96 49.22 65.85 24.72
C THR DA 96 47.76 66.20 24.55
N ILE DA 97 47.39 67.46 24.77
CA ILE DA 97 46.04 68.00 24.52
C ILE DA 97 46.20 69.40 23.97
N HIS DA 98 45.64 69.69 22.81
CA HIS DA 98 45.96 70.95 22.13
C HIS DA 98 44.71 71.81 22.15
N ARG DA 99 44.89 73.12 22.24
CA ARG DA 99 43.81 74.12 22.11
C ARG DA 99 43.32 74.15 20.65
N GLY DA 100 42.15 74.74 20.40
CA GLY DA 100 41.45 74.71 19.10
C GLY DA 100 42.10 75.59 18.04
N THR DA 101 41.35 75.82 16.96
CA THR DA 101 41.71 76.63 15.76
C THR DA 101 40.48 77.45 15.39
N VAL DA 102 40.65 78.62 14.76
CA VAL DA 102 39.54 79.61 14.54
C VAL DA 102 38.59 79.12 13.44
N GLN DA 103 39.01 78.15 12.60
CA GLN DA 103 38.21 77.69 11.43
C GLN DA 103 37.21 76.62 11.87
N ASP DA 104 37.30 76.08 13.10
CA ASP DA 104 36.21 75.27 13.70
C ASP DA 104 35.48 76.16 14.74
N ARG DA 105 35.45 75.79 16.01
CA ARG DA 105 34.70 76.49 17.10
C ARG DA 105 35.71 77.20 18.02
N ALA DA 106 36.98 77.22 17.64
CA ALA DA 106 38.07 77.82 18.43
C ALA DA 106 38.21 77.18 19.83
N GLU DA 107 37.79 75.93 19.99
CA GLU DA 107 37.84 75.26 21.31
C GLU DA 107 37.97 73.74 21.17
N THR DA 108 38.95 73.22 21.89
CA THR DA 108 39.09 71.78 22.21
C THR DA 108 38.36 71.53 23.54
N THR DA 109 37.55 70.47 23.62
CA THR DA 109 36.57 70.30 24.73
C THR DA 109 36.62 68.86 25.25
N ILE DA 110 36.68 68.72 26.57
CA ILE DA 110 36.64 67.40 27.27
C ILE DA 110 35.65 67.52 28.42
N GLY DA 111 34.72 66.57 28.49
CA GLY DA 111 33.64 66.55 29.49
C GLY DA 111 34.13 66.02 30.82
N ASP DA 112 33.30 65.18 31.43
CA ASP DA 112 33.43 64.71 32.81
C ASP DA 112 33.84 63.23 32.83
N HIS DA 113 34.49 62.79 33.90
CA HIS DA 113 34.68 61.36 34.27
C HIS DA 113 35.39 60.62 33.12
N ASN DA 114 36.27 61.24 32.37
CA ASN DA 114 36.97 60.51 31.29
C ASN DA 114 38.28 59.95 31.83
N LEU DA 115 38.81 58.97 31.12
CA LEU DA 115 40.09 58.36 31.46
C LEU DA 115 40.93 58.36 30.18
N ILE DA 116 41.98 59.16 30.18
CA ILE DA 116 42.89 59.33 29.03
C ILE DA 116 44.27 58.87 29.50
N MET DA 117 44.74 57.75 28.96
CA MET DA 117 45.92 57.01 29.46
C MET DA 117 47.20 57.47 28.75
N ALA DA 118 48.33 56.88 29.11
CA ALA DA 118 49.64 57.47 28.82
C ALA DA 118 49.75 57.74 27.32
N TYR DA 119 50.23 58.92 26.91
CA TYR DA 119 50.78 59.22 25.56
C TYR DA 119 49.68 59.33 24.50
N ALA DA 120 48.43 59.32 24.97
CA ALA DA 120 47.25 59.71 24.18
C ALA DA 120 47.48 61.13 23.68
N HIS DA 121 46.88 61.46 22.56
CA HIS DA 121 46.93 62.80 21.94
C HIS DA 121 45.50 63.21 21.59
N ILE DA 122 45.12 64.38 22.06
CA ILE DA 122 43.81 65.02 21.81
C ILE DA 122 44.07 66.30 21.04
N GLY DA 123 43.98 66.20 19.71
CA GLY DA 123 44.39 67.22 18.74
C GLY DA 123 43.34 68.31 18.67
N HIS DA 124 43.76 69.46 18.13
CA HIS DA 124 42.92 70.68 18.08
C HIS DA 124 41.46 70.38 17.73
N ASP DA 125 40.55 70.86 18.56
CA ASP DA 125 39.12 71.03 18.21
C ASP DA 125 38.38 69.75 18.54
N SER DA 126 39.06 68.73 19.07
CA SER DA 126 38.37 67.47 19.45
C SER DA 126 37.38 67.75 20.58
N VAL DA 127 36.32 66.98 20.65
CA VAL DA 127 35.26 67.07 21.69
C VAL DA 127 35.03 65.68 22.27
N ILE DA 128 35.35 65.55 23.56
CA ILE DA 128 35.13 64.31 24.34
C ILE DA 128 33.96 64.59 25.27
N GLY DA 129 32.98 63.71 25.32
CA GLY DA 129 31.87 63.81 26.28
C GLY DA 129 32.31 63.28 27.63
N ASN DA 130 31.55 62.34 28.19
CA ASN DA 130 31.74 61.85 29.57
C ASN DA 130 31.94 60.33 29.54
N HIS DA 131 32.74 59.81 30.49
CA HIS DA 131 32.86 58.37 30.83
C HIS DA 131 33.55 57.61 29.70
N CYS DA 132 34.41 58.31 28.98
CA CYS DA 132 35.18 57.76 27.85
C CYS DA 132 36.48 57.23 28.43
N ILE DA 133 37.02 56.25 27.74
CA ILE DA 133 38.36 55.66 27.97
C ILE DA 133 39.13 55.72 26.65
N LEU DA 134 40.12 56.60 26.57
CA LEU DA 134 41.18 56.54 25.54
C LEU DA 134 42.36 55.83 26.17
N VAL DA 135 42.64 54.61 25.69
CA VAL DA 135 43.77 53.81 26.18
C VAL DA 135 45.06 54.33 25.55
N ASN DA 136 46.20 54.00 26.16
CA ASN DA 136 47.57 54.45 25.76
C ASN DA 136 47.68 54.73 24.26
N ASN DA 137 48.19 55.89 23.91
CA ASN DA 137 48.73 56.20 22.55
C ASN DA 137 47.58 56.36 21.55
N THR DA 138 46.33 56.32 21.98
CA THR DA 138 45.20 56.83 21.20
C THR DA 138 45.53 58.23 20.69
N ALA DA 139 45.21 58.52 19.45
CA ALA DA 139 45.46 59.84 18.83
C ALA DA 139 44.20 60.35 18.10
N LEU DA 140 43.65 61.47 18.55
CA LEU DA 140 42.57 62.18 17.80
C LEU DA 140 43.22 63.28 16.96
N ALA DA 141 43.26 63.15 15.63
CA ALA DA 141 44.13 63.99 14.80
C ALA DA 141 43.63 65.42 14.78
N GLY DA 142 42.34 65.62 15.00
CA GLY DA 142 41.71 66.96 15.11
C GLY DA 142 40.25 66.89 14.75
N HIS DA 143 39.45 67.77 15.34
CA HIS DA 143 37.98 67.90 15.14
C HIS DA 143 37.27 66.56 15.34
N VAL DA 144 37.84 65.67 16.14
CA VAL DA 144 37.22 64.38 16.47
C VAL DA 144 36.24 64.59 17.62
N HIS DA 145 35.04 64.05 17.47
CA HIS DA 145 34.00 64.03 18.51
C HIS DA 145 33.84 62.58 18.97
N VAL DA 146 34.06 62.36 20.25
CA VAL DA 146 33.84 61.07 20.91
C VAL DA 146 32.73 61.27 21.91
N ASP DA 147 31.71 60.45 21.81
CA ASP DA 147 30.48 60.61 22.62
C ASP DA 147 30.55 59.64 23.81
N ASP DA 148 29.68 59.87 24.78
CA ASP DA 148 29.73 59.23 26.10
C ASP DA 148 29.96 57.72 26.01
N TRP DA 149 30.79 57.18 26.91
CA TRP DA 149 31.05 55.74 27.20
C TRP DA 149 31.91 55.07 26.13
N ALA DA 150 32.48 55.85 25.22
CA ALA DA 150 33.29 55.22 24.17
C ALA DA 150 34.53 54.65 24.83
N ILE DA 151 35.02 53.56 24.26
CA ILE DA 151 36.37 53.05 24.61
C ILE DA 151 37.18 52.92 23.32
N LEU DA 152 38.25 53.67 23.23
CA LEU DA 152 39.25 53.49 22.16
C LEU DA 152 40.42 52.69 22.75
N SER DA 153 40.65 51.48 22.21
CA SER DA 153 41.72 50.57 22.69
C SER DA 153 43.08 51.20 22.38
N GLY DA 154 44.12 50.66 22.99
CA GLY DA 154 45.46 51.24 22.81
C GLY DA 154 45.83 51.45 21.34
N TYR DA 155 46.60 52.51 21.10
CA TYR DA 155 47.22 52.84 19.79
C TYR DA 155 46.10 52.98 18.74
N THR DA 156 44.93 53.47 19.18
CA THR DA 156 43.83 53.78 18.22
C THR DA 156 44.07 55.17 17.63
N LEU DA 157 44.12 55.21 16.30
CA LEU DA 157 44.26 56.47 15.55
C LEU DA 157 42.92 56.81 14.94
N VAL DA 158 42.44 58.03 15.14
CA VAL DA 158 41.26 58.59 14.46
C VAL DA 158 41.65 59.77 13.58
N HIS DA 159 41.11 59.76 12.38
CA HIS DA 159 41.30 60.76 11.29
C HIS DA 159 40.52 62.04 11.59
N GLN DA 160 40.97 63.18 11.03
CA GLN DA 160 40.34 64.52 11.26
CA GLN DA 160 40.34 64.50 11.30
C GLN DA 160 38.83 64.29 11.16
N TYR DA 161 38.05 64.93 12.02
CA TYR DA 161 36.58 65.09 11.84
C TYR DA 161 35.76 63.84 12.16
N CYS DA 162 36.32 62.65 12.36
CA CYS DA 162 35.48 61.43 12.57
C CYS DA 162 34.66 61.60 13.85
N ARG DA 163 33.43 61.09 13.87
CA ARG DA 163 32.60 61.05 15.09
C ARG DA 163 32.66 59.61 15.67
N ILE DA 164 33.10 59.43 16.92
CA ILE DA 164 33.11 58.11 17.58
C ILE DA 164 31.81 58.00 18.40
N GLY DA 165 30.94 57.06 18.09
CA GLY DA 165 29.59 57.02 18.65
C GLY DA 165 29.62 56.68 20.12
N ALA DA 166 28.55 57.01 20.84
CA ALA DA 166 28.35 56.57 22.25
C ALA DA 166 28.45 55.04 22.36
N HIS DA 167 29.10 54.57 23.44
CA HIS DA 167 29.36 53.13 23.74
C HIS DA 167 30.05 52.38 22.61
N SER DA 168 30.63 53.05 21.65
CA SER DA 168 31.38 52.33 20.60
C SER DA 168 32.70 51.86 21.20
N PHE DA 169 33.43 51.09 20.43
CA PHE DA 169 34.66 50.41 20.85
C PHE DA 169 35.54 50.19 19.63
N SER DA 170 36.79 50.57 19.74
CA SER DA 170 37.85 50.23 18.77
C SER DA 170 38.84 49.29 19.44
N GLY DA 171 39.25 48.25 18.72
CA GLY DA 171 40.31 47.36 19.16
C GLY DA 171 41.71 47.93 18.94
N MET DA 172 42.73 47.21 19.39
CA MET DA 172 44.05 47.88 19.52
C MET DA 172 44.65 48.02 18.14
N GLY DA 173 45.23 49.18 17.90
CA GLY DA 173 45.82 49.55 16.63
C GLY DA 173 44.76 49.82 15.59
N SER DA 174 43.53 50.11 15.98
CA SER DA 174 42.49 50.44 14.98
C SER DA 174 42.85 51.75 14.27
N ALA DA 175 42.73 51.85 12.94
CA ALA DA 175 42.97 53.10 12.18
C ALA DA 175 41.62 53.61 11.68
N ILE DA 176 40.96 54.50 12.43
CA ILE DA 176 39.54 54.86 12.14
C ILE DA 176 39.55 55.98 11.11
N GLY DA 177 38.88 55.76 9.98
CA GLY DA 177 38.93 56.64 8.81
C GLY DA 177 37.66 57.42 8.69
N LYS DA 178 36.61 56.97 9.36
CA LYS DA 178 35.20 57.39 9.13
C LYS DA 178 34.46 57.20 10.44
N ASP DA 179 33.23 57.69 10.52
CA ASP DA 179 32.52 57.65 11.82
C ASP DA 179 32.32 56.20 12.26
N VAL DA 180 32.32 56.02 13.57
CA VAL DA 180 31.94 54.75 14.20
C VAL DA 180 30.59 54.98 14.82
N PRO DA 181 29.53 54.34 14.31
CA PRO DA 181 28.21 54.55 14.86
C PRO DA 181 28.22 54.11 16.31
N ALA DA 182 27.26 54.58 17.06
CA ALA DA 182 27.12 54.25 18.49
C ALA DA 182 27.01 52.73 18.65
N TYR DA 183 27.62 52.22 19.72
CA TYR DA 183 27.58 50.81 20.15
C TYR DA 183 28.45 49.92 19.26
N VAL DA 184 28.97 50.41 18.13
CA VAL DA 184 29.66 49.49 17.19
C VAL DA 184 31.08 49.18 17.69
N THR DA 185 31.56 47.97 17.43
CA THR DA 185 32.98 47.63 17.63
C THR DA 185 33.65 47.60 16.26
N VAL DA 186 34.80 48.27 16.17
CA VAL DA 186 35.67 48.27 14.97
C VAL DA 186 37.08 47.80 15.33
N PHE DA 187 37.76 47.23 14.36
CA PHE DA 187 39.11 46.64 14.47
C PHE DA 187 39.84 46.86 13.13
N GLY DA 188 41.15 47.03 13.20
CA GLY DA 188 42.05 46.88 12.06
C GLY DA 188 42.39 48.21 11.44
N ASN DA 189 43.35 48.15 10.54
CA ASN DA 189 43.78 49.32 9.74
C ASN DA 189 43.62 48.91 8.29
N PRO DA 190 42.68 49.49 7.52
CA PRO DA 190 41.68 50.42 8.07
C PRO DA 190 40.65 49.68 8.95
N ALA DA 191 40.04 50.42 9.86
CA ALA DA 191 39.00 49.89 10.78
C ALA DA 191 37.81 49.37 9.98
N GLU DA 192 37.31 48.19 10.35
CA GLU DA 192 36.06 47.57 9.86
C GLU DA 192 35.14 47.26 11.04
N ALA DA 193 33.84 47.42 10.90
CA ALA DA 193 32.86 47.01 11.91
C ALA DA 193 32.83 45.49 11.98
N ARG DA 194 32.74 44.96 13.18
CA ARG DA 194 32.67 43.53 13.50
C ARG DA 194 31.32 43.21 14.18
N SER DA 195 30.91 43.96 15.20
CA SER DA 195 29.74 43.61 16.06
C SER DA 195 29.32 44.86 16.82
N MET DA 196 28.55 44.67 17.88
CA MET DA 196 28.24 45.76 18.82
C MET DA 196 28.90 45.41 20.17
N ASN DA 197 29.21 46.46 20.91
CA ASN DA 197 29.67 46.43 22.30
C ASN DA 197 28.57 45.92 23.22
N PHE DA 198 28.26 44.63 23.15
CA PHE DA 198 27.30 44.03 24.11
C PHE DA 198 27.81 44.18 25.56
N GLU DA 199 29.12 44.01 25.83
CA GLU DA 199 29.64 44.15 27.22
C GLU DA 199 29.30 45.55 27.74
N GLY DA 200 29.44 46.57 26.89
CA GLY DA 200 29.10 47.97 27.18
C GLY DA 200 27.67 48.11 27.66
N MET DA 201 26.77 47.38 27.00
CA MET DA 201 25.29 47.50 27.16
C MET DA 201 24.90 46.88 28.50
N ARG DA 202 25.48 45.72 28.84
CA ARG DA 202 25.23 45.02 30.13
C ARG DA 202 25.65 45.99 31.23
N ARG DA 203 26.89 46.44 31.21
CA ARG DA 203 27.46 47.37 32.21
C ARG DA 203 26.49 48.53 32.42
N ARG DA 204 25.80 49.05 31.40
CA ARG DA 204 24.86 50.19 31.59
C ARG DA 204 23.43 49.69 31.86
N GLY DA 205 23.24 48.42 32.20
CA GLY DA 205 21.94 47.80 32.57
C GLY DA 205 20.84 47.91 31.51
N PHE DA 206 21.16 47.88 30.21
CA PHE DA 206 20.17 47.78 29.11
C PHE DA 206 19.35 46.50 29.30
N SER DA 207 18.10 46.56 28.88
CA SER DA 207 17.18 45.40 28.87
C SER DA 207 17.63 44.38 27.82
N SER DA 208 17.19 43.13 27.96
CA SER DA 208 17.32 42.05 26.94
C SER DA 208 16.81 42.53 25.57
N GLU DA 209 15.58 43.07 25.58
CA GLU DA 209 14.79 43.47 24.38
C GLU DA 209 15.64 44.49 23.60
N ALA DA 210 16.30 45.37 24.35
CA ALA DA 210 17.11 46.51 23.82
C ALA DA 210 18.39 45.99 23.18
N ILE DA 211 19.12 45.12 23.90
CA ILE DA 211 20.34 44.48 23.39
C ILE DA 211 19.98 43.76 22.08
N HIS DA 212 18.86 43.05 22.07
CA HIS DA 212 18.44 42.28 20.87
C HIS DA 212 18.11 43.23 19.73
N ALA DA 213 17.43 44.34 20.01
CA ALA DA 213 17.04 45.31 18.97
C ALA DA 213 18.32 45.90 18.39
N LEU DA 214 19.36 46.01 19.22
CA LEU DA 214 20.61 46.64 18.75
C LEU DA 214 21.37 45.64 17.86
N ARG DA 215 21.30 44.34 18.20
CA ARG DA 215 21.85 43.34 17.29
C ARG DA 215 21.04 43.34 16.00
N ARG DA 216 19.69 43.45 16.05
CA ARG DA 216 18.95 43.44 14.77
C ARG DA 216 19.37 44.68 14.00
N ALA DA 217 19.58 45.81 14.69
CA ALA DA 217 19.90 47.10 14.00
C ALA DA 217 21.26 47.01 13.32
N TYR DA 218 22.27 46.43 13.98
CA TYR DA 218 23.56 46.14 13.36
C TYR DA 218 23.34 45.32 12.09
N LYS DA 219 22.48 44.31 12.17
CA LYS DA 219 22.26 43.41 11.00
C LYS DA 219 21.72 44.19 9.81
N VAL DA 220 20.73 45.03 10.02
CA VAL DA 220 20.11 45.93 9.01
C VAL DA 220 21.19 46.78 8.33
N VAL DA 221 22.01 47.39 9.16
CA VAL DA 221 23.03 48.31 8.62
C VAL DA 221 24.11 47.51 7.93
N TYR DA 222 24.53 46.37 8.44
CA TYR DA 222 25.90 45.87 8.09
C TYR DA 222 25.87 44.54 7.32
N ARG DA 223 24.84 43.73 7.44
CA ARG DA 223 24.85 42.30 7.04
C ARG DA 223 23.68 41.99 6.10
N GLN DA 224 23.15 42.96 5.36
CA GLN DA 224 21.88 42.71 4.64
C GLN DA 224 21.84 43.38 3.26
N GLY DA 225 22.93 44.01 2.85
CA GLY DA 225 23.08 44.53 1.49
C GLY DA 225 22.29 45.80 1.30
N HIS DA 226 21.77 46.39 2.38
CA HIS DA 226 21.11 47.72 2.33
C HIS DA 226 22.17 48.76 2.02
N THR DA 227 21.85 49.75 1.20
CA THR DA 227 22.49 51.08 1.26
C THR DA 227 22.23 51.64 2.66
N VAL DA 228 23.04 52.59 3.10
CA VAL DA 228 22.85 53.34 4.37
C VAL DA 228 21.47 54.04 4.38
N GLU DA 229 20.96 54.42 3.21
CA GLU DA 229 19.70 55.21 3.07
C GLU DA 229 18.58 54.20 3.32
N GLU DA 230 18.68 53.05 2.68
CA GLU DA 230 17.80 51.87 2.92
C GLU DA 230 17.83 51.49 4.42
N ALA DA 231 18.99 51.34 5.02
CA ALA DA 231 19.12 50.95 6.44
C ALA DA 231 18.45 51.96 7.35
N LEU DA 232 18.68 53.25 7.15
CA LEU DA 232 18.09 54.28 8.02
C LEU DA 232 16.57 54.17 8.02
N ALA DA 233 16.02 53.89 6.84
CA ALA DA 233 14.56 53.76 6.62
C ALA DA 233 14.10 52.52 7.42
N GLU DA 234 14.80 51.39 7.30
CA GLU DA 234 14.41 50.13 7.96
C GLU DA 234 14.45 50.32 9.48
N LEU DA 235 15.43 51.10 9.98
CA LEU DA 235 15.62 51.36 11.42
C LEU DA 235 14.49 52.25 12.02
N ALA DA 236 13.71 52.99 11.24
CA ALA DA 236 12.72 53.96 11.75
C ALA DA 236 11.83 53.32 12.83
N GLU DA 237 11.38 52.08 12.61
CA GLU DA 237 10.42 51.43 13.55
C GLU DA 237 11.13 51.20 14.90
N SER DA 238 12.22 50.45 14.83
CA SER DA 238 13.11 50.06 15.94
C SER DA 238 13.46 51.36 16.68
N ALA DA 239 13.74 52.44 15.96
CA ALA DA 239 14.22 53.65 16.62
C ALA DA 239 13.05 54.30 17.37
N ALA DA 240 11.81 54.10 16.95
CA ALA DA 240 10.67 54.66 17.71
C ALA DA 240 10.33 53.82 18.96
N GLN DA 241 10.76 52.56 18.99
CA GLN DA 241 10.43 51.65 20.09
C GLN DA 241 11.51 51.72 21.16
N PHE DA 242 12.76 51.90 20.76
CA PHE DA 242 13.91 51.81 21.67
C PHE DA 242 14.78 53.06 21.55
N PRO DA 243 14.87 53.90 22.61
CA PRO DA 243 15.69 55.11 22.57
C PRO DA 243 17.15 54.77 22.29
N GLU DA 244 17.58 53.61 22.78
CA GLU DA 244 18.90 52.98 22.51
C GLU DA 244 19.14 52.78 21.01
N VAL DA 245 18.16 52.31 20.26
CA VAL DA 245 18.29 52.20 18.77
C VAL DA 245 18.26 53.61 18.18
N ALA DA 246 17.47 54.52 18.73
CA ALA DA 246 17.48 55.92 18.24
C ALA DA 246 18.93 56.45 18.24
N VAL DA 247 19.68 56.21 19.31
CA VAL DA 247 21.05 56.78 19.48
C VAL DA 247 21.89 56.26 18.31
N PHE DA 248 21.70 55.00 17.96
CA PHE DA 248 22.35 54.30 16.82
C PHE DA 248 21.85 54.87 15.50
N ARG DA 249 20.51 54.84 15.27
CA ARG DA 249 19.91 55.38 14.00
C ARG DA 249 20.52 56.77 13.79
N ASP DA 250 20.54 57.61 14.84
CA ASP DA 250 20.98 59.04 14.81
C ASP DA 250 22.49 59.12 14.54
N SER DA 251 23.36 58.26 15.09
CA SER DA 251 24.82 58.40 14.82
C SER DA 251 25.12 58.18 13.34
N ILE DA 252 24.34 57.36 12.66
CA ILE DA 252 24.50 57.03 11.22
C ILE DA 252 23.92 58.15 10.37
N GLN DA 253 22.70 58.56 10.70
CA GLN DA 253 22.01 59.75 10.12
C GLN DA 253 23.09 60.82 9.95
N SER DA 254 23.78 61.17 11.06
CA SER DA 254 24.50 62.47 11.18
C SER DA 254 25.88 62.39 10.48
N ALA DA 255 26.06 61.45 9.58
CA ALA DA 255 27.38 61.03 9.05
C ALA DA 255 27.32 61.07 7.54
N THR DA 256 26.17 60.72 6.99
CA THR DA 256 25.81 60.93 5.56
C THR DA 256 24.85 62.12 5.47
N ARG DA 257 25.09 63.07 4.58
CA ARG DA 257 24.02 63.91 3.97
C ARG DA 257 23.83 63.39 2.54
N GLY DA 258 24.94 63.19 1.84
CA GLY DA 258 24.99 62.68 0.45
C GLY DA 258 24.93 63.81 -0.58
N ILE DA 259 24.96 63.43 -1.84
CA ILE DA 259 24.78 64.37 -2.96
C ILE DA 259 23.58 63.92 -3.81
N THR DA 260 22.79 64.84 -4.30
CA THR DA 260 21.74 64.60 -5.31
C THR DA 260 22.35 63.72 -6.40
N ARG DA 261 21.84 62.49 -6.66
CA ARG DA 261 22.28 61.70 -7.84
C ARG DA 261 21.28 61.86 -8.96
C26 VFT EA . -27.46 48.42 16.53
C5 VFT EA . -31.23 48.34 10.01
C4 VFT EA . -32.48 48.17 9.43
C22 VFT EA . -26.12 46.74 15.45
C24 VFT EA . -27.80 47.89 14.19
C21 VFT EA . -25.78 46.01 14.33
C25 VFT EA . -27.46 47.18 13.06
C6 VFT EA . -30.13 47.67 9.52
C3 VFT EA . -32.63 47.33 8.35
C15 VFT EA . -23.82 48.22 12.40
C15 VFT EA . -23.89 45.08 9.07
C17 VFT EA . -25.00 50.06 12.55
C17 VFT EA . -21.81 45.78 9.33
C23 VFT EA . -27.12 47.67 15.37
C20 VFT EA . -26.45 46.23 13.14
C7 VFT EA . -30.26 46.81 8.45
C2 VFT EA . -31.52 46.68 7.89
C14 VFT EA . -24.83 48.23 11.46
C14 VFT EA . -23.87 46.22 9.84
C10 VFT EA . -27.26 45.86 9.97
C19 VFT EA . -26.04 45.43 11.97
C13 VFT EA . -25.15 47.20 10.44
C13 VFT EA . -25.00 47.01 10.46
C9 VFT EA . -27.46 46.53 8.67
N27 VFT EA . -27.69 49.09 17.43
N18 VFT EA . -25.56 49.39 11.57
N18 VFT EA . -22.56 46.65 10.00
N16 VFT EA . -23.93 49.39 13.09
N16 VFT EA . -22.58 44.81 8.75
N12 VFT EA . -26.18 46.23 10.79
O11 VFT EA . -28.07 45.00 10.32
S8 VFT EA . -28.92 45.88 7.77
CL1 VFT EA . -31.72 45.66 6.54
CL CL FA . -21.70 50.46 -30.60
CL CL GA . -24.04 64.54 0.98
CL CL HA . -19.79 43.20 -24.33
S SO4 IA . -36.34 40.66 -10.69
O1 SO4 IA . -37.57 40.41 -9.93
O2 SO4 IA . -35.19 40.47 -9.85
O3 SO4 IA . -36.35 42.00 -11.21
O4 SO4 IA . -36.25 39.75 -11.80
S SO4 JA . -61.71 54.64 21.29
O1 SO4 JA . -62.67 55.18 22.23
O2 SO4 JA . -61.07 53.53 21.94
O3 SO4 JA . -62.38 54.21 20.07
O4 SO4 JA . -60.73 55.67 20.98
S SO4 KA . -35.47 46.59 -15.72
O1 SO4 KA . -36.85 46.55 -15.25
O2 SO4 KA . -34.89 45.25 -15.75
O3 SO4 KA . -35.44 47.21 -17.05
O4 SO4 KA . -34.69 47.39 -14.84
C26 VFT LA . -44.70 50.21 -9.33
C5 VFT LA . -44.57 43.94 -5.04
C4 VFT LA . -44.68 43.46 -3.75
C22 VFT LA . -42.51 49.46 -9.97
C24 VFT LA . -43.88 48.02 -8.57
C21 VFT LA . -41.50 48.50 -9.96
C25 VFT LA . -42.86 47.09 -8.56
C6 VFT LA . -43.50 43.61 -5.85
C3 VFT LA . -43.72 42.60 -3.27
C15 VFT LA . -42.92 46.03 -12.08
C15 VFT LA . -39.24 43.51 -11.23
C17 VFT LA . -44.97 45.63 -11.46
C17 VFT LA . -39.47 44.00 -13.36
C23 VFT LA . -43.69 49.22 -9.28
C20 VFT LA . -41.66 47.32 -9.25
C7 VFT LA . -42.54 42.74 -5.36
C2 VFT LA . -42.67 42.25 -4.09
C14 VFT LA . -42.94 45.10 -11.06
C14 VFT LA . -40.47 44.10 -11.47
C10 VFT LA . -41.00 44.32 -7.99
C19 VFT LA . -40.57 46.32 -9.28
C13 VFT LA . -41.79 44.40 -10.42
C13 VFT LA . -41.59 44.42 -10.49
C9 VFT LA . -41.45 42.90 -7.91
N27 VFT LA . -45.54 50.99 -9.48
N18 VFT LA . -44.23 44.86 -10.68
N18 VFT LA . -40.60 44.39 -12.81
N16 VFT LA . -44.21 46.38 -12.32
N16 VFT LA . -38.62 43.44 -12.44
N12 VFT LA . -41.14 45.00 -9.23
O11 VFT LA . -40.53 44.82 -6.97
S8 VFT LA . -41.14 42.24 -6.25
CL1 VFT LA . -41.51 41.18 -3.49
C26 VFT MA . -46.80 25.16 9.19
C5 VFT MA . -41.67 30.67 10.45
C4 VFT MA . -41.49 32.04 10.57
C22 VFT MA . -45.35 24.67 7.34
C24 VFT MA . -44.64 26.27 8.97
C21 VFT MA . -44.17 24.86 6.66
C25 VFT MA . -43.45 26.46 8.28
C6 VFT MA . -40.89 29.88 9.60
C3 VFT MA . -40.48 32.61 9.82
C15 VFT MA . -41.62 23.04 8.78
C15 VFT MA . -38.59 24.65 5.98
C17 VFT MA . -42.19 23.85 10.74
C17 VFT MA . -38.39 22.47 6.32
C23 VFT MA . -45.59 25.38 8.51
C20 VFT MA . -43.22 25.75 7.12
C7 VFT MA . -39.88 30.46 8.85
C2 VFT MA . -39.69 31.84 8.98
C14 VFT MA . -41.12 24.32 8.94
C14 VFT MA . -39.39 24.22 7.02
C10 VFT MA . -40.41 27.48 7.12
C19 VFT MA . -41.97 25.89 6.33
C13 VFT MA . -40.29 25.11 7.98
C13 VFT MA . -40.30 25.04 7.87
C9 VFT MA . -39.23 27.84 7.97
N27 VFT MA . -47.78 24.91 9.74
N18 VFT MA . -41.48 24.82 10.18
N18 VFT MA . -39.26 22.85 7.22
N16 VFT MA . -42.29 22.76 9.93
N16 VFT MA . -37.96 23.52 5.55
N12 VFT MA . -40.90 26.19 7.20
O11 VFT MA . -40.91 28.35 6.42
S8 VFT MA . -38.83 29.59 7.73
CL1 VFT MA . -38.47 32.63 8.10
CL CL NA . -35.73 3.82 -11.36
S SO4 OA . -35.23 25.63 4.13
O1 SO4 OA . -36.58 26.14 4.04
O2 SO4 OA . -35.27 24.19 4.12
O3 SO4 OA . -34.65 26.09 5.38
O4 SO4 OA . -34.46 26.11 3.00
S SO4 PA . -39.08 19.36 1.79
O1 SO4 PA . -39.98 19.76 2.85
O2 SO4 PA . -38.98 17.93 1.80
O3 SO4 PA . -39.60 19.76 0.52
O4 SO4 PA . -37.76 19.98 1.95
CL CL QA . -0.04 32.93 14.10
CL CL RA . -5.47 31.84 6.14
S SO4 SA . -23.25 42.88 5.90
O1 SO4 SA . -23.54 41.81 4.96
O2 SO4 SA . -23.37 42.37 7.22
O3 SO4 SA . -24.20 43.97 5.72
O4 SO4 SA . -21.90 43.35 5.72
S SO4 TA . -18.28 42.30 11.35
O1 SO4 TA . -19.44 43.13 11.60
O2 SO4 TA . -18.10 41.39 12.45
O3 SO4 TA . -18.41 41.57 10.10
O4 SO4 TA . -17.13 43.14 11.28
C26 VFT UA . 46.71 -70.59 -15.63
C5 VFT UA . 40.35 -69.46 -11.84
C4 VFT UA . 39.16 -70.05 -11.43
C22 VFT UA . 46.03 -68.58 -16.88
C24 VFT UA . 44.83 -69.31 -14.93
C21 VFT UA . 45.16 -67.52 -17.01
C25 VFT UA . 43.95 -68.25 -15.06
C6 VFT UA . 40.35 -68.22 -12.45
C3 VFT UA . 37.96 -69.38 -11.63
C15 VFT UA . 46.19 -65.30 -14.49
C15 VFT UA . 42.75 -62.75 -15.70
C17 VFT UA . 46.59 -66.63 -12.80
C17 VFT UA . 44.66 -61.64 -15.59
C23 VFT UA . 45.85 -69.47 -15.83
C20 VFT UA . 44.11 -67.35 -16.11
C7 VFT UA . 39.15 -67.54 -12.65
C2 VFT UA . 37.97 -68.13 -12.24
C14 VFT UA . 45.02 -65.55 -13.80
C14 VFT UA . 43.69 -63.44 -14.95
C10 VFT UA . 41.39 -66.02 -14.74
C19 VFT UA . 43.19 -66.19 -16.27
C13 VFT UA . 43.63 -65.02 -14.06
C13 VFT UA . 43.55 -64.76 -14.26
C9 VFT UA . 40.76 -65.50 -13.49
N27 VFT UA . 47.46 -71.47 -15.50
N18 VFT UA . 45.30 -66.38 -12.74
N18 VFT UA . 44.88 -62.73 -14.89
N16 VFT UA . 47.18 -66.00 -13.85
N16 VFT UA . 43.39 -61.60 -16.10
N12 VFT UA . 42.70 -65.67 -15.01
O11 VFT UA . 40.74 -66.75 -15.48
S8 VFT UA . 39.02 -65.97 -13.40
CL1 VFT UA . 36.51 -67.33 -12.46
CL CL VA . 54.07 -45.78 -33.69
S SO4 WA . 39.83 -60.17 -16.21
O1 SO4 WA . 39.57 -60.20 -14.78
O2 SO4 WA . 39.85 -61.54 -16.67
O3 SO4 WA . 38.81 -59.42 -16.90
O4 SO4 WA . 41.12 -59.59 -16.50
S SO4 XA . 46.23 -59.74 -20.41
O1 SO4 XA . 45.31 -58.67 -20.05
O2 SO4 XA . 46.33 -60.72 -19.33
O3 SO4 XA . 45.74 -60.39 -21.58
O4 SO4 XA . 47.57 -59.27 -20.71
C26 VFT YA . 20.99 -68.29 1.59
C5 VFT YA . 20.57 -69.81 -5.68
C4 VFT YA . 21.11 -70.66 -6.65
C22 VFT YA . 21.65 -66.14 0.78
C24 VFT YA . 20.70 -67.77 -0.74
C21 VFT YA . 21.77 -65.27 -0.28
C25 VFT YA . 20.83 -66.88 -1.79
C6 VFT YA . 20.55 -68.45 -5.90
C3 VFT YA . 21.59 -70.16 -7.85
C15 VFT YA . 18.31 -64.50 -1.10
C15 VFT YA . 19.57 -62.05 -4.40
C17 VFT YA . 17.17 -66.35 -1.25
C17 VFT YA . 18.82 -60.95 -2.63
C23 VFT YA . 21.11 -67.38 0.53
C20 VFT YA . 21.38 -65.63 -1.56
C7 VFT YA . 21.05 -67.95 -7.09
C2 VFT YA . 21.55 -68.81 -8.05
C14 VFT YA . 18.42 -65.05 -2.37
C14 VFT YA . 19.19 -62.93 -3.40
C10 VFT YA . 21.13 -65.33 -4.90
C19 VFT YA . 21.52 -64.63 -2.65
C13 VFT YA . 19.16 -64.53 -3.55
C13 VFT YA . 19.23 -64.43 -3.47
C9 VFT YA . 20.19 -65.59 -6.03
N27 VFT YA . 20.87 -69.06 2.44
N18 VFT YA . 17.69 -66.21 -2.45
N18 VFT YA . 18.72 -62.23 -2.29
N16 VFT YA . 17.51 -65.35 -0.38
N16 VFT YA . 19.33 -60.81 -3.90
N12 VFT YA . 20.58 -64.89 -3.71
O11 VFT YA . 22.32 -65.54 -5.06
S8 VFT YA . 21.08 -66.24 -7.48
CL1 VFT YA . 22.16 -68.18 -9.52
CL CL ZA . 21.56 -37.17 7.02
CL CL AB . 25.67 -67.95 8.40
S SO4 BB . 32.19 -100.95 -5.29
O1 SO4 BB . 30.78 -100.63 -5.36
O2 SO4 BB . 32.32 -102.27 -4.80
O3 SO4 BB . 32.78 -100.88 -6.62
O4 SO4 BB . 32.87 -100.03 -4.40
S SO4 CB . 20.49 -59.91 -7.53
O1 SO4 CB . 19.57 -59.21 -6.67
O2 SO4 CB . 21.31 -60.80 -6.74
O3 SO4 CB . 19.72 -60.70 -8.49
O4 SO4 CB . 21.31 -58.94 -8.21
S SO4 DB . 20.65 -56.63 -0.59
O1 SO4 DB . 19.90 -55.69 0.20
O2 SO4 DB . 20.15 -57.97 -0.36
O3 SO4 DB . 20.58 -56.27 -1.99
O4 SO4 DB . 22.01 -56.57 -0.15
C26 VFT EB . 19.11 -77.50 -28.11
C5 VFT EB . 25.53 -75.15 -25.25
C4 VFT EB . 26.32 -75.37 -24.15
C22 VFT EB . 18.51 -75.14 -27.97
C24 VFT EB . 20.77 -75.87 -27.55
C21 VFT EB . 18.90 -73.83 -27.73
C25 VFT EB . 21.16 -74.56 -27.32
C6 VFT EB . 25.18 -73.86 -25.65
C3 VFT EB . 26.77 -74.26 -23.48
C15 VFT EB . 21.82 -69.27 -28.60
C17 VFT EB . 21.15 -68.90 -30.69
C23 VFT EB . 19.46 -76.15 -27.87
C20 VFT EB . 20.22 -73.53 -27.40
C7 VFT EB . 25.63 -72.74 -24.97
C2 VFT EB . 26.44 -72.98 -23.88
C14 VFT EB . 21.86 -70.45 -29.34
C10 VFT EB . 22.80 -71.61 -26.43
C19 VFT EB . 20.61 -72.15 -27.14
C13 VFT EB . 22.29 -71.83 -28.88
C9 VFT EB . 24.16 -71.21 -26.84
N27 VFT EB . 18.86 -78.61 -28.31
N18 VFT EB . 21.44 -70.19 -30.63
N16 VFT EB . 21.37 -68.30 -29.48
N12 VFT EB . 21.99 -71.98 -27.47
O11 VFT EB . 22.47 -71.65 -25.25
S8 VFT EB . 25.24 -71.06 -25.40
CL1 VFT EB . 27.05 -71.67 -22.99
S SO4 FB . 23.01 -65.31 -27.71
O1 SO4 FB . 23.04 -64.14 -26.87
O2 SO4 FB . 22.39 -66.40 -27.00
O3 SO4 FB . 22.23 -65.02 -28.90
O4 SO4 FB . 24.38 -65.69 -28.06
S SO4 GB . 16.42 -65.99 -31.23
O1 SO4 GB . 15.20 -66.10 -30.49
O2 SO4 GB . 17.03 -67.29 -31.32
O3 SO4 GB . 16.10 -65.50 -32.54
O4 SO4 GB . 17.31 -65.04 -30.57
C26 VFT HB . 73.54 -23.22 21.32
C5 VFT HB . 68.58 -28.71 20.28
C4 VFT HB . 68.49 -30.08 20.12
C22 VFT HB . 72.61 -22.37 19.25
C24 VFT HB . 71.52 -24.18 20.41
C21 VFT HB . 71.62 -22.40 18.28
C25 VFT HB . 70.53 -24.22 19.43
C6 VFT HB . 67.95 -27.85 19.41
C3 VFT HB . 67.73 -30.59 19.08
C15 VFT HB . 68.58 -20.95 19.75
C15 VFT HB . 66.60 -22.06 16.20
C17 VFT HB . 68.91 -21.97 21.66
C17 VFT HB . 66.29 -19.97 16.86
C23 VFT HB . 72.55 -23.26 20.30
C20 VFT HB . 70.58 -23.32 18.37
C7 VFT HB . 67.19 -28.34 18.37
C2 VFT HB . 67.08 -29.71 18.22
C14 VFT HB . 68.13 -22.25 19.71
C14 VFT HB . 66.92 -21.90 17.53
C10 VFT HB . 67.98 -25.18 17.42
C19 VFT HB . 69.54 -23.33 17.31
C13 VFT HB . 67.47 -22.98 18.58
C13 VFT HB . 67.44 -22.94 18.47
C9 VFT HB . 66.60 -25.66 17.76
N27 VFT HB . 74.33 -23.09 22.17
N18 VFT HB . 68.33 -22.88 20.91
N18 VFT HB . 66.72 -20.59 17.93
N16 VFT HB . 69.08 -20.77 21.02
N16 VFT HB . 66.19 -20.82 15.79
N12 VFT HB . 68.32 -23.87 17.81
O11 VFT HB . 68.73 -25.96 16.85
S8 VFT HB . 66.35 -27.34 17.21
CL1 VFT HB . 66.14 -30.34 16.94
C26 VFT IB . 77.49 -44.68 -0.79
C5 VFT IB . 76.07 -39.28 4.17
C4 VFT IB . 75.82 -39.05 5.51
C22 VFT IB . 75.53 -43.80 -1.94
C24 VFT IB . 76.47 -42.60 -0.06
C21 VFT IB . 74.56 -42.83 -2.05
C25 VFT IB . 75.49 -41.62 -0.18
C6 VFT IB . 75.25 -38.77 3.17
C3 VFT IB . 74.73 -38.26 5.86
C15 VFT IB . 76.26 -39.79 -3.51
C15 VFT IB . 72.19 -37.75 -3.14
C17 VFT IB . 77.99 -40.04 -2.19
C17 VFT IB . 73.14 -37.22 -5.07
C23 VFT IB . 76.49 -43.68 -0.93
C20 VFT IB . 74.53 -41.74 -1.18
C7 VFT IB . 74.16 -38.00 3.53
C2 VFT IB . 73.91 -37.75 4.87
C14 VFT IB . 76.00 -39.28 -2.25
C14 VFT IB . 73.55 -37.99 -3.08
C10 VFT IB . 73.33 -39.05 0.29
C19 VFT IB . 73.45 -40.73 -1.36
C13 VFT IB . 74.74 -38.62 -1.78
C13 VFT IB . 74.40 -38.51 -1.97
C9 VFT IB . 73.72 -37.68 0.80
N27 VFT IB . 78.23 -45.56 -0.62
N18 VFT IB . 77.10 -39.43 -1.44
N18 VFT IB . 74.11 -37.65 -4.30
N16 VFT IB . 77.54 -40.27 -3.45
N16 VFT IB . 71.96 -37.27 -4.41
N12 VFT IB . 73.78 -39.38 -0.98
O11 VFT IB . 72.67 -39.85 0.97
S8 VFT IB . 73.00 -37.27 2.42
CL1 VFT IB . 72.57 -36.78 5.27
CL CL JB . 67.98 1.93 2.70
S SO4 KB . 85.55 -54.84 31.82
O1 SO4 KB . 84.54 -55.67 31.19
O2 SO4 KB . 86.28 -55.64 32.75
O3 SO4 KB . 84.92 -53.75 32.54
O4 SO4 KB . 86.47 -54.32 30.83
S SO4 LB . 63.87 -22.62 13.29
O1 SO4 LB . 63.49 -21.25 13.51
O2 SO4 LB . 63.16 -23.51 14.23
O3 SO4 LB . 63.53 -22.96 11.94
O4 SO4 LB . 65.29 -22.75 13.50
S SO4 MB . 67.95 -16.13 13.25
O1 SO4 MB . 66.63 -16.27 12.64
O2 SO4 MB . 67.95 -16.74 14.56
O3 SO4 MB . 68.91 -16.76 12.40
O4 SO4 MB . 68.32 -14.73 13.37
C26 VFT NB . 53.71 -47.13 18.95
C5 VFT NB . 58.96 -46.06 13.83
C4 VFT NB . 60.32 -45.82 13.70
C22 VFT NB . 52.58 -45.23 17.88
C24 VFT NB . 54.64 -46.16 16.97
C21 VFT NB . 52.54 -44.30 16.85
C25 VFT NB . 54.60 -45.22 15.95
C6 VFT NB . 58.03 -45.25 13.19
C3 VFT NB . 60.76 -44.77 12.90
C15 VFT NB . 52.29 -42.71 11.96
C17 VFT NB . 50.40 -43.59 11.31
C23 VFT NB . 53.63 -46.15 17.92
C20 VFT NB . 53.56 -44.30 15.91
C7 VFT NB . 58.47 -44.20 12.38
C2 VFT NB . 59.83 -43.99 12.25
C14 VFT NB . 52.24 -44.06 12.29
C10 VFT NB . 55.31 -43.36 13.18
C19 VFT NB . 53.55 -43.32 14.82
C13 VFT NB . 53.27 -44.89 12.99
C9 VFT NB . 55.79 -43.83 11.83
N27 VFT NB . 53.74 -47.94 19.78
N18 VFT NB . 51.05 -44.60 11.87
N16 VFT NB . 51.10 -42.42 11.34
N12 VFT NB . 54.12 -43.92 13.66
O11 VFT NB . 55.98 -42.54 13.78
S8 VFT NB . 57.42 -43.12 11.53
CL1 VFT NB . 60.38 -42.73 11.27
S SO4 OB . 52.61 -39.66 8.84
O1 SO4 OB . 51.19 -39.87 9.02
O2 SO4 OB . 53.24 -39.63 10.14
O3 SO4 OB . 53.22 -40.76 8.08
O4 SO4 OB . 52.83 -38.41 8.15
S SO4 PB . 46.12 -39.80 12.73
O1 SO4 PB . 44.75 -40.18 12.54
O2 SO4 PB . 46.86 -40.91 13.29
O3 SO4 PB . 46.16 -38.71 13.66
O4 SO4 PB . 46.70 -39.35 11.46
CL CL QB . 60.41 -40.33 -27.29
S SO4 RB . 69.56 -34.97 -2.79
O1 SO4 RB . 68.17 -34.59 -2.75
O2 SO4 RB . 69.73 -36.31 -2.29
O3 SO4 RB . 70.01 -34.93 -4.16
O4 SO4 RB . 70.37 -34.09 -1.95
S SO4 SB . 70.04 -39.53 -8.99
O1 SO4 SB . 69.65 -38.23 -8.45
O2 SO4 SB . 69.09 -40.53 -8.57
O3 SO4 SB . 70.06 -39.48 -10.43
O4 SO4 SB . 71.34 -39.89 -8.50
C26 VFT TB . -60.47 11.77 -60.62
C5 VFT TB . -60.29 13.14 -53.10
C4 VFT TB . -60.82 14.01 -52.16
C22 VFT TB . -58.05 12.03 -60.34
C24 VFT TB . -59.48 12.13 -58.38
C21 VFT TB . -56.95 12.23 -59.52
C25 VFT TB . -58.37 12.33 -57.57
C6 VFT TB . -58.93 12.95 -53.17
C3 VFT TB . -59.98 14.68 -51.26
C15 VFT TB . -53.38 10.58 -55.74
C17 VFT TB . -52.94 9.15 -57.35
C23 VFT TB . -59.32 11.97 -59.76
C20 VFT TB . -57.10 12.38 -58.14
C7 VFT TB . -58.09 13.61 -52.28
C2 VFT TB . -58.63 14.45 -51.33
C14 VFT TB . -54.56 10.15 -56.33
C10 VFT TB . -56.13 12.89 -54.94
C19 VFT TB . -55.88 12.61 -57.31
C13 VFT TB . -55.96 10.57 -55.99
C9 VFT TB . -56.04 12.25 -53.59
N27 VFT TB . -61.40 11.71 -61.32
N18 VFT TB . -54.26 9.26 -57.34
N16 VFT TB . -52.36 9.93 -56.39
N12 VFT TB . -55.97 12.04 -56.01
O11 VFT TB . -56.34 14.08 -55.02
S8 VFT TB . -56.34 13.46 -52.27
CL1 VFT TB . -57.58 15.23 -50.23
CL CL UB . -31.10 9.31 -62.59
CL CL VB . -31.39 6.40 -71.74
S SO4 WB . -49.92 11.91 -53.26
O1 SO4 WB . -50.89 12.56 -54.11
O2 SO4 WB . -50.63 11.22 -52.18
O3 SO4 WB . -49.15 10.98 -54.05
O4 SO4 WB . -49.01 12.88 -52.71
S SO4 XB . -48.37 10.10 -60.64
O1 SO4 XB . -49.77 9.88 -60.33
O2 SO4 XB . -47.52 9.72 -59.52
O3 SO4 XB . -48.05 9.36 -61.84
O4 SO4 XB . -48.13 11.49 -60.87
C26 VFT YB . -62.65 17.71 -29.84
C5 VFT YB . -60.24 22.85 -34.56
C4 VFT YB . -60.60 23.46 -35.75
C22 VFT YB . -60.43 16.72 -30.12
C24 VFT YB . -61.03 18.77 -31.23
C21 VFT YB . -59.13 16.76 -30.67
C25 VFT YB . -59.76 18.81 -31.78
C6 VFT YB . -58.96 22.37 -34.36
C3 VFT YB . -59.65 23.59 -36.75
C15 VFT YB . -54.30 18.79 -31.39
C17 VFT YB . -53.58 18.76 -29.30
C23 VFT YB . -61.36 17.72 -30.39
C20 VFT YB . -58.82 17.82 -31.51
C7 VFT YB . -58.01 22.49 -35.37
C2 VFT YB . -58.37 23.11 -36.55
C14 VFT YB . -55.27 19.32 -30.56
C10 VFT YB . -57.00 19.85 -33.46
C19 VFT YB . -57.47 17.90 -32.10
C13 VFT YB . -56.64 19.86 -30.91
C9 VFT YB . -56.30 21.18 -33.53
N27 VFT YB . -63.70 17.75 -29.35
N18 VFT YB . -54.78 19.29 -29.26
N16 VFT YB . -53.23 18.44 -30.58
N12 VFT YB . -57.01 19.27 -32.18
O11 VFT YB . -57.51 19.38 -34.47
S8 VFT YB . -56.37 21.90 -35.20
CL1 VFT YB . -57.26 23.28 -37.83
CL CL ZB . -35.95 5.40 -27.05
S SO4 AC . -50.69 19.22 -33.67
O1 SO4 AC . -52.05 18.83 -33.96
O2 SO4 AC . -50.26 18.51 -32.49
O3 SO4 AC . -49.82 18.86 -34.76
O4 SO4 AC . -50.66 20.67 -33.46
S SO4 BC . -51.43 13.62 -28.74
O1 SO4 BC . -52.49 14.53 -28.37
O2 SO4 BC . -51.46 12.49 -27.83
O3 SO4 BC . -51.63 13.17 -30.09
O4 SO4 BC . -50.13 14.26 -28.71
C26 VFT CC . -55.50 40.61 -49.64
C5 VFT CC . -56.13 33.64 -52.09
C4 VFT CC . -57.00 32.54 -52.06
C22 VFT CC . -53.36 39.89 -48.71
C24 VFT CC . -54.70 38.41 -50.05
C21 VFT CC . -52.40 38.90 -48.56
C25 VFT CC . -53.75 37.41 -49.93
C6 VFT CC . -54.79 33.53 -51.75
C3 VFT CC . -56.50 31.30 -51.69
C15 VFT CC . -48.55 35.36 -50.35
C17 VFT CC . -47.28 37.13 -50.74
C23 VFT CC . -54.50 39.64 -49.45
C20 VFT CC . -52.60 37.67 -49.17
C7 VFT CC . -54.27 32.28 -51.39
C2 VFT CC . -55.15 31.20 -51.38
C14 VFT CC . -49.31 36.36 -50.93
C10 VFT CC . -51.98 34.48 -49.99
C19 VFT CC . -51.59 36.60 -49.03
C13 VFT CC . -50.78 36.36 -51.29
C9 VFT CC . -51.77 33.56 -51.16
N27 VFT CC . -56.35 41.37 -49.86
N18 VFT CC . -48.49 37.45 -51.16
N16 VFT CC . -47.27 35.86 -50.24
N12 VFT CC . -51.49 35.76 -50.16
O11 VFT CC . -52.58 34.07 -49.00
S8 VFT CC . -52.60 31.97 -50.93
CL1 VFT CC . -54.53 29.69 -50.94
CL CL DC . -26.37 46.61 -38.94
S SO4 EC . -46.03 32.26 -49.50
O1 SO4 EC . -47.26 32.58 -48.82
O2 SO4 EC . -45.38 31.16 -48.83
O3 SO4 EC . -46.35 31.87 -50.87
O4 SO4 EC . -45.17 33.40 -49.48
S SO4 FC . -43.79 38.94 -46.86
O1 SO4 FC . -44.29 38.45 -45.60
O2 SO4 FC . -44.91 39.25 -47.72
O3 SO4 FC . -42.94 37.91 -47.45
O4 SO4 FC . -43.03 40.14 -46.59
C26 VFT GC . -41.51 -49.74 -45.82
C5 VFT GC . -44.84 -43.14 -44.14
C4 VFT GC . -45.94 -42.35 -44.43
C22 VFT GC . -39.65 -48.31 -46.29
C24 VFT GC . -41.65 -47.41 -45.24
C21 VFT GC . -39.07 -47.05 -46.25
C25 VFT GC . -41.05 -46.16 -45.22
C6 VFT GC . -43.57 -42.60 -44.06
C3 VFT GC . -45.74 -41.01 -44.63
C15 VFT GC . -38.30 -46.56 -42.65
C15 VFT GC . -36.76 -42.81 -43.40
C17 VFT GC . -40.21 -47.18 -41.80
C17 VFT GC . -35.37 -44.47 -42.97
C23 VFT GC . -40.93 -48.46 -45.78
C20 VFT GC . -39.76 -45.97 -45.71
C7 VFT GC . -43.36 -41.24 -44.27
C2 VFT GC . -44.47 -40.47 -44.55
C14 VFT GC . -39.22 -45.54 -42.69
C14 VFT GC . -37.47 -43.99 -43.19
C10 VFT GC . -40.29 -42.76 -44.87
C19 VFT GC . -39.11 -44.64 -45.68
C13 VFT GC . -39.02 -44.17 -43.21
C13 VFT GC . -38.95 -44.22 -43.25
C9 VFT GC . -40.72 -41.87 -43.75
N27 VFT GC . -41.93 -50.82 -45.80
N18 VFT GC . -40.41 -45.92 -42.15
N18 VFT GC . -36.57 -45.03 -42.93
N16 VFT GC . -38.95 -47.61 -42.08
N16 VFT GC . -35.45 -43.13 -43.23
N12 VFT GC . -39.57 -43.88 -44.54
O11 VFT GC . -40.60 -42.46 -46.02
S8 VFT GC . -41.77 -40.47 -44.20
CL1 VFT GC . -44.35 -38.78 -44.82
S SO4 HC . -35.67 -38.85 -43.70
O1 SO4 HC . -36.62 -38.42 -42.65
O2 SO4 HC . -34.69 -39.78 -43.20
O3 SO4 HC . -36.42 -39.50 -44.75
O4 SO4 HC . -34.96 -37.70 -44.24
S SO4 IC . -75.48 -49.37 -55.37
O1 SO4 IC . -74.97 -49.63 -54.01
O2 SO4 IC . -76.70 -50.10 -55.58
O3 SO4 IC . -74.52 -49.78 -56.37
O4 SO4 IC . -75.75 -47.95 -55.52
S SO4 JC . -30.83 -44.74 -45.17
O1 SO4 JC . -30.00 -45.37 -44.19
O2 SO4 JC . -32.21 -45.08 -44.87
O3 SO4 JC . -30.49 -45.26 -46.46
O4 SO4 JC . -30.61 -43.31 -45.14
C26 VFT KC . -57.74 -24.23 -38.16
C5 VFT KC . -55.11 -25.26 -45.12
C4 VFT KC . -55.01 -26.15 -46.18
C22 VFT KC . -55.42 -23.85 -37.62
C24 VFT KC . -56.11 -24.02 -39.93
C21 VFT KC . -54.10 -23.66 -38.02
C25 VFT KC . -54.79 -23.83 -40.31
C6 VFT KC . -53.99 -24.60 -44.64
C3 VFT KC . -53.80 -26.41 -46.80
C15 VFT KC . -54.18 -20.27 -39.35
C15 VFT KC . -49.89 -20.76 -40.52
C17 VFT KC . -56.00 -20.35 -40.55
C17 VFT KC . -50.22 -19.08 -39.13
C23 VFT KC . -56.42 -24.04 -38.57
C20 VFT KC . -53.78 -23.65 -39.37
C7 VFT KC . -52.77 -24.85 -45.25
C2 VFT KC . -52.71 -25.74 -46.30
C14 VFT KC . -53.93 -20.83 -40.59
C14 VFT KC . -51.25 -20.56 -40.32
C10 VFT KC . -51.87 -23.51 -42.14
C19 VFT KC . -52.38 -23.42 -39.76
C13 VFT KC . -52.63 -21.30 -41.13
C13 VFT KC . -52.43 -21.29 -40.93
C9 VFT KC . -51.69 -22.87 -43.47
N27 VFT KC . -58.84 -24.29 -37.79
N18 VFT KC . -55.08 -20.86 -41.34
N18 VFT KC . -51.43 -19.50 -39.45
N16 VFT KC . -55.52 -19.98 -39.33
N16 VFT KC . -49.26 -19.82 -39.75
N12 VFT KC . -52.30 -22.73 -41.02
O11 VFT KC . -51.67 -24.71 -42.11
S8 VFT KC . -51.27 -24.11 -44.75
CL1 VFT KC . -51.23 -26.00 -47.03
S SO4 LC . -46.27 -20.86 -41.90
O1 SO4 LC . -46.34 -19.95 -40.78
O2 SO4 LC . -47.00 -22.05 -41.56
O3 SO4 LC . -46.90 -20.28 -43.09
O4 SO4 LC . -44.87 -21.18 -42.17
S SO4 MC . -47.66 -19.03 -34.58
O1 SO4 MC . -47.80 -18.17 -33.43
O2 SO4 MC . -47.54 -20.39 -34.10
O3 SO4 MC . -46.47 -18.70 -35.34
O4 SO4 MC . -48.87 -18.92 -35.39
C26 VFT NC . -49.51 -28.92 -67.74
C5 VFT NC . -47.02 -33.44 -62.21
C4 VFT NC . -47.45 -34.16 -61.10
C22 VFT NC . -47.91 -27.35 -66.81
C24 VFT NC . -48.05 -29.64 -65.99
C21 VFT NC . -46.91 -27.09 -65.90
C25 VFT NC . -47.03 -29.37 -65.09
C6 VFT NC . -45.95 -32.58 -62.13
C3 VFT NC . -46.81 -34.00 -59.88
C15 VFT NC . -44.00 -28.86 -67.38
C15 VFT NC . -41.76 -27.60 -63.70
C17 VFT NC . -44.86 -30.79 -67.91
C17 VFT NC . -40.81 -26.98 -65.62
C23 VFT NC . -48.47 -28.62 -66.83
C20 VFT NC . -46.47 -28.09 -65.03
C7 VFT NC . -45.30 -32.42 -60.90
C2 VFT NC . -45.74 -33.14 -59.81
C14 VFT NC . -44.05 -29.68 -66.27
C14 VFT NC . -42.34 -28.22 -64.79
C10 VFT NC . -44.60 -29.45 -62.51
C19 VFT NC . -45.38 -27.80 -64.06
C13 VFT NC . -43.57 -29.37 -64.86
C13 VFT NC . -43.47 -29.21 -64.79
C9 VFT NC . -43.63 -30.58 -62.20
N27 VFT NC . -50.38 -29.13 -68.47
N18 VFT NC . -44.58 -30.90 -66.62
N18 VFT NC . -41.75 -27.82 -65.98
N16 VFT NC . -44.53 -29.58 -68.42
N16 VFT NC . -40.77 -26.81 -64.27
N12 VFT NC . -44.50 -28.90 -63.80
O11 VFT NC . -45.41 -29.08 -61.66
S8 VFT NC . -43.94 -31.36 -60.60
CL1 VFT NC . -44.91 -32.92 -58.33
CL CL OC . -30.65 -3.71 -71.34
S SO4 PC . -38.99 -27.01 -60.82
O1 SO4 PC . -40.41 -26.78 -60.87
O2 SO4 PC . -38.78 -28.45 -60.87
O3 SO4 PC . -38.34 -26.36 -61.93
O4 SO4 PC . -38.46 -26.47 -59.57
S SO4 QC . -39.92 -21.61 -65.94
O1 SO4 QC . -39.40 -21.52 -64.59
O2 SO4 QC . -40.32 -22.98 -66.23
O3 SO4 QC . -38.90 -21.19 -66.86
O4 SO4 QC . -41.06 -20.73 -66.09
S SO4 RC . -14.19 -41.61 5.40
O1 SO4 RC . -15.53 -41.15 5.77
O2 SO4 RC . -14.18 -43.05 5.49
O3 SO4 RC . -13.86 -41.22 4.04
O4 SO4 RC . -13.19 -41.09 6.29
S SO4 SC . 11.81 -34.83 8.56
O1 SO4 SC . 10.84 -33.90 9.09
O2 SO4 SC . 12.38 -35.61 9.63
O3 SO4 SC . 11.16 -35.69 7.62
O4 SO4 SC . 12.85 -34.09 7.88
S SO4 TC . -8.06 -42.31 9.34
O1 SO4 TC . -9.22 -41.68 9.90
O2 SO4 TC . -7.98 -43.66 9.87
O3 SO4 TC . -8.16 -42.29 7.91
O4 SO4 TC . -6.83 -41.64 9.70
C26 VFT UC . -15.93 -50.02 14.58
C5 VFT UC . -21.08 -47.95 9.78
C4 VFT UC . -22.16 -48.43 9.04
C22 VFT UC . -14.42 -48.89 13.08
C24 VFT UC . -16.80 -48.81 12.68
C21 VFT UC . -14.20 -48.10 11.95
C25 VFT UC . -16.56 -48.02 11.56
C6 VFT UC . -20.13 -47.10 9.20
C3 VFT UC . -22.28 -48.06 7.70
C15 VFT UC . -15.05 -44.59 12.91
C15 VFT UC . -14.37 -43.50 8.61
C17 VFT UC . -16.84 -44.99 14.10
C17 VFT UC . -13.25 -42.22 10.02
C23 VFT UC . -15.71 -49.23 13.43
C20 VFT UC . -15.27 -47.67 11.20
C7 VFT UC . -20.24 -46.71 7.86
C2 VFT UC . -21.32 -47.21 7.14
C14 VFT UC . -16.14 -44.75 12.09
C14 VFT UC . -14.83 -43.66 9.90
C10 VFT UC . -16.93 -46.14 8.65
C19 VFT UC . -15.01 -46.80 10.01
C13 VFT UC . -16.21 -44.64 10.59
C13 VFT UC . -15.95 -44.54 10.40
C9 VFT UC . -18.00 -45.13 8.31
N27 VFT UC . -16.10 -50.57 15.58
N18 VFT UC . -17.26 -44.99 12.86
N18 VFT UC . -14.13 -42.85 10.77
N16 VFT UC . -15.50 -44.76 14.19
N16 VFT UC . -13.35 -42.59 8.70
N12 VFT UC . -16.09 -45.85 9.76
O11 VFT UC . -16.84 -47.16 7.98
S8 VFT UC . -19.14 -45.66 6.98
CL1 VFT UC . -21.44 -46.73 5.52
C26 VFT VC . -39.65 -42.90 -4.19
C5 VFT VC . -34.30 -47.48 -6.41
C4 VFT VC . -33.58 -48.59 -5.98
C22 VFT VC . -37.96 -41.23 -4.43
C24 VFT VC . -37.61 -43.43 -5.38
C21 VFT VC . -36.70 -40.85 -4.89
C25 VFT VC . -36.37 -43.04 -5.86
C6 VFT VC . -33.65 -46.36 -6.89
C3 VFT VC . -32.20 -48.56 -6.08
C15 VFT VC . -32.84 -39.98 -8.69
C17 VFT VC . -34.02 -38.44 -9.75
C23 VFT VC . -38.40 -42.52 -4.68
C20 VFT VC . -35.91 -41.75 -5.60
C7 VFT VC . -32.27 -46.32 -6.99
C2 VFT VC . -31.58 -47.44 -6.58
C14 VFT VC . -34.14 -40.42 -8.87
C10 VFT VC . -33.15 -43.00 -6.83
C19 VFT VC . -34.58 -41.26 -6.05
C13 VFT VC . -34.72 -41.72 -8.44
C9 VFT VC . -32.56 -43.67 -8.03
N27 VFT VC . -40.64 -43.25 -3.71
N18 VFT VC . -34.85 -39.44 -9.53
N16 VFT VC . -32.78 -38.73 -9.25
N12 VFT VC . -34.08 -42.00 -7.14
O11 VFT VC . -32.83 -43.37 -5.72
S8 VFT VC . -31.36 -44.93 -7.58
CL1 VFT VC . -29.89 -47.47 -6.69
CL CL WC . -32.02 -12.62 -10.06
S SO4 XC . -28.86 -39.34 -9.61
O1 SO4 XC . -29.81 -39.31 -8.52
O2 SO4 XC . -29.14 -40.54 -10.41
O3 SO4 XC . -28.97 -38.13 -10.36
O4 SO4 XC . -27.51 -39.41 -9.11
S SO4 YC . -41.55 -73.95 12.26
O1 SO4 YC . -41.52 -72.84 13.20
O2 SO4 YC . -42.37 -75.00 12.81
O3 SO4 YC . -42.13 -73.53 11.00
O4 SO4 YC . -40.21 -74.46 12.04
S SO4 ZC . -33.39 -33.28 -8.09
O1 SO4 ZC . -33.07 -33.13 -6.71
O2 SO4 ZC . -34.26 -34.44 -8.23
O3 SO4 ZC . -34.09 -32.09 -8.52
O4 SO4 ZC . -32.16 -33.44 -8.85
C26 VFT AD . -18.84 -64.33 -12.91
C5 VFT AD . -17.88 -60.41 -6.77
C4 VFT AD . -18.56 -60.05 -5.61
C22 VFT AD . -18.16 -62.26 -14.01
C24 VFT AD . -18.20 -62.40 -11.61
C21 VFT AD . -17.71 -60.94 -13.93
C25 VFT AD . -17.75 -61.09 -11.51
C6 VFT AD . -17.21 -59.46 -7.56
C3 VFT AD . -18.57 -58.72 -5.22
C15 VFT AD . -14.16 -61.19 -13.38
C15 VFT AD . -14.32 -56.75 -12.71
C17 VFT AD . -14.52 -62.93 -12.08
C17 VFT AD . -12.92 -57.42 -14.29
C23 VFT AD . -18.40 -62.98 -12.85
C20 VFT AD . -17.51 -60.36 -12.67
C7 VFT AD . -17.22 -58.13 -7.17
C2 VFT AD . -17.89 -57.79 -6.00
C14 VFT AD . -14.58 -60.78 -12.13
C14 VFT AD . -14.14 -58.12 -12.67
C10 VFT AD . -16.61 -58.04 -10.45
C19 VFT AD . -17.04 -58.96 -12.60
C13 VFT AD . -14.78 -59.36 -11.64
C13 VFT AD . -14.74 -59.12 -11.76
C9 VFT AD . -15.64 -57.59 -9.39
N27 VFT AD . -19.23 -65.43 -12.94
N18 VFT AD . -14.80 -61.88 -11.35
N18 VFT AD . -13.27 -58.51 -13.66
N16 VFT AD . -14.12 -62.55 -13.34
N16 VFT AD . -13.52 -56.32 -13.74
N12 VFT AD . -16.14 -58.83 -11.50
O11 VFT AD . -17.79 -57.72 -10.36
S8 VFT AD . -16.45 -56.76 -7.99
CL1 VFT AD . -17.85 -56.16 -5.59
S SO4 BD . -13.16 -53.03 -12.34
O1 SO4 BD . -14.51 -53.51 -12.20
O2 SO4 BD . -12.44 -53.41 -11.13
O3 SO4 BD . -12.55 -53.62 -13.50
O4 SO4 BD . -13.14 -51.60 -12.52
S SO4 CD . -13.41 -56.08 -19.33
O1 SO4 CD . -14.69 -55.46 -19.18
O2 SO4 CD . -13.37 -57.28 -18.50
O3 SO4 CD . -13.22 -56.44 -20.73
O4 SO4 CD . -12.41 -55.13 -18.93
C26 VFT DD . 23.88 13.35 45.67
C5 VFT DD . 27.17 6.59 44.05
C4 VFT DD . 28.23 5.78 44.38
C22 VFT DD . 24.20 13.80 43.29
C24 VFT DD . 24.71 11.63 44.24
C21 VFT DD . 24.59 13.30 42.06
C25 VFT DD . 25.09 11.15 43.01
C6 VFT DD . 26.88 6.89 42.71
C3 VFT DD . 29.01 5.25 43.37
C15 VFT DD . 21.76 11.19 40.88
C15 VFT DD . 24.25 10.03 37.50
C17 VFT DD . 21.41 10.23 42.81
C17 VFT DD . 22.22 10.77 36.97
C23 VFT DD . 24.26 12.93 44.37
C20 VFT DD . 25.03 11.99 41.91
C7 VFT DD . 27.65 6.37 41.69
C2 VFT DD . 28.71 5.55 42.05
C14 VFT DD . 22.64 10.15 41.08
C14 VFT DD . 23.44 10.08 38.62
C10 VFT DD . 26.20 9.21 40.33
C19 VFT DD . 25.44 11.47 40.56
C13 VFT DD . 23.72 9.65 40.17
C13 VFT DD . 23.74 9.72 40.04
C9 VFT DD . 25.90 7.78 40.06
N27 VFT DD . 23.53 13.64 46.73
N18 VFT DD . 22.41 9.55 42.30
N18 VFT DD . 22.18 10.55 38.27
N16 VFT DD . 20.98 11.23 42.00
N16 VFT DD . 23.46 10.46 36.46
N12 VFT DD . 25.11 10.05 40.43
O11 VFT DD . 27.36 9.58 40.43
S8 VFT DD . 27.33 6.70 39.98
CL1 VFT DD . 29.70 4.83 40.88
CL CL ED . 19.97 20.64 17.03
S SO4 FD . 25.40 8.56 33.96
O1 SO4 FD . 24.12 9.16 33.63
O2 SO4 FD . 25.17 7.26 34.56
O3 SO4 FD . 26.20 8.43 32.75
O4 SO4 FD . 26.10 9.37 34.92
S SO4 GD . 44.82 2.32 71.70
O1 SO4 GD . 43.47 1.78 71.57
O2 SO4 GD . 45.13 2.49 73.10
O3 SO4 GD . 45.77 1.38 71.12
O4 SO4 GD . 44.92 3.63 71.08
S SO4 HD . 21.96 15.15 33.96
O1 SO4 HD . 20.91 16.17 34.03
O2 SO4 HD . 21.55 13.96 34.68
O3 SO4 HD . 22.25 14.81 32.58
O4 SO4 HD . 23.14 15.67 34.57
C26 VFT ID . 37.07 -14.74 42.01
C5 VFT ID . 40.95 -8.46 40.67
C4 VFT ID . 41.31 -7.22 41.20
C22 VFT ID . 36.02 -14.16 39.97
C24 VFT ID . 37.98 -12.91 40.68
C21 VFT ID . 35.96 -13.37 38.82
C25 VFT ID . 37.91 -12.12 39.54
C6 VFT ID . 40.46 -8.58 39.37
C3 VFT ID . 41.20 -6.08 40.42
C15 VFT ID . 38.67 -14.61 36.60
C15 VFT ID . 37.98 -11.53 33.64
C17 VFT ID . 40.26 -14.78 38.08
C17 VFT ID . 37.70 -13.64 33.05
C23 VFT ID . 37.04 -13.91 40.87
C20 VFT ID . 36.89 -12.36 38.62
C7 VFT ID . 40.35 -7.43 38.60
C2 VFT ID . 40.71 -6.21 39.14
C14 VFT ID . 39.23 -13.37 36.84
C14 VFT ID . 38.29 -12.38 34.68
C10 VFT ID . 38.21 -9.74 37.12
C19 VFT ID . 36.72 -11.58 37.37
C13 VFT ID . 38.89 -12.04 36.20
C13 VFT ID . 38.76 -12.03 36.06
C9 VFT ID . 39.50 -9.21 36.62
N27 VFT ID . 37.09 -15.48 42.89
N18 VFT ID . 40.25 -13.48 37.77
N18 VFT ID . 38.10 -13.71 34.30
N16 VFT ID . 39.32 -15.51 37.40
N16 VFT ID . 37.61 -12.35 32.60
N12 VFT ID . 37.95 -11.09 36.84
O11 VFT ID . 37.49 -8.97 37.74
S8 VFT ID . 39.73 -7.45 36.98
CL1 VFT ID . 40.57 -4.78 38.25
CL CL JD . 20.79 -23.69 16.50
S SO4 KD . 37.45 -8.47 30.98
O1 SO4 KD . 36.76 -8.72 32.22
O2 SO4 KD . 37.40 -9.66 30.19
O3 SO4 KD . 36.82 -7.39 30.24
O4 SO4 KD . 38.84 -8.11 31.29
S SO4 LD . 33.41 -14.90 30.67
O1 SO4 LD . 32.04 -14.64 30.97
O2 SO4 LD . 34.17 -15.14 31.88
O3 SO4 LD . 33.48 -16.10 29.87
O4 SO4 LD . 33.94 -13.78 29.90
C26 VFT MD . 54.31 10.98 39.22
C5 VFT MD . 47.07 11.39 40.13
C4 VFT MD . 46.04 10.92 40.94
C22 VFT MD . 53.90 10.41 36.85
C24 VFT MD . 52.12 10.90 38.44
C21 VFT MD . 52.92 10.21 35.86
C25 VFT MD . 51.17 10.70 37.45
C6 VFT MD . 46.99 11.35 38.74
C3 VFT MD . 44.88 10.39 40.36
C15 VFT MD . 51.99 13.56 34.91
C15 VFT MD . 48.91 11.67 32.13
C17 VFT MD . 51.82 14.45 36.90
C17 VFT MD . 50.68 12.53 31.11
C23 VFT MD . 53.46 10.75 38.13
C20 VFT MD . 51.56 10.36 36.16
C7 VFT MD . 45.82 10.83 38.16
C2 VFT MD . 44.80 10.36 38.98
C14 VFT MD . 50.76 13.28 35.47
C14 VFT MD . 49.79 12.24 33.04
C10 VFT MD . 48.19 10.63 35.74
C19 VFT MD . 50.50 10.16 35.14
C13 VFT MD . 49.64 12.50 34.85
C13 VFT MD . 49.65 12.35 34.53
C9 VFT MD . 46.98 11.51 35.74
N27 VFT MD . 54.95 11.19 40.15
N18 VFT MD . 50.66 13.86 36.72
N18 VFT MD . 50.88 12.78 32.38
N16 VFT MD . 52.66 14.30 35.83
N16 VFT MD . 49.49 11.88 30.90
N12 VFT MD . 49.42 11.11 35.25
O11 VFT MD . 48.02 9.51 36.20
S8 VFT MD . 45.51 10.68 36.44
CL1 VFT MD . 43.40 9.75 38.22
S SO4 ND . 46.02 10.58 29.81
O1 SO4 ND . 45.18 11.60 30.42
O2 SO4 ND . 46.57 9.77 30.86
O3 SO4 ND . 45.24 9.78 28.92
O4 SO4 ND . 47.12 11.16 29.08
S SO4 OD . 62.47 7.77 8.52
O1 SO4 OD . 63.75 7.22 8.92
O2 SO4 OD . 61.39 7.04 9.18
O3 SO4 OD . 62.33 7.66 7.10
O4 SO4 OD . 62.38 9.15 8.90
S SO4 PD . 53.15 10.33 27.23
O1 SO4 PD . 52.10 11.18 27.76
O2 SO4 PD . 53.71 9.53 28.28
O3 SO4 PD . 52.58 9.49 26.21
O4 SO4 PD . 54.23 11.11 26.67
S SO4 QD . -22.06 -10.49 18.99
O1 SO4 QD . -23.03 -9.74 19.75
O2 SO4 QD . -21.60 -11.61 19.82
O3 SO4 QD . -22.70 -10.96 17.80
O4 SO4 QD . -20.95 -9.65 18.60
S SO4 RD . -32.59 -9.56 60.74
O1 SO4 RD . -33.16 -9.89 62.00
O2 SO4 RD . -32.74 -10.72 59.88
O3 SO4 RD . -33.28 -8.40 60.18
O4 SO4 RD . -31.17 -9.24 60.95
S SO4 SD . -28.70 -9.56 14.86
O1 SO4 SD . -28.97 -8.28 15.42
O2 SO4 SD . -28.97 -10.57 15.86
O3 SO4 SD . -29.58 -9.74 13.72
O4 SO4 SD . -27.30 -9.60 14.43
C26 VFT TD . -32.80 -12.27 25.58
C5 VFT TD . -25.91 -13.11 28.39
C4 VFT TD . -25.16 -12.75 29.50
C22 VFT TD . -31.63 -11.22 23.74
C24 VFT TD . -30.36 -12.28 25.54
C21 VFT TD . -30.44 -10.87 23.11
C25 VFT TD . -29.18 -11.91 24.90
C6 VFT TD . -25.44 -12.82 27.12
C3 VFT TD . -23.93 -12.12 29.30
C15 VFT TD . -29.41 -14.00 21.71
C15 VFT TD . -25.64 -11.72 20.54
C17 VFT TD . -29.54 -15.52 23.25
C17 VFT TD . -26.61 -12.58 18.75
C23 VFT TD . -31.58 -11.93 24.95
C20 VFT TD . -29.23 -11.22 23.70
C7 VFT TD . -24.22 -12.19 26.90
C2 VFT TD . -23.48 -11.86 28.02
C14 VFT TD . -28.27 -13.98 22.50
C14 VFT TD . -26.64 -12.58 20.90
C10 VFT TD . -25.93 -11.49 24.00
C19 VFT TD . -28.00 -10.84 23.00
C13 VFT TD . -27.08 -13.09 22.37
C13 VFT TD . -27.08 -12.97 22.26
C9 VFT TD . -24.86 -12.50 24.22
N27 VFT TD . -33.82 -12.47 26.11
N18 VFT TD . -28.36 -14.94 23.47
N18 VFT TD . -27.25 -13.12 19.77
N16 VFT TD . -30.21 -14.98 22.20
N16 VFT TD . -25.63 -11.72 19.17
N12 VFT TD . -27.02 -11.88 23.20
O11 VFT TD . -25.82 -10.38 24.53
S8 VFT TD . -23.58 -11.80 25.29
CL1 VFT TD . -21.97 -11.08 27.88
C26 VFT UD . -5.28 -16.22 39.62
C5 VFT UD . -8.11 -9.51 38.37
C4 VFT UD . -9.26 -8.72 38.48
C22 VFT UD . -4.89 -16.31 37.25
C24 VFT UD . -5.57 -14.22 38.31
C21 VFT UD . -4.85 -15.70 36.01
C25 VFT UD . -5.53 -13.60 37.06
C6 VFT UD . -7.40 -9.64 37.19
C3 VFT UD . -9.70 -8.01 37.37
C15 VFT UD . -3.20 -11.71 32.31
C17 VFT UD . -1.15 -12.55 32.15
C23 VFT UD . -5.26 -15.57 38.38
C20 VFT UD . -5.16 -14.34 35.93
C7 VFT UD . -7.84 -8.94 36.06
C2 VFT UD . -8.97 -8.14 36.20
C14 VFT UD . -2.74 -12.10 33.56
C10 VFT UD . -5.92 -11.44 34.61
C19 VFT UD . -5.12 -13.70 34.59
C13 VFT UD . -3.45 -12.01 34.89
C9 VFT UD . -5.57 -10.01 34.72
N27 VFT UD . -5.21 -16.77 40.65
N18 VFT UD . -1.46 -12.61 33.43
N16 VFT UD . -2.18 -12.00 31.43
N12 VFT UD . -4.85 -12.31 34.69
O11 VFT UD . -7.10 -11.76 34.48
S8 VFT UD . -7.05 -9.01 34.49
CL1 VFT UD . -9.51 -7.28 34.85
S SO4 VD . -3.70 -9.63 28.80
O1 SO4 VD . -3.56 -8.52 29.75
O2 SO4 VD . -4.63 -10.58 29.35
O3 SO4 VD . -4.17 -9.16 27.51
O4 SO4 VD . -2.44 -10.29 28.60
S SO4 WD . 0.07 -16.19 28.48
O1 SO4 WD . -0.04 -15.70 29.84
O2 SO4 WD . -0.86 -17.26 28.24
O3 SO4 WD . -0.18 -15.12 27.53
O4 SO4 WD . 1.39 -16.72 28.28
C26 VFT XD . -17.43 12.24 37.23
C5 VFT XD . -20.72 6.22 34.03
C4 VFT XD . -21.15 4.92 34.25
C22 VFT XD . -15.84 12.06 35.42
C24 VFT XD . -17.73 10.56 35.54
C21 VFT XD . -15.42 11.41 34.26
C25 VFT XD . -17.30 9.92 34.38
C6 VFT XD . -19.93 6.54 32.92
C3 VFT XD . -20.82 3.94 33.34
C15 VFT XD . -17.64 12.77 31.87
C15 VFT XD . -15.86 10.16 28.74
C17 VFT XD . -19.59 12.44 32.82
C17 VFT XD . -15.77 12.30 28.23
C23 VFT XD . -17.00 11.61 36.06
C20 VFT XD . -16.15 10.33 33.73
C7 VFT XD . -19.58 5.55 32.01
C2 VFT XD . -20.04 4.27 32.25
C14 VFT XD . -18.09 11.48 31.64
C14 VFT XD . -16.55 10.91 29.67
C10 VFT XD . -17.14 7.98 31.55
C19 VFT XD . -15.67 9.66 32.48
C13 VFT XD . -17.40 10.42 30.85
C13 VFT XD . -17.33 10.44 30.87
C9 VFT XD . -18.23 7.58 30.58
N27 VFT XD . -17.72 12.73 38.23
N18 VFT XD . -19.32 11.28 32.23
N18 VFT XD . -16.49 12.24 29.33
N16 VFT XD . -18.61 13.38 32.62
N16 VFT XD . -15.35 11.06 27.84
N12 VFT XD . -16.72 9.32 31.57
O11 VFT XD . -16.66 7.13 32.28
S8 VFT XD . -18.60 5.82 30.60
CL1 VFT XD . -19.64 3.02 31.20
CL CL YD . 1.34 16.64 15.01
CL CL ZD . 4.99 25.45 19.09
S SO4 AE . -14.62 8.12 25.86
O1 SO4 AE . -14.34 7.92 27.26
O2 SO4 AE . -16.05 7.99 25.67
O3 SO4 AE . -13.92 7.12 25.10
O4 SO4 AE . -14.14 9.45 25.48
S SO4 BE . -10.70 14.20 27.73
O1 SO4 BE . -11.91 14.25 28.53
O2 SO4 BE . -9.66 13.54 28.49
O3 SO4 BE . -10.93 13.44 26.51
O4 SO4 BE . -10.28 15.53 27.45
C26 VFT CE . 17.28 86.48 -13.07
C5 VFT CE . 10.49 83.80 -12.44
C4 VFT CE . 9.37 83.83 -11.60
C22 VFT CE . 17.98 84.10 -13.43
C24 VFT CE . 15.66 84.70 -13.06
C21 VFT CE . 17.60 82.77 -13.53
C25 VFT CE . 15.28 83.37 -13.16
C6 VFT CE . 10.98 82.59 -12.91
C3 VFT CE . 8.72 82.64 -11.24
C15 VFT CE . 16.45 82.48 -16.79
C15 VFT CE . 15.23 78.26 -15.90
C17 VFT CE . 15.19 84.25 -17.05
C17 VFT CE . 16.57 78.37 -17.65
C23 VFT CE . 17.00 85.07 -13.19
C20 VFT CE . 16.25 82.40 -13.40
C7 VFT CE . 10.35 81.41 -12.56
C2 VFT CE . 9.23 81.46 -11.73
C14 VFT CE . 15.17 82.25 -16.33
C14 VFT CE . 15.41 79.58 -16.29
C10 VFT CE . 13.48 80.50 -13.54
C19 VFT CE . 15.82 80.99 -13.51
C13 VFT CE . 14.65 80.98 -15.74
C13 VFT CE . 14.81 80.83 -15.72
C9 VFT CE . 12.21 80.21 -14.26
N27 VFT CE . 17.45 87.63 -13.04
N18 VFT CE . 14.38 83.37 -16.49
N18 VFT CE . 16.26 79.62 -17.38
N16 VFT CE . 16.44 83.77 -17.25
N16 VFT CE . 15.97 77.51 -16.77
N12 VFT CE . 14.62 80.85 -14.28
O11 VFT CE . 13.49 80.43 -12.31
S8 VFT CE . 10.87 79.79 -13.08
CL1 VFT CE . 8.46 80.02 -11.32
S SO4 DE . 13.81 74.69 -15.77
O1 SO4 DE . 13.75 75.41 -14.52
O2 SO4 DE . 13.60 73.28 -15.55
O3 SO4 DE . 12.74 75.21 -16.63
O4 SO4 DE . 15.10 74.90 -16.36
S SO4 EE . 21.48 75.75 -17.07
O1 SO4 EE . 21.86 75.41 -15.73
O2 SO4 EE . 20.59 74.71 -17.56
O3 SO4 EE . 22.67 75.83 -17.88
O4 SO4 EE . 20.78 77.02 -17.05
S SO4 FE . -5.14 67.75 -10.29
O1 SO4 FE . -5.33 67.48 -8.86
O2 SO4 FE . -6.25 67.23 -11.05
O3 SO4 FE . -3.91 67.15 -10.75
O4 SO4 FE . -5.09 69.17 -10.49
S SO4 GE . -10.50 68.28 -16.17
O1 SO4 GE . -10.92 68.89 -14.92
O2 SO4 GE . -11.61 67.50 -16.70
O3 SO4 GE . -9.32 67.43 -15.97
O4 SO4 GE . -10.19 69.31 -17.10
C26 VFT HE . -12.57 77.99 -9.79
C5 VFT HE . -7.43 76.11 -4.68
C4 VFT HE . -6.40 76.65 -3.89
C22 VFT HE . -11.42 76.33 -11.16
C24 VFT HE . -10.81 76.64 -8.85
C21 VFT HE . -10.47 75.33 -11.28
C25 VFT HE . -9.87 75.64 -8.97
C6 VFT HE . -7.22 74.97 -5.44
C3 VFT HE . -5.15 76.06 -3.87
C15 VFT HE . -12.02 72.66 -9.18
C15 VFT HE . -8.14 70.43 -10.11
C17 VFT HE . -12.46 73.49 -7.21
C17 VFT HE . -9.83 69.08 -10.56
C23 VFT HE . -11.60 76.99 -9.95
C20 VFT HE . -9.68 74.98 -10.19
C7 VFT HE . -5.95 74.37 -5.42
C2 VFT HE . -4.96 74.93 -4.63
C14 VFT HE . -10.90 72.67 -8.38
C14 VFT HE . -9.32 70.92 -9.60
C10 VFT HE . -7.32 73.34 -8.40
C19 VFT HE . -8.65 73.91 -10.32
C13 VFT HE . -9.54 72.18 -8.74
C13 VFT HE . -9.54 72.18 -8.82
C9 VFT HE . -7.00 72.43 -7.23
N27 VFT HE . -13.42 78.75 -9.63
N18 VFT HE . -11.18 73.19 -7.14
N18 VFT HE . -10.38 70.06 -9.89
N16 VFT HE . -13.03 73.20 -8.43
N16 VFT HE . -8.48 69.26 -10.73
N12 VFT HE . -8.52 73.17 -9.08
O11 VFT HE . -6.51 74.20 -8.72
S8 VFT HE . -5.51 72.93 -6.32
CL1 VFT HE . -3.46 74.17 -4.62
C26 VFT IE . 7.96 72.28 13.00
C5 VFT IE . 10.18 75.03 6.44
C4 VFT IE . 9.93 76.06 5.52
C22 VFT IE . 7.59 70.23 11.70
C24 VFT IE . 8.71 72.14 10.69
C21 VFT IE . 7.71 69.50 10.52
C25 VFT IE . 8.84 71.42 9.52
C6 VFT IE . 10.29 73.71 6.06
C3 VFT IE . 9.80 75.75 4.18
C15 VFT IE . 10.99 67.16 6.70
C17 VFT IE . 11.24 65.77 8.39
C23 VFT IE . 8.08 71.53 11.78
C20 VFT IE . 8.34 70.10 9.43
C7 VFT IE . 10.14 73.39 4.72
C2 VFT IE . 9.90 74.42 3.81
C14 VFT IE . 11.06 67.87 7.90
C10 VFT IE . 9.46 70.49 6.33
C19 VFT IE . 8.47 69.33 8.17
C13 VFT IE . 10.95 69.36 8.08
C9 VFT IE . 10.69 70.81 5.58
N27 VFT IE . 7.91 72.87 14.00
N18 VFT IE . 11.21 66.98 8.95
N16 VFT IE . 11.12 65.84 7.03
N12 VFT IE . 9.67 69.72 7.47
O11 VFT IE . 8.35 70.89 5.96
S8 VFT IE . 10.26 71.74 4.09
CL1 VFT IE . 9.75 74.07 2.16
S SO4 JE . 10.92 65.33 2.97
O1 SO4 JE . 9.94 66.19 3.60
O2 SO4 JE . 11.26 64.29 3.89
O3 SO4 JE . 10.38 64.73 1.78
O4 SO4 JE . 12.08 66.14 2.65
S SO4 KE . -2.07 105.81 9.25
O1 SO4 KE . -2.36 107.09 9.84
O2 SO4 KE . -3.19 104.91 9.52
O3 SO4 KE . -1.88 105.96 7.81
O4 SO4 KE . -0.85 105.30 9.86
S SO4 LE . 8.94 60.91 8.68
O1 SO4 LE . 7.89 61.84 8.99
O2 SO4 LE . 8.86 59.83 9.64
O3 SO4 LE . 8.83 60.39 7.33
O4 SO4 LE . 10.20 61.62 8.80
C26 VFT ME . 40.22 50.33 31.46
C5 VFT ME . 46.72 49.02 27.87
C4 VFT ME . 47.89 49.65 27.43
C22 VFT ME . 39.14 49.55 29.39
C24 VFT ME . 41.55 49.47 29.69
C21 VFT ME . 39.29 48.99 28.12
C25 VFT ME . 41.68 48.91 28.42
C6 VFT ME . 45.93 48.28 27.00
C3 VFT ME . 48.31 49.52 26.11
C15 VFT ME . 39.92 45.51 28.69
C15 VFT ME . 40.60 44.88 24.36
C17 VFT ME . 41.42 45.43 30.28
C17 VFT ME . 38.94 43.71 25.23
C23 VFT ME . 40.29 49.79 30.16
C20 VFT ME . 40.56 48.67 27.62
C7 VFT ME . 46.35 48.17 25.68
C2 VFT ME . 47.52 48.77 25.26
C14 VFT ME . 41.20 45.61 28.16
C14 VFT ME . 40.58 44.98 25.74
C10 VFT ME . 42.92 47.50 25.47
C19 VFT ME . 40.72 48.06 26.27
C13 VFT ME . 41.61 45.74 26.73
C13 VFT ME . 41.53 45.74 26.62
C9 VFT ME . 44.07 46.53 25.32
N27 VFT ME . 40.17 50.70 32.55
N18 VFT ME . 42.12 45.55 29.17
N18 VFT ME . 39.54 44.25 26.27
N16 VFT ME . 40.08 45.40 30.03
N16 VFT ME . 39.54 44.06 24.05
N12 VFT ME . 41.79 47.09 26.17
O11 VFT ME . 43.02 48.62 24.99
S8 VFT ME . 45.48 47.30 24.43
CL1 VFT ME . 48.02 48.60 23.64
S SO4 NE . 59.56 44.10 10.11
O1 SO4 NE . 59.84 44.23 11.52
O2 SO4 NE . 58.15 43.79 9.93
O3 SO4 NE . 60.34 43.01 9.59
O4 SO4 NE . 59.89 45.36 9.45
S SO4 OE . 63.80 37.68 11.60
O1 SO4 OE . 63.21 37.21 12.82
O2 SO4 OE . 62.76 38.21 10.74
O3 SO4 OE . 64.47 36.56 10.96
O4 SO4 OE . 64.79 38.70 11.92
C26 VFT PE . 68.42 46.22 18.91
C5 VFT PE . 63.74 51.25 16.19
C4 VFT PE . 62.93 52.30 16.57
C22 VFT PE . 66.91 44.67 17.89
C24 VFT PE . 66.70 47.08 17.47
C21 VFT PE . 65.83 44.42 17.07
C25 VFT PE . 65.61 46.81 16.65
C6 VFT PE . 63.24 50.26 15.36
C3 VFT PE . 61.61 52.36 16.13
C15 VFT PE . 67.19 45.08 13.56
C15 VFT PE . 62.94 44.29 12.31
C17 VFT PE . 68.15 46.99 14.00
C17 VFT PE . 64.32 43.15 11.00
C23 VFT PE . 67.32 45.99 18.07
C20 VFT PE . 65.19 45.49 16.45
C7 VFT PE . 61.91 50.28 14.90
C2 VFT PE . 61.12 51.35 15.31
C14 VFT PE . 66.26 46.11 13.57
C14 VFT PE . 64.23 44.75 12.44
C10 VFT PE . 62.78 46.93 14.54
C19 VFT PE . 64.03 45.19 15.57
C13 VFT PE . 64.80 46.00 13.32
C13 VFT PE . 64.74 45.86 13.30
C9 VFT PE . 62.50 47.88 13.41
N27 VFT PE . 69.32 46.36 19.60
N18 VFT PE . 66.87 47.30 13.83
N18 VFT PE . 65.08 44.03 11.61
N16 VFT PE . 68.39 45.66 13.84
N16 VFT PE . 63.01 43.27 11.40
N12 VFT PE . 63.92 46.12 14.47
O11 VFT PE . 62.04 46.91 15.53
S8 VFT PE . 61.18 49.05 13.85
CL1 VFT PE . 59.51 51.44 14.76
C26 VFT QE . 50.28 69.52 9.23
C5 VFT QE . 47.87 64.42 14.05
C4 VFT QE . 48.11 63.76 15.25
C22 VFT QE . 49.21 67.45 9.84
C24 VFT QE . 50.15 67.70 7.61
C21 VFT QE . 48.78 66.15 9.55
C25 VFT QE . 49.73 66.41 7.32
C6 VFT QE . 47.49 63.74 12.91
C3 VFT QE . 47.97 62.38 15.32
C15 VFT QE . 45.73 62.57 6.69
C17 VFT QE . 45.16 63.82 4.98
C23 VFT QE . 49.87 68.21 8.88
C20 VFT QE . 49.06 65.64 8.28
C7 VFT QE . 47.34 62.35 12.96
C2 VFT QE . 47.58 61.70 14.17
C14 VFT QE . 45.81 63.91 7.05
C10 VFT QE . 47.68 62.95 9.65
C19 VFT QE . 48.62 64.27 7.92
C13 VFT QE . 46.21 64.53 8.32
C9 VFT QE . 46.42 62.48 10.31
N27 VFT QE . 50.61 70.58 9.55
N18 VFT QE . 45.45 64.67 5.95
N16 VFT QE . 45.32 62.53 5.39
N12 VFT QE . 47.47 63.88 8.66
O11 VFT QE . 48.80 62.56 10.00
S8 VFT QE . 46.88 61.36 11.63
CL1 VFT QE . 47.43 60.01 14.22
S SO4 RE . 45.03 58.50 6.03
O1 SO4 RE . 43.99 58.74 7.01
O2 SO4 RE . 45.07 57.11 5.66
O3 SO4 RE . 44.81 59.29 4.84
O4 SO4 RE . 46.29 58.89 6.60
S SO4 SE . 65.06 73.50 40.82
O1 SO4 SE . 65.57 74.48 41.75
O2 SO4 SE . 64.68 72.31 41.56
O3 SO4 SE . 66.11 73.21 39.84
O4 SO4 SE . 63.89 74.06 40.19
S SO4 TE . 46.76 62.67 0.12
O1 SO4 TE . 45.78 63.25 1.01
O2 SO4 TE . 46.52 61.23 -0.02
O3 SO4 TE . 46.71 63.30 -1.18
O4 SO4 TE . 48.07 62.91 0.68
S SO4 UE . 41.42 44.02 20.52
O1 SO4 UE . 40.18 43.45 20.97
O2 SO4 UE . 42.56 43.31 21.10
O3 SO4 UE . 41.49 43.96 19.09
O4 SO4 UE . 41.48 45.39 20.97
S SO4 VE . 33.89 44.13 22.87
O1 SO4 VE . 34.69 44.24 24.08
O2 SO4 VE . 32.63 43.51 23.17
O3 SO4 VE . 34.58 43.38 21.82
O4 SO4 VE . 33.63 45.43 22.35
#